data_3GND
#
_entry.id   3GND
#
_cell.length_a   78.741
_cell.length_b   107.102
_cell.length_c   169.516
_cell.angle_alpha   90.00
_cell.angle_beta   102.62
_cell.angle_gamma   90.00
#
_symmetry.space_group_name_H-M   'P 1'
#
loop_
_entity.id
_entity.type
_entity.pdbx_description
1 polymer 'Aldolase lsrF'
2 non-polymer RIBULOSE-5-PHOSPHATE
3 water water
#
_entity_poly.entity_id   1
_entity_poly.type   'polypeptide(L)'
_entity_poly.pdbx_seq_one_letter_code
;GSFTMADLDDIKDGKDFRTDQPQKNIPFTLKGCGALDWGMQSRLSRIFNPKTGKTVMLAFDHGYFQGPTTGLERIDINIA
PLFEHADVLMCTRGILRSVVPPATNRPVVLRASGANSILAELSNEAVALSMDDAVRLNSCAVAAQVYIGSEYEHQSIKNI
IQLVDAGMKVGMPTMAVTGVGKDMVRDQRYFSLATRIAAEMGAQIIKTYYVEKGFERIVAGCPVPIVIAGGKKLPEREAL
EMCWQAIDQGASGVDMGRNIFQSDHPVAMMKAVQAVVHHNETADRAYELYLSEKQ
;
_entity_poly.pdbx_strand_id   A,B,C,D,E,F,G,H,I,J,K,L,M,N,O,P,Q,R,S,T
#
# COMPACT_ATOMS: atom_id res chain seq x y z
N GLY A 14 10.65 59.63 5.82
CA GLY A 14 11.27 60.54 4.81
C GLY A 14 11.93 59.79 3.66
N LYS A 15 11.27 58.71 3.22
CA LYS A 15 11.79 57.87 2.14
C LYS A 15 10.83 57.81 0.97
N ASP A 16 11.39 57.76 -0.24
CA ASP A 16 10.57 57.69 -1.45
C ASP A 16 10.91 56.44 -2.28
N PHE A 17 10.05 55.44 -2.18
CA PHE A 17 10.24 54.20 -2.93
C PHE A 17 9.64 54.25 -4.34
N ARG A 18 9.17 55.42 -4.71
CA ARG A 18 8.47 55.61 -5.96
C ARG A 18 7.71 54.34 -6.38
N THR A 19 6.76 53.93 -5.56
CA THR A 19 6.04 52.69 -5.83
C THR A 19 5.03 52.80 -6.96
N ASP A 20 4.84 53.99 -7.52
CA ASP A 20 3.90 54.17 -8.61
C ASP A 20 4.59 53.86 -9.93
N GLN A 21 5.89 53.60 -9.87
CA GLN A 21 6.67 53.39 -11.07
C GLN A 21 7.50 52.09 -11.03
N PRO A 22 6.97 51.01 -11.61
CA PRO A 22 7.61 49.72 -11.49
C PRO A 22 8.96 49.72 -12.17
N GLN A 23 9.87 48.89 -11.65
CA GLN A 23 11.21 48.71 -12.19
C GLN A 23 11.16 47.95 -13.51
N LYS A 24 11.91 48.37 -14.53
CA LYS A 24 11.94 47.69 -15.83
C LYS A 24 13.36 47.42 -16.25
N ASN A 25 13.60 46.24 -16.82
CA ASN A 25 14.92 45.88 -17.34
C ASN A 25 15.34 46.68 -18.58
N ILE A 26 16.57 47.18 -18.60
CA ILE A 26 17.08 47.81 -19.82
C ILE A 26 17.62 46.76 -20.80
N PRO A 27 17.06 46.70 -22.02
CA PRO A 27 17.51 45.64 -22.96
C PRO A 27 18.95 45.83 -23.44
N PHE A 28 19.63 44.72 -23.73
CA PHE A 28 21.01 44.71 -24.24
C PHE A 28 20.91 44.32 -25.68
N THR A 29 21.24 45.24 -26.57
CA THR A 29 20.85 45.05 -27.96
C THR A 29 21.92 44.49 -28.86
N LEU A 30 23.17 44.40 -28.39
CA LEU A 30 24.28 43.89 -29.22
C LEU A 30 23.94 42.56 -29.85
N LYS A 31 24.06 42.50 -31.17
CA LYS A 31 23.63 41.30 -31.92
C LYS A 31 24.03 39.98 -31.28
N GLY A 32 23.05 39.17 -30.90
CA GLY A 32 23.32 37.82 -30.45
C GLY A 32 24.01 37.77 -29.11
N CYS A 33 24.01 38.85 -28.34
CA CYS A 33 24.63 38.82 -26.99
C CYS A 33 23.65 39.18 -25.87
N GLY A 34 22.38 38.92 -26.11
CA GLY A 34 21.36 39.30 -25.17
C GLY A 34 21.12 38.25 -24.10
N ALA A 35 21.91 37.18 -24.08
CA ALA A 35 21.66 36.15 -23.11
C ALA A 35 22.94 35.72 -22.42
N LEU A 36 23.76 36.70 -22.08
CA LEU A 36 25.05 36.45 -21.47
C LEU A 36 25.08 37.07 -20.10
N ASP A 37 25.86 36.49 -19.20
CA ASP A 37 26.07 37.10 -17.89
C ASP A 37 26.58 38.54 -17.89
N TRP A 38 26.38 39.26 -16.78
CA TRP A 38 26.79 40.68 -16.71
C TRP A 38 28.25 40.95 -17.14
N GLY A 39 29.17 40.19 -16.53
CA GLY A 39 30.58 40.37 -16.80
C GLY A 39 30.89 40.26 -18.27
N MET A 40 30.36 39.23 -18.92
CA MET A 40 30.70 39.04 -20.30
C MET A 40 30.13 40.21 -21.11
N GLN A 41 28.89 40.59 -20.81
CA GLN A 41 28.28 41.73 -21.51
C GLN A 41 29.12 43.00 -21.30
N SER A 42 29.68 43.12 -20.10
CA SER A 42 30.51 44.25 -19.77
C SER A 42 31.77 44.29 -20.61
N ARG A 43 32.47 43.16 -20.71
CA ARG A 43 33.64 43.12 -21.56
C ARG A 43 33.29 43.42 -23.01
N LEU A 44 32.16 42.91 -23.50
CA LEU A 44 31.78 43.16 -24.89
C LEU A 44 31.44 44.64 -25.10
N SER A 45 30.91 45.28 -24.09
CA SER A 45 30.55 46.68 -24.22
C SER A 45 31.80 47.54 -24.22
N ARG A 46 32.92 47.02 -23.73
CA ARG A 46 34.18 47.74 -23.83
C ARG A 46 34.63 47.74 -25.26
N ILE A 47 34.31 46.68 -25.99
CA ILE A 47 34.74 46.54 -27.37
C ILE A 47 33.77 47.25 -28.31
N PHE A 48 32.47 46.92 -28.20
CA PHE A 48 31.45 47.53 -29.04
C PHE A 48 30.73 48.64 -28.32
N ASN A 49 30.96 49.86 -28.79
CA ASN A 49 30.30 51.06 -28.29
C ASN A 49 28.81 50.87 -28.18
N PRO A 50 28.29 50.93 -26.94
CA PRO A 50 26.87 50.67 -26.65
C PRO A 50 25.94 51.55 -27.48
N LYS A 51 26.38 52.79 -27.76
CA LYS A 51 25.59 53.73 -28.57
C LYS A 51 25.50 53.24 -30.02
N THR A 52 26.62 53.16 -30.73
CA THR A 52 26.61 52.77 -32.13
C THR A 52 26.60 51.25 -32.36
N GLY A 53 27.02 50.49 -31.36
CA GLY A 53 27.09 49.04 -31.51
C GLY A 53 28.22 48.59 -32.40
N LYS A 54 29.18 49.47 -32.64
CA LYS A 54 30.29 49.14 -33.53
C LYS A 54 31.64 49.36 -32.87
N THR A 55 32.72 48.97 -33.55
CA THR A 55 34.05 49.12 -32.99
C THR A 55 35.11 49.37 -34.06
N VAL A 56 36.10 50.21 -33.74
CA VAL A 56 37.24 50.36 -34.59
C VAL A 56 38.43 49.78 -33.84
N MET A 57 38.92 48.65 -34.35
CA MET A 57 39.96 47.88 -33.68
C MET A 57 41.31 48.00 -34.37
N LEU A 58 42.34 48.42 -33.61
CA LEU A 58 43.69 48.54 -34.16
C LEU A 58 44.52 47.26 -33.97
N ALA A 59 44.84 46.59 -35.05
CA ALA A 59 45.45 45.28 -34.97
C ALA A 59 46.97 45.36 -35.23
N PHE A 60 47.77 44.89 -34.28
CA PHE A 60 49.17 44.74 -34.56
C PHE A 60 49.75 43.43 -34.02
N ASP A 61 49.07 42.32 -34.24
CA ASP A 61 49.52 41.04 -33.74
C ASP A 61 50.29 40.26 -34.82
N HIS A 62 50.39 40.83 -36.04
CA HIS A 62 50.98 40.13 -37.19
C HIS A 62 52.30 39.41 -36.90
N GLY A 63 53.11 39.98 -36.01
CA GLY A 63 54.40 39.39 -35.67
C GLY A 63 54.37 37.99 -35.07
N TYR A 64 53.20 37.58 -34.57
CA TYR A 64 53.11 36.29 -33.87
C TYR A 64 53.54 35.09 -34.72
N PHE A 65 53.47 35.22 -36.05
CA PHE A 65 53.97 34.18 -36.92
C PHE A 65 54.77 34.74 -38.05
N GLN A 66 54.83 36.06 -38.15
CA GLN A 66 55.56 36.72 -39.25
C GLN A 66 56.85 37.42 -38.82
N GLY A 67 57.11 37.56 -37.53
CA GLY A 67 58.29 38.31 -37.14
C GLY A 67 58.08 39.79 -37.41
N PRO A 68 59.17 40.55 -37.57
CA PRO A 68 59.08 41.99 -37.75
C PRO A 68 58.57 42.32 -39.12
N THR A 69 57.25 42.32 -39.27
CA THR A 69 56.59 42.68 -40.51
C THR A 69 56.73 44.19 -40.77
N THR A 70 56.64 44.60 -42.03
CA THR A 70 56.83 46.02 -42.39
C THR A 70 55.83 46.91 -41.70
N GLY A 71 56.32 47.94 -41.03
CA GLY A 71 55.46 48.90 -40.32
C GLY A 71 55.35 48.58 -38.83
N LEU A 72 55.70 47.34 -38.48
CA LEU A 72 55.63 46.87 -37.12
C LEU A 72 57.02 46.55 -36.57
N GLU A 73 58.05 47.10 -37.19
CA GLU A 73 59.42 46.89 -36.71
C GLU A 73 59.54 47.47 -35.30
N ARG A 74 58.98 48.65 -35.11
CA ARG A 74 59.07 49.33 -33.81
C ARG A 74 57.70 49.76 -33.26
N ILE A 75 56.97 48.81 -32.68
CA ILE A 75 55.65 49.09 -32.12
C ILE A 75 55.76 50.28 -31.16
N ASP A 76 56.84 50.28 -30.40
CA ASP A 76 57.05 51.28 -29.37
C ASP A 76 57.13 52.69 -29.90
N ILE A 77 57.46 52.85 -31.18
CA ILE A 77 57.63 54.15 -31.79
C ILE A 77 56.54 54.47 -32.77
N ASN A 78 56.36 53.61 -33.76
CA ASN A 78 55.33 53.87 -34.76
C ASN A 78 53.89 53.63 -34.30
N ILE A 79 53.66 52.56 -33.54
CA ILE A 79 52.29 52.23 -33.15
C ILE A 79 51.87 52.94 -31.86
N ALA A 80 52.84 53.23 -31.00
CA ALA A 80 52.52 53.85 -29.72
C ALA A 80 51.55 55.06 -29.85
N PRO A 81 51.90 56.03 -30.70
CA PRO A 81 51.07 57.23 -30.86
C PRO A 81 49.67 56.98 -31.47
N LEU A 82 49.37 55.75 -31.89
CA LEU A 82 48.08 55.48 -32.49
C LEU A 82 47.07 54.94 -31.49
N PHE A 83 47.56 54.43 -30.36
CA PHE A 83 46.68 53.73 -29.43
C PHE A 83 45.47 54.59 -29.07
N GLU A 84 45.72 55.79 -28.56
CA GLU A 84 44.64 56.65 -28.12
C GLU A 84 43.53 56.82 -29.18
N HIS A 85 43.88 56.78 -30.46
CA HIS A 85 42.87 56.96 -31.49
C HIS A 85 42.11 55.68 -31.80
N ALA A 86 42.33 54.64 -31.02
CA ALA A 86 41.63 53.38 -31.29
C ALA A 86 40.62 53.04 -30.20
N ASP A 87 39.55 52.36 -30.59
CA ASP A 87 38.58 51.86 -29.63
C ASP A 87 39.16 50.72 -28.79
N VAL A 88 39.80 49.76 -29.48
CA VAL A 88 40.41 48.60 -28.83
C VAL A 88 41.72 48.17 -29.51
N LEU A 89 42.65 47.67 -28.72
CA LEU A 89 43.93 47.22 -29.24
C LEU A 89 43.92 45.70 -29.39
N MET A 90 44.49 45.19 -30.48
CA MET A 90 44.66 43.76 -30.62
C MET A 90 46.11 43.35 -30.83
N CYS A 91 46.63 42.53 -29.93
CA CYS A 91 48.01 42.16 -30.01
C CYS A 91 48.30 40.95 -29.13
N THR A 92 49.55 40.50 -29.10
CA THR A 92 49.94 39.32 -28.30
C THR A 92 50.30 39.75 -26.89
N ARG A 93 50.37 38.77 -25.99
CA ARG A 93 50.75 39.07 -24.64
C ARG A 93 52.23 39.56 -24.53
N GLY A 94 53.04 39.15 -25.50
CA GLY A 94 54.47 39.49 -25.52
C GLY A 94 54.66 40.97 -25.75
N ILE A 95 54.08 41.46 -26.84
CA ILE A 95 54.10 42.89 -27.12
C ILE A 95 53.33 43.71 -26.06
N LEU A 96 52.15 43.22 -25.66
CA LEU A 96 51.38 43.89 -24.62
C LEU A 96 52.26 44.24 -23.39
N ARG A 97 52.91 43.24 -22.81
CA ARG A 97 53.67 43.49 -21.59
C ARG A 97 54.88 44.37 -21.87
N SER A 98 55.54 44.15 -23.00
CA SER A 98 56.83 44.75 -23.24
C SER A 98 56.75 46.20 -23.67
N VAL A 99 55.82 46.55 -24.54
CA VAL A 99 55.85 47.90 -25.15
C VAL A 99 54.53 48.65 -25.19
N VAL A 100 53.44 48.00 -24.83
CA VAL A 100 52.19 48.73 -24.66
C VAL A 100 52.08 49.20 -23.21
N PRO A 101 52.16 50.53 -22.98
CA PRO A 101 52.04 51.02 -21.58
C PRO A 101 50.61 50.83 -21.02
N PRO A 102 50.51 50.23 -19.83
CA PRO A 102 49.22 49.97 -19.20
C PRO A 102 48.40 51.26 -19.09
N ALA A 103 49.07 52.39 -18.93
CA ALA A 103 48.40 53.68 -18.79
C ALA A 103 47.69 54.08 -20.10
N THR A 104 47.88 53.29 -21.14
CA THR A 104 47.16 53.54 -22.37
C THR A 104 45.65 53.49 -22.13
N ASN A 105 45.25 52.83 -21.05
CA ASN A 105 43.84 52.77 -20.70
C ASN A 105 42.90 52.50 -21.87
N ARG A 106 43.23 51.49 -22.66
CA ARG A 106 42.43 51.13 -23.81
C ARG A 106 42.16 49.62 -23.72
N PRO A 107 40.93 49.16 -24.05
CA PRO A 107 40.57 47.72 -24.03
C PRO A 107 41.40 46.89 -25.00
N VAL A 108 41.81 45.68 -24.63
CA VAL A 108 42.65 44.84 -25.49
C VAL A 108 42.00 43.49 -25.79
N VAL A 109 42.29 42.97 -26.97
CA VAL A 109 41.84 41.63 -27.35
C VAL A 109 43.14 40.88 -27.61
N LEU A 110 43.40 39.81 -26.86
CA LEU A 110 44.69 39.12 -26.96
C LEU A 110 44.69 38.05 -28.00
N ARG A 111 45.68 38.10 -28.89
CA ARG A 111 45.99 36.98 -29.77
C ARG A 111 46.31 35.76 -28.91
N ALA A 112 45.51 34.72 -29.00
CA ALA A 112 45.71 33.56 -28.16
C ALA A 112 46.04 32.29 -28.96
N SER A 113 46.58 32.46 -30.16
CA SER A 113 46.98 31.28 -30.95
C SER A 113 48.33 31.55 -31.58
N GLY A 114 48.97 30.50 -32.11
CA GLY A 114 50.33 30.63 -32.59
C GLY A 114 50.99 29.28 -32.71
N ALA A 115 52.34 29.28 -32.67
CA ALA A 115 53.15 28.07 -32.84
C ALA A 115 53.27 27.72 -34.32
N ASN A 116 52.89 28.66 -35.17
CA ASN A 116 53.10 28.53 -36.61
C ASN A 116 54.06 29.63 -37.09
N SER A 117 54.48 29.57 -38.33
CA SER A 117 55.37 30.61 -38.88
C SER A 117 55.26 30.67 -40.39
N ILE A 118 55.80 31.70 -40.99
CA ILE A 118 55.78 31.76 -42.45
C ILE A 118 56.74 30.74 -43.11
N LEU A 119 57.56 30.05 -42.31
CA LEU A 119 58.44 29.04 -42.88
C LEU A 119 57.82 27.66 -42.92
N ALA A 120 56.60 27.50 -42.39
CA ALA A 120 55.96 26.17 -42.37
C ALA A 120 54.49 26.23 -42.75
N GLU A 121 53.74 25.20 -42.39
CA GLU A 121 52.31 25.16 -42.68
C GLU A 121 51.57 26.24 -41.87
N LEU A 122 50.93 27.16 -42.57
CA LEU A 122 50.29 28.28 -41.93
C LEU A 122 49.19 27.87 -40.96
N SER A 123 48.44 26.84 -41.28
CA SER A 123 47.28 26.48 -40.48
C SER A 123 47.67 25.65 -39.25
N ASN A 124 48.97 25.48 -38.99
CA ASN A 124 49.36 24.64 -37.85
C ASN A 124 49.49 25.43 -36.51
N GLU A 125 48.34 25.86 -35.96
CA GLU A 125 48.32 26.70 -34.77
C GLU A 125 47.86 25.98 -33.52
N ALA A 126 48.46 26.34 -32.38
CA ALA A 126 48.04 25.83 -31.06
C ALA A 126 47.48 26.97 -30.22
N VAL A 127 46.85 26.67 -29.09
CA VAL A 127 46.49 27.78 -28.22
C VAL A 127 47.78 28.39 -27.64
N ALA A 128 47.89 29.71 -27.71
CA ALA A 128 49.15 30.38 -27.42
C ALA A 128 49.22 31.04 -26.01
N LEU A 129 48.10 31.10 -25.30
CA LEU A 129 48.13 31.59 -23.92
C LEU A 129 46.95 31.06 -23.09
N SER A 130 47.23 30.70 -21.84
CA SER A 130 46.19 30.18 -20.96
C SER A 130 45.15 31.24 -20.55
N MET A 131 43.89 30.82 -20.36
CA MET A 131 42.81 31.72 -19.98
C MET A 131 43.23 32.41 -18.69
N ASP A 132 43.89 31.64 -17.84
CA ASP A 132 44.53 32.14 -16.62
C ASP A 132 45.28 33.44 -16.82
N ASP A 133 46.24 33.44 -17.74
CA ASP A 133 46.95 34.66 -18.05
C ASP A 133 46.12 35.76 -18.74
N ALA A 134 45.14 35.38 -19.54
CA ALA A 134 44.27 36.36 -20.22
C ALA A 134 43.54 37.18 -19.15
N VAL A 135 43.06 36.49 -18.12
CA VAL A 135 42.41 37.13 -16.99
C VAL A 135 43.43 37.97 -16.20
N ARG A 136 44.64 37.44 -16.06
CA ARG A 136 45.69 38.20 -15.37
C ARG A 136 45.93 39.54 -16.07
N LEU A 137 45.80 39.53 -17.40
CA LEU A 137 46.14 40.71 -18.21
C LEU A 137 44.94 41.61 -18.43
N ASN A 138 43.82 41.29 -17.77
CA ASN A 138 42.61 42.10 -17.87
C ASN A 138 42.04 42.21 -19.31
N SER A 139 42.10 41.13 -20.08
CA SER A 139 41.60 41.17 -21.47
C SER A 139 40.09 41.38 -21.57
N CYS A 140 39.66 41.97 -22.67
CA CYS A 140 38.24 41.98 -23.03
C CYS A 140 37.82 40.74 -23.85
N ALA A 141 38.77 40.13 -24.56
CA ALA A 141 38.51 38.91 -25.33
C ALA A 141 39.79 38.20 -25.68
N VAL A 142 39.66 36.94 -26.10
CA VAL A 142 40.80 36.18 -26.58
C VAL A 142 40.43 35.78 -28.01
N ALA A 143 41.45 35.69 -28.87
CA ALA A 143 41.22 35.50 -30.30
C ALA A 143 42.10 34.37 -30.83
N ALA A 144 41.54 33.55 -31.73
CA ALA A 144 42.30 32.46 -32.33
C ALA A 144 41.82 32.25 -33.77
N GLN A 145 42.64 31.61 -34.61
CA GLN A 145 42.34 31.47 -36.02
C GLN A 145 41.64 30.17 -36.20
N VAL A 146 40.65 30.17 -37.09
CA VAL A 146 40.08 28.91 -37.58
C VAL A 146 40.41 28.77 -39.07
N TYR A 147 40.89 27.61 -39.50
CA TYR A 147 41.37 27.41 -40.89
C TYR A 147 40.53 26.37 -41.65
N ILE A 148 39.29 26.71 -41.93
CA ILE A 148 38.43 25.79 -42.66
C ILE A 148 39.01 25.51 -44.05
N GLY A 149 39.11 24.24 -44.42
CA GLY A 149 39.69 23.91 -45.69
C GLY A 149 41.18 23.68 -45.70
N SER A 150 41.88 24.06 -44.64
CA SER A 150 43.33 23.81 -44.58
C SER A 150 43.65 22.49 -43.92
N GLU A 151 44.94 22.19 -43.88
CA GLU A 151 45.41 20.90 -43.43
C GLU A 151 45.09 20.75 -41.96
N TYR A 152 45.27 21.80 -41.17
CA TYR A 152 45.03 21.67 -39.75
C TYR A 152 43.69 22.23 -39.32
N GLU A 153 42.68 22.04 -40.16
CA GLU A 153 41.35 22.56 -39.89
C GLU A 153 40.79 22.06 -38.57
N HIS A 154 40.85 20.75 -38.38
CA HIS A 154 40.33 20.10 -37.17
C HIS A 154 40.92 20.70 -35.91
N GLN A 155 42.23 20.90 -35.90
CA GLN A 155 42.91 21.45 -34.71
C GLN A 155 42.52 22.90 -34.46
N SER A 156 42.46 23.68 -35.53
CA SER A 156 42.07 25.05 -35.36
C SER A 156 40.65 25.17 -34.71
N ILE A 157 39.70 24.31 -35.10
CA ILE A 157 38.39 24.40 -34.49
C ILE A 157 38.49 24.01 -33.01
N LYS A 158 39.28 22.98 -32.71
CA LYS A 158 39.44 22.60 -31.33
C LYS A 158 39.98 23.76 -30.51
N ASN A 159 40.85 24.57 -31.10
CA ASN A 159 41.38 25.75 -30.41
C ASN A 159 40.22 26.68 -30.00
N ILE A 160 39.29 26.93 -30.92
CA ILE A 160 38.07 27.65 -30.55
C ILE A 160 37.26 26.96 -29.42
N ILE A 161 37.04 25.64 -29.55
CA ILE A 161 36.30 24.92 -28.52
C ILE A 161 36.97 25.12 -27.16
N GLN A 162 38.29 25.03 -27.14
CA GLN A 162 38.99 25.11 -25.88
C GLN A 162 38.86 26.48 -25.27
N LEU A 163 39.06 27.53 -26.07
CA LEU A 163 38.93 28.91 -25.54
C LEU A 163 37.51 29.24 -25.03
N VAL A 164 36.47 28.76 -25.74
CA VAL A 164 35.09 29.01 -25.30
C VAL A 164 34.88 28.30 -23.96
N ASP A 165 35.20 27.00 -23.91
CA ASP A 165 35.03 26.26 -22.67
C ASP A 165 35.66 27.04 -21.52
N ALA A 166 36.90 27.53 -21.73
CA ALA A 166 37.63 28.23 -20.66
C ALA A 166 37.03 29.62 -20.40
N GLY A 167 36.70 30.33 -21.47
CA GLY A 167 36.11 31.66 -21.32
C GLY A 167 34.76 31.67 -20.58
N MET A 168 33.98 30.60 -20.73
CA MET A 168 32.64 30.59 -20.15
C MET A 168 32.72 30.53 -18.65
N LYS A 169 33.80 29.94 -18.13
CA LYS A 169 33.97 29.82 -16.68
C LYS A 169 34.23 31.19 -16.08
N VAL A 170 34.73 32.09 -16.90
CA VAL A 170 35.29 33.31 -16.41
C VAL A 170 34.67 34.59 -17.00
N GLY A 171 33.78 34.44 -17.99
CA GLY A 171 33.07 35.58 -18.60
C GLY A 171 33.92 36.27 -19.66
N MET A 172 34.85 35.53 -20.25
CA MET A 172 35.73 36.06 -21.28
C MET A 172 35.23 35.61 -22.65
N PRO A 173 34.81 36.57 -23.49
CA PRO A 173 34.41 36.34 -24.88
C PRO A 173 35.57 35.78 -25.71
N THR A 174 35.25 34.94 -26.70
CA THR A 174 36.25 34.44 -27.63
C THR A 174 35.95 34.97 -29.02
N MET A 175 36.99 35.40 -29.75
CA MET A 175 36.82 35.89 -31.09
C MET A 175 37.47 34.93 -32.07
N ALA A 176 36.67 34.41 -33.00
CA ALA A 176 37.15 33.43 -33.96
C ALA A 176 37.45 34.15 -35.26
N VAL A 177 38.66 33.93 -35.78
CA VAL A 177 39.13 34.60 -37.00
C VAL A 177 39.23 33.65 -38.17
N THR A 178 38.55 33.97 -39.27
CA THR A 178 38.58 33.04 -40.40
C THR A 178 39.82 33.21 -41.25
N GLY A 179 40.85 32.41 -41.00
CA GLY A 179 42.09 32.46 -41.79
C GLY A 179 42.04 31.60 -43.04
N VAL A 180 42.65 32.06 -44.12
CA VAL A 180 42.50 31.36 -45.40
C VAL A 180 43.75 30.63 -45.93
N VAL A 185 40.46 30.37 -52.49
CA VAL A 185 39.44 31.21 -53.11
C VAL A 185 38.48 31.80 -52.07
N ARG A 186 38.32 33.12 -52.09
CA ARG A 186 37.61 33.82 -51.05
C ARG A 186 36.25 34.31 -51.50
N ASP A 187 35.27 33.43 -51.58
CA ASP A 187 33.94 33.86 -51.96
C ASP A 187 32.94 33.84 -50.80
N GLN A 188 31.71 34.24 -51.08
CA GLN A 188 30.69 34.30 -50.05
C GLN A 188 30.38 32.93 -49.49
N ARG A 189 30.21 31.93 -50.36
CA ARG A 189 29.82 30.61 -49.85
C ARG A 189 30.86 30.06 -48.87
N TYR A 190 32.13 30.38 -49.13
CA TYR A 190 33.21 29.92 -48.27
C TYR A 190 33.17 30.59 -46.91
N PHE A 191 33.11 31.91 -46.88
CA PHE A 191 33.11 32.61 -45.60
C PHE A 191 31.82 32.38 -44.81
N SER A 192 30.74 32.09 -45.51
CA SER A 192 29.53 31.72 -44.82
C SER A 192 29.77 30.43 -44.00
N LEU A 193 30.35 29.43 -44.64
CA LEU A 193 30.69 28.21 -43.98
C LEU A 193 31.58 28.49 -42.78
N ALA A 194 32.69 29.20 -42.99
CA ALA A 194 33.66 29.39 -41.95
C ALA A 194 33.08 30.18 -40.79
N THR A 195 32.41 31.28 -41.08
CA THR A 195 31.89 32.10 -39.98
C THR A 195 30.78 31.38 -39.19
N ARG A 196 29.91 30.70 -39.91
CA ARG A 196 28.79 30.06 -39.27
C ARG A 196 29.24 28.94 -38.33
N ILE A 197 30.18 28.12 -38.79
CA ILE A 197 30.71 27.05 -37.96
C ILE A 197 31.32 27.59 -36.66
N ALA A 198 32.19 28.60 -36.78
CA ALA A 198 32.81 29.19 -35.62
C ALA A 198 31.72 29.68 -34.63
N ALA A 199 30.72 30.40 -35.15
CA ALA A 199 29.69 30.97 -34.29
C ALA A 199 28.97 29.84 -33.59
N GLU A 200 28.68 28.82 -34.39
CA GLU A 200 27.94 27.66 -33.98
C GLU A 200 28.71 27.00 -32.77
N MET A 201 30.04 26.98 -32.82
CA MET A 201 30.87 26.32 -31.78
C MET A 201 30.88 27.10 -30.49
N GLY A 202 30.63 28.41 -30.58
CA GLY A 202 30.46 29.20 -29.38
C GLY A 202 31.10 30.56 -29.37
N ALA A 203 31.93 30.86 -30.38
CA ALA A 203 32.60 32.17 -30.47
C ALA A 203 31.59 33.33 -30.46
N GLN A 204 31.84 34.35 -29.64
CA GLN A 204 30.89 35.46 -29.54
C GLN A 204 31.21 36.57 -30.55
N ILE A 205 32.44 36.61 -31.04
CA ILE A 205 32.78 37.58 -32.06
C ILE A 205 33.42 36.86 -33.25
N ILE A 206 33.05 37.22 -34.45
CA ILE A 206 33.67 36.60 -35.60
C ILE A 206 34.35 37.66 -36.45
N LYS A 207 35.61 37.41 -36.82
CA LYS A 207 36.30 38.32 -37.73
C LYS A 207 36.63 37.62 -39.04
N THR A 208 36.19 38.24 -40.14
CA THR A 208 36.34 37.65 -41.48
C THR A 208 36.79 38.72 -42.49
N TYR A 209 36.81 38.37 -43.77
CA TYR A 209 37.21 39.30 -44.82
C TYR A 209 36.00 39.85 -45.52
N TYR A 210 36.11 41.07 -46.05
CA TYR A 210 35.04 41.62 -46.89
C TYR A 210 35.01 40.99 -48.28
N VAL A 211 33.84 40.84 -48.87
CA VAL A 211 33.78 40.22 -50.18
C VAL A 211 33.02 41.08 -51.19
N GLU A 212 33.50 41.09 -52.42
CA GLU A 212 32.94 41.92 -53.48
C GLU A 212 31.44 41.74 -53.59
N LYS A 213 30.98 40.50 -53.59
CA LYS A 213 29.55 40.30 -53.62
C LYS A 213 29.09 39.18 -52.71
N GLY A 214 27.96 39.39 -52.03
CA GLY A 214 27.40 38.40 -51.13
C GLY A 214 27.66 38.66 -49.65
N PHE A 215 28.46 39.67 -49.34
CA PHE A 215 28.82 39.94 -47.95
C PHE A 215 27.58 40.02 -47.04
N GLU A 216 26.53 40.64 -47.54
CA GLU A 216 25.33 40.77 -46.77
C GLU A 216 24.86 39.42 -46.25
N ARG A 217 25.10 38.37 -47.02
CA ARG A 217 24.60 37.07 -46.68
C ARG A 217 25.44 36.46 -45.57
N ILE A 218 26.72 36.81 -45.58
CA ILE A 218 27.62 36.37 -44.52
C ILE A 218 27.15 36.95 -43.17
N VAL A 219 26.84 38.23 -43.14
CA VAL A 219 26.33 38.87 -41.94
C VAL A 219 24.99 38.28 -41.52
N ALA A 220 24.08 38.17 -42.47
CA ALA A 220 22.75 37.69 -42.13
C ALA A 220 22.76 36.24 -41.55
N GLY A 221 23.68 35.40 -42.00
CA GLY A 221 23.69 34.01 -41.59
C GLY A 221 24.50 33.77 -40.33
N CYS A 222 25.11 34.84 -39.82
CA CYS A 222 25.95 34.75 -38.63
C CYS A 222 25.21 35.36 -37.44
N PRO A 223 24.93 34.56 -36.40
CA PRO A 223 24.13 35.01 -35.27
C PRO A 223 24.82 36.00 -34.31
N VAL A 224 26.14 36.22 -34.48
CA VAL A 224 26.88 37.15 -33.62
C VAL A 224 27.60 38.22 -34.46
N PRO A 225 28.08 39.30 -33.79
CA PRO A 225 28.73 40.46 -34.43
C PRO A 225 29.89 40.05 -35.33
N ILE A 226 29.97 40.67 -36.52
CA ILE A 226 31.08 40.40 -37.43
C ILE A 226 31.98 41.60 -37.59
N VAL A 227 33.27 41.33 -37.69
CA VAL A 227 34.24 42.38 -37.83
C VAL A 227 35.06 42.01 -39.07
N ILE A 228 35.45 43.01 -39.89
CA ILE A 228 36.26 42.70 -41.08
C ILE A 228 37.70 43.07 -40.88
N ALA A 229 38.57 42.25 -41.43
CA ALA A 229 40.01 42.53 -41.45
C ALA A 229 40.33 43.59 -42.51
N GLY A 230 41.31 44.43 -42.21
CA GLY A 230 41.79 45.40 -43.20
C GLY A 230 42.29 44.81 -44.51
N GLY A 231 43.03 43.70 -44.45
CA GLY A 231 43.60 43.11 -45.65
C GLY A 231 44.87 43.84 -46.05
N LYS A 232 45.45 43.44 -47.19
CA LYS A 232 46.70 44.04 -47.68
C LYS A 232 46.51 45.54 -47.97
N LYS A 233 47.62 46.28 -47.96
CA LYS A 233 47.56 47.72 -48.13
C LYS A 233 46.84 48.12 -49.42
N LEU A 234 45.95 49.10 -49.32
CA LEU A 234 45.29 49.69 -50.46
C LEU A 234 45.47 51.22 -50.46
N PRO A 235 45.19 51.86 -51.61
CA PRO A 235 45.08 53.30 -51.53
C PRO A 235 44.05 53.67 -50.47
N GLU A 236 44.40 54.64 -49.62
CA GLU A 236 43.53 55.11 -48.53
C GLU A 236 42.06 55.25 -48.93
N ARG A 237 41.78 55.84 -50.09
CA ARG A 237 40.40 56.04 -50.54
C ARG A 237 39.70 54.72 -50.77
N GLU A 238 40.41 53.74 -51.29
CA GLU A 238 39.81 52.45 -51.53
C GLU A 238 39.57 51.67 -50.23
N ALA A 239 40.49 51.79 -49.30
CA ALA A 239 40.32 51.19 -47.98
C ALA A 239 39.07 51.72 -47.29
N LEU A 240 38.86 53.04 -47.37
CA LEU A 240 37.68 53.63 -46.78
C LEU A 240 36.44 53.15 -47.50
N GLU A 241 36.48 52.98 -48.82
CA GLU A 241 35.33 52.42 -49.54
C GLU A 241 34.92 51.04 -49.01
N MET A 242 35.93 50.19 -48.81
CA MET A 242 35.73 48.85 -48.26
C MET A 242 35.04 48.95 -46.90
N CYS A 243 35.55 49.80 -46.02
CA CYS A 243 34.92 49.98 -44.75
C CYS A 243 33.49 50.40 -44.89
N TRP A 244 33.23 51.39 -45.75
CA TRP A 244 31.87 51.89 -45.95
C TRP A 244 30.90 50.79 -46.42
N GLN A 245 31.35 50.00 -47.38
CA GLN A 245 30.55 48.89 -47.88
C GLN A 245 30.26 47.90 -46.76
N ALA A 246 31.30 47.48 -46.07
CA ALA A 246 31.15 46.49 -45.00
C ALA A 246 30.12 46.95 -43.96
N ILE A 247 30.31 48.16 -43.43
CA ILE A 247 29.40 48.72 -42.46
C ILE A 247 28.02 48.81 -43.04
N ASP A 248 27.91 49.39 -44.22
CA ASP A 248 26.62 49.53 -44.86
C ASP A 248 25.89 48.21 -45.00
N GLN A 249 26.63 47.13 -45.20
CA GLN A 249 26.02 45.83 -45.38
C GLN A 249 25.87 45.02 -44.08
N GLY A 250 26.20 45.63 -42.93
CA GLY A 250 25.91 45.04 -41.65
C GLY A 250 27.05 44.59 -40.77
N ALA A 251 28.29 44.90 -41.15
CA ALA A 251 29.41 44.59 -40.26
C ALA A 251 29.28 45.37 -38.96
N SER A 252 29.83 44.83 -37.87
CA SER A 252 29.82 45.55 -36.58
C SER A 252 31.08 46.36 -36.32
N GLY A 253 31.94 46.51 -37.33
CA GLY A 253 33.18 47.24 -37.13
C GLY A 253 34.31 46.66 -37.95
N VAL A 254 35.49 47.25 -37.83
CA VAL A 254 36.65 46.79 -38.59
C VAL A 254 37.82 46.56 -37.65
N ASP A 255 38.71 45.66 -38.07
CA ASP A 255 39.95 45.34 -37.36
C ASP A 255 41.13 45.63 -38.28
N MET A 256 41.44 46.91 -38.45
CA MET A 256 42.51 47.39 -39.34
C MET A 256 43.89 47.16 -38.77
N GLY A 257 44.82 46.83 -39.66
CA GLY A 257 46.22 46.76 -39.33
C GLY A 257 47.04 47.53 -40.36
N ARG A 258 47.36 46.87 -41.47
CA ARG A 258 48.20 47.45 -42.51
C ARG A 258 47.67 48.76 -43.11
N ASN A 259 46.38 48.83 -43.41
CA ASN A 259 45.86 50.04 -44.04
C ASN A 259 45.91 51.23 -43.12
N ILE A 260 46.36 50.99 -41.89
CA ILE A 260 46.59 52.10 -41.00
C ILE A 260 48.07 52.30 -40.76
N PHE A 261 48.73 51.29 -40.22
CA PHE A 261 50.13 51.53 -39.84
C PHE A 261 51.08 51.55 -41.03
N GLN A 262 50.59 51.17 -42.20
CA GLN A 262 51.38 51.31 -43.41
C GLN A 262 51.01 52.55 -44.24
N SER A 263 50.20 53.43 -43.67
CA SER A 263 49.84 54.65 -44.35
C SER A 263 50.87 55.73 -44.02
N ASP A 264 50.97 56.75 -44.85
CA ASP A 264 51.83 57.87 -44.55
C ASP A 264 51.21 58.79 -43.47
N HIS A 265 49.92 58.59 -43.20
CA HIS A 265 49.20 59.42 -42.25
C HIS A 265 48.26 58.56 -41.42
N PRO A 266 48.82 57.73 -40.56
CA PRO A 266 48.07 56.78 -39.78
C PRO A 266 46.97 57.43 -38.98
N VAL A 267 47.31 58.44 -38.17
CA VAL A 267 46.33 59.13 -37.33
C VAL A 267 45.16 59.66 -38.16
N ALA A 268 45.48 60.33 -39.27
CA ALA A 268 44.45 60.83 -40.14
C ALA A 268 43.55 59.68 -40.60
N MET A 269 44.16 58.60 -41.08
CA MET A 269 43.41 57.45 -41.58
C MET A 269 42.44 56.90 -40.52
N MET A 270 42.93 56.78 -39.29
CA MET A 270 42.10 56.29 -38.20
C MET A 270 40.91 57.20 -38.00
N LYS A 271 41.11 58.51 -38.05
CA LYS A 271 40.00 59.42 -37.84
C LYS A 271 38.96 59.25 -38.93
N ALA A 272 39.45 58.95 -40.14
CA ALA A 272 38.55 58.71 -41.28
C ALA A 272 37.74 57.47 -41.03
N VAL A 273 38.44 56.37 -40.76
CA VAL A 273 37.79 55.11 -40.41
C VAL A 273 36.76 55.25 -39.26
N GLN A 274 37.07 56.03 -38.24
CA GLN A 274 36.12 56.25 -37.18
C GLN A 274 34.86 56.91 -37.74
N ALA A 275 35.07 57.93 -38.55
CA ALA A 275 33.96 58.66 -39.14
C ALA A 275 33.01 57.72 -39.88
N VAL A 276 33.59 56.82 -40.65
CA VAL A 276 32.79 55.91 -41.43
C VAL A 276 32.07 54.88 -40.56
N VAL A 277 32.74 54.41 -39.52
CA VAL A 277 32.21 53.30 -38.74
C VAL A 277 31.17 53.75 -37.73
N HIS A 278 31.49 54.81 -36.97
CA HIS A 278 30.60 55.28 -35.92
C HIS A 278 29.56 56.34 -36.34
N HIS A 279 29.87 57.13 -37.37
CA HIS A 279 29.03 58.25 -37.69
C HIS A 279 28.38 58.17 -39.07
N ASN A 280 28.42 56.99 -39.69
CA ASN A 280 27.81 56.83 -41.02
C ASN A 280 28.33 57.77 -42.09
N GLU A 281 29.55 58.26 -41.94
CA GLU A 281 30.11 59.09 -43.00
C GLU A 281 30.18 58.31 -44.31
N THR A 282 30.23 59.04 -45.42
CA THR A 282 30.43 58.44 -46.74
C THR A 282 31.92 58.29 -47.03
N ALA A 283 32.23 57.42 -47.99
CA ALA A 283 33.61 57.17 -48.34
C ALA A 283 34.30 58.47 -48.73
N ASP A 284 33.62 59.28 -49.55
CA ASP A 284 34.17 60.53 -50.05
C ASP A 284 34.36 61.56 -48.96
N ARG A 285 33.28 61.88 -48.27
CA ARG A 285 33.35 62.79 -47.14
C ARG A 285 34.50 62.42 -46.22
N ALA A 286 34.60 61.14 -45.90
CA ALA A 286 35.65 60.64 -45.01
C ALA A 286 37.03 60.85 -45.62
N TYR A 287 37.15 60.60 -46.93
CA TYR A 287 38.42 60.82 -47.60
C TYR A 287 38.86 62.29 -47.49
N GLU A 288 37.91 63.20 -47.51
CA GLU A 288 38.24 64.61 -47.33
C GLU A 288 38.67 64.92 -45.90
N LEU A 289 38.10 64.21 -44.93
CA LEU A 289 38.54 64.30 -43.54
C LEU A 289 40.00 63.85 -43.47
N TYR A 290 40.36 62.93 -44.36
CA TYR A 290 41.71 62.41 -44.39
C TYR A 290 42.66 63.39 -45.07
N LEU A 291 42.16 64.12 -46.07
CA LEU A 291 43.00 65.07 -46.76
C LEU A 291 43.23 66.33 -45.95
N SER A 292 42.35 66.62 -44.99
CA SER A 292 42.57 67.78 -44.14
C SER A 292 43.63 67.51 -43.09
N GLU A 293 43.89 66.24 -42.78
CA GLU A 293 45.07 65.86 -41.96
C GLU A 293 46.14 65.13 -42.78
N GLY B 14 56.93 63.46 18.20
CA GLY B 14 58.34 63.31 17.79
C GLY B 14 58.52 62.49 16.53
N LYS B 15 57.64 62.70 15.55
CA LYS B 15 57.70 61.98 14.28
C LYS B 15 57.86 62.92 13.09
N ASP B 16 58.56 62.47 12.06
CA ASP B 16 58.78 63.28 10.87
C ASP B 16 58.29 62.58 9.61
N PHE B 17 57.10 62.97 9.14
CA PHE B 17 56.51 62.34 7.95
C PHE B 17 56.98 63.00 6.67
N ARG B 18 57.89 63.96 6.81
CA ARG B 18 58.38 64.74 5.68
C ARG B 18 57.29 64.99 4.64
N THR B 19 56.25 65.70 5.04
CA THR B 19 55.10 65.89 4.16
C THR B 19 55.34 66.93 3.09
N ASP B 20 56.51 67.56 3.13
CA ASP B 20 56.84 68.58 2.13
C ASP B 20 57.47 67.91 0.93
N GLN B 21 57.66 66.59 1.00
CA GLN B 21 58.34 65.88 -0.07
C GLN B 21 57.60 64.63 -0.52
N PRO B 22 56.79 64.74 -1.58
CA PRO B 22 55.91 63.67 -2.03
C PRO B 22 56.69 62.46 -2.46
N GLN B 23 56.10 61.28 -2.28
CA GLN B 23 56.72 59.99 -2.62
C GLN B 23 56.70 59.84 -4.13
N LYS B 24 57.79 59.36 -4.72
CA LYS B 24 57.86 59.15 -6.17
C LYS B 24 58.34 57.75 -6.51
N ASN B 25 57.77 57.15 -7.53
CA ASN B 25 58.16 55.80 -7.94
C ASN B 25 59.53 55.76 -8.65
N ILE B 26 60.39 54.83 -8.28
CA ILE B 26 61.63 54.70 -9.03
C ILE B 26 61.45 53.84 -10.28
N PRO B 27 61.74 54.39 -11.46
CA PRO B 27 61.53 53.66 -12.70
C PRO B 27 62.40 52.40 -12.84
N PHE B 28 61.84 51.37 -13.47
CA PHE B 28 62.54 50.14 -13.77
C PHE B 28 62.90 50.21 -15.25
N THR B 29 64.20 50.33 -15.55
CA THR B 29 64.59 50.66 -16.93
C THR B 29 64.98 49.49 -17.86
N LEU B 30 65.16 48.29 -17.30
CA LEU B 30 65.47 47.13 -18.13
C LEU B 30 64.51 47.00 -19.35
N LYS B 31 65.12 46.91 -20.53
CA LYS B 31 64.37 46.94 -21.79
C LYS B 31 63.13 46.08 -21.74
N GLY B 32 61.96 46.67 -21.92
CA GLY B 32 60.74 45.89 -22.10
C GLY B 32 60.31 45.06 -20.88
N CYS B 33 60.81 45.41 -19.70
CA CYS B 33 60.40 44.76 -18.46
C CYS B 33 59.85 45.73 -17.44
N GLY B 34 59.25 46.82 -17.92
CA GLY B 34 58.78 47.89 -17.05
C GLY B 34 57.35 47.67 -16.58
N ALA B 35 56.77 46.53 -16.95
CA ALA B 35 55.38 46.26 -16.56
C ALA B 35 55.20 44.84 -16.02
N LEU B 36 56.17 44.42 -15.22
CA LEU B 36 56.11 43.12 -14.59
C LEU B 36 55.99 43.32 -13.09
N ASP B 37 55.48 42.28 -12.44
CA ASP B 37 55.36 42.22 -11.00
C ASP B 37 56.72 42.25 -10.29
N TRP B 38 56.69 42.57 -9.00
CA TRP B 38 57.92 42.78 -8.25
C TRP B 38 58.82 41.58 -8.30
N GLY B 39 58.27 40.40 -8.02
CA GLY B 39 59.09 39.18 -7.99
C GLY B 39 59.80 38.88 -9.29
N MET B 40 59.10 39.06 -10.41
CA MET B 40 59.71 38.80 -11.72
C MET B 40 60.81 39.82 -12.01
N GLN B 41 60.55 41.09 -11.70
CA GLN B 41 61.55 42.15 -11.88
C GLN B 41 62.75 41.86 -11.00
N SER B 42 62.48 41.28 -9.83
CA SER B 42 63.51 40.93 -8.91
C SER B 42 64.39 39.84 -9.49
N ARG B 43 63.79 38.79 -10.02
CA ARG B 43 64.61 37.73 -10.58
C ARG B 43 65.42 38.28 -11.76
N LEU B 44 64.79 39.13 -12.58
CA LEU B 44 65.49 39.70 -13.73
C LEU B 44 66.70 40.53 -13.30
N SER B 45 66.58 41.20 -12.16
CA SER B 45 67.65 42.08 -11.63
C SER B 45 68.79 41.28 -11.06
N ARG B 46 68.55 40.00 -10.75
CA ARG B 46 69.64 39.08 -10.38
C ARG B 46 70.46 38.71 -11.61
N ILE B 47 69.83 38.67 -12.77
CA ILE B 47 70.48 38.32 -14.02
C ILE B 47 71.16 39.53 -14.67
N PHE B 48 70.39 40.60 -14.88
CA PHE B 48 70.89 41.83 -15.48
C PHE B 48 71.20 42.87 -14.43
N ASN B 49 72.50 43.12 -14.25
CA ASN B 49 72.99 44.15 -13.37
C ASN B 49 72.24 45.47 -13.52
N PRO B 50 71.57 45.92 -12.44
CA PRO B 50 70.71 47.12 -12.47
C PRO B 50 71.45 48.35 -12.90
N LYS B 51 72.74 48.42 -12.57
CA LYS B 51 73.60 49.53 -12.98
C LYS B 51 73.85 49.54 -14.48
N THR B 52 74.50 48.50 -14.99
CA THR B 52 74.83 48.47 -16.40
C THR B 52 73.72 47.93 -17.29
N GLY B 53 72.76 47.21 -16.71
CA GLY B 53 71.66 46.61 -17.47
C GLY B 53 72.12 45.44 -18.32
N LYS B 54 73.27 44.86 -18.02
CA LYS B 54 73.79 43.77 -18.84
C LYS B 54 74.15 42.56 -17.98
N THR B 55 74.56 41.49 -18.64
CA THR B 55 74.92 40.28 -17.92
C THR B 55 76.01 39.49 -18.62
N VAL B 56 76.89 38.86 -17.83
CA VAL B 56 77.84 37.87 -18.34
C VAL B 56 77.47 36.49 -17.82
N MET B 57 76.94 35.68 -18.72
CA MET B 57 76.38 34.40 -18.35
C MET B 57 77.32 33.23 -18.74
N LEU B 58 77.71 32.44 -17.75
CA LEU B 58 78.50 31.22 -17.96
C LEU B 58 77.65 29.98 -18.28
N ALA B 59 77.70 29.54 -19.53
CA ALA B 59 76.84 28.45 -19.99
C ALA B 59 77.55 27.09 -20.00
N PHE B 60 77.02 26.13 -19.27
CA PHE B 60 77.54 24.79 -19.37
C PHE B 60 76.44 23.70 -19.43
N ASP B 61 75.39 23.95 -20.21
CA ASP B 61 74.30 23.00 -20.31
C ASP B 61 74.43 22.05 -21.51
N HIS B 62 75.45 22.26 -22.35
CA HIS B 62 75.65 21.51 -23.59
C HIS B 62 75.41 19.99 -23.45
N GLY B 63 75.79 19.43 -22.29
CA GLY B 63 75.63 18.00 -22.06
C GLY B 63 74.20 17.49 -22.21
N TYR B 64 73.20 18.38 -22.15
CA TYR B 64 71.82 17.90 -22.13
C TYR B 64 71.39 17.06 -23.36
N PHE B 65 72.08 17.24 -24.47
CA PHE B 65 71.81 16.45 -25.65
C PHE B 65 73.11 16.02 -26.33
N GLN B 66 74.25 16.43 -25.77
CA GLN B 66 75.54 16.08 -26.36
C GLN B 66 76.39 15.12 -25.52
N GLY B 67 75.98 14.85 -24.28
CA GLY B 67 76.81 14.03 -23.40
C GLY B 67 78.04 14.81 -23.02
N PRO B 68 79.13 14.10 -22.64
CA PRO B 68 80.36 14.75 -22.16
C PRO B 68 81.07 15.44 -23.29
N THR B 69 80.66 16.66 -23.59
CA THR B 69 81.29 17.46 -24.62
C THR B 69 82.67 17.93 -24.14
N THR B 70 83.58 18.22 -25.08
CA THR B 70 84.95 18.64 -24.75
C THR B 70 85.00 19.88 -23.84
N GLY B 71 85.73 19.77 -22.74
CA GLY B 71 85.82 20.87 -21.79
C GLY B 71 84.87 20.75 -20.61
N LEU B 72 83.80 19.95 -20.81
CA LEU B 72 82.75 19.73 -19.80
C LEU B 72 82.74 18.30 -19.30
N GLU B 73 83.83 17.57 -19.49
CA GLU B 73 83.94 16.21 -18.98
C GLU B 73 83.83 16.26 -17.48
N ARG B 74 84.54 17.19 -16.85
CA ARG B 74 84.52 17.31 -15.38
C ARG B 74 84.11 18.69 -14.87
N ILE B 75 82.81 18.98 -14.90
CA ILE B 75 82.30 20.26 -14.44
C ILE B 75 82.85 20.52 -13.04
N ASP B 76 82.89 19.46 -12.26
CA ASP B 76 83.22 19.60 -10.85
C ASP B 76 84.63 20.06 -10.65
N ILE B 77 85.47 19.90 -11.67
CA ILE B 77 86.90 20.26 -11.59
C ILE B 77 87.23 21.47 -12.43
N ASN B 78 86.90 21.40 -13.72
CA ASN B 78 87.23 22.50 -14.62
C ASN B 78 86.32 23.72 -14.54
N ILE B 79 85.03 23.49 -14.33
CA ILE B 79 84.08 24.60 -14.34
C ILE B 79 83.88 25.16 -12.94
N ALA B 80 84.07 24.32 -11.93
CA ALA B 80 83.84 24.78 -10.55
C ALA B 80 84.52 26.13 -10.24
N PRO B 81 85.83 26.24 -10.52
CA PRO B 81 86.61 27.45 -10.21
C PRO B 81 86.20 28.68 -11.01
N LEU B 82 85.31 28.51 -11.99
CA LEU B 82 84.87 29.63 -12.81
C LEU B 82 83.61 30.31 -12.26
N PHE B 83 82.83 29.58 -11.47
CA PHE B 83 81.53 30.08 -11.03
C PHE B 83 81.60 31.50 -10.49
N GLU B 84 82.49 31.72 -9.53
CA GLU B 84 82.58 33.00 -8.86
C GLU B 84 82.82 34.17 -9.81
N HIS B 85 83.44 33.92 -10.95
CA HIS B 85 83.74 35.00 -11.89
C HIS B 85 82.59 35.27 -12.87
N ALA B 86 81.46 34.61 -12.66
CA ALA B 86 80.31 34.78 -13.54
C ALA B 86 79.19 35.50 -12.83
N ASP B 87 78.39 36.23 -13.61
CA ASP B 87 77.16 36.88 -13.11
C ASP B 87 76.06 35.86 -12.85
N VAL B 88 75.86 34.97 -13.80
CA VAL B 88 74.85 33.96 -13.65
C VAL B 88 75.31 32.66 -14.27
N LEU B 89 74.85 31.54 -13.71
CA LEU B 89 75.17 30.20 -14.21
C LEU B 89 74.02 29.66 -15.04
N MET B 90 74.32 28.98 -16.15
CA MET B 90 73.28 28.27 -16.87
C MET B 90 73.60 26.81 -17.03
N CYS B 91 72.71 25.95 -16.55
CA CYS B 91 72.93 24.53 -16.71
C CYS B 91 71.62 23.76 -16.46
N THR B 92 71.72 22.44 -16.44
CA THR B 92 70.55 21.60 -16.19
C THR B 92 70.33 21.37 -14.71
N ARG B 93 69.19 20.80 -14.35
CA ARG B 93 68.92 20.51 -12.96
C ARG B 93 69.73 19.32 -12.47
N GLY B 94 70.10 18.47 -13.43
CA GLY B 94 70.93 17.32 -13.13
C GLY B 94 72.28 17.78 -12.61
N ILE B 95 72.96 18.61 -13.40
CA ILE B 95 74.28 19.09 -13.05
C ILE B 95 74.18 19.97 -11.81
N LEU B 96 73.15 20.82 -11.78
CA LEU B 96 72.98 21.76 -10.69
C LEU B 96 73.01 21.02 -9.35
N ARG B 97 72.18 19.99 -9.23
CA ARG B 97 72.08 19.30 -7.97
C ARG B 97 73.35 18.53 -7.62
N SER B 98 73.92 17.87 -8.63
CA SER B 98 75.02 16.94 -8.40
C SER B 98 76.36 17.60 -8.09
N VAL B 99 76.73 18.65 -8.84
CA VAL B 99 78.09 19.16 -8.78
C VAL B 99 78.22 20.67 -8.62
N VAL B 100 77.11 21.40 -8.71
CA VAL B 100 77.19 22.82 -8.41
C VAL B 100 76.87 23.02 -6.95
N PRO B 101 77.86 23.47 -6.14
CA PRO B 101 77.58 23.68 -4.72
C PRO B 101 76.64 24.87 -4.53
N PRO B 102 75.56 24.69 -3.73
CA PRO B 102 74.60 25.74 -3.42
C PRO B 102 75.28 26.97 -2.81
N ALA B 103 76.35 26.74 -2.07
CA ALA B 103 77.12 27.83 -1.47
C ALA B 103 77.79 28.72 -2.52
N THR B 104 77.72 28.32 -3.78
CA THR B 104 78.24 29.14 -4.84
C THR B 104 77.56 30.51 -4.82
N ASN B 105 76.37 30.59 -4.23
CA ASN B 105 75.67 31.86 -4.15
C ASN B 105 75.62 32.68 -5.44
N ARG B 106 75.29 32.02 -6.54
CA ARG B 106 75.25 32.66 -7.86
C ARG B 106 73.93 32.36 -8.58
N PRO B 107 73.27 33.37 -9.19
CA PRO B 107 71.95 33.18 -9.80
C PRO B 107 72.02 32.16 -10.92
N VAL B 108 70.99 31.33 -11.08
CA VAL B 108 71.02 30.29 -12.13
C VAL B 108 69.88 30.41 -13.11
N VAL B 109 70.11 30.00 -14.35
CA VAL B 109 69.06 29.92 -15.33
C VAL B 109 69.01 28.46 -15.77
N LEU B 110 67.89 27.77 -15.56
CA LEU B 110 67.84 26.33 -15.79
C LEU B 110 67.54 26.01 -17.22
N ARG B 111 68.31 25.13 -17.82
CA ARG B 111 67.89 24.53 -19.08
C ARG B 111 66.59 23.74 -18.81
N ALA B 112 65.50 24.10 -19.48
CA ALA B 112 64.25 23.42 -19.25
C ALA B 112 63.71 22.70 -20.47
N SER B 113 64.59 22.34 -21.40
CA SER B 113 64.17 21.53 -22.55
C SER B 113 65.18 20.41 -22.78
N GLY B 114 64.80 19.43 -23.60
CA GLY B 114 65.63 18.26 -23.84
C GLY B 114 64.83 17.15 -24.50
N ALA B 115 65.25 15.91 -24.26
CA ALA B 115 64.66 14.72 -24.88
C ALA B 115 65.13 14.57 -26.34
N ASN B 116 66.15 15.34 -26.70
CA ASN B 116 66.79 15.16 -28.00
C ASN B 116 68.25 14.69 -27.81
N SER B 117 68.92 14.32 -28.90
CA SER B 117 70.34 13.93 -28.81
C SER B 117 71.04 14.13 -30.16
N ILE B 118 72.36 14.05 -30.16
CA ILE B 118 73.11 14.22 -31.40
C ILE B 118 72.94 13.02 -32.28
N LEU B 119 72.26 11.98 -31.80
CA LEU B 119 72.04 10.81 -32.63
C LEU B 119 70.71 10.85 -33.33
N ALA B 120 69.93 11.89 -33.12
CA ALA B 120 68.62 12.00 -33.77
C ALA B 120 68.29 13.42 -34.23
N GLU B 121 67.01 13.67 -34.54
CA GLU B 121 66.61 14.98 -35.00
C GLU B 121 66.86 16.02 -33.90
N LEU B 122 67.67 17.03 -34.19
CA LEU B 122 68.09 17.98 -33.18
C LEU B 122 66.92 18.81 -32.63
N SER B 123 65.97 19.13 -33.50
CA SER B 123 64.84 20.00 -33.09
C SER B 123 63.73 19.27 -32.31
N ASN B 124 63.91 18.00 -32.00
CA ASN B 124 62.88 17.23 -31.33
C ASN B 124 63.01 17.35 -29.81
N GLU B 125 62.63 18.52 -29.28
CA GLU B 125 62.72 18.76 -27.83
C GLU B 125 61.37 18.77 -27.10
N ALA B 126 61.37 18.31 -25.85
CA ALA B 126 60.22 18.45 -24.96
C ALA B 126 60.60 19.30 -23.76
N VAL B 127 59.62 19.77 -23.01
CA VAL B 127 59.95 20.47 -21.79
C VAL B 127 60.62 19.46 -20.84
N ALA B 128 61.76 19.86 -20.29
CA ALA B 128 62.59 18.93 -19.54
C ALA B 128 62.54 19.05 -18.00
N LEU B 129 61.82 20.05 -17.50
CA LEU B 129 61.55 20.13 -16.03
C LEU B 129 60.33 20.98 -15.74
N SER B 130 59.56 20.55 -14.75
CA SER B 130 58.35 21.27 -14.33
C SER B 130 58.68 22.60 -13.63
N MET B 131 57.79 23.59 -13.78
CA MET B 131 57.97 24.88 -13.16
C MET B 131 58.05 24.67 -11.66
N ASP B 132 57.23 23.71 -11.18
CA ASP B 132 57.30 23.20 -9.82
C ASP B 132 58.76 23.05 -9.34
N ASP B 133 59.52 22.22 -10.05
CA ASP B 133 60.89 22.00 -9.68
C ASP B 133 61.83 23.21 -9.91
N ALA B 134 61.48 24.07 -10.86
CA ALA B 134 62.27 25.27 -11.13
C ALA B 134 62.22 26.14 -9.89
N VAL B 135 61.02 26.29 -9.34
CA VAL B 135 60.83 27.09 -8.15
C VAL B 135 61.51 26.44 -6.96
N ARG B 136 61.43 25.11 -6.89
CA ARG B 136 62.02 24.37 -5.81
C ARG B 136 63.51 24.64 -5.79
N LEU B 137 64.09 24.83 -6.99
CA LEU B 137 65.53 25.03 -7.15
C LEU B 137 65.92 26.51 -7.14
N ASN B 138 64.97 27.38 -6.78
CA ASN B 138 65.26 28.81 -6.67
C ASN B 138 65.83 29.44 -7.95
N SER B 139 65.29 29.08 -9.11
CA SER B 139 65.82 29.60 -10.37
C SER B 139 65.53 31.06 -10.56
N CYS B 140 66.35 31.73 -11.38
CA CYS B 140 66.05 33.08 -11.83
C CYS B 140 65.35 33.09 -13.16
N ALA B 141 65.52 32.02 -13.94
CA ALA B 141 64.70 31.83 -15.18
C ALA B 141 64.71 30.40 -15.70
N VAL B 142 63.81 30.11 -16.62
CA VAL B 142 63.86 28.82 -17.30
C VAL B 142 64.13 29.07 -18.77
N ALA B 143 64.93 28.20 -19.39
CA ALA B 143 65.29 28.35 -20.80
C ALA B 143 64.88 27.16 -21.67
N ALA B 144 64.44 27.42 -22.88
CA ALA B 144 64.11 26.34 -23.78
C ALA B 144 64.41 26.77 -25.22
N GLN B 145 64.64 25.81 -26.12
CA GLN B 145 65.02 26.12 -27.49
C GLN B 145 63.81 26.32 -28.37
N VAL B 146 63.89 27.28 -29.27
CA VAL B 146 62.91 27.38 -30.33
C VAL B 146 63.63 27.10 -31.66
N TYR B 147 63.08 26.22 -32.48
CA TYR B 147 63.69 25.83 -33.77
C TYR B 147 62.87 26.26 -35.01
N ILE B 148 62.86 27.56 -35.31
CA ILE B 148 62.10 28.06 -36.46
C ILE B 148 62.75 27.51 -37.72
N GLY B 149 61.95 26.99 -38.64
CA GLY B 149 62.49 26.40 -39.85
C GLY B 149 62.87 24.94 -39.73
N SER B 150 62.86 24.37 -38.52
CA SER B 150 63.17 22.93 -38.36
C SER B 150 61.92 22.07 -38.36
N GLU B 151 62.13 20.76 -38.39
CA GLU B 151 61.04 19.82 -38.46
C GLU B 151 60.10 19.97 -37.27
N TYR B 152 60.66 20.14 -36.08
CA TYR B 152 59.80 20.22 -34.93
C TYR B 152 59.59 21.65 -34.50
N GLU B 153 59.51 22.57 -35.46
CA GLU B 153 59.31 23.98 -35.12
C GLU B 153 58.08 24.23 -34.22
N HIS B 154 56.94 23.66 -34.59
CA HIS B 154 55.67 23.87 -33.90
C HIS B 154 55.77 23.51 -32.42
N GLN B 155 56.34 22.33 -32.15
CA GLN B 155 56.51 21.82 -30.79
C GLN B 155 57.44 22.70 -29.99
N SER B 156 58.54 23.12 -30.59
CA SER B 156 59.45 23.98 -29.88
C SER B 156 58.75 25.26 -29.42
N ILE B 157 57.86 25.81 -30.25
CA ILE B 157 57.18 27.05 -29.85
C ILE B 157 56.18 26.77 -28.74
N LYS B 158 55.48 25.63 -28.83
CA LYS B 158 54.60 25.19 -27.73
C LYS B 158 55.34 25.04 -26.39
N ASN B 159 56.58 24.58 -26.43
CA ASN B 159 57.45 24.57 -25.25
C ASN B 159 57.58 25.97 -24.62
N ILE B 160 57.82 26.98 -25.46
CA ILE B 160 57.85 28.34 -24.96
C ILE B 160 56.50 28.76 -24.35
N ILE B 161 55.42 28.50 -25.10
CA ILE B 161 54.10 28.85 -24.64
C ILE B 161 53.85 28.25 -23.26
N GLN B 162 54.22 26.98 -23.11
CA GLN B 162 53.94 26.27 -21.86
C GLN B 162 54.77 26.83 -20.70
N LEU B 163 56.04 27.15 -20.94
CA LEU B 163 56.86 27.74 -19.87
C LEU B 163 56.36 29.14 -19.45
N VAL B 164 55.94 29.97 -20.41
CA VAL B 164 55.45 31.29 -20.06
C VAL B 164 54.13 31.16 -19.26
N ASP B 165 53.21 30.32 -19.73
CA ASP B 165 51.95 30.13 -19.00
C ASP B 165 52.26 29.78 -17.56
N ALA B 166 53.14 28.81 -17.38
CA ALA B 166 53.55 28.40 -16.04
C ALA B 166 54.36 29.46 -15.25
N GLY B 167 55.30 30.10 -15.93
CA GLY B 167 56.09 31.14 -15.30
C GLY B 167 55.28 32.32 -14.79
N MET B 168 54.19 32.65 -15.48
CA MET B 168 53.46 33.85 -15.13
C MET B 168 52.65 33.66 -13.84
N LYS B 169 52.36 32.41 -13.49
CA LYS B 169 51.66 32.13 -12.24
C LYS B 169 52.60 32.39 -11.05
N VAL B 170 53.91 32.30 -11.33
CA VAL B 170 54.89 32.17 -10.28
C VAL B 170 55.93 33.27 -10.29
N GLY B 171 55.98 34.05 -11.36
CA GLY B 171 56.90 35.17 -11.40
C GLY B 171 58.26 34.72 -11.89
N MET B 172 58.26 33.61 -12.63
CA MET B 172 59.49 33.09 -13.25
C MET B 172 59.59 33.50 -14.71
N PRO B 173 60.62 34.28 -15.08
CA PRO B 173 60.91 34.65 -16.47
C PRO B 173 61.29 33.45 -17.33
N THR B 174 60.97 33.51 -18.62
CA THR B 174 61.34 32.45 -19.55
C THR B 174 62.33 32.99 -20.58
N MET B 175 63.38 32.22 -20.86
CA MET B 175 64.34 32.60 -21.89
C MET B 175 64.22 31.66 -23.10
N ALA B 176 63.97 32.25 -24.27
CA ALA B 176 63.79 31.50 -25.51
C ALA B 176 65.08 31.61 -26.22
N VAL B 177 65.63 30.45 -26.62
CA VAL B 177 66.91 30.38 -27.36
C VAL B 177 66.68 29.97 -28.83
N THR B 178 67.18 30.77 -29.75
CA THR B 178 66.98 30.50 -31.17
C THR B 178 68.02 29.47 -31.66
N GLY B 179 67.63 28.20 -31.69
CA GLY B 179 68.50 27.13 -32.19
C GLY B 179 68.32 26.91 -33.68
N VAL B 180 69.43 26.60 -34.36
CA VAL B 180 69.44 26.54 -35.84
C VAL B 180 69.54 25.14 -36.47
N VAL B 185 71.18 28.51 -42.80
CA VAL B 185 71.77 29.82 -43.10
C VAL B 185 71.40 30.86 -42.04
N ARG B 186 72.42 31.49 -41.47
CA ARG B 186 72.24 32.33 -40.31
C ARG B 186 72.38 33.79 -40.63
N ASP B 187 71.36 34.40 -41.23
CA ASP B 187 71.43 35.83 -41.55
C ASP B 187 70.53 36.66 -40.64
N GLN B 188 70.54 37.97 -40.87
CA GLN B 188 69.72 38.86 -40.09
C GLN B 188 68.24 38.58 -40.26
N ARG B 189 67.76 38.41 -41.48
CA ARG B 189 66.31 38.28 -41.67
C ARG B 189 65.78 37.05 -40.94
N TYR B 190 66.61 36.02 -40.86
CA TYR B 190 66.21 34.79 -40.18
C TYR B 190 66.07 34.98 -38.68
N PHE B 191 67.15 35.43 -38.04
CA PHE B 191 67.12 35.66 -36.59
C PHE B 191 66.11 36.73 -36.16
N SER B 192 65.86 37.71 -37.02
CA SER B 192 64.77 38.64 -36.74
C SER B 192 63.45 37.87 -36.59
N LEU B 193 63.16 37.00 -37.54
CA LEU B 193 61.96 36.20 -37.48
C LEU B 193 61.91 35.37 -36.20
N ALA B 194 62.99 34.62 -35.93
CA ALA B 194 63.03 33.73 -34.76
C ALA B 194 62.93 34.49 -33.44
N THR B 195 63.75 35.52 -33.25
CA THR B 195 63.70 36.26 -31.99
C THR B 195 62.37 36.97 -31.77
N ARG B 196 61.82 37.56 -32.85
CA ARG B 196 60.58 38.33 -32.74
C ARG B 196 59.39 37.42 -32.35
N ILE B 197 59.30 36.28 -33.01
CA ILE B 197 58.23 35.36 -32.69
C ILE B 197 58.28 34.92 -31.23
N ALA B 198 59.47 34.57 -30.75
CA ALA B 198 59.61 34.10 -29.38
C ALA B 198 59.20 35.20 -28.42
N ALA B 199 59.63 36.43 -28.72
CA ALA B 199 59.29 37.57 -27.84
C ALA B 199 57.79 37.77 -27.80
N GLU B 200 57.24 37.67 -29.01
CA GLU B 200 55.84 37.90 -29.27
C GLU B 200 55.02 36.87 -28.47
N MET B 201 55.51 35.63 -28.36
CA MET B 201 54.77 34.61 -27.60
C MET B 201 54.81 34.87 -26.09
N GLY B 202 55.83 35.59 -25.61
CA GLY B 202 55.89 35.95 -24.22
C GLY B 202 57.23 35.80 -23.52
N ALA B 203 58.21 35.20 -24.17
CA ALA B 203 59.54 35.09 -23.54
C ALA B 203 60.07 36.47 -23.16
N GLN B 204 60.62 36.57 -21.93
CA GLN B 204 61.15 37.83 -21.43
C GLN B 204 62.62 38.02 -21.78
N ILE B 205 63.32 36.92 -22.02
CA ILE B 205 64.71 37.04 -22.47
C ILE B 205 64.87 36.24 -23.73
N ILE B 206 65.62 36.79 -24.68
CA ILE B 206 65.90 36.08 -25.92
C ILE B 206 67.41 35.89 -26.07
N LYS B 207 67.81 34.67 -26.40
CA LYS B 207 69.21 34.41 -26.70
C LYS B 207 69.40 33.94 -28.15
N THR B 208 70.24 34.65 -28.88
CA THR B 208 70.45 34.38 -30.28
C THR B 208 71.94 34.43 -30.62
N TYR B 209 72.28 34.36 -31.90
CA TYR B 209 73.65 34.40 -32.35
C TYR B 209 74.00 35.75 -32.91
N TYR B 210 75.28 36.12 -32.84
CA TYR B 210 75.71 37.37 -33.43
C TYR B 210 75.84 37.25 -34.94
N VAL B 211 75.52 38.30 -35.68
CA VAL B 211 75.64 38.21 -37.12
C VAL B 211 76.55 39.29 -37.69
N GLU B 212 77.30 38.93 -38.72
CA GLU B 212 78.27 39.82 -39.35
C GLU B 212 77.65 41.16 -39.72
N LYS B 213 76.49 41.13 -40.34
CA LYS B 213 75.84 42.38 -40.63
C LYS B 213 74.34 42.29 -40.40
N GLY B 214 73.79 43.36 -39.80
CA GLY B 214 72.35 43.48 -39.59
C GLY B 214 71.94 43.24 -38.16
N PHE B 215 72.89 42.86 -37.32
CA PHE B 215 72.60 42.56 -35.92
C PHE B 215 71.82 43.67 -35.23
N GLU B 216 72.14 44.91 -35.54
CA GLU B 216 71.47 46.06 -34.93
C GLU B 216 69.97 45.99 -35.12
N ARG B 217 69.56 45.44 -36.27
CA ARG B 217 68.15 45.31 -36.63
C ARG B 217 67.46 44.21 -35.81
N ILE B 218 68.20 43.17 -35.49
CA ILE B 218 67.69 42.12 -34.64
C ILE B 218 67.39 42.69 -33.26
N VAL B 219 68.31 43.45 -32.69
CA VAL B 219 68.07 44.06 -31.39
C VAL B 219 66.92 45.05 -31.44
N ALA B 220 66.94 45.92 -32.45
CA ALA B 220 65.90 46.93 -32.55
C ALA B 220 64.47 46.34 -32.70
N GLY B 221 64.37 45.21 -33.40
CA GLY B 221 63.08 44.61 -33.66
C GLY B 221 62.57 43.74 -32.52
N CYS B 222 63.40 43.54 -31.51
CA CYS B 222 63.02 42.68 -30.40
C CYS B 222 62.75 43.52 -29.16
N PRO B 223 61.51 43.44 -28.60
CA PRO B 223 61.06 44.30 -27.51
C PRO B 223 61.69 43.97 -26.16
N VAL B 224 62.43 42.87 -26.05
CA VAL B 224 62.98 42.47 -24.75
C VAL B 224 64.44 42.23 -24.90
N PRO B 225 65.18 42.09 -23.77
CA PRO B 225 66.62 41.97 -23.74
C PRO B 225 67.17 40.82 -24.58
N ILE B 226 68.24 41.08 -25.35
CA ILE B 226 68.89 40.03 -26.14
C ILE B 226 70.26 39.63 -25.60
N VAL B 227 70.54 38.35 -25.64
CA VAL B 227 71.80 37.84 -25.18
C VAL B 227 72.40 36.98 -26.30
N ILE B 228 73.70 37.11 -26.56
CA ILE B 228 74.33 36.33 -27.64
C ILE B 228 75.06 35.09 -27.11
N ALA B 229 74.95 34.01 -27.87
CA ALA B 229 75.68 32.79 -27.57
C ALA B 229 77.15 32.95 -27.98
N GLY B 230 78.02 32.30 -27.23
CA GLY B 230 79.46 32.30 -27.54
C GLY B 230 79.75 31.70 -28.91
N GLY B 231 79.08 30.62 -29.28
CA GLY B 231 79.38 29.96 -30.55
C GLY B 231 80.66 29.15 -30.46
N LYS B 232 81.07 28.54 -31.58
CA LYS B 232 82.22 27.64 -31.58
C LYS B 232 83.46 28.39 -31.15
N LYS B 233 84.46 27.64 -30.68
CA LYS B 233 85.71 28.20 -30.18
C LYS B 233 86.40 29.07 -31.22
N LEU B 234 86.83 30.26 -30.79
CA LEU B 234 87.57 31.17 -31.64
C LEU B 234 88.83 31.57 -30.91
N PRO B 235 89.79 32.14 -31.65
CA PRO B 235 90.90 32.79 -30.95
C PRO B 235 90.34 33.81 -29.96
N GLU B 236 90.87 33.80 -28.74
CA GLU B 236 90.43 34.71 -27.69
C GLU B 236 90.21 36.15 -28.20
N ARG B 237 91.14 36.69 -28.98
CA ARG B 237 91.03 38.06 -29.43
C ARG B 237 89.78 38.22 -30.28
N GLU B 238 89.47 37.23 -31.10
CA GLU B 238 88.33 37.33 -32.00
C GLU B 238 87.03 37.21 -31.25
N ALA B 239 87.00 36.34 -30.26
CA ALA B 239 85.83 36.16 -29.40
C ALA B 239 85.51 37.48 -28.72
N LEU B 240 86.53 38.16 -28.20
CA LEU B 240 86.32 39.45 -27.57
C LEU B 240 85.81 40.51 -28.55
N GLU B 241 86.27 40.46 -29.79
CA GLU B 241 85.77 41.36 -30.82
C GLU B 241 84.28 41.16 -31.06
N MET B 242 83.87 39.89 -31.09
CA MET B 242 82.47 39.55 -31.27
C MET B 242 81.63 40.13 -30.15
N CYS B 243 82.07 39.96 -28.91
CA CYS B 243 81.37 40.55 -27.77
C CYS B 243 81.25 42.07 -27.89
N TRP B 244 82.37 42.72 -28.20
CA TRP B 244 82.38 44.18 -28.29
C TRP B 244 81.39 44.65 -29.33
N GLN B 245 81.41 44.01 -30.50
CA GLN B 245 80.44 44.33 -31.55
C GLN B 245 79.01 44.17 -31.06
N ALA B 246 78.70 43.00 -30.51
CA ALA B 246 77.35 42.70 -30.03
C ALA B 246 76.88 43.76 -29.02
N ILE B 247 77.64 43.95 -27.96
CA ILE B 247 77.32 44.97 -26.99
C ILE B 247 77.17 46.37 -27.60
N ASP B 248 78.18 46.79 -28.37
CA ASP B 248 78.11 48.06 -29.07
C ASP B 248 76.82 48.21 -29.91
N GLN B 249 76.35 47.12 -30.49
CA GLN B 249 75.13 47.19 -31.31
C GLN B 249 73.82 46.93 -30.53
N GLY B 250 73.90 46.81 -29.21
CA GLY B 250 72.70 46.81 -28.37
C GLY B 250 72.35 45.52 -27.60
N ALA B 251 73.18 44.50 -27.69
CA ALA B 251 72.93 43.30 -26.94
C ALA B 251 72.96 43.63 -25.45
N SER B 252 72.19 42.89 -24.67
CA SER B 252 72.18 43.04 -23.21
C SER B 252 73.15 42.13 -22.44
N GLY B 253 74.03 41.43 -23.14
CA GLY B 253 75.04 40.62 -22.50
C GLY B 253 75.38 39.41 -23.35
N VAL B 254 76.24 38.55 -22.83
CA VAL B 254 76.61 37.35 -23.57
C VAL B 254 76.41 36.12 -22.74
N ASP B 255 76.20 34.99 -23.41
CA ASP B 255 76.04 33.68 -22.77
C ASP B 255 77.13 32.73 -23.27
N MET B 256 78.37 32.97 -22.83
CA MET B 256 79.55 32.20 -23.26
C MET B 256 79.59 30.81 -22.68
N GLY B 257 80.06 29.86 -23.48
CA GLY B 257 80.35 28.52 -23.02
C GLY B 257 81.74 28.12 -23.47
N ARG B 258 81.84 27.66 -24.72
CA ARG B 258 83.10 27.16 -25.26
C ARG B 258 84.24 28.18 -25.23
N ASN B 259 83.95 29.41 -25.63
CA ASN B 259 85.00 30.40 -25.71
C ASN B 259 85.63 30.72 -24.37
N ILE B 260 85.09 30.09 -23.33
CA ILE B 260 85.63 30.30 -22.01
C ILE B 260 86.21 29.00 -21.51
N PHE B 261 85.37 27.98 -21.41
CA PHE B 261 85.85 26.75 -20.81
C PHE B 261 86.77 25.96 -21.72
N GLN B 262 86.84 26.34 -22.99
CA GLN B 262 87.82 25.70 -23.88
C GLN B 262 89.07 26.54 -24.11
N SER B 263 89.19 27.62 -23.34
CA SER B 263 90.37 28.45 -23.42
C SER B 263 91.47 27.91 -22.49
N ASP B 264 92.71 28.27 -22.77
CA ASP B 264 93.79 27.86 -21.90
C ASP B 264 93.82 28.70 -20.65
N HIS B 265 93.09 29.81 -20.68
CA HIS B 265 93.04 30.71 -19.53
C HIS B 265 91.61 31.18 -19.29
N PRO B 266 90.75 30.27 -18.81
CA PRO B 266 89.34 30.56 -18.63
C PRO B 266 89.09 31.81 -17.77
N VAL B 267 89.70 31.85 -16.59
CA VAL B 267 89.47 32.94 -15.65
C VAL B 267 89.88 34.27 -16.26
N ALA B 268 91.04 34.28 -16.91
CA ALA B 268 91.49 35.47 -17.60
C ALA B 268 90.48 35.92 -18.64
N MET B 269 90.04 34.98 -19.48
CA MET B 269 89.07 35.27 -20.52
C MET B 269 87.75 35.87 -19.97
N MET B 270 87.26 35.32 -18.87
CA MET B 270 86.08 35.84 -18.23
C MET B 270 86.27 37.29 -17.81
N LYS B 271 87.40 37.60 -17.18
CA LYS B 271 87.65 38.96 -16.71
C LYS B 271 87.63 39.94 -17.88
N ALA B 272 88.15 39.46 -19.00
CA ALA B 272 88.15 40.24 -20.24
C ALA B 272 86.71 40.50 -20.68
N VAL B 273 85.98 39.41 -20.85
CA VAL B 273 84.59 39.51 -21.27
C VAL B 273 83.78 40.44 -20.34
N GLN B 274 84.04 40.38 -19.04
CA GLN B 274 83.38 41.28 -18.09
C GLN B 274 83.73 42.72 -18.41
N ALA B 275 85.02 42.98 -18.65
CA ALA B 275 85.49 44.32 -18.97
C ALA B 275 84.75 44.89 -20.17
N VAL B 276 84.59 44.07 -21.20
CA VAL B 276 83.90 44.51 -22.43
C VAL B 276 82.41 44.77 -22.25
N VAL B 277 81.76 43.86 -21.52
CA VAL B 277 80.32 43.90 -21.30
C VAL B 277 79.87 44.98 -20.33
N HIS B 278 80.46 45.03 -19.14
CA HIS B 278 80.02 45.99 -18.13
C HIS B 278 80.70 47.36 -18.16
N HIS B 279 81.93 47.43 -18.67
CA HIS B 279 82.73 48.65 -18.51
C HIS B 279 83.10 49.31 -19.83
N ASN B 280 82.47 48.89 -20.91
CA ASN B 280 82.71 49.50 -22.21
C ASN B 280 84.15 49.44 -22.67
N GLU B 281 84.90 48.46 -22.18
CA GLU B 281 86.26 48.28 -22.69
C GLU B 281 86.25 47.99 -24.18
N THR B 282 87.38 48.26 -24.83
CA THR B 282 87.55 47.94 -26.25
C THR B 282 88.06 46.51 -26.40
N ALA B 283 87.93 45.96 -27.60
CA ALA B 283 88.45 44.62 -27.85
C ALA B 283 89.94 44.49 -27.53
N ASP B 284 90.74 45.47 -27.97
CA ASP B 284 92.19 45.46 -27.76
C ASP B 284 92.56 45.62 -26.31
N ARG B 285 92.08 46.69 -25.68
CA ARG B 285 92.35 46.91 -24.26
C ARG B 285 92.06 45.65 -23.45
N ALA B 286 90.90 45.07 -23.71
CA ALA B 286 90.45 43.85 -23.03
C ALA B 286 91.43 42.72 -23.28
N TYR B 287 91.82 42.53 -24.53
CA TYR B 287 92.78 41.47 -24.87
C TYR B 287 94.09 41.61 -24.07
N GLU B 288 94.49 42.84 -23.77
CA GLU B 288 95.67 43.10 -22.95
C GLU B 288 95.42 42.78 -21.47
N LEU B 289 94.18 42.96 -21.02
CA LEU B 289 93.75 42.47 -19.70
C LEU B 289 93.90 40.94 -19.66
N TYR B 290 93.71 40.32 -20.83
CA TYR B 290 93.77 38.88 -20.96
C TYR B 290 95.22 38.41 -20.99
N LEU B 291 96.09 39.18 -21.62
CA LEU B 291 97.51 38.84 -21.70
C LEU B 291 98.25 39.04 -20.38
N SER B 292 97.71 39.89 -19.50
CA SER B 292 98.29 40.08 -18.18
C SER B 292 97.95 38.92 -17.22
N GLU B 293 96.90 38.16 -17.51
CA GLU B 293 96.60 36.91 -16.82
C GLU B 293 96.80 35.70 -17.75
N GLY C 14 70.83 21.70 36.61
CA GLY C 14 71.43 20.36 36.37
C GLY C 14 71.41 19.96 34.92
N LYS C 15 71.71 20.91 34.04
CA LYS C 15 71.77 20.67 32.60
C LYS C 15 73.16 20.92 32.01
N ASP C 16 73.52 20.16 30.99
CA ASP C 16 74.81 20.34 30.32
C ASP C 16 74.64 20.59 28.82
N PHE C 17 74.77 21.85 28.43
CA PHE C 17 74.60 22.23 27.03
C PHE C 17 75.89 22.11 26.25
N ARG C 18 76.91 21.59 26.93
CA ARG C 18 78.24 21.50 26.35
C ARG C 18 78.54 22.65 25.39
N THR C 19 78.54 23.87 25.92
CA THR C 19 78.74 25.07 25.09
C THR C 19 80.19 25.31 24.68
N ASP C 20 81.09 24.45 25.11
CA ASP C 20 82.48 24.57 24.72
C ASP C 20 82.73 23.86 23.41
N GLN C 21 81.70 23.18 22.90
CA GLN C 21 81.86 22.31 21.74
C GLN C 21 80.77 22.55 20.71
N PRO C 22 81.08 23.37 19.70
CA PRO C 22 80.09 23.78 18.71
C PRO C 22 79.58 22.62 17.87
N GLN C 23 78.32 22.69 17.49
CA GLN C 23 77.69 21.67 16.68
C GLN C 23 78.25 21.72 15.25
N LYS C 24 78.53 20.57 14.66
CA LYS C 24 79.07 20.53 13.30
C LYS C 24 78.27 19.57 12.45
N ASN C 25 78.03 19.94 11.19
CA ASN C 25 77.28 19.10 10.26
C ASN C 25 78.08 17.88 9.81
N ILE C 26 77.44 16.72 9.79
CA ILE C 26 78.12 15.54 9.24
C ILE C 26 77.92 15.46 7.74
N PRO C 27 79.03 15.45 6.97
CA PRO C 27 78.94 15.47 5.51
C PRO C 27 78.28 14.22 4.93
N PHE C 28 77.55 14.40 3.84
CA PHE C 28 76.99 13.27 3.09
C PHE C 28 77.85 13.02 1.85
N THR C 29 78.57 11.89 1.83
CA THR C 29 79.61 11.71 0.82
C THR C 29 79.21 10.99 -0.47
N LEU C 30 78.01 10.42 -0.52
CA LEU C 30 77.58 9.68 -1.72
C LEU C 30 77.73 10.53 -2.97
N LYS C 31 78.43 10.01 -3.96
CA LYS C 31 78.74 10.76 -5.17
C LYS C 31 77.58 11.58 -5.74
N GLY C 32 77.75 12.90 -5.77
CA GLY C 32 76.77 13.80 -6.40
C GLY C 32 75.43 13.82 -5.73
N CYS C 33 75.36 13.42 -4.48
CA CYS C 33 74.07 13.46 -3.73
C CYS C 33 74.16 14.30 -2.47
N GLY C 34 75.11 15.23 -2.46
CA GLY C 34 75.34 16.05 -1.28
C GLY C 34 74.45 17.28 -1.18
N ALA C 35 73.50 17.41 -2.09
CA ALA C 35 72.61 18.56 -2.06
C ALA C 35 71.16 18.16 -2.23
N LEU C 36 70.76 17.07 -1.57
CA LEU C 36 69.42 16.56 -1.63
C LEU C 36 68.80 16.66 -0.26
N ASP C 37 67.48 16.79 -0.21
CA ASP C 37 66.72 16.75 1.04
C ASP C 37 66.90 15.47 1.86
N TRP C 38 66.59 15.57 3.15
CA TRP C 38 66.83 14.46 4.07
C TRP C 38 66.21 13.14 3.60
N GLY C 39 64.93 13.18 3.23
CA GLY C 39 64.21 11.97 2.83
C GLY C 39 64.80 11.30 1.60
N MET C 40 65.19 12.09 0.62
CA MET C 40 65.82 11.51 -0.55
C MET C 40 67.19 10.91 -0.18
N GLN C 41 67.99 11.62 0.61
CA GLN C 41 69.27 11.05 1.01
C GLN C 41 69.04 9.77 1.83
N SER C 42 67.98 9.77 2.61
CA SER C 42 67.62 8.61 3.39
C SER C 42 67.33 7.41 2.51
N ARG C 43 66.50 7.59 1.48
CA ARG C 43 66.19 6.48 0.59
C ARG C 43 67.46 6.00 -0.11
N LEU C 44 68.31 6.94 -0.53
CA LEU C 44 69.56 6.56 -1.19
C LEU C 44 70.46 5.76 -0.25
N SER C 45 70.43 6.10 1.03
CA SER C 45 71.26 5.40 2.02
C SER C 45 70.77 3.98 2.28
N ARG C 46 69.49 3.73 1.99
CA ARG C 46 68.95 2.37 2.05
C ARG C 46 69.51 1.54 0.91
N ILE C 47 69.81 2.20 -0.20
CA ILE C 47 70.37 1.53 -1.38
C ILE C 47 71.89 1.38 -1.31
N PHE C 48 72.58 2.49 -1.09
CA PHE C 48 74.03 2.49 -1.03
C PHE C 48 74.49 2.53 0.41
N ASN C 49 75.04 1.42 0.86
CA ASN C 49 75.65 1.31 2.17
C ASN C 49 76.51 2.52 2.53
N PRO C 50 76.11 3.28 3.56
CA PRO C 50 76.82 4.51 3.96
C PRO C 50 78.31 4.27 4.22
N LYS C 51 78.68 3.11 4.76
CA LYS C 51 80.08 2.78 5.03
C LYS C 51 80.88 2.65 3.74
N THR C 52 80.52 1.69 2.91
CA THR C 52 81.25 1.42 1.66
C THR C 52 80.84 2.32 0.48
N GLY C 53 79.64 2.86 0.52
CA GLY C 53 79.16 3.68 -0.59
C GLY C 53 78.75 2.88 -1.80
N LYS C 54 78.61 1.57 -1.64
CA LYS C 54 78.22 0.70 -2.76
C LYS C 54 76.93 -0.12 -2.51
N THR C 55 76.52 -0.89 -3.52
CA THR C 55 75.32 -1.69 -3.40
C THR C 55 75.41 -2.96 -4.24
N VAL C 56 74.90 -4.07 -3.70
CA VAL C 56 74.63 -5.28 -4.46
C VAL C 56 73.13 -5.47 -4.66
N MET C 57 72.66 -5.27 -5.89
CA MET C 57 71.25 -5.22 -6.18
C MET C 57 70.82 -6.46 -6.94
N LEU C 58 69.80 -7.15 -6.43
CA LEU C 58 69.30 -8.37 -7.06
C LEU C 58 68.14 -8.06 -8.00
N ALA C 59 68.36 -8.21 -9.30
CA ALA C 59 67.38 -7.77 -10.28
C ALA C 59 66.56 -8.94 -10.83
N PHE C 60 65.25 -8.84 -10.75
CA PHE C 60 64.39 -9.86 -11.34
C PHE C 60 63.16 -9.26 -11.97
N ASP C 61 63.37 -8.19 -12.73
CA ASP C 61 62.25 -7.49 -13.38
C ASP C 61 62.06 -7.90 -14.86
N HIS C 62 62.94 -8.79 -15.32
CA HIS C 62 63.03 -9.14 -16.73
C HIS C 62 61.67 -9.48 -17.33
N GLY C 63 60.79 -10.06 -16.53
CA GLY C 63 59.50 -10.47 -17.06
C GLY C 63 58.62 -9.34 -17.57
N TYR C 64 58.97 -8.10 -17.26
CA TYR C 64 58.07 -6.99 -17.59
C TYR C 64 57.82 -6.82 -19.08
N PHE C 65 58.74 -7.34 -19.89
CA PHE C 65 58.57 -7.33 -21.35
C PHE C 65 59.00 -8.65 -21.97
N GLN C 66 59.49 -9.57 -21.14
CA GLN C 66 59.91 -10.87 -21.66
C GLN C 66 59.04 -12.05 -21.21
N GLY C 67 58.09 -11.84 -20.32
CA GLY C 67 57.33 -12.99 -19.81
C GLY C 67 58.22 -13.89 -18.98
N PRO C 68 57.85 -15.17 -18.82
CA PRO C 68 58.57 -16.06 -17.94
C PRO C 68 59.94 -16.40 -18.53
N THR C 69 60.92 -15.54 -18.29
CA THR C 69 62.26 -15.78 -18.74
C THR C 69 62.90 -16.92 -17.94
N THR C 70 63.91 -17.58 -18.50
CA THR C 70 64.57 -18.71 -17.84
C THR C 70 65.17 -18.35 -16.48
N GLY C 71 64.86 -19.14 -15.46
CA GLY C 71 65.33 -18.86 -14.11
C GLY C 71 64.30 -18.10 -13.26
N LEU C 72 63.38 -17.42 -13.93
CA LEU C 72 62.37 -16.60 -13.28
C LEU C 72 60.97 -17.12 -13.55
N GLU C 73 60.86 -18.41 -13.85
CA GLU C 73 59.55 -19.04 -14.00
C GLU C 73 58.82 -18.98 -12.66
N ARG C 74 59.53 -19.33 -11.59
CA ARG C 74 58.91 -19.30 -10.26
C ARG C 74 59.68 -18.44 -9.25
N ILE C 75 59.47 -17.12 -9.32
CA ILE C 75 60.11 -16.19 -8.39
C ILE C 75 59.90 -16.67 -6.95
N ASP C 76 58.68 -17.16 -6.70
CA ASP C 76 58.27 -17.54 -5.35
C ASP C 76 59.07 -18.69 -4.81
N ILE C 77 59.69 -19.48 -5.67
CA ILE C 77 60.44 -20.63 -5.22
C ILE C 77 61.94 -20.45 -5.40
N ASN C 78 62.37 -20.08 -6.60
CA ASN C 78 63.79 -19.93 -6.89
C ASN C 78 64.40 -18.65 -6.34
N ILE C 79 63.69 -17.54 -6.49
CA ILE C 79 64.23 -16.24 -6.08
C ILE C 79 63.97 -15.95 -4.61
N ALA C 80 62.85 -16.45 -4.08
CA ALA C 80 62.50 -16.14 -2.70
C ALA C 80 63.70 -16.29 -1.75
N PRO C 81 64.40 -17.46 -1.76
CA PRO C 81 65.52 -17.73 -0.84
C PRO C 81 66.77 -16.86 -1.06
N LEU C 82 66.72 -15.98 -2.05
CA LEU C 82 67.87 -15.15 -2.33
C LEU C 82 67.74 -13.78 -1.67
N PHE C 83 66.52 -13.36 -1.39
CA PHE C 83 66.25 -11.97 -1.02
C PHE C 83 67.14 -11.54 0.13
N GLU C 84 67.18 -12.34 1.18
CA GLU C 84 67.95 -11.97 2.36
C GLU C 84 69.42 -11.70 2.07
N HIS C 85 69.98 -12.34 1.05
CA HIS C 85 71.40 -12.16 0.73
C HIS C 85 71.68 -10.95 -0.14
N ALA C 86 70.64 -10.15 -0.39
CA ALA C 86 70.80 -9.00 -1.26
C ALA C 86 70.64 -7.71 -0.47
N ASP C 87 71.30 -6.65 -0.94
CA ASP C 87 71.18 -5.33 -0.35
C ASP C 87 69.84 -4.70 -0.73
N VAL C 88 69.50 -4.75 -2.01
CA VAL C 88 68.23 -4.22 -2.47
C VAL C 88 67.61 -5.08 -3.58
N LEU C 89 66.29 -5.16 -3.61
CA LEU C 89 65.57 -5.92 -4.63
C LEU C 89 65.09 -5.02 -5.75
N MET C 90 65.18 -5.48 -6.98
CA MET C 90 64.57 -4.73 -8.04
C MET C 90 63.56 -5.55 -8.81
N CYS C 91 62.34 -5.06 -8.88
CA CYS C 91 61.31 -5.78 -9.61
C CYS C 91 60.09 -4.90 -9.93
N THR C 92 59.04 -5.50 -10.50
CA THR C 92 57.85 -4.74 -10.84
C THR C 92 56.91 -4.74 -9.66
N ARG C 93 55.88 -3.90 -9.71
CA ARG C 93 54.91 -3.81 -8.65
C ARG C 93 54.04 -5.06 -8.68
N GLY C 94 53.94 -5.68 -9.86
CA GLY C 94 53.12 -6.89 -10.00
C GLY C 94 53.72 -8.01 -9.15
N ILE C 95 54.96 -8.32 -9.43
CA ILE C 95 55.65 -9.35 -8.69
C ILE C 95 55.78 -8.98 -7.22
N LEU C 96 56.10 -7.72 -6.96
CA LEU C 96 56.29 -7.26 -5.58
C LEU C 96 55.09 -7.64 -4.74
N ARG C 97 53.90 -7.23 -5.19
CA ARG C 97 52.71 -7.48 -4.39
C ARG C 97 52.40 -8.97 -4.29
N SER C 98 52.55 -9.68 -5.39
CA SER C 98 52.07 -11.04 -5.49
C SER C 98 52.94 -12.08 -4.78
N VAL C 99 54.25 -12.00 -4.95
CA VAL C 99 55.12 -13.07 -4.46
C VAL C 99 56.34 -12.66 -3.61
N VAL C 100 56.63 -11.37 -3.49
CA VAL C 100 57.65 -10.90 -2.55
C VAL C 100 57.01 -10.61 -1.20
N PRO C 101 57.34 -11.42 -0.17
CA PRO C 101 56.71 -11.16 1.13
C PRO C 101 57.20 -9.86 1.76
N PRO C 102 56.28 -9.00 2.20
CA PRO C 102 56.67 -7.72 2.81
C PRO C 102 57.67 -7.91 3.95
N ALA C 103 57.58 -9.05 4.63
CA ALA C 103 58.38 -9.30 5.81
C ALA C 103 59.84 -9.52 5.37
N THR C 104 60.07 -9.51 4.08
CA THR C 104 61.42 -9.64 3.58
C THR C 104 62.28 -8.51 4.11
N ASN C 105 61.65 -7.41 4.48
CA ASN C 105 62.37 -6.27 5.06
C ASN C 105 63.64 -5.86 4.28
N ARG C 106 63.53 -5.74 2.97
CA ARG C 106 64.66 -5.39 2.14
C ARG C 106 64.22 -4.27 1.23
N PRO C 107 65.08 -3.26 1.04
CA PRO C 107 64.75 -2.07 0.21
C PRO C 107 64.45 -2.49 -1.24
N VAL C 108 63.44 -1.85 -1.88
CA VAL C 108 63.10 -2.16 -3.27
C VAL C 108 63.29 -0.97 -4.20
N VAL C 109 63.63 -1.27 -5.45
CA VAL C 109 63.66 -0.27 -6.51
C VAL C 109 62.67 -0.79 -7.55
N LEU C 110 61.63 -0.03 -7.83
CA LEU C 110 60.56 -0.52 -8.70
C LEU C 110 60.86 -0.23 -10.15
N ARG C 111 60.69 -1.25 -11.01
CA ARG C 111 60.62 -1.04 -12.45
C ARG C 111 59.40 -0.18 -12.74
N ALA C 112 59.59 0.99 -13.32
CA ALA C 112 58.46 1.91 -13.57
C ALA C 112 58.27 2.22 -15.06
N SER C 113 58.71 1.30 -15.92
CA SER C 113 58.50 1.47 -17.35
C SER C 113 58.09 0.12 -17.93
N GLY C 114 57.56 0.14 -19.16
CA GLY C 114 56.97 -1.05 -19.76
C GLY C 114 56.09 -0.69 -20.93
N ALA C 115 55.13 -1.57 -21.26
CA ALA C 115 54.25 -1.42 -22.45
C ALA C 115 54.97 -1.77 -23.76
N ASN C 116 56.12 -2.42 -23.63
CA ASN C 116 56.83 -3.03 -24.74
C ASN C 116 56.90 -4.54 -24.60
N SER C 117 57.36 -5.26 -25.61
CA SER C 117 57.48 -6.73 -25.48
C SER C 117 58.49 -7.25 -26.46
N ILE C 118 58.85 -8.51 -26.35
CA ILE C 118 59.83 -9.07 -27.27
C ILE C 118 59.21 -9.30 -28.63
N LEU C 119 57.92 -9.10 -28.75
CA LEU C 119 57.29 -9.27 -30.04
C LEU C 119 57.20 -7.98 -30.84
N ALA C 120 57.71 -6.88 -30.29
CA ALA C 120 57.60 -5.60 -31.00
C ALA C 120 58.85 -4.75 -30.81
N GLU C 121 58.73 -3.46 -31.10
CA GLU C 121 59.86 -2.55 -30.93
C GLU C 121 60.29 -2.43 -29.46
N LEU C 122 61.51 -2.85 -29.17
CA LEU C 122 61.97 -2.92 -27.80
C LEU C 122 61.98 -1.57 -27.08
N SER C 123 62.31 -0.50 -27.80
CA SER C 123 62.40 0.83 -27.19
C SER C 123 61.06 1.54 -27.01
N ASN C 124 59.94 0.86 -27.28
CA ASN C 124 58.65 1.52 -27.18
C ASN C 124 58.02 1.43 -25.77
N GLU C 125 58.63 2.09 -24.80
CA GLU C 125 58.19 2.04 -23.40
C GLU C 125 57.41 3.28 -22.94
N ALA C 126 56.43 3.06 -22.06
CA ALA C 126 55.70 4.15 -21.36
C ALA C 126 55.95 4.03 -19.86
N VAL C 127 55.63 5.08 -19.10
CA VAL C 127 55.76 4.94 -17.66
C VAL C 127 54.73 3.92 -17.19
N ALA C 128 55.17 2.97 -16.38
CA ALA C 128 54.37 1.80 -16.05
C ALA C 128 53.79 1.80 -14.65
N LEU C 129 54.11 2.81 -13.83
CA LEU C 129 53.40 2.98 -12.56
C LEU C 129 53.50 4.40 -12.05
N SER C 130 52.40 4.88 -11.46
CA SER C 130 52.35 6.25 -10.95
C SER C 130 53.21 6.44 -9.68
N MET C 131 53.75 7.64 -9.50
CA MET C 131 54.60 7.93 -8.34
C MET C 131 53.76 7.67 -7.12
N ASP C 132 52.48 7.99 -7.24
CA ASP C 132 51.46 7.72 -6.23
C ASP C 132 51.60 6.31 -5.66
N ASP C 133 51.55 5.33 -6.55
CA ASP C 133 51.67 3.96 -6.15
C ASP C 133 53.08 3.55 -5.72
N ALA C 134 54.11 4.24 -6.23
CA ALA C 134 55.46 3.98 -5.80
C ALA C 134 55.58 4.33 -4.31
N VAL C 135 55.03 5.49 -3.95
CA VAL C 135 55.03 5.91 -2.57
C VAL C 135 54.21 4.94 -1.74
N ARG C 136 53.06 4.52 -2.29
CA ARG C 136 52.21 3.58 -1.58
C ARG C 136 52.94 2.29 -1.25
N LEU C 137 53.87 1.89 -2.12
CA LEU C 137 54.65 0.65 -1.96
C LEU C 137 55.95 0.85 -1.17
N ASN C 138 56.12 2.04 -0.59
CA ASN C 138 57.35 2.34 0.15
C ASN C 138 58.67 2.12 -0.61
N SER C 139 58.74 2.55 -1.87
CA SER C 139 59.93 2.34 -2.70
C SER C 139 61.09 3.19 -2.24
N CYS C 140 62.30 2.70 -2.53
CA CYS C 140 63.52 3.52 -2.38
C CYS C 140 63.85 4.30 -3.64
N ALA C 141 63.40 3.81 -4.79
CA ALA C 141 63.58 4.49 -6.09
C ALA C 141 62.67 3.93 -7.19
N VAL C 142 62.51 4.68 -8.27
CA VAL C 142 61.77 4.18 -9.43
C VAL C 142 62.77 4.09 -10.58
N ALA C 143 62.61 3.10 -11.45
CA ALA C 143 63.57 2.92 -12.55
C ALA C 143 62.87 2.88 -13.92
N ALA C 144 63.48 3.49 -14.93
CA ALA C 144 62.94 3.41 -16.30
C ALA C 144 64.10 3.35 -17.31
N GLN C 145 63.81 2.86 -18.51
CA GLN C 145 64.85 2.68 -19.54
C GLN C 145 64.94 3.92 -20.35
N VAL C 146 66.17 4.24 -20.73
CA VAL C 146 66.41 5.27 -21.74
C VAL C 146 67.07 4.57 -22.95
N TYR C 147 66.51 4.80 -24.15
CA TYR C 147 67.00 4.15 -25.37
C TYR C 147 67.66 5.12 -26.36
N ILE C 148 68.85 5.64 -26.02
CA ILE C 148 69.54 6.55 -26.92
C ILE C 148 69.90 5.81 -28.20
N GLY C 149 69.58 6.43 -29.33
CA GLY C 149 69.84 5.86 -30.63
C GLY C 149 68.74 4.95 -31.14
N SER C 150 67.76 4.60 -30.32
CA SER C 150 66.67 3.77 -30.80
C SER C 150 65.53 4.59 -31.35
N GLU C 151 64.50 3.92 -31.86
CA GLU C 151 63.43 4.62 -32.56
C GLU C 151 62.65 5.47 -31.59
N TYR C 152 62.42 4.98 -30.38
CA TYR C 152 61.64 5.74 -29.43
C TYR C 152 62.54 6.40 -28.40
N GLU C 153 63.68 6.91 -28.83
CA GLU C 153 64.58 7.60 -27.94
C GLU C 153 63.95 8.80 -27.18
N HIS C 154 63.27 9.66 -27.92
CA HIS C 154 62.64 10.87 -27.38
C HIS C 154 61.70 10.53 -26.24
N GLN C 155 60.83 9.54 -26.46
CA GLN C 155 59.83 9.12 -25.47
C GLN C 155 60.50 8.56 -24.22
N SER C 156 61.50 7.72 -24.41
CA SER C 156 62.21 7.16 -23.27
C SER C 156 62.80 8.26 -22.39
N ILE C 157 63.35 9.32 -22.99
CA ILE C 157 63.90 10.41 -22.18
C ILE C 157 62.77 11.17 -21.43
N LYS C 158 61.64 11.35 -22.09
CA LYS C 158 60.50 12.00 -21.46
C LYS C 158 60.04 11.19 -20.26
N ASN C 159 60.10 9.86 -20.36
CA ASN C 159 59.83 8.99 -19.21
C ASN C 159 60.70 9.35 -18.01
N ILE C 160 61.99 9.55 -18.25
CA ILE C 160 62.88 9.99 -17.18
C ILE C 160 62.51 11.39 -16.66
N ILE C 161 62.22 12.31 -17.57
CA ILE C 161 61.79 13.65 -17.16
C ILE C 161 60.56 13.61 -16.25
N GLN C 162 59.63 12.74 -16.61
CA GLN C 162 58.37 12.66 -15.88
C GLN C 162 58.57 12.06 -14.51
N LEU C 163 59.40 11.04 -14.42
CA LEU C 163 59.64 10.43 -13.13
C LEU C 163 60.42 11.38 -12.22
N VAL C 164 61.38 12.11 -12.75
CA VAL C 164 62.12 13.06 -11.92
C VAL C 164 61.20 14.19 -11.41
N ASP C 165 60.44 14.78 -12.32
CA ASP C 165 59.46 15.80 -11.91
C ASP C 165 58.60 15.26 -10.76
N ALA C 166 58.05 14.06 -10.93
CA ALA C 166 57.19 13.47 -9.91
C ALA C 166 57.95 13.13 -8.62
N GLY C 167 59.17 12.59 -8.76
CA GLY C 167 59.96 12.17 -7.62
C GLY C 167 60.38 13.35 -6.79
N MET C 168 60.62 14.50 -7.41
CA MET C 168 61.16 15.61 -6.66
C MET C 168 60.17 16.18 -5.64
N LYS C 169 58.88 16.00 -5.94
CA LYS C 169 57.81 16.48 -5.05
C LYS C 169 57.77 15.64 -3.77
N VAL C 170 58.31 14.44 -3.84
CA VAL C 170 58.06 13.41 -2.86
C VAL C 170 59.33 12.87 -2.24
N GLY C 171 60.49 13.22 -2.80
CA GLY C 171 61.80 12.77 -2.31
C GLY C 171 62.11 11.36 -2.75
N MET C 172 61.53 10.94 -3.88
CA MET C 172 61.83 9.65 -4.47
C MET C 172 62.91 9.81 -5.57
N PRO C 173 64.06 9.14 -5.42
CA PRO C 173 65.13 9.06 -6.45
C PRO C 173 64.69 8.35 -7.73
N THR C 174 65.24 8.77 -8.85
CA THR C 174 64.96 8.06 -10.09
C THR C 174 66.22 7.40 -10.63
N MET C 175 66.12 6.13 -10.99
CA MET C 175 67.22 5.43 -11.66
C MET C 175 66.97 5.30 -13.18
N ALA C 176 67.90 5.84 -13.97
CA ALA C 176 67.80 5.73 -15.42
C ALA C 176 68.67 4.59 -15.89
N VAL C 177 68.09 3.70 -16.71
CA VAL C 177 68.84 2.55 -17.23
C VAL C 177 69.12 2.68 -18.72
N THR C 178 70.40 2.59 -19.10
CA THR C 178 70.76 2.75 -20.53
C THR C 178 70.53 1.47 -21.31
N GLY C 179 69.35 1.34 -21.91
CA GLY C 179 69.03 0.17 -22.74
C GLY C 179 69.50 0.29 -24.19
N VAL C 180 69.98 -0.82 -24.77
CA VAL C 180 70.61 -0.72 -26.10
C VAL C 180 69.79 -1.28 -27.26
N VAL C 185 76.07 -1.25 -31.14
CA VAL C 185 77.48 -1.31 -30.72
C VAL C 185 77.70 -0.64 -29.37
N ARG C 186 78.31 -1.37 -28.44
CA ARG C 186 78.38 -0.95 -27.05
C ARG C 186 79.80 -0.54 -26.67
N ASP C 187 80.19 0.66 -27.08
CA ASP C 187 81.52 1.17 -26.71
C ASP C 187 81.46 2.28 -25.68
N GLN C 188 82.61 2.79 -25.28
CA GLN C 188 82.68 3.84 -24.27
C GLN C 188 82.00 5.14 -24.72
N ARG C 189 82.29 5.58 -25.94
CA ARG C 189 81.73 6.85 -26.37
C ARG C 189 80.21 6.81 -26.33
N TYR C 190 79.65 5.64 -26.63
CA TYR C 190 78.19 5.52 -26.63
C TYR C 190 77.61 5.64 -25.22
N PHE C 191 78.10 4.83 -24.30
CA PHE C 191 77.56 4.83 -22.95
C PHE C 191 77.86 6.13 -22.25
N SER C 192 78.94 6.80 -22.63
CA SER C 192 79.19 8.13 -22.08
C SER C 192 78.07 9.09 -22.44
N LEU C 193 77.66 9.08 -23.70
CA LEU C 193 76.54 9.86 -24.15
C LEU C 193 75.26 9.53 -23.37
N ALA C 194 74.88 8.24 -23.35
CA ALA C 194 73.64 7.80 -22.73
C ALA C 194 73.60 8.11 -21.23
N THR C 195 74.66 7.75 -20.53
CA THR C 195 74.67 7.98 -19.09
C THR C 195 74.64 9.48 -18.75
N ARG C 196 75.46 10.27 -19.43
CA ARG C 196 75.57 11.69 -19.15
C ARG C 196 74.26 12.45 -19.40
N ILE C 197 73.56 12.11 -20.49
CA ILE C 197 72.27 12.75 -20.80
C ILE C 197 71.22 12.46 -19.73
N ALA C 198 71.14 11.19 -19.32
CA ALA C 198 70.24 10.80 -18.27
C ALA C 198 70.55 11.60 -17.00
N ALA C 199 71.83 11.61 -16.59
CA ALA C 199 72.21 12.30 -15.36
C ALA C 199 71.85 13.78 -15.48
N GLU C 200 72.14 14.31 -16.65
CA GLU C 200 71.91 15.68 -16.93
C GLU C 200 70.40 16.02 -16.78
N MET C 201 69.52 15.14 -17.25
CA MET C 201 68.09 15.36 -17.11
C MET C 201 67.61 15.34 -15.66
N GLY C 202 68.32 14.61 -14.80
CA GLY C 202 67.97 14.62 -13.38
C GLY C 202 68.02 13.32 -12.60
N ALA C 203 68.19 12.20 -13.30
CA ALA C 203 68.28 10.90 -12.64
C ALA C 203 69.44 10.90 -11.61
N GLN C 204 69.17 10.38 -10.41
CA GLN C 204 70.16 10.36 -9.34
C GLN C 204 70.97 9.10 -9.38
N ILE C 205 70.42 8.03 -9.96
CA ILE C 205 71.18 6.80 -10.15
C ILE C 205 71.20 6.41 -11.62
N ILE C 206 72.36 6.02 -12.13
CA ILE C 206 72.47 5.54 -13.50
C ILE C 206 72.96 4.10 -13.54
N LYS C 207 72.27 3.26 -14.29
CA LYS C 207 72.71 1.87 -14.47
C LYS C 207 73.01 1.62 -15.94
N THR C 208 74.23 1.14 -16.18
CA THR C 208 74.71 0.91 -17.53
C THR C 208 75.44 -0.42 -17.63
N TYR C 209 76.13 -0.66 -18.75
CA TYR C 209 76.87 -1.91 -18.95
C TYR C 209 78.34 -1.67 -18.79
N TYR C 210 79.07 -2.72 -18.38
CA TYR C 210 80.51 -2.65 -18.27
C TYR C 210 81.15 -2.75 -19.67
N VAL C 211 82.24 -2.03 -19.88
CA VAL C 211 82.86 -2.10 -21.18
C VAL C 211 84.33 -2.48 -21.06
N GLU C 212 84.79 -3.27 -22.05
CA GLU C 212 86.15 -3.79 -22.07
C GLU C 212 87.17 -2.69 -21.84
N LYS C 213 87.01 -1.58 -22.55
CA LYS C 213 87.94 -0.48 -22.35
C LYS C 213 87.25 0.87 -22.37
N GLY C 214 87.70 1.76 -21.49
CA GLY C 214 87.13 3.09 -21.41
C GLY C 214 86.12 3.27 -20.29
N PHE C 215 85.78 2.18 -19.59
CA PHE C 215 84.79 2.27 -18.53
C PHE C 215 85.08 3.39 -17.53
N GLU C 216 86.34 3.56 -17.18
CA GLU C 216 86.74 4.58 -16.24
C GLU C 216 86.22 5.96 -16.62
N ARG C 217 86.16 6.20 -17.95
CA ARG C 217 85.74 7.49 -18.51
C ARG C 217 84.21 7.68 -18.35
N ILE C 218 83.49 6.57 -18.44
CA ILE C 218 82.05 6.59 -18.23
C ILE C 218 81.72 7.05 -16.79
N VAL C 219 82.38 6.42 -15.81
CA VAL C 219 82.23 6.82 -14.42
C VAL C 219 82.64 8.28 -14.19
N ALA C 220 83.82 8.64 -14.69
CA ALA C 220 84.34 9.96 -14.45
C ALA C 220 83.45 11.05 -15.04
N GLY C 221 82.84 10.77 -16.18
CA GLY C 221 82.00 11.76 -16.87
C GLY C 221 80.59 11.85 -16.32
N CYS C 222 80.26 10.97 -15.37
CA CYS C 222 78.91 10.90 -14.82
C CYS C 222 78.87 11.42 -13.38
N PRO C 223 78.12 12.48 -13.13
CA PRO C 223 78.13 13.16 -11.84
C PRO C 223 77.45 12.40 -10.72
N VAL C 224 76.74 11.31 -11.02
CA VAL C 224 76.03 10.53 -9.98
C VAL C 224 76.47 9.07 -10.00
N PRO C 225 76.06 8.31 -8.98
CA PRO C 225 76.45 6.90 -8.83
C PRO C 225 76.09 6.01 -10.04
N ILE C 226 77.03 5.17 -10.44
CA ILE C 226 76.77 4.23 -11.53
C ILE C 226 76.74 2.82 -11.03
N VAL C 227 75.84 2.06 -11.62
CA VAL C 227 75.67 0.68 -11.28
C VAL C 227 75.70 -0.11 -12.58
N ILE C 228 76.36 -1.27 -12.57
CA ILE C 228 76.43 -2.07 -13.79
C ILE C 228 75.46 -3.25 -13.81
N ALA C 229 74.92 -3.51 -14.99
CA ALA C 229 74.07 -4.68 -15.18
C ALA C 229 74.91 -5.96 -15.26
N GLY C 230 74.34 -7.06 -14.79
CA GLY C 230 75.00 -8.36 -14.88
C GLY C 230 75.28 -8.80 -16.31
N GLY C 231 74.32 -8.57 -17.21
CA GLY C 231 74.46 -9.03 -18.59
C GLY C 231 74.19 -10.51 -18.71
N LYS C 232 74.35 -11.05 -19.92
CA LYS C 232 74.04 -12.46 -20.20
C LYS C 232 74.90 -13.37 -19.34
N LYS C 233 74.43 -14.61 -19.12
CA LYS C 233 75.12 -15.56 -18.25
C LYS C 233 76.58 -15.81 -18.67
N LEU C 234 77.49 -15.77 -17.70
CA LEU C 234 78.89 -16.08 -17.94
C LEU C 234 79.34 -17.17 -16.96
N PRO C 235 80.49 -17.80 -17.21
CA PRO C 235 81.07 -18.63 -16.17
C PRO C 235 81.29 -17.81 -14.90
N GLU C 236 80.89 -18.36 -13.77
CA GLU C 236 80.95 -17.62 -12.49
C GLU C 236 82.26 -16.86 -12.27
N ARG C 237 83.38 -17.46 -12.67
CA ARG C 237 84.64 -16.81 -12.43
C ARG C 237 84.74 -15.55 -13.25
N GLU C 238 84.22 -15.60 -14.47
CA GLU C 238 84.32 -14.44 -15.35
C GLU C 238 83.41 -13.32 -14.89
N ALA C 239 82.20 -13.68 -14.47
CA ALA C 239 81.25 -12.71 -13.96
C ALA C 239 81.89 -11.95 -12.80
N LEU C 240 82.62 -12.65 -11.93
CA LEU C 240 83.25 -12.01 -10.78
C LEU C 240 84.37 -11.08 -11.22
N GLU C 241 85.09 -11.47 -12.27
CA GLU C 241 86.12 -10.60 -12.85
C GLU C 241 85.53 -9.29 -13.35
N MET C 242 84.39 -9.39 -14.01
CA MET C 242 83.68 -8.21 -14.49
C MET C 242 83.36 -7.28 -13.34
N CYS C 243 82.77 -7.83 -12.28
CA CYS C 243 82.45 -7.04 -11.10
C CYS C 243 83.69 -6.36 -10.54
N TRP C 244 84.76 -7.13 -10.37
CA TRP C 244 85.99 -6.59 -9.81
C TRP C 244 86.51 -5.43 -10.65
N GLN C 245 86.52 -5.60 -11.96
CA GLN C 245 86.96 -4.54 -12.85
C GLN C 245 86.07 -3.31 -12.67
N ALA C 246 84.76 -3.52 -12.71
CA ALA C 246 83.82 -2.40 -12.64
C ALA C 246 84.03 -1.60 -11.37
N ILE C 247 84.02 -2.30 -10.24
CA ILE C 247 84.24 -1.65 -8.96
C ILE C 247 85.60 -0.95 -8.91
N ASP C 248 86.63 -1.68 -9.31
CA ASP C 248 87.97 -1.12 -9.31
C ASP C 248 88.03 0.17 -10.11
N GLN C 249 87.24 0.27 -11.16
CA GLN C 249 87.27 1.44 -12.03
C GLN C 249 86.26 2.50 -11.65
N GLY C 250 85.58 2.32 -10.52
CA GLY C 250 84.75 3.38 -9.95
C GLY C 250 83.23 3.19 -9.91
N ALA C 251 82.73 2.03 -10.31
CA ALA C 251 81.29 1.74 -10.21
C ALA C 251 80.81 1.74 -8.74
N SER C 252 79.54 2.09 -8.52
CA SER C 252 79.04 2.16 -7.17
C SER C 252 78.28 0.91 -6.79
N GLY C 253 78.42 -0.12 -7.61
CA GLY C 253 77.76 -1.39 -7.30
C GLY C 253 77.26 -2.09 -8.54
N VAL C 254 76.67 -3.26 -8.36
CA VAL C 254 76.20 -4.03 -9.49
C VAL C 254 74.74 -4.38 -9.32
N ASP C 255 74.06 -4.57 -10.44
CA ASP C 255 72.65 -4.94 -10.47
C ASP C 255 72.47 -6.29 -11.17
N MET C 256 72.94 -7.37 -10.52
CA MET C 256 72.94 -8.71 -11.09
C MET C 256 71.56 -9.31 -11.22
N GLY C 257 71.36 -10.06 -12.30
CA GLY C 257 70.16 -10.86 -12.47
C GLY C 257 70.52 -12.27 -12.87
N ARG C 258 70.73 -12.48 -14.16
CA ARG C 258 71.04 -13.82 -14.71
C ARG C 258 72.28 -14.52 -14.12
N ASN C 259 73.37 -13.77 -13.92
CA ASN C 259 74.59 -14.34 -13.37
C ASN C 259 74.41 -14.83 -11.94
N ILE C 260 73.24 -14.62 -11.39
CA ILE C 260 72.99 -15.12 -10.07
C ILE C 260 71.92 -16.16 -10.15
N PHE C 261 70.74 -15.76 -10.59
CA PHE C 261 69.64 -16.71 -10.57
C PHE C 261 69.79 -17.84 -11.59
N GLN C 262 70.69 -17.70 -12.57
CA GLN C 262 70.91 -18.78 -13.53
C GLN C 262 72.12 -19.62 -13.15
N SER C 263 72.70 -19.36 -11.99
CA SER C 263 73.85 -20.11 -11.53
C SER C 263 73.36 -21.37 -10.84
N ASP C 264 74.21 -22.38 -10.74
CA ASP C 264 73.88 -23.61 -10.01
C ASP C 264 73.98 -23.38 -8.49
N HIS C 265 74.61 -22.27 -8.11
CA HIS C 265 74.80 -21.95 -6.71
C HIS C 265 74.58 -20.45 -6.49
N PRO C 266 73.31 -20.00 -6.61
CA PRO C 266 72.95 -18.60 -6.48
C PRO C 266 73.48 -17.99 -5.20
N VAL C 267 73.10 -18.56 -4.06
CA VAL C 267 73.50 -18.02 -2.76
C VAL C 267 75.02 -17.85 -2.63
N ALA C 268 75.74 -18.90 -3.02
CA ALA C 268 77.19 -18.83 -3.05
C ALA C 268 77.67 -17.65 -3.91
N MET C 269 77.13 -17.55 -5.12
CA MET C 269 77.52 -16.51 -6.05
C MET C 269 77.31 -15.12 -5.46
N MET C 270 76.17 -14.94 -4.79
CA MET C 270 75.87 -13.67 -4.17
C MET C 270 76.90 -13.29 -3.11
N LYS C 271 77.24 -14.25 -2.25
CA LYS C 271 78.25 -13.99 -1.22
C LYS C 271 79.60 -13.58 -1.82
N ALA C 272 79.94 -14.20 -2.94
CA ALA C 272 81.12 -13.81 -3.68
C ALA C 272 81.02 -12.36 -4.14
N VAL C 273 79.97 -12.07 -4.89
CA VAL C 273 79.73 -10.73 -5.40
C VAL C 273 79.78 -9.68 -4.27
N GLN C 274 79.21 -10.01 -3.11
CA GLN C 274 79.26 -9.11 -1.97
C GLN C 274 80.70 -8.87 -1.56
N ALA C 275 81.46 -9.96 -1.48
CA ALA C 275 82.84 -9.89 -1.08
C ALA C 275 83.59 -8.91 -2.00
N VAL C 276 83.36 -9.02 -3.29
CA VAL C 276 84.06 -8.18 -4.24
C VAL C 276 83.64 -6.71 -4.14
N VAL C 277 82.34 -6.49 -3.96
CA VAL C 277 81.80 -5.13 -4.02
C VAL C 277 82.06 -4.33 -2.74
N HIS C 278 81.78 -4.93 -1.59
CA HIS C 278 81.90 -4.22 -0.32
C HIS C 278 83.29 -4.33 0.32
N HIS C 279 83.98 -5.44 0.11
CA HIS C 279 85.17 -5.74 0.90
C HIS C 279 86.46 -5.78 0.09
N ASN C 280 86.41 -5.25 -1.12
CA ASN C 280 87.60 -5.19 -1.96
C ASN C 280 88.28 -6.51 -2.20
N GLU C 281 87.54 -7.60 -2.11
CA GLU C 281 88.10 -8.90 -2.46
C GLU C 281 88.57 -8.92 -3.91
N THR C 282 89.49 -9.83 -4.22
CA THR C 282 89.94 -10.07 -5.58
C THR C 282 89.04 -11.09 -6.29
N ALA C 283 89.09 -11.09 -7.62
CA ALA C 283 88.29 -12.03 -8.39
C ALA C 283 88.57 -13.48 -7.95
N ASP C 284 89.85 -13.82 -7.80
CA ASP C 284 90.28 -15.18 -7.45
C ASP C 284 89.86 -15.55 -6.03
N ARG C 285 90.26 -14.73 -5.07
CA ARG C 285 89.88 -14.96 -3.69
C ARG C 285 88.37 -15.21 -3.58
N ALA C 286 87.60 -14.32 -4.22
CA ALA C 286 86.15 -14.43 -4.24
C ALA C 286 85.69 -15.75 -4.85
N TYR C 287 86.28 -16.14 -5.98
CA TYR C 287 85.92 -17.38 -6.63
C TYR C 287 86.12 -18.57 -5.69
N GLU C 288 87.12 -18.49 -4.82
CA GLU C 288 87.36 -19.52 -3.83
C GLU C 288 86.32 -19.50 -2.71
N LEU C 289 85.79 -18.31 -2.41
CA LEU C 289 84.66 -18.18 -1.51
C LEU C 289 83.46 -18.88 -2.14
N TYR C 290 83.42 -18.85 -3.48
CA TYR C 290 82.32 -19.46 -4.21
C TYR C 290 82.45 -20.98 -4.27
N LEU C 291 83.69 -21.47 -4.35
CA LEU C 291 83.97 -22.92 -4.39
C LEU C 291 83.80 -23.61 -3.04
N SER C 292 83.88 -22.84 -1.94
CA SER C 292 83.63 -23.39 -0.62
C SER C 292 82.13 -23.56 -0.35
N GLU C 293 81.28 -22.84 -1.08
CA GLU C 293 79.82 -23.08 -1.07
C GLU C 293 79.36 -23.67 -2.40
N GLY D 14 33.53 -8.20 35.83
CA GLY D 14 32.74 -9.21 35.06
C GLY D 14 33.11 -9.26 33.58
N LYS D 15 34.41 -9.15 33.29
CA LYS D 15 34.91 -9.18 31.90
C LYS D 15 35.88 -10.33 31.67
N ASP D 16 35.88 -10.88 30.47
CA ASP D 16 36.79 -11.97 30.13
C ASP D 16 37.61 -11.63 28.89
N PHE D 17 38.86 -11.24 29.12
CA PHE D 17 39.78 -10.86 28.03
C PHE D 17 40.50 -12.06 27.44
N ARG D 18 40.11 -13.24 27.91
CA ARG D 18 40.80 -14.46 27.54
C ARG D 18 42.29 -14.23 27.26
N THR D 19 43.04 -13.80 28.27
CA THR D 19 44.45 -13.46 28.11
C THR D 19 45.37 -14.67 28.00
N ASP D 20 44.82 -15.88 28.18
CA ASP D 20 45.59 -17.12 28.05
C ASP D 20 45.66 -17.57 26.59
N GLN D 21 44.98 -16.84 25.72
CA GLN D 21 44.86 -17.21 24.33
C GLN D 21 45.17 -16.05 23.40
N PRO D 22 46.41 -15.97 22.91
CA PRO D 22 46.85 -14.83 22.12
C PRO D 22 46.07 -14.74 20.79
N GLN D 23 45.91 -13.52 20.32
CA GLN D 23 45.27 -13.24 19.04
C GLN D 23 46.18 -13.68 17.88
N LYS D 24 45.62 -14.37 16.89
CA LYS D 24 46.37 -14.83 15.70
C LYS D 24 45.70 -14.40 14.40
N ASN D 25 46.50 -13.96 13.43
CA ASN D 25 45.96 -13.48 12.16
C ASN D 25 45.45 -14.63 11.33
N ILE D 26 44.28 -14.48 10.72
CA ILE D 26 43.86 -15.50 9.77
C ILE D 26 44.44 -15.29 8.35
N PRO D 27 45.20 -16.29 7.85
CA PRO D 27 45.85 -16.11 6.55
C PRO D 27 44.84 -15.92 5.40
N PHE D 28 45.22 -15.12 4.40
CA PHE D 28 44.45 -14.96 3.16
C PHE D 28 45.15 -15.78 2.04
N THR D 29 44.49 -16.84 1.58
CA THR D 29 45.19 -17.84 0.77
C THR D 29 45.08 -17.69 -0.75
N LEU D 30 44.22 -16.80 -1.23
CA LEU D 30 44.02 -16.61 -2.67
C LEU D 30 45.33 -16.30 -3.38
N LYS D 31 45.66 -17.12 -4.37
CA LYS D 31 46.95 -17.05 -5.05
C LYS D 31 47.44 -15.63 -5.33
N GLY D 32 48.56 -15.27 -4.72
CA GLY D 32 49.20 -13.99 -5.03
C GLY D 32 48.45 -12.74 -4.58
N CYS D 33 47.53 -12.89 -3.65
CA CYS D 33 46.74 -11.77 -3.15
C CYS D 33 46.83 -11.63 -1.65
N GLY D 34 47.93 -12.14 -1.08
CA GLY D 34 48.12 -12.11 0.35
C GLY D 34 48.77 -10.84 0.85
N ALA D 35 48.99 -9.86 -0.03
CA ALA D 35 49.58 -8.60 0.41
C ALA D 35 48.80 -7.37 -0.11
N LEU D 36 47.48 -7.46 -0.02
CA LEU D 36 46.62 -6.38 -0.47
C LEU D 36 45.83 -5.89 0.71
N ASP D 37 45.37 -4.65 0.61
CA ASP D 37 44.53 -4.05 1.62
C ASP D 37 43.19 -4.73 1.80
N TRP D 38 42.56 -4.49 2.95
CA TRP D 38 41.32 -5.19 3.29
C TRP D 38 40.26 -5.08 2.19
N GLY D 39 39.99 -3.87 1.75
CA GLY D 39 38.93 -3.64 0.79
C GLY D 39 39.17 -4.38 -0.52
N MET D 40 40.42 -4.43 -0.96
CA MET D 40 40.69 -5.10 -2.23
C MET D 40 40.54 -6.61 -2.05
N GLN D 41 41.04 -7.12 -0.92
CA GLN D 41 40.86 -8.52 -0.61
C GLN D 41 39.37 -8.87 -0.53
N SER D 42 38.60 -7.91 -0.06
CA SER D 42 37.19 -8.09 0.12
C SER D 42 36.50 -8.21 -1.24
N ARG D 43 36.82 -7.29 -2.15
CA ARG D 43 36.25 -7.39 -3.51
C ARG D 43 36.62 -8.73 -4.15
N LEU D 44 37.90 -9.11 -4.05
CA LEU D 44 38.35 -10.37 -4.60
C LEU D 44 37.57 -11.55 -4.01
N SER D 45 37.23 -11.47 -2.72
CA SER D 45 36.54 -12.56 -2.03
C SER D 45 35.10 -12.66 -2.51
N ARG D 46 34.58 -11.56 -3.04
CA ARG D 46 33.26 -11.59 -3.66
C ARG D 46 33.31 -12.38 -4.96
N ILE D 47 34.45 -12.35 -5.63
CA ILE D 47 34.63 -13.03 -6.92
C ILE D 47 35.05 -14.50 -6.74
N PHE D 48 36.10 -14.72 -5.95
CA PHE D 48 36.62 -16.05 -5.71
C PHE D 48 36.17 -16.55 -4.36
N ASN D 49 35.25 -17.52 -4.41
CA ASN D 49 34.75 -18.19 -3.23
C ASN D 49 35.88 -18.55 -2.27
N PRO D 50 35.85 -17.99 -1.06
CA PRO D 50 36.91 -18.19 -0.08
C PRO D 50 37.18 -19.66 0.22
N LYS D 51 36.12 -20.47 0.20
CA LYS D 51 36.22 -21.91 0.48
C LYS D 51 36.97 -22.63 -0.61
N THR D 52 36.43 -22.61 -1.82
CA THR D 52 37.06 -23.29 -2.95
C THR D 52 38.17 -22.50 -3.63
N GLY D 53 38.20 -21.18 -3.48
CA GLY D 53 39.21 -20.38 -4.15
C GLY D 53 38.97 -20.21 -5.63
N LYS D 54 37.78 -20.57 -6.10
CA LYS D 54 37.49 -20.52 -7.52
C LYS D 54 36.23 -19.70 -7.81
N THR D 55 35.93 -19.49 -9.09
CA THR D 55 34.78 -18.70 -9.48
C THR D 55 34.17 -19.17 -10.81
N VAL D 56 32.86 -19.07 -10.94
CA VAL D 56 32.17 -19.29 -12.21
C VAL D 56 31.56 -17.99 -12.64
N MET D 57 32.13 -17.42 -13.69
CA MET D 57 31.80 -16.06 -14.11
C MET D 57 30.97 -16.05 -15.39
N LEU D 58 29.79 -15.43 -15.34
CA LEU D 58 28.89 -15.38 -16.50
C LEU D 58 29.17 -14.14 -17.35
N ALA D 59 29.68 -14.33 -18.56
CA ALA D 59 30.14 -13.20 -19.35
C ALA D 59 29.17 -12.87 -20.46
N PHE D 60 28.70 -11.63 -20.46
CA PHE D 60 27.89 -11.17 -21.58
C PHE D 60 28.27 -9.75 -22.04
N ASP D 61 29.57 -9.49 -22.17
CA ASP D 61 30.01 -8.16 -22.59
C ASP D 61 30.29 -8.07 -24.10
N HIS D 62 30.17 -9.20 -24.80
CA HIS D 62 30.54 -9.31 -26.22
C HIS D 62 30.03 -8.15 -27.07
N GLY D 63 28.88 -7.60 -26.70
CA GLY D 63 28.29 -6.53 -27.50
C GLY D 63 29.16 -5.29 -27.61
N TYR D 64 30.14 -5.12 -26.72
CA TYR D 64 30.85 -3.86 -26.61
C TYR D 64 31.56 -3.46 -27.89
N PHE D 65 31.90 -4.46 -28.70
CA PHE D 65 32.51 -4.19 -30.02
C PHE D 65 31.85 -5.02 -31.11
N GLN D 66 30.90 -5.89 -30.73
CA GLN D 66 30.27 -6.76 -31.71
C GLN D 66 28.79 -6.45 -31.97
N GLY D 67 28.19 -5.58 -31.17
CA GLY D 67 26.75 -5.30 -31.34
C GLY D 67 25.95 -6.49 -30.87
N PRO D 68 24.71 -6.67 -31.36
CA PRO D 68 23.84 -7.74 -30.92
C PRO D 68 24.31 -9.06 -31.43
N THR D 69 25.24 -9.67 -30.71
CA THR D 69 25.77 -10.98 -31.06
C THR D 69 24.71 -12.08 -30.76
N THR D 70 24.76 -13.19 -31.49
CA THR D 70 23.78 -14.26 -31.32
C THR D 70 23.70 -14.75 -29.88
N GLY D 71 22.49 -14.82 -29.36
CA GLY D 71 22.26 -15.26 -27.98
C GLY D 71 22.13 -14.10 -27.00
N LEU D 72 22.62 -12.93 -27.43
CA LEU D 72 22.67 -11.71 -26.62
C LEU D 72 21.82 -10.59 -27.25
N GLU D 73 20.91 -10.96 -28.13
CA GLU D 73 20.01 -9.99 -28.69
C GLU D 73 19.17 -9.40 -27.57
N ARG D 74 18.64 -10.26 -26.70
CA ARG D 74 17.81 -9.78 -25.58
C ARG D 74 18.31 -10.21 -24.20
N ILE D 75 19.37 -9.55 -23.70
CA ILE D 75 19.90 -9.85 -22.38
C ILE D 75 18.75 -9.86 -21.36
N ASP D 76 17.81 -8.93 -21.51
CA ASP D 76 16.74 -8.77 -20.53
C ASP D 76 15.84 -10.00 -20.46
N ILE D 77 15.83 -10.80 -21.52
CA ILE D 77 14.97 -11.97 -21.57
C ILE D 77 15.76 -13.27 -21.45
N ASN D 78 16.76 -13.44 -22.30
CA ASN D 78 17.51 -14.67 -22.28
C ASN D 78 18.52 -14.76 -21.18
N ILE D 79 19.21 -13.67 -20.89
CA ILE D 79 20.25 -13.73 -19.87
C ILE D 79 19.73 -13.46 -18.45
N ALA D 80 18.62 -12.76 -18.34
CA ALA D 80 18.15 -12.36 -17.02
C ALA D 80 17.99 -13.56 -16.08
N PRO D 81 17.35 -14.63 -16.54
CA PRO D 81 17.09 -15.82 -15.72
C PRO D 81 18.35 -16.60 -15.34
N LEU D 82 19.49 -16.25 -15.92
CA LEU D 82 20.73 -16.96 -15.62
C LEU D 82 21.51 -16.34 -14.46
N PHE D 83 21.28 -15.06 -14.18
CA PHE D 83 22.09 -14.31 -13.22
C PHE D 83 22.23 -15.04 -11.91
N GLU D 84 21.10 -15.43 -11.32
CA GLU D 84 21.13 -16.08 -9.99
C GLU D 84 22.02 -17.33 -9.95
N HIS D 85 22.16 -18.04 -11.05
CA HIS D 85 22.96 -19.24 -11.05
C HIS D 85 24.45 -18.96 -11.24
N ALA D 86 24.84 -17.69 -11.23
CA ALA D 86 26.23 -17.34 -11.46
C ALA D 86 26.88 -16.78 -10.21
N ASP D 87 28.18 -16.95 -10.09
CA ASP D 87 28.94 -16.40 -8.97
C ASP D 87 29.12 -14.90 -9.20
N VAL D 88 29.57 -14.54 -10.40
CA VAL D 88 29.75 -13.13 -10.75
C VAL D 88 29.31 -12.84 -12.18
N LEU D 89 28.81 -11.62 -12.41
CA LEU D 89 28.39 -11.18 -13.76
C LEU D 89 29.47 -10.32 -14.38
N MET D 90 29.73 -10.50 -15.67
CA MET D 90 30.62 -9.59 -16.36
C MET D 90 29.94 -8.93 -17.55
N CYS D 91 29.96 -7.61 -17.60
CA CYS D 91 29.29 -6.91 -18.65
C CYS D 91 29.72 -5.44 -18.65
N THR D 92 29.18 -4.65 -19.57
CA THR D 92 29.47 -3.22 -19.66
C THR D 92 28.55 -2.40 -18.77
N ARG D 93 28.92 -1.13 -18.56
CA ARG D 93 28.14 -0.28 -17.70
C ARG D 93 26.82 0.04 -18.39
N GLY D 94 26.82 -0.01 -19.70
CA GLY D 94 25.60 0.32 -20.44
C GLY D 94 24.51 -0.70 -20.15
N ILE D 95 24.83 -1.97 -20.40
CA ILE D 95 23.94 -3.07 -20.09
C ILE D 95 23.63 -3.15 -18.60
N LEU D 96 24.66 -3.00 -17.77
CA LEU D 96 24.44 -3.05 -16.34
C LEU D 96 23.28 -2.14 -15.93
N ARG D 97 23.38 -0.86 -16.28
CA ARG D 97 22.40 0.08 -15.81
C ARG D 97 21.05 -0.20 -16.43
N SER D 98 21.03 -0.60 -17.69
CA SER D 98 19.78 -0.61 -18.45
C SER D 98 18.93 -1.82 -18.16
N VAL D 99 19.54 -3.01 -18.16
CA VAL D 99 18.78 -4.25 -18.09
C VAL D 99 19.18 -5.26 -17.01
N VAL D 100 20.27 -5.00 -16.29
CA VAL D 100 20.56 -5.83 -15.12
C VAL D 100 19.93 -5.21 -13.88
N PRO D 101 18.91 -5.87 -13.30
CA PRO D 101 18.31 -5.30 -12.11
C PRO D 101 19.31 -5.32 -10.93
N PRO D 102 19.44 -4.19 -10.20
CA PRO D 102 20.33 -4.08 -9.03
C PRO D 102 19.99 -5.11 -7.95
N ALA D 103 18.70 -5.49 -7.88
CA ALA D 103 18.26 -6.44 -6.90
C ALA D 103 18.80 -7.83 -7.24
N THR D 104 19.49 -7.97 -8.36
CA THR D 104 20.11 -9.24 -8.68
C THR D 104 21.09 -9.66 -7.57
N ASN D 105 21.57 -8.67 -6.82
CA ASN D 105 22.46 -8.93 -5.71
C ASN D 105 23.61 -9.90 -6.05
N ARG D 106 24.24 -9.71 -7.21
CA ARG D 106 25.35 -10.54 -7.66
C ARG D 106 26.57 -9.64 -7.95
N PRO D 107 27.78 -10.04 -7.55
CA PRO D 107 28.99 -9.25 -7.83
C PRO D 107 29.24 -9.07 -9.32
N VAL D 108 29.70 -7.89 -9.71
CA VAL D 108 29.95 -7.59 -11.15
C VAL D 108 31.40 -7.20 -11.41
N VAL D 109 31.89 -7.58 -12.60
CA VAL D 109 33.18 -7.17 -13.11
C VAL D 109 32.88 -6.40 -14.35
N LEU D 110 33.22 -5.12 -14.38
CA LEU D 110 32.89 -4.27 -15.52
C LEU D 110 33.92 -4.32 -16.65
N ARG D 111 33.43 -4.52 -17.86
CA ARG D 111 34.23 -4.25 -19.05
C ARG D 111 34.60 -2.78 -19.07
N ALA D 112 35.90 -2.50 -19.02
CA ALA D 112 36.35 -1.13 -18.98
C ALA D 112 37.22 -0.77 -20.19
N SER D 113 37.00 -1.43 -21.30
CA SER D 113 37.73 -1.05 -22.50
C SER D 113 36.77 -1.12 -23.70
N GLY D 114 37.14 -0.51 -24.82
CA GLY D 114 36.26 -0.42 -25.98
C GLY D 114 36.79 0.58 -26.99
N ALA D 115 35.88 1.10 -27.82
CA ALA D 115 36.22 2.06 -28.85
C ALA D 115 36.79 1.33 -30.06
N ASN D 116 36.62 0.02 -30.08
CA ASN D 116 36.90 -0.79 -31.25
C ASN D 116 35.62 -1.42 -31.82
N SER D 117 35.71 -2.12 -32.94
CA SER D 117 34.52 -2.77 -33.51
C SER D 117 34.95 -3.84 -34.51
N ILE D 118 34.03 -4.74 -34.84
CA ILE D 118 34.33 -5.75 -35.84
C ILE D 118 34.56 -5.16 -37.25
N LEU D 119 34.27 -3.89 -37.45
CA LEU D 119 34.50 -3.28 -38.77
C LEU D 119 35.87 -2.64 -38.90
N ALA D 120 36.68 -2.66 -37.82
CA ALA D 120 38.02 -2.05 -37.88
C ALA D 120 39.08 -2.90 -37.21
N GLU D 121 40.24 -2.30 -36.92
CA GLU D 121 41.29 -3.00 -36.18
C GLU D 121 40.84 -3.43 -34.78
N LEU D 122 40.86 -4.74 -34.53
CA LEU D 122 40.32 -5.28 -33.30
C LEU D 122 41.12 -4.81 -32.06
N SER D 123 42.42 -4.65 -32.21
CA SER D 123 43.25 -4.30 -31.07
C SER D 123 43.25 -2.80 -30.76
N ASN D 124 42.43 -2.02 -31.45
CA ASN D 124 42.41 -0.58 -31.22
C ASN D 124 41.44 -0.15 -30.08
N GLU D 125 41.82 -0.44 -28.83
CA GLU D 125 40.92 -0.22 -27.69
C GLU D 125 41.38 0.90 -26.78
N ALA D 126 40.43 1.67 -26.26
CA ALA D 126 40.71 2.69 -25.26
C ALA D 126 40.06 2.32 -23.92
N VAL D 127 40.43 2.98 -22.83
CA VAL D 127 39.73 2.76 -21.59
C VAL D 127 38.31 3.29 -21.76
N ALA D 128 37.33 2.46 -21.42
CA ALA D 128 35.92 2.77 -21.76
C ALA D 128 35.09 3.26 -20.57
N LEU D 129 35.65 3.23 -19.36
CA LEU D 129 34.95 3.86 -18.24
C LEU D 129 35.90 4.33 -17.13
N SER D 130 35.61 5.48 -16.54
CA SER D 130 36.48 6.02 -15.51
C SER D 130 36.36 5.22 -14.19
N MET D 131 37.44 5.15 -13.42
CA MET D 131 37.42 4.41 -12.16
C MET D 131 36.33 5.02 -11.31
N ASP D 132 36.19 6.34 -11.40
CA ASP D 132 35.16 7.07 -10.75
C ASP D 132 33.79 6.37 -10.92
N ASP D 133 33.41 6.05 -12.14
CA ASP D 133 32.13 5.43 -12.37
C ASP D 133 32.11 3.96 -11.99
N ALA D 134 33.28 3.32 -11.94
CA ALA D 134 33.35 1.90 -11.56
C ALA D 134 32.99 1.83 -10.08
N VAL D 135 33.55 2.77 -9.30
CA VAL D 135 33.23 2.87 -7.89
C VAL D 135 31.78 3.25 -7.71
N ARG D 136 31.27 4.14 -8.54
CA ARG D 136 29.88 4.54 -8.41
C ARG D 136 28.95 3.35 -8.60
N LEU D 137 29.37 2.41 -9.43
CA LEU D 137 28.56 1.24 -9.76
C LEU D 137 28.82 0.05 -8.82
N ASN D 138 29.67 0.26 -7.80
CA ASN D 138 29.96 -0.78 -6.84
C ASN D 138 30.58 -2.02 -7.45
N SER D 139 31.46 -1.85 -8.41
CA SER D 139 32.15 -2.98 -9.02
C SER D 139 33.04 -3.76 -8.08
N CYS D 140 33.22 -5.05 -8.39
CA CYS D 140 34.23 -5.85 -7.75
C CYS D 140 35.58 -5.78 -8.51
N ALA D 141 35.54 -5.44 -9.79
CA ALA D 141 36.77 -5.31 -10.60
C ALA D 141 36.49 -4.64 -11.93
N VAL D 142 37.56 -4.20 -12.58
CA VAL D 142 37.44 -3.61 -13.91
C VAL D 142 38.30 -4.43 -14.83
N ALA D 143 37.83 -4.64 -16.05
CA ALA D 143 38.55 -5.52 -16.97
C ALA D 143 38.89 -4.77 -18.28
N ALA D 144 40.06 -5.07 -18.87
CA ALA D 144 40.44 -4.51 -20.18
C ALA D 144 41.25 -5.53 -20.95
N GLN D 145 41.30 -5.39 -22.27
CA GLN D 145 42.04 -6.34 -23.09
C GLN D 145 43.47 -5.92 -23.24
N VAL D 146 44.36 -6.90 -23.26
CA VAL D 146 45.71 -6.67 -23.69
C VAL D 146 45.94 -7.47 -25.03
N TYR D 147 46.50 -6.83 -26.05
CA TYR D 147 46.69 -7.46 -27.35
C TYR D 147 48.17 -7.63 -27.73
N ILE D 148 48.88 -8.49 -27.01
CA ILE D 148 50.29 -8.74 -27.32
C ILE D 148 50.41 -9.24 -28.75
N GLY D 149 51.27 -8.60 -29.54
CA GLY D 149 51.51 -9.05 -30.87
C GLY D 149 50.64 -8.36 -31.88
N SER D 150 49.63 -7.61 -31.45
CA SER D 150 48.76 -6.91 -32.40
C SER D 150 49.25 -5.53 -32.64
N GLU D 151 48.59 -4.83 -33.55
CA GLU D 151 49.05 -3.51 -33.95
C GLU D 151 49.05 -2.52 -32.79
N TYR D 152 47.99 -2.55 -31.98
CA TYR D 152 47.90 -1.62 -30.87
C TYR D 152 48.32 -2.23 -29.52
N GLU D 153 49.35 -3.07 -29.56
CA GLU D 153 49.81 -3.73 -28.37
C GLU D 153 50.17 -2.75 -27.29
N HIS D 154 51.00 -1.75 -27.65
CA HIS D 154 51.50 -0.75 -26.68
C HIS D 154 50.33 -0.06 -25.94
N GLN D 155 49.33 0.38 -26.70
CA GLN D 155 48.21 1.09 -26.10
C GLN D 155 47.45 0.17 -25.15
N SER D 156 47.20 -1.06 -25.59
CA SER D 156 46.46 -1.99 -24.76
C SER D 156 47.15 -2.20 -23.40
N ILE D 157 48.48 -2.22 -23.40
CA ILE D 157 49.18 -2.36 -22.12
C ILE D 157 49.06 -1.07 -21.30
N LYS D 158 49.16 0.08 -21.94
CA LYS D 158 48.92 1.30 -21.22
C LYS D 158 47.52 1.34 -20.58
N ASN D 159 46.54 0.76 -21.26
CA ASN D 159 45.22 0.63 -20.66
C ASN D 159 45.27 -0.11 -19.32
N ILE D 160 46.00 -1.22 -19.26
CA ILE D 160 46.20 -1.93 -18.00
C ILE D 160 46.94 -1.07 -16.96
N ILE D 161 48.00 -0.40 -17.39
CA ILE D 161 48.73 0.48 -16.47
C ILE D 161 47.80 1.54 -15.84
N GLN D 162 46.96 2.11 -16.68
CA GLN D 162 46.11 3.18 -16.19
C GLN D 162 45.03 2.68 -15.22
N LEU D 163 44.47 1.49 -15.49
CA LEU D 163 43.42 0.96 -14.62
C LEU D 163 44.02 0.55 -13.29
N VAL D 164 45.25 0.04 -13.29
CA VAL D 164 45.89 -0.36 -12.03
C VAL D 164 46.26 0.87 -11.20
N ASP D 165 46.86 1.87 -11.82
CA ASP D 165 47.17 3.11 -11.12
C ASP D 165 45.92 3.65 -10.41
N ALA D 166 44.82 3.65 -11.15
CA ALA D 166 43.56 4.20 -10.64
C ALA D 166 42.90 3.27 -9.61
N GLY D 167 42.98 1.97 -9.83
CA GLY D 167 42.38 1.00 -8.93
C GLY D 167 43.12 0.93 -7.60
N MET D 168 44.43 1.18 -7.61
CA MET D 168 45.18 1.11 -6.35
C MET D 168 44.80 2.19 -5.34
N LYS D 169 44.34 3.35 -5.85
CA LYS D 169 43.92 4.45 -4.99
C LYS D 169 42.64 4.07 -4.28
N VAL D 170 41.93 3.10 -4.81
CA VAL D 170 40.53 2.91 -4.45
C VAL D 170 40.25 1.48 -3.99
N GLY D 171 41.18 0.57 -4.25
CA GLY D 171 41.06 -0.78 -3.74
C GLY D 171 40.24 -1.62 -4.70
N MET D 172 40.27 -1.21 -5.98
CA MET D 172 39.58 -1.91 -7.08
C MET D 172 40.57 -2.74 -7.86
N PRO D 173 40.40 -4.07 -7.86
CA PRO D 173 41.20 -4.99 -8.66
C PRO D 173 41.02 -4.79 -10.18
N THR D 174 42.09 -5.04 -10.93
CA THR D 174 42.02 -4.99 -12.38
C THR D 174 42.22 -6.37 -13.02
N MET D 175 41.35 -6.73 -13.97
CA MET D 175 41.50 -8.00 -14.66
C MET D 175 42.00 -7.76 -16.07
N ALA D 176 43.12 -8.36 -16.43
CA ALA D 176 43.67 -8.20 -17.77
C ALA D 176 43.31 -9.43 -18.59
N VAL D 177 42.73 -9.20 -19.76
CA VAL D 177 42.28 -10.28 -20.63
C VAL D 177 43.17 -10.40 -21.88
N THR D 178 43.71 -11.58 -22.13
CA THR D 178 44.64 -11.76 -23.26
C THR D 178 43.89 -11.96 -24.58
N GLY D 179 43.71 -10.89 -25.33
CA GLY D 179 42.99 -10.97 -26.61
C GLY D 179 43.94 -11.30 -27.74
N VAL D 180 43.47 -12.07 -28.71
CA VAL D 180 44.37 -12.56 -29.76
C VAL D 180 44.19 -11.95 -31.16
N VAL D 185 48.25 -17.48 -33.75
CA VAL D 185 48.54 -18.83 -33.24
C VAL D 185 48.54 -18.87 -31.72
N ARG D 186 47.74 -19.76 -31.16
CA ARG D 186 47.47 -19.76 -29.73
C ARG D 186 48.14 -20.94 -29.04
N ASP D 187 49.45 -20.83 -28.80
CA ASP D 187 50.15 -21.87 -28.08
C ASP D 187 50.57 -21.45 -26.67
N GLN D 188 51.19 -22.38 -25.96
CA GLN D 188 51.61 -22.13 -24.59
C GLN D 188 52.60 -20.96 -24.50
N ARG D 189 53.64 -20.95 -25.33
CA ARG D 189 54.67 -19.93 -25.20
C ARG D 189 54.11 -18.52 -25.39
N TYR D 190 53.08 -18.42 -26.21
CA TYR D 190 52.46 -17.13 -26.45
C TYR D 190 51.67 -16.63 -25.24
N PHE D 191 50.73 -17.44 -24.76
CA PHE D 191 49.94 -17.09 -23.59
C PHE D 191 50.78 -16.96 -22.32
N SER D 192 51.88 -17.68 -22.22
CA SER D 192 52.79 -17.41 -21.13
C SER D 192 53.30 -15.97 -21.19
N LEU D 193 53.71 -15.55 -22.37
CA LEU D 193 54.19 -14.18 -22.55
C LEU D 193 53.11 -13.18 -22.17
N ALA D 194 51.92 -13.33 -22.74
CA ALA D 194 50.85 -12.34 -22.54
C ALA D 194 50.40 -12.28 -21.09
N THR D 195 50.16 -13.44 -20.49
CA THR D 195 49.68 -13.45 -19.11
C THR D 195 50.72 -12.92 -18.14
N ARG D 196 51.96 -13.34 -18.31
CA ARG D 196 53.02 -12.89 -17.40
C ARG D 196 53.28 -11.36 -17.45
N ILE D 197 53.33 -10.80 -18.66
CA ILE D 197 53.47 -9.34 -18.79
C ILE D 197 52.35 -8.57 -18.09
N ALA D 198 51.11 -9.02 -18.25
CA ALA D 198 49.95 -8.35 -17.66
C ALA D 198 50.07 -8.40 -16.15
N ALA D 199 50.42 -9.58 -15.64
CA ALA D 199 50.53 -9.77 -14.21
C ALA D 199 51.66 -8.89 -13.69
N GLU D 200 52.73 -8.88 -14.45
CA GLU D 200 53.90 -8.14 -14.07
C GLU D 200 53.58 -6.63 -13.98
N MET D 201 52.69 -6.16 -14.83
CA MET D 201 52.33 -4.74 -14.83
C MET D 201 51.49 -4.38 -13.63
N GLY D 202 50.79 -5.37 -13.08
CA GLY D 202 50.00 -5.11 -11.89
C GLY D 202 48.61 -5.72 -11.85
N ALA D 203 48.13 -6.26 -12.94
CA ALA D 203 46.78 -6.87 -12.90
C ALA D 203 46.70 -7.96 -11.83
N GLN D 204 45.59 -7.98 -11.08
CA GLN D 204 45.40 -8.96 -10.02
C GLN D 204 44.67 -10.17 -10.53
N ILE D 205 43.89 -10.04 -11.59
CA ILE D 205 43.31 -11.23 -12.18
C ILE D 205 43.66 -11.31 -13.66
N ILE D 206 43.96 -12.50 -14.16
CA ILE D 206 44.27 -12.66 -15.58
C ILE D 206 43.30 -13.64 -16.19
N LYS D 207 42.75 -13.26 -17.35
CA LYS D 207 41.87 -14.17 -18.06
C LYS D 207 42.44 -14.51 -19.41
N THR D 208 42.57 -15.80 -19.70
CA THR D 208 43.23 -16.27 -20.92
C THR D 208 42.45 -17.45 -21.50
N TYR D 209 43.01 -18.09 -22.54
CA TYR D 209 42.36 -19.23 -23.18
C TYR D 209 43.02 -20.53 -22.77
N TYR D 210 42.24 -21.61 -22.79
CA TYR D 210 42.79 -22.93 -22.48
C TYR D 210 43.58 -23.46 -23.68
N VAL D 211 44.68 -24.12 -23.42
CA VAL D 211 45.46 -24.69 -24.49
C VAL D 211 45.62 -26.21 -24.39
N GLU D 212 45.59 -26.88 -25.54
CA GLU D 212 45.67 -28.34 -25.63
C GLU D 212 46.83 -28.87 -24.82
N LYS D 213 48.00 -28.26 -24.96
CA LYS D 213 49.12 -28.72 -24.16
C LYS D 213 49.99 -27.57 -23.69
N GLY D 214 50.45 -27.68 -22.44
CA GLY D 214 51.28 -26.64 -21.85
C GLY D 214 50.54 -25.75 -20.86
N PHE D 215 49.21 -25.88 -20.77
CA PHE D 215 48.43 -24.97 -19.93
C PHE D 215 48.98 -24.87 -18.52
N GLU D 216 49.40 -26.00 -17.98
CA GLU D 216 49.93 -26.04 -16.63
C GLU D 216 51.04 -25.03 -16.44
N ARG D 217 51.82 -24.82 -17.49
CA ARG D 217 52.96 -23.92 -17.45
C ARG D 217 52.51 -22.46 -17.44
N ILE D 218 51.38 -22.20 -18.09
CA ILE D 218 50.80 -20.87 -18.06
C ILE D 218 50.38 -20.50 -16.65
N VAL D 219 49.71 -21.42 -15.97
CA VAL D 219 49.33 -21.19 -14.59
C VAL D 219 50.56 -21.05 -13.69
N ALA D 220 51.50 -21.96 -13.81
CA ALA D 220 52.61 -21.94 -12.88
C ALA D 220 53.45 -20.68 -13.05
N GLY D 221 53.49 -20.12 -14.25
CA GLY D 221 54.31 -18.95 -14.51
C GLY D 221 53.62 -17.63 -14.19
N CYS D 222 52.34 -17.71 -13.86
CA CYS D 222 51.58 -16.52 -13.55
C CYS D 222 51.37 -16.38 -12.02
N PRO D 223 51.79 -15.25 -11.44
CA PRO D 223 51.75 -15.10 -9.98
C PRO D 223 50.36 -14.84 -9.39
N VAL D 224 49.35 -14.60 -10.23
CA VAL D 224 48.00 -14.34 -9.74
C VAL D 224 46.99 -15.30 -10.36
N PRO D 225 45.75 -15.25 -9.87
CA PRO D 225 44.70 -16.17 -10.31
C PRO D 225 44.40 -16.10 -11.80
N ILE D 226 44.26 -17.26 -12.45
CA ILE D 226 43.92 -17.30 -13.86
C ILE D 226 42.53 -17.82 -14.11
N VAL D 227 41.85 -17.19 -15.06
CA VAL D 227 40.50 -17.60 -15.40
C VAL D 227 40.46 -17.88 -16.90
N ILE D 228 39.78 -18.95 -17.32
CA ILE D 228 39.72 -19.23 -18.77
C ILE D 228 38.41 -18.76 -19.42
N ALA D 229 38.53 -18.26 -20.64
CA ALA D 229 37.39 -17.91 -21.43
C ALA D 229 36.71 -19.17 -21.98
N GLY D 230 35.39 -19.10 -22.11
CA GLY D 230 34.63 -20.19 -22.71
C GLY D 230 35.02 -20.51 -24.14
N GLY D 231 35.31 -19.49 -24.94
CA GLY D 231 35.64 -19.71 -26.36
C GLY D 231 34.39 -20.01 -27.19
N LYS D 232 34.58 -20.33 -28.48
CA LYS D 232 33.43 -20.56 -29.38
C LYS D 232 32.58 -21.74 -28.92
N LYS D 233 31.32 -21.78 -29.35
CA LYS D 233 30.40 -22.83 -28.93
C LYS D 233 30.92 -24.20 -29.23
N LEU D 234 30.79 -25.10 -28.26
CA LEU D 234 31.17 -26.49 -28.44
C LEU D 234 30.02 -27.38 -27.99
N PRO D 235 30.04 -28.65 -28.37
CA PRO D 235 29.10 -29.55 -27.73
C PRO D 235 29.27 -29.48 -26.21
N GLU D 236 28.15 -29.42 -25.50
CA GLU D 236 28.16 -29.31 -24.04
C GLU D 236 29.16 -30.25 -23.38
N ARG D 237 29.23 -31.49 -23.84
CA ARG D 237 30.13 -32.45 -23.21
C ARG D 237 31.58 -31.99 -23.34
N GLU D 238 31.92 -31.45 -24.50
CA GLU D 238 33.29 -31.04 -24.76
C GLU D 238 33.68 -29.78 -24.00
N ALA D 239 32.72 -28.87 -23.89
CA ALA D 239 32.90 -27.64 -23.08
C ALA D 239 33.21 -28.01 -21.62
N LEU D 240 32.48 -28.99 -21.08
CA LEU D 240 32.73 -29.43 -19.72
C LEU D 240 34.10 -30.07 -19.58
N GLU D 241 34.52 -30.83 -20.59
CA GLU D 241 35.85 -31.43 -20.58
C GLU D 241 36.94 -30.36 -20.48
N MET D 242 36.75 -29.29 -21.26
CA MET D 242 37.67 -28.16 -21.25
C MET D 242 37.79 -27.57 -19.85
N CYS D 243 36.64 -27.29 -19.24
CA CYS D 243 36.63 -26.79 -17.88
C CYS D 243 37.36 -27.72 -16.92
N TRP D 244 37.06 -29.01 -17.03
CA TRP D 244 37.67 -29.97 -16.12
C TRP D 244 39.19 -29.94 -16.27
N GLN D 245 39.66 -29.95 -17.51
CA GLN D 245 41.10 -29.88 -17.74
C GLN D 245 41.70 -28.61 -17.14
N ALA D 246 41.09 -27.47 -17.47
CA ALA D 246 41.59 -26.22 -17.01
C ALA D 246 41.71 -26.23 -15.49
N ILE D 247 40.62 -26.55 -14.81
CA ILE D 247 40.63 -26.57 -13.33
C ILE D 247 41.68 -27.56 -12.81
N ASP D 248 41.65 -28.76 -13.38
CA ASP D 248 42.59 -29.78 -12.98
C ASP D 248 44.04 -29.30 -13.11
N GLN D 249 44.31 -28.48 -14.10
CA GLN D 249 45.67 -27.98 -14.30
C GLN D 249 45.97 -26.65 -13.63
N GLY D 250 45.04 -26.15 -12.79
CA GLY D 250 45.35 -25.01 -11.92
C GLY D 250 44.64 -23.70 -12.15
N ALA D 251 43.71 -23.66 -13.09
CA ALA D 251 42.88 -22.48 -13.27
C ALA D 251 42.06 -22.17 -12.01
N SER D 252 41.80 -20.89 -11.77
CA SER D 252 40.99 -20.47 -10.62
C SER D 252 39.52 -20.26 -10.96
N GLY D 253 39.11 -20.68 -12.15
CA GLY D 253 37.70 -20.58 -12.52
C GLY D 253 37.52 -20.33 -14.01
N VAL D 254 36.28 -20.24 -14.45
CA VAL D 254 36.03 -19.99 -15.85
C VAL D 254 35.17 -18.76 -16.03
N ASP D 255 35.30 -18.13 -17.19
CA ASP D 255 34.48 -16.99 -17.56
C ASP D 255 33.68 -17.31 -18.82
N MET D 256 32.67 -18.18 -18.68
CA MET D 256 31.84 -18.65 -19.80
C MET D 256 30.90 -17.59 -20.36
N GLY D 257 30.69 -17.64 -21.67
CA GLY D 257 29.70 -16.80 -22.33
C GLY D 257 28.87 -17.67 -23.25
N ARG D 258 29.41 -17.93 -24.45
CA ARG D 258 28.66 -18.60 -25.51
C ARG D 258 28.30 -20.01 -25.14
N ASN D 259 29.21 -20.73 -24.49
CA ASN D 259 28.92 -22.14 -24.17
C ASN D 259 27.81 -22.28 -23.14
N ILE D 260 27.30 -21.14 -22.68
CA ILE D 260 26.20 -21.18 -21.75
C ILE D 260 25.01 -20.58 -22.42
N PHE D 261 25.12 -19.33 -22.85
CA PHE D 261 23.93 -18.66 -23.39
C PHE D 261 23.53 -19.10 -24.79
N GLN D 262 24.41 -19.86 -25.44
CA GLN D 262 24.06 -20.43 -26.74
C GLN D 262 23.67 -21.88 -26.63
N SER D 263 23.49 -22.35 -25.42
CA SER D 263 23.09 -23.73 -25.18
C SER D 263 21.58 -23.81 -25.20
N ASP D 264 21.03 -24.97 -25.49
CA ASP D 264 19.59 -25.16 -25.44
C ASP D 264 19.13 -25.24 -23.99
N HIS D 265 20.07 -25.43 -23.08
CA HIS D 265 19.75 -25.61 -21.66
C HIS D 265 20.75 -24.86 -20.82
N PRO D 266 20.67 -23.52 -20.86
CA PRO D 266 21.65 -22.68 -20.19
C PRO D 266 21.76 -23.02 -18.71
N VAL D 267 20.63 -22.98 -18.00
CA VAL D 267 20.64 -23.18 -16.55
C VAL D 267 21.27 -24.52 -16.18
N ALA D 268 20.87 -25.57 -16.89
CA ALA D 268 21.46 -26.88 -16.71
C ALA D 268 22.97 -26.84 -16.89
N MET D 269 23.42 -26.26 -18.00
CA MET D 269 24.85 -26.14 -18.30
C MET D 269 25.64 -25.45 -17.16
N MET D 270 25.07 -24.37 -16.65
CA MET D 270 25.69 -23.65 -15.57
C MET D 270 25.86 -24.52 -14.35
N LYS D 271 24.80 -25.27 -13.98
CA LYS D 271 24.91 -26.13 -12.80
C LYS D 271 26.03 -27.14 -13.00
N ALA D 272 26.15 -27.64 -14.23
CA ALA D 272 27.20 -28.58 -14.56
C ALA D 272 28.56 -27.92 -14.32
N VAL D 273 28.75 -26.78 -14.98
CA VAL D 273 29.99 -26.02 -14.83
C VAL D 273 30.35 -25.75 -13.34
N GLN D 274 29.36 -25.40 -12.53
CA GLN D 274 29.57 -25.18 -11.12
C GLN D 274 30.09 -26.44 -10.50
N ALA D 275 29.45 -27.56 -10.83
CA ALA D 275 29.82 -28.86 -10.29
C ALA D 275 31.29 -29.12 -10.54
N VAL D 276 31.74 -28.83 -11.76
CA VAL D 276 33.12 -29.10 -12.16
C VAL D 276 34.12 -28.16 -11.51
N VAL D 277 33.76 -26.89 -11.42
CA VAL D 277 34.65 -25.88 -10.87
C VAL D 277 34.77 -25.89 -9.34
N HIS D 278 33.65 -25.91 -8.62
CA HIS D 278 33.73 -25.86 -7.17
C HIS D 278 33.84 -27.23 -6.47
N HIS D 279 33.28 -28.29 -7.06
CA HIS D 279 33.12 -29.54 -6.34
C HIS D 279 33.94 -30.68 -6.90
N ASN D 280 34.86 -30.37 -7.81
CA ASN D 280 35.73 -31.40 -8.38
C ASN D 280 35.01 -32.52 -9.10
N GLU D 281 33.81 -32.28 -9.59
CA GLU D 281 33.15 -33.28 -10.39
C GLU D 281 33.96 -33.61 -11.63
N THR D 282 33.70 -34.77 -12.20
CA THR D 282 34.32 -35.20 -13.46
C THR D 282 33.49 -34.72 -14.65
N ALA D 283 34.12 -34.66 -15.82
CA ALA D 283 33.41 -34.23 -17.00
C ALA D 283 32.15 -35.07 -17.23
N ASP D 284 32.27 -36.39 -17.09
CA ASP D 284 31.16 -37.32 -17.35
C ASP D 284 30.05 -37.15 -16.33
N ARG D 285 30.42 -37.25 -15.05
CA ARG D 285 29.46 -37.09 -13.99
C ARG D 285 28.67 -35.82 -14.19
N ALA D 286 29.40 -34.74 -14.48
CA ALA D 286 28.79 -33.43 -14.69
C ALA D 286 27.85 -33.45 -15.89
N TYR D 287 28.27 -34.07 -16.97
CA TYR D 287 27.41 -34.16 -18.14
C TYR D 287 26.09 -34.85 -17.81
N GLU D 288 26.12 -35.81 -16.89
CA GLU D 288 24.89 -36.50 -16.47
C GLU D 288 24.02 -35.60 -15.60
N LEU D 289 24.65 -34.72 -14.83
CA LEU D 289 23.94 -33.63 -14.15
C LEU D 289 23.23 -32.72 -15.18
N TYR D 290 23.85 -32.60 -16.35
CA TYR D 290 23.31 -31.79 -17.40
C TYR D 290 22.16 -32.51 -18.10
N LEU D 291 22.27 -33.82 -18.24
CA LEU D 291 21.23 -34.62 -18.90
C LEU D 291 19.99 -34.81 -18.04
N SER D 292 20.12 -34.65 -16.73
CA SER D 292 18.96 -34.69 -15.83
C SER D 292 18.14 -33.39 -15.85
N GLU D 293 18.77 -32.30 -16.27
CA GLU D 293 18.06 -31.06 -16.56
C GLU D 293 18.06 -30.78 -18.08
N GLY E 14 -3.68 15.51 16.99
CA GLY E 14 -4.42 15.83 15.72
C GLY E 14 -3.63 15.56 14.45
N LYS E 15 -2.93 14.42 14.42
CA LYS E 15 -2.13 14.05 13.26
C LYS E 15 -2.61 12.73 12.68
N ASP E 16 -2.53 12.58 11.36
CA ASP E 16 -2.90 11.35 10.70
C ASP E 16 -1.75 10.76 9.88
N PHE E 17 -1.08 9.75 10.43
CA PHE E 17 0.07 9.12 9.75
C PHE E 17 -0.36 8.03 8.81
N ARG E 18 -1.67 7.88 8.66
CA ARG E 18 -2.25 6.80 7.87
C ARG E 18 -1.45 5.49 7.93
N THR E 19 -1.32 4.92 9.13
CA THR E 19 -0.43 3.80 9.32
C THR E 19 -1.03 2.51 8.80
N ASP E 20 -2.24 2.58 8.29
CA ASP E 20 -2.90 1.39 7.77
C ASP E 20 -2.56 1.20 6.31
N GLN E 21 -1.83 2.17 5.77
CA GLN E 21 -1.52 2.19 4.34
C GLN E 21 -0.05 2.39 4.02
N PRO E 22 0.69 1.29 3.81
CA PRO E 22 2.13 1.38 3.71
C PRO E 22 2.55 2.15 2.46
N GLN E 23 3.69 2.83 2.54
CA GLN E 23 4.25 3.60 1.43
C GLN E 23 4.78 2.68 0.35
N LYS E 24 4.49 2.99 -0.91
CA LYS E 24 4.93 2.15 -2.02
C LYS E 24 5.63 2.99 -3.07
N ASN E 25 6.74 2.48 -3.63
CA ASN E 25 7.48 3.19 -4.65
C ASN E 25 6.73 3.22 -5.97
N ILE E 26 6.71 4.38 -6.63
CA ILE E 26 6.13 4.46 -7.99
C ILE E 26 7.18 4.09 -9.05
N PRO E 27 6.87 3.08 -9.89
CA PRO E 27 7.88 2.58 -10.84
C PRO E 27 8.19 3.59 -11.94
N PHE E 28 9.44 3.62 -12.39
CA PHE E 28 9.86 4.48 -13.49
C PHE E 28 9.95 3.57 -14.72
N THR E 29 9.08 3.80 -15.69
CA THR E 29 8.92 2.83 -16.75
C THR E 29 9.71 3.06 -18.02
N LEU E 30 10.36 4.23 -18.17
CA LEU E 30 11.08 4.53 -19.42
C LEU E 30 12.14 3.49 -19.74
N LYS E 31 12.08 2.98 -20.95
CA LYS E 31 12.89 1.84 -21.35
C LYS E 31 14.33 1.94 -20.87
N GLY E 32 14.78 0.99 -20.07
CA GLY E 32 16.17 0.94 -19.70
C GLY E 32 16.67 2.12 -18.89
N CYS E 33 15.79 2.85 -18.24
CA CYS E 33 16.22 3.95 -17.39
C CYS E 33 15.74 3.82 -15.95
N GLY E 34 15.49 2.57 -15.52
CA GLY E 34 14.87 2.33 -14.24
C GLY E 34 15.86 2.21 -13.14
N ALA E 35 17.14 2.48 -13.41
CA ALA E 35 18.15 2.36 -12.36
C ALA E 35 19.10 3.54 -12.38
N LEU E 36 18.54 4.72 -12.57
CA LEU E 36 19.29 5.95 -12.59
C LEU E 36 18.84 6.80 -11.42
N ASP E 37 19.73 7.70 -11.00
CA ASP E 37 19.46 8.67 -9.96
C ASP E 37 18.33 9.67 -10.31
N TRP E 38 17.81 10.31 -9.27
CA TRP E 38 16.63 11.15 -9.45
C TRP E 38 16.85 12.22 -10.50
N GLY E 39 17.97 12.93 -10.39
CA GLY E 39 18.19 14.05 -11.28
C GLY E 39 18.24 13.57 -12.72
N MET E 40 18.84 12.41 -12.96
CA MET E 40 18.99 11.99 -14.34
C MET E 40 17.64 11.54 -14.91
N GLN E 41 16.84 10.92 -14.06
CA GLN E 41 15.54 10.49 -14.51
C GLN E 41 14.70 11.73 -14.72
N SER E 42 14.94 12.75 -13.94
CA SER E 42 14.22 13.99 -14.11
C SER E 42 14.48 14.62 -15.47
N ARG E 43 15.76 14.73 -15.84
CA ARG E 43 16.12 15.27 -17.12
C ARG E 43 15.52 14.46 -18.23
N LEU E 44 15.56 13.14 -18.10
CA LEU E 44 14.98 12.28 -19.15
C LEU E 44 13.47 12.49 -19.29
N SER E 45 12.80 12.75 -18.15
CA SER E 45 11.37 12.97 -18.14
C SER E 45 10.98 14.30 -18.71
N ARG E 46 11.95 15.20 -18.84
CA ARG E 46 11.73 16.45 -19.57
C ARG E 46 11.71 16.20 -21.07
N ILE E 47 12.43 15.17 -21.50
CA ILE E 47 12.56 14.83 -22.90
C ILE E 47 11.46 13.83 -23.31
N PHE E 48 11.29 12.76 -22.53
CA PHE E 48 10.27 11.75 -22.86
C PHE E 48 9.06 11.88 -21.95
N ASN E 49 7.96 12.35 -22.54
CA ASN E 49 6.69 12.48 -21.87
C ASN E 49 6.38 11.26 -21.05
N PRO E 50 6.32 11.43 -19.71
CA PRO E 50 6.06 10.34 -18.76
C PRO E 50 4.81 9.55 -19.10
N LYS E 51 3.76 10.22 -19.60
CA LYS E 51 2.52 9.57 -20.01
C LYS E 51 2.72 8.65 -21.21
N THR E 52 3.19 9.21 -22.33
CA THR E 52 3.30 8.43 -23.54
C THR E 52 4.64 7.75 -23.67
N GLY E 53 5.64 8.26 -22.94
CA GLY E 53 6.99 7.72 -23.02
C GLY E 53 7.74 8.01 -24.29
N LYS E 54 7.32 9.03 -25.02
CA LYS E 54 7.86 9.36 -26.33
C LYS E 54 8.15 10.84 -26.41
N THR E 55 8.76 11.26 -27.51
CA THR E 55 9.19 12.64 -27.66
C THR E 55 9.20 13.10 -29.11
N VAL E 56 8.78 14.34 -29.34
CA VAL E 56 8.95 15.00 -30.64
C VAL E 56 10.05 16.05 -30.52
N MET E 57 11.18 15.81 -31.17
CA MET E 57 12.34 16.63 -30.99
C MET E 57 12.59 17.46 -32.25
N LEU E 58 12.65 18.79 -32.09
CA LEU E 58 12.94 19.68 -33.20
C LEU E 58 14.46 19.94 -33.34
N ALA E 59 15.06 19.42 -34.41
CA ALA E 59 16.51 19.49 -34.59
C ALA E 59 16.93 20.59 -35.56
N PHE E 60 17.80 21.47 -35.10
CA PHE E 60 18.38 22.48 -35.96
C PHE E 60 19.87 22.72 -35.67
N ASP E 61 20.62 21.65 -35.52
CA ASP E 61 22.05 21.78 -35.25
C ASP E 61 22.92 21.62 -36.50
N HIS E 62 22.29 21.30 -37.63
CA HIS E 62 22.99 20.99 -38.87
C HIS E 62 24.15 21.94 -39.20
N GLY E 63 24.01 23.19 -38.81
CA GLY E 63 25.04 24.16 -39.12
C GLY E 63 26.39 23.90 -38.48
N TYR E 64 26.44 23.02 -37.49
CA TYR E 64 27.70 22.82 -36.76
C TYR E 64 28.87 22.39 -37.65
N PHE E 65 28.54 21.75 -38.77
CA PHE E 65 29.57 21.36 -39.72
C PHE E 65 29.18 21.71 -41.15
N GLN E 66 27.97 22.22 -41.36
CA GLN E 66 27.52 22.53 -42.71
C GLN E 66 27.36 24.02 -42.96
N GLY E 67 27.51 24.87 -41.94
CA GLY E 67 27.24 26.30 -42.16
C GLY E 67 25.76 26.55 -42.40
N PRO E 68 25.41 27.66 -43.04
CA PRO E 68 24.02 28.01 -43.28
C PRO E 68 23.40 27.07 -44.30
N THR E 69 22.88 25.96 -43.81
CA THR E 69 22.13 25.01 -44.61
C THR E 69 20.73 25.53 -44.97
N THR E 70 20.16 25.06 -46.08
CA THR E 70 18.85 25.55 -46.52
C THR E 70 17.74 25.38 -45.48
N GLY E 71 17.00 26.46 -45.21
CA GLY E 71 15.93 26.44 -44.22
C GLY E 71 16.40 26.94 -42.86
N LEU E 72 17.73 26.95 -42.67
CA LEU E 72 18.34 27.36 -41.40
C LEU E 72 19.21 28.59 -41.55
N GLU E 73 19.01 29.34 -42.63
CA GLU E 73 19.73 30.59 -42.80
C GLU E 73 19.42 31.53 -41.65
N ARG E 74 18.15 31.60 -41.26
CA ARG E 74 17.72 32.54 -40.24
C ARG E 74 16.90 31.87 -39.15
N ILE E 75 17.57 31.11 -38.29
CA ILE E 75 16.93 30.42 -37.14
C ILE E 75 16.00 31.40 -36.45
N ASP E 76 16.48 32.63 -36.29
CA ASP E 76 15.78 33.64 -35.51
C ASP E 76 14.42 33.98 -36.11
N ILE E 77 14.27 33.77 -37.42
CA ILE E 77 13.04 34.11 -38.07
C ILE E 77 12.20 32.90 -38.41
N ASN E 78 12.79 31.93 -39.09
CA ASN E 78 12.06 30.75 -39.53
C ASN E 78 11.85 29.71 -38.45
N ILE E 79 12.85 29.46 -37.61
CA ILE E 79 12.70 28.42 -36.60
C ILE E 79 12.09 28.94 -35.29
N ALA E 80 12.32 30.21 -34.97
CA ALA E 80 11.79 30.75 -33.74
C ALA E 80 10.35 30.36 -33.49
N PRO E 81 9.43 30.63 -34.45
CA PRO E 81 7.98 30.34 -34.31
C PRO E 81 7.62 28.84 -34.19
N LEU E 82 8.59 27.96 -34.34
CA LEU E 82 8.32 26.54 -34.22
C LEU E 82 8.60 26.01 -32.83
N PHE E 83 9.43 26.71 -32.05
CA PHE E 83 9.87 26.19 -30.75
C PHE E 83 8.71 25.68 -29.93
N GLU E 84 7.71 26.53 -29.71
CA GLU E 84 6.58 26.20 -28.82
C GLU E 84 5.90 24.91 -29.22
N HIS E 85 5.91 24.59 -30.51
CA HIS E 85 5.23 23.38 -30.95
C HIS E 85 6.07 22.13 -30.78
N ALA E 86 7.24 22.24 -30.17
CA ALA E 86 8.12 21.07 -30.01
C ALA E 86 8.22 20.68 -28.56
N ASP E 87 8.51 19.39 -28.32
CA ASP E 87 8.70 18.87 -26.97
C ASP E 87 10.10 19.24 -26.45
N VAL E 88 11.10 19.10 -27.32
CA VAL E 88 12.47 19.47 -26.96
C VAL E 88 13.23 20.03 -28.17
N LEU E 89 14.15 20.98 -27.92
CA LEU E 89 14.94 21.61 -28.96
C LEU E 89 16.30 20.97 -28.99
N MET E 90 16.83 20.75 -30.20
CA MET E 90 18.21 20.33 -30.30
C MET E 90 19.05 21.26 -31.19
N CYS E 91 20.13 21.79 -30.60
CA CYS E 91 20.98 22.71 -31.33
C CYS E 91 22.32 22.84 -30.63
N THR E 92 23.16 23.77 -31.10
CA THR E 92 24.47 23.99 -30.53
C THR E 92 24.37 25.05 -29.48
N ARG E 93 25.42 25.19 -28.68
CA ARG E 93 25.47 26.23 -27.65
C ARG E 93 25.61 27.62 -28.28
N GLY E 94 26.16 27.67 -29.50
CA GLY E 94 26.32 28.95 -30.19
C GLY E 94 24.95 29.53 -30.52
N ILE E 95 24.16 28.73 -31.22
CA ILE E 95 22.84 29.14 -31.60
C ILE E 95 21.97 29.34 -30.36
N LEU E 96 22.10 28.43 -29.38
CA LEU E 96 21.30 28.52 -28.16
C LEU E 96 21.42 29.90 -27.54
N ARG E 97 22.65 30.31 -27.26
CA ARG E 97 22.85 31.56 -26.59
C ARG E 97 22.42 32.74 -27.46
N SER E 98 22.75 32.70 -28.75
CA SER E 98 22.59 33.86 -29.59
C SER E 98 21.15 34.15 -30.01
N VAL E 99 20.40 33.13 -30.45
CA VAL E 99 19.08 33.39 -31.03
C VAL E 99 17.88 32.58 -30.47
N VAL E 100 18.12 31.64 -29.57
CA VAL E 100 17.03 30.96 -28.88
C VAL E 100 16.75 31.73 -27.59
N PRO E 101 15.58 32.37 -27.50
CA PRO E 101 15.24 33.07 -26.26
C PRO E 101 15.03 32.10 -25.10
N PRO E 102 15.70 32.37 -23.94
CA PRO E 102 15.58 31.53 -22.76
C PRO E 102 14.12 31.36 -22.34
N ALA E 103 13.32 32.40 -22.60
CA ALA E 103 11.91 32.40 -22.19
C ALA E 103 11.15 31.39 -23.02
N THR E 104 11.81 30.79 -23.99
CA THR E 104 11.17 29.75 -24.76
C THR E 104 10.69 28.63 -23.85
N ASN E 105 11.28 28.51 -22.66
CA ASN E 105 10.89 27.51 -21.68
C ASN E 105 10.66 26.12 -22.29
N ARG E 106 11.62 25.66 -23.08
CA ARG E 106 11.51 24.36 -23.71
C ARG E 106 12.80 23.59 -23.45
N PRO E 107 12.75 22.29 -23.11
CA PRO E 107 13.97 21.52 -22.79
C PRO E 107 14.90 21.44 -23.98
N VAL E 108 16.21 21.55 -23.76
CA VAL E 108 17.18 21.45 -24.89
C VAL E 108 18.12 20.23 -24.80
N VAL E 109 18.51 19.71 -25.96
CA VAL E 109 19.60 18.74 -25.98
C VAL E 109 20.74 19.37 -26.79
N LEU E 110 21.90 19.56 -26.15
CA LEU E 110 23.01 20.24 -26.81
C LEU E 110 23.87 19.36 -27.73
N ARG E 111 24.12 19.81 -28.95
CA ARG E 111 25.11 19.19 -29.80
C ARG E 111 26.43 19.39 -29.13
N ALA E 112 27.11 18.30 -28.78
CA ALA E 112 28.37 18.40 -28.05
C ALA E 112 29.54 17.80 -28.85
N SER E 113 29.42 17.75 -30.17
CA SER E 113 30.57 17.34 -30.97
C SER E 113 30.75 18.28 -32.17
N GLY E 114 31.90 18.22 -32.83
CA GLY E 114 32.15 19.13 -33.93
C GLY E 114 33.59 19.09 -34.34
N ALA E 115 34.04 20.16 -34.97
CA ALA E 115 35.45 20.31 -35.39
C ALA E 115 35.66 19.61 -36.71
N ASN E 116 34.53 19.24 -37.35
CA ASN E 116 34.52 18.71 -38.71
C ASN E 116 33.83 19.69 -39.65
N SER E 117 33.89 19.45 -40.94
CA SER E 117 33.15 20.29 -41.89
C SER E 117 32.84 19.52 -43.19
N ILE E 118 31.96 20.06 -44.02
CA ILE E 118 31.71 19.43 -45.29
C ILE E 118 32.87 19.56 -46.27
N LEU E 119 33.92 20.26 -45.89
CA LEU E 119 35.07 20.33 -46.75
C LEU E 119 36.13 19.31 -46.38
N ALA E 120 35.93 18.52 -45.33
CA ALA E 120 36.94 17.51 -44.97
C ALA E 120 36.33 16.16 -44.59
N GLU E 121 37.10 15.33 -43.90
CA GLU E 121 36.57 14.05 -43.47
C GLU E 121 35.42 14.24 -42.46
N LEU E 122 34.25 13.74 -42.81
CA LEU E 122 33.06 13.96 -42.03
C LEU E 122 33.14 13.35 -40.64
N SER E 123 33.81 12.23 -40.51
CA SER E 123 33.89 11.51 -39.22
C SER E 123 34.96 12.03 -38.28
N ASN E 124 35.64 13.11 -38.64
CA ASN E 124 36.68 13.64 -37.77
C ASN E 124 36.18 14.65 -36.73
N GLU E 125 35.42 14.18 -35.75
CA GLU E 125 34.76 15.05 -34.75
C GLU E 125 35.42 14.98 -33.39
N ALA E 126 35.41 16.10 -32.68
CA ALA E 126 35.92 16.16 -31.31
C ALA E 126 34.81 16.61 -30.37
N VAL E 127 34.98 16.44 -29.07
CA VAL E 127 33.94 16.93 -28.16
C VAL E 127 33.92 18.45 -28.28
N ALA E 128 32.75 19.00 -28.50
CA ALA E 128 32.64 20.40 -28.85
C ALA E 128 32.21 21.33 -27.70
N LEU E 129 31.86 20.78 -26.54
CA LEU E 129 31.58 21.63 -25.38
C LEU E 129 31.78 20.85 -24.07
N SER E 130 32.32 21.52 -23.06
CA SER E 130 32.55 20.89 -21.76
C SER E 130 31.25 20.62 -20.99
N MET E 131 31.24 19.54 -20.21
CA MET E 131 30.11 19.20 -19.39
C MET E 131 29.84 20.40 -18.49
N ASP E 132 30.91 21.06 -18.07
CA ASP E 132 30.82 22.27 -17.30
C ASP E 132 29.81 23.23 -17.91
N ASP E 133 30.01 23.57 -19.17
CA ASP E 133 29.14 24.50 -19.85
C ASP E 133 27.75 23.91 -20.16
N ALA E 134 27.65 22.59 -20.32
CA ALA E 134 26.33 21.94 -20.52
C ALA E 134 25.44 22.13 -19.28
N VAL E 135 26.04 21.97 -18.10
CA VAL E 135 25.32 22.24 -16.87
C VAL E 135 24.98 23.76 -16.77
N ARG E 136 25.92 24.62 -17.18
CA ARG E 136 25.74 26.05 -17.10
C ARG E 136 24.54 26.44 -17.92
N LEU E 137 24.32 25.71 -18.99
CA LEU E 137 23.23 26.00 -19.90
C LEU E 137 21.93 25.25 -19.55
N ASN E 138 21.95 24.49 -18.45
CA ASN E 138 20.75 23.80 -18.00
C ASN E 138 20.25 22.77 -19.03
N SER E 139 21.15 22.08 -19.71
CA SER E 139 20.75 21.05 -20.65
C SER E 139 20.02 19.89 -20.02
N CYS E 140 19.20 19.21 -20.82
CA CYS E 140 18.63 17.94 -20.44
C CYS E 140 19.48 16.78 -20.92
N ALA E 141 20.40 17.03 -21.87
CA ALA E 141 21.29 15.98 -22.40
C ALA E 141 22.33 16.56 -23.33
N VAL E 142 23.37 15.77 -23.56
CA VAL E 142 24.40 16.17 -24.49
C VAL E 142 24.49 15.11 -25.59
N ALA E 143 24.75 15.55 -26.82
CA ALA E 143 24.72 14.63 -27.94
C ALA E 143 26.04 14.65 -28.72
N ALA E 144 26.50 13.47 -29.16
CA ALA E 144 27.69 13.36 -30.01
C ALA E 144 27.50 12.26 -31.05
N GLN E 145 28.25 12.36 -32.16
CA GLN E 145 28.14 11.40 -33.24
C GLN E 145 29.09 10.24 -33.03
N VAL E 146 28.61 9.07 -33.36
CA VAL E 146 29.47 7.92 -33.44
C VAL E 146 29.51 7.49 -34.92
N TYR E 147 30.71 7.21 -35.44
CA TYR E 147 30.89 6.85 -36.86
C TYR E 147 31.47 5.45 -37.08
N ILE E 148 30.68 4.43 -36.76
CA ILE E 148 31.09 3.06 -36.96
C ILE E 148 31.32 2.84 -38.43
N GLY E 149 32.51 2.32 -38.75
CA GLY E 149 32.88 2.02 -40.11
C GLY E 149 33.63 3.14 -40.82
N SER E 150 33.68 4.32 -40.22
CA SER E 150 34.40 5.44 -40.86
C SER E 150 35.81 5.50 -40.34
N GLU E 151 36.56 6.42 -40.91
CA GLU E 151 37.99 6.49 -40.63
C GLU E 151 38.27 6.86 -39.20
N TYR E 152 37.47 7.74 -38.61
CA TYR E 152 37.68 8.16 -37.23
C TYR E 152 36.73 7.48 -36.26
N GLU E 153 36.42 6.22 -36.55
CA GLU E 153 35.49 5.48 -35.71
C GLU E 153 35.92 5.49 -34.24
N HIS E 154 37.15 5.07 -33.98
CA HIS E 154 37.72 4.98 -32.64
C HIS E 154 37.49 6.27 -31.82
N GLN E 155 37.85 7.41 -32.42
CA GLN E 155 37.75 8.71 -31.76
C GLN E 155 36.32 9.03 -31.46
N SER E 156 35.44 8.76 -32.42
CA SER E 156 34.04 9.06 -32.20
C SER E 156 33.54 8.30 -30.97
N ILE E 157 33.99 7.06 -30.79
CA ILE E 157 33.50 6.28 -29.65
C ILE E 157 34.08 6.82 -28.36
N LYS E 158 35.33 7.25 -28.41
CA LYS E 158 35.93 7.91 -27.25
C LYS E 158 35.17 9.16 -26.82
N ASN E 159 34.63 9.90 -27.78
CA ASN E 159 33.79 11.05 -27.49
C ASN E 159 32.55 10.64 -26.68
N ILE E 160 31.97 9.48 -26.99
CA ILE E 160 30.85 8.99 -26.18
C ILE E 160 31.34 8.58 -24.78
N ILE E 161 32.46 7.87 -24.73
CA ILE E 161 33.04 7.51 -23.46
C ILE E 161 33.31 8.71 -22.58
N GLN E 162 33.81 9.78 -23.18
CA GLN E 162 34.12 10.96 -22.41
C GLN E 162 32.88 11.66 -21.88
N LEU E 163 31.87 11.80 -22.73
CA LEU E 163 30.65 12.47 -22.30
C LEU E 163 29.93 11.68 -21.20
N VAL E 164 29.92 10.34 -21.29
CA VAL E 164 29.26 9.50 -20.28
C VAL E 164 29.98 9.58 -18.95
N ASP E 165 31.30 9.37 -18.96
CA ASP E 165 32.11 9.63 -17.74
C ASP E 165 31.76 10.95 -17.11
N ALA E 166 31.77 12.02 -17.90
CA ALA E 166 31.48 13.32 -17.33
C ALA E 166 30.02 13.47 -16.89
N GLY E 167 29.07 12.96 -17.68
CA GLY E 167 27.65 13.11 -17.37
C GLY E 167 27.22 12.35 -16.12
N MET E 168 27.89 11.26 -15.79
CA MET E 168 27.50 10.50 -14.64
C MET E 168 27.85 11.22 -13.37
N LYS E 169 28.89 12.05 -13.37
CA LYS E 169 29.21 12.82 -12.18
C LYS E 169 28.11 13.85 -11.85
N VAL E 170 27.31 14.18 -12.84
CA VAL E 170 26.48 15.36 -12.80
C VAL E 170 25.01 15.05 -13.07
N GLY E 171 24.71 13.84 -13.59
CA GLY E 171 23.33 13.40 -13.77
C GLY E 171 22.84 13.89 -15.11
N MET E 172 23.77 14.12 -16.05
CA MET E 172 23.43 14.50 -17.41
C MET E 172 23.48 13.30 -18.34
N PRO E 173 22.33 12.94 -18.96
CA PRO E 173 22.21 11.91 -19.98
C PRO E 173 22.98 12.25 -21.24
N THR E 174 23.50 11.22 -21.91
CA THR E 174 24.22 11.38 -23.15
C THR E 174 23.46 10.70 -24.26
N MET E 175 23.31 11.40 -25.37
CA MET E 175 22.68 10.82 -26.57
C MET E 175 23.70 10.54 -27.67
N ALA E 176 23.80 9.28 -28.10
CA ALA E 176 24.75 8.86 -29.14
C ALA E 176 24.02 8.80 -30.45
N VAL E 177 24.54 9.50 -31.45
CA VAL E 177 23.91 9.52 -32.78
C VAL E 177 24.71 8.71 -33.81
N THR E 178 24.08 7.74 -34.46
CA THR E 178 24.77 6.86 -35.41
C THR E 178 24.91 7.57 -36.78
N GLY E 179 26.06 8.20 -37.03
CA GLY E 179 26.25 8.91 -38.29
C GLY E 179 26.91 8.03 -39.30
N VAL E 180 26.56 8.18 -40.58
CA VAL E 180 26.98 7.20 -41.60
C VAL E 180 28.01 7.71 -42.61
N VAL E 185 26.17 1.95 -46.87
CA VAL E 185 24.98 1.12 -46.89
C VAL E 185 24.28 1.12 -45.52
N ARG E 186 23.00 1.45 -45.53
CA ARG E 186 22.29 1.59 -44.30
C ARG E 186 21.31 0.48 -44.13
N ASP E 187 21.74 -0.69 -43.67
CA ASP E 187 20.80 -1.79 -43.41
C ASP E 187 20.64 -2.09 -41.93
N GLN E 188 19.76 -3.03 -41.63
CA GLN E 188 19.48 -3.39 -40.25
C GLN E 188 20.75 -3.87 -39.53
N ARG E 189 21.51 -4.78 -40.14
CA ARG E 189 22.64 -5.36 -39.43
C ARG E 189 23.63 -4.26 -39.07
N TYR E 190 23.75 -3.26 -39.93
CA TYR E 190 24.67 -2.17 -39.64
C TYR E 190 24.24 -1.32 -38.43
N PHE E 191 23.03 -0.77 -38.48
CA PHE E 191 22.53 0.01 -37.37
C PHE E 191 22.39 -0.76 -36.05
N SER E 192 22.16 -2.07 -36.14
CA SER E 192 22.16 -2.89 -34.93
C SER E 192 23.53 -2.80 -34.29
N LEU E 193 24.57 -2.93 -35.09
CA LEU E 193 25.91 -2.83 -34.58
C LEU E 193 26.13 -1.47 -33.94
N ALA E 194 25.82 -0.41 -34.67
CA ALA E 194 26.13 0.94 -34.23
C ALA E 194 25.35 1.31 -32.99
N THR E 195 24.06 1.06 -33.00
CA THR E 195 23.24 1.44 -31.85
C THR E 195 23.62 0.65 -30.61
N ARG E 196 23.87 -0.66 -30.75
CA ARG E 196 24.16 -1.51 -29.59
C ARG E 196 25.49 -1.17 -28.96
N ILE E 197 26.48 -0.88 -29.80
CA ILE E 197 27.79 -0.50 -29.26
C ILE E 197 27.72 0.77 -28.42
N ALA E 198 26.99 1.75 -28.93
CA ALA E 198 26.85 3.01 -28.24
C ALA E 198 26.15 2.81 -26.90
N ALA E 199 25.05 2.05 -26.94
CA ALA E 199 24.29 1.78 -25.72
C ALA E 199 25.21 1.07 -24.72
N GLU E 200 25.95 0.13 -25.25
CA GLU E 200 26.81 -0.69 -24.47
C GLU E 200 27.84 0.20 -23.75
N MET E 201 28.29 1.27 -24.38
CA MET E 201 29.34 2.10 -23.83
C MET E 201 28.79 2.96 -22.73
N GLY E 202 27.49 3.24 -22.79
CA GLY E 202 26.82 3.96 -21.71
C GLY E 202 25.79 5.03 -22.07
N ALA E 203 25.70 5.39 -23.35
CA ALA E 203 24.72 6.40 -23.75
C ALA E 203 23.32 5.99 -23.34
N GLN E 204 22.55 6.93 -22.78
CA GLN E 204 21.18 6.64 -22.33
C GLN E 204 20.15 6.84 -23.44
N ILE E 205 20.47 7.67 -24.44
CA ILE E 205 19.59 7.83 -25.59
C ILE E 205 20.33 7.51 -26.88
N ILE E 206 19.67 6.79 -27.78
CA ILE E 206 20.29 6.49 -29.07
C ILE E 206 19.45 7.04 -30.18
N LYS E 207 20.09 7.78 -31.09
CA LYS E 207 19.38 8.29 -32.25
C LYS E 207 19.95 7.68 -33.55
N THR E 208 19.08 7.05 -34.36
CA THR E 208 19.54 6.37 -35.56
C THR E 208 18.60 6.69 -36.71
N TYR E 209 18.72 5.97 -37.83
CA TYR E 209 17.83 6.15 -38.99
C TYR E 209 16.83 5.04 -39.12
N TYR E 210 15.68 5.32 -39.70
CA TYR E 210 14.67 4.29 -39.94
C TYR E 210 15.07 3.44 -41.12
N VAL E 211 14.74 2.16 -41.11
CA VAL E 211 15.10 1.32 -42.22
C VAL E 211 13.88 0.58 -42.75
N GLU E 212 13.86 0.42 -44.06
CA GLU E 212 12.76 -0.27 -44.75
C GLU E 212 12.37 -1.58 -44.07
N LYS E 213 13.34 -2.43 -43.79
CA LYS E 213 13.02 -3.68 -43.16
C LYS E 213 14.04 -4.03 -42.10
N GLY E 214 13.56 -4.54 -40.97
CA GLY E 214 14.46 -4.95 -39.92
C GLY E 214 14.50 -3.98 -38.77
N PHE E 215 13.86 -2.83 -38.90
CA PHE E 215 13.87 -1.84 -37.85
C PHE E 215 13.48 -2.36 -36.47
N GLU E 216 12.45 -3.20 -36.41
CA GLU E 216 12.03 -3.80 -35.17
C GLU E 216 13.20 -4.44 -34.40
N ARG E 217 14.13 -5.00 -35.14
CA ARG E 217 15.25 -5.70 -34.57
C ARG E 217 16.23 -4.71 -33.98
N ILE E 218 16.30 -3.55 -34.60
CA ILE E 218 17.17 -2.51 -34.07
C ILE E 218 16.70 -2.02 -32.70
N VAL E 219 15.40 -1.77 -32.59
CA VAL E 219 14.81 -1.44 -31.33
C VAL E 219 14.96 -2.56 -30.31
N ALA E 220 14.64 -3.79 -30.71
CA ALA E 220 14.64 -4.88 -29.75
C ALA E 220 16.02 -5.12 -29.20
N GLY E 221 17.03 -4.92 -30.02
CA GLY E 221 18.40 -5.22 -29.59
C GLY E 221 19.09 -4.12 -28.79
N CYS E 222 18.39 -3.00 -28.62
CA CYS E 222 18.94 -1.83 -27.96
C CYS E 222 18.24 -1.66 -26.61
N PRO E 223 19.02 -1.59 -25.53
CA PRO E 223 18.45 -1.60 -24.21
C PRO E 223 17.86 -0.24 -23.77
N VAL E 224 18.11 0.82 -24.55
CA VAL E 224 17.67 2.15 -24.16
C VAL E 224 16.83 2.77 -25.27
N PRO E 225 16.14 3.89 -24.97
CA PRO E 225 15.21 4.52 -25.91
C PRO E 225 15.87 4.91 -27.22
N ILE E 226 15.15 4.68 -28.34
CA ILE E 226 15.65 5.01 -29.66
C ILE E 226 14.81 6.09 -30.26
N VAL E 227 15.49 7.00 -30.94
CA VAL E 227 14.87 8.11 -31.63
C VAL E 227 15.35 8.13 -33.08
N ILE E 228 14.44 8.39 -34.03
CA ILE E 228 14.82 8.39 -35.44
C ILE E 228 15.02 9.78 -35.96
N ALA E 229 16.02 9.94 -36.81
CA ALA E 229 16.26 11.19 -37.56
C ALA E 229 15.25 11.32 -38.70
N GLY E 230 14.91 12.58 -38.97
CA GLY E 230 14.02 12.93 -40.05
C GLY E 230 14.56 12.47 -41.37
N GLY E 231 15.87 12.68 -41.61
CA GLY E 231 16.49 12.38 -42.91
C GLY E 231 16.16 13.43 -43.97
N LYS E 232 16.55 13.17 -45.22
CA LYS E 232 16.36 14.18 -46.26
C LYS E 232 14.88 14.48 -46.46
N LYS E 233 14.58 15.66 -46.98
CA LYS E 233 13.19 16.07 -47.25
C LYS E 233 12.40 15.02 -48.06
N LEU E 234 11.18 14.75 -47.63
CA LEU E 234 10.29 13.87 -48.35
C LEU E 234 8.94 14.54 -48.46
N PRO E 235 8.09 14.04 -49.37
CA PRO E 235 6.72 14.52 -49.37
C PRO E 235 6.11 14.37 -47.99
N GLU E 236 5.39 15.38 -47.52
CA GLU E 236 4.83 15.39 -46.17
C GLU E 236 4.14 14.09 -45.82
N ARG E 237 3.41 13.54 -46.78
CA ARG E 237 2.67 12.32 -46.51
C ARG E 237 3.62 11.17 -46.25
N GLU E 238 4.72 11.11 -46.97
CA GLU E 238 5.67 10.01 -46.80
C GLU E 238 6.40 10.12 -45.49
N ALA E 239 6.76 11.34 -45.12
CA ALA E 239 7.50 11.60 -43.91
C ALA E 239 6.63 11.13 -42.75
N LEU E 240 5.34 11.42 -42.81
CA LEU E 240 4.44 10.94 -41.76
C LEU E 240 4.31 9.41 -41.74
N GLU E 241 4.34 8.77 -42.91
CA GLU E 241 4.37 7.33 -42.99
C GLU E 241 5.60 6.73 -42.31
N MET E 242 6.75 7.34 -42.52
CA MET E 242 7.97 6.93 -41.85
C MET E 242 7.87 7.00 -40.31
N CYS E 243 7.39 8.12 -39.81
CA CYS E 243 7.14 8.25 -38.39
C CYS E 243 6.23 7.15 -37.86
N TRP E 244 5.07 6.99 -38.48
CA TRP E 244 4.13 5.95 -38.05
C TRP E 244 4.76 4.56 -38.00
N GLN E 245 5.48 4.19 -39.06
CA GLN E 245 6.19 2.94 -39.05
C GLN E 245 7.14 2.87 -37.84
N ALA E 246 7.97 3.90 -37.69
CA ALA E 246 9.01 3.89 -36.66
C ALA E 246 8.40 3.71 -35.26
N ILE E 247 7.41 4.53 -34.96
CA ILE E 247 6.72 4.42 -33.69
C ILE E 247 6.01 3.07 -33.55
N ASP E 248 5.33 2.62 -34.59
CA ASP E 248 4.63 1.35 -34.53
C ASP E 248 5.61 0.21 -34.25
N GLN E 249 6.83 0.31 -34.75
CA GLN E 249 7.81 -0.73 -34.53
C GLN E 249 8.71 -0.50 -33.29
N GLY E 250 8.40 0.52 -32.49
CA GLY E 250 9.01 0.61 -31.16
C GLY E 250 9.91 1.76 -30.84
N ALA E 251 10.03 2.70 -31.79
CA ALA E 251 10.83 3.91 -31.55
C ALA E 251 10.22 4.72 -30.42
N SER E 252 11.05 5.44 -29.67
CA SER E 252 10.54 6.27 -28.59
C SER E 252 10.31 7.73 -28.97
N GLY E 253 10.40 8.03 -30.27
CA GLY E 253 10.12 9.37 -30.76
C GLY E 253 10.97 9.72 -31.95
N VAL E 254 10.79 10.91 -32.50
CA VAL E 254 11.53 11.31 -33.69
C VAL E 254 12.24 12.63 -33.47
N ASP E 255 13.33 12.82 -34.20
CA ASP E 255 14.16 14.01 -34.08
C ASP E 255 14.20 14.68 -35.44
N MET E 256 13.07 15.23 -35.87
CA MET E 256 12.91 15.87 -37.17
C MET E 256 13.68 17.18 -37.31
N GLY E 257 14.18 17.41 -38.53
CA GLY E 257 14.77 18.69 -38.88
C GLY E 257 14.20 19.16 -40.21
N ARG E 258 14.79 18.68 -41.31
CA ARG E 258 14.42 19.15 -42.64
C ARG E 258 12.95 18.90 -43.00
N ASN E 259 12.41 17.74 -42.69
CA ASN E 259 11.01 17.48 -43.06
C ASN E 259 10.04 18.43 -42.37
N ILE E 260 10.56 19.27 -41.49
CA ILE E 260 9.70 20.21 -40.83
C ILE E 260 10.08 21.58 -41.33
N PHE E 261 11.32 22.00 -41.06
CA PHE E 261 11.67 23.36 -41.42
C PHE E 261 11.80 23.57 -42.94
N GLN E 262 11.83 22.51 -43.73
CA GLN E 262 11.85 22.71 -45.16
C GLN E 262 10.47 22.52 -45.80
N SER E 263 9.43 22.40 -44.99
CA SER E 263 8.10 22.21 -45.49
C SER E 263 7.48 23.57 -45.68
N ASP E 264 6.44 23.63 -46.49
CA ASP E 264 5.73 24.89 -46.75
C ASP E 264 4.79 25.19 -45.63
N HIS E 265 4.57 24.19 -44.77
CA HIS E 265 3.71 24.32 -43.60
C HIS E 265 4.32 23.68 -42.37
N PRO E 266 5.39 24.29 -41.83
CA PRO E 266 6.10 23.70 -40.72
C PRO E 266 5.15 23.40 -39.56
N VAL E 267 4.41 24.41 -39.10
CA VAL E 267 3.63 24.28 -37.88
C VAL E 267 2.59 23.18 -38.05
N ALA E 268 1.96 23.16 -39.21
CA ALA E 268 1.00 22.09 -39.50
C ALA E 268 1.66 20.71 -39.44
N MET E 269 2.79 20.56 -40.12
CA MET E 269 3.53 19.32 -40.11
C MET E 269 3.89 18.84 -38.70
N MET E 270 4.31 19.76 -37.82
CA MET E 270 4.65 19.42 -36.44
C MET E 270 3.45 18.88 -35.71
N LYS E 271 2.31 19.53 -35.84
CA LYS E 271 1.08 19.03 -35.19
C LYS E 271 0.73 17.61 -35.66
N ALA E 272 0.98 17.32 -36.94
CA ALA E 272 0.74 16.01 -37.53
C ALA E 272 1.66 15.01 -36.88
N VAL E 273 2.96 15.31 -36.89
CA VAL E 273 3.95 14.45 -36.26
C VAL E 273 3.63 14.17 -34.80
N GLN E 274 3.12 15.17 -34.08
CA GLN E 274 2.75 15.02 -32.66
C GLN E 274 1.63 14.03 -32.55
N ALA E 275 0.61 14.23 -33.37
CA ALA E 275 -0.54 13.31 -33.43
C ALA E 275 -0.09 11.85 -33.62
N VAL E 276 0.83 11.61 -34.55
CA VAL E 276 1.31 10.26 -34.82
C VAL E 276 2.12 9.73 -33.65
N VAL E 277 3.01 10.55 -33.10
CA VAL E 277 3.93 10.08 -32.07
C VAL E 277 3.28 9.84 -30.70
N HIS E 278 2.52 10.82 -30.21
CA HIS E 278 1.90 10.72 -28.89
C HIS E 278 0.53 10.05 -28.82
N HIS E 279 -0.27 10.15 -29.88
CA HIS E 279 -1.68 9.78 -29.81
C HIS E 279 -1.99 8.64 -30.73
N ASN E 280 -0.98 7.94 -31.23
CA ASN E 280 -1.23 6.81 -32.12
C ASN E 280 -2.06 7.07 -33.37
N GLU E 281 -2.02 8.29 -33.90
CA GLU E 281 -2.73 8.58 -35.12
C GLU E 281 -2.16 7.76 -36.24
N THR E 282 -2.96 7.57 -37.30
CA THR E 282 -2.52 6.91 -38.51
C THR E 282 -1.85 7.92 -39.47
N ALA E 283 -1.06 7.44 -40.41
CA ALA E 283 -0.42 8.33 -41.34
C ALA E 283 -1.47 9.15 -42.10
N ASP E 284 -2.55 8.50 -42.54
CA ASP E 284 -3.60 9.17 -43.33
C ASP E 284 -4.38 10.19 -42.52
N ARG E 285 -4.93 9.77 -41.40
CA ARG E 285 -5.61 10.68 -40.50
C ARG E 285 -4.77 11.91 -40.20
N ALA E 286 -3.51 11.67 -39.84
CA ALA E 286 -2.59 12.74 -39.56
C ALA E 286 -2.44 13.64 -40.77
N TYR E 287 -2.26 13.06 -41.96
CA TYR E 287 -2.10 13.86 -43.17
C TYR E 287 -3.28 14.79 -43.37
N GLU E 288 -4.46 14.38 -42.93
CA GLU E 288 -5.66 15.22 -42.99
C GLU E 288 -5.67 16.30 -41.92
N LEU E 289 -5.04 16.05 -40.78
CA LEU E 289 -4.69 17.12 -39.81
C LEU E 289 -3.77 18.17 -40.48
N TYR E 290 -2.90 17.69 -41.36
CA TYR E 290 -1.96 18.55 -42.04
C TYR E 290 -2.66 19.38 -43.09
N LEU E 291 -3.57 18.77 -43.85
CA LEU E 291 -4.33 19.47 -44.91
C LEU E 291 -5.33 20.51 -44.39
N SER E 292 -5.75 20.38 -43.13
CA SER E 292 -6.62 21.38 -42.52
C SER E 292 -5.85 22.64 -42.05
N GLU E 293 -4.54 22.50 -41.84
CA GLU E 293 -3.63 23.66 -41.65
C GLU E 293 -2.69 23.84 -42.87
N GLY F 14 63.12 47.40 -47.64
CA GLY F 14 62.17 48.54 -47.41
C GLY F 14 61.62 48.60 -45.99
N LYS F 15 62.48 48.34 -45.02
CA LYS F 15 62.10 48.35 -43.61
C LYS F 15 62.89 49.38 -42.83
N ASP F 16 62.23 50.00 -41.83
CA ASP F 16 62.88 50.99 -40.97
C ASP F 16 62.83 50.60 -39.51
N PHE F 17 63.94 50.06 -39.00
CA PHE F 17 64.05 49.62 -37.60
C PHE F 17 64.47 50.74 -36.69
N ARG F 18 64.58 51.93 -37.24
CA ARG F 18 65.06 53.09 -36.49
C ARG F 18 66.07 52.72 -35.41
N THR F 19 67.20 52.15 -35.84
CA THR F 19 68.23 51.69 -34.90
C THR F 19 69.06 52.81 -34.27
N ASP F 20 68.82 54.05 -34.68
CA ASP F 20 69.51 55.20 -34.10
C ASP F 20 68.81 55.68 -32.85
N GLN F 21 67.67 55.05 -32.54
CA GLN F 21 66.80 55.49 -31.45
C GLN F 21 66.39 54.35 -30.54
N PRO F 22 67.12 54.14 -29.44
CA PRO F 22 66.91 53.00 -28.58
C PRO F 22 65.56 53.07 -27.90
N GLN F 23 64.97 51.91 -27.67
CA GLN F 23 63.69 51.74 -26.99
C GLN F 23 63.83 52.12 -25.52
N LYS F 24 62.88 52.90 -25.00
CA LYS F 24 62.88 53.29 -23.58
C LYS F 24 61.56 52.95 -22.92
N ASN F 25 61.61 52.46 -21.69
CA ASN F 25 60.40 52.14 -20.93
C ASN F 25 59.63 53.39 -20.46
N ILE F 26 58.30 53.39 -20.63
CA ILE F 26 57.54 54.51 -20.13
C ILE F 26 57.18 54.28 -18.68
N PRO F 27 57.62 55.16 -17.77
CA PRO F 27 57.38 54.93 -16.32
C PRO F 27 55.90 54.94 -15.93
N PHE F 28 55.53 54.12 -14.94
CA PHE F 28 54.18 54.11 -14.37
C PHE F 28 54.24 54.89 -13.05
N THR F 29 53.58 56.04 -12.99
CA THR F 29 53.80 56.95 -11.87
C THR F 29 52.80 56.87 -10.72
N LEU F 30 51.71 56.12 -10.87
CA LEU F 30 50.72 56.00 -9.78
C LEU F 30 51.35 55.60 -8.46
N LYS F 31 51.11 56.39 -7.43
CA LYS F 31 51.78 56.19 -6.16
C LYS F 31 51.86 54.73 -5.71
N GLY F 32 53.08 54.23 -5.58
CA GLY F 32 53.28 52.93 -4.96
C GLY F 32 52.79 51.76 -5.77
N CYS F 33 52.57 51.96 -7.06
CA CYS F 33 52.12 50.89 -7.94
C CYS F 33 53.07 50.69 -9.11
N GLY F 34 54.32 51.09 -8.93
CA GLY F 34 55.27 50.98 -10.03
C GLY F 34 55.94 49.61 -10.15
N ALA F 35 55.48 48.62 -9.39
CA ALA F 35 56.10 47.31 -9.46
C ALA F 35 55.06 46.22 -9.49
N LEU F 36 53.98 46.46 -10.22
CA LEU F 36 52.92 45.49 -10.41
C LEU F 36 52.90 44.98 -11.83
N ASP F 37 52.34 43.80 -12.04
CA ASP F 37 52.18 43.26 -13.38
C ASP F 37 51.26 44.11 -14.27
N TRP F 38 51.31 43.87 -15.58
CA TRP F 38 50.62 44.73 -16.53
C TRP F 38 49.13 44.77 -16.27
N GLY F 39 48.53 43.61 -16.09
CA GLY F 39 47.09 43.56 -15.92
C GLY F 39 46.62 44.36 -14.71
N MET F 40 47.34 44.22 -13.59
CA MET F 40 46.95 44.93 -12.38
C MET F 40 47.09 46.46 -12.60
N GLN F 41 48.16 46.85 -13.28
CA GLN F 41 48.38 48.24 -13.53
C GLN F 41 47.29 48.75 -14.44
N SER F 42 46.85 47.87 -15.33
CA SER F 42 45.75 48.18 -16.25
C SER F 42 44.40 48.44 -15.53
N ARG F 43 44.05 47.53 -14.62
CA ARG F 43 42.87 47.74 -13.81
C ARG F 43 42.98 49.06 -13.03
N LEU F 44 44.14 49.29 -12.40
CA LEU F 44 44.34 50.50 -11.63
C LEU F 44 44.22 51.75 -12.49
N SER F 45 44.62 51.67 -13.75
CA SER F 45 44.51 52.83 -14.65
C SER F 45 43.07 53.06 -15.08
N ARG F 46 42.21 52.05 -14.92
CA ARG F 46 40.80 52.26 -15.21
C ARG F 46 40.18 53.09 -14.08
N ILE F 47 40.72 52.94 -12.88
CA ILE F 47 40.23 53.64 -11.71
C ILE F 47 40.88 55.03 -11.61
N PHE F 48 42.21 55.08 -11.63
CA PHE F 48 42.92 56.35 -11.50
C PHE F 48 43.35 56.88 -12.85
N ASN F 49 42.66 57.92 -13.30
CA ASN F 49 43.01 58.63 -14.52
C ASN F 49 44.54 58.83 -14.67
N PRO F 50 45.14 58.16 -15.68
CA PRO F 50 46.58 58.23 -15.90
C PRO F 50 47.10 59.66 -15.95
N LYS F 51 46.33 60.58 -16.52
CA LYS F 51 46.74 61.98 -16.64
C LYS F 51 46.85 62.68 -15.27
N THR F 52 45.72 62.71 -14.55
CA THR F 52 45.65 63.40 -13.27
C THR F 52 46.10 62.52 -12.10
N GLY F 53 46.00 61.20 -12.26
CA GLY F 53 46.34 60.29 -11.19
C GLY F 53 45.30 60.23 -10.07
N LYS F 54 44.10 60.71 -10.37
CA LYS F 54 43.03 60.75 -9.36
C LYS F 54 41.75 60.07 -9.87
N THR F 55 40.75 60.02 -9.00
CA THR F 55 39.51 59.36 -9.36
C THR F 55 38.32 59.91 -8.61
N VAL F 56 37.19 59.99 -9.30
CA VAL F 56 35.92 60.32 -8.65
C VAL F 56 35.04 59.08 -8.67
N MET F 57 34.82 58.52 -7.48
CA MET F 57 34.18 57.23 -7.35
C MET F 57 32.79 57.40 -6.76
N LEU F 58 31.76 56.92 -7.48
CA LEU F 58 30.38 57.00 -7.02
C LEU F 58 30.02 55.76 -6.22
N ALA F 59 29.85 55.92 -4.92
CA ALA F 59 29.60 54.77 -4.03
C ALA F 59 28.12 54.56 -3.67
N PHE F 60 27.59 53.38 -3.98
CA PHE F 60 26.22 53.04 -3.57
C PHE F 60 26.09 51.62 -3.05
N ASP F 61 27.04 51.22 -2.21
CA ASP F 61 27.03 49.90 -1.64
C ASP F 61 26.41 49.85 -0.23
N HIS F 62 25.97 51.00 0.27
CA HIS F 62 25.49 51.11 1.64
C HIS F 62 24.49 50.02 2.01
N GLY F 63 23.68 49.61 1.04
CA GLY F 63 22.64 48.64 1.31
C GLY F 63 23.15 47.29 1.82
N TYR F 64 24.43 46.98 1.62
CA TYR F 64 24.92 45.66 1.99
C TYR F 64 24.75 45.27 3.45
N PHE F 65 24.64 46.28 4.33
CA PHE F 65 24.37 46.01 5.71
C PHE F 65 23.32 46.95 6.28
N GLN F 66 22.89 47.92 5.50
CA GLN F 66 21.88 48.83 5.98
C GLN F 66 20.50 48.69 5.35
N GLY F 67 20.32 47.81 4.38
CA GLY F 67 19.03 47.75 3.68
C GLY F 67 18.81 48.99 2.85
N PRO F 68 17.54 49.29 2.51
CA PRO F 68 17.19 50.45 1.68
C PRO F 68 17.46 51.75 2.42
N THR F 69 18.69 52.21 2.39
CA THR F 69 19.08 53.46 3.00
C THR F 69 18.49 54.65 2.22
N THR F 70 18.25 55.78 2.89
CA THR F 70 17.68 56.97 2.22
C THR F 70 18.48 57.45 1.00
N GLY F 71 17.78 57.60 -0.12
CA GLY F 71 18.41 57.99 -1.38
C GLY F 71 18.73 56.79 -2.27
N LEU F 72 18.81 55.60 -1.65
CA LEU F 72 19.15 54.37 -2.36
C LEU F 72 17.98 53.40 -2.39
N GLU F 73 16.75 53.89 -2.18
CA GLU F 73 15.58 53.04 -2.28
C GLU F 73 15.46 52.49 -3.69
N ARG F 74 15.59 53.36 -4.69
CA ARG F 74 15.51 52.92 -6.10
C ARG F 74 16.76 53.25 -6.94
N ILE F 75 17.83 52.46 -6.77
CA ILE F 75 19.07 52.62 -7.56
C ILE F 75 18.72 52.75 -9.04
N ASP F 76 17.74 51.98 -9.45
CA ASP F 76 17.40 51.89 -10.85
C ASP F 76 16.84 53.17 -11.39
N ILE F 77 16.37 54.04 -10.50
CA ILE F 77 15.75 55.30 -10.92
C ILE F 77 16.60 56.50 -10.55
N ASN F 78 16.95 56.60 -9.28
CA ASN F 78 17.73 57.73 -8.79
C ASN F 78 19.21 57.67 -9.10
N ILE F 79 19.83 56.51 -8.98
CA ILE F 79 21.26 56.41 -9.22
C ILE F 79 21.58 56.18 -10.69
N ALA F 80 20.69 55.51 -11.40
CA ALA F 80 20.97 55.16 -12.78
C ALA F 80 21.51 56.32 -13.62
N PRO F 81 20.84 57.48 -13.59
CA PRO F 81 21.24 58.66 -14.37
C PRO F 81 22.56 59.27 -13.94
N LEU F 82 23.13 58.80 -12.82
CA LEU F 82 24.39 59.34 -12.33
C LEU F 82 25.63 58.62 -12.85
N PHE F 83 25.44 57.38 -13.28
CA PHE F 83 26.58 56.53 -13.65
C PHE F 83 27.52 57.25 -14.60
N GLU F 84 26.97 57.76 -15.70
CA GLU F 84 27.81 58.31 -16.74
C GLU F 84 28.72 59.40 -16.24
N HIS F 85 28.27 60.15 -15.24
CA HIS F 85 29.07 61.27 -14.74
C HIS F 85 30.14 60.84 -13.74
N ALA F 86 30.33 59.54 -13.56
CA ALA F 86 31.29 59.04 -12.58
C ALA F 86 32.47 58.35 -13.26
N ASP F 87 33.63 58.41 -12.64
CA ASP F 87 34.79 57.68 -13.12
C ASP F 87 34.68 56.18 -12.90
N VAL F 88 34.28 55.78 -11.70
CA VAL F 88 34.12 54.39 -11.37
C VAL F 88 32.89 54.21 -10.46
N LEU F 89 32.20 53.07 -10.59
CA LEU F 89 31.08 52.74 -9.72
C LEU F 89 31.51 51.80 -8.61
N MET F 90 30.99 52.01 -7.41
CA MET F 90 31.23 51.03 -6.36
C MET F 90 29.92 50.46 -5.82
N CYS F 91 29.80 49.13 -5.85
CA CYS F 91 28.58 48.56 -5.35
C CYS F 91 28.73 47.06 -5.10
N THR F 92 27.63 46.39 -4.72
CA THR F 92 27.67 44.95 -4.50
C THR F 92 27.38 44.20 -5.81
N ARG F 93 27.62 42.89 -5.81
CA ARG F 93 27.39 42.10 -7.00
C ARG F 93 25.90 41.94 -7.22
N GLY F 94 25.14 42.10 -6.12
CA GLY F 94 23.68 41.92 -6.16
C GLY F 94 23.09 43.03 -6.99
N ILE F 95 23.44 44.24 -6.61
CA ILE F 95 22.95 45.41 -7.29
C ILE F 95 23.51 45.46 -8.71
N LEU F 96 24.80 45.17 -8.82
CA LEU F 96 25.46 45.21 -10.12
C LEU F 96 24.67 44.40 -11.13
N ARG F 97 24.45 43.12 -10.85
CA ARG F 97 23.74 42.29 -11.81
C ARG F 97 22.31 42.73 -12.03
N SER F 98 21.62 43.14 -10.98
CA SER F 98 20.20 43.35 -11.09
C SER F 98 19.77 44.66 -11.77
N VAL F 99 20.40 45.78 -11.42
CA VAL F 99 19.94 47.08 -11.88
C VAL F 99 21.00 48.00 -12.52
N VAL F 100 22.28 47.65 -12.42
CA VAL F 100 23.29 48.38 -13.18
C VAL F 100 23.43 47.76 -14.57
N PRO F 101 23.01 48.50 -15.61
CA PRO F 101 23.11 47.94 -16.96
C PRO F 101 24.59 47.84 -17.38
N PRO F 102 25.00 46.66 -17.91
CA PRO F 102 26.36 46.43 -18.38
C PRO F 102 26.81 47.46 -19.43
N ALA F 103 25.86 47.98 -20.22
CA ALA F 103 26.14 48.95 -21.26
C ALA F 103 26.56 50.27 -20.65
N THR F 104 26.44 50.39 -19.34
CA THR F 104 26.95 51.58 -18.66
C THR F 104 28.43 51.81 -19.00
N ASN F 105 29.12 50.77 -19.42
CA ASN F 105 30.50 50.89 -19.77
C ASN F 105 31.37 51.72 -18.81
N ARG F 106 31.27 51.44 -17.52
CA ARG F 106 31.97 52.20 -16.50
C ARG F 106 32.70 51.20 -15.58
N PRO F 107 33.97 51.46 -15.21
CA PRO F 107 34.73 50.55 -14.31
C PRO F 107 34.04 50.35 -12.95
N VAL F 108 34.02 49.13 -12.41
CA VAL F 108 33.40 48.90 -11.10
C VAL F 108 34.38 48.35 -10.04
N VAL F 109 34.14 48.74 -8.78
CA VAL F 109 34.88 48.22 -7.64
C VAL F 109 33.83 47.52 -6.80
N LEU F 110 33.93 46.20 -6.65
CA LEU F 110 32.89 45.42 -5.94
C LEU F 110 33.12 45.42 -4.43
N ARG F 111 32.04 45.69 -3.69
CA ARG F 111 32.02 45.42 -2.27
C ARG F 111 32.12 43.91 -2.06
N ALA F 112 33.20 43.46 -1.42
CA ALA F 112 33.42 42.04 -1.23
C ALA F 112 33.39 41.63 0.25
N SER F 113 32.71 42.41 1.07
CA SER F 113 32.55 42.02 2.45
C SER F 113 31.08 42.21 2.89
N GLY F 114 30.72 41.59 4.01
CA GLY F 114 29.35 41.64 4.49
C GLY F 114 29.07 40.60 5.57
N ALA F 115 27.80 40.19 5.66
CA ALA F 115 27.33 39.26 6.68
C ALA F 115 27.15 39.97 8.01
N ASN F 116 27.20 41.31 8.00
CA ASN F 116 26.86 42.12 9.17
C ASN F 116 25.58 42.92 8.94
N SER F 117 25.04 43.56 9.95
CA SER F 117 23.86 44.41 9.72
C SER F 117 23.72 45.45 10.82
N ILE F 118 22.89 46.44 10.60
CA ILE F 118 22.70 47.48 11.63
C ILE F 118 22.00 46.95 12.87
N LEU F 119 21.50 45.70 12.85
CA LEU F 119 20.93 45.12 14.05
C LEU F 119 21.94 44.39 14.94
N ALA F 120 23.19 44.28 14.50
CA ALA F 120 24.17 43.53 15.26
C ALA F 120 25.52 44.23 15.33
N GLU F 121 26.55 43.53 15.79
CA GLU F 121 27.91 44.09 15.82
C GLU F 121 28.39 44.50 14.42
N LEU F 122 28.70 45.77 14.26
CA LEU F 122 29.00 46.30 12.94
C LEU F 122 30.28 45.66 12.34
N SER F 123 31.22 45.33 13.20
CA SER F 123 32.54 44.90 12.73
C SER F 123 32.57 43.42 12.41
N ASN F 124 31.42 42.75 12.46
CA ASN F 124 31.40 41.30 12.22
C ASN F 124 31.15 40.98 10.75
N GLU F 125 32.19 41.17 9.94
CA GLU F 125 32.10 40.97 8.49
C GLU F 125 32.87 39.74 8.00
N ALA F 126 32.32 39.09 6.98
CA ALA F 126 33.02 38.01 6.29
C ALA F 126 33.28 38.39 4.83
N VAL F 127 34.14 37.65 4.11
CA VAL F 127 34.28 37.93 2.70
C VAL F 127 32.95 37.57 2.03
N ALA F 128 32.43 38.47 1.20
CA ALA F 128 31.08 38.32 0.73
C ALA F 128 30.98 37.90 -0.73
N LEU F 129 32.12 37.77 -1.42
CA LEU F 129 32.14 37.19 -2.79
C LEU F 129 33.51 36.60 -3.15
N SER F 130 33.49 35.46 -3.85
CA SER F 130 34.72 34.84 -4.27
C SER F 130 35.43 35.61 -5.39
N MET F 131 36.76 35.52 -5.40
CA MET F 131 37.57 36.20 -6.41
C MET F 131 37.14 35.70 -7.76
N ASP F 132 36.82 34.40 -7.80
CA ASP F 132 36.22 33.73 -8.95
C ASP F 132 35.13 34.59 -9.60
N ASP F 133 34.15 34.99 -8.78
CA ASP F 133 33.04 35.77 -9.27
C ASP F 133 33.40 37.21 -9.58
N ALA F 134 34.42 37.73 -8.89
CA ALA F 134 34.87 39.09 -9.13
C ALA F 134 35.41 39.13 -10.56
N VAL F 135 36.17 38.09 -10.94
CA VAL F 135 36.76 38.06 -12.24
C VAL F 135 35.66 37.87 -13.26
N ARG F 136 34.68 37.03 -12.92
CA ARG F 136 33.58 36.77 -13.82
C ARG F 136 32.88 38.06 -14.14
N LEU F 137 32.82 38.96 -13.15
CA LEU F 137 32.10 40.24 -13.27
C LEU F 137 32.94 41.35 -13.91
N ASN F 138 34.17 41.02 -14.30
CA ASN F 138 35.06 42.00 -14.88
C ASN F 138 35.37 43.18 -13.94
N SER F 139 35.66 42.91 -12.67
CA SER F 139 35.95 43.98 -11.72
C SER F 139 37.29 44.65 -11.99
N CYS F 140 37.41 45.92 -11.57
CA CYS F 140 38.69 46.62 -11.47
C CYS F 140 39.36 46.45 -10.10
N ALA F 141 38.55 46.21 -9.08
CA ALA F 141 39.05 45.90 -7.75
C ALA F 141 38.00 45.26 -6.82
N VAL F 142 38.44 44.75 -5.69
CA VAL F 142 37.52 44.23 -4.68
C VAL F 142 37.77 45.01 -3.41
N ALA F 143 36.71 45.28 -2.66
CA ALA F 143 36.80 46.10 -1.45
C ALA F 143 36.27 45.40 -0.20
N ALA F 144 36.94 45.59 0.94
CA ALA F 144 36.46 45.03 2.20
C ALA F 144 36.84 45.95 3.35
N GLN F 145 36.08 45.88 4.45
CA GLN F 145 36.31 46.80 5.56
C GLN F 145 37.34 46.23 6.49
N VAL F 146 38.16 47.11 7.06
CA VAL F 146 39.00 46.72 8.17
C VAL F 146 38.54 47.55 9.39
N TYR F 147 38.42 46.91 10.56
CA TYR F 147 37.87 47.54 11.75
C TYR F 147 38.86 47.55 12.88
N ILE F 148 39.91 48.34 12.73
CA ILE F 148 40.93 48.44 13.78
C ILE F 148 40.30 48.99 15.05
N GLY F 149 40.50 48.29 16.16
CA GLY F 149 39.95 48.72 17.44
C GLY F 149 38.57 48.17 17.75
N SER F 150 37.91 47.50 16.82
CA SER F 150 36.60 46.98 17.10
C SER F 150 36.72 45.57 17.51
N GLU F 151 35.58 44.97 17.83
CA GLU F 151 35.56 43.62 18.36
C GLU F 151 36.11 42.62 17.36
N TYR F 152 35.69 42.75 16.10
CA TYR F 152 36.12 41.77 15.13
C TYR F 152 37.31 42.27 14.32
N GLU F 153 38.25 42.94 14.99
CA GLU F 153 39.38 43.51 14.29
C GLU F 153 40.22 42.45 13.54
N HIS F 154 40.60 41.39 14.26
CA HIS F 154 41.40 40.30 13.72
C HIS F 154 40.78 39.71 12.44
N GLN F 155 39.48 39.43 12.49
CA GLN F 155 38.80 38.85 11.32
C GLN F 155 38.82 39.78 10.14
N SER F 156 38.53 41.06 10.40
CA SER F 156 38.50 42.02 9.31
C SER F 156 39.85 42.09 8.59
N ILE F 157 40.96 42.01 9.33
CA ILE F 157 42.26 42.02 8.67
C ILE F 157 42.49 40.72 7.88
N LYS F 158 41.98 39.62 8.40
CA LYS F 158 42.08 38.37 7.68
C LYS F 158 41.34 38.47 6.37
N ASN F 159 40.23 39.18 6.37
CA ASN F 159 39.50 39.41 5.11
C ASN F 159 40.39 40.11 4.03
N ILE F 160 41.12 41.13 4.47
CA ILE F 160 42.11 41.74 3.58
C ILE F 160 43.18 40.72 3.12
N ILE F 161 43.76 39.98 4.07
CA ILE F 161 44.78 39.02 3.72
C ILE F 161 44.26 38.06 2.64
N GLN F 162 43.04 37.56 2.85
CA GLN F 162 42.47 36.59 1.94
C GLN F 162 42.24 37.18 0.54
N LEU F 163 41.68 38.39 0.48
CA LEU F 163 41.48 39.05 -0.85
C LEU F 163 42.81 39.34 -1.58
N VAL F 164 43.82 39.81 -0.89
CA VAL F 164 45.09 40.06 -1.55
C VAL F 164 45.71 38.75 -2.08
N ASP F 165 45.87 37.75 -1.21
CA ASP F 165 46.29 36.40 -1.66
C ASP F 165 45.61 36.02 -2.97
N ALA F 166 44.27 36.12 -2.99
CA ALA F 166 43.48 35.69 -4.13
C ALA F 166 43.66 36.63 -5.34
N GLY F 167 43.63 37.94 -5.09
CA GLY F 167 43.78 38.91 -6.16
C GLY F 167 45.15 38.86 -6.81
N MET F 168 46.21 38.50 -6.07
CA MET F 168 47.55 38.45 -6.69
C MET F 168 47.66 37.37 -7.79
N LYS F 169 46.84 36.30 -7.68
CA LYS F 169 46.86 35.19 -8.63
C LYS F 169 46.30 35.65 -9.94
N VAL F 170 45.55 36.72 -9.88
CA VAL F 170 44.68 37.05 -10.97
C VAL F 170 44.87 38.49 -11.45
N GLY F 171 45.66 39.27 -10.74
CA GLY F 171 45.90 40.65 -11.11
C GLY F 171 44.80 41.59 -10.69
N MET F 172 44.07 41.21 -9.65
CA MET F 172 42.98 42.03 -9.12
C MET F 172 43.42 42.80 -7.88
N PRO F 173 43.38 44.14 -7.95
CA PRO F 173 43.70 45.00 -6.81
C PRO F 173 42.68 44.85 -5.67
N THR F 174 43.12 45.02 -4.44
CA THR F 174 42.21 45.02 -3.30
C THR F 174 42.18 46.39 -2.65
N MET F 175 40.98 46.86 -2.31
CA MET F 175 40.86 48.15 -1.61
C MET F 175 40.39 47.93 -0.18
N ALA F 176 41.18 48.43 0.76
CA ALA F 176 40.90 48.23 2.18
C ALA F 176 40.27 49.49 2.67
N VAL F 177 39.13 49.37 3.34
CA VAL F 177 38.39 50.55 3.82
C VAL F 177 38.43 50.63 5.34
N THR F 178 38.91 51.74 5.89
CA THR F 178 39.01 51.85 7.35
C THR F 178 37.65 52.18 7.99
N GLY F 179 36.92 51.17 8.46
CA GLY F 179 35.63 51.42 9.12
C GLY F 179 35.80 51.66 10.60
N VAL F 180 34.96 52.51 11.19
CA VAL F 180 35.17 52.93 12.58
C VAL F 180 34.16 52.43 13.62
N VAL F 185 36.59 57.54 18.22
CA VAL F 185 37.26 58.82 17.99
C VAL F 185 38.13 58.80 16.73
N ARG F 186 37.89 59.77 15.84
CA ARG F 186 38.48 59.73 14.54
C ARG F 186 39.53 60.81 14.40
N ASP F 187 40.73 60.54 14.94
CA ASP F 187 41.85 61.47 14.77
C ASP F 187 42.93 60.97 13.81
N GLN F 188 43.95 61.79 13.58
CA GLN F 188 45.06 61.44 12.71
C GLN F 188 45.82 60.19 13.17
N ARG F 189 46.17 60.12 14.44
CA ARG F 189 46.95 58.98 14.90
C ARG F 189 46.18 57.70 14.68
N TYR F 190 44.87 57.74 14.82
CA TYR F 190 44.10 56.53 14.61
C TYR F 190 44.14 56.05 13.15
N PHE F 191 43.71 56.92 12.25
CA PHE F 191 43.69 56.57 10.84
C PHE F 191 45.07 56.23 10.27
N SER F 192 46.11 56.84 10.82
CA SER F 192 47.47 56.50 10.42
C SER F 192 47.69 55.02 10.70
N LEU F 193 47.29 54.59 11.89
CA LEU F 193 47.42 53.19 12.28
C LEU F 193 46.62 52.28 11.33
N ALA F 194 45.34 52.60 11.16
CA ALA F 194 44.46 51.78 10.32
C ALA F 194 44.91 51.73 8.84
N THR F 195 45.18 52.90 8.25
CA THR F 195 45.59 52.89 6.86
C THR F 195 46.92 52.12 6.65
N ARG F 196 47.92 52.41 7.49
CA ARG F 196 49.25 51.85 7.36
C ARG F 196 49.25 50.34 7.47
N ILE F 197 48.55 49.81 8.47
CA ILE F 197 48.43 48.34 8.62
C ILE F 197 47.81 47.67 7.38
N ALA F 198 46.74 48.25 6.86
CA ALA F 198 46.08 47.71 5.69
C ALA F 198 47.07 47.70 4.51
N ALA F 199 47.76 48.82 4.30
CA ALA F 199 48.69 48.91 3.18
C ALA F 199 49.80 47.89 3.38
N GLU F 200 50.19 47.76 4.63
CA GLU F 200 51.31 46.91 4.99
C GLU F 200 50.92 45.46 4.66
N MET F 201 49.65 45.10 4.86
CA MET F 201 49.20 43.74 4.58
C MET F 201 49.15 43.44 3.10
N GLY F 202 48.99 44.47 2.29
CA GLY F 202 49.04 44.25 0.84
C GLY F 202 48.05 45.03 0.00
N ALA F 203 47.09 45.68 0.65
CA ALA F 203 46.06 46.39 -0.08
C ALA F 203 46.70 47.46 -0.97
N GLN F 204 46.26 47.53 -2.24
CA GLN F 204 46.78 48.52 -3.20
C GLN F 204 46.05 49.85 -3.17
N ILE F 205 44.81 49.86 -2.71
CA ILE F 205 44.09 51.12 -2.52
C ILE F 205 43.57 51.22 -1.10
N ILE F 206 43.66 52.39 -0.50
CA ILE F 206 43.15 52.56 0.87
C ILE F 206 42.11 53.66 0.87
N LYS F 207 40.99 53.42 1.52
CA LYS F 207 39.95 54.43 1.59
C LYS F 207 39.69 54.73 3.05
N THR F 208 39.77 56.01 3.40
CA THR F 208 39.63 56.43 4.80
C THR F 208 38.79 57.70 4.86
N TYR F 209 38.71 58.28 6.05
CA TYR F 209 37.99 59.55 6.26
C TYR F 209 38.91 60.78 6.34
N TYR F 210 38.39 61.93 5.93
CA TYR F 210 39.15 63.15 6.02
C TYR F 210 39.19 63.62 7.45
N VAL F 211 40.31 64.17 7.87
CA VAL F 211 40.39 64.68 9.23
C VAL F 211 40.75 66.16 9.27
N GLU F 212 40.14 66.86 10.25
CA GLU F 212 40.31 68.31 10.42
C GLU F 212 41.77 68.72 10.46
N LYS F 213 42.56 67.99 11.22
CA LYS F 213 43.98 68.25 11.24
C LYS F 213 44.80 66.97 11.28
N GLY F 214 45.87 66.95 10.49
CA GLY F 214 46.82 65.84 10.46
C GLY F 214 46.73 65.02 9.19
N PHE F 215 45.75 65.32 8.36
CA PHE F 215 45.46 64.47 7.20
C PHE F 215 46.69 64.28 6.33
N GLU F 216 47.45 65.34 6.17
CA GLU F 216 48.67 65.27 5.40
C GLU F 216 49.57 64.13 5.84
N ARG F 217 49.62 63.87 7.15
CA ARG F 217 50.44 62.81 7.74
C ARG F 217 49.91 61.41 7.42
N ILE F 218 48.59 61.30 7.27
CA ILE F 218 47.98 60.05 6.90
C ILE F 218 48.44 59.68 5.50
N VAL F 219 48.37 60.63 4.57
CA VAL F 219 48.76 60.39 3.19
C VAL F 219 50.26 60.08 3.10
N ALA F 220 51.05 60.90 3.77
CA ALA F 220 52.49 60.72 3.67
C ALA F 220 52.96 59.36 4.24
N GLY F 221 52.28 58.87 5.27
CA GLY F 221 52.65 57.62 5.92
C GLY F 221 52.12 56.37 5.22
N CYS F 222 51.30 56.58 4.18
CA CYS F 222 50.73 55.48 3.47
C CYS F 222 51.40 55.34 2.10
N PRO F 223 51.92 54.14 1.77
CA PRO F 223 52.70 53.93 0.56
C PRO F 223 51.84 53.80 -0.69
N VAL F 224 50.53 53.69 -0.54
CA VAL F 224 49.69 53.54 -1.72
C VAL F 224 48.65 54.65 -1.76
N PRO F 225 47.87 54.74 -2.88
CA PRO F 225 46.85 55.77 -3.10
C PRO F 225 45.75 55.78 -2.04
N ILE F 226 45.35 56.97 -1.61
CA ILE F 226 44.31 57.10 -0.60
C ILE F 226 43.11 57.77 -1.19
N VAL F 227 41.94 57.28 -0.82
CA VAL F 227 40.71 57.85 -1.29
C VAL F 227 39.91 58.20 -0.07
N ILE F 228 39.20 59.32 -0.09
CA ILE F 228 38.35 59.68 1.07
C ILE F 228 36.86 59.37 0.87
N ALA F 229 36.22 58.98 1.95
CA ALA F 229 34.79 58.76 1.94
C ALA F 229 34.06 60.10 2.03
N GLY F 230 32.91 60.18 1.39
CA GLY F 230 32.05 61.36 1.47
C GLY F 230 31.61 61.69 2.89
N GLY F 231 31.18 60.68 3.65
CA GLY F 231 30.71 60.87 5.03
C GLY F 231 29.27 61.33 5.03
N LYS F 232 28.74 61.64 6.20
CA LYS F 232 27.33 62.04 6.30
C LYS F 232 27.03 63.28 5.48
N LYS F 233 25.75 63.48 5.15
CA LYS F 233 25.35 64.62 4.31
C LYS F 233 25.79 65.98 4.89
N LEU F 234 26.34 66.84 4.04
CA LEU F 234 26.70 68.19 4.42
C LEU F 234 26.14 69.17 3.41
N PRO F 235 26.08 70.45 3.78
CA PRO F 235 25.75 71.42 2.77
C PRO F 235 26.73 71.28 1.61
N GLU F 236 26.22 71.31 0.39
CA GLU F 236 27.03 71.15 -0.82
C GLU F 236 28.33 71.94 -0.77
N ARG F 237 28.29 73.18 -0.28
CA ARG F 237 29.49 74.02 -0.27
C ARG F 237 30.54 73.45 0.67
N GLU F 238 30.10 72.88 1.78
CA GLU F 238 31.02 72.34 2.76
C GLU F 238 31.63 71.05 2.29
N ALA F 239 30.84 70.25 1.59
CA ALA F 239 31.29 68.98 1.03
C ALA F 239 32.38 69.22 0.02
N LEU F 240 32.22 70.23 -0.83
CA LEU F 240 33.27 70.60 -1.78
C LEU F 240 34.54 71.12 -1.09
N GLU F 241 34.39 71.83 0.01
CA GLU F 241 35.54 72.29 0.75
C GLU F 241 36.33 71.10 1.26
N MET F 242 35.63 70.10 1.76
CA MET F 242 36.27 68.87 2.25
C MET F 242 37.10 68.21 1.13
N CYS F 243 36.48 68.05 -0.04
CA CYS F 243 37.19 67.49 -1.17
C CYS F 243 38.44 68.30 -1.45
N TRP F 244 38.29 69.61 -1.54
CA TRP F 244 39.41 70.46 -1.92
C TRP F 244 40.55 70.27 -0.94
N GLN F 245 40.24 70.30 0.35
CA GLN F 245 41.24 70.10 1.40
C GLN F 245 41.93 68.76 1.19
N ALA F 246 41.13 67.70 1.07
CA ALA F 246 41.66 66.34 0.90
C ALA F 246 42.66 66.26 -0.27
N ILE F 247 42.20 66.69 -1.44
CA ILE F 247 43.02 66.67 -2.64
C ILE F 247 44.24 67.55 -2.48
N ASP F 248 44.05 68.74 -1.95
CA ASP F 248 45.19 69.61 -1.70
C ASP F 248 46.21 68.98 -0.78
N GLN F 249 45.78 68.18 0.17
CA GLN F 249 46.73 67.58 1.09
C GLN F 249 47.24 66.22 0.65
N GLY F 250 46.90 65.79 -0.56
CA GLY F 250 47.48 64.58 -1.15
C GLY F 250 46.59 63.36 -1.44
N ALA F 251 45.28 63.47 -1.23
CA ALA F 251 44.40 62.35 -1.53
C ALA F 251 44.42 62.08 -3.02
N SER F 252 44.23 60.83 -3.41
CA SER F 252 44.19 60.46 -4.82
C SER F 252 42.75 60.42 -5.41
N GLY F 253 41.78 60.96 -4.67
CA GLY F 253 40.40 61.01 -5.14
C GLY F 253 39.38 60.87 -4.02
N VAL F 254 38.10 60.93 -4.37
CA VAL F 254 37.08 60.74 -3.37
C VAL F 254 36.16 59.63 -3.76
N ASP F 255 35.52 59.04 -2.74
CA ASP F 255 34.50 57.99 -2.91
C ASP F 255 33.17 58.45 -2.33
N MET F 256 32.51 59.37 -3.03
CA MET F 256 31.26 59.98 -2.57
C MET F 256 30.06 59.06 -2.66
N GLY F 257 29.15 59.16 -1.69
CA GLY F 257 27.87 58.48 -1.75
C GLY F 257 26.75 59.45 -1.40
N ARG F 258 26.56 59.67 -0.11
CA ARG F 258 25.46 60.51 0.37
C ARG F 258 25.53 61.96 -0.09
N ASN F 259 26.70 62.58 -0.04
CA ASN F 259 26.79 63.97 -0.48
C ASN F 259 26.47 64.17 -1.97
N ILE F 260 26.22 63.09 -2.67
CA ILE F 260 25.83 63.22 -4.05
C ILE F 260 24.39 62.76 -4.23
N PHE F 261 24.12 61.51 -3.87
CA PHE F 261 22.78 61.03 -4.12
C PHE F 261 21.73 61.58 -3.18
N GLN F 262 22.13 62.25 -2.10
CA GLN F 262 21.17 62.89 -1.20
C GLN F 262 21.08 64.36 -1.43
N SER F 263 21.67 64.82 -2.53
CA SER F 263 21.62 66.22 -2.86
C SER F 263 20.39 66.45 -3.72
N ASP F 264 19.93 67.70 -3.79
CA ASP F 264 18.81 68.04 -4.63
C ASP F 264 19.26 68.12 -6.08
N HIS F 265 20.57 68.22 -6.27
CA HIS F 265 21.13 68.34 -7.61
C HIS F 265 22.36 67.42 -7.78
N PRO F 266 22.13 66.10 -7.84
CA PRO F 266 23.20 65.12 -7.88
C PRO F 266 24.15 65.39 -9.04
N VAL F 267 23.63 65.49 -10.25
CA VAL F 267 24.48 65.64 -11.42
C VAL F 267 25.36 66.87 -11.30
N ALA F 268 24.74 67.99 -10.96
CA ALA F 268 25.49 69.21 -10.72
C ALA F 268 26.63 69.00 -9.70
N MET F 269 26.28 68.38 -8.57
CA MET F 269 27.25 68.14 -7.51
C MET F 269 28.45 67.34 -8.02
N MET F 270 28.18 66.33 -8.83
CA MET F 270 29.23 65.48 -9.36
C MET F 270 30.15 66.27 -10.25
N LYS F 271 29.59 67.09 -11.15
CA LYS F 271 30.42 67.93 -12.01
C LYS F 271 31.35 68.84 -11.19
N ALA F 272 30.82 69.38 -10.10
CA ALA F 272 31.58 70.19 -9.17
C ALA F 272 32.73 69.39 -8.59
N VAL F 273 32.39 68.23 -8.03
CA VAL F 273 33.40 67.34 -7.47
C VAL F 273 34.48 66.97 -8.49
N GLN F 274 34.07 66.73 -9.73
CA GLN F 274 35.03 66.46 -10.79
C GLN F 274 35.99 67.64 -11.00
N ALA F 275 35.42 68.84 -11.03
CA ALA F 275 36.19 70.05 -11.20
C ALA F 275 37.25 70.16 -10.13
N VAL F 276 36.89 69.90 -8.88
CA VAL F 276 37.82 70.01 -7.79
C VAL F 276 38.90 68.95 -7.85
N VAL F 277 38.50 67.71 -8.14
CA VAL F 277 39.43 66.57 -8.09
C VAL F 277 40.44 66.54 -9.26
N HIS F 278 39.94 66.66 -10.48
CA HIS F 278 40.79 66.52 -11.67
C HIS F 278 41.41 67.82 -12.18
N HIS F 279 40.74 68.95 -11.95
CA HIS F 279 41.14 70.22 -12.55
C HIS F 279 41.61 71.29 -11.58
N ASN F 280 41.90 70.90 -10.34
CA ASN F 280 42.38 71.85 -9.33
C ASN F 280 41.51 73.09 -9.13
N GLU F 281 40.23 72.98 -9.43
CA GLU F 281 39.31 74.04 -9.07
C GLU F 281 39.29 74.31 -7.58
N THR F 282 38.89 75.52 -7.21
CA THR F 282 38.77 75.95 -5.82
C THR F 282 37.39 75.62 -5.30
N ALA F 283 37.24 75.53 -3.99
CA ALA F 283 35.92 75.23 -3.42
C ALA F 283 34.85 76.19 -3.92
N ASP F 284 35.17 77.49 -3.91
CA ASP F 284 34.22 78.55 -4.33
C ASP F 284 33.88 78.45 -5.82
N ARG F 285 34.90 78.47 -6.66
CA ARG F 285 34.70 78.37 -8.09
C ARG F 285 33.81 77.19 -8.40
N ALA F 286 34.12 76.06 -7.79
CA ALA F 286 33.35 74.82 -7.98
C ALA F 286 31.90 75.02 -7.54
N TYR F 287 31.70 75.63 -6.38
CA TYR F 287 30.36 75.86 -5.89
C TYR F 287 29.54 76.67 -6.88
N GLU F 288 30.19 77.58 -7.59
CA GLU F 288 29.52 78.36 -8.61
C GLU F 288 29.19 77.52 -9.83
N LEU F 289 30.04 76.55 -10.15
CA LEU F 289 29.74 75.55 -11.19
C LEU F 289 28.47 74.80 -10.77
N TYR F 290 28.32 74.64 -9.46
CA TYR F 290 27.17 73.94 -8.91
C TYR F 290 25.89 74.79 -8.96
N LEU F 291 26.05 76.09 -8.75
CA LEU F 291 24.91 77.00 -8.79
C LEU F 291 24.40 77.27 -10.20
N SER F 292 25.24 77.08 -11.22
CA SER F 292 24.81 77.23 -12.61
C SER F 292 24.00 76.02 -13.11
N GLU F 293 24.13 74.88 -12.43
CA GLU F 293 23.23 73.74 -12.67
C GLU F 293 22.32 73.53 -11.44
N GLY G 14 19.42 28.74 -54.19
CA GLY G 14 18.08 28.48 -53.59
C GLY G 14 18.05 28.70 -52.07
N LYS G 15 18.73 29.75 -51.60
CA LYS G 15 18.76 30.08 -50.18
C LYS G 15 18.18 31.47 -49.96
N ASP G 16 17.53 31.65 -48.80
CA ASP G 16 16.94 32.94 -48.42
C ASP G 16 17.46 33.47 -47.07
N PHE G 17 18.41 34.38 -47.11
CA PHE G 17 19.01 34.87 -45.89
C PHE G 17 18.25 36.03 -45.33
N ARG G 18 17.12 36.33 -45.95
CA ARG G 18 16.30 37.49 -45.60
C ARG G 18 17.15 38.69 -45.12
N THR G 19 17.98 39.20 -46.01
CA THR G 19 18.93 40.24 -45.63
C THR G 19 18.28 41.61 -45.52
N ASP G 20 16.99 41.68 -45.81
CA ASP G 20 16.27 42.94 -45.67
C ASP G 20 15.70 43.13 -44.27
N GLN G 21 15.90 42.12 -43.42
CA GLN G 21 15.36 42.14 -42.05
C GLN G 21 16.40 41.76 -41.02
N PRO G 22 17.03 42.76 -40.40
CA PRO G 22 18.12 42.54 -39.48
C PRO G 22 17.66 41.75 -38.24
N GLN G 23 18.56 40.96 -37.68
CA GLN G 23 18.29 40.17 -36.49
C GLN G 23 18.19 41.07 -35.28
N LYS G 24 17.22 40.82 -34.39
CA LYS G 24 17.05 41.67 -33.19
C LYS G 24 16.92 40.81 -31.96
N ASN G 25 17.58 41.20 -30.88
CA ASN G 25 17.53 40.46 -29.62
C ASN G 25 16.13 40.51 -28.96
N ILE G 26 15.64 39.38 -28.48
CA ILE G 26 14.41 39.40 -27.70
C ILE G 26 14.67 39.67 -26.21
N PRO G 27 14.09 40.75 -25.68
CA PRO G 27 14.38 41.15 -24.31
C PRO G 27 13.91 40.13 -23.25
N PHE G 28 14.66 39.97 -22.16
CA PHE G 28 14.26 39.13 -21.04
C PHE G 28 13.78 40.07 -19.93
N THR G 29 12.49 40.01 -19.65
CA THR G 29 11.86 41.04 -18.82
C THR G 29 11.75 40.71 -17.33
N LEU G 30 11.99 39.48 -16.90
CA LEU G 30 11.90 39.16 -15.48
C LEU G 30 12.70 40.13 -14.60
N LYS G 31 12.00 40.71 -13.64
CA LYS G 31 12.59 41.75 -12.79
C LYS G 31 14.01 41.45 -12.33
N GLY G 32 14.94 42.32 -12.69
CA GLY G 32 16.31 42.21 -12.17
C GLY G 32 17.11 40.99 -12.67
N CYS G 33 16.64 40.33 -13.72
CA CYS G 33 17.35 39.16 -14.24
C CYS G 33 17.75 39.32 -15.70
N GLY G 34 17.94 40.56 -16.12
CA GLY G 34 18.16 40.83 -17.53
C GLY G 34 19.61 40.82 -17.91
N ALA G 35 20.45 40.40 -16.96
CA ALA G 35 21.89 40.42 -17.15
C ALA G 35 22.52 39.12 -16.60
N LEU G 36 21.83 38.01 -16.86
CA LEU G 36 22.32 36.70 -16.46
C LEU G 36 22.58 35.87 -17.66
N ASP G 37 23.46 34.88 -17.52
CA ASP G 37 23.71 33.91 -18.58
C ASP G 37 22.46 33.10 -19.01
N TRP G 38 22.53 32.49 -20.20
CA TRP G 38 21.40 31.75 -20.77
C TRP G 38 20.87 30.69 -19.81
N GLY G 39 21.76 29.82 -19.34
CA GLY G 39 21.33 28.74 -18.45
C GLY G 39 20.58 29.25 -17.22
N MET G 40 21.12 30.27 -16.56
CA MET G 40 20.48 30.76 -15.36
C MET G 40 19.10 31.34 -15.73
N GLN G 41 19.04 32.07 -16.84
CA GLN G 41 17.77 32.65 -17.24
C GLN G 41 16.76 31.53 -17.54
N SER G 42 17.29 30.42 -18.06
CA SER G 42 16.50 29.26 -18.41
C SER G 42 15.90 28.63 -17.16
N ARG G 43 16.72 28.42 -16.13
CA ARG G 43 16.19 27.86 -14.91
C ARG G 43 15.14 28.80 -14.35
N LEU G 44 15.41 30.11 -14.37
CA LEU G 44 14.46 31.06 -13.81
C LEU G 44 13.15 31.02 -14.57
N SER G 45 13.22 30.74 -15.86
CA SER G 45 12.00 30.71 -16.68
C SER G 45 11.21 29.45 -16.43
N ARG G 46 11.85 28.42 -15.88
CA ARG G 46 11.09 27.24 -15.44
C ARG G 46 10.22 27.59 -14.22
N ILE G 47 10.70 28.53 -13.40
CA ILE G 47 10.07 28.91 -12.14
C ILE G 47 9.04 30.00 -12.42
N PHE G 48 9.45 31.08 -13.10
CA PHE G 48 8.55 32.17 -13.36
C PHE G 48 8.03 32.12 -14.78
N ASN G 49 6.77 31.79 -14.92
CA ASN G 49 6.14 31.76 -16.22
C ASN G 49 6.47 32.98 -17.06
N PRO G 50 7.11 32.77 -18.22
CA PRO G 50 7.55 33.87 -19.11
C PRO G 50 6.43 34.82 -19.54
N LYS G 51 5.22 34.29 -19.70
CA LYS G 51 4.04 35.10 -20.05
C LYS G 51 3.63 36.01 -18.90
N THR G 52 3.32 35.44 -17.74
CA THR G 52 2.80 36.23 -16.64
C THR G 52 3.89 36.79 -15.77
N GLY G 53 5.07 36.21 -15.82
CA GLY G 53 6.16 36.65 -14.95
C GLY G 53 6.00 36.20 -13.48
N LYS G 54 5.04 35.30 -13.23
CA LYS G 54 4.75 34.91 -11.87
C LYS G 54 4.87 33.40 -11.64
N THR G 55 4.70 32.97 -10.40
CA THR G 55 4.82 31.56 -10.07
C THR G 55 3.92 31.17 -8.90
N VAL G 56 3.37 29.96 -8.97
CA VAL G 56 2.71 29.34 -7.82
C VAL G 56 3.53 28.16 -7.30
N MET G 57 4.15 28.34 -6.15
CA MET G 57 5.14 27.40 -5.66
C MET G 57 4.57 26.57 -4.51
N LEU G 58 4.55 25.24 -4.65
CA LEU G 58 4.05 24.36 -3.60
C LEU G 58 5.17 23.93 -2.64
N ALA G 59 5.12 24.41 -1.41
CA ALA G 59 6.21 24.20 -0.47
C ALA G 59 5.87 23.14 0.54
N PHE G 60 6.75 22.15 0.63
CA PHE G 60 6.60 21.11 1.64
C PHE G 60 7.94 20.71 2.27
N ASP G 61 8.73 21.72 2.62
CA ASP G 61 10.05 21.45 3.19
C ASP G 61 10.07 21.54 4.71
N HIS G 62 8.94 21.91 5.30
CA HIS G 62 8.83 22.20 6.73
C HIS G 62 9.53 21.17 7.60
N GLY G 63 9.50 19.93 7.16
CA GLY G 63 10.06 18.86 7.96
C GLY G 63 11.54 18.99 8.26
N TYR G 64 12.25 19.81 7.52
CA TYR G 64 13.71 19.84 7.62
C TYR G 64 14.23 20.18 9.03
N PHE G 65 13.41 20.87 9.80
CA PHE G 65 13.75 21.18 11.18
C PHE G 65 12.55 20.96 12.13
N GLN G 66 11.41 20.55 11.58
CA GLN G 66 10.23 20.32 12.40
C GLN G 66 9.79 18.87 12.49
N GLY G 67 10.38 17.98 11.70
CA GLY G 67 9.89 16.60 11.66
C GLY G 67 8.51 16.51 11.01
N PRO G 68 7.74 15.45 11.28
CA PRO G 68 6.46 15.25 10.64
C PRO G 68 5.49 16.28 11.16
N THR G 69 5.47 17.45 10.52
CA THR G 69 4.49 18.50 10.78
C THR G 69 3.08 18.09 10.30
N THR G 70 2.04 18.67 10.88
CA THR G 70 0.64 18.34 10.50
C THR G 70 0.35 18.58 9.03
N GLY G 71 -0.21 17.57 8.34
CA GLY G 71 -0.47 17.68 6.91
C GLY G 71 0.63 17.10 6.04
N LEU G 72 1.83 16.94 6.62
CA LEU G 72 2.99 16.42 5.92
C LEU G 72 3.50 15.11 6.54
N GLU G 73 2.63 14.43 7.28
CA GLU G 73 2.99 13.11 7.79
C GLU G 73 3.28 12.20 6.61
N ARG G 74 2.40 12.21 5.60
CA ARG G 74 2.55 11.34 4.46
C ARG G 74 2.58 12.10 3.11
N ILE G 75 3.74 12.68 2.78
CA ILE G 75 3.92 13.38 1.53
C ILE G 75 3.48 12.47 0.40
N ASP G 76 3.87 11.20 0.51
CA ASP G 76 3.63 10.27 -0.57
C ASP G 76 2.15 10.08 -0.88
N ILE G 77 1.28 10.39 0.07
CA ILE G 77 -0.15 10.16 -0.09
C ILE G 77 -0.90 11.47 -0.25
N ASN G 78 -0.70 12.38 0.68
CA ASN G 78 -1.45 13.62 0.67
C ASN G 78 -0.91 14.66 -0.29
N ILE G 79 0.42 14.78 -0.41
CA ILE G 79 0.98 15.81 -1.25
C ILE G 79 1.13 15.30 -2.68
N ALA G 80 1.38 14.01 -2.83
CA ALA G 80 1.61 13.47 -4.17
C ALA G 80 0.63 13.99 -5.23
N PRO G 81 -0.70 13.87 -4.98
CA PRO G 81 -1.77 14.30 -5.92
C PRO G 81 -1.82 15.81 -6.19
N LEU G 82 -1.05 16.59 -5.44
CA LEU G 82 -1.01 18.04 -5.63
C LEU G 82 0.03 18.52 -6.62
N PHE G 83 1.06 17.70 -6.85
CA PHE G 83 2.23 18.13 -7.61
C PHE G 83 1.82 18.71 -8.94
N GLU G 84 1.02 17.97 -9.70
CA GLU G 84 0.66 18.38 -11.05
C GLU G 84 -0.04 19.72 -11.08
N HIS G 85 -0.70 20.13 -10.01
CA HIS G 85 -1.38 21.41 -10.01
C HIS G 85 -0.47 22.57 -9.61
N ALA G 86 0.82 22.33 -9.47
CA ALA G 86 1.72 23.38 -9.06
C ALA G 86 2.69 23.71 -10.19
N ASP G 87 3.19 24.94 -10.17
CA ASP G 87 4.21 25.40 -11.11
C ASP G 87 5.56 24.86 -10.73
N VAL G 88 5.88 24.94 -9.46
CA VAL G 88 7.16 24.43 -8.99
C VAL G 88 7.06 23.81 -7.59
N LEU G 89 7.85 22.78 -7.35
CA LEU G 89 7.90 22.13 -6.04
C LEU G 89 9.07 22.66 -5.20
N MET G 90 8.84 22.84 -3.91
CA MET G 90 9.92 23.09 -3.03
C MET G 90 10.05 22.10 -1.85
N CYS G 91 11.22 21.49 -1.70
CA CYS G 91 11.40 20.49 -0.68
C CYS G 91 12.88 20.15 -0.54
N THR G 92 13.18 19.22 0.34
CA THR G 92 14.56 18.82 0.61
C THR G 92 14.94 17.69 -0.34
N ARG G 93 16.25 17.42 -0.45
CA ARG G 93 16.73 16.35 -1.29
C ARG G 93 16.42 14.99 -0.70
N GLY G 94 16.23 14.91 0.62
CA GLY G 94 15.75 13.67 1.23
C GLY G 94 14.37 13.24 0.72
N ILE G 95 13.40 14.14 0.84
CA ILE G 95 12.06 13.90 0.37
C ILE G 95 12.06 13.72 -1.15
N LEU G 96 12.82 14.56 -1.84
CA LEU G 96 12.80 14.56 -3.29
C LEU G 96 13.11 13.16 -3.75
N ARG G 97 14.26 12.62 -3.32
CA ARG G 97 14.66 11.30 -3.79
C ARG G 97 13.71 10.20 -3.35
N SER G 98 13.24 10.27 -2.12
CA SER G 98 12.49 9.19 -1.54
C SER G 98 11.04 9.04 -2.03
N VAL G 99 10.31 10.16 -2.14
CA VAL G 99 8.87 10.08 -2.40
C VAL G 99 8.26 10.98 -3.49
N VAL G 100 9.08 11.85 -4.07
CA VAL G 100 8.65 12.61 -5.22
C VAL G 100 9.07 11.86 -6.47
N PRO G 101 8.09 11.37 -7.25
CA PRO G 101 8.49 10.64 -8.44
C PRO G 101 9.11 11.59 -9.47
N PRO G 102 10.27 11.20 -10.06
CA PRO G 102 10.90 12.00 -11.09
C PRO G 102 9.94 12.24 -12.27
N ALA G 103 9.04 11.30 -12.51
CA ALA G 103 8.14 11.42 -13.62
C ALA G 103 7.16 12.54 -13.39
N THR G 104 7.19 13.13 -12.20
CA THR G 104 6.33 14.27 -11.91
C THR G 104 6.57 15.42 -12.90
N ASN G 105 7.74 15.43 -13.53
CA ASN G 105 8.08 16.44 -14.52
C ASN G 105 7.73 17.85 -14.12
N ARG G 106 8.11 18.23 -12.92
CA ARG G 106 7.83 19.56 -12.42
C ARG G 106 9.13 20.17 -11.89
N PRO G 107 9.35 21.46 -12.14
CA PRO G 107 10.60 22.10 -11.66
C PRO G 107 10.72 22.13 -10.14
N VAL G 108 11.90 21.95 -9.57
CA VAL G 108 12.06 21.94 -8.10
C VAL G 108 13.00 23.02 -7.60
N VAL G 109 12.72 23.53 -6.40
CA VAL G 109 13.65 24.42 -5.72
C VAL G 109 14.06 23.72 -4.43
N LEU G 110 15.33 23.35 -4.32
CA LEU G 110 15.79 22.57 -3.16
C LEU G 110 16.10 23.38 -1.90
N ARG G 111 15.54 22.98 -0.77
CA ARG G 111 15.93 23.50 0.54
C ARG G 111 17.40 23.11 0.72
N ALA G 112 18.27 24.09 0.95
CA ALA G 112 19.69 23.80 1.03
C ALA G 112 20.27 24.28 2.38
N SER G 113 19.44 24.39 3.39
CA SER G 113 19.95 24.77 4.67
C SER G 113 19.28 23.88 5.68
N GLY G 114 19.79 23.88 6.92
CA GLY G 114 19.31 22.94 7.92
C GLY G 114 20.28 22.82 9.08
N ALA G 115 20.26 21.67 9.78
CA ALA G 115 21.10 21.45 10.97
C ALA G 115 20.58 22.20 12.22
N ASN G 116 19.34 22.70 12.14
CA ASN G 116 18.63 23.26 13.28
C ASN G 116 17.40 22.40 13.61
N SER G 117 16.71 22.68 14.71
CA SER G 117 15.49 21.95 15.02
C SER G 117 14.63 22.75 15.96
N ILE G 118 13.35 22.38 16.11
CA ILE G 118 12.47 23.10 17.04
C ILE G 118 12.88 22.92 18.49
N LEU G 119 13.87 22.07 18.75
CA LEU G 119 14.33 21.85 20.13
C LEU G 119 15.52 22.72 20.48
N ALA G 120 15.99 23.51 19.52
CA ALA G 120 17.15 24.41 19.78
C ALA G 120 17.02 25.79 19.14
N GLU G 121 18.12 26.52 19.07
CA GLU G 121 18.04 27.84 18.49
C GLU G 121 17.63 27.78 17.00
N LEU G 122 16.49 28.35 16.68
CA LEU G 122 16.00 28.25 15.31
C LEU G 122 17.00 28.81 14.27
N SER G 123 17.73 29.85 14.62
CA SER G 123 18.54 30.52 13.60
C SER G 123 19.90 29.83 13.40
N ASN G 124 20.11 28.70 14.02
CA ASN G 124 21.38 28.02 13.88
C ASN G 124 21.43 27.05 12.67
N GLU G 125 21.43 27.60 11.46
CA GLU G 125 21.44 26.78 10.23
C GLU G 125 22.81 26.74 9.53
N ALA G 126 23.11 25.60 8.92
CA ALA G 126 24.27 25.44 8.05
C ALA G 126 23.79 25.06 6.64
N VAL G 127 24.70 25.09 5.66
CA VAL G 127 24.34 24.67 4.31
C VAL G 127 24.10 23.17 4.32
N ALA G 128 22.96 22.76 3.80
CA ALA G 128 22.52 21.39 4.00
C ALA G 128 22.72 20.47 2.78
N LEU G 129 23.18 21.02 1.67
CA LEU G 129 23.52 20.19 0.50
C LEU G 129 24.48 20.92 -0.42
N SER G 130 25.46 20.21 -0.95
CA SER G 130 26.45 20.81 -1.86
C SER G 130 25.85 21.14 -3.23
N MET G 131 26.41 22.16 -3.89
CA MET G 131 25.92 22.63 -5.18
C MET G 131 26.07 21.43 -6.14
N ASP G 132 27.18 20.71 -5.94
CA ASP G 132 27.39 19.42 -6.62
C ASP G 132 26.09 18.57 -6.76
N ASP G 133 25.46 18.31 -5.61
CA ASP G 133 24.31 17.46 -5.57
C ASP G 133 23.09 18.18 -6.08
N ALA G 134 23.09 19.52 -5.99
CA ALA G 134 21.95 20.29 -6.50
C ALA G 134 21.91 20.10 -8.00
N VAL G 135 23.08 20.16 -8.62
CA VAL G 135 23.15 20.00 -10.06
C VAL G 135 22.81 18.56 -10.43
N ARG G 136 23.24 17.61 -9.59
CA ARG G 136 22.95 16.19 -9.85
C ARG G 136 21.45 15.99 -9.85
N LEU G 137 20.77 16.71 -8.95
CA LEU G 137 19.33 16.59 -8.84
C LEU G 137 18.55 17.42 -9.87
N ASN G 138 19.25 18.12 -10.78
CA ASN G 138 18.59 18.94 -11.80
C ASN G 138 17.73 20.06 -11.22
N SER G 139 18.19 20.72 -10.15
CA SER G 139 17.42 21.80 -9.54
C SER G 139 17.28 23.02 -10.43
N CYS G 140 16.22 23.80 -10.21
CA CYS G 140 16.06 25.11 -10.79
C CYS G 140 16.58 26.19 -9.87
N ALA G 141 16.64 25.92 -8.56
CA ALA G 141 17.28 26.85 -7.61
C ALA G 141 17.57 26.17 -6.28
N VAL G 142 18.42 26.80 -5.47
CA VAL G 142 18.68 26.35 -4.11
C VAL G 142 18.25 27.44 -3.16
N ALA G 143 17.70 27.06 -2.00
CA ALA G 143 17.14 28.03 -1.06
C ALA G 143 17.75 27.88 0.33
N ALA G 144 17.94 29.02 1.00
CA ALA G 144 18.47 29.00 2.38
C ALA G 144 17.89 30.15 3.18
N GLN G 145 17.85 30.02 4.49
CA GLN G 145 17.22 31.02 5.36
C GLN G 145 18.24 32.05 5.74
N VAL G 146 17.80 33.30 5.78
CA VAL G 146 18.58 34.35 6.38
C VAL G 146 17.79 34.83 7.63
N TYR G 147 18.48 34.98 8.77
CA TYR G 147 17.85 35.35 10.05
C TYR G 147 18.35 36.68 10.61
N ILE G 148 18.01 37.78 9.93
CA ILE G 148 18.44 39.10 10.37
C ILE G 148 17.85 39.33 11.75
N GLY G 149 18.70 39.77 12.66
CA GLY G 149 18.27 40.07 14.00
C GLY G 149 18.33 38.88 14.95
N SER G 150 18.52 37.68 14.43
CA SER G 150 18.64 36.50 15.32
C SER G 150 20.05 36.29 15.75
N GLU G 151 20.25 35.33 16.64
CA GLU G 151 21.57 35.07 17.22
C GLU G 151 22.58 34.64 16.16
N TYR G 152 22.17 33.82 15.20
CA TYR G 152 23.10 33.36 14.18
C TYR G 152 22.91 34.11 12.86
N GLU G 153 22.68 35.42 12.97
CA GLU G 153 22.45 36.21 11.76
C GLU G 153 23.63 36.10 10.78
N HIS G 154 24.82 36.36 11.30
CA HIS G 154 26.08 36.38 10.52
C HIS G 154 26.26 35.10 9.71
N GLN G 155 26.04 33.94 10.33
CA GLN G 155 26.20 32.65 9.70
C GLN G 155 25.14 32.46 8.60
N SER G 156 23.91 32.87 8.88
CA SER G 156 22.88 32.70 7.90
C SER G 156 23.25 33.49 6.65
N ILE G 157 23.84 34.67 6.81
CA ILE G 157 24.15 35.43 5.60
C ILE G 157 25.32 34.77 4.85
N LYS G 158 26.27 34.23 5.61
CA LYS G 158 27.36 33.49 4.98
C LYS G 158 26.84 32.32 4.19
N ASN G 159 25.79 31.65 4.67
CA ASN G 159 25.16 30.60 3.90
C ASN G 159 24.71 31.12 2.53
N ILE G 160 24.11 32.30 2.49
CA ILE G 160 23.72 32.90 1.21
C ILE G 160 24.95 33.20 0.35
N ILE G 161 25.98 33.81 0.95
CA ILE G 161 27.21 34.09 0.20
C ILE G 161 27.79 32.82 -0.43
N GLN G 162 27.87 31.77 0.36
CA GLN G 162 28.40 30.53 -0.14
C GLN G 162 27.54 29.93 -1.28
N LEU G 163 26.20 29.99 -1.14
CA LEU G 163 25.36 29.43 -2.21
C LEU G 163 25.49 30.23 -3.51
N VAL G 164 25.54 31.55 -3.43
CA VAL G 164 25.67 32.36 -4.64
C VAL G 164 27.06 32.12 -5.29
N ASP G 165 28.13 32.13 -4.48
CA ASP G 165 29.44 31.85 -5.02
C ASP G 165 29.39 30.57 -5.84
N ALA G 166 28.85 29.51 -5.25
CA ALA G 166 28.83 28.21 -5.92
C ALA G 166 27.84 28.18 -7.10
N GLY G 167 26.73 28.89 -6.96
CA GLY G 167 25.73 28.91 -8.02
C GLY G 167 26.19 29.63 -9.28
N MET G 168 27.04 30.64 -9.12
CA MET G 168 27.43 31.43 -10.26
C MET G 168 28.36 30.65 -11.19
N LYS G 169 29.06 29.66 -10.63
CA LYS G 169 29.96 28.81 -11.41
C LYS G 169 29.14 27.92 -12.36
N VAL G 170 27.88 27.72 -12.01
CA VAL G 170 27.12 26.63 -12.56
C VAL G 170 25.80 27.07 -13.18
N GLY G 171 25.39 28.31 -12.88
CA GLY G 171 24.20 28.93 -13.44
C GLY G 171 22.98 28.54 -12.64
N MET G 172 23.20 28.25 -11.37
CA MET G 172 22.12 27.92 -10.43
C MET G 172 21.71 29.12 -9.60
N PRO G 173 20.49 29.59 -9.73
CA PRO G 173 19.96 30.71 -8.95
C PRO G 173 19.88 30.38 -7.46
N THR G 174 19.97 31.37 -6.60
CA THR G 174 19.82 31.15 -5.16
C THR G 174 18.64 31.94 -4.62
N MET G 175 17.81 31.31 -3.80
CA MET G 175 16.66 31.97 -3.20
C MET G 175 16.92 32.15 -1.72
N ALA G 176 16.90 33.40 -1.27
CA ALA G 176 17.10 33.72 0.14
C ALA G 176 15.77 33.90 0.80
N VAL G 177 15.57 33.25 1.94
CA VAL G 177 14.27 33.30 2.61
C VAL G 177 14.43 34.06 3.93
N THR G 178 13.60 35.10 4.14
CA THR G 178 13.70 35.94 5.36
C THR G 178 12.99 35.29 6.55
N GLY G 179 13.72 34.55 7.38
CA GLY G 179 13.12 33.85 8.50
C GLY G 179 13.16 34.72 9.73
N VAL G 180 12.13 34.64 10.57
CA VAL G 180 11.98 35.57 11.70
C VAL G 180 12.26 35.03 13.12
N VAL G 185 8.74 41.01 15.78
CA VAL G 185 7.92 41.99 15.11
C VAL G 185 8.16 42.06 13.58
N ARG G 186 7.09 41.84 12.85
CA ARG G 186 7.19 41.74 11.44
C ARG G 186 6.57 42.95 10.78
N ASP G 187 7.30 44.05 10.71
CA ASP G 187 6.79 45.21 9.99
C ASP G 187 7.53 45.49 8.66
N GLN G 188 7.10 46.50 7.94
CA GLN G 188 7.72 46.82 6.68
C GLN G 188 9.18 47.17 6.81
N ARG G 189 9.53 47.99 7.79
CA ARG G 189 10.92 48.43 7.89
C ARG G 189 11.87 47.26 8.13
N TYR G 190 11.42 46.27 8.89
CA TYR G 190 12.23 45.08 9.09
C TYR G 190 12.46 44.21 7.81
N PHE G 191 11.37 43.80 7.18
CA PHE G 191 11.46 43.05 5.93
C PHE G 191 12.17 43.81 4.81
N SER G 192 12.01 45.13 4.75
CA SER G 192 12.84 45.90 3.83
C SER G 192 14.34 45.62 4.08
N LEU G 193 14.76 45.72 5.33
CA LEU G 193 16.14 45.43 5.69
C LEU G 193 16.58 44.00 5.28
N ALA G 194 15.83 42.99 5.71
CA ALA G 194 16.18 41.61 5.41
C ALA G 194 16.22 41.31 3.94
N THR G 195 15.17 41.67 3.21
CA THR G 195 15.13 41.37 1.77
C THR G 195 16.24 42.09 1.01
N ARG G 196 16.46 43.37 1.32
CA ARG G 196 17.45 44.19 0.59
C ARG G 196 18.88 43.74 0.79
N ILE G 197 19.20 43.33 2.01
CA ILE G 197 20.52 42.78 2.28
C ILE G 197 20.73 41.49 1.49
N ALA G 198 19.78 40.58 1.57
CA ALA G 198 19.94 39.32 0.86
C ALA G 198 20.14 39.58 -0.65
N ALA G 199 19.31 40.45 -1.23
CA ALA G 199 19.40 40.74 -2.67
C ALA G 199 20.77 41.34 -2.99
N GLU G 200 21.17 42.24 -2.11
CA GLU G 200 22.44 42.92 -2.21
C GLU G 200 23.62 41.92 -2.17
N MET G 201 23.54 40.89 -1.35
CA MET G 201 24.57 39.85 -1.36
C MET G 201 24.59 39.03 -2.65
N GLY G 202 23.46 38.91 -3.34
CA GLY G 202 23.45 38.21 -4.63
C GLY G 202 22.30 37.25 -4.95
N ALA G 203 21.46 36.98 -3.98
CA ALA G 203 20.33 36.07 -4.21
C ALA G 203 19.48 36.60 -5.33
N GLN G 204 19.03 35.71 -6.23
CA GLN G 204 18.24 36.13 -7.38
C GLN G 204 16.77 36.04 -7.14
N ILE G 205 16.36 35.26 -6.14
CA ILE G 205 14.97 35.25 -5.72
C ILE G 205 14.90 35.52 -4.21
N ILE G 206 13.96 36.35 -3.80
CA ILE G 206 13.73 36.57 -2.37
C ILE G 206 12.33 36.11 -1.97
N LYS G 207 12.24 35.38 -0.86
CA LYS G 207 10.94 34.98 -0.34
C LYS G 207 10.76 35.54 1.05
N THR G 208 9.67 36.29 1.25
CA THR G 208 9.42 36.96 2.52
C THR G 208 7.94 36.81 2.90
N TYR G 209 7.50 37.56 3.91
CA TYR G 209 6.10 37.48 4.34
C TYR G 209 5.31 38.70 3.89
N TYR G 210 3.99 38.54 3.75
CA TYR G 210 3.16 39.67 3.42
C TYR G 210 2.90 40.53 4.64
N VAL G 211 2.80 41.83 4.47
CA VAL G 211 2.56 42.68 5.61
C VAL G 211 1.33 43.54 5.40
N GLU G 212 0.58 43.77 6.48
CA GLU G 212 -0.66 44.54 6.44
C GLU G 212 -0.48 45.87 5.74
N LYS G 213 0.58 46.59 6.08
CA LYS G 213 0.83 47.85 5.42
C LYS G 213 2.32 48.06 5.13
N GLY G 214 2.59 48.58 3.94
CA GLY G 214 3.95 48.89 3.53
C GLY G 214 4.54 47.88 2.59
N PHE G 215 3.83 46.81 2.31
CA PHE G 215 4.36 45.76 1.44
C PHE G 215 4.85 46.28 0.10
N GLU G 216 4.13 47.23 -0.47
CA GLU G 216 4.55 47.84 -1.71
C GLU G 216 5.99 48.33 -1.68
N ARG G 217 6.40 48.84 -0.52
CA ARG G 217 7.74 49.40 -0.31
C ARG G 217 8.80 48.30 -0.23
N ILE G 218 8.41 47.15 0.28
CA ILE G 218 9.28 45.98 0.27
C ILE G 218 9.63 45.56 -1.17
N VAL G 219 8.61 45.38 -2.01
CA VAL G 219 8.81 45.07 -3.42
C VAL G 219 9.62 46.15 -4.13
N ALA G 220 9.24 47.41 -3.94
CA ALA G 220 9.90 48.49 -4.68
C ALA G 220 11.39 48.59 -4.35
N GLY G 221 11.75 48.26 -3.11
CA GLY G 221 13.12 48.42 -2.64
C GLY G 221 14.00 47.23 -2.95
N CYS G 222 13.41 46.21 -3.56
CA CYS G 222 14.11 44.96 -3.81
C CYS G 222 14.30 44.77 -5.29
N PRO G 223 15.55 44.64 -5.72
CA PRO G 223 15.83 44.67 -7.14
C PRO G 223 15.41 43.39 -7.87
N VAL G 224 15.07 42.33 -7.14
CA VAL G 224 14.80 41.04 -7.77
C VAL G 224 13.44 40.54 -7.32
N PRO G 225 12.92 39.50 -8.03
CA PRO G 225 11.56 38.94 -7.81
C PRO G 225 11.29 38.53 -6.36
N ILE G 226 10.11 38.89 -5.85
CA ILE G 226 9.74 38.55 -4.49
C ILE G 226 8.61 37.54 -4.51
N VAL G 227 8.67 36.60 -3.57
CA VAL G 227 7.65 35.59 -3.44
C VAL G 227 7.23 35.60 -1.98
N ILE G 228 5.93 35.46 -1.70
CA ILE G 228 5.47 35.47 -0.31
C ILE G 228 5.21 34.08 0.21
N ALA G 229 5.50 33.87 1.48
CA ALA G 229 5.16 32.63 2.13
C ALA G 229 3.68 32.65 2.50
N GLY G 230 3.08 31.44 2.51
CA GLY G 230 1.67 31.26 2.87
C GLY G 230 1.39 31.61 4.32
N GLY G 231 2.31 31.28 5.22
CA GLY G 231 2.09 31.58 6.64
C GLY G 231 1.09 30.61 7.25
N LYS G 232 0.76 30.81 8.53
CA LYS G 232 -0.08 29.84 9.25
C LYS G 232 -1.44 29.75 8.59
N LYS G 233 -2.14 28.64 8.86
CA LYS G 233 -3.44 28.36 8.23
C LYS G 233 -4.44 29.48 8.49
N LEU G 234 -5.15 29.86 7.44
CA LEU G 234 -6.22 30.84 7.56
C LEU G 234 -7.41 30.28 6.85
N PRO G 235 -8.59 30.85 7.12
CA PRO G 235 -9.76 30.50 6.32
C PRO G 235 -9.44 30.75 4.86
N GLU G 236 -9.85 29.81 4.01
CA GLU G 236 -9.52 29.83 2.58
C GLU G 236 -9.76 31.18 1.94
N ARG G 237 -10.87 31.83 2.30
CA ARG G 237 -11.19 33.11 1.69
C ARG G 237 -10.14 34.16 2.09
N GLU G 238 -9.67 34.11 3.33
CA GLU G 238 -8.71 35.10 3.78
C GLU G 238 -7.35 34.88 3.15
N ALA G 239 -6.97 33.61 3.01
CA ALA G 239 -5.73 33.23 2.35
C ALA G 239 -5.70 33.79 0.93
N LEU G 240 -6.80 33.65 0.21
CA LEU G 240 -6.87 34.18 -1.14
C LEU G 240 -6.78 35.69 -1.16
N GLU G 241 -7.41 36.36 -0.20
CA GLU G 241 -7.28 37.79 -0.09
C GLU G 241 -5.81 38.20 0.05
N MET G 242 -5.07 37.47 0.90
CA MET G 242 -3.68 37.78 1.13
C MET G 242 -2.96 37.71 -0.19
N CYS G 243 -3.20 36.61 -0.93
CA CYS G 243 -2.58 36.44 -2.24
C CYS G 243 -2.89 37.61 -3.14
N TRP G 244 -4.17 37.96 -3.25
CA TRP G 244 -4.55 39.04 -4.13
C TRP G 244 -3.86 40.36 -3.78
N GLN G 245 -3.80 40.69 -2.51
CA GLN G 245 -3.11 41.87 -2.07
C GLN G 245 -1.64 41.83 -2.48
N ALA G 246 -0.96 40.73 -2.14
CA ALA G 246 0.45 40.56 -2.44
C ALA G 246 0.71 40.80 -3.92
N ILE G 247 -0.01 40.06 -4.76
CA ILE G 247 0.16 40.17 -6.20
C ILE G 247 -0.12 41.57 -6.66
N ASP G 248 -1.26 42.10 -6.24
CA ASP G 248 -1.65 43.44 -6.63
C ASP G 248 -0.58 44.47 -6.26
N GLN G 249 0.14 44.24 -5.18
CA GLN G 249 1.16 45.19 -4.75
C GLN G 249 2.57 44.88 -5.27
N GLY G 250 2.68 43.88 -6.15
CA GLY G 250 3.94 43.66 -6.88
C GLY G 250 4.74 42.38 -6.65
N ALA G 251 4.19 41.47 -5.85
CA ALA G 251 4.83 40.19 -5.63
C ALA G 251 4.87 39.43 -6.96
N SER G 252 5.91 38.61 -7.15
CA SER G 252 6.06 37.80 -8.35
C SER G 252 5.49 36.42 -8.20
N GLY G 253 4.76 36.16 -7.12
CA GLY G 253 4.13 34.85 -6.88
C GLY G 253 4.06 34.47 -5.40
N VAL G 254 3.46 33.32 -5.10
CA VAL G 254 3.41 32.85 -3.72
C VAL G 254 4.02 31.46 -3.54
N ASP G 255 4.49 31.21 -2.32
CA ASP G 255 5.09 29.92 -1.94
C ASP G 255 4.27 29.30 -0.81
N MET G 256 3.05 28.90 -1.14
CA MET G 256 2.11 28.28 -0.22
C MET G 256 2.51 26.91 0.29
N GLY G 257 2.28 26.69 1.58
CA GLY G 257 2.42 25.36 2.17
C GLY G 257 1.12 25.00 2.88
N ARG G 258 1.01 25.45 4.13
CA ARG G 258 -0.10 25.06 5.01
C ARG G 258 -1.45 25.44 4.47
N ASN G 259 -1.56 26.62 3.88
CA ASN G 259 -2.88 27.07 3.40
C ASN G 259 -3.41 26.20 2.27
N ILE G 260 -2.60 25.26 1.83
CA ILE G 260 -3.02 24.40 0.78
C ILE G 260 -3.13 22.99 1.31
N PHE G 261 -2.04 22.45 1.83
CA PHE G 261 -2.07 21.06 2.25
C PHE G 261 -2.86 20.84 3.54
N GLN G 262 -3.19 21.92 4.26
CA GLN G 262 -4.01 21.79 5.47
C GLN G 262 -5.45 22.14 5.20
N SER G 263 -5.78 22.32 3.94
CA SER G 263 -7.12 22.68 3.54
C SER G 263 -7.90 21.39 3.36
N ASP G 264 -9.23 21.46 3.46
CA ASP G 264 -10.07 20.30 3.23
C ASP G 264 -10.21 20.04 1.74
N HIS G 265 -9.82 21.03 0.94
CA HIS G 265 -9.89 20.91 -0.50
C HIS G 265 -8.63 21.45 -1.17
N PRO G 266 -7.51 20.75 -1.01
CA PRO G 266 -6.23 21.24 -1.48
C PRO G 266 -6.26 21.61 -2.97
N VAL G 267 -6.71 20.67 -3.79
CA VAL G 267 -6.67 20.85 -5.25
C VAL G 267 -7.47 22.06 -5.67
N ALA G 268 -8.68 22.16 -5.13
CA ALA G 268 -9.53 23.34 -5.34
C ALA G 268 -8.81 24.65 -4.95
N MET G 269 -8.24 24.69 -3.75
CA MET G 269 -7.53 25.87 -3.29
C MET G 269 -6.41 26.27 -4.26
N MET G 270 -5.65 25.28 -4.73
CA MET G 270 -4.56 25.54 -5.65
C MET G 270 -5.06 26.21 -6.92
N LYS G 271 -6.17 25.70 -7.46
CA LYS G 271 -6.75 26.26 -8.68
C LYS G 271 -7.17 27.70 -8.46
N ALA G 272 -7.70 27.98 -7.27
CA ALA G 272 -8.02 29.35 -6.88
C ALA G 272 -6.75 30.20 -6.86
N VAL G 273 -5.75 29.75 -6.11
CA VAL G 273 -4.50 30.47 -6.01
C VAL G 273 -3.92 30.76 -7.39
N GLN G 274 -4.02 29.79 -8.30
CA GLN G 274 -3.55 29.98 -9.68
C GLN G 274 -4.31 31.10 -10.35
N ALA G 275 -5.63 31.06 -10.20
CA ALA G 275 -6.48 32.06 -10.82
C ALA G 275 -6.07 33.46 -10.40
N VAL G 276 -5.79 33.63 -9.11
CA VAL G 276 -5.45 34.93 -8.57
C VAL G 276 -4.09 35.36 -9.09
N VAL G 277 -3.13 34.44 -9.09
CA VAL G 277 -1.72 34.75 -9.40
C VAL G 277 -1.46 34.99 -10.91
N HIS G 278 -1.92 34.07 -11.74
CA HIS G 278 -1.67 34.20 -13.17
C HIS G 278 -2.70 35.01 -13.99
N HIS G 279 -3.95 35.04 -13.54
CA HIS G 279 -5.03 35.55 -14.36
C HIS G 279 -5.75 36.76 -13.76
N ASN G 280 -5.09 37.44 -12.83
CA ASN G 280 -5.70 38.61 -12.22
C ASN G 280 -7.13 38.46 -11.72
N GLU G 281 -7.54 37.25 -11.37
CA GLU G 281 -8.80 37.10 -10.68
C GLU G 281 -8.86 37.92 -9.37
N THR G 282 -10.09 38.19 -8.93
CA THR G 282 -10.34 38.82 -7.63
C THR G 282 -10.47 37.78 -6.50
N ALA G 283 -10.28 38.24 -5.26
CA ALA G 283 -10.38 37.33 -4.12
C ALA G 283 -11.72 36.60 -4.11
N ASP G 284 -12.81 37.36 -4.36
CA ASP G 284 -14.18 36.81 -4.35
C ASP G 284 -14.43 35.84 -5.49
N ARG G 285 -14.22 36.29 -6.72
CA ARG G 285 -14.38 35.43 -7.86
C ARG G 285 -13.63 34.12 -7.64
N ALA G 286 -12.38 34.22 -7.19
CA ALA G 286 -11.53 33.07 -6.93
C ALA G 286 -12.16 32.15 -5.89
N TYR G 287 -12.67 32.73 -4.80
CA TYR G 287 -13.30 31.96 -3.74
C TYR G 287 -14.46 31.15 -4.29
N GLU G 288 -15.16 31.69 -5.29
CA GLU G 288 -16.26 30.98 -5.95
C GLU G 288 -15.77 29.86 -6.84
N LEU G 289 -14.57 30.03 -7.40
CA LEU G 289 -13.90 28.93 -8.11
C LEU G 289 -13.61 27.83 -7.09
N TYR G 290 -13.37 28.22 -5.86
CA TYR G 290 -13.05 27.28 -4.80
C TYR G 290 -14.28 26.57 -4.32
N LEU G 291 -15.40 27.28 -4.27
CA LEU G 291 -16.68 26.69 -3.84
C LEU G 291 -17.31 25.77 -4.86
N SER G 292 -16.93 25.92 -6.13
CA SER G 292 -17.38 24.98 -7.16
C SER G 292 -16.60 23.65 -7.17
N GLU G 293 -15.42 23.62 -6.56
CA GLU G 293 -14.71 22.36 -6.25
C GLU G 293 -14.68 22.08 -4.74
N GLY H 14 19.80 -16.38 -38.28
CA GLY H 14 19.59 -17.31 -37.13
C GLY H 14 19.57 -16.59 -35.78
N LYS H 15 18.89 -15.45 -35.74
CA LYS H 15 18.80 -14.65 -34.52
C LYS H 15 17.35 -14.46 -34.11
N ASP H 16 17.11 -14.41 -32.80
CA ASP H 16 15.75 -14.20 -32.28
C ASP H 16 15.71 -12.97 -31.37
N PHE H 17 15.18 -11.86 -31.90
CA PHE H 17 15.09 -10.62 -31.13
C PHE H 17 13.80 -10.53 -30.34
N ARG H 18 13.02 -11.61 -30.38
CA ARG H 18 11.72 -11.67 -29.73
C ARG H 18 11.01 -10.32 -29.74
N THR H 19 10.73 -9.82 -30.93
CA THR H 19 10.16 -8.50 -31.09
C THR H 19 8.68 -8.46 -30.76
N ASP H 20 8.09 -9.62 -30.47
CA ASP H 20 6.69 -9.65 -30.09
C ASP H 20 6.53 -9.35 -28.59
N GLN H 21 7.66 -9.22 -27.90
CA GLN H 21 7.64 -9.07 -26.46
C GLN H 21 8.49 -7.88 -26.02
N PRO H 22 7.85 -6.75 -25.76
CA PRO H 22 8.58 -5.54 -25.46
C PRO H 22 9.27 -5.66 -24.12
N GLN H 23 10.41 -4.99 -23.99
CA GLN H 23 11.22 -4.97 -22.79
C GLN H 23 10.50 -4.16 -21.71
N LYS H 24 10.53 -4.62 -20.46
CA LYS H 24 9.88 -3.92 -19.35
C LYS H 24 10.82 -3.77 -18.17
N ASN H 25 10.81 -2.61 -17.53
CA ASN H 25 11.70 -2.36 -16.41
C ASN H 25 11.21 -3.14 -15.20
N ILE H 26 12.13 -3.78 -14.47
CA ILE H 26 11.78 -4.35 -13.22
C ILE H 26 11.79 -3.33 -12.06
N PRO H 27 10.65 -3.16 -11.35
CA PRO H 27 10.60 -2.16 -10.26
C PRO H 27 11.51 -2.49 -9.07
N PHE H 28 12.08 -1.44 -8.48
CA PHE H 28 12.86 -1.54 -7.24
C PHE H 28 11.97 -1.11 -6.07
N THR H 29 11.62 -2.04 -5.19
CA THR H 29 10.55 -1.76 -4.25
C THR H 29 10.98 -1.26 -2.89
N LEU H 30 12.26 -1.35 -2.54
CA LEU H 30 12.75 -0.95 -1.21
C LEU H 30 12.26 0.46 -0.84
N LYS H 31 11.60 0.56 0.30
CA LYS H 31 10.97 1.81 0.71
C LYS H 31 11.81 3.07 0.45
N GLY H 32 11.30 3.93 -0.44
CA GLY H 32 11.91 5.25 -0.66
C GLY H 32 13.29 5.20 -1.29
N CYS H 33 13.62 4.11 -1.97
CA CYS H 33 14.90 4.01 -2.68
C CYS H 33 14.70 3.67 -4.16
N GLY H 34 13.53 4.03 -4.69
CA GLY H 34 13.23 3.72 -6.08
C GLY H 34 13.73 4.74 -7.06
N ALA H 35 14.56 5.70 -6.64
CA ALA H 35 15.01 6.75 -7.55
C ALA H 35 16.45 7.03 -7.28
N LEU H 36 17.23 5.97 -7.11
CA LEU H 36 18.69 6.08 -6.89
C LEU H 36 19.40 5.39 -8.03
N ASP H 37 20.64 5.76 -8.25
CA ASP H 37 21.45 5.14 -9.28
C ASP H 37 21.73 3.67 -9.03
N TRP H 38 22.17 2.95 -10.06
CA TRP H 38 22.32 1.50 -9.96
C TRP H 38 23.21 1.06 -8.82
N GLY H 39 24.37 1.70 -8.73
CA GLY H 39 25.36 1.32 -7.71
C GLY H 39 24.86 1.50 -6.27
N MET H 40 24.20 2.61 -6.00
CA MET H 40 23.62 2.81 -4.69
C MET H 40 22.51 1.79 -4.42
N GLN H 41 21.64 1.53 -5.39
CA GLN H 41 20.63 0.52 -5.18
C GLN H 41 21.31 -0.84 -4.94
N SER H 42 22.45 -1.03 -5.57
CA SER H 42 23.17 -2.27 -5.44
C SER H 42 23.66 -2.45 -4.02
N ARG H 43 24.32 -1.42 -3.49
CA ARG H 43 24.82 -1.50 -2.12
C ARG H 43 23.68 -1.76 -1.15
N LEU H 44 22.55 -1.10 -1.38
CA LEU H 44 21.40 -1.23 -0.50
C LEU H 44 20.84 -2.62 -0.57
N SER H 45 20.97 -3.28 -1.72
CA SER H 45 20.41 -4.60 -1.88
C SER H 45 21.33 -5.59 -1.22
N ARG H 46 22.59 -5.23 -1.00
CA ARG H 46 23.48 -6.07 -0.20
C ARG H 46 23.07 -6.04 1.28
N ILE H 47 22.48 -4.93 1.73
CA ILE H 47 22.02 -4.78 3.10
C ILE H 47 20.60 -5.35 3.28
N PHE H 48 19.66 -4.92 2.46
CA PHE H 48 18.28 -5.35 2.60
C PHE H 48 17.93 -6.41 1.57
N ASN H 49 17.73 -7.62 2.06
CA ASN H 49 17.40 -8.75 1.24
C ASN H 49 16.28 -8.38 0.28
N PRO H 50 16.55 -8.49 -1.03
CA PRO H 50 15.59 -8.12 -2.07
C PRO H 50 14.25 -8.80 -1.92
N LYS H 51 14.25 -10.07 -1.52
CA LYS H 51 13.02 -10.84 -1.34
C LYS H 51 12.17 -10.31 -0.18
N THR H 52 12.69 -10.36 1.04
CA THR H 52 11.95 -9.88 2.24
C THR H 52 11.99 -8.35 2.46
N GLY H 53 12.99 -7.66 1.95
CA GLY H 53 13.08 -6.22 2.14
C GLY H 53 13.61 -5.83 3.51
N LYS H 54 14.12 -6.82 4.24
CA LYS H 54 14.61 -6.60 5.60
C LYS H 54 16.07 -6.98 5.79
N THR H 55 16.58 -6.75 6.99
CA THR H 55 17.96 -7.07 7.28
C THR H 55 18.18 -7.41 8.77
N VAL H 56 18.99 -8.41 9.04
CA VAL H 56 19.54 -8.62 10.37
C VAL H 56 21.00 -8.15 10.44
N MET H 57 21.23 -7.06 11.18
CA MET H 57 22.54 -6.45 11.21
C MET H 57 23.24 -6.73 12.52
N LEU H 58 24.44 -7.28 12.48
CA LEU H 58 25.23 -7.53 13.70
C LEU H 58 26.17 -6.34 14.08
N ALA H 59 25.85 -5.66 15.17
CA ALA H 59 26.56 -4.45 15.54
C ALA H 59 27.64 -4.65 16.60
N PHE H 60 28.88 -4.32 16.28
CA PHE H 60 29.91 -4.33 17.29
C PHE H 60 30.87 -3.12 17.25
N ASP H 61 30.28 -1.93 17.11
CA ASP H 61 31.04 -0.71 17.00
C ASP H 61 31.17 0.04 18.31
N HIS H 62 30.55 -0.49 19.36
CA HIS H 62 30.44 0.17 20.65
C HIS H 62 31.77 0.72 21.16
N GLY H 63 32.84 0.00 20.91
CA GLY H 63 34.15 0.44 21.38
C GLY H 63 34.60 1.80 20.89
N TYR H 64 33.98 2.32 19.83
CA TYR H 64 34.49 3.58 19.24
C TYR H 64 34.55 4.72 20.22
N PHE H 65 33.70 4.66 21.24
CA PHE H 65 33.72 5.69 22.29
C PHE H 65 33.64 5.08 23.69
N GLN H 66 33.51 3.76 23.76
CA GLN H 66 33.40 3.09 25.05
C GLN H 66 34.58 2.23 25.42
N GLY H 67 35.53 2.03 24.51
CA GLY H 67 36.64 1.10 24.78
C GLY H 67 36.14 -0.32 24.84
N PRO H 68 36.84 -1.21 25.58
CA PRO H 68 36.49 -2.62 25.62
C PRO H 68 35.27 -2.86 26.44
N THR H 69 34.13 -2.74 25.81
CA THR H 69 32.85 -2.91 26.48
C THR H 69 32.63 -4.40 26.71
N THR H 70 31.80 -4.73 27.70
CA THR H 70 31.56 -6.14 28.03
C THR H 70 31.00 -6.93 26.86
N GLY H 71 31.60 -8.09 26.57
CA GLY H 71 31.21 -8.91 25.43
C GLY H 71 32.06 -8.65 24.18
N LEU H 72 32.67 -7.47 24.11
CA LEU H 72 33.50 -7.10 22.97
C LEU H 72 34.96 -6.92 23.36
N GLU H 73 35.40 -7.60 24.42
CA GLU H 73 36.80 -7.54 24.78
C GLU H 73 37.64 -8.19 23.66
N ARG H 74 37.17 -9.34 23.18
CA ARG H 74 37.90 -10.04 22.14
C ARG H 74 37.02 -10.34 20.93
N ILE H 75 36.89 -9.35 20.06
CA ILE H 75 36.07 -9.50 18.86
C ILE H 75 36.58 -10.72 18.10
N ASP H 76 37.90 -10.88 18.09
CA ASP H 76 38.54 -11.92 17.30
C ASP H 76 38.15 -13.31 17.73
N ILE H 77 37.71 -13.45 18.97
CA ILE H 77 37.34 -14.74 19.51
C ILE H 77 35.83 -14.89 19.67
N ASN H 78 35.20 -13.96 20.36
CA ASN H 78 33.79 -14.09 20.64
C ASN H 78 32.89 -13.71 19.48
N ILE H 79 33.25 -12.66 18.76
CA ILE H 79 32.39 -12.19 17.68
C ILE H 79 32.71 -12.92 16.38
N ALA H 80 33.95 -13.34 16.20
CA ALA H 80 34.36 -13.96 14.96
C ALA H 80 33.36 -15.01 14.44
N PRO H 81 33.00 -15.99 15.30
CA PRO H 81 32.12 -17.10 14.94
C PRO H 81 30.67 -16.70 14.65
N LEU H 82 30.33 -15.45 14.87
CA LEU H 82 29.00 -14.98 14.62
C LEU H 82 28.79 -14.40 13.23
N PHE H 83 29.88 -13.95 12.58
CA PHE H 83 29.79 -13.17 11.34
C PHE H 83 28.93 -13.87 10.33
N GLU H 84 29.24 -15.13 10.06
CA GLU H 84 28.52 -15.90 9.04
C GLU H 84 26.99 -15.91 9.27
N HIS H 85 26.55 -15.80 10.52
CA HIS H 85 25.13 -15.87 10.82
C HIS H 85 24.45 -14.53 10.69
N ALA H 86 25.16 -13.53 10.21
CA ALA H 86 24.57 -12.20 10.10
C ALA H 86 24.42 -11.77 8.64
N ASP H 87 23.43 -10.92 8.35
CA ASP H 87 23.26 -10.40 6.98
C ASP H 87 24.33 -9.35 6.65
N VAL H 88 24.59 -8.49 7.63
CA VAL H 88 25.57 -7.44 7.46
C VAL H 88 26.27 -7.13 8.77
N LEU H 89 27.55 -6.74 8.70
CA LEU H 89 28.32 -6.40 9.87
C LEU H 89 28.39 -4.88 10.01
N MET H 90 28.34 -4.38 11.24
CA MET H 90 28.61 -2.98 11.47
C MET H 90 29.73 -2.78 12.47
N CYS H 91 30.75 -2.03 12.08
CA CYS H 91 31.86 -1.80 12.96
C CYS H 91 32.71 -0.66 12.45
N THR H 92 33.82 -0.42 13.13
CA THR H 92 34.73 0.64 12.74
C THR H 92 35.77 0.13 11.77
N ARG H 93 36.48 1.06 11.14
CA ARG H 93 37.52 0.69 10.19
C ARG H 93 38.72 0.13 10.93
N GLY H 94 38.87 0.48 12.20
CA GLY H 94 39.97 -0.08 13.00
C GLY H 94 39.80 -1.58 13.26
N ILE H 95 38.66 -1.96 13.81
CA ILE H 95 38.34 -3.36 14.00
C ILE H 95 38.24 -4.12 12.66
N LEU H 96 37.59 -3.52 11.66
CA LEU H 96 37.48 -4.15 10.36
C LEU H 96 38.85 -4.62 9.86
N ARG H 97 39.81 -3.72 9.79
CA ARG H 97 41.08 -4.08 9.22
C ARG H 97 41.82 -5.07 10.10
N SER H 98 41.74 -4.87 11.42
CA SER H 98 42.56 -5.63 12.36
C SER H 98 42.10 -7.08 12.58
N VAL H 99 40.81 -7.29 12.80
CA VAL H 99 40.37 -8.59 13.23
C VAL H 99 39.22 -9.21 12.46
N VAL H 100 38.56 -8.45 11.59
CA VAL H 100 37.53 -9.04 10.73
C VAL H 100 38.18 -9.55 9.44
N PRO H 101 38.20 -10.89 9.23
CA PRO H 101 38.88 -11.41 8.03
C PRO H 101 38.08 -11.06 6.78
N PRO H 102 38.74 -10.52 5.73
CA PRO H 102 38.08 -10.13 4.49
C PRO H 102 37.36 -11.30 3.89
N ALA H 103 37.87 -12.52 4.11
CA ALA H 103 37.25 -13.73 3.57
C ALA H 103 35.85 -13.97 4.17
N THR H 104 35.50 -13.18 5.19
CA THR H 104 34.21 -13.31 5.82
C THR H 104 33.11 -13.11 4.78
N ASN H 105 33.46 -12.46 3.68
CA ASN H 105 32.53 -12.26 2.59
C ASN H 105 31.14 -11.81 3.05
N ARG H 106 31.09 -10.83 3.93
CA ARG H 106 29.82 -10.33 4.43
C ARG H 106 29.78 -8.79 4.27
N PRO H 107 28.65 -8.22 3.82
CA PRO H 107 28.58 -6.76 3.62
C PRO H 107 28.82 -6.00 4.92
N VAL H 108 29.49 -4.85 4.87
CA VAL H 108 29.75 -4.03 6.07
C VAL H 108 29.17 -2.62 5.99
N VAL H 109 28.83 -2.09 7.15
CA VAL H 109 28.40 -0.73 7.29
C VAL H 109 29.38 -0.08 8.29
N LEU H 110 30.18 0.85 7.84
CA LEU H 110 31.22 1.40 8.68
C LEU H 110 30.77 2.52 9.60
N ARG H 111 31.12 2.42 10.87
CA ARG H 111 30.96 3.54 11.77
C ARG H 111 31.84 4.69 11.26
N ALA H 112 31.26 5.83 10.93
CA ALA H 112 32.06 6.94 10.41
C ALA H 112 31.95 8.19 11.28
N SER H 113 31.68 8.02 12.56
CA SER H 113 31.71 9.15 13.47
C SER H 113 32.43 8.73 14.75
N GLY H 114 32.82 9.71 15.55
CA GLY H 114 33.68 9.46 16.72
C GLY H 114 34.25 10.71 17.34
N ALA H 115 35.39 10.56 18.01
CA ALA H 115 36.09 11.67 18.65
C ALA H 115 35.40 12.08 19.96
N ASN H 116 34.46 11.26 20.42
CA ASN H 116 33.82 11.41 21.72
C ASN H 116 34.24 10.26 22.63
N SER H 117 33.86 10.32 23.91
CA SER H 117 34.13 9.18 24.82
C SER H 117 33.18 9.19 25.99
N ILE H 118 33.16 8.12 26.75
CA ILE H 118 32.33 8.10 27.96
C ILE H 118 32.86 9.00 29.08
N LEU H 119 34.00 9.64 28.88
CA LEU H 119 34.52 10.54 29.90
C LEU H 119 34.18 11.97 29.61
N ALA H 120 33.50 12.24 28.49
CA ALA H 120 33.16 13.62 28.15
C ALA H 120 31.74 13.74 27.59
N GLU H 121 31.47 14.84 26.89
CA GLU H 121 30.14 15.04 26.36
C GLU H 121 29.85 14.01 25.25
N LEU H 122 28.78 13.25 25.42
CA LEU H 122 28.50 12.15 24.49
C LEU H 122 28.16 12.60 23.06
N SER H 123 27.50 13.73 22.92
CA SER H 123 27.10 14.19 21.59
C SER H 123 28.24 14.93 20.84
N ASN H 124 29.47 14.97 21.37
CA ASN H 124 30.52 15.72 20.73
C ASN H 124 31.26 14.85 19.73
N GLU H 125 30.61 14.55 18.60
CA GLU H 125 31.22 13.67 17.60
C GLU H 125 31.64 14.42 16.31
N ALA H 126 32.74 13.97 15.70
CA ALA H 126 33.19 14.45 14.37
C ALA H 126 33.16 13.29 13.36
N VAL H 127 33.25 13.60 12.07
CA VAL H 127 33.33 12.52 11.09
C VAL H 127 34.64 11.79 11.33
N ALA H 128 34.58 10.46 11.36
CA ALA H 128 35.68 9.64 11.83
C ALA H 128 36.40 8.90 10.70
N LEU H 129 35.90 8.97 9.47
CA LEU H 129 36.65 8.41 8.33
C LEU H 129 36.21 9.07 7.02
N SER H 130 37.16 9.32 6.13
CA SER H 130 36.85 9.96 4.86
C SER H 130 36.12 9.01 3.93
N MET H 131 35.30 9.55 3.03
CA MET H 131 34.55 8.71 2.11
C MET H 131 35.52 7.97 1.23
N ASP H 132 36.65 8.63 0.94
CA ASP H 132 37.81 8.01 0.30
C ASP H 132 38.11 6.61 0.84
N ASP H 133 38.31 6.52 2.15
CA ASP H 133 38.64 5.26 2.81
C ASP H 133 37.46 4.29 2.90
N ALA H 134 36.24 4.81 2.93
CA ALA H 134 35.07 3.96 2.96
C ALA H 134 35.00 3.19 1.67
N VAL H 135 35.23 3.88 0.55
CA VAL H 135 35.28 3.26 -0.75
C VAL H 135 36.45 2.27 -0.81
N ARG H 136 37.59 2.68 -0.27
CA ARG H 136 38.75 1.79 -0.26
C ARG H 136 38.41 0.48 0.43
N LEU H 137 37.62 0.53 1.49
CA LEU H 137 37.22 -0.65 2.24
C LEU H 137 35.98 -1.38 1.68
N ASN H 138 35.49 -0.98 0.51
CA ASN H 138 34.35 -1.63 -0.09
C ASN H 138 33.07 -1.61 0.72
N SER H 139 32.76 -0.49 1.38
CA SER H 139 31.61 -0.44 2.31
C SER H 139 30.33 -0.49 1.54
N CYS H 140 29.26 -0.95 2.19
CA CYS H 140 27.92 -0.80 1.67
C CYS H 140 27.25 0.48 2.16
N ALA H 141 27.73 1.02 3.27
CA ALA H 141 27.17 2.25 3.81
C ALA H 141 28.08 2.85 4.85
N VAL H 142 27.89 4.14 5.15
CA VAL H 142 28.60 4.79 6.24
C VAL H 142 27.58 5.28 7.24
N ALA H 143 27.93 5.23 8.52
CA ALA H 143 26.96 5.57 9.57
C ALA H 143 27.52 6.62 10.54
N ALA H 144 26.65 7.54 10.99
CA ALA H 144 27.04 8.56 11.95
C ALA H 144 25.84 8.90 12.82
N GLN H 145 26.10 9.43 14.01
CA GLN H 145 25.03 9.65 14.99
C GLN H 145 24.50 11.02 14.80
N VAL H 146 23.22 11.18 15.05
CA VAL H 146 22.62 12.49 15.13
C VAL H 146 22.07 12.63 16.57
N TYR H 147 22.37 13.76 17.21
CA TYR H 147 21.98 14.01 18.61
C TYR H 147 20.98 15.13 18.79
N ILE H 148 19.76 14.94 18.30
CA ILE H 148 18.73 15.97 18.45
C ILE H 148 18.48 16.23 19.93
N GLY H 149 18.47 17.50 20.33
CA GLY H 149 18.24 17.86 21.71
C GLY H 149 19.50 17.91 22.57
N SER H 150 20.62 17.38 22.11
CA SER H 150 21.86 17.46 22.90
C SER H 150 22.66 18.70 22.60
N GLU H 151 23.77 18.85 23.30
CA GLU H 151 24.57 20.05 23.20
C GLU H 151 25.15 20.25 21.82
N TYR H 152 25.66 19.18 21.23
CA TYR H 152 26.28 19.27 19.93
C TYR H 152 25.35 18.81 18.80
N GLU H 153 24.04 19.10 18.94
CA GLU H 153 23.05 18.75 17.94
C GLU H 153 23.43 19.26 16.55
N HIS H 154 23.78 20.54 16.44
CA HIS H 154 24.07 21.18 15.16
C HIS H 154 25.19 20.42 14.44
N GLN H 155 26.27 20.15 15.17
CA GLN H 155 27.43 19.48 14.58
C GLN H 155 27.06 18.07 14.12
N SER H 156 26.29 17.36 14.93
CA SER H 156 25.92 16.02 14.57
C SER H 156 25.13 16.04 13.26
N ILE H 157 24.29 17.05 13.04
CA ILE H 157 23.55 17.09 11.76
C ILE H 157 24.47 17.43 10.56
N LYS H 158 25.39 18.36 10.77
CA LYS H 158 26.39 18.63 9.76
C LYS H 158 27.17 17.36 9.35
N ASN H 159 27.40 16.45 10.29
CA ASN H 159 28.11 15.22 9.99
C ASN H 159 27.29 14.41 9.01
N ILE H 160 25.99 14.36 9.22
CA ILE H 160 25.12 13.73 8.21
C ILE H 160 25.17 14.48 6.85
N ILE H 161 25.03 15.80 6.88
CA ILE H 161 25.11 16.54 5.65
C ILE H 161 26.41 16.22 4.91
N GLN H 162 27.52 16.15 5.63
CA GLN H 162 28.79 15.95 4.98
C GLN H 162 28.92 14.56 4.35
N LEU H 163 28.48 13.52 5.07
CA LEU H 163 28.52 12.16 4.53
C LEU H 163 27.59 12.03 3.31
N VAL H 164 26.42 12.64 3.33
CA VAL H 164 25.55 12.51 2.19
C VAL H 164 26.16 13.20 0.95
N ASP H 165 26.65 14.42 1.14
CA ASP H 165 27.31 15.14 0.04
C ASP H 165 28.36 14.23 -0.57
N ALA H 166 29.22 13.65 0.28
CA ALA H 166 30.30 12.78 -0.17
C ALA H 166 29.79 11.47 -0.76
N GLY H 167 28.80 10.87 -0.13
CA GLY H 167 28.32 9.60 -0.63
C GLY H 167 27.64 9.72 -1.98
N MET H 168 26.94 10.83 -2.23
CA MET H 168 26.24 11.00 -3.50
C MET H 168 27.16 11.06 -4.72
N LYS H 169 28.40 11.52 -4.52
CA LYS H 169 29.39 11.52 -5.59
C LYS H 169 29.77 10.09 -6.01
N VAL H 170 29.57 9.15 -5.09
CA VAL H 170 30.22 7.84 -5.16
C VAL H 170 29.22 6.70 -5.12
N GLY H 171 27.96 7.02 -4.80
CA GLY H 171 26.92 6.01 -4.72
C GLY H 171 26.95 5.23 -3.42
N MET H 172 27.49 5.83 -2.36
CA MET H 172 27.52 5.27 -1.01
C MET H 172 26.36 5.80 -0.16
N PRO H 173 25.46 4.91 0.29
CA PRO H 173 24.35 5.26 1.18
C PRO H 173 24.85 5.73 2.54
N THR H 174 24.11 6.63 3.18
CA THR H 174 24.46 7.05 4.55
C THR H 174 23.37 6.64 5.53
N MET H 175 23.78 6.08 6.68
CA MET H 175 22.83 5.69 7.74
C MET H 175 22.95 6.65 8.92
N ALA H 176 21.85 7.29 9.27
CA ALA H 176 21.83 8.26 10.34
C ALA H 176 21.30 7.56 11.55
N VAL H 177 22.03 7.61 12.66
CA VAL H 177 21.58 6.94 13.88
C VAL H 177 21.10 7.93 14.97
N THR H 178 19.86 7.76 15.48
CA THR H 178 19.32 8.71 16.43
C THR H 178 19.82 8.41 17.85
N GLY H 179 20.88 9.11 18.29
CA GLY H 179 21.45 8.90 19.60
C GLY H 179 20.84 9.82 20.62
N VAL H 180 20.67 9.36 21.86
CA VAL H 180 19.90 10.12 22.86
C VAL H 180 20.68 10.74 24.03
N VAL H 185 14.31 11.62 27.51
CA VAL H 185 13.02 10.93 27.42
C VAL H 185 12.73 10.40 26.01
N ARG H 186 12.45 9.10 25.92
CA ARG H 186 12.41 8.45 24.64
C ARG H 186 11.00 8.09 24.24
N ASP H 187 10.24 9.07 23.74
CA ASP H 187 8.87 8.80 23.29
C ASP H 187 8.72 8.92 21.79
N GLN H 188 7.52 8.68 21.28
CA GLN H 188 7.28 8.70 19.85
C GLN H 188 7.49 10.09 19.28
N ARG H 189 6.96 11.12 19.90
CA ARG H 189 7.10 12.45 19.30
C ARG H 189 8.59 12.81 19.14
N TYR H 190 9.43 12.35 20.06
CA TYR H 190 10.84 12.68 19.95
C TYR H 190 11.51 11.99 18.78
N PHE H 191 11.41 10.68 18.73
CA PHE H 191 12.00 9.94 17.63
C PHE H 191 11.40 10.28 16.26
N SER H 192 10.16 10.73 16.23
CA SER H 192 9.60 11.22 14.98
C SER H 192 10.35 12.43 14.49
N LEU H 193 10.57 13.38 15.39
CA LEU H 193 11.43 14.50 15.08
C LEU H 193 12.84 14.07 14.57
N ALA H 194 13.58 13.30 15.38
CA ALA H 194 14.93 12.90 15.03
C ALA H 194 15.00 12.16 13.71
N THR H 195 14.21 11.10 13.56
CA THR H 195 14.27 10.32 12.33
C THR H 195 13.86 11.15 11.09
N ARG H 196 12.79 11.92 11.19
CA ARG H 196 12.35 12.66 10.03
C ARG H 196 13.37 13.73 9.60
N ILE H 197 13.91 14.50 10.54
CA ILE H 197 14.98 15.44 10.18
C ILE H 197 16.14 14.76 9.44
N ALA H 198 16.59 13.63 9.96
CA ALA H 198 17.73 12.97 9.36
C ALA H 198 17.38 12.53 7.93
N ALA H 199 16.20 11.96 7.76
CA ALA H 199 15.74 11.51 6.43
C ALA H 199 15.69 12.70 5.50
N GLU H 200 15.12 13.75 6.03
CA GLU H 200 14.92 14.95 5.30
C GLU H 200 16.29 15.49 4.78
N MET H 201 17.35 15.41 5.60
CA MET H 201 18.65 15.91 5.20
C MET H 201 19.24 15.06 4.10
N GLY H 202 18.86 13.79 4.02
CA GLY H 202 19.27 12.92 2.90
C GLY H 202 19.72 11.51 3.22
N ALA H 203 19.88 11.18 4.51
CA ALA H 203 20.23 9.83 4.90
C ALA H 203 19.24 8.79 4.29
N GLN H 204 19.77 7.72 3.73
CA GLN H 204 18.97 6.69 3.08
C GLN H 204 18.54 5.60 4.02
N ILE H 205 19.27 5.45 5.13
CA ILE H 205 18.87 4.50 6.15
C ILE H 205 18.80 5.20 7.48
N ILE H 206 17.75 4.95 8.25
CA ILE H 206 17.66 5.53 9.59
C ILE H 206 17.64 4.43 10.66
N LYS H 207 18.47 4.58 11.68
CA LYS H 207 18.43 3.65 12.80
C LYS H 207 17.99 4.36 14.08
N THR H 208 16.95 3.82 14.73
CA THR H 208 16.36 4.42 15.91
C THR H 208 16.02 3.31 16.93
N TYR H 209 15.36 3.69 18.02
CA TYR H 209 15.00 2.74 19.06
C TYR H 209 13.53 2.39 18.99
N TYR H 210 13.16 1.20 19.49
CA TYR H 210 11.77 0.81 19.48
C TYR H 210 11.08 1.50 20.62
N VAL H 211 9.80 1.84 20.49
CA VAL H 211 9.08 2.48 21.55
C VAL H 211 7.81 1.73 21.91
N GLU H 212 7.49 1.69 23.19
CA GLU H 212 6.30 0.98 23.71
C GLU H 212 5.03 1.32 22.97
N LYS H 213 4.82 2.60 22.71
CA LYS H 213 3.65 3.00 21.94
C LYS H 213 3.92 4.16 20.97
N GLY H 214 3.37 4.05 19.78
CA GLY H 214 3.53 5.04 18.76
C GLY H 214 4.56 4.71 17.70
N PHE H 215 5.22 3.56 17.83
CA PHE H 215 6.28 3.22 16.89
C PHE H 215 5.82 3.22 15.44
N GLU H 216 4.63 2.70 15.21
CA GLU H 216 4.03 2.72 13.90
C GLU H 216 4.08 4.10 13.23
N ARG H 217 3.90 5.16 14.01
CA ARG H 217 3.91 6.53 13.54
C ARG H 217 5.33 6.97 13.15
N ILE H 218 6.32 6.38 13.80
CA ILE H 218 7.68 6.73 13.49
C ILE H 218 7.98 6.17 12.12
N VAL H 219 7.65 4.92 11.89
CA VAL H 219 7.82 4.32 10.57
C VAL H 219 7.00 5.04 9.47
N ALA H 220 5.75 5.33 9.75
CA ALA H 220 4.94 5.90 8.72
C ALA H 220 5.45 7.25 8.31
N GLY H 221 6.02 7.99 9.26
CA GLY H 221 6.43 9.37 9.03
C GLY H 221 7.82 9.52 8.43
N CYS H 222 8.52 8.40 8.34
CA CYS H 222 9.84 8.38 7.76
C CYS H 222 9.79 7.78 6.34
N PRO H 223 10.29 8.53 5.34
CA PRO H 223 10.25 8.12 3.96
C PRO H 223 11.24 7.01 3.56
N VAL H 224 12.20 6.66 4.42
CA VAL H 224 13.17 5.61 4.09
C VAL H 224 13.17 4.51 5.15
N PRO H 225 13.86 3.42 4.87
CA PRO H 225 13.92 2.24 5.73
C PRO H 225 14.40 2.54 7.15
N ILE H 226 13.71 1.95 8.13
CA ILE H 226 14.08 2.11 9.52
C ILE H 226 14.56 0.81 10.10
N VAL H 227 15.59 0.93 10.93
CA VAL H 227 16.21 -0.21 11.58
C VAL H 227 16.26 0.10 13.08
N ILE H 228 15.91 -0.88 13.92
CA ILE H 228 15.96 -0.64 15.37
C ILE H 228 17.23 -1.17 15.99
N ALA H 229 17.72 -0.45 16.98
CA ALA H 229 18.86 -0.91 17.77
C ALA H 229 18.39 -1.94 18.80
N GLY H 230 19.29 -2.84 19.18
CA GLY H 230 18.99 -3.85 20.17
C GLY H 230 18.69 -3.26 21.54
N GLY H 231 19.43 -2.22 21.93
CA GLY H 231 19.32 -1.63 23.27
C GLY H 231 20.01 -2.50 24.32
N LYS H 232 19.91 -2.10 25.59
CA LYS H 232 20.57 -2.85 26.68
C LYS H 232 20.12 -4.33 26.73
N LYS H 233 20.90 -5.17 27.38
CA LYS H 233 20.57 -6.59 27.49
C LYS H 233 19.20 -6.84 28.11
N LEU H 234 18.40 -7.71 27.48
CA LEU H 234 17.16 -8.17 28.04
C LEU H 234 17.16 -9.70 28.06
N PRO H 235 16.22 -10.28 28.81
CA PRO H 235 15.97 -11.71 28.62
C PRO H 235 15.69 -12.02 27.12
N GLU H 236 16.29 -13.10 26.64
CA GLU H 236 16.19 -13.47 25.25
C GLU H 236 14.74 -13.43 24.77
N ARG H 237 13.81 -13.89 25.59
CA ARG H 237 12.43 -13.96 25.16
C ARG H 237 11.90 -12.57 24.91
N GLU H 238 12.27 -11.63 25.77
CA GLU H 238 11.79 -10.24 25.68
C GLU H 238 12.40 -9.49 24.51
N ALA H 239 13.68 -9.73 24.27
CA ALA H 239 14.37 -9.20 23.09
C ALA H 239 13.70 -9.64 21.81
N LEU H 240 13.35 -10.92 21.70
CA LEU H 240 12.58 -11.39 20.55
C LEU H 240 11.19 -10.74 20.45
N GLU H 241 10.53 -10.50 21.57
CA GLU H 241 9.26 -9.79 21.54
C GLU H 241 9.38 -8.40 20.94
N MET H 242 10.43 -7.70 21.35
CA MET H 242 10.74 -6.39 20.80
C MET H 242 10.95 -6.42 19.28
N CYS H 243 11.71 -7.40 18.80
CA CYS H 243 11.88 -7.55 17.38
C CYS H 243 10.54 -7.80 16.70
N TRP H 244 9.76 -8.72 17.23
CA TRP H 244 8.52 -9.06 16.58
C TRP H 244 7.62 -7.83 16.46
N GLN H 245 7.54 -7.05 17.54
CA GLN H 245 6.71 -5.85 17.55
C GLN H 245 7.21 -4.88 16.51
N ALA H 246 8.52 -4.62 16.53
CA ALA H 246 9.17 -3.70 15.60
C ALA H 246 8.84 -4.05 14.13
N ILE H 247 9.21 -5.27 13.75
CA ILE H 247 8.90 -5.75 12.43
C ILE H 247 7.39 -5.66 12.13
N ASP H 248 6.59 -6.14 13.05
CA ASP H 248 5.18 -6.15 12.81
C ASP H 248 4.65 -4.74 12.54
N GLN H 249 5.29 -3.74 13.14
CA GLN H 249 4.82 -2.37 12.99
C GLN H 249 5.54 -1.62 11.88
N GLY H 250 6.39 -2.31 11.13
CA GLY H 250 6.94 -1.76 9.88
C GLY H 250 8.43 -1.51 9.80
N ALA H 251 9.18 -1.93 10.81
CA ALA H 251 10.61 -1.76 10.74
C ALA H 251 11.15 -2.56 9.55
N SER H 252 12.27 -2.13 8.99
CA SER H 252 12.93 -2.87 7.93
C SER H 252 14.08 -3.76 8.42
N GLY H 253 14.18 -3.98 9.72
CA GLY H 253 15.16 -4.93 10.25
C GLY H 253 15.71 -4.46 11.56
N VAL H 254 16.61 -5.22 12.16
CA VAL H 254 17.18 -4.82 13.43
C VAL H 254 18.68 -4.78 13.38
N ASP H 255 19.26 -3.93 14.22
CA ASP H 255 20.72 -3.78 14.32
C ASP H 255 21.22 -4.19 15.72
N MET H 256 21.16 -5.48 16.04
CA MET H 256 21.45 -6.01 17.39
C MET H 256 22.92 -5.97 17.72
N GLY H 257 23.22 -5.72 18.98
CA GLY H 257 24.57 -5.85 19.47
C GLY H 257 24.53 -6.67 20.74
N ARG H 258 24.26 -6.01 21.86
CA ARG H 258 24.30 -6.62 23.17
C ARG H 258 23.36 -7.83 23.36
N ASN H 259 22.14 -7.75 22.85
CA ASN H 259 21.21 -8.87 23.01
C ASN H 259 21.66 -10.13 22.30
N ILE H 260 22.75 -10.01 21.53
CA ILE H 260 23.30 -11.16 20.85
C ILE H 260 24.62 -11.54 21.46
N PHE H 261 25.58 -10.62 21.46
CA PHE H 261 26.91 -10.97 21.95
C PHE H 261 27.03 -11.08 23.47
N GLN H 262 26.02 -10.63 24.20
CA GLN H 262 25.99 -10.82 25.64
C GLN H 262 25.09 -11.98 26.06
N SER H 263 24.61 -12.73 25.11
CA SER H 263 23.78 -13.87 25.41
C SER H 263 24.69 -15.06 25.70
N ASP H 264 24.19 -16.05 26.41
CA ASP H 264 24.94 -17.30 26.60
C ASP H 264 24.92 -18.17 25.35
N HIS H 265 24.03 -17.85 24.42
CA HIS H 265 23.86 -18.61 23.18
C HIS H 265 23.68 -17.68 21.98
N PRO H 266 24.75 -16.97 21.62
CA PRO H 266 24.71 -15.97 20.57
C PRO H 266 24.17 -16.53 19.25
N VAL H 267 24.78 -17.60 18.77
CA VAL H 267 24.38 -18.17 17.51
C VAL H 267 22.88 -18.55 17.49
N ALA H 268 22.42 -19.16 18.57
CA ALA H 268 21.03 -19.56 18.68
C ALA H 268 20.15 -18.32 18.60
N MET H 269 20.54 -17.29 19.35
CA MET H 269 19.78 -16.04 19.39
C MET H 269 19.65 -15.39 18.00
N MET H 270 20.76 -15.41 17.25
CA MET H 270 20.76 -14.90 15.89
C MET H 270 19.77 -15.66 14.99
N LYS H 271 19.81 -16.99 15.03
CA LYS H 271 18.90 -17.77 14.23
C LYS H 271 17.45 -17.43 14.56
N ALA H 272 17.21 -17.14 15.83
CA ALA H 272 15.88 -16.77 16.30
C ALA H 272 15.48 -15.45 15.69
N VAL H 273 16.36 -14.47 15.85
CA VAL H 273 16.13 -13.12 15.30
C VAL H 273 15.88 -13.18 13.81
N GLN H 274 16.65 -14.01 13.10
CA GLN H 274 16.46 -14.22 11.68
C GLN H 274 15.07 -14.73 11.38
N ALA H 275 14.65 -15.76 12.10
CA ALA H 275 13.32 -16.33 11.95
C ALA H 275 12.25 -15.27 12.02
N VAL H 276 12.36 -14.41 13.03
CA VAL H 276 11.39 -13.35 13.27
C VAL H 276 11.39 -12.27 12.20
N VAL H 277 12.58 -11.87 11.75
CA VAL H 277 12.73 -10.77 10.79
C VAL H 277 12.38 -11.18 9.36
N HIS H 278 12.96 -12.25 8.87
CA HIS H 278 12.73 -12.62 7.49
C HIS H 278 11.52 -13.53 7.25
N HIS H 279 11.14 -14.35 8.24
CA HIS H 279 10.18 -15.41 8.01
C HIS H 279 8.90 -15.25 8.81
N ASN H 280 8.68 -14.06 9.35
CA ASN H 280 7.44 -13.78 10.05
C ASN H 280 7.13 -14.73 11.18
N GLU H 281 8.15 -15.31 11.78
CA GLU H 281 7.93 -16.13 12.96
C GLU H 281 7.34 -15.30 14.08
N THR H 282 6.67 -15.96 15.02
CA THR H 282 6.16 -15.32 16.24
C THR H 282 7.21 -15.33 17.32
N ALA H 283 7.04 -14.46 18.31
CA ALA H 283 8.01 -14.37 19.40
C ALA H 283 8.20 -15.72 20.12
N ASP H 284 7.09 -16.40 20.39
CA ASP H 284 7.13 -17.70 21.07
C ASP H 284 7.78 -18.79 20.20
N ARG H 285 7.25 -19.00 18.99
CA ARG H 285 7.79 -19.99 18.10
C ARG H 285 9.29 -19.82 18.03
N ALA H 286 9.71 -18.54 17.91
CA ALA H 286 11.12 -18.18 17.77
C ALA H 286 11.92 -18.53 19.01
N TYR H 287 11.33 -18.23 20.16
CA TYR H 287 11.95 -18.60 21.42
C TYR H 287 12.20 -20.12 21.54
N GLU H 288 11.30 -20.93 21.01
CA GLU H 288 11.50 -22.36 20.99
C GLU H 288 12.61 -22.79 20.02
N LEU H 289 12.79 -22.03 18.93
CA LEU H 289 13.92 -22.22 18.02
C LEU H 289 15.19 -21.95 18.81
N TYR H 290 15.10 -21.01 19.75
CA TYR H 290 16.22 -20.65 20.58
C TYR H 290 16.51 -21.70 21.66
N LEU H 291 15.46 -22.32 22.19
CA LEU H 291 15.61 -23.38 23.20
C LEU H 291 16.10 -24.70 22.63
N SER H 292 15.92 -24.92 21.32
CA SER H 292 16.47 -26.13 20.69
C SER H 292 17.98 -26.01 20.40
N GLU H 293 18.51 -24.79 20.38
CA GLU H 293 19.96 -24.57 20.35
C GLU H 293 20.45 -23.97 21.68
N GLY I 14 64.05 -25.66 -22.36
CA GLY I 14 64.97 -25.66 -21.19
C GLY I 14 64.47 -24.81 -20.02
N LYS I 15 63.18 -24.90 -19.73
CA LYS I 15 62.59 -24.13 -18.64
C LYS I 15 61.95 -25.05 -17.60
N ASP I 16 62.00 -24.64 -16.35
CA ASP I 16 61.39 -25.43 -15.27
C ASP I 16 60.35 -24.64 -14.48
N PHE I 17 59.07 -24.88 -14.79
CA PHE I 17 57.97 -24.16 -14.12
C PHE I 17 57.55 -24.83 -12.80
N ARG I 18 58.26 -25.88 -12.44
CA ARG I 18 57.95 -26.66 -11.26
C ARG I 18 56.46 -26.71 -11.03
N THR I 19 55.75 -27.25 -12.01
CA THR I 19 54.28 -27.36 -11.93
C THR I 19 53.76 -28.41 -10.94
N ASP I 20 54.65 -29.19 -10.34
CA ASP I 20 54.23 -30.19 -9.36
C ASP I 20 54.11 -29.54 -7.97
N GLN I 21 54.48 -28.27 -7.87
CA GLN I 21 54.53 -27.56 -6.60
C GLN I 21 53.80 -26.21 -6.65
N PRO I 22 52.52 -26.20 -6.23
CA PRO I 22 51.70 -25.02 -6.33
C PRO I 22 52.23 -23.89 -5.46
N GLN I 23 52.00 -22.66 -5.92
CA GLN I 23 52.42 -21.45 -5.22
C GLN I 23 51.58 -21.24 -3.98
N LYS I 24 52.17 -20.87 -2.86
CA LYS I 24 51.42 -20.63 -1.60
C LYS I 24 51.80 -19.30 -1.02
N ASN I 25 50.81 -18.58 -0.50
CA ASN I 25 51.06 -17.28 0.12
C ASN I 25 51.78 -17.38 1.47
N ILE I 26 52.81 -16.58 1.68
CA ILE I 26 53.42 -16.53 3.01
C ILE I 26 52.67 -15.59 4.01
N PRO I 27 52.14 -16.16 5.10
CA PRO I 27 51.32 -15.36 6.02
C PRO I 27 52.11 -14.21 6.65
N PHE I 28 51.41 -13.10 6.93
CA PHE I 28 51.98 -11.96 7.64
C PHE I 28 51.41 -11.98 9.05
N THR I 29 52.28 -12.25 10.03
CA THR I 29 51.78 -12.57 11.39
C THR I 29 51.66 -11.41 12.37
N LEU I 30 52.19 -10.24 12.03
CA LEU I 30 52.19 -9.12 12.97
C LEU I 30 50.78 -8.82 13.45
N LYS I 31 50.64 -8.75 14.76
CA LYS I 31 49.32 -8.64 15.37
C LYS I 31 48.40 -7.64 14.67
N GLY I 32 47.30 -8.12 14.11
CA GLY I 32 46.26 -7.24 13.58
C GLY I 32 46.69 -6.41 12.38
N CYS I 33 47.71 -6.85 11.66
CA CYS I 33 48.13 -6.16 10.45
C CYS I 33 48.15 -7.08 9.25
N GLY I 34 47.32 -8.12 9.30
CA GLY I 34 47.34 -9.15 8.26
C GLY I 34 46.43 -8.77 7.10
N ALA I 35 45.91 -7.55 7.09
CA ALA I 35 45.01 -7.18 6.01
C ALA I 35 45.30 -5.78 5.51
N LEU I 36 46.59 -5.49 5.37
CA LEU I 36 47.05 -4.21 4.89
C LEU I 36 47.76 -4.40 3.55
N ASP I 37 47.80 -3.35 2.77
CA ASP I 37 48.57 -3.35 1.55
C ASP I 37 50.09 -3.54 1.73
N TRP I 38 50.77 -3.95 0.66
CA TRP I 38 52.16 -4.32 0.74
C TRP I 38 53.00 -3.22 1.35
N GLY I 39 52.84 -2.01 0.83
CA GLY I 39 53.65 -0.90 1.29
C GLY I 39 53.52 -0.70 2.79
N MET I 40 52.30 -0.74 3.29
CA MET I 40 52.12 -0.45 4.69
C MET I 40 52.73 -1.57 5.52
N GLN I 41 52.57 -2.80 5.06
CA GLN I 41 53.14 -3.94 5.80
C GLN I 41 54.65 -3.79 5.75
N SER I 42 55.14 -3.27 4.64
CA SER I 42 56.56 -3.06 4.49
C SER I 42 57.13 -2.08 5.53
N ARG I 43 56.47 -0.93 5.67
CA ARG I 43 56.91 0.06 6.65
C ARG I 43 56.80 -0.52 8.06
N LEU I 44 55.74 -1.27 8.35
CA LEU I 44 55.60 -1.84 9.67
C LEU I 44 56.70 -2.83 9.93
N SER I 45 57.18 -3.51 8.88
CA SER I 45 58.23 -4.53 9.02
C SER I 45 59.59 -3.90 9.27
N ARG I 46 59.73 -2.64 8.91
CA ARG I 46 60.93 -1.91 9.24
C ARG I 46 60.96 -1.58 10.72
N ILE I 47 59.79 -1.49 11.33
CA ILE I 47 59.67 -1.13 12.74
C ILE I 47 59.67 -2.38 13.62
N PHE I 48 58.85 -3.36 13.27
CA PHE I 48 58.78 -4.58 14.05
C PHE I 48 59.49 -5.70 13.32
N ASN I 49 60.66 -6.07 13.85
CA ASN I 49 61.44 -7.19 13.37
C ASN I 49 60.56 -8.39 13.05
N PRO I 50 60.55 -8.80 11.78
CA PRO I 50 59.70 -9.88 11.28
C PRO I 50 59.89 -11.18 12.05
N LYS I 51 61.12 -11.44 12.49
CA LYS I 51 61.49 -12.65 13.25
C LYS I 51 60.88 -12.63 14.63
N THR I 52 61.25 -11.65 15.44
CA THR I 52 60.74 -11.58 16.80
C THR I 52 59.35 -10.94 16.94
N GLY I 53 58.95 -10.13 15.96
CA GLY I 53 57.69 -9.38 16.02
C GLY I 53 57.71 -8.19 16.99
N LYS I 54 58.91 -7.80 17.45
CA LYS I 54 59.01 -6.73 18.42
C LYS I 54 59.93 -5.62 17.96
N THR I 55 60.02 -4.56 18.76
CA THR I 55 60.84 -3.39 18.41
C THR I 55 61.44 -2.70 19.64
N VAL I 56 62.68 -2.22 19.51
CA VAL I 56 63.25 -1.32 20.50
C VAL I 56 63.36 0.07 19.89
N MET I 57 62.55 0.99 20.40
CA MET I 57 62.45 2.29 19.77
C MET I 57 63.08 3.36 20.64
N LEU I 58 64.04 4.10 20.09
CA LEU I 58 64.73 5.18 20.80
C LEU I 58 64.04 6.53 20.61
N ALA I 59 63.43 7.04 21.68
CA ALA I 59 62.59 8.24 21.60
C ALA I 59 63.31 9.49 22.10
N PHE I 60 63.38 10.50 21.23
CA PHE I 60 63.93 11.78 21.65
C PHE I 60 63.13 12.96 21.09
N ASP I 61 61.81 12.86 21.16
CA ASP I 61 60.94 13.91 20.67
C ASP I 61 60.46 14.88 21.76
N HIS I 62 60.85 14.60 23.00
CA HIS I 62 60.39 15.35 24.18
C HIS I 62 60.41 16.88 24.00
N GLY I 63 61.39 17.37 23.27
CA GLY I 63 61.53 18.80 23.12
C GLY I 63 60.37 19.47 22.41
N TYR I 64 59.51 18.68 21.74
CA TYR I 64 58.47 19.29 20.94
C TYR I 64 57.54 20.19 21.71
N PHE I 65 57.40 19.94 23.01
CA PHE I 65 56.63 20.84 23.85
C PHE I 65 57.37 21.16 25.14
N GLN I 66 58.54 20.57 25.33
CA GLN I 66 59.30 20.82 26.56
C GLN I 66 60.59 21.62 26.36
N GLY I 67 60.97 21.92 25.12
CA GLY I 67 62.26 22.59 24.92
C GLY I 67 63.42 21.69 25.32
N PRO I 68 64.58 22.27 25.66
CA PRO I 68 65.78 21.49 25.92
C PRO I 68 65.66 20.75 27.24
N THR I 69 65.01 19.60 27.20
CA THR I 69 64.86 18.73 28.36
C THR I 69 66.21 18.09 28.75
N THR I 70 66.36 17.73 30.01
CA THR I 70 67.62 17.17 30.50
C THR I 70 68.03 15.91 29.75
N GLY I 71 69.27 15.88 29.24
CA GLY I 71 69.76 14.74 28.49
C GLY I 71 69.65 14.96 26.99
N LEU I 72 68.78 15.90 26.57
CA LEU I 72 68.53 16.17 25.16
C LEU I 72 68.93 17.59 24.79
N GLU I 73 69.82 18.18 25.59
CA GLU I 73 70.36 19.51 25.27
C GLU I 73 71.07 19.44 23.94
N ARG I 74 71.91 18.42 23.79
CA ARG I 74 72.69 18.26 22.57
C ARG I 74 72.49 16.91 21.88
N ILE I 75 71.36 16.76 21.16
CA ILE I 75 71.06 15.52 20.44
C ILE I 75 72.29 15.13 19.60
N ASP I 76 72.87 16.14 18.96
CA ASP I 76 73.96 15.93 18.02
C ASP I 76 75.16 15.27 18.66
N ILE I 77 75.32 15.44 19.97
CA ILE I 77 76.49 14.89 20.66
C ILE I 77 76.12 13.66 21.50
N ASN I 78 75.12 13.80 22.37
CA ASN I 78 74.78 12.74 23.29
C ASN I 78 73.98 11.63 22.65
N ILE I 79 73.03 12.00 21.79
CA ILE I 79 72.13 11.01 21.20
C ILE I 79 72.72 10.43 19.91
N ALA I 80 73.53 11.20 19.20
CA ALA I 80 74.05 10.70 17.92
C ALA I 80 74.65 9.28 18.00
N PRO I 81 75.53 9.04 18.99
CA PRO I 81 76.19 7.74 19.13
C PRO I 81 75.28 6.60 19.53
N LEU I 82 74.02 6.89 19.85
CA LEU I 82 73.07 5.84 20.22
C LEU I 82 72.30 5.26 19.04
N PHE I 83 72.20 6.04 17.96
CA PHE I 83 71.29 5.70 16.85
C PHE I 83 71.49 4.27 16.42
N GLU I 84 72.74 3.92 16.13
CA GLU I 84 73.03 2.61 15.56
C GLU I 84 72.51 1.47 16.40
N HIS I 85 72.43 1.69 17.72
CA HIS I 85 72.03 0.63 18.63
C HIS I 85 70.53 0.55 18.77
N ALA I 86 69.79 1.31 17.97
CA ALA I 86 68.34 1.29 18.07
C ALA I 86 67.72 0.69 16.84
N ASP I 87 66.54 0.07 17.02
CA ASP I 87 65.79 -0.50 15.91
C ASP I 87 65.17 0.60 15.07
N VAL I 88 64.55 1.56 15.77
CA VAL I 88 63.90 2.70 15.12
C VAL I 88 64.07 3.99 15.92
N LEU I 89 64.16 5.12 15.22
CA LEU I 89 64.30 6.42 15.86
C LEU I 89 62.95 7.15 15.86
N MET I 90 62.61 7.81 16.96
CA MET I 90 61.41 8.65 17.00
C MET I 90 61.76 10.07 17.39
N CYS I 91 61.35 11.01 16.56
CA CYS I 91 61.67 12.39 16.81
C CYS I 91 60.87 13.29 15.87
N THR I 92 61.10 14.60 16.00
CA THR I 92 60.38 15.58 15.19
C THR I 92 61.08 15.78 13.85
N ARG I 93 60.39 16.42 12.91
CA ARG I 93 60.99 16.69 11.62
C ARG I 93 62.08 17.77 11.73
N GLY I 94 61.94 18.65 12.73
CA GLY I 94 62.92 19.69 13.00
C GLY I 94 64.29 19.09 13.32
N ILE I 95 64.29 18.23 14.34
CA ILE I 95 65.51 17.54 14.76
C ILE I 95 66.03 16.58 13.66
N LEU I 96 65.11 15.84 13.06
CA LEU I 96 65.47 14.92 12.01
C LEU I 96 66.34 15.62 10.98
N ARG I 97 65.85 16.71 10.41
CA ARG I 97 66.59 17.34 9.34
C ARG I 97 67.87 17.98 9.82
N SER I 98 67.82 18.57 11.01
CA SER I 98 68.95 19.37 11.49
C SER I 98 70.14 18.58 11.98
N VAL I 99 69.91 17.54 12.78
CA VAL I 99 71.02 16.87 13.47
C VAL I 99 71.05 15.36 13.38
N VAL I 100 70.02 14.75 12.81
CA VAL I 100 70.09 13.31 12.54
C VAL I 100 70.64 13.08 11.13
N PRO I 101 71.87 12.54 11.03
CA PRO I 101 72.42 12.29 9.67
C PRO I 101 71.65 11.22 8.90
N PRO I 102 71.22 11.54 7.66
CA PRO I 102 70.46 10.60 6.84
C PRO I 102 71.21 9.28 6.71
N ALA I 103 72.54 9.33 6.79
CA ALA I 103 73.38 8.15 6.59
C ALA I 103 73.21 7.20 7.76
N THR I 104 72.49 7.66 8.78
CA THR I 104 72.21 6.81 9.93
C THR I 104 71.54 5.52 9.50
N ASN I 105 70.87 5.54 8.36
CA ASN I 105 70.20 4.36 7.82
C ASN I 105 69.36 3.57 8.85
N ARG I 106 68.52 4.28 9.58
CA ARG I 106 67.71 3.70 10.61
C ARG I 106 66.27 4.20 10.39
N PRO I 107 65.25 3.32 10.52
CA PRO I 107 63.82 3.71 10.31
C PRO I 107 63.37 4.76 11.31
N VAL I 108 62.54 5.71 10.89
CA VAL I 108 62.09 6.76 11.81
C VAL I 108 60.57 6.77 11.94
N VAL I 109 60.10 7.20 13.10
CA VAL I 109 58.68 7.47 13.32
C VAL I 109 58.56 8.92 13.72
N LEU I 110 57.86 9.72 12.94
CA LEU I 110 57.90 11.15 13.15
C LEU I 110 56.83 11.59 14.13
N ARG I 111 57.22 12.41 15.10
CA ARG I 111 56.25 13.09 15.95
C ARG I 111 55.45 14.01 15.05
N ALA I 112 54.12 13.79 14.94
CA ALA I 112 53.29 14.61 14.06
C ALA I 112 52.21 15.42 14.81
N SER I 113 52.48 15.77 16.05
CA SER I 113 51.57 16.62 16.77
C SER I 113 52.40 17.61 17.57
N GLY I 114 51.73 18.63 18.12
CA GLY I 114 52.41 19.73 18.79
C GLY I 114 51.53 20.95 18.94
N ALA I 115 52.16 22.12 19.11
CA ALA I 115 51.44 23.40 19.28
C ALA I 115 50.97 23.53 20.71
N ASN I 116 51.47 22.66 21.57
CA ASN I 116 51.31 22.81 23.01
C ASN I 116 52.68 23.10 23.69
N SER I 117 52.66 23.43 24.98
CA SER I 117 53.92 23.61 25.71
C SER I 117 53.71 23.41 27.19
N ILE I 118 54.79 23.31 27.94
CA ILE I 118 54.68 23.14 29.37
C ILE I 118 54.19 24.40 30.07
N LEU I 119 54.00 25.48 29.34
CA LEU I 119 53.48 26.72 29.93
C LEU I 119 51.99 26.86 29.79
N ALA I 120 51.34 25.92 29.11
CA ALA I 120 49.88 25.97 28.91
C ALA I 120 49.21 24.60 29.07
N GLU I 121 48.00 24.47 28.57
CA GLU I 121 47.27 23.23 28.68
C GLU I 121 47.96 22.15 27.87
N LEU I 122 48.35 21.09 28.55
CA LEU I 122 49.14 20.06 27.90
C LEU I 122 48.41 19.37 26.76
N SER I 123 47.10 19.17 26.90
CA SER I 123 46.32 18.41 25.91
C SER I 123 45.95 19.22 24.66
N ASN I 124 46.42 20.46 24.56
CA ASN I 124 46.03 21.31 23.45
C ASN I 124 47.00 21.15 22.26
N GLU I 125 46.92 20.00 21.59
CA GLU I 125 47.76 19.68 20.43
C GLU I 125 47.01 19.72 19.08
N ALA I 126 47.74 20.11 18.04
CA ALA I 126 47.26 20.10 16.64
C ALA I 126 48.19 19.22 15.84
N VAL I 127 47.79 18.90 14.62
CA VAL I 127 48.69 18.12 13.77
C VAL I 127 49.90 19.00 13.40
N ALA I 128 51.09 18.46 13.58
CA ALA I 128 52.31 19.26 13.48
C ALA I 128 53.11 19.06 12.17
N LEU I 129 52.69 18.16 11.31
CA LEU I 129 53.30 18.05 10.01
C LEU I 129 52.43 17.33 9.03
N SER I 130 52.44 17.80 7.79
CA SER I 130 51.56 17.26 6.76
C SER I 130 52.05 15.89 6.27
N MET I 131 51.12 15.02 5.85
CA MET I 131 51.46 13.67 5.40
C MET I 131 52.39 13.79 4.21
N ASP I 132 52.14 14.83 3.43
CA ASP I 132 53.01 15.24 2.35
C ASP I 132 54.46 15.22 2.81
N ASP I 133 54.76 15.96 3.86
CA ASP I 133 56.12 16.04 4.33
C ASP I 133 56.63 14.75 5.01
N ALA I 134 55.69 13.95 5.53
CA ALA I 134 56.07 12.69 6.18
C ALA I 134 56.62 11.76 5.11
N VAL I 135 55.91 11.74 3.99
CA VAL I 135 56.34 10.96 2.83
C VAL I 135 57.65 11.49 2.29
N ARG I 136 57.79 12.82 2.23
CA ARG I 136 59.01 13.42 1.73
C ARG I 136 60.20 12.95 2.56
N LEU I 137 59.99 12.75 3.87
CA LEU I 137 61.06 12.39 4.79
C LEU I 137 61.26 10.88 4.91
N ASN I 138 60.55 10.13 4.08
CA ASN I 138 60.66 8.67 4.10
C ASN I 138 60.32 8.04 5.46
N SER I 139 59.28 8.50 6.13
CA SER I 139 58.89 7.94 7.43
C SER I 139 58.39 6.53 7.33
N CYS I 140 58.51 5.81 8.45
CA CYS I 140 57.86 4.51 8.62
C CYS I 140 56.50 4.63 9.28
N ALA I 141 56.29 5.72 10.03
CA ALA I 141 55.00 6.00 10.65
C ALA I 141 54.90 7.43 11.15
N VAL I 142 53.69 7.89 11.45
CA VAL I 142 53.47 9.20 12.04
C VAL I 142 52.79 8.99 13.38
N ALA I 143 53.14 9.82 14.35
CA ALA I 143 52.68 9.61 15.73
C ALA I 143 52.03 10.88 16.27
N ALA I 144 50.92 10.72 16.99
CA ALA I 144 50.25 11.87 17.61
C ALA I 144 49.66 11.47 18.95
N GLN I 145 49.39 12.45 19.82
CA GLN I 145 48.93 12.16 21.18
C GLN I 145 47.44 12.10 21.21
N VAL I 146 46.91 11.15 21.97
CA VAL I 146 45.49 11.18 22.30
C VAL I 146 45.36 11.41 23.84
N TYR I 147 44.51 12.37 24.24
CA TYR I 147 44.33 12.74 25.64
C TYR I 147 42.93 12.46 26.16
N ILE I 148 42.60 11.20 26.36
CA ILE I 148 41.27 10.83 26.84
C ILE I 148 41.16 11.35 28.26
N GLY I 149 40.04 12.01 28.56
CA GLY I 149 39.84 12.57 29.89
C GLY I 149 40.34 14.01 30.06
N SER I 150 41.18 14.50 29.16
CA SER I 150 41.64 15.88 29.27
C SER I 150 40.70 16.87 28.57
N GLU I 151 41.02 18.15 28.72
CA GLU I 151 40.18 19.19 28.18
C GLU I 151 40.04 19.11 26.67
N TYR I 152 41.14 18.83 25.97
CA TYR I 152 41.11 18.82 24.51
C TYR I 152 41.05 17.40 23.97
N GLU I 153 40.35 16.53 24.69
CA GLU I 153 40.23 15.15 24.27
C GLU I 153 39.68 14.99 22.84
N HIS I 154 38.59 15.70 22.52
CA HIS I 154 37.95 15.63 21.22
C HIS I 154 38.95 15.93 20.11
N GLN I 155 39.68 17.02 20.25
CA GLN I 155 40.61 17.46 19.21
C GLN I 155 41.75 16.46 19.02
N SER I 156 42.28 15.95 20.12
CA SER I 156 43.32 14.96 20.03
C SER I 156 42.83 13.75 19.22
N ILE I 157 41.58 13.34 19.40
CA ILE I 157 41.10 12.17 18.65
C ILE I 157 40.97 12.52 17.17
N LYS I 158 40.45 13.72 16.91
CA LYS I 158 40.41 14.19 15.52
C LYS I 158 41.80 14.18 14.87
N ASN I 159 42.84 14.53 15.62
CA ASN I 159 44.22 14.41 15.11
C ASN I 159 44.56 13.00 14.62
N ILE I 160 44.14 11.98 15.37
CA ILE I 160 44.30 10.60 14.91
C ILE I 160 43.44 10.31 13.66
N ILE I 161 42.19 10.75 13.67
CA ILE I 161 41.36 10.53 12.51
C ILE I 161 42.01 11.14 11.25
N GLN I 162 42.56 12.33 11.40
CA GLN I 162 43.09 13.01 10.26
C GLN I 162 44.35 12.33 9.74
N LEU I 163 45.22 11.89 10.65
CA LEU I 163 46.43 11.19 10.22
C LEU I 163 46.09 9.85 9.56
N VAL I 164 45.09 9.12 10.08
CA VAL I 164 44.72 7.83 9.47
C VAL I 164 44.11 8.04 8.08
N ASP I 165 43.17 8.96 7.94
CA ASP I 165 42.63 9.29 6.63
C ASP I 165 43.74 9.55 5.65
N ALA I 166 44.70 10.38 6.07
CA ALA I 166 45.84 10.77 5.21
C ALA I 166 46.85 9.63 4.95
N GLY I 167 47.17 8.87 6.00
CA GLY I 167 48.05 7.72 5.89
C GLY I 167 47.53 6.60 4.98
N MET I 168 46.21 6.39 4.98
CA MET I 168 45.65 5.30 4.18
C MET I 168 45.77 5.52 2.68
N LYS I 169 45.78 6.80 2.24
CA LYS I 169 46.01 7.11 0.82
C LYS I 169 47.42 6.72 0.37
N VAL I 170 48.34 6.60 1.32
CA VAL I 170 49.75 6.62 1.02
C VAL I 170 50.46 5.43 1.60
N GLY I 171 49.78 4.69 2.48
CA GLY I 171 50.34 3.46 3.03
C GLY I 171 51.24 3.75 4.21
N MET I 172 51.00 4.90 4.85
CA MET I 172 51.73 5.31 6.04
C MET I 172 50.92 4.95 7.29
N PRO I 173 51.45 4.03 8.13
CA PRO I 173 50.86 3.69 9.44
C PRO I 173 50.80 4.91 10.40
N THR I 174 49.79 4.94 11.27
CA THR I 174 49.70 5.96 12.30
C THR I 174 49.86 5.34 13.69
N MET I 175 50.67 5.97 14.56
CA MET I 175 50.84 5.52 15.94
C MET I 175 50.16 6.47 16.91
N ALA I 176 49.17 5.99 17.65
CA ALA I 176 48.44 6.82 18.62
C ALA I 176 49.09 6.64 19.95
N VAL I 177 49.39 7.75 20.63
CA VAL I 177 50.03 7.68 21.94
C VAL I 177 49.07 8.14 23.05
N THR I 178 48.88 7.31 24.08
CA THR I 178 47.97 7.66 25.18
C THR I 178 48.61 8.59 26.21
N GLY I 179 48.43 9.91 26.03
CA GLY I 179 48.98 10.90 26.95
C GLY I 179 48.03 11.17 28.10
N VAL I 180 48.56 11.42 29.30
CA VAL I 180 47.72 11.50 30.51
C VAL I 180 47.59 12.87 31.17
N VAL I 185 45.02 9.57 37.18
CA VAL I 185 45.19 8.22 37.70
C VAL I 185 45.37 7.20 36.57
N ARG I 186 46.45 6.45 36.66
CA ARG I 186 46.85 5.58 35.57
C ARG I 186 46.62 4.11 35.90
N ASP I 187 45.39 3.63 35.75
CA ASP I 187 45.11 2.23 36.02
C ASP I 187 44.75 1.47 34.76
N GLN I 188 44.51 0.18 34.89
CA GLN I 188 44.17 -0.64 33.74
C GLN I 188 42.88 -0.21 33.03
N ARG I 189 41.82 0.05 33.78
CA ARG I 189 40.55 0.39 33.12
C ARG I 189 40.70 1.65 32.26
N TYR I 190 41.49 2.61 32.76
CA TYR I 190 41.74 3.81 32.00
C TYR I 190 42.47 3.54 30.66
N PHE I 191 43.67 2.95 30.74
CA PHE I 191 44.41 2.70 29.53
C PHE I 191 43.70 1.74 28.60
N SER I 192 42.88 0.85 29.12
CA SER I 192 42.07 0.02 28.23
C SER I 192 41.18 0.90 27.37
N LEU I 193 40.44 1.81 28.00
CA LEU I 193 39.64 2.79 27.29
C LEU I 193 40.45 3.56 26.23
N ALA I 194 41.57 4.18 26.63
CA ALA I 194 42.33 5.04 25.73
C ALA I 194 42.90 4.29 24.57
N THR I 195 43.59 3.18 24.86
CA THR I 195 44.16 2.35 23.79
C THR I 195 43.09 1.81 22.81
N ARG I 196 42.01 1.25 23.34
CA ARG I 196 40.98 0.65 22.51
C ARG I 196 40.31 1.67 21.60
N ILE I 197 40.02 2.85 22.13
CA ILE I 197 39.43 3.91 21.30
C ILE I 197 40.32 4.29 20.11
N ALA I 198 41.61 4.50 20.40
CA ALA I 198 42.56 4.87 19.37
C ALA I 198 42.60 3.79 18.30
N ALA I 199 42.68 2.53 18.73
CA ALA I 199 42.79 1.43 17.79
C ALA I 199 41.53 1.39 16.92
N GLU I 200 40.41 1.59 17.60
CA GLU I 200 39.12 1.53 16.99
C GLU I 200 39.01 2.60 15.84
N MET I 201 39.65 3.75 16.06
CA MET I 201 39.58 4.83 15.11
C MET I 201 40.41 4.54 13.88
N GLY I 202 41.43 3.69 14.04
CA GLY I 202 42.27 3.28 12.90
C GLY I 202 43.78 3.20 13.11
N ALA I 203 44.28 3.70 14.24
CA ALA I 203 45.71 3.69 14.47
C ALA I 203 46.21 2.24 14.41
N GLN I 204 47.32 2.02 13.71
CA GLN I 204 47.88 0.68 13.57
C GLN I 204 48.88 0.35 14.67
N ILE I 205 49.46 1.37 15.31
CA ILE I 205 50.33 1.12 16.47
C ILE I 205 49.84 1.93 17.65
N ILE I 206 49.84 1.34 18.83
CA ILE I 206 49.43 2.08 20.03
C ILE I 206 50.56 2.08 21.06
N LYS I 207 50.84 3.24 21.60
CA LYS I 207 51.87 3.33 22.61
C LYS I 207 51.27 3.85 23.88
N THR I 208 51.47 3.09 24.96
CA THR I 208 50.88 3.37 26.26
C THR I 208 51.88 3.16 27.39
N TYR I 209 51.41 3.22 28.62
CA TYR I 209 52.27 3.05 29.79
C TYR I 209 52.08 1.67 30.39
N TYR I 210 53.09 1.18 31.07
CA TYR I 210 52.98 -0.10 31.73
C TYR I 210 52.28 0.09 33.07
N VAL I 211 51.52 -0.90 33.49
CA VAL I 211 50.79 -0.76 34.72
C VAL I 211 51.07 -1.92 35.67
N GLU I 212 51.16 -1.60 36.96
CA GLU I 212 51.49 -2.59 37.97
C GLU I 212 50.61 -3.82 37.85
N LYS I 213 49.31 -3.64 37.71
CA LYS I 213 48.45 -4.79 37.54
C LYS I 213 47.34 -4.55 36.50
N GLY I 214 47.12 -5.58 35.69
CA GLY I 214 46.09 -5.53 34.68
C GLY I 214 46.63 -5.29 33.28
N PHE I 215 47.94 -5.06 33.16
CA PHE I 215 48.50 -4.78 31.86
C PHE I 215 48.11 -5.82 30.77
N GLU I 216 48.10 -7.08 31.17
CA GLU I 216 47.73 -8.15 30.26
C GLU I 216 46.41 -7.89 29.56
N ARG I 217 45.49 -7.23 30.26
CA ARG I 217 44.14 -6.98 29.78
C ARG I 217 44.16 -5.85 28.78
N ILE I 218 45.08 -4.90 28.98
CA ILE I 218 45.29 -3.84 28.00
C ILE I 218 45.70 -4.41 26.65
N VAL I 219 46.70 -5.28 26.66
CA VAL I 219 47.19 -5.92 25.44
C VAL I 219 46.09 -6.77 24.80
N ALA I 220 45.44 -7.60 25.61
CA ALA I 220 44.45 -8.51 25.06
C ALA I 220 43.30 -7.74 24.41
N GLY I 221 42.96 -6.59 24.97
CA GLY I 221 41.79 -5.84 24.51
C GLY I 221 42.09 -4.94 23.34
N CYS I 222 43.38 -4.86 22.97
CA CYS I 222 43.82 -4.02 21.86
C CYS I 222 44.17 -4.86 20.63
N PRO I 223 43.52 -4.58 19.50
CA PRO I 223 43.66 -5.44 18.31
C PRO I 223 44.96 -5.23 17.56
N VAL I 224 45.72 -4.20 17.90
CA VAL I 224 46.99 -3.96 17.20
C VAL I 224 48.14 -3.91 18.18
N PRO I 225 49.39 -3.89 17.66
CA PRO I 225 50.62 -3.95 18.47
C PRO I 225 50.73 -2.81 19.48
N ILE I 226 51.13 -3.16 20.70
CA ILE I 226 51.30 -2.16 21.74
C ILE I 226 52.75 -1.98 22.10
N VAL I 227 53.10 -0.73 22.32
CA VAL I 227 54.46 -0.38 22.71
C VAL I 227 54.38 0.43 24.00
N ILE I 228 55.31 0.18 24.93
CA ILE I 228 55.31 0.93 26.19
C ILE I 228 56.34 2.06 26.23
N ALA I 229 55.96 3.15 26.87
CA ALA I 229 56.86 4.25 27.07
C ALA I 229 57.78 3.93 28.22
N GLY I 230 59.01 4.46 28.15
CA GLY I 230 60.01 4.32 29.20
C GLY I 230 59.55 4.91 30.53
N GLY I 231 58.95 6.09 30.48
CA GLY I 231 58.52 6.77 31.70
C GLY I 231 59.69 7.46 32.38
N LYS I 232 59.44 8.08 33.53
CA LYS I 232 60.49 8.80 34.23
C LYS I 232 61.69 7.89 34.56
N LYS I 233 62.86 8.50 34.74
CA LYS I 233 64.10 7.76 35.05
C LYS I 233 63.97 6.84 36.28
N LEU I 234 64.42 5.60 36.11
CA LEU I 234 64.43 4.64 37.21
C LEU I 234 65.83 4.06 37.32
N PRO I 235 66.15 3.44 38.45
CA PRO I 235 67.39 2.66 38.49
C PRO I 235 67.38 1.66 37.33
N GLU I 236 68.51 1.53 36.65
CA GLU I 236 68.61 0.68 35.48
C GLU I 236 68.00 -0.70 35.68
N ARG I 237 68.20 -1.28 36.85
CA ARG I 237 67.72 -2.63 37.11
C ARG I 237 66.22 -2.66 37.11
N GLU I 238 65.61 -1.60 37.62
CA GLU I 238 64.17 -1.52 37.71
C GLU I 238 63.52 -1.28 36.34
N ALA I 239 64.15 -0.41 35.55
CA ALA I 239 63.72 -0.14 34.19
C ALA I 239 63.69 -1.45 33.40
N LEU I 240 64.73 -2.26 33.54
CA LEU I 240 64.77 -3.56 32.87
C LEU I 240 63.67 -4.51 33.35
N GLU I 241 63.37 -4.49 34.65
CA GLU I 241 62.26 -5.28 35.15
C GLU I 241 60.95 -4.90 34.49
N MET I 242 60.72 -3.59 34.35
CA MET I 242 59.54 -3.07 33.70
C MET I 242 59.41 -3.58 32.26
N CYS I 243 60.49 -3.52 31.50
CA CYS I 243 60.50 -4.05 30.15
C CYS I 243 60.19 -5.52 30.12
N TRP I 244 60.84 -6.29 31.01
CA TRP I 244 60.61 -7.73 31.05
C TRP I 244 59.12 -8.08 31.31
N GLN I 245 58.54 -7.41 32.31
CA GLN I 245 57.13 -7.57 32.62
C GLN I 245 56.28 -7.26 31.39
N ALA I 246 56.50 -6.10 30.79
CA ALA I 246 55.70 -5.66 29.65
C ALA I 246 55.76 -6.68 28.55
N ILE I 247 56.97 -7.02 28.13
CA ILE I 247 57.16 -8.03 27.09
C ILE I 247 56.51 -9.35 27.49
N ASP I 248 56.80 -9.82 28.69
CA ASP I 248 56.25 -11.06 29.17
C ASP I 248 54.72 -11.07 29.08
N GLN I 249 54.12 -9.91 29.28
CA GLN I 249 52.65 -9.84 29.30
C GLN I 249 52.04 -9.49 27.97
N GLY I 250 52.85 -9.40 26.91
CA GLY I 250 52.35 -9.26 25.55
C GLY I 250 52.69 -8.00 24.74
N ALA I 251 53.47 -7.08 25.31
CA ALA I 251 53.85 -5.86 24.60
C ALA I 251 54.66 -6.22 23.37
N SER I 252 54.59 -5.38 22.34
CA SER I 252 55.32 -5.65 21.12
C SER I 252 56.62 -4.90 21.05
N GLY I 253 57.02 -4.30 22.17
CA GLY I 253 58.31 -3.59 22.22
C GLY I 253 58.22 -2.39 23.13
N VAL I 254 59.33 -1.65 23.23
CA VAL I 254 59.36 -0.48 24.10
C VAL I 254 59.85 0.75 23.36
N ASP I 255 59.39 1.91 23.83
CA ASP I 255 59.78 3.19 23.27
C ASP I 255 60.49 4.01 24.35
N MET I 256 61.71 3.61 24.68
CA MET I 256 62.50 4.27 25.71
C MET I 256 63.02 5.64 25.30
N GLY I 257 63.10 6.51 26.29
CA GLY I 257 63.74 7.81 26.12
C GLY I 257 64.65 8.05 27.29
N ARG I 258 64.09 8.55 28.39
CA ARG I 258 64.88 8.95 29.56
C ARG I 258 65.68 7.82 30.20
N ASN I 259 65.09 6.65 30.33
CA ASN I 259 65.81 5.53 30.95
C ASN I 259 67.04 5.09 30.17
N ILE I 260 67.28 5.74 29.03
CA ILE I 260 68.41 5.41 28.22
C ILE I 260 69.29 6.62 28.18
N PHE I 261 68.77 7.73 27.67
CA PHE I 261 69.65 8.86 27.47
C PHE I 261 70.01 9.57 28.77
N GLN I 262 69.29 9.26 29.83
CA GLN I 262 69.65 9.82 31.14
C GLN I 262 70.46 8.84 32.01
N SER I 263 70.84 7.72 31.42
CA SER I 263 71.68 6.76 32.10
C SER I 263 73.16 7.17 32.01
N ASP I 264 73.98 6.67 32.91
CA ASP I 264 75.42 6.92 32.84
C ASP I 264 76.07 6.03 31.78
N HIS I 265 75.33 5.02 31.33
CA HIS I 265 75.83 4.08 30.33
C HIS I 265 74.75 3.77 29.29
N PRO I 266 74.43 4.74 28.43
CA PRO I 266 73.34 4.62 27.49
C PRO I 266 73.48 3.39 26.62
N VAL I 267 74.59 3.26 25.93
CA VAL I 267 74.81 2.16 25.00
C VAL I 267 74.64 0.80 25.69
N ALA I 268 75.24 0.64 26.87
CA ALA I 268 75.08 -0.59 27.65
C ALA I 268 73.62 -0.86 27.95
N MET I 269 72.91 0.15 28.43
CA MET I 269 71.48 0.03 28.74
C MET I 269 70.66 -0.45 27.54
N MET I 270 70.93 0.13 26.36
CA MET I 270 70.26 -0.26 25.12
C MET I 270 70.47 -1.74 24.79
N LYS I 271 71.72 -2.20 24.90
CA LYS I 271 72.02 -3.59 24.63
C LYS I 271 71.21 -4.49 25.57
N ALA I 272 71.10 -4.07 26.82
CA ALA I 272 70.34 -4.80 27.81
C ALA I 272 68.89 -4.88 27.37
N VAL I 273 68.33 -3.72 27.08
CA VAL I 273 66.95 -3.62 26.63
C VAL I 273 66.71 -4.54 25.41
N GLN I 274 67.66 -4.53 24.48
CA GLN I 274 67.55 -5.38 23.31
C GLN I 274 67.45 -6.83 23.72
N ALA I 275 68.34 -7.21 24.64
CA ALA I 275 68.41 -8.58 25.13
C ALA I 275 67.05 -9.00 25.65
N VAL I 276 66.44 -8.13 26.44
CA VAL I 276 65.17 -8.44 27.05
C VAL I 276 64.01 -8.56 26.02
N VAL I 277 64.00 -7.62 25.07
CA VAL I 277 62.91 -7.51 24.13
C VAL I 277 62.97 -8.57 23.03
N HIS I 278 64.12 -8.74 22.40
CA HIS I 278 64.23 -9.66 21.27
C HIS I 278 64.62 -11.09 21.62
N HIS I 279 65.36 -11.27 22.71
CA HIS I 279 65.94 -12.58 23.02
C HIS I 279 65.42 -13.22 24.31
N ASN I 280 64.34 -12.71 24.84
CA ASN I 280 63.75 -13.31 26.03
C ASN I 280 64.69 -13.43 27.20
N GLU I 281 65.70 -12.58 27.27
CA GLU I 281 66.52 -12.52 28.46
C GLU I 281 65.68 -12.18 29.70
N THR I 282 66.20 -12.53 30.87
CA THR I 282 65.57 -12.18 32.16
C THR I 282 66.07 -10.83 32.62
N ALA I 283 65.36 -10.20 33.54
CA ALA I 283 65.78 -8.90 34.05
C ALA I 283 67.20 -8.97 34.65
N ASP I 284 67.47 -10.01 35.44
CA ASP I 284 68.78 -10.17 36.10
C ASP I 284 69.89 -10.41 35.11
N ARG I 285 69.74 -11.44 34.29
CA ARG I 285 70.71 -11.75 33.25
C ARG I 285 71.06 -10.49 32.47
N ALA I 286 70.04 -9.77 32.05
CA ALA I 286 70.22 -8.55 31.28
C ALA I 286 71.00 -7.51 32.07
N TYR I 287 70.66 -7.36 33.35
CA TYR I 287 71.34 -6.39 34.20
C TYR I 287 72.84 -6.69 34.29
N GLU I 288 73.20 -7.97 34.22
CA GLU I 288 74.60 -8.39 34.20
C GLU I 288 75.26 -8.10 32.85
N LEU I 289 74.48 -8.14 31.78
CA LEU I 289 74.94 -7.67 30.48
C LEU I 289 75.26 -6.16 30.58
N TYR I 290 74.51 -5.48 31.43
CA TYR I 290 74.67 -4.06 31.62
C TYR I 290 75.89 -3.75 32.48
N LEU I 291 76.16 -4.57 33.49
CA LEU I 291 77.31 -4.38 34.37
C LEU I 291 78.64 -4.74 33.72
N SER I 292 78.59 -5.55 32.65
CA SER I 292 79.80 -5.87 31.86
C SER I 292 80.19 -4.72 30.90
N GLU I 293 79.24 -3.85 30.57
CA GLU I 293 79.53 -2.57 29.90
C GLU I 293 79.30 -1.37 30.83
N GLY J 14 90.62 13.52 -28.04
CA GLY J 14 91.11 14.79 -27.43
C GLY J 14 90.30 15.24 -26.23
N LYS J 15 89.94 14.28 -25.38
CA LYS J 15 89.17 14.58 -24.18
C LYS J 15 89.93 14.19 -22.92
N ASP J 16 89.76 14.96 -21.85
CA ASP J 16 90.38 14.67 -20.56
C ASP J 16 89.36 14.48 -19.42
N PHE J 17 89.06 13.23 -19.08
CA PHE J 17 88.10 12.91 -18.03
C PHE J 17 88.76 12.89 -16.67
N ARG J 18 90.02 13.28 -16.61
CA ARG J 18 90.79 13.21 -15.38
C ARG J 18 90.40 12.06 -14.46
N THR J 19 90.54 10.82 -14.94
CA THR J 19 90.06 9.67 -14.20
C THR J 19 90.97 9.29 -13.03
N ASP J 20 92.07 10.00 -12.86
CA ASP J 20 92.97 9.74 -11.75
C ASP J 20 92.52 10.49 -10.51
N GLN J 21 91.48 11.31 -10.66
CA GLN J 21 91.02 12.17 -9.58
C GLN J 21 89.52 12.08 -9.34
N PRO J 22 89.11 11.25 -8.37
CA PRO J 22 87.70 10.99 -8.13
C PRO J 22 86.95 12.24 -7.69
N GLN J 23 85.69 12.33 -8.08
CA GLN J 23 84.81 13.43 -7.73
C GLN J 23 84.48 13.37 -6.24
N LYS J 24 84.55 14.50 -5.56
CA LYS J 24 84.19 14.55 -4.13
C LYS J 24 83.16 15.63 -3.84
N ASN J 25 82.18 15.33 -2.98
CA ASN J 25 81.14 16.29 -2.64
C ASN J 25 81.65 17.42 -1.78
N ILE J 26 81.26 18.65 -2.07
CA ILE J 26 81.61 19.77 -1.19
C ILE J 26 80.62 19.92 -0.03
N PRO J 27 81.12 19.83 1.22
CA PRO J 27 80.20 19.88 2.37
C PRO J 27 79.49 21.24 2.53
N PHE J 28 78.25 21.18 2.99
CA PHE J 28 77.51 22.39 3.29
C PHE J 28 77.52 22.55 4.81
N THR J 29 78.23 23.58 5.29
CA THR J 29 78.51 23.68 6.74
C THR J 29 77.53 24.47 7.60
N LEU J 30 76.61 25.21 6.98
CA LEU J 30 75.70 26.06 7.75
C LEU J 30 75.00 25.22 8.83
N LYS J 31 75.03 25.71 10.06
CA LYS J 31 74.50 24.97 11.21
C LYS J 31 73.13 24.29 10.98
N GLY J 32 73.11 22.97 11.07
CA GLY J 32 71.86 22.23 10.97
C GLY J 32 71.13 22.30 9.65
N CYS J 33 71.82 22.67 8.58
CA CYS J 33 71.21 22.75 7.26
C CYS J 33 71.93 21.87 6.24
N GLY J 34 72.59 20.84 6.74
CA GLY J 34 73.36 19.96 5.86
C GLY J 34 72.53 18.85 5.21
N ALA J 35 71.21 18.88 5.39
CA ALA J 35 70.37 17.82 4.87
C ALA J 35 69.14 18.36 4.18
N LEU J 36 69.31 19.46 3.44
CA LEU J 36 68.23 20.10 2.74
C LEU J 36 68.51 20.03 1.26
N ASP J 37 67.44 20.11 0.47
CA ASP J 37 67.56 20.15 -0.96
C ASP J 37 68.33 21.37 -1.49
N TRP J 38 68.79 21.28 -2.74
CA TRP J 38 69.64 22.32 -3.33
C TRP J 38 69.00 23.70 -3.26
N GLY J 39 67.74 23.82 -3.69
CA GLY J 39 67.08 25.09 -3.73
C GLY J 39 66.97 25.73 -2.37
N MET J 40 66.65 24.93 -1.36
CA MET J 40 66.54 25.50 -0.03
C MET J 40 67.91 25.92 0.53
N GLN J 41 68.93 25.13 0.23
CA GLN J 41 70.27 25.51 0.67
C GLN J 41 70.70 26.79 -0.03
N SER J 42 70.23 26.93 -1.26
CA SER J 42 70.54 28.08 -2.07
C SER J 42 69.95 29.35 -1.46
N ARG J 43 68.67 29.30 -1.12
CA ARG J 43 68.05 30.45 -0.52
C ARG J 43 68.75 30.80 0.79
N LEU J 44 69.08 29.80 1.59
CA LEU J 44 69.76 30.05 2.85
C LEU J 44 71.12 30.70 2.63
N SER J 45 71.78 30.35 1.53
CA SER J 45 73.11 30.89 1.21
C SER J 45 73.04 32.34 0.78
N ARG J 46 71.86 32.75 0.30
CA ARG J 46 71.64 34.15 0.00
C ARG J 46 71.55 34.94 1.28
N ILE J 47 71.13 34.29 2.36
CA ILE J 47 70.92 34.97 3.65
C ILE J 47 72.18 34.91 4.50
N PHE J 48 72.74 33.71 4.65
CA PHE J 48 73.97 33.56 5.42
C PHE J 48 75.17 33.41 4.49
N ASN J 49 76.02 34.44 4.47
CA ASN J 49 77.25 34.45 3.71
C ASN J 49 78.02 33.14 3.89
N PRO J 50 78.25 32.43 2.78
CA PRO J 50 78.86 31.09 2.80
C PRO J 50 80.23 31.09 3.47
N LYS J 51 80.97 32.18 3.28
CA LYS J 51 82.31 32.36 3.87
C LYS J 51 82.26 32.46 5.40
N THR J 52 81.60 33.50 5.89
CA THR J 52 81.49 33.73 7.33
C THR J 52 80.42 32.91 8.03
N GLY J 53 79.38 32.51 7.30
CA GLY J 53 78.26 31.77 7.86
C GLY J 53 77.31 32.65 8.66
N LYS J 54 77.43 33.97 8.49
CA LYS J 54 76.63 34.93 9.26
C LYS J 54 75.81 35.87 8.35
N THR J 55 74.97 36.72 8.95
CA THR J 55 74.18 37.66 8.18
C THR J 55 73.93 38.94 8.96
N VAL J 56 73.92 40.07 8.24
CA VAL J 56 73.43 41.33 8.79
C VAL J 56 72.09 41.70 8.14
N MET J 57 71.01 41.58 8.91
CA MET J 57 69.67 41.72 8.37
C MET J 57 69.03 43.03 8.78
N LEU J 58 68.61 43.81 7.78
CA LEU J 58 67.97 45.11 8.03
C LEU J 58 66.44 44.95 8.12
N ALA J 59 65.90 45.15 9.33
CA ALA J 59 64.50 44.88 9.59
C ALA J 59 63.66 46.15 9.60
N PHE J 60 62.65 46.20 8.73
CA PHE J 60 61.70 47.31 8.78
C PHE J 60 60.22 46.90 8.63
N ASP J 61 59.84 45.84 9.34
CA ASP J 61 58.48 45.30 9.21
C ASP J 61 57.59 45.75 10.35
N HIS J 62 58.15 46.52 11.28
CA HIS J 62 57.42 46.94 12.47
C HIS J 62 56.03 47.47 12.20
N GLY J 63 55.86 48.17 11.09
CA GLY J 63 54.55 48.69 10.76
C GLY J 63 53.40 47.68 10.64
N TYR J 64 53.72 46.40 10.47
CA TYR J 64 52.66 45.40 10.24
C TYR J 64 51.60 45.32 11.32
N PHE J 65 51.92 45.72 12.53
CA PHE J 65 50.95 45.79 13.63
C PHE J 65 51.08 47.10 14.42
N GLN J 66 52.06 47.96 14.09
CA GLN J 66 52.29 49.22 14.79
C GLN J 66 52.01 50.47 13.97
N GLY J 67 51.68 50.33 12.69
CA GLY J 67 51.46 51.54 11.88
C GLY J 67 52.77 52.30 11.72
N PRO J 68 52.72 53.61 11.43
CA PRO J 68 53.91 54.40 11.17
C PRO J 68 54.70 54.62 12.46
N THR J 69 55.50 53.64 12.84
CA THR J 69 56.40 53.72 13.95
C THR J 69 57.55 54.74 13.67
N THR J 70 58.09 55.32 14.72
CA THR J 70 59.13 56.35 14.60
C THR J 70 60.34 55.85 13.79
N GLY J 71 60.73 56.62 12.77
CA GLY J 71 61.86 56.25 11.93
C GLY J 71 61.44 55.50 10.66
N LEU J 72 60.21 55.00 10.68
CA LEU J 72 59.67 54.26 9.55
C LEU J 72 58.48 54.97 8.93
N GLU J 73 58.34 56.26 9.20
CA GLU J 73 57.28 57.04 8.59
C GLU J 73 57.44 57.02 7.08
N ARG J 74 58.66 57.21 6.59
CA ARG J 74 58.92 57.26 5.17
C ARG J 74 60.03 56.30 4.73
N ILE J 75 59.69 55.01 4.64
CA ILE J 75 60.64 53.98 4.21
C ILE J 75 61.29 54.45 2.92
N ASP J 76 60.48 55.02 2.02
CA ASP J 76 60.96 55.40 0.70
C ASP J 76 62.05 56.45 0.74
N ILE J 77 62.17 57.19 1.84
CA ILE J 77 63.15 58.23 1.97
C ILE J 77 64.26 57.85 2.94
N ASN J 78 63.90 57.49 4.17
CA ASN J 78 64.89 57.20 5.18
C ASN J 78 65.54 55.84 5.07
N ILE J 79 64.75 54.83 4.70
CA ILE J 79 65.29 53.47 4.64
C ILE J 79 65.88 53.13 3.27
N ALA J 80 65.39 53.78 2.22
CA ALA J 80 65.83 53.44 0.87
C ALA J 80 67.36 53.42 0.75
N PRO J 81 68.02 54.48 1.22
CA PRO J 81 69.49 54.60 1.11
C PRO J 81 70.26 53.60 1.97
N LEU J 82 69.57 52.82 2.81
CA LEU J 82 70.23 51.83 3.65
C LEU J 82 70.31 50.44 3.01
N PHE J 83 69.40 50.16 2.08
CA PHE J 83 69.30 48.82 1.51
C PHE J 83 70.68 48.26 1.08
N GLU J 84 71.40 49.00 0.25
CA GLU J 84 72.65 48.51 -0.31
C GLU J 84 73.64 48.08 0.76
N HIS J 85 73.56 48.67 1.94
CA HIS J 85 74.51 48.35 2.99
C HIS J 85 74.08 47.14 3.82
N ALA J 86 73.00 46.50 3.42
CA ALA J 86 72.49 45.34 4.17
C ALA J 86 72.66 44.03 3.38
N ASP J 87 72.86 42.93 4.11
CA ASP J 87 72.96 41.62 3.49
C ASP J 87 71.59 41.17 3.01
N VAL J 88 70.57 41.32 3.87
CA VAL J 88 69.20 40.94 3.52
C VAL J 88 68.19 41.93 4.09
N LEU J 89 67.08 42.11 3.37
CA LEU J 89 66.01 43.00 3.83
C LEU J 89 64.90 42.20 4.46
N MET J 90 64.29 42.73 5.52
CA MET J 90 63.09 42.11 6.07
C MET J 90 61.93 43.08 6.18
N CYS J 91 60.84 42.75 5.52
CA CYS J 91 59.68 43.61 5.55
C CYS J 91 58.43 42.84 5.08
N THR J 92 57.31 43.53 4.97
CA THR J 92 56.04 42.93 4.54
C THR J 92 55.92 43.02 3.05
N ARG J 93 54.95 42.32 2.47
CA ARG J 93 54.76 42.34 1.03
C ARG J 93 54.18 43.66 0.57
N GLY J 94 53.52 44.35 1.48
CA GLY J 94 52.89 45.64 1.15
C GLY J 94 53.96 46.67 0.85
N ILE J 95 54.90 46.81 1.79
CA ILE J 95 56.03 47.71 1.63
C ILE J 95 56.91 47.25 0.47
N LEU J 96 57.20 45.96 0.43
CA LEU J 96 58.06 45.45 -0.60
C LEU J 96 57.61 45.96 -1.95
N ARG J 97 56.35 45.68 -2.30
CA ARG J 97 55.85 46.03 -3.62
C ARG J 97 55.78 47.52 -3.81
N SER J 98 55.39 48.25 -2.77
CA SER J 98 55.11 49.66 -2.95
C SER J 98 56.37 50.56 -3.02
N VAL J 99 57.36 50.34 -2.16
CA VAL J 99 58.45 51.30 -2.01
C VAL J 99 59.83 50.71 -2.03
N VAL J 100 59.96 49.40 -1.94
CA VAL J 100 61.27 48.79 -2.18
C VAL J 100 61.54 48.50 -3.67
N PRO J 101 62.48 49.24 -4.28
CA PRO J 101 62.71 48.99 -5.72
C PRO J 101 63.31 47.60 -5.99
N PRO J 102 62.70 46.84 -6.94
CA PRO J 102 63.20 45.51 -7.28
C PRO J 102 64.69 45.55 -7.65
N ALA J 103 65.12 46.65 -8.26
CA ALA J 103 66.50 46.80 -8.69
C ALA J 103 67.46 46.84 -7.50
N THR J 104 66.92 46.92 -6.30
CA THR J 104 67.75 46.91 -5.11
C THR J 104 68.62 45.67 -5.13
N ASN J 105 68.19 44.63 -5.84
CA ASN J 105 68.96 43.38 -5.95
C ASN J 105 69.49 42.84 -4.62
N ARG J 106 68.63 42.79 -3.61
CA ARG J 106 69.02 42.35 -2.29
C ARG J 106 68.06 41.27 -1.84
N PRO J 107 68.56 40.19 -1.19
CA PRO J 107 67.67 39.11 -0.68
C PRO J 107 66.65 39.62 0.35
N VAL J 108 65.40 39.13 0.28
CA VAL J 108 64.36 39.54 1.23
C VAL J 108 63.79 38.38 2.03
N VAL J 109 63.40 38.70 3.26
CA VAL J 109 62.73 37.74 4.12
C VAL J 109 61.41 38.39 4.40
N LEU J 110 60.31 37.76 4.00
CA LEU J 110 58.99 38.37 4.13
C LEU J 110 58.34 38.10 5.47
N ARG J 111 57.85 39.16 6.11
CA ARG J 111 56.95 39.04 7.26
C ARG J 111 55.69 38.35 6.74
N ALA J 112 55.39 37.16 7.28
CA ALA J 112 54.21 36.41 6.85
C ALA J 112 53.18 36.19 7.97
N SER J 113 53.18 37.06 8.97
CA SER J 113 52.14 36.96 9.96
C SER J 113 51.61 38.36 10.26
N GLY J 114 50.45 38.43 10.91
CA GLY J 114 49.82 39.71 11.15
C GLY J 114 48.41 39.51 11.66
N ALA J 115 47.56 40.51 11.44
CA ALA J 115 46.16 40.52 11.87
C ALA J 115 46.06 40.83 13.34
N ASN J 116 47.14 41.35 13.90
CA ASN J 116 47.12 41.87 15.26
C ASN J 116 47.40 43.37 15.20
N SER J 117 47.26 44.08 16.32
CA SER J 117 47.63 45.50 16.38
C SER J 117 48.02 45.93 17.80
N ILE J 118 48.54 47.14 17.97
CA ILE J 118 48.86 47.61 19.31
C ILE J 118 47.61 47.99 20.08
N LEU J 119 46.45 47.94 19.45
CA LEU J 119 45.24 48.24 20.15
C LEU J 119 44.57 47.01 20.72
N ALA J 120 45.12 45.83 20.45
CA ALA J 120 44.51 44.59 20.94
C ALA J 120 45.55 43.58 21.47
N GLU J 121 45.16 42.32 21.55
CA GLU J 121 46.05 41.31 22.07
C GLU J 121 47.19 41.11 21.08
N LEU J 122 48.40 41.36 21.54
CA LEU J 122 49.56 41.31 20.68
C LEU J 122 49.77 39.92 20.08
N SER J 123 49.49 38.86 20.84
CA SER J 123 49.77 37.49 20.36
C SER J 123 48.70 36.93 19.41
N ASN J 124 47.75 37.76 19.00
CA ASN J 124 46.69 37.23 18.16
C ASN J 124 46.98 37.37 16.66
N GLU J 125 47.92 36.56 16.18
CA GLU J 125 48.39 36.62 14.78
C GLU J 125 47.88 35.47 13.91
N ALA J 126 47.63 35.78 12.65
CA ALA J 126 47.31 34.78 11.64
C ALA J 126 48.36 34.81 10.55
N VAL J 127 48.40 33.79 9.69
CA VAL J 127 49.35 33.84 8.58
C VAL J 127 48.93 34.99 7.67
N ALA J 128 49.90 35.80 7.28
CA ALA J 128 49.56 37.03 6.60
C ALA J 128 49.84 37.03 5.09
N LEU J 129 50.42 35.95 4.56
CA LEU J 129 50.56 35.84 3.11
C LEU J 129 50.76 34.40 2.70
N SER J 130 50.13 34.01 1.59
CA SER J 130 50.25 32.63 1.10
C SER J 130 51.65 32.33 0.56
N MET J 131 52.06 31.06 0.63
CA MET J 131 53.38 30.65 0.14
C MET J 131 53.40 30.96 -1.34
N ASP J 132 52.26 30.74 -1.97
CA ASP J 132 52.03 31.15 -3.36
C ASP J 132 52.63 32.51 -3.69
N ASP J 133 52.22 33.51 -2.96
CA ASP J 133 52.72 34.86 -3.16
C ASP J 133 54.17 35.02 -2.72
N ALA J 134 54.63 34.26 -1.74
CA ALA J 134 56.03 34.41 -1.27
C ALA J 134 56.93 33.97 -2.41
N VAL J 135 56.54 32.89 -3.11
CA VAL J 135 57.27 32.43 -4.27
C VAL J 135 57.18 33.45 -5.42
N ARG J 136 56.01 34.05 -5.60
CA ARG J 136 55.83 35.03 -6.66
C ARG J 136 56.79 36.18 -6.43
N LEU J 137 57.06 36.47 -5.16
CA LEU J 137 57.88 37.64 -4.80
C LEU J 137 59.36 37.29 -4.70
N ASN J 138 59.70 36.05 -5.04
CA ASN J 138 61.10 35.61 -5.01
C ASN J 138 61.76 35.67 -3.63
N SER J 139 61.02 35.32 -2.58
CA SER J 139 61.57 35.41 -1.23
C SER J 139 62.69 34.43 -0.98
N CYS J 140 63.50 34.75 0.02
CA CYS J 140 64.49 33.81 0.51
C CYS J 140 63.94 33.05 1.70
N ALA J 141 63.00 33.68 2.40
CA ALA J 141 62.38 33.04 3.56
C ALA J 141 61.08 33.71 3.97
N VAL J 142 60.29 33.01 4.78
CA VAL J 142 59.06 33.58 5.31
C VAL J 142 59.17 33.53 6.83
N ALA J 143 58.67 34.57 7.47
CA ALA J 143 58.83 34.73 8.91
C ALA J 143 57.49 34.93 9.62
N ALA J 144 57.36 34.33 10.79
CA ALA J 144 56.16 34.50 11.60
C ALA J 144 56.55 34.44 13.08
N GLN J 145 55.71 35.02 13.93
CA GLN J 145 55.98 35.12 15.38
C GLN J 145 55.46 33.88 16.08
N VAL J 146 56.21 33.43 17.06
CA VAL J 146 55.68 32.45 17.97
C VAL J 146 55.61 33.12 19.35
N TYR J 147 54.48 32.97 20.04
CA TYR J 147 54.23 33.60 21.34
C TYR J 147 54.07 32.62 22.49
N ILE J 148 55.18 31.97 22.91
CA ILE J 148 55.12 30.99 23.98
C ILE J 148 54.77 31.72 25.24
N GLY J 149 53.79 31.18 25.96
CA GLY J 149 53.33 31.79 27.20
C GLY J 149 52.27 32.87 27.06
N SER J 150 51.97 33.30 25.85
CA SER J 150 50.88 34.25 25.64
C SER J 150 49.56 33.54 25.36
N GLU J 151 48.51 34.35 25.29
CA GLU J 151 47.16 33.84 25.16
C GLU J 151 46.95 33.07 23.88
N TYR J 152 47.52 33.55 22.79
CA TYR J 152 47.37 32.84 21.53
C TYR J 152 48.59 32.01 21.18
N GLU J 153 49.19 31.39 22.19
CA GLU J 153 50.38 30.56 21.96
C GLU J 153 50.14 29.44 20.95
N HIS J 154 49.04 28.69 21.14
CA HIS J 154 48.72 27.55 20.31
C HIS J 154 48.66 27.96 18.85
N GLN J 155 47.95 29.05 18.57
CA GLN J 155 47.76 29.51 17.20
C GLN J 155 49.07 29.92 16.57
N SER J 156 49.88 30.65 17.33
CA SER J 156 51.15 31.10 16.81
C SER J 156 52.00 29.90 16.39
N ILE J 157 52.00 28.81 17.16
CA ILE J 157 52.77 27.64 16.75
C ILE J 157 52.18 27.02 15.48
N LYS J 158 50.86 26.95 15.41
CA LYS J 158 50.23 26.45 14.20
C LYS J 158 50.64 27.26 12.97
N ASN J 159 50.81 28.57 13.12
CA ASN J 159 51.29 29.39 12.02
C ASN J 159 52.65 28.91 11.51
N ILE J 160 53.54 28.55 12.43
CA ILE J 160 54.84 27.96 12.08
C ILE J 160 54.67 26.62 11.38
N ILE J 161 53.85 25.75 11.97
CA ILE J 161 53.54 24.47 11.32
C ILE J 161 53.06 24.65 9.87
N GLN J 162 52.18 25.62 9.67
CA GLN J 162 51.60 25.81 8.34
C GLN J 162 52.60 26.34 7.32
N LEU J 163 53.46 27.27 7.77
CA LEU J 163 54.50 27.80 6.87
C LEU J 163 55.52 26.73 6.53
N VAL J 164 55.89 25.89 7.49
CA VAL J 164 56.87 24.83 7.20
C VAL J 164 56.27 23.83 6.21
N ASP J 165 55.07 23.34 6.50
CA ASP J 165 54.43 22.40 5.59
C ASP J 165 54.45 22.94 4.17
N ALA J 166 54.08 24.21 4.03
CA ALA J 166 54.00 24.87 2.72
C ALA J 166 55.38 25.10 2.10
N GLY J 167 56.32 25.58 2.92
CA GLY J 167 57.67 25.82 2.44
C GLY J 167 58.45 24.59 2.00
N MET J 168 58.16 23.43 2.58
CA MET J 168 58.89 22.24 2.19
C MET J 168 58.51 21.76 0.79
N LYS J 169 57.29 22.07 0.33
CA LYS J 169 56.87 21.69 -1.03
C LYS J 169 57.69 22.48 -2.07
N VAL J 170 58.23 23.61 -1.63
CA VAL J 170 58.67 24.63 -2.55
C VAL J 170 60.13 25.04 -2.31
N GLY J 171 60.67 24.61 -1.19
CA GLY J 171 62.08 24.86 -0.89
C GLY J 171 62.24 26.23 -0.29
N MET J 172 61.18 26.72 0.33
CA MET J 172 61.25 27.98 1.06
C MET J 172 61.49 27.75 2.57
N PRO J 173 62.61 28.24 3.09
CA PRO J 173 62.89 28.25 4.55
C PRO J 173 61.88 29.07 5.36
N THR J 174 61.63 28.65 6.60
CA THR J 174 60.77 29.41 7.50
C THR J 174 61.55 29.94 8.72
N MET J 175 61.36 31.21 9.03
CA MET J 175 62.00 31.79 10.20
C MET J 175 60.96 32.02 11.30
N ALA J 176 61.17 31.37 12.44
CA ALA J 176 60.32 31.54 13.61
C ALA J 176 60.92 32.62 14.53
N VAL J 177 60.10 33.61 14.91
CA VAL J 177 60.57 34.69 15.78
C VAL J 177 59.92 34.60 17.15
N THR J 178 60.75 34.57 18.20
CA THR J 178 60.23 34.42 19.55
C THR J 178 59.75 35.76 20.11
N GLY J 179 58.44 36.01 20.00
CA GLY J 179 57.84 37.25 20.50
C GLY J 179 57.39 37.11 21.95
N VAL J 180 57.51 38.19 22.72
CA VAL J 180 57.30 38.09 24.16
C VAL J 180 56.05 38.80 24.66
N VAL J 185 58.98 38.16 31.42
CA VAL J 185 60.36 38.03 31.89
C VAL J 185 61.22 37.29 30.88
N ARG J 186 62.31 37.92 30.47
CA ARG J 186 63.11 37.43 29.37
C ARG J 186 64.43 36.85 29.86
N ASP J 187 64.39 35.63 30.37
CA ASP J 187 65.62 34.96 30.80
C ASP J 187 66.02 33.80 29.86
N GLN J 188 67.16 33.19 30.16
CA GLN J 188 67.67 32.10 29.35
C GLN J 188 66.71 30.90 29.29
N ARG J 189 66.16 30.48 30.43
CA ARG J 189 65.33 29.28 30.45
C ARG J 189 64.12 29.48 29.59
N TYR J 190 63.60 30.71 29.56
CA TYR J 190 62.45 31.02 28.71
C TYR J 190 62.74 30.92 27.20
N PHE J 191 63.76 31.66 26.74
CA PHE J 191 64.11 31.64 25.35
C PHE J 191 64.58 30.27 24.89
N SER J 192 65.16 29.49 25.80
CA SER J 192 65.56 28.13 25.46
C SER J 192 64.33 27.35 25.06
N LEU J 193 63.27 27.47 25.87
CA LEU J 193 62.00 26.84 25.61
C LEU J 193 61.42 27.26 24.26
N ALA J 194 61.34 28.58 24.05
CA ALA J 194 60.70 29.13 22.84
C ALA J 194 61.49 28.77 21.59
N THR J 195 62.80 28.97 21.60
CA THR J 195 63.59 28.69 20.42
C THR J 195 63.58 27.20 20.06
N ARG J 196 63.67 26.34 21.08
CA ARG J 196 63.83 24.92 20.84
C ARG J 196 62.54 24.33 20.25
N ILE J 197 61.41 24.73 20.83
CA ILE J 197 60.13 24.29 20.30
C ILE J 197 59.99 24.65 18.84
N ALA J 198 60.25 25.92 18.51
CA ALA J 198 60.09 26.34 17.13
C ALA J 198 61.00 25.53 16.21
N ALA J 199 62.26 25.38 16.61
CA ALA J 199 63.20 24.60 15.81
C ALA J 199 62.63 23.20 15.62
N GLU J 200 62.18 22.66 16.75
CA GLU J 200 61.67 21.31 16.82
C GLU J 200 60.51 21.12 15.81
N MET J 201 59.66 22.14 15.66
CA MET J 201 58.51 22.09 14.76
C MET J 201 58.91 22.15 13.29
N GLY J 202 60.09 22.74 13.02
CA GLY J 202 60.67 22.67 11.67
C GLY J 202 61.25 23.94 11.09
N ALA J 203 61.10 25.04 11.82
CA ALA J 203 61.72 26.29 11.37
C ALA J 203 63.24 26.12 11.17
N GLN J 204 63.76 26.68 10.07
CA GLN J 204 65.18 26.57 9.71
C GLN J 204 65.97 27.73 10.26
N ILE J 205 65.30 28.83 10.53
CA ILE J 205 65.99 29.96 11.15
C ILE J 205 65.22 30.38 12.38
N ILE J 206 65.95 30.70 13.45
CA ILE J 206 65.30 31.20 14.66
C ILE J 206 65.81 32.57 14.99
N LYS J 207 64.90 33.50 15.28
CA LYS J 207 65.29 34.81 15.72
C LYS J 207 64.77 35.08 17.12
N THR J 208 65.69 35.45 18.02
CA THR J 208 65.36 35.67 19.41
C THR J 208 66.08 36.90 19.95
N TYR J 209 65.95 37.13 21.25
CA TYR J 209 66.61 38.27 21.88
C TYR J 209 67.90 37.88 22.59
N TYR J 210 68.82 38.83 22.72
CA TYR J 210 70.05 38.56 23.44
C TYR J 210 69.78 38.64 24.95
N VAL J 211 70.46 37.80 25.72
CA VAL J 211 70.27 37.83 27.15
C VAL J 211 71.58 38.04 27.92
N GLU J 212 71.48 38.80 29.01
CA GLU J 212 72.63 39.18 29.82
C GLU J 212 73.47 37.96 30.15
N LYS J 213 72.82 36.90 30.62
CA LYS J 213 73.56 35.69 30.94
C LYS J 213 72.79 34.45 30.52
N GLY J 214 73.54 33.48 30.01
CA GLY J 214 72.97 32.21 29.57
C GLY J 214 72.80 32.09 28.06
N PHE J 215 73.04 33.17 27.33
CA PHE J 215 72.80 33.15 25.89
C PHE J 215 73.48 31.98 25.19
N GLU J 216 74.68 31.65 25.64
CA GLU J 216 75.43 30.57 25.04
C GLU J 216 74.64 29.28 25.03
N ARG J 217 73.80 29.12 26.05
CA ARG J 217 73.00 27.91 26.22
C ARG J 217 71.82 27.92 25.24
N ILE J 218 71.32 29.10 24.93
CA ILE J 218 70.26 29.21 23.96
C ILE J 218 70.76 28.75 22.60
N VAL J 219 71.95 29.21 22.22
CA VAL J 219 72.56 28.82 20.95
C VAL J 219 72.83 27.31 20.92
N ALA J 220 73.46 26.82 21.98
CA ALA J 220 73.87 25.42 22.00
C ALA J 220 72.66 24.46 21.95
N GLY J 221 71.56 24.88 22.54
CA GLY J 221 70.38 24.02 22.62
C GLY J 221 69.54 24.07 21.36
N CYS J 222 69.90 24.96 20.44
CA CYS J 222 69.13 25.14 19.23
C CYS J 222 69.88 24.57 18.04
N PRO J 223 69.24 23.64 17.30
CA PRO J 223 69.93 22.88 16.24
C PRO J 223 70.13 23.70 14.97
N VAL J 224 69.44 24.84 14.85
CA VAL J 224 69.56 25.67 13.65
C VAL J 224 70.07 27.08 13.95
N PRO J 225 70.44 27.84 12.89
CA PRO J 225 71.00 29.20 13.03
C PRO J 225 70.11 30.15 13.83
N ILE J 226 70.71 30.91 14.73
CA ILE J 226 70.00 31.90 15.54
C ILE J 226 70.40 33.31 15.17
N VAL J 227 69.42 34.20 15.15
CA VAL J 227 69.64 35.57 14.81
C VAL J 227 69.05 36.42 15.92
N ILE J 228 69.73 37.48 16.32
CA ILE J 228 69.20 38.29 17.42
C ILE J 228 68.54 39.55 16.90
N ALA J 229 67.47 39.93 17.58
CA ALA J 229 66.82 41.21 17.33
C ALA J 229 67.61 42.37 17.93
N GLY J 230 67.53 43.52 17.27
CA GLY J 230 68.17 44.74 17.72
C GLY J 230 67.62 45.20 19.05
N GLY J 231 66.31 45.12 19.24
CA GLY J 231 65.68 45.60 20.46
C GLY J 231 65.56 47.12 20.46
N LYS J 232 65.04 47.67 21.56
CA LYS J 232 64.82 49.11 21.67
C LYS J 232 66.12 49.87 21.48
N LYS J 233 66.01 51.13 21.07
CA LYS J 233 67.17 51.97 20.83
C LYS J 233 68.15 52.04 22.00
N LEU J 234 69.42 51.85 21.72
CA LEU J 234 70.47 52.02 22.73
C LEU J 234 71.52 52.99 22.20
N PRO J 235 72.37 53.52 23.09
CA PRO J 235 73.55 54.24 22.61
C PRO J 235 74.34 53.37 21.63
N GLU J 236 74.77 53.96 20.52
CA GLU J 236 75.44 53.19 19.47
C GLU J 236 76.53 52.25 20.00
N ARG J 237 77.29 52.72 20.98
CA ARG J 237 78.38 51.92 21.51
C ARG J 237 77.84 50.67 22.20
N GLU J 238 76.72 50.83 22.91
CA GLU J 238 76.15 49.71 23.65
C GLU J 238 75.54 48.70 22.71
N ALA J 239 74.85 49.18 21.68
CA ALA J 239 74.27 48.33 20.64
C ALA J 239 75.34 47.43 20.02
N LEU J 240 76.50 48.02 19.74
CA LEU J 240 77.63 47.26 19.19
C LEU J 240 78.21 46.24 20.17
N GLU J 241 78.24 46.58 21.45
CA GLU J 241 78.64 45.61 22.46
C GLU J 241 77.72 44.37 22.49
N MET J 242 76.41 44.62 22.39
CA MET J 242 75.41 43.56 22.33
C MET J 242 75.69 42.63 21.16
N CYS J 243 75.90 43.23 19.97
CA CYS J 243 76.24 42.45 18.80
C CYS J 243 77.47 41.59 19.03
N TRP J 244 78.53 42.21 19.52
CA TRP J 244 79.78 41.49 19.72
C TRP J 244 79.58 40.32 20.66
N GLN J 245 78.86 40.55 21.75
CA GLN J 245 78.58 39.50 22.71
C GLN J 245 77.85 38.36 22.03
N ALA J 246 76.77 38.71 21.31
CA ALA J 246 75.90 37.71 20.68
C ALA J 246 76.70 36.85 19.72
N ILE J 247 77.40 37.51 18.81
CA ILE J 247 78.27 36.82 17.86
C ILE J 247 79.30 35.97 18.58
N ASP J 248 80.02 36.56 19.54
CA ASP J 248 81.05 35.85 20.27
C ASP J 248 80.51 34.60 20.96
N GLN J 249 79.27 34.66 21.41
CA GLN J 249 78.62 33.49 22.03
C GLN J 249 77.86 32.53 21.07
N GLY J 250 77.95 32.76 19.76
CA GLY J 250 77.48 31.77 18.80
C GLY J 250 76.30 32.13 17.91
N ALA J 251 75.81 33.36 18.00
CA ALA J 251 74.76 33.84 17.11
C ALA J 251 75.22 33.82 15.66
N SER J 252 74.30 33.58 14.73
CA SER J 252 74.65 33.54 13.32
C SER J 252 74.44 34.88 12.64
N GLY J 253 74.18 35.91 13.41
CA GLY J 253 73.97 37.24 12.82
C GLY J 253 72.92 38.03 13.55
N VAL J 254 72.70 39.27 13.11
CA VAL J 254 71.72 40.10 13.78
C VAL J 254 70.62 40.58 12.83
N ASP J 255 69.45 40.87 13.40
CA ASP J 255 68.34 41.42 12.65
C ASP J 255 67.97 42.81 13.21
N MET J 256 68.82 43.80 12.95
CA MET J 256 68.65 45.18 13.44
C MET J 256 67.51 45.94 12.78
N GLY J 257 66.84 46.76 13.56
CA GLY J 257 65.86 47.68 13.04
C GLY J 257 66.10 49.04 13.65
N ARG J 258 65.57 49.27 14.83
CA ARG J 258 65.65 50.57 15.49
C ARG J 258 67.08 51.09 15.74
N ASN J 259 67.98 50.22 16.19
CA ASN J 259 69.34 50.68 16.49
C ASN J 259 70.10 51.12 15.26
N ILE J 260 69.44 51.00 14.10
CA ILE J 260 70.03 51.48 12.87
C ILE J 260 69.21 52.67 12.35
N PHE J 261 67.94 52.46 12.07
CA PHE J 261 67.18 53.52 11.44
C PHE J 261 66.83 54.65 12.40
N GLN J 262 67.01 54.42 13.70
CA GLN J 262 66.79 55.50 14.66
C GLN J 262 68.09 56.17 15.09
N SER J 263 69.18 55.82 14.44
CA SER J 263 70.45 56.42 14.71
C SER J 263 70.58 57.70 13.91
N ASP J 264 71.45 58.60 14.37
CA ASP J 264 71.73 59.82 13.63
C ASP J 264 72.63 59.52 12.45
N HIS J 265 73.25 58.34 12.46
CA HIS J 265 74.18 57.94 11.41
C HIS J 265 73.97 56.48 11.01
N PRO J 266 72.83 56.20 10.36
CA PRO J 266 72.43 54.85 10.01
C PRO J 266 73.50 54.10 9.23
N VAL J 267 73.93 54.69 8.12
CA VAL J 267 74.90 54.04 7.26
C VAL J 267 76.17 53.68 8.03
N ALA J 268 76.67 54.63 8.82
CA ALA J 268 77.86 54.40 9.63
C ALA J 268 77.64 53.23 10.57
N MET J 269 76.49 53.22 11.25
CA MET J 269 76.16 52.18 12.21
C MET J 269 76.16 50.80 11.56
N MET J 270 75.56 50.72 10.37
CA MET J 270 75.54 49.48 9.62
C MET J 270 76.94 48.95 9.34
N LYS J 271 77.82 49.82 8.85
CA LYS J 271 79.19 49.41 8.53
C LYS J 271 79.88 48.85 9.78
N ALA J 272 79.60 49.47 10.93
CA ALA J 272 80.13 49.04 12.21
C ALA J 272 79.63 47.64 12.49
N VAL J 273 78.31 47.48 12.41
CA VAL J 273 77.67 46.19 12.65
C VAL J 273 78.22 45.10 11.74
N GLN J 274 78.49 45.46 10.49
CA GLN J 274 79.04 44.52 9.53
C GLN J 274 80.40 44.07 9.97
N ALA J 275 81.22 45.04 10.39
CA ALA J 275 82.58 44.80 10.91
C ALA J 275 82.58 43.79 12.05
N VAL J 276 81.69 43.99 13.02
CA VAL J 276 81.57 43.10 14.15
C VAL J 276 81.10 41.71 13.76
N VAL J 277 80.09 41.63 12.89
CA VAL J 277 79.47 40.34 12.54
C VAL J 277 80.33 39.48 11.62
N HIS J 278 80.81 40.07 10.52
CA HIS J 278 81.57 39.29 9.53
C HIS J 278 83.08 39.22 9.79
N HIS J 279 83.66 40.25 10.40
CA HIS J 279 85.12 40.37 10.45
C HIS J 279 85.70 40.29 11.85
N ASN J 280 84.91 39.86 12.80
CA ASN J 280 85.38 39.67 14.17
C ASN J 280 85.96 40.93 14.79
N GLU J 281 85.52 42.10 14.33
CA GLU J 281 85.93 43.32 15.00
C GLU J 281 85.49 43.34 16.45
N THR J 282 86.18 44.15 17.26
CA THR J 282 85.80 44.36 18.66
C THR J 282 84.82 45.50 18.78
N ALA J 283 84.10 45.56 19.90
CA ALA J 283 83.11 46.62 20.10
C ALA J 283 83.75 48.00 19.94
N ASP J 284 84.90 48.17 20.58
CA ASP J 284 85.61 49.46 20.57
C ASP J 284 86.11 49.84 19.18
N ARG J 285 86.88 48.96 18.58
CA ARG J 285 87.38 49.16 17.24
C ARG J 285 86.24 49.59 16.31
N ALA J 286 85.15 48.82 16.37
CA ALA J 286 83.96 49.06 15.58
C ALA J 286 83.36 50.44 15.85
N TYR J 287 83.26 50.80 17.13
CA TYR J 287 82.76 52.12 17.49
C TYR J 287 83.61 53.24 16.88
N GLU J 288 84.91 53.00 16.71
CA GLU J 288 85.78 53.97 16.07
C GLU J 288 85.57 54.03 14.57
N LEU J 289 85.18 52.90 13.98
CA LEU J 289 84.73 52.85 12.59
C LEU J 289 83.46 53.71 12.45
N TYR J 290 82.69 53.74 13.51
CA TYR J 290 81.46 54.52 13.53
C TYR J 290 81.73 56.02 13.68
N LEU J 291 82.74 56.35 14.48
CA LEU J 291 83.10 57.75 14.74
C LEU J 291 83.80 58.40 13.56
N SER J 292 84.38 57.59 12.67
CA SER J 292 85.00 58.12 11.46
C SER J 292 83.97 58.46 10.38
N GLU J 293 82.76 57.86 10.47
CA GLU J 293 81.62 58.27 9.66
C GLU J 293 80.56 58.96 10.51
N GLY K 14 6.40 -28.97 -60.80
CA GLY K 14 6.09 -27.51 -60.84
C GLY K 14 5.37 -27.00 -59.60
N LYS K 15 5.78 -27.50 -58.44
CA LYS K 15 5.19 -27.08 -57.17
C LYS K 15 6.22 -26.49 -56.21
N ASP K 16 5.80 -25.48 -55.44
CA ASP K 16 6.69 -24.85 -54.49
C ASP K 16 6.14 -24.95 -53.06
N PHE K 17 6.69 -25.88 -52.28
CA PHE K 17 6.29 -26.06 -50.89
C PHE K 17 7.03 -25.15 -49.93
N ARG K 18 7.83 -24.24 -50.48
CA ARG K 18 8.65 -23.35 -49.69
C ARG K 18 9.09 -24.01 -48.38
N THR K 19 9.83 -25.10 -48.49
CA THR K 19 10.26 -25.85 -47.33
C THR K 19 11.38 -25.18 -46.54
N ASP K 20 11.87 -24.05 -47.02
CA ASP K 20 12.93 -23.35 -46.31
C ASP K 20 12.32 -22.43 -45.27
N GLN K 21 10.98 -22.35 -45.28
CA GLN K 21 10.28 -21.42 -44.42
C GLN K 21 9.16 -22.07 -43.60
N PRO K 22 9.47 -22.44 -42.34
CA PRO K 22 8.54 -23.22 -41.55
C PRO K 22 7.29 -22.41 -41.25
N GLN K 23 6.15 -23.11 -41.14
CA GLN K 23 4.87 -22.51 -40.78
C GLN K 23 4.85 -22.03 -39.31
N LYS K 24 4.32 -20.84 -39.04
CA LYS K 24 4.28 -20.31 -37.67
C LYS K 24 2.87 -19.86 -37.36
N ASN K 25 2.41 -20.10 -36.15
CA ASN K 25 1.07 -19.67 -35.74
C ASN K 25 0.96 -18.18 -35.51
N ILE K 26 -0.09 -17.55 -36.04
CA ILE K 26 -0.32 -16.14 -35.72
C ILE K 26 -1.03 -15.96 -34.37
N PRO K 27 -0.39 -15.25 -33.40
CA PRO K 27 -0.98 -15.10 -32.07
C PRO K 27 -2.31 -14.35 -32.09
N PHE K 28 -3.21 -14.68 -31.18
CA PHE K 28 -4.46 -13.96 -31.00
C PHE K 28 -4.32 -13.14 -29.73
N THR K 29 -4.36 -11.82 -29.87
CA THR K 29 -3.90 -11.00 -28.76
C THR K 29 -4.98 -10.47 -27.85
N LEU K 30 -6.25 -10.61 -28.22
CA LEU K 30 -7.37 -10.06 -27.43
C LEU K 30 -7.31 -10.52 -25.99
N LYS K 31 -7.34 -9.56 -25.07
CA LYS K 31 -7.08 -9.84 -23.66
C LYS K 31 -7.85 -11.05 -23.17
N GLY K 32 -7.13 -12.06 -22.74
CA GLY K 32 -7.77 -13.22 -22.09
C GLY K 32 -8.60 -14.11 -22.99
N CYS K 33 -8.42 -14.02 -24.30
CA CYS K 33 -9.15 -14.88 -25.23
C CYS K 33 -8.22 -15.66 -26.11
N GLY K 34 -7.03 -15.93 -25.61
CA GLY K 34 -6.05 -16.60 -26.44
C GLY K 34 -6.13 -18.11 -26.36
N ALA K 35 -7.16 -18.63 -25.69
CA ALA K 35 -7.26 -20.06 -25.54
C ALA K 35 -8.67 -20.54 -25.84
N LEU K 36 -9.25 -19.96 -26.87
CA LEU K 36 -10.65 -20.29 -27.26
C LEU K 36 -10.63 -20.91 -28.63
N ASP K 37 -11.65 -21.72 -28.92
CA ASP K 37 -11.80 -22.28 -30.25
C ASP K 37 -11.94 -21.24 -31.37
N TRP K 38 -11.68 -21.64 -32.61
CA TRP K 38 -11.72 -20.70 -33.76
C TRP K 38 -13.03 -19.89 -33.86
N GLY K 39 -14.16 -20.60 -33.86
CA GLY K 39 -15.46 -19.97 -33.96
C GLY K 39 -15.63 -18.89 -32.91
N MET K 40 -15.35 -19.20 -31.67
CA MET K 40 -15.58 -18.21 -30.64
C MET K 40 -14.64 -17.01 -30.83
N GLN K 41 -13.38 -17.28 -31.17
CA GLN K 41 -12.45 -16.18 -31.46
C GLN K 41 -12.92 -15.32 -32.66
N SER K 42 -13.53 -15.99 -33.63
CA SER K 42 -14.15 -15.34 -34.76
C SER K 42 -15.26 -14.39 -34.34
N ARG K 43 -16.18 -14.86 -33.51
CA ARG K 43 -17.28 -14.00 -33.09
C ARG K 43 -16.72 -12.81 -32.32
N LEU K 44 -15.73 -13.07 -31.47
CA LEU K 44 -15.14 -11.99 -30.68
C LEU K 44 -14.47 -10.96 -31.59
N SER K 45 -13.88 -11.43 -32.70
CA SER K 45 -13.21 -10.53 -33.64
C SER K 45 -14.21 -9.68 -34.41
N ARG K 46 -15.48 -10.10 -34.43
CA ARG K 46 -16.48 -9.28 -35.07
C ARG K 46 -16.80 -8.12 -34.18
N ILE K 47 -16.62 -8.33 -32.89
CA ILE K 47 -16.94 -7.31 -31.88
C ILE K 47 -15.76 -6.39 -31.65
N PHE K 48 -14.62 -6.98 -31.30
CA PHE K 48 -13.41 -6.21 -31.06
C PHE K 48 -12.49 -6.17 -32.28
N ASN K 49 -12.40 -4.99 -32.87
CA ASN K 49 -11.55 -4.76 -34.02
C ASN K 49 -10.14 -5.34 -33.75
N PRO K 50 -9.74 -6.34 -34.56
CA PRO K 50 -8.46 -7.03 -34.43
C PRO K 50 -7.28 -6.06 -34.40
N LYS K 51 -7.38 -4.97 -35.18
CA LYS K 51 -6.31 -3.95 -35.23
C LYS K 51 -6.18 -3.21 -33.90
N THR K 52 -7.24 -2.49 -33.51
CA THR K 52 -7.19 -1.70 -32.29
C THR K 52 -7.46 -2.51 -31.03
N GLY K 53 -8.13 -3.64 -31.15
CA GLY K 53 -8.54 -4.39 -29.97
C GLY K 53 -9.72 -3.78 -29.20
N LYS K 54 -10.43 -2.83 -29.82
CA LYS K 54 -11.51 -2.11 -29.12
C LYS K 54 -12.79 -2.15 -29.90
N THR K 55 -13.86 -1.65 -29.30
CA THR K 55 -15.17 -1.69 -29.93
C THR K 55 -16.05 -0.50 -29.51
N VAL K 56 -16.81 0.04 -30.47
CA VAL K 56 -17.84 1.00 -30.18
C VAL K 56 -19.23 0.37 -30.36
N MET K 57 -19.92 0.15 -29.25
CA MET K 57 -21.14 -0.63 -29.28
C MET K 57 -22.34 0.29 -29.06
N LEU K 58 -23.31 0.21 -29.98
CA LEU K 58 -24.53 1.01 -29.89
C LEU K 58 -25.66 0.26 -29.18
N ALA K 59 -26.02 0.71 -27.99
CA ALA K 59 -26.94 -0.05 -27.15
C ALA K 59 -28.36 0.54 -27.19
N PHE K 60 -29.33 -0.29 -27.53
CA PHE K 60 -30.70 0.16 -27.47
C PHE K 60 -31.65 -0.93 -26.94
N ASP K 61 -31.22 -1.63 -25.90
CA ASP K 61 -32.03 -2.69 -25.34
C ASP K 61 -32.89 -2.22 -24.16
N HIS K 62 -32.75 -0.96 -23.77
CA HIS K 62 -33.33 -0.44 -22.54
C HIS K 62 -34.79 -0.80 -22.38
N GLY K 63 -35.50 -0.89 -23.50
CA GLY K 63 -36.93 -1.20 -23.46
C GLY K 63 -37.29 -2.54 -22.82
N TYR K 64 -36.31 -3.45 -22.67
CA TYR K 64 -36.63 -4.79 -22.20
C TYR K 64 -37.25 -4.85 -20.81
N PHE K 65 -37.01 -3.81 -20.01
CA PHE K 65 -37.70 -3.72 -18.73
C PHE K 65 -38.22 -2.34 -18.48
N GLN K 66 -37.97 -1.40 -19.39
CA GLN K 66 -38.42 -0.01 -19.21
C GLN K 66 -39.51 0.42 -20.17
N GLY K 67 -39.79 -0.38 -21.19
CA GLY K 67 -40.80 0.06 -22.16
C GLY K 67 -40.23 1.18 -23.04
N PRO K 68 -41.10 2.01 -23.62
CA PRO K 68 -40.65 3.06 -24.54
C PRO K 68 -39.94 4.16 -23.80
N THR K 69 -38.67 3.94 -23.52
CA THR K 69 -37.82 4.93 -22.88
C THR K 69 -37.57 6.11 -23.84
N THR K 70 -37.33 7.31 -23.27
CA THR K 70 -37.07 8.50 -24.09
C THR K 70 -35.93 8.34 -25.08
N GLY K 71 -36.20 8.62 -26.35
CA GLY K 71 -35.20 8.46 -27.40
C GLY K 71 -35.33 7.15 -28.16
N LEU K 72 -36.04 6.20 -27.55
CA LEU K 72 -36.20 4.87 -28.13
C LEU K 72 -37.66 4.58 -28.40
N GLU K 73 -38.47 5.64 -28.54
CA GLU K 73 -39.89 5.46 -28.88
C GLU K 73 -40.00 4.81 -30.25
N ARG K 74 -39.20 5.32 -31.19
CA ARG K 74 -39.23 4.81 -32.56
C ARG K 74 -37.84 4.36 -33.07
N ILE K 75 -37.40 3.17 -32.65
CA ILE K 75 -36.11 2.61 -33.07
C ILE K 75 -36.03 2.68 -34.58
N ASP K 76 -37.17 2.45 -35.23
CA ASP K 76 -37.22 2.32 -36.68
C ASP K 76 -36.93 3.61 -37.39
N ILE K 77 -37.09 4.72 -36.68
CA ILE K 77 -36.87 6.04 -37.25
C ILE K 77 -35.62 6.71 -36.70
N ASN K 78 -35.55 6.84 -35.39
CA ASN K 78 -34.42 7.54 -34.80
C ASN K 78 -33.13 6.73 -34.76
N ILE K 79 -33.22 5.44 -34.46
CA ILE K 79 -32.02 4.62 -34.29
C ILE K 79 -31.55 4.03 -35.63
N ALA K 80 -32.50 3.79 -36.54
CA ALA K 80 -32.16 3.14 -37.81
C ALA K 80 -30.93 3.77 -38.47
N PRO K 81 -30.95 5.09 -38.67
CA PRO K 81 -29.85 5.79 -39.34
C PRO K 81 -28.51 5.76 -38.59
N LEU K 82 -28.48 5.26 -37.36
CA LEU K 82 -27.22 5.19 -36.58
C LEU K 82 -26.46 3.87 -36.75
N PHE K 83 -27.16 2.81 -37.17
CA PHE K 83 -26.57 1.48 -37.21
C PHE K 83 -25.26 1.51 -37.93
N GLU K 84 -25.25 1.96 -39.17
CA GLU K 84 -24.02 1.93 -39.97
C GLU K 84 -22.82 2.58 -39.28
N HIS K 85 -23.04 3.55 -38.41
CA HIS K 85 -21.92 4.21 -37.76
C HIS K 85 -21.45 3.45 -36.52
N ALA K 86 -21.98 2.25 -36.30
CA ALA K 86 -21.61 1.50 -35.12
C ALA K 86 -20.84 0.25 -35.48
N ASP K 87 -19.94 -0.15 -34.60
CA ASP K 87 -19.23 -1.40 -34.75
C ASP K 87 -20.14 -2.61 -34.52
N VAL K 88 -20.94 -2.56 -33.46
CA VAL K 88 -21.83 -3.66 -33.12
C VAL K 88 -23.11 -3.10 -32.51
N LEU K 89 -24.24 -3.79 -32.73
CA LEU K 89 -25.53 -3.35 -32.21
C LEU K 89 -25.86 -4.21 -31.02
N MET K 90 -26.48 -3.61 -30.00
CA MET K 90 -26.98 -4.39 -28.88
C MET K 90 -28.46 -4.17 -28.65
N CYS K 91 -29.24 -5.23 -28.62
CA CYS K 91 -30.63 -5.09 -28.42
C CYS K 91 -31.27 -6.44 -28.22
N THR K 92 -32.59 -6.48 -28.03
CA THR K 92 -33.33 -7.73 -27.82
C THR K 92 -33.70 -8.41 -29.13
N ARG K 93 -34.07 -9.67 -29.02
CA ARG K 93 -34.51 -10.40 -30.18
C ARG K 93 -35.82 -9.85 -30.73
N GLY K 94 -36.61 -9.20 -29.89
CA GLY K 94 -37.90 -8.65 -30.33
C GLY K 94 -37.71 -7.50 -31.31
N ILE K 95 -36.96 -6.50 -30.86
CA ILE K 95 -36.59 -5.38 -31.70
C ILE K 95 -35.76 -5.84 -32.91
N LEU K 96 -34.78 -6.73 -32.68
CA LEU K 96 -33.95 -7.21 -33.78
C LEU K 96 -34.82 -7.70 -34.97
N ARG K 97 -35.72 -8.63 -34.70
CA ARG K 97 -36.52 -9.17 -35.79
C ARG K 97 -37.47 -8.10 -36.39
N SER K 98 -38.02 -7.23 -35.56
CA SER K 98 -39.14 -6.43 -36.00
C SER K 98 -38.70 -5.20 -36.78
N VAL K 99 -37.63 -4.51 -36.33
CA VAL K 99 -37.27 -3.22 -36.93
C VAL K 99 -35.78 -3.02 -37.24
N VAL K 100 -34.92 -3.97 -36.90
CA VAL K 100 -33.56 -3.89 -37.40
C VAL K 100 -33.46 -4.68 -38.69
N PRO K 101 -33.26 -4.01 -39.84
CA PRO K 101 -33.16 -4.73 -41.14
C PRO K 101 -31.90 -5.59 -41.20
N PRO K 102 -32.05 -6.86 -41.63
CA PRO K 102 -30.95 -7.80 -41.69
C PRO K 102 -29.83 -7.29 -42.59
N ALA K 103 -30.20 -6.49 -43.57
CA ALA K 103 -29.24 -5.97 -44.50
C ALA K 103 -28.34 -4.94 -43.83
N THR K 104 -28.60 -4.65 -42.57
CA THR K 104 -27.77 -3.71 -41.88
C THR K 104 -26.35 -4.27 -41.80
N ASN K 105 -26.19 -5.56 -42.02
CA ASN K 105 -24.87 -6.16 -42.02
C ASN K 105 -23.94 -5.67 -40.90
N ARG K 106 -24.46 -5.65 -39.68
CA ARG K 106 -23.66 -5.23 -38.54
C ARG K 106 -23.75 -6.32 -37.45
N PRO K 107 -22.65 -6.62 -36.74
CA PRO K 107 -22.66 -7.69 -35.70
C PRO K 107 -23.59 -7.35 -34.52
N VAL K 108 -24.32 -8.32 -33.99
CA VAL K 108 -25.21 -8.01 -32.85
C VAL K 108 -24.87 -8.77 -31.58
N VAL K 109 -25.19 -8.14 -30.46
CA VAL K 109 -25.06 -8.78 -29.17
C VAL K 109 -26.45 -8.78 -28.58
N LEU K 110 -27.04 -9.96 -28.36
CA LEU K 110 -28.41 -10.05 -27.92
C LEU K 110 -28.60 -9.95 -26.40
N ARG K 111 -29.53 -9.08 -25.98
CA ARG K 111 -29.95 -9.05 -24.59
C ARG K 111 -30.63 -10.38 -24.37
N ALA K 112 -30.12 -11.19 -23.44
CA ALA K 112 -30.70 -12.50 -23.17
C ALA K 112 -31.22 -12.63 -21.73
N SER K 113 -31.57 -11.51 -21.09
CA SER K 113 -32.18 -11.59 -19.77
C SER K 113 -33.37 -10.65 -19.71
N GLY K 114 -34.24 -10.85 -18.74
CA GLY K 114 -35.45 -10.05 -18.64
C GLY K 114 -36.41 -10.63 -17.63
N ALA K 115 -37.70 -10.34 -17.79
CA ALA K 115 -38.73 -10.79 -16.89
C ALA K 115 -38.82 -9.88 -15.67
N ASN K 116 -38.13 -8.75 -15.74
CA ASN K 116 -38.24 -7.74 -14.70
C ASN K 116 -38.84 -6.46 -15.28
N SER K 117 -39.21 -5.50 -14.43
CA SER K 117 -39.74 -4.24 -14.95
C SER K 117 -39.47 -3.09 -13.98
N ILE K 118 -39.70 -1.87 -14.39
CA ILE K 118 -39.53 -0.75 -13.47
C ILE K 118 -40.65 -0.70 -12.43
N LEU K 119 -41.70 -1.50 -12.56
CA LEU K 119 -42.68 -1.54 -11.53
C LEU K 119 -42.39 -2.54 -10.41
N ALA K 120 -41.31 -3.31 -10.52
CA ALA K 120 -41.02 -4.34 -9.50
C ALA K 120 -39.52 -4.42 -9.15
N GLU K 121 -39.12 -5.51 -8.54
CA GLU K 121 -37.75 -5.60 -8.09
C GLU K 121 -36.85 -5.66 -9.31
N LEU K 122 -35.92 -4.70 -9.40
CA LEU K 122 -35.07 -4.60 -10.59
C LEU K 122 -34.17 -5.81 -10.82
N SER K 123 -33.68 -6.42 -9.76
CA SER K 123 -32.75 -7.53 -9.93
C SER K 123 -33.45 -8.86 -10.23
N ASN K 124 -34.77 -8.86 -10.40
CA ASN K 124 -35.47 -10.13 -10.60
C ASN K 124 -35.51 -10.56 -12.08
N GLU K 125 -34.35 -10.97 -12.61
CA GLU K 125 -34.24 -11.33 -14.03
C GLU K 125 -34.13 -12.82 -14.26
N ALA K 126 -34.67 -13.29 -15.39
CA ALA K 126 -34.51 -14.69 -15.83
C ALA K 126 -33.83 -14.70 -17.18
N VAL K 127 -33.37 -15.87 -17.63
CA VAL K 127 -32.81 -15.91 -18.99
C VAL K 127 -33.96 -15.64 -19.99
N ALA K 128 -33.73 -14.76 -20.97
CA ALA K 128 -34.83 -14.26 -21.79
C ALA K 128 -34.85 -14.82 -23.20
N LEU K 129 -33.81 -15.57 -23.57
CA LEU K 129 -33.84 -16.30 -24.87
C LEU K 129 -32.92 -17.50 -24.88
N SER K 130 -33.39 -18.59 -25.48
CA SER K 130 -32.60 -19.80 -25.56
C SER K 130 -31.34 -19.66 -26.42
N MET K 131 -30.27 -20.38 -26.10
CA MET K 131 -29.06 -20.35 -26.92
C MET K 131 -29.43 -20.77 -28.32
N ASP K 132 -30.39 -21.72 -28.41
CA ASP K 132 -30.94 -22.15 -29.65
C ASP K 132 -31.33 -21.00 -30.56
N ASP K 133 -32.16 -20.10 -30.06
CA ASP K 133 -32.53 -18.94 -30.84
C ASP K 133 -31.42 -17.90 -31.09
N ALA K 134 -30.42 -17.80 -30.19
CA ALA K 134 -29.36 -16.84 -30.38
C ALA K 134 -28.58 -17.30 -31.60
N VAL K 135 -28.33 -18.61 -31.69
CA VAL K 135 -27.65 -19.18 -32.85
C VAL K 135 -28.50 -18.97 -34.11
N ARG K 136 -29.81 -19.18 -33.99
CA ARG K 136 -30.70 -18.94 -35.11
C ARG K 136 -30.54 -17.51 -35.65
N LEU K 137 -30.25 -16.58 -34.75
CA LEU K 137 -30.25 -15.16 -35.09
C LEU K 137 -28.84 -14.69 -35.48
N ASN K 138 -27.92 -15.65 -35.58
CA ASN K 138 -26.54 -15.32 -35.93
C ASN K 138 -25.81 -14.32 -34.98
N SER K 139 -26.08 -14.42 -33.69
CA SER K 139 -25.46 -13.50 -32.75
C SER K 139 -23.96 -13.62 -32.70
N CYS K 140 -23.29 -12.54 -32.28
CA CYS K 140 -21.89 -12.60 -31.86
C CYS K 140 -21.71 -12.86 -30.37
N ALA K 141 -22.74 -12.56 -29.57
CA ALA K 141 -22.71 -12.79 -28.14
C ALA K 141 -24.11 -12.72 -27.54
N VAL K 142 -24.26 -13.25 -26.34
CA VAL K 142 -25.48 -13.09 -25.56
C VAL K 142 -25.07 -12.36 -24.27
N ALA K 143 -25.99 -11.54 -23.75
CA ALA K 143 -25.69 -10.69 -22.61
C ALA K 143 -26.76 -10.84 -21.54
N ALA K 144 -26.34 -10.83 -20.27
CA ALA K 144 -27.29 -10.88 -19.16
C ALA K 144 -26.72 -10.05 -18.01
N GLN K 145 -27.59 -9.59 -17.11
CA GLN K 145 -27.19 -8.77 -15.96
C GLN K 145 -26.81 -9.62 -14.81
N VAL K 146 -25.81 -9.18 -14.07
CA VAL K 146 -25.51 -9.76 -12.79
C VAL K 146 -25.71 -8.68 -11.70
N TYR K 147 -26.41 -9.01 -10.62
CA TYR K 147 -26.78 -7.99 -9.61
C TYR K 147 -26.18 -8.26 -8.25
N ILE K 148 -24.86 -8.13 -8.15
CA ILE K 148 -24.17 -8.38 -6.88
C ILE K 148 -24.64 -7.37 -5.83
N GLY K 149 -25.00 -7.88 -4.66
CA GLY K 149 -25.57 -7.02 -3.64
C GLY K 149 -27.08 -6.88 -3.65
N SER K 150 -27.75 -7.27 -4.73
CA SER K 150 -29.22 -7.12 -4.76
C SER K 150 -29.89 -8.35 -4.24
N GLU K 151 -31.22 -8.27 -4.21
CA GLU K 151 -32.05 -9.33 -3.62
C GLU K 151 -31.97 -10.60 -4.46
N TYR K 152 -31.92 -10.48 -5.77
CA TYR K 152 -31.83 -11.66 -6.58
C TYR K 152 -30.42 -11.93 -7.12
N GLU K 153 -29.40 -11.67 -6.31
CA GLU K 153 -28.03 -11.82 -6.72
C GLU K 153 -27.78 -13.25 -7.16
N HIS K 154 -28.15 -14.20 -6.33
CA HIS K 154 -27.91 -15.62 -6.62
C HIS K 154 -28.44 -16.03 -8.00
N GLN K 155 -29.67 -15.64 -8.32
CA GLN K 155 -30.30 -16.02 -9.57
C GLN K 155 -29.58 -15.34 -10.71
N SER K 156 -29.22 -14.07 -10.55
CA SER K 156 -28.53 -13.41 -11.64
C SER K 156 -27.23 -14.12 -11.97
N ILE K 157 -26.50 -14.66 -10.98
CA ILE K 157 -25.24 -15.32 -11.30
C ILE K 157 -25.53 -16.64 -12.03
N LYS K 158 -26.61 -17.30 -11.61
CA LYS K 158 -27.02 -18.53 -12.26
C LYS K 158 -27.37 -18.30 -13.71
N ASN K 159 -27.90 -17.12 -14.02
CA ASN K 159 -28.16 -16.77 -15.42
C ASN K 159 -26.86 -16.73 -16.23
N ILE K 160 -25.82 -16.16 -15.65
CA ILE K 160 -24.51 -16.23 -16.29
C ILE K 160 -24.01 -17.70 -16.47
N ILE K 161 -24.11 -18.49 -15.41
CA ILE K 161 -23.63 -19.85 -15.47
C ILE K 161 -24.35 -20.58 -16.60
N GLN K 162 -25.65 -20.34 -16.70
CA GLN K 162 -26.44 -21.06 -17.68
C GLN K 162 -26.03 -20.68 -19.09
N LEU K 163 -25.86 -19.37 -19.34
CA LEU K 163 -25.46 -18.90 -20.67
C LEU K 163 -24.08 -19.41 -21.05
N VAL K 164 -23.13 -19.45 -20.11
CA VAL K 164 -21.79 -19.88 -20.45
C VAL K 164 -21.83 -21.37 -20.78
N ASP K 165 -22.52 -22.15 -19.94
CA ASP K 165 -22.66 -23.60 -20.20
C ASP K 165 -23.16 -23.80 -21.62
N ALA K 166 -24.18 -23.04 -21.99
CA ALA K 166 -24.82 -23.23 -23.28
C ALA K 166 -23.95 -22.68 -24.39
N GLY K 167 -23.31 -21.54 -24.16
CA GLY K 167 -22.46 -20.93 -25.20
C GLY K 167 -21.21 -21.74 -25.54
N MET K 168 -20.69 -22.47 -24.56
CA MET K 168 -19.47 -23.21 -24.80
C MET K 168 -19.71 -24.34 -25.75
N LYS K 169 -20.96 -24.84 -25.82
CA LYS K 169 -21.29 -25.98 -26.71
C LYS K 169 -21.29 -25.50 -28.15
N VAL K 170 -21.43 -24.20 -28.30
CA VAL K 170 -21.74 -23.62 -29.58
C VAL K 170 -20.76 -22.52 -30.07
N GLY K 171 -19.88 -22.09 -29.16
CA GLY K 171 -18.82 -21.13 -29.48
C GLY K 171 -19.40 -19.74 -29.44
N MET K 172 -20.43 -19.56 -28.60
CA MET K 172 -21.06 -18.25 -28.38
C MET K 172 -20.54 -17.64 -27.09
N PRO K 173 -19.84 -16.49 -27.19
CA PRO K 173 -19.37 -15.71 -26.03
C PRO K 173 -20.52 -15.17 -25.19
N THR K 174 -20.33 -15.08 -23.88
CA THR K 174 -21.31 -14.45 -22.99
C THR K 174 -20.77 -13.14 -22.41
N MET K 175 -21.62 -12.11 -22.37
CA MET K 175 -21.23 -10.82 -21.82
C MET K 175 -22.01 -10.56 -20.54
N ALA K 176 -21.27 -10.37 -19.44
CA ALA K 176 -21.90 -10.22 -18.13
C ALA K 176 -21.90 -8.75 -17.82
N VAL K 177 -23.06 -8.23 -17.43
CA VAL K 177 -23.25 -6.79 -17.20
C VAL K 177 -23.47 -6.50 -15.73
N THR K 178 -22.66 -5.63 -15.14
CA THR K 178 -22.79 -5.41 -13.70
C THR K 178 -23.87 -4.39 -13.41
N GLY K 179 -25.08 -4.86 -13.12
CA GLY K 179 -26.18 -3.94 -12.79
C GLY K 179 -26.19 -3.61 -11.32
N VAL K 180 -26.56 -2.38 -10.99
CA VAL K 180 -26.52 -1.90 -9.60
C VAL K 180 -27.86 -1.70 -8.89
N VAL K 185 -24.13 2.22 -3.90
CA VAL K 185 -22.89 2.99 -3.98
C VAL K 185 -21.93 2.38 -4.99
N ARG K 186 -21.44 3.19 -5.91
CA ARG K 186 -20.69 2.67 -7.03
C ARG K 186 -19.24 3.04 -6.94
N ASP K 187 -18.47 2.32 -6.14
CA ASP K 187 -17.05 2.61 -6.05
C ASP K 187 -16.20 1.52 -6.71
N GLN K 188 -14.88 1.70 -6.69
CA GLN K 188 -13.97 0.72 -7.27
C GLN K 188 -14.07 -0.66 -6.58
N ARG K 189 -14.09 -0.70 -5.25
CA ARG K 189 -14.05 -2.00 -4.56
C ARG K 189 -15.27 -2.81 -4.92
N TYR K 190 -16.40 -2.13 -5.12
CA TYR K 190 -17.62 -2.81 -5.53
C TYR K 190 -17.55 -3.41 -6.93
N PHE K 191 -17.24 -2.59 -7.91
CA PHE K 191 -17.14 -3.10 -9.27
C PHE K 191 -16.01 -4.13 -9.46
N SER K 192 -14.95 -4.02 -8.67
CA SER K 192 -13.94 -5.07 -8.70
C SER K 192 -14.57 -6.40 -8.35
N LEU K 193 -15.28 -6.43 -7.23
CA LEU K 193 -16.01 -7.62 -6.82
C LEU K 193 -16.92 -8.15 -7.95
N ALA K 194 -17.79 -7.30 -8.47
CA ALA K 194 -18.79 -7.73 -9.42
C ALA K 194 -18.14 -8.23 -10.71
N THR K 195 -17.19 -7.45 -11.24
CA THR K 195 -16.61 -7.83 -12.51
C THR K 195 -15.79 -9.12 -12.40
N ARG K 196 -14.98 -9.22 -11.34
CA ARG K 196 -14.11 -10.37 -11.14
C ARG K 196 -14.90 -11.69 -10.97
N ILE K 197 -15.99 -11.65 -10.20
CA ILE K 197 -16.86 -12.81 -10.04
C ILE K 197 -17.45 -13.28 -11.36
N ALA K 198 -18.00 -12.34 -12.12
CA ALA K 198 -18.57 -12.68 -13.40
C ALA K 198 -17.51 -13.34 -14.29
N ALA K 199 -16.32 -12.73 -14.34
CA ALA K 199 -15.24 -13.25 -15.18
C ALA K 199 -14.90 -14.65 -14.71
N GLU K 200 -14.81 -14.74 -13.40
CA GLU K 200 -14.43 -15.97 -12.76
C GLU K 200 -15.42 -17.09 -13.17
N MET K 201 -16.71 -16.76 -13.32
CA MET K 201 -17.75 -17.75 -13.64
C MET K 201 -17.68 -18.23 -15.06
N GLY K 202 -17.11 -17.38 -15.93
CA GLY K 202 -16.86 -17.81 -17.30
C GLY K 202 -17.18 -16.79 -18.38
N ALA K 203 -17.81 -15.68 -17.99
CA ALA K 203 -18.13 -14.65 -18.99
C ALA K 203 -16.88 -14.14 -19.72
N GLN K 204 -16.96 -14.01 -21.05
CA GLN K 204 -15.80 -13.63 -21.85
C GLN K 204 -15.72 -12.14 -22.05
N ILE K 205 -16.84 -11.45 -21.90
CA ILE K 205 -16.84 -9.99 -21.94
C ILE K 205 -17.51 -9.44 -20.67
N ILE K 206 -16.94 -8.41 -20.08
CA ILE K 206 -17.59 -7.81 -18.94
C ILE K 206 -17.92 -6.32 -19.18
N LYS K 207 -19.17 -5.94 -18.95
CA LYS K 207 -19.54 -4.54 -19.08
C LYS K 207 -19.92 -3.93 -17.74
N THR K 208 -19.27 -2.81 -17.41
CA THR K 208 -19.42 -2.19 -16.10
C THR K 208 -19.46 -0.69 -16.28
N TYR K 209 -19.46 0.05 -15.17
CA TYR K 209 -19.53 1.52 -15.20
C TYR K 209 -18.15 2.12 -14.97
N TYR K 210 -17.92 3.33 -15.48
CA TYR K 210 -16.67 4.02 -15.23
C TYR K 210 -16.70 4.63 -13.85
N VAL K 211 -15.55 4.69 -13.18
CA VAL K 211 -15.53 5.27 -11.85
C VAL K 211 -14.48 6.38 -11.72
N GLU K 212 -14.82 7.41 -10.97
CA GLU K 212 -13.99 8.60 -10.83
C GLU K 212 -12.59 8.23 -10.45
N LYS K 213 -12.44 7.32 -9.49
CA LYS K 213 -11.10 6.89 -9.10
C LYS K 213 -11.02 5.40 -8.80
N GLY K 214 -9.95 4.78 -9.30
CA GLY K 214 -9.73 3.35 -9.11
C GLY K 214 -10.05 2.49 -10.32
N PHE K 215 -10.54 3.09 -11.40
CA PHE K 215 -10.97 2.32 -12.55
C PHE K 215 -9.86 1.42 -13.09
N GLU K 216 -8.65 1.94 -13.08
CA GLU K 216 -7.50 1.16 -13.53
C GLU K 216 -7.41 -0.20 -12.84
N ARG K 217 -7.80 -0.24 -11.58
CA ARG K 217 -7.71 -1.43 -10.78
C ARG K 217 -8.77 -2.42 -11.22
N ILE K 218 -9.93 -1.90 -11.63
CA ILE K 218 -11.01 -2.74 -12.13
C ILE K 218 -10.51 -3.49 -13.39
N VAL K 219 -9.94 -2.76 -14.32
CA VAL K 219 -9.43 -3.36 -15.52
C VAL K 219 -8.34 -4.36 -15.19
N ALA K 220 -7.36 -3.94 -14.39
CA ALA K 220 -6.22 -4.83 -14.07
C ALA K 220 -6.61 -6.16 -13.39
N GLY K 221 -7.66 -6.13 -12.58
CA GLY K 221 -8.03 -7.32 -11.85
C GLY K 221 -8.99 -8.19 -12.63
N CYS K 222 -9.39 -7.75 -13.82
CA CYS K 222 -10.33 -8.54 -14.64
C CYS K 222 -9.59 -9.19 -15.84
N PRO K 223 -9.61 -10.54 -15.90
CA PRO K 223 -8.86 -11.29 -16.88
C PRO K 223 -9.36 -11.15 -18.32
N VAL K 224 -10.55 -10.61 -18.52
CA VAL K 224 -11.13 -10.47 -19.86
C VAL K 224 -11.50 -9.01 -20.18
N PRO K 225 -11.80 -8.71 -21.46
CA PRO K 225 -12.02 -7.37 -21.95
C PRO K 225 -13.18 -6.70 -21.22
N ILE K 226 -13.03 -5.41 -20.89
CA ILE K 226 -14.05 -4.63 -20.20
C ILE K 226 -14.59 -3.55 -21.08
N VAL K 227 -15.90 -3.32 -20.99
CA VAL K 227 -16.56 -2.35 -21.80
C VAL K 227 -17.35 -1.49 -20.84
N ILE K 228 -17.43 -0.17 -21.06
CA ILE K 228 -18.14 0.69 -20.12
C ILE K 228 -19.47 1.12 -20.67
N ALA K 229 -20.46 1.18 -19.79
CA ALA K 229 -21.77 1.72 -20.14
C ALA K 229 -21.74 3.23 -20.25
N GLY K 230 -22.57 3.78 -21.13
CA GLY K 230 -22.68 5.23 -21.31
C GLY K 230 -23.17 5.94 -20.08
N GLY K 231 -24.13 5.34 -19.38
CA GLY K 231 -24.72 5.99 -18.21
C GLY K 231 -25.72 7.06 -18.63
N LYS K 232 -26.28 7.78 -17.66
CA LYS K 232 -27.30 8.81 -17.89
C LYS K 232 -26.73 9.91 -18.77
N LYS K 233 -27.60 10.63 -19.46
CA LYS K 233 -27.19 11.69 -20.38
C LYS K 233 -26.26 12.72 -19.73
N LEU K 234 -25.18 13.06 -20.42
CA LEU K 234 -24.31 14.14 -19.99
C LEU K 234 -24.10 15.13 -21.14
N PRO K 235 -23.60 16.31 -20.82
CA PRO K 235 -23.13 17.15 -21.89
C PRO K 235 -22.15 16.35 -22.79
N GLU K 236 -22.31 16.48 -24.10
CA GLU K 236 -21.48 15.75 -25.06
C GLU K 236 -20.00 15.80 -24.71
N ARG K 237 -19.49 16.96 -24.29
CA ARG K 237 -18.07 17.13 -23.98
C ARG K 237 -17.69 16.29 -22.79
N GLU K 238 -18.56 16.21 -21.80
CA GLU K 238 -18.26 15.42 -20.63
C GLU K 238 -18.33 13.93 -20.93
N ALA K 239 -19.31 13.52 -21.74
CA ALA K 239 -19.41 12.11 -22.13
C ALA K 239 -18.14 11.66 -22.83
N LEU K 240 -17.60 12.49 -23.70
CA LEU K 240 -16.37 12.16 -24.39
C LEU K 240 -15.21 12.10 -23.40
N GLU K 241 -15.19 12.98 -22.40
CA GLU K 241 -14.14 12.92 -21.38
C GLU K 241 -14.12 11.57 -20.67
N MET K 242 -15.31 11.12 -20.29
CA MET K 242 -15.49 9.78 -19.70
C MET K 242 -14.93 8.68 -20.59
N CYS K 243 -15.29 8.69 -21.86
CA CYS K 243 -14.73 7.72 -22.77
C CYS K 243 -13.21 7.77 -22.79
N TRP K 244 -12.67 8.98 -22.92
CA TRP K 244 -11.22 9.14 -23.01
C TRP K 244 -10.54 8.59 -21.77
N GLN K 245 -11.09 8.90 -20.60
CA GLN K 245 -10.55 8.37 -19.36
C GLN K 245 -10.57 6.84 -19.32
N ALA K 246 -11.75 6.27 -19.60
CA ALA K 246 -11.96 4.82 -19.61
C ALA K 246 -10.96 4.10 -20.53
N ILE K 247 -10.92 4.51 -21.79
CA ILE K 247 -9.95 3.98 -22.75
C ILE K 247 -8.49 4.14 -22.27
N ASP K 248 -8.14 5.36 -21.87
CA ASP K 248 -6.82 5.63 -21.38
C ASP K 248 -6.44 4.72 -20.22
N GLN K 249 -7.41 4.36 -19.40
CA GLN K 249 -7.12 3.51 -18.26
C GLN K 249 -7.29 2.01 -18.53
N GLY K 250 -7.59 1.65 -19.77
CA GLY K 250 -7.54 0.24 -20.16
C GLY K 250 -8.82 -0.46 -20.59
N ALA K 251 -9.92 0.28 -20.68
CA ALA K 251 -11.16 -0.30 -21.19
C ALA K 251 -10.97 -0.73 -22.64
N SER K 252 -11.71 -1.77 -23.05
CA SER K 252 -11.61 -2.27 -24.42
C SER K 252 -12.68 -1.68 -25.32
N GLY K 253 -13.39 -0.66 -24.83
CA GLY K 253 -14.38 0.05 -25.66
C GLY K 253 -15.57 0.50 -24.86
N VAL K 254 -16.56 1.09 -25.52
CA VAL K 254 -17.73 1.56 -24.81
C VAL K 254 -19.02 0.99 -25.38
N ASP K 255 -20.03 0.89 -24.51
CA ASP K 255 -21.37 0.47 -24.90
C ASP K 255 -22.38 1.61 -24.65
N MET K 256 -22.38 2.62 -25.55
CA MET K 256 -23.20 3.84 -25.41
C MET K 256 -24.63 3.58 -25.80
N GLY K 257 -25.52 4.25 -25.08
CA GLY K 257 -26.93 4.28 -25.40
C GLY K 257 -27.40 5.72 -25.37
N ARG K 258 -27.78 6.19 -24.18
CA ARG K 258 -28.38 7.52 -24.03
C ARG K 258 -27.49 8.67 -24.51
N ASN K 259 -26.19 8.63 -24.20
CA ASN K 259 -25.35 9.73 -24.61
C ASN K 259 -25.20 9.84 -26.12
N ILE K 260 -25.86 8.93 -26.84
CA ILE K 260 -25.85 9.00 -28.27
C ILE K 260 -27.25 9.29 -28.75
N PHE K 261 -28.18 8.40 -28.48
CA PHE K 261 -29.49 8.58 -29.05
C PHE K 261 -30.31 9.67 -28.40
N GLN K 262 -29.84 10.21 -27.27
CA GLN K 262 -30.49 11.38 -26.68
C GLN K 262 -29.74 12.69 -26.98
N SER K 263 -28.75 12.64 -27.86
CA SER K 263 -28.03 13.82 -28.27
C SER K 263 -28.80 14.51 -29.39
N ASP K 264 -28.56 15.80 -29.58
CA ASP K 264 -29.15 16.50 -30.70
C ASP K 264 -28.45 16.14 -32.01
N HIS K 265 -27.29 15.51 -31.89
CA HIS K 265 -26.50 15.18 -33.06
C HIS K 265 -25.87 13.81 -32.88
N PRO K 266 -26.71 12.77 -32.89
CA PRO K 266 -26.28 11.41 -32.68
C PRO K 266 -25.10 10.99 -33.59
N VAL K 267 -25.29 11.09 -34.90
CA VAL K 267 -24.26 10.68 -35.83
C VAL K 267 -22.93 11.37 -35.52
N ALA K 268 -22.96 12.68 -35.30
CA ALA K 268 -21.75 13.43 -34.96
C ALA K 268 -21.10 12.85 -33.68
N MET K 269 -21.90 12.66 -32.64
CA MET K 269 -21.45 12.08 -31.39
C MET K 269 -20.74 10.73 -31.59
N MET K 270 -21.37 9.86 -32.38
CA MET K 270 -20.76 8.58 -32.66
C MET K 270 -19.40 8.76 -33.29
N LYS K 271 -19.29 9.61 -34.31
CA LYS K 271 -18.01 9.80 -34.96
C LYS K 271 -16.95 10.28 -33.95
N ALA K 272 -17.39 11.07 -32.98
CA ALA K 272 -16.50 11.56 -31.95
C ALA K 272 -16.02 10.39 -31.11
N VAL K 273 -16.98 9.61 -30.65
CA VAL K 273 -16.70 8.44 -29.82
C VAL K 273 -15.77 7.46 -30.53
N GLN K 274 -15.95 7.28 -31.84
CA GLN K 274 -15.08 6.42 -32.61
C GLN K 274 -13.65 6.95 -32.57
N ALA K 275 -13.52 8.26 -32.79
CA ALA K 275 -12.22 8.92 -32.79
C ALA K 275 -11.45 8.67 -31.51
N VAL K 276 -12.16 8.80 -30.39
CA VAL K 276 -11.57 8.59 -29.09
C VAL K 276 -11.22 7.14 -28.82
N VAL K 277 -12.09 6.21 -29.25
CA VAL K 277 -11.90 4.78 -28.94
C VAL K 277 -10.88 4.09 -29.82
N HIS K 278 -10.98 4.31 -31.12
CA HIS K 278 -10.09 3.63 -32.06
C HIS K 278 -8.82 4.38 -32.42
N HIS K 279 -8.85 5.70 -32.35
CA HIS K 279 -7.74 6.46 -32.85
C HIS K 279 -6.98 7.27 -31.78
N ASN K 280 -7.24 6.99 -30.52
CA ASN K 280 -6.56 7.72 -29.45
C ASN K 280 -6.72 9.22 -29.51
N GLU K 281 -7.78 9.71 -30.13
CA GLU K 281 -8.05 11.14 -30.07
C GLU K 281 -8.18 11.62 -28.64
N THR K 282 -8.01 12.92 -28.44
CA THR K 282 -8.20 13.54 -27.12
C THR K 282 -9.63 14.00 -26.96
N ALA K 283 -10.06 14.24 -25.73
CA ALA K 283 -11.42 14.66 -25.49
C ALA K 283 -11.75 15.94 -26.25
N ASP K 284 -10.85 16.90 -26.21
CA ASP K 284 -11.02 18.20 -26.87
C ASP K 284 -11.03 18.10 -28.38
N ARG K 285 -9.98 17.52 -28.94
CA ARG K 285 -9.94 17.30 -30.37
C ARG K 285 -11.21 16.65 -30.86
N ALA K 286 -11.66 15.62 -30.14
CA ALA K 286 -12.84 14.88 -30.51
C ALA K 286 -14.08 15.77 -30.45
N TYR K 287 -14.19 16.55 -29.39
CA TYR K 287 -15.30 17.49 -29.26
C TYR K 287 -15.35 18.46 -30.46
N GLU K 288 -14.20 18.85 -31.00
CA GLU K 288 -14.20 19.70 -32.16
C GLU K 288 -14.65 18.94 -33.40
N LEU K 289 -14.36 17.64 -33.46
CA LEU K 289 -14.89 16.76 -34.51
C LEU K 289 -16.42 16.78 -34.42
N TYR K 290 -16.92 16.92 -33.20
CA TYR K 290 -18.34 16.92 -32.95
C TYR K 290 -18.96 18.25 -33.34
N LEU K 291 -18.24 19.35 -33.11
CA LEU K 291 -18.73 20.68 -33.46
C LEU K 291 -18.73 20.92 -34.97
N SER K 292 -17.90 20.20 -35.72
CA SER K 292 -17.88 20.35 -37.17
C SER K 292 -19.08 19.64 -37.81
N GLU K 293 -19.67 18.67 -37.09
CA GLU K 293 -20.96 18.09 -37.50
C GLU K 293 -22.11 18.49 -36.57
N GLY L 14 8.30 -68.64 -34.05
CA GLY L 14 9.26 -67.70 -33.40
C GLY L 14 8.55 -66.75 -32.43
N LYS L 15 7.58 -67.27 -31.69
CA LYS L 15 6.84 -66.47 -30.73
C LYS L 15 7.01 -66.99 -29.31
N ASP L 16 7.03 -66.08 -28.35
CA ASP L 16 7.16 -66.47 -26.95
C ASP L 16 5.97 -65.95 -26.11
N PHE L 17 5.01 -66.83 -25.84
CA PHE L 17 3.83 -66.48 -25.03
C PHE L 17 4.08 -66.56 -23.53
N ARG L 18 5.32 -66.86 -23.17
CA ARG L 18 5.69 -67.10 -21.79
C ARG L 18 4.59 -67.79 -20.95
N THR L 19 4.17 -68.98 -21.37
CA THR L 19 3.05 -69.66 -20.76
C THR L 19 3.37 -70.22 -19.37
N ASP L 20 4.62 -70.11 -18.95
CA ASP L 20 5.02 -70.64 -17.64
C ASP L 20 4.80 -69.59 -16.58
N GLN L 21 4.36 -68.40 -17.02
CA GLN L 21 4.21 -67.27 -16.11
C GLN L 21 2.87 -66.57 -16.26
N PRO L 22 1.91 -66.91 -15.40
CA PRO L 22 0.55 -66.45 -15.55
C PRO L 22 0.48 -64.95 -15.34
N GLN L 23 -0.44 -64.32 -16.06
CA GLN L 23 -0.73 -62.89 -15.92
C GLN L 23 -1.35 -62.56 -14.55
N LYS L 24 -0.84 -61.52 -13.90
CA LYS L 24 -1.37 -61.06 -12.61
C LYS L 24 -1.79 -59.59 -12.62
N ASN L 25 -2.93 -59.26 -12.02
CA ASN L 25 -3.39 -57.87 -11.95
C ASN L 25 -2.54 -57.04 -11.02
N ILE L 26 -2.20 -55.83 -11.43
CA ILE L 26 -1.47 -54.96 -10.50
C ILE L 26 -2.45 -54.15 -9.62
N PRO L 27 -2.38 -54.31 -8.30
CA PRO L 27 -3.35 -53.62 -7.41
C PRO L 27 -3.30 -52.09 -7.49
N PHE L 28 -4.44 -51.45 -7.28
CA PHE L 28 -4.54 -50.00 -7.25
C PHE L 28 -4.70 -49.65 -5.78
N THR L 29 -3.72 -48.97 -5.22
CA THR L 29 -3.72 -48.85 -3.78
C THR L 29 -4.27 -47.58 -3.18
N LEU L 30 -4.65 -46.60 -4.00
CA LEU L 30 -5.17 -45.29 -3.52
C LEU L 30 -6.39 -45.47 -2.63
N LYS L 31 -6.32 -44.91 -1.42
CA LYS L 31 -7.34 -45.17 -0.43
C LYS L 31 -8.76 -45.11 -0.98
N GLY L 32 -9.48 -46.23 -0.93
CA GLY L 32 -10.89 -46.23 -1.28
C GLY L 32 -11.16 -45.96 -2.74
N CYS L 33 -10.18 -46.17 -3.61
CA CYS L 33 -10.43 -46.00 -5.04
C CYS L 33 -10.10 -47.26 -5.81
N GLY L 34 -10.21 -48.42 -5.15
CA GLY L 34 -9.80 -49.66 -5.76
C GLY L 34 -10.90 -50.30 -6.55
N ALA L 35 -12.04 -49.63 -6.72
CA ALA L 35 -13.16 -50.24 -7.42
C ALA L 35 -13.79 -49.27 -8.42
N LEU L 36 -12.92 -48.53 -9.10
CA LEU L 36 -13.34 -47.56 -10.10
C LEU L 36 -12.83 -47.97 -11.47
N ASP L 37 -13.52 -47.49 -12.48
CA ASP L 37 -13.11 -47.68 -13.85
C ASP L 37 -11.72 -47.09 -14.19
N TRP L 38 -11.12 -47.57 -15.28
CA TRP L 38 -9.76 -47.20 -15.63
C TRP L 38 -9.62 -45.70 -15.74
N GLY L 39 -10.50 -45.08 -16.49
CA GLY L 39 -10.38 -43.66 -16.74
C GLY L 39 -10.49 -42.87 -15.47
N MET L 40 -11.34 -43.29 -14.54
CA MET L 40 -11.46 -42.49 -13.34
C MET L 40 -10.20 -42.66 -12.47
N GLN L 41 -9.67 -43.88 -12.43
CA GLN L 41 -8.45 -44.12 -11.67
C GLN L 41 -7.30 -43.38 -12.33
N SER L 42 -7.38 -43.23 -13.64
CA SER L 42 -6.37 -42.53 -14.39
C SER L 42 -6.34 -41.05 -14.00
N ARG L 43 -7.52 -40.43 -13.98
CA ARG L 43 -7.60 -39.05 -13.55
C ARG L 43 -7.08 -38.89 -12.11
N LEU L 44 -7.50 -39.78 -11.22
CA LEU L 44 -7.04 -39.72 -9.84
C LEU L 44 -5.51 -39.83 -9.73
N SER L 45 -4.91 -40.65 -10.62
CA SER L 45 -3.47 -40.85 -10.62
C SER L 45 -2.73 -39.65 -11.15
N ARG L 46 -3.43 -38.76 -11.84
CA ARG L 46 -2.81 -37.51 -12.25
C ARG L 46 -2.72 -36.62 -11.04
N ILE L 47 -3.68 -36.75 -10.13
CA ILE L 47 -3.74 -35.89 -8.95
C ILE L 47 -2.86 -36.45 -7.79
N PHE L 48 -2.99 -37.75 -7.50
CA PHE L 48 -2.23 -38.37 -6.41
C PHE L 48 -1.12 -39.23 -6.97
N ASN L 49 0.10 -38.76 -6.78
CA ASN L 49 1.27 -39.46 -7.21
C ASN L 49 1.19 -40.93 -6.84
N PRO L 50 1.18 -41.81 -7.85
CA PRO L 50 1.07 -43.25 -7.62
C PRO L 50 2.09 -43.79 -6.63
N LYS L 51 3.32 -43.27 -6.67
CA LYS L 51 4.41 -43.68 -5.77
C LYS L 51 4.13 -43.33 -4.33
N THR L 52 3.94 -42.05 -4.05
CA THR L 52 3.69 -41.60 -2.67
C THR L 52 2.23 -41.63 -2.24
N GLY L 53 1.32 -41.60 -3.20
CA GLY L 53 -0.10 -41.58 -2.86
C GLY L 53 -0.60 -40.25 -2.36
N LYS L 54 0.20 -39.21 -2.58
CA LYS L 54 -0.15 -37.89 -2.05
C LYS L 54 -0.13 -36.83 -3.14
N THR L 55 -0.54 -35.62 -2.79
CA THR L 55 -0.54 -34.53 -3.75
C THR L 55 -0.27 -33.17 -3.11
N VAL L 56 0.38 -32.30 -3.86
CA VAL L 56 0.50 -30.89 -3.45
C VAL L 56 -0.29 -30.05 -4.43
N MET L 57 -1.37 -29.46 -3.94
CA MET L 57 -2.30 -28.81 -4.82
C MET L 57 -2.20 -27.30 -4.61
N LEU L 58 -1.98 -26.56 -5.70
CA LEU L 58 -1.95 -25.09 -5.65
C LEU L 58 -3.31 -24.47 -5.94
N ALA L 59 -3.94 -23.87 -4.94
CA ALA L 59 -5.32 -23.40 -5.06
C ALA L 59 -5.38 -21.90 -5.26
N PHE L 60 -6.00 -21.47 -6.36
CA PHE L 60 -6.23 -20.05 -6.54
C PHE L 60 -7.64 -19.73 -7.04
N ASP L 61 -8.65 -20.36 -6.46
CA ASP L 61 -10.03 -20.17 -6.92
C ASP L 61 -10.81 -19.17 -6.08
N HIS L 62 -10.14 -18.62 -5.06
CA HIS L 62 -10.77 -17.75 -4.05
C HIS L 62 -11.63 -16.68 -4.67
N GLY L 63 -11.21 -16.16 -5.82
CA GLY L 63 -11.95 -15.10 -6.45
C GLY L 63 -13.40 -15.42 -6.82
N TYR L 64 -13.76 -16.69 -6.86
CA TYR L 64 -15.08 -17.07 -7.37
C TYR L 64 -16.23 -16.43 -6.58
N PHE L 65 -15.96 -16.05 -5.34
CA PHE L 65 -16.96 -15.37 -4.54
C PHE L 65 -16.38 -14.21 -3.78
N GLN L 66 -15.06 -14.04 -3.86
CA GLN L 66 -14.40 -12.94 -3.15
C GLN L 66 -13.90 -11.82 -4.03
N GLY L 67 -13.96 -11.96 -5.36
CA GLY L 67 -13.30 -10.98 -6.23
C GLY L 67 -11.77 -11.00 -6.10
N PRO L 68 -11.12 -9.87 -6.42
CA PRO L 68 -9.65 -9.82 -6.37
C PRO L 68 -9.15 -9.83 -4.95
N THR L 69 -9.02 -11.03 -4.38
CA THR L 69 -8.46 -11.21 -3.06
C THR L 69 -6.94 -10.89 -3.03
N THR L 70 -6.40 -10.51 -1.88
CA THR L 70 -4.96 -10.19 -1.78
C THR L 70 -4.02 -11.31 -2.21
N GLY L 71 -3.10 -11.02 -3.13
CA GLY L 71 -2.19 -12.02 -3.61
C GLY L 71 -2.63 -12.63 -4.92
N LEU L 72 -3.90 -12.43 -5.26
CA LEU L 72 -4.48 -12.97 -6.48
C LEU L 72 -5.00 -11.85 -7.39
N GLU L 73 -4.49 -10.63 -7.22
CA GLU L 73 -4.90 -9.56 -8.08
C GLU L 73 -4.49 -9.91 -9.49
N ARG L 74 -3.26 -10.37 -9.64
CA ARG L 74 -2.77 -10.66 -10.98
C ARG L 74 -2.27 -12.10 -11.09
N ILE L 75 -3.21 -13.04 -11.24
CA ILE L 75 -2.83 -14.44 -11.41
C ILE L 75 -1.75 -14.57 -12.47
N ASP L 76 -1.90 -13.78 -13.54
CA ASP L 76 -1.06 -13.92 -14.72
C ASP L 76 0.37 -13.56 -14.42
N ILE L 77 0.60 -12.75 -13.40
CA ILE L 77 1.95 -12.36 -13.04
C ILE L 77 2.47 -13.08 -11.81
N ASN L 78 1.74 -13.01 -10.71
CA ASN L 78 2.21 -13.65 -9.46
C ASN L 78 2.05 -15.15 -9.37
N ILE L 79 0.95 -15.70 -9.89
CA ILE L 79 0.72 -17.13 -9.79
C ILE L 79 1.31 -17.92 -10.97
N ALA L 80 1.40 -17.28 -12.13
CA ALA L 80 1.91 -17.98 -13.29
C ALA L 80 3.22 -18.74 -12.99
N PRO L 81 4.24 -18.05 -12.41
CA PRO L 81 5.55 -18.68 -12.15
C PRO L 81 5.52 -19.78 -11.09
N LEU L 82 4.39 -19.99 -10.44
CA LEU L 82 4.27 -21.07 -9.48
C LEU L 82 3.76 -22.40 -10.06
N PHE L 83 3.02 -22.35 -11.17
CA PHE L 83 2.35 -23.53 -11.69
C PHE L 83 3.28 -24.70 -11.76
N GLU L 84 4.45 -24.55 -12.37
CA GLU L 84 5.37 -25.67 -12.59
C GLU L 84 5.75 -26.38 -11.31
N HIS L 85 5.77 -25.66 -10.21
CA HIS L 85 6.18 -26.24 -8.95
C HIS L 85 5.05 -26.94 -8.23
N ALA L 86 3.89 -27.06 -8.85
CA ALA L 86 2.76 -27.71 -8.21
C ALA L 86 2.39 -28.97 -8.94
N ASP L 87 1.84 -29.92 -8.20
CA ASP L 87 1.35 -31.19 -8.72
C ASP L 87 0.06 -30.98 -9.49
N VAL L 88 -0.86 -30.26 -8.88
CA VAL L 88 -2.12 -29.96 -9.57
C VAL L 88 -2.58 -28.53 -9.31
N LEU L 89 -3.27 -27.93 -10.30
CA LEU L 89 -3.79 -26.59 -10.15
C LEU L 89 -5.30 -26.62 -9.80
N MET L 90 -5.72 -25.75 -8.89
CA MET L 90 -7.14 -25.62 -8.65
C MET L 90 -7.70 -24.20 -8.87
N CYS L 91 -8.68 -24.06 -9.76
CA CYS L 91 -9.16 -22.75 -10.06
C CYS L 91 -10.47 -22.90 -10.84
N THR L 92 -11.05 -21.76 -11.25
CA THR L 92 -12.29 -21.71 -11.98
C THR L 92 -12.00 -21.83 -13.47
N ARG L 93 -13.05 -22.07 -14.25
CA ARG L 93 -12.94 -22.18 -15.68
C ARG L 93 -12.70 -20.78 -16.30
N GLY L 94 -13.12 -19.73 -15.59
CA GLY L 94 -12.89 -18.38 -16.05
C GLY L 94 -11.41 -18.05 -16.12
N ILE L 95 -10.78 -18.16 -14.95
CA ILE L 95 -9.36 -17.99 -14.85
C ILE L 95 -8.58 -18.99 -15.74
N LEU L 96 -9.03 -20.25 -15.76
CA LEU L 96 -8.33 -21.27 -16.51
C LEU L 96 -8.16 -20.81 -17.95
N ARG L 97 -9.28 -20.47 -18.59
CA ARG L 97 -9.22 -20.15 -19.99
C ARG L 97 -8.43 -18.89 -20.23
N SER L 98 -8.65 -17.87 -19.40
CA SER L 98 -8.14 -16.55 -19.66
C SER L 98 -6.64 -16.40 -19.39
N VAL L 99 -6.14 -16.90 -18.26
CA VAL L 99 -4.75 -16.62 -17.90
C VAL L 99 -3.86 -17.81 -17.54
N VAL L 100 -4.43 -19.01 -17.44
CA VAL L 100 -3.62 -20.22 -17.34
C VAL L 100 -3.27 -20.78 -18.75
N PRO L 101 -1.98 -20.65 -19.17
CA PRO L 101 -1.60 -21.22 -20.44
C PRO L 101 -1.72 -22.73 -20.47
N PRO L 102 -2.39 -23.27 -21.52
CA PRO L 102 -2.59 -24.72 -21.69
C PRO L 102 -1.25 -25.45 -21.67
N ALA L 103 -0.22 -24.76 -22.13
CA ALA L 103 1.10 -25.37 -22.24
C ALA L 103 1.68 -25.63 -20.86
N THR L 104 0.99 -25.17 -19.83
CA THR L 104 1.45 -25.40 -18.48
C THR L 104 1.54 -26.89 -18.19
N ASN L 105 0.78 -27.69 -18.95
CA ASN L 105 0.81 -29.14 -18.87
C ASN L 105 0.75 -29.65 -17.43
N ARG L 106 -0.19 -29.12 -16.66
CA ARG L 106 -0.34 -29.50 -15.28
C ARG L 106 -1.82 -29.91 -15.06
N PRO L 107 -2.09 -30.98 -14.31
CA PRO L 107 -3.49 -31.41 -14.10
C PRO L 107 -4.28 -30.34 -13.35
N VAL L 108 -5.55 -30.16 -13.71
CA VAL L 108 -6.41 -29.15 -13.03
C VAL L 108 -7.61 -29.75 -12.31
N VAL L 109 -8.00 -29.12 -11.22
CA VAL L 109 -9.25 -29.47 -10.56
C VAL L 109 -10.13 -28.21 -10.63
N LEU L 110 -11.26 -28.30 -11.35
CA LEU L 110 -12.11 -27.13 -11.54
C LEU L 110 -13.04 -26.82 -10.37
N ARG L 111 -13.05 -25.57 -9.92
CA ARG L 111 -14.12 -25.11 -9.04
C ARG L 111 -15.42 -25.20 -9.81
N ALA L 112 -16.39 -25.96 -9.30
CA ALA L 112 -17.65 -26.14 -10.01
C ALA L 112 -18.85 -25.63 -9.19
N SER L 113 -18.60 -24.74 -8.25
CA SER L 113 -19.73 -24.17 -7.55
C SER L 113 -19.58 -22.63 -7.49
N GLY L 114 -20.63 -21.92 -7.09
CA GLY L 114 -20.54 -20.47 -7.06
C GLY L 114 -21.93 -19.87 -6.94
N ALA L 115 -22.08 -18.65 -7.43
CA ALA L 115 -23.35 -17.92 -7.33
C ALA L 115 -23.57 -17.32 -5.94
N ASN L 116 -22.50 -17.30 -5.14
CA ASN L 116 -22.50 -16.64 -3.85
C ASN L 116 -21.49 -15.51 -3.86
N SER L 117 -21.46 -14.69 -2.82
CA SER L 117 -20.46 -13.63 -2.70
C SER L 117 -20.28 -13.21 -1.26
N ILE L 118 -19.22 -12.45 -0.98
CA ILE L 118 -18.98 -11.98 0.38
C ILE L 118 -19.99 -10.95 0.78
N LEU L 119 -20.87 -10.54 -0.12
CA LEU L 119 -21.91 -9.58 0.24
C LEU L 119 -23.21 -10.21 0.63
N ALA L 120 -23.31 -11.54 0.57
CA ALA L 120 -24.56 -12.24 0.94
C ALA L 120 -24.33 -13.53 1.73
N GLU L 121 -25.33 -14.39 1.76
CA GLU L 121 -25.17 -15.64 2.48
C GLU L 121 -24.10 -16.55 1.83
N LEU L 122 -23.04 -16.83 2.58
CA LEU L 122 -21.90 -17.54 2.04
C LEU L 122 -22.27 -18.94 1.57
N SER L 123 -23.24 -19.56 2.21
CA SER L 123 -23.61 -20.96 1.88
C SER L 123 -24.59 -21.08 0.71
N ASN L 124 -24.90 -19.98 0.03
CA ASN L 124 -25.87 -20.04 -1.03
C ASN L 124 -25.21 -20.30 -2.39
N GLU L 125 -24.70 -21.51 -2.59
CA GLU L 125 -23.98 -21.87 -3.82
C GLU L 125 -24.81 -22.72 -4.76
N ALA L 126 -24.59 -22.55 -6.06
CA ALA L 126 -25.17 -23.43 -7.07
C ALA L 126 -24.07 -24.10 -7.90
N VAL L 127 -24.43 -25.10 -8.69
CA VAL L 127 -23.40 -25.69 -9.55
C VAL L 127 -22.99 -24.66 -10.57
N ALA L 128 -21.69 -24.47 -10.75
CA ALA L 128 -21.22 -23.30 -11.49
C ALA L 128 -20.69 -23.64 -12.87
N LEU L 129 -20.61 -24.93 -13.18
CA LEU L 129 -20.22 -25.36 -14.55
C LEU L 129 -20.71 -26.78 -14.86
N SER L 130 -21.23 -26.97 -16.07
CA SER L 130 -21.71 -28.28 -16.50
C SER L 130 -20.57 -29.30 -16.68
N MET L 131 -20.89 -30.57 -16.47
CA MET L 131 -19.90 -31.65 -16.62
C MET L 131 -19.42 -31.62 -18.06
N ASP L 132 -20.34 -31.29 -18.95
CA ASP L 132 -20.06 -31.08 -20.35
C ASP L 132 -18.81 -30.23 -20.54
N ASP L 133 -18.80 -29.05 -19.91
CA ASP L 133 -17.68 -28.17 -20.06
C ASP L 133 -16.45 -28.61 -19.26
N ALA L 134 -16.65 -29.38 -18.18
CA ALA L 134 -15.50 -29.93 -17.42
C ALA L 134 -14.71 -30.93 -18.30
N VAL L 135 -15.45 -31.78 -19.02
CA VAL L 135 -14.82 -32.70 -19.93
C VAL L 135 -14.16 -31.94 -21.09
N ARG L 136 -14.80 -30.87 -21.57
CA ARG L 136 -14.26 -30.07 -22.65
C ARG L 136 -12.93 -29.49 -22.24
N LEU L 137 -12.81 -29.10 -20.98
CA LEU L 137 -11.57 -28.53 -20.44
C LEU L 137 -10.53 -29.59 -19.96
N ASN L 138 -10.84 -30.86 -20.14
CA ASN L 138 -9.89 -31.89 -19.76
C ASN L 138 -9.55 -31.90 -18.26
N SER L 139 -10.51 -31.63 -17.40
CA SER L 139 -10.30 -31.67 -15.96
C SER L 139 -9.96 -33.03 -15.41
N CYS L 140 -9.23 -33.03 -14.30
CA CYS L 140 -9.03 -34.25 -13.54
C CYS L 140 -10.13 -34.46 -12.49
N ALA L 141 -10.79 -33.36 -12.08
CA ALA L 141 -11.86 -33.46 -11.10
C ALA L 141 -12.67 -32.16 -11.05
N VAL L 142 -13.87 -32.24 -10.51
CA VAL L 142 -14.70 -31.09 -10.28
C VAL L 142 -14.96 -30.96 -8.78
N ALA L 143 -14.97 -29.73 -8.28
CA ALA L 143 -15.02 -29.45 -6.86
C ALA L 143 -16.20 -28.56 -6.49
N ALA L 144 -16.86 -28.83 -5.36
CA ALA L 144 -17.97 -28.00 -4.91
C ALA L 144 -18.00 -27.99 -3.41
N GLN L 145 -18.55 -26.93 -2.81
CA GLN L 145 -18.60 -26.80 -1.33
C GLN L 145 -19.81 -27.47 -0.75
N VAL L 146 -19.60 -28.11 0.37
CA VAL L 146 -20.71 -28.56 1.16
C VAL L 146 -20.72 -27.73 2.48
N TYR L 147 -21.91 -27.27 2.88
CA TYR L 147 -22.05 -26.38 4.07
C TYR L 147 -22.90 -26.99 5.20
N ILE L 148 -22.41 -28.05 5.81
CA ILE L 148 -23.19 -28.66 6.87
C ILE L 148 -23.36 -27.67 8.00
N GLY L 149 -24.60 -27.49 8.41
CA GLY L 149 -24.89 -26.59 9.52
C GLY L 149 -25.24 -25.19 9.10
N SER L 150 -25.06 -24.86 7.84
CA SER L 150 -25.42 -23.52 7.36
C SER L 150 -26.81 -23.51 6.79
N GLU L 151 -27.27 -22.32 6.47
CA GLU L 151 -28.64 -22.15 6.03
C GLU L 151 -28.95 -22.94 4.76
N TYR L 152 -28.02 -22.98 3.78
CA TYR L 152 -28.25 -23.69 2.53
C TYR L 152 -27.56 -25.05 2.49
N GLU L 153 -27.50 -25.72 3.65
CA GLU L 153 -26.90 -27.04 3.74
C GLU L 153 -27.46 -28.02 2.71
N HIS L 154 -28.80 -28.16 2.68
CA HIS L 154 -29.47 -29.12 1.79
C HIS L 154 -29.02 -28.93 0.34
N GLN L 155 -29.02 -27.68 -0.13
CA GLN L 155 -28.69 -27.38 -1.52
C GLN L 155 -27.26 -27.77 -1.77
N SER L 156 -26.40 -27.42 -0.83
CA SER L 156 -24.98 -27.68 -1.04
C SER L 156 -24.80 -29.18 -1.22
N ILE L 157 -25.57 -29.99 -0.47
CA ILE L 157 -25.42 -31.44 -0.62
C ILE L 157 -25.96 -31.93 -1.96
N LYS L 158 -27.05 -31.34 -2.41
CA LYS L 158 -27.56 -31.67 -3.74
C LYS L 158 -26.57 -31.34 -4.81
N ASN L 159 -25.76 -30.28 -4.61
CA ASN L 159 -24.69 -29.95 -5.57
C ASN L 159 -23.68 -31.10 -5.72
N ILE L 160 -23.34 -31.74 -4.61
CA ILE L 160 -22.50 -32.91 -4.63
C ILE L 160 -23.20 -34.07 -5.32
N ILE L 161 -24.46 -34.29 -4.97
CA ILE L 161 -25.23 -35.36 -5.59
C ILE L 161 -25.27 -35.21 -7.09
N GLN L 162 -25.47 -33.97 -7.55
CA GLN L 162 -25.58 -33.72 -8.98
C GLN L 162 -24.23 -33.92 -9.72
N LEU L 163 -23.13 -33.45 -9.12
CA LEU L 163 -21.83 -33.64 -9.73
C LEU L 163 -21.40 -35.13 -9.77
N VAL L 164 -21.65 -35.88 -8.70
CA VAL L 164 -21.36 -37.32 -8.75
C VAL L 164 -22.21 -38.09 -9.80
N ASP L 165 -23.52 -37.87 -9.82
CA ASP L 165 -24.33 -38.43 -10.89
C ASP L 165 -23.70 -38.15 -12.23
N ALA L 166 -23.35 -36.91 -12.48
CA ALA L 166 -22.85 -36.57 -13.81
C ALA L 166 -21.45 -37.12 -14.08
N GLY L 167 -20.57 -37.06 -13.07
CA GLY L 167 -19.21 -37.53 -13.22
C GLY L 167 -19.09 -39.03 -13.42
N MET L 168 -20.02 -39.79 -12.85
CA MET L 168 -20.01 -41.23 -13.02
C MET L 168 -20.28 -41.65 -14.47
N LYS L 169 -21.04 -40.85 -15.24
CA LYS L 169 -21.28 -41.21 -16.62
C LYS L 169 -19.99 -41.08 -17.43
N VAL L 170 -19.06 -40.28 -16.92
CA VAL L 170 -17.97 -39.78 -17.72
C VAL L 170 -16.60 -40.12 -17.12
N GLY L 171 -16.57 -40.62 -15.89
CA GLY L 171 -15.31 -41.02 -15.28
C GLY L 171 -14.63 -39.83 -14.64
N MET L 172 -15.40 -38.79 -14.32
CA MET L 172 -14.85 -37.61 -13.64
C MET L 172 -15.10 -37.68 -12.14
N PRO L 173 -14.02 -37.77 -11.35
CA PRO L 173 -14.05 -37.69 -9.88
C PRO L 173 -14.59 -36.34 -9.36
N THR L 174 -15.30 -36.38 -8.23
CA THR L 174 -15.82 -35.17 -7.63
C THR L 174 -15.13 -34.94 -6.31
N MET L 175 -14.79 -33.69 -6.03
CA MET L 175 -14.15 -33.36 -4.75
C MET L 175 -15.10 -32.53 -3.91
N ALA L 176 -15.46 -33.01 -2.72
CA ALA L 176 -16.35 -32.25 -1.83
C ALA L 176 -15.50 -31.49 -0.84
N VAL L 177 -15.77 -30.19 -0.72
CA VAL L 177 -15.03 -29.33 0.21
C VAL L 177 -15.89 -28.90 1.41
N THR L 178 -15.45 -29.17 2.62
CA THR L 178 -16.26 -28.84 3.80
C THR L 178 -16.10 -27.38 4.20
N GLY L 179 -17.01 -26.53 3.73
CA GLY L 179 -16.97 -25.10 4.07
C GLY L 179 -17.73 -24.78 5.34
N VAL L 180 -17.22 -23.82 6.11
CA VAL L 180 -17.76 -23.58 7.45
C VAL L 180 -18.58 -22.31 7.59
N VAL L 185 -17.78 -23.19 14.94
CA VAL L 185 -16.80 -23.97 15.70
C VAL L 185 -16.25 -25.17 14.88
N ARG L 186 -14.93 -25.22 14.74
CA ARG L 186 -14.33 -26.22 13.91
C ARG L 186 -13.62 -27.28 14.74
N ASP L 187 -14.37 -28.25 15.24
CA ASP L 187 -13.78 -29.34 16.02
C ASP L 187 -13.82 -30.67 15.27
N GLN L 188 -13.25 -31.70 15.87
CA GLN L 188 -13.19 -33.00 15.24
C GLN L 188 -14.60 -33.55 14.96
N ARG L 189 -15.49 -33.48 15.94
CA ARG L 189 -16.80 -34.10 15.75
C ARG L 189 -17.51 -33.45 14.56
N TYR L 190 -17.29 -32.16 14.38
CA TYR L 190 -17.98 -31.48 13.29
C TYR L 190 -17.47 -31.94 11.92
N PHE L 191 -16.17 -31.84 11.72
CA PHE L 191 -15.58 -32.26 10.46
C PHE L 191 -15.76 -33.75 10.17
N SER L 192 -15.86 -34.56 11.20
CA SER L 192 -16.16 -35.98 11.00
C SER L 192 -17.53 -36.10 10.31
N LEU L 193 -18.50 -35.36 10.83
CA LEU L 193 -19.83 -35.35 10.27
C LEU L 193 -19.77 -34.91 8.80
N ALA L 194 -19.15 -33.77 8.56
CA ALA L 194 -19.17 -33.19 7.20
C ALA L 194 -18.43 -34.06 6.21
N THR L 195 -17.24 -34.51 6.56
CA THR L 195 -16.50 -35.27 5.61
C THR L 195 -17.19 -36.61 5.33
N ARG L 196 -17.71 -37.26 6.38
CA ARG L 196 -18.27 -38.60 6.18
C ARG L 196 -19.54 -38.53 5.32
N ILE L 197 -20.38 -37.55 5.57
CA ILE L 197 -21.59 -37.37 4.75
C ILE L 197 -21.23 -37.20 3.26
N ALA L 198 -20.31 -36.31 2.99
CA ALA L 198 -19.95 -36.07 1.63
C ALA L 198 -19.45 -37.37 1.01
N ALA L 199 -18.62 -38.10 1.77
CA ALA L 199 -17.98 -39.30 1.23
C ALA L 199 -19.09 -40.28 0.95
N GLU L 200 -20.01 -40.31 1.89
CA GLU L 200 -21.12 -41.21 1.83
C GLU L 200 -21.98 -40.97 0.54
N MET L 201 -22.16 -39.70 0.18
CA MET L 201 -22.98 -39.35 -0.99
C MET L 201 -22.31 -39.77 -2.28
N GLY L 202 -20.97 -39.83 -2.30
CA GLY L 202 -20.24 -40.34 -3.45
C GLY L 202 -18.96 -39.62 -3.86
N ALA L 203 -18.68 -38.48 -3.24
CA ALA L 203 -17.44 -37.75 -3.56
C ALA L 203 -16.21 -38.62 -3.38
N GLN L 204 -15.31 -38.62 -4.34
CA GLN L 204 -14.13 -39.47 -4.28
C GLN L 204 -12.99 -38.78 -3.59
N ILE L 205 -13.03 -37.45 -3.55
CA ILE L 205 -12.01 -36.72 -2.79
C ILE L 205 -12.69 -35.82 -1.79
N ILE L 206 -12.13 -35.73 -0.60
CA ILE L 206 -12.66 -34.80 0.39
C ILE L 206 -11.58 -33.80 0.81
N LYS L 207 -11.97 -32.54 0.92
CA LYS L 207 -11.04 -31.54 1.36
C LYS L 207 -11.62 -30.83 2.59
N THR L 208 -10.86 -30.82 3.69
CA THR L 208 -11.34 -30.26 4.94
C THR L 208 -10.18 -29.51 5.59
N TYR L 209 -10.36 -29.08 6.83
CA TYR L 209 -9.37 -28.29 7.54
C TYR L 209 -8.69 -29.12 8.58
N TYR L 210 -7.45 -28.76 8.91
CA TYR L 210 -6.70 -29.48 9.94
C TYR L 210 -7.17 -29.03 11.31
N VAL L 211 -7.21 -29.94 12.28
CA VAL L 211 -7.67 -29.59 13.60
C VAL L 211 -6.61 -29.93 14.63
N GLU L 212 -6.50 -29.08 15.65
CA GLU L 212 -5.53 -29.25 16.73
C GLU L 212 -5.54 -30.64 17.32
N LYS L 213 -6.71 -31.15 17.64
CA LYS L 213 -6.78 -32.50 18.15
C LYS L 213 -7.95 -33.29 17.57
N GLY L 214 -7.68 -34.54 17.22
CA GLY L 214 -8.74 -35.40 16.73
C GLY L 214 -8.68 -35.65 15.24
N PHE L 215 -7.78 -34.94 14.57
CA PHE L 215 -7.66 -35.08 13.13
C PHE L 215 -7.56 -36.54 12.66
N GLU L 216 -6.79 -37.34 13.37
CA GLU L 216 -6.60 -38.72 13.01
C GLU L 216 -7.94 -39.41 12.82
N ARG L 217 -8.92 -38.95 13.59
CA ARG L 217 -10.22 -39.60 13.63
C ARG L 217 -10.99 -39.22 12.39
N ILE L 218 -10.72 -38.01 11.93
CA ILE L 218 -11.36 -37.54 10.72
C ILE L 218 -10.90 -38.36 9.50
N VAL L 219 -9.60 -38.57 9.39
CA VAL L 219 -9.07 -39.44 8.35
C VAL L 219 -9.61 -40.85 8.49
N ALA L 220 -9.55 -41.41 9.68
CA ALA L 220 -9.89 -42.81 9.85
C ALA L 220 -11.33 -43.05 9.55
N GLY L 221 -12.18 -42.06 9.81
CA GLY L 221 -13.61 -42.22 9.58
C GLY L 221 -14.09 -41.99 8.14
N CYS L 222 -13.17 -41.56 7.27
CA CYS L 222 -13.49 -41.20 5.92
C CYS L 222 -12.88 -42.22 4.97
N PRO L 223 -13.71 -42.82 4.09
CA PRO L 223 -13.29 -43.96 3.31
C PRO L 223 -12.48 -43.55 2.09
N VAL L 224 -12.42 -42.25 1.78
CA VAL L 224 -11.64 -41.78 0.62
C VAL L 224 -10.57 -40.74 1.02
N PRO L 225 -9.67 -40.40 0.09
CA PRO L 225 -8.51 -39.55 0.35
C PRO L 225 -8.91 -38.18 0.87
N ILE L 226 -8.18 -37.67 1.86
CA ILE L 226 -8.48 -36.37 2.42
C ILE L 226 -7.34 -35.42 2.17
N VAL L 227 -7.71 -34.19 1.86
CA VAL L 227 -6.79 -33.14 1.54
C VAL L 227 -7.11 -31.95 2.44
N ILE L 228 -6.08 -31.30 2.99
CA ILE L 228 -6.33 -30.18 3.93
C ILE L 228 -6.13 -28.86 3.22
N ALA L 229 -6.95 -27.87 3.59
CA ALA L 229 -6.81 -26.52 3.08
C ALA L 229 -5.68 -25.79 3.84
N GLY L 230 -4.98 -24.93 3.13
CA GLY L 230 -3.94 -24.13 3.74
C GLY L 230 -4.46 -23.26 4.87
N GLY L 231 -5.66 -22.66 4.72
CA GLY L 231 -6.22 -21.74 5.73
C GLY L 231 -5.54 -20.39 5.73
N LYS L 232 -5.90 -19.51 6.66
CA LYS L 232 -5.36 -18.14 6.67
C LYS L 232 -3.84 -18.17 6.75
N LYS L 233 -3.21 -17.10 6.28
CA LYS L 233 -1.74 -16.96 6.33
C LYS L 233 -1.16 -17.22 7.73
N LEU L 234 -0.09 -18.01 7.78
CA LEU L 234 0.65 -18.22 9.02
C LEU L 234 2.12 -17.98 8.77
N PRO L 235 2.91 -17.86 9.85
CA PRO L 235 4.34 -17.85 9.64
C PRO L 235 4.76 -19.13 8.89
N GLU L 236 5.69 -19.00 7.96
CA GLU L 236 6.11 -20.12 7.12
C GLU L 236 6.42 -21.35 7.92
N ARG L 237 7.10 -21.17 9.03
CA ARG L 237 7.47 -22.32 9.84
C ARG L 237 6.24 -23.02 10.42
N GLU L 238 5.23 -22.26 10.84
CA GLU L 238 4.04 -22.86 11.41
C GLU L 238 3.23 -23.57 10.35
N ALA L 239 3.19 -23.00 9.15
CA ALA L 239 2.44 -23.56 8.06
C ALA L 239 2.98 -24.92 7.73
N LEU L 240 4.31 -25.04 7.77
CA LEU L 240 4.95 -26.32 7.49
C LEU L 240 4.72 -27.32 8.61
N GLU L 241 4.65 -26.85 9.85
CA GLU L 241 4.27 -27.71 10.97
C GLU L 241 2.87 -28.30 10.80
N MET L 242 1.93 -27.50 10.32
CA MET L 242 0.59 -27.93 10.09
C MET L 242 0.59 -29.04 9.05
N CYS L 243 1.32 -28.82 7.95
CA CYS L 243 1.41 -29.86 6.92
C CYS L 243 1.96 -31.16 7.45
N TRP L 244 3.04 -31.06 8.21
CA TRP L 244 3.69 -32.23 8.73
C TRP L 244 2.73 -33.01 9.63
N GLN L 245 2.01 -32.30 10.48
CA GLN L 245 1.06 -32.93 11.36
C GLN L 245 0.03 -33.66 10.54
N ALA L 246 -0.56 -32.96 9.58
CA ALA L 246 -1.65 -33.48 8.77
C ALA L 246 -1.21 -34.74 8.05
N ILE L 247 -0.09 -34.65 7.36
CA ILE L 247 0.43 -35.80 6.66
C ILE L 247 0.72 -36.92 7.63
N ASP L 248 1.42 -36.62 8.71
CA ASP L 248 1.75 -37.63 9.69
C ASP L 248 0.50 -38.36 10.20
N GLN L 249 -0.61 -37.64 10.34
CA GLN L 249 -1.85 -38.23 10.83
C GLN L 249 -2.76 -38.79 9.73
N GLY L 250 -2.28 -38.88 8.50
CA GLY L 250 -3.01 -39.63 7.48
C GLY L 250 -3.61 -38.89 6.31
N ALA L 251 -3.37 -37.58 6.23
CA ALA L 251 -3.87 -36.78 5.13
C ALA L 251 -3.21 -37.24 3.83
N SER L 252 -3.90 -37.14 2.71
CA SER L 252 -3.34 -37.54 1.43
C SER L 252 -2.72 -36.40 0.64
N GLY L 253 -2.59 -35.25 1.26
CA GLY L 253 -1.97 -34.10 0.61
C GLY L 253 -2.56 -32.79 1.11
N VAL L 254 -2.06 -31.68 0.58
CA VAL L 254 -2.56 -30.38 0.98
C VAL L 254 -2.99 -29.56 -0.24
N ASP L 255 -3.89 -28.60 0.00
CA ASP L 255 -4.42 -27.75 -1.05
C ASP L 255 -4.16 -26.30 -0.68
N MET L 256 -2.89 -25.93 -0.65
CA MET L 256 -2.44 -24.61 -0.22
C MET L 256 -2.84 -23.50 -1.17
N GLY L 257 -3.11 -22.32 -0.59
CA GLY L 257 -3.39 -21.12 -1.35
C GLY L 257 -2.62 -19.96 -0.77
N ARG L 258 -3.20 -19.33 0.25
CA ARG L 258 -2.60 -18.14 0.86
C ARG L 258 -1.23 -18.38 1.49
N ASN L 259 -1.01 -19.51 2.13
CA ASN L 259 0.30 -19.72 2.75
C ASN L 259 1.42 -19.82 1.73
N ILE L 260 1.07 -19.76 0.45
CA ILE L 260 2.06 -19.87 -0.57
C ILE L 260 2.06 -18.56 -1.30
N PHE L 261 0.93 -18.19 -1.88
CA PHE L 261 0.96 -17.02 -2.72
C PHE L 261 1.05 -15.74 -1.93
N GLN L 262 0.81 -15.82 -0.62
CA GLN L 262 0.98 -14.62 0.21
C GLN L 262 2.33 -14.61 0.95
N SER L 263 3.20 -15.55 0.61
CA SER L 263 4.50 -15.60 1.20
C SER L 263 5.47 -14.70 0.44
N ASP L 264 6.54 -14.30 1.08
CA ASP L 264 7.57 -13.49 0.42
C ASP L 264 8.45 -14.35 -0.44
N HIS L 265 8.34 -15.66 -0.25
CA HIS L 265 9.09 -16.61 -1.05
C HIS L 265 8.22 -17.77 -1.46
N PRO L 266 7.30 -17.56 -2.43
CA PRO L 266 6.36 -18.59 -2.81
C PRO L 266 7.05 -19.87 -3.25
N VAL L 267 7.95 -19.75 -4.23
CA VAL L 267 8.59 -20.92 -4.82
C VAL L 267 9.32 -21.74 -3.77
N ALA L 268 10.10 -21.07 -2.94
CA ALA L 268 10.77 -21.73 -1.82
C ALA L 268 9.77 -22.47 -0.91
N MET L 269 8.71 -21.80 -0.52
CA MET L 269 7.72 -22.40 0.35
C MET L 269 7.13 -23.66 -0.29
N MET L 270 6.88 -23.63 -1.61
CA MET L 270 6.31 -24.79 -2.30
C MET L 270 7.24 -25.98 -2.26
N LYS L 271 8.54 -25.73 -2.51
CA LYS L 271 9.55 -26.80 -2.43
C LYS L 271 9.60 -27.44 -1.01
N ALA L 272 9.47 -26.61 0.02
CA ALA L 272 9.38 -27.07 1.38
C ALA L 272 8.17 -27.99 1.53
N VAL L 273 6.99 -27.48 1.19
CA VAL L 273 5.76 -28.24 1.31
C VAL L 273 5.86 -29.58 0.55
N GLN L 274 6.53 -29.59 -0.61
CA GLN L 274 6.71 -30.82 -1.39
C GLN L 274 7.54 -31.80 -0.61
N ALA L 275 8.61 -31.30 -0.03
CA ALA L 275 9.52 -32.09 0.79
C ALA L 275 8.74 -32.77 1.90
N VAL L 276 7.87 -32.03 2.58
CA VAL L 276 7.15 -32.56 3.72
C VAL L 276 6.13 -33.56 3.26
N VAL L 277 5.43 -33.26 2.17
CA VAL L 277 4.33 -34.12 1.69
C VAL L 277 4.78 -35.43 1.03
N HIS L 278 5.68 -35.35 0.07
CA HIS L 278 6.15 -36.53 -0.65
C HIS L 278 7.32 -37.30 -0.04
N HIS L 279 8.21 -36.63 0.68
CA HIS L 279 9.46 -37.24 1.10
C HIS L 279 9.55 -37.39 2.61
N ASN L 280 8.47 -37.19 3.34
CA ASN L 280 8.52 -37.33 4.79
C ASN L 280 9.51 -36.45 5.52
N GLU L 281 9.86 -35.30 4.95
CA GLU L 281 10.70 -34.37 5.64
C GLU L 281 10.06 -33.93 6.93
N THR L 282 10.87 -33.41 7.85
CA THR L 282 10.39 -32.85 9.10
C THR L 282 10.10 -31.36 8.91
N ALA L 283 9.28 -30.80 9.79
CA ALA L 283 8.97 -29.39 9.70
C ALA L 283 10.25 -28.55 9.72
N ASP L 284 11.18 -28.89 10.62
CA ASP L 284 12.43 -28.13 10.80
C ASP L 284 13.35 -28.25 9.60
N ARG L 285 13.65 -29.47 9.22
CA ARG L 285 14.47 -29.72 8.04
C ARG L 285 13.91 -28.98 6.83
N ALA L 286 12.61 -29.09 6.64
CA ALA L 286 11.95 -28.41 5.56
C ALA L 286 12.16 -26.89 5.67
N TYR L 287 11.99 -26.34 6.87
CA TYR L 287 12.14 -24.91 7.07
C TYR L 287 13.53 -24.44 6.69
N GLU L 288 14.51 -25.30 6.86
CA GLU L 288 15.86 -25.00 6.40
C GLU L 288 16.03 -25.11 4.88
N LEU L 289 15.25 -25.96 4.23
CA LEU L 289 15.10 -25.93 2.76
C LEU L 289 14.53 -24.56 2.30
N TYR L 290 13.69 -23.99 3.14
CA TYR L 290 13.03 -22.72 2.85
C TYR L 290 14.00 -21.59 3.08
N LEU L 291 14.84 -21.68 4.10
CA LEU L 291 15.81 -20.62 4.39
C LEU L 291 16.98 -20.57 3.42
N SER L 292 17.22 -21.67 2.71
CA SER L 292 18.24 -21.70 1.65
C SER L 292 17.75 -21.06 0.33
N GLU L 293 16.41 -20.99 0.12
CA GLU L 293 15.81 -20.20 -0.96
C GLU L 293 15.09 -18.97 -0.40
N GLY M 14 -35.02 -88.87 -33.93
CA GLY M 14 -34.45 -89.12 -32.56
C GLY M 14 -34.68 -87.99 -31.56
N LYS M 15 -35.88 -87.40 -31.61
CA LYS M 15 -36.24 -86.30 -30.72
C LYS M 15 -37.45 -86.63 -29.86
N ASP M 16 -37.46 -86.10 -28.64
CA ASP M 16 -38.57 -86.31 -27.72
C ASP M 16 -39.18 -84.99 -27.25
N PHE M 17 -40.29 -84.60 -27.84
CA PHE M 17 -40.99 -83.36 -27.50
C PHE M 17 -41.94 -83.54 -26.34
N ARG M 18 -41.92 -84.73 -25.76
CA ARG M 18 -42.83 -85.07 -24.69
C ARG M 18 -44.17 -84.36 -24.86
N THR M 19 -44.89 -84.69 -25.93
CA THR M 19 -46.16 -84.04 -26.25
C THR M 19 -47.35 -84.53 -25.41
N ASP M 20 -47.13 -85.55 -24.58
CA ASP M 20 -48.16 -86.05 -23.66
C ASP M 20 -48.20 -85.21 -22.37
N GLN M 21 -47.27 -84.27 -22.24
CA GLN M 21 -47.12 -83.51 -21.01
C GLN M 21 -47.05 -82.01 -21.27
N PRO M 22 -48.20 -81.32 -21.16
CA PRO M 22 -48.26 -79.91 -21.51
C PRO M 22 -47.39 -79.05 -20.58
N GLN M 23 -46.85 -77.98 -21.13
CA GLN M 23 -46.06 -77.01 -20.38
C GLN M 23 -46.93 -76.19 -19.41
N LYS M 24 -46.48 -76.02 -18.17
CA LYS M 24 -47.22 -75.26 -17.16
C LYS M 24 -46.33 -74.20 -16.51
N ASN M 25 -46.90 -73.03 -16.27
CA ASN M 25 -46.15 -71.91 -15.70
C ASN M 25 -45.90 -72.15 -14.24
N ILE M 26 -44.69 -71.92 -13.80
CA ILE M 26 -44.43 -71.97 -12.39
C ILE M 26 -44.82 -70.67 -11.69
N PRO M 27 -45.70 -70.75 -10.67
CA PRO M 27 -46.16 -69.51 -10.01
C PRO M 27 -45.06 -68.78 -9.20
N PHE M 28 -45.15 -67.45 -9.17
CA PHE M 28 -44.25 -66.60 -8.39
C PHE M 28 -45.03 -66.14 -7.17
N THR M 29 -44.64 -66.64 -6.00
CA THR M 29 -45.49 -66.47 -4.81
C THR M 29 -45.18 -65.27 -3.91
N LEU M 30 -44.08 -64.55 -4.15
CA LEU M 30 -43.71 -63.44 -3.27
C LEU M 30 -44.84 -62.42 -3.14
N LYS M 31 -45.26 -62.12 -1.93
CA LYS M 31 -46.44 -61.30 -1.69
C LYS M 31 -46.54 -60.07 -2.60
N GLY M 32 -47.55 -60.02 -3.43
CA GLY M 32 -47.83 -58.83 -4.22
C GLY M 32 -46.87 -58.54 -5.34
N CYS M 33 -46.05 -59.52 -5.71
CA CYS M 33 -45.09 -59.36 -6.80
C CYS M 33 -45.30 -60.32 -7.95
N GLY M 34 -46.54 -60.80 -8.10
CA GLY M 34 -46.81 -61.84 -9.07
C GLY M 34 -47.18 -61.28 -10.41
N ALA M 35 -47.06 -59.97 -10.60
CA ALA M 35 -47.37 -59.36 -11.90
C ALA M 35 -46.28 -58.38 -12.33
N LEU M 36 -45.04 -58.78 -12.14
CA LEU M 36 -43.87 -57.98 -12.52
C LEU M 36 -43.10 -58.70 -13.58
N ASP M 37 -42.33 -57.95 -14.35
CA ASP M 37 -41.49 -58.50 -15.37
C ASP M 37 -40.35 -59.38 -14.83
N TRP M 38 -39.78 -60.20 -15.70
CA TRP M 38 -38.82 -61.20 -15.28
C TRP M 38 -37.69 -60.59 -14.45
N GLY M 39 -37.02 -59.59 -15.04
CA GLY M 39 -35.89 -58.93 -14.40
C GLY M 39 -36.21 -58.38 -13.01
N MET M 40 -37.39 -57.77 -12.86
CA MET M 40 -37.68 -57.22 -11.57
C MET M 40 -37.90 -58.34 -10.58
N GLN M 41 -38.58 -59.42 -11.02
CA GLN M 41 -38.83 -60.56 -10.14
C GLN M 41 -37.49 -61.20 -9.74
N SER M 42 -36.55 -61.13 -10.66
CA SER M 42 -35.23 -61.69 -10.48
C SER M 42 -34.49 -60.90 -9.42
N ARG M 43 -34.51 -59.57 -9.51
CA ARG M 43 -33.85 -58.77 -8.45
C ARG M 43 -34.47 -59.03 -7.06
N LEU M 44 -35.81 -59.08 -7.01
CA LEU M 44 -36.50 -59.38 -5.79
C LEU M 44 -36.10 -60.74 -5.25
N SER M 45 -35.80 -61.69 -6.13
CA SER M 45 -35.52 -63.05 -5.70
C SER M 45 -34.13 -63.12 -5.19
N ARG M 46 -33.33 -62.13 -5.56
CA ARG M 46 -32.00 -61.99 -4.94
C ARG M 46 -32.09 -61.53 -3.50
N ILE M 47 -33.13 -60.76 -3.19
CA ILE M 47 -33.34 -60.20 -1.86
C ILE M 47 -34.13 -61.19 -1.00
N PHE M 48 -35.24 -61.71 -1.53
CA PHE M 48 -36.11 -62.58 -0.72
C PHE M 48 -35.94 -63.98 -1.17
N ASN M 49 -35.26 -64.77 -0.36
CA ASN M 49 -35.09 -66.19 -0.58
C ASN M 49 -36.37 -66.89 -1.08
N PRO M 50 -36.32 -67.42 -2.31
CA PRO M 50 -37.47 -68.01 -2.95
C PRO M 50 -38.10 -69.12 -2.12
N LYS M 51 -37.29 -69.88 -1.40
CA LYS M 51 -37.79 -70.96 -0.53
C LYS M 51 -38.61 -70.43 0.63
N THR M 52 -37.96 -69.64 1.51
CA THR M 52 -38.64 -69.12 2.68
C THR M 52 -39.45 -67.85 2.42
N GLY M 53 -39.16 -67.14 1.34
CA GLY M 53 -39.84 -65.88 1.09
C GLY M 53 -39.47 -64.75 2.05
N LYS M 54 -38.35 -64.91 2.74
CA LYS M 54 -37.90 -63.90 3.68
C LYS M 54 -36.46 -63.44 3.40
N THR M 55 -36.00 -62.43 4.14
CA THR M 55 -34.67 -61.89 3.96
C THR M 55 -34.06 -61.38 5.27
N VAL M 56 -32.76 -61.55 5.43
CA VAL M 56 -32.04 -60.92 6.53
C VAL M 56 -31.08 -59.90 5.97
N MET M 57 -31.43 -58.64 6.16
CA MET M 57 -30.71 -57.53 5.53
C MET M 57 -29.80 -56.79 6.52
N LEU M 58 -28.52 -56.70 6.18
CA LEU M 58 -27.55 -56.01 7.03
C LEU M 58 -27.42 -54.54 6.65
N ALA M 59 -27.88 -53.64 7.52
CA ALA M 59 -27.98 -52.22 7.20
C ALA M 59 -26.83 -51.41 7.80
N PHE M 60 -26.09 -50.70 6.94
CA PHE M 60 -25.07 -49.79 7.46
C PHE M 60 -25.02 -48.43 6.72
N ASP M 61 -26.20 -47.86 6.47
CA ASP M 61 -26.27 -46.64 5.69
C ASP M 61 -26.43 -45.42 6.59
N HIS M 62 -26.49 -45.68 7.90
CA HIS M 62 -26.72 -44.61 8.87
C HIS M 62 -25.86 -43.34 8.64
N GLY M 63 -24.64 -43.51 8.14
CA GLY M 63 -23.76 -42.39 7.99
C GLY M 63 -24.27 -41.33 7.03
N TYR M 64 -25.25 -41.67 6.18
CA TYR M 64 -25.66 -40.77 5.11
C TYR M 64 -26.16 -39.43 5.58
N PHE M 65 -26.62 -39.39 6.82
CA PHE M 65 -27.00 -38.12 7.42
C PHE M 65 -26.50 -37.99 8.86
N GLN M 66 -25.81 -39.02 9.36
CA GLN M 66 -25.31 -38.99 10.75
C GLN M 66 -23.80 -38.94 10.90
N GLY M 67 -23.07 -39.14 9.80
CA GLY M 67 -21.62 -39.15 9.87
C GLY M 67 -21.17 -40.46 10.51
N PRO M 68 -19.98 -40.46 11.12
CA PRO M 68 -19.44 -41.66 11.73
C PRO M 68 -20.20 -42.02 12.98
N THR M 69 -21.32 -42.71 12.80
CA THR M 69 -22.11 -43.18 13.93
C THR M 69 -21.36 -44.34 14.65
N THR M 70 -21.65 -44.54 15.94
CA THR M 70 -20.98 -45.57 16.75
C THR M 70 -21.13 -46.96 16.18
N GLY M 71 -20.01 -47.66 16.01
CA GLY M 71 -20.05 -49.00 15.43
C GLY M 71 -19.74 -49.02 13.93
N LEU M 72 -19.88 -47.86 13.30
CA LEU M 72 -19.68 -47.70 11.86
C LEU M 72 -18.56 -46.72 11.58
N GLU M 73 -17.71 -46.47 12.58
CA GLU M 73 -16.53 -45.64 12.34
C GLU M 73 -15.69 -46.27 11.23
N ARG M 74 -15.45 -47.59 11.31
CA ARG M 74 -14.60 -48.28 10.33
C ARG M 74 -15.30 -49.46 9.66
N ILE M 75 -16.18 -49.18 8.69
CA ILE M 75 -16.93 -50.22 7.97
C ILE M 75 -15.96 -51.26 7.46
N ASP M 76 -14.82 -50.79 6.96
CA ASP M 76 -13.82 -51.65 6.36
C ASP M 76 -13.26 -52.71 7.31
N ILE M 77 -13.32 -52.45 8.61
CA ILE M 77 -12.78 -53.35 9.61
C ILE M 77 -13.89 -54.05 10.39
N ASN M 78 -14.82 -53.30 10.95
CA ASN M 78 -15.85 -53.91 11.77
C ASN M 78 -16.95 -54.57 10.99
N ILE M 79 -17.38 -53.94 9.89
CA ILE M 79 -18.50 -54.48 9.14
C ILE M 79 -18.05 -55.46 8.05
N ALA M 80 -16.81 -55.35 7.59
CA ALA M 80 -16.39 -56.19 6.46
C ALA M 80 -16.62 -57.68 6.72
N PRO M 81 -16.21 -58.17 7.90
CA PRO M 81 -16.32 -59.60 8.24
C PRO M 81 -17.75 -60.08 8.41
N LEU M 82 -18.71 -59.15 8.41
CA LEU M 82 -20.11 -59.53 8.57
C LEU M 82 -20.82 -59.81 7.24
N PHE M 83 -20.29 -59.27 6.14
CA PHE M 83 -21.00 -59.31 4.87
C PHE M 83 -21.46 -60.71 4.52
N GLU M 84 -20.52 -61.66 4.54
CA GLU M 84 -20.83 -63.03 4.13
C GLU M 84 -22.00 -63.63 4.91
N HIS M 85 -22.23 -63.18 6.14
CA HIS M 85 -23.28 -63.79 6.92
C HIS M 85 -24.64 -63.12 6.67
N ALA M 86 -24.69 -62.22 5.70
CA ALA M 86 -25.94 -61.53 5.40
C ALA M 86 -26.53 -61.93 4.06
N ASP M 87 -27.85 -61.84 3.95
CA ASP M 87 -28.53 -62.15 2.71
C ASP M 87 -28.33 -60.99 1.76
N VAL M 88 -28.52 -59.78 2.25
CA VAL M 88 -28.34 -58.60 1.40
C VAL M 88 -27.68 -57.45 2.19
N LEU M 89 -26.87 -56.63 1.53
CA LEU M 89 -26.23 -55.44 2.16
C LEU M 89 -26.99 -54.19 1.82
N MET M 90 -27.17 -53.29 2.79
CA MET M 90 -27.78 -52.00 2.48
C MET M 90 -26.88 -50.83 2.88
N CYS M 91 -26.51 -50.03 1.89
CA CYS M 91 -25.65 -48.91 2.18
C CYS M 91 -25.74 -47.91 1.06
N THR M 92 -24.92 -46.86 1.16
CA THR M 92 -24.83 -45.81 0.15
C THR M 92 -23.83 -46.17 -0.95
N ARG M 93 -23.89 -45.44 -2.07
CA ARG M 93 -22.99 -45.68 -3.14
C ARG M 93 -21.56 -45.24 -2.77
N GLY M 94 -21.44 -44.36 -1.78
CA GLY M 94 -20.15 -43.83 -1.37
C GLY M 94 -19.39 -44.96 -0.71
N ILE M 95 -20.01 -45.57 0.30
CA ILE M 95 -19.41 -46.66 1.03
C ILE M 95 -19.25 -47.89 0.15
N LEU M 96 -20.27 -48.18 -0.66
CA LEU M 96 -20.21 -49.32 -1.56
C LEU M 96 -18.93 -49.30 -2.38
N ARG M 97 -18.67 -48.21 -3.10
CA ARG M 97 -17.52 -48.17 -3.96
C ARG M 97 -16.25 -48.21 -3.15
N SER M 98 -16.21 -47.45 -2.06
CA SER M 98 -14.92 -47.23 -1.37
C SER M 98 -14.41 -48.43 -0.58
N VAL M 99 -15.29 -49.10 0.18
CA VAL M 99 -14.85 -50.10 1.14
C VAL M 99 -15.59 -51.42 1.09
N VAL M 100 -16.66 -51.55 0.30
CA VAL M 100 -17.26 -52.86 0.13
C VAL M 100 -16.62 -53.52 -1.08
N PRO M 101 -15.84 -54.60 -0.86
CA PRO M 101 -15.21 -55.25 -2.00
C PRO M 101 -16.27 -55.93 -2.89
N PRO M 102 -16.18 -55.73 -4.22
CA PRO M 102 -17.15 -56.29 -5.17
C PRO M 102 -17.18 -57.81 -5.11
N ALA M 103 -16.04 -58.42 -4.73
CA ALA M 103 -15.94 -59.86 -4.65
C ALA M 103 -16.79 -60.39 -3.48
N THR M 104 -17.41 -59.49 -2.74
CA THR M 104 -18.27 -59.90 -1.64
C THR M 104 -19.41 -60.71 -2.20
N ASN M 105 -19.68 -60.55 -3.48
CA ASN M 105 -20.72 -61.32 -4.12
C ASN M 105 -22.02 -61.43 -3.32
N ARG M 106 -22.49 -60.29 -2.82
CA ARG M 106 -23.70 -60.25 -2.04
C ARG M 106 -24.64 -59.20 -2.65
N PRO M 107 -25.95 -59.48 -2.74
CA PRO M 107 -26.89 -58.48 -3.30
C PRO M 107 -26.97 -57.18 -2.45
N VAL M 108 -27.07 -56.03 -3.12
CA VAL M 108 -27.12 -54.73 -2.40
C VAL M 108 -28.42 -53.99 -2.65
N VAL M 109 -28.84 -53.23 -1.64
CA VAL M 109 -29.95 -52.29 -1.77
C VAL M 109 -29.40 -50.93 -1.47
N LEU M 110 -29.41 -50.03 -2.45
CA LEU M 110 -28.76 -48.73 -2.28
C LEU M 110 -29.64 -47.69 -1.61
N ARG M 111 -29.08 -47.04 -0.59
CA ARG M 111 -29.67 -45.81 -0.07
C ARG M 111 -29.68 -44.76 -1.18
N ALA M 112 -30.87 -44.35 -1.60
CA ALA M 112 -30.98 -43.38 -2.67
C ALA M 112 -31.64 -42.08 -2.21
N SER M 113 -31.51 -41.74 -0.95
CA SER M 113 -31.98 -40.41 -0.51
C SER M 113 -30.94 -39.80 0.42
N GLY M 114 -31.07 -38.50 0.73
CA GLY M 114 -30.09 -37.80 1.54
C GLY M 114 -30.23 -36.29 1.40
N ALA M 115 -29.15 -35.56 1.64
CA ALA M 115 -29.15 -34.11 1.60
C ALA M 115 -29.74 -33.56 2.88
N ASN M 116 -29.91 -34.42 3.88
CA ASN M 116 -30.28 -34.00 5.21
C ASN M 116 -29.15 -34.26 6.23
N SER M 117 -29.29 -33.79 7.46
CA SER M 117 -28.30 -34.11 8.47
C SER M 117 -28.89 -33.97 9.87
N ILE M 118 -28.20 -34.49 10.88
CA ILE M 118 -28.67 -34.35 12.24
C ILE M 118 -28.58 -32.92 12.73
N LEU M 119 -28.01 -32.02 11.94
CA LEU M 119 -27.94 -30.61 12.35
C LEU M 119 -29.12 -29.81 11.85
N ALA M 120 -29.99 -30.40 11.04
CA ALA M 120 -31.10 -29.66 10.47
C ALA M 120 -32.41 -30.44 10.51
N GLU M 121 -33.39 -30.02 9.72
CA GLU M 121 -34.65 -30.75 9.65
C GLU M 121 -34.47 -32.16 9.06
N LEU M 122 -34.81 -33.15 9.86
CA LEU M 122 -34.54 -34.53 9.47
C LEU M 122 -35.31 -34.96 8.22
N SER M 123 -36.53 -34.48 8.02
CA SER M 123 -37.32 -34.91 6.88
C SER M 123 -36.98 -34.20 5.58
N ASN M 124 -35.93 -33.38 5.55
CA ASN M 124 -35.62 -32.63 4.34
C ASN M 124 -34.68 -33.41 3.37
N GLU M 125 -35.21 -34.46 2.73
CA GLU M 125 -34.36 -35.33 1.92
C GLU M 125 -34.62 -35.18 0.43
N ALA M 126 -33.56 -35.32 -0.36
CA ALA M 126 -33.68 -35.32 -1.82
C ALA M 126 -33.26 -36.68 -2.38
N VAL M 127 -33.57 -36.97 -3.65
CA VAL M 127 -33.03 -38.19 -4.24
C VAL M 127 -31.50 -38.04 -4.30
N ALA M 128 -30.79 -39.06 -3.78
CA ALA M 128 -29.35 -38.97 -3.60
C ALA M 128 -28.52 -39.74 -4.64
N LEU M 129 -29.17 -40.50 -5.54
CA LEU M 129 -28.45 -41.08 -6.67
C LEU M 129 -29.37 -41.40 -7.87
N SER M 130 -28.88 -41.15 -9.08
CA SER M 130 -29.69 -41.37 -10.26
C SER M 130 -29.87 -42.87 -10.52
N MET M 131 -31.01 -43.27 -11.07
CA MET M 131 -31.27 -44.67 -11.40
C MET M 131 -30.13 -45.18 -12.31
N ASP M 132 -29.70 -44.30 -13.21
CA ASP M 132 -28.53 -44.50 -14.04
C ASP M 132 -27.40 -45.12 -13.24
N ASP M 133 -27.02 -44.50 -12.14
CA ASP M 133 -25.89 -45.02 -11.41
C ASP M 133 -26.28 -46.25 -10.58
N ALA M 134 -27.57 -46.44 -10.30
CA ALA M 134 -27.99 -47.62 -9.53
C ALA M 134 -27.85 -48.81 -10.44
N VAL M 135 -28.24 -48.66 -11.70
CA VAL M 135 -28.03 -49.71 -12.66
C VAL M 135 -26.54 -49.97 -12.85
N ARG M 136 -25.74 -48.92 -12.93
CA ARG M 136 -24.30 -49.08 -13.11
C ARG M 136 -23.67 -49.89 -11.98
N LEU M 137 -24.22 -49.76 -10.78
CA LEU M 137 -23.73 -50.44 -9.61
C LEU M 137 -24.37 -51.83 -9.40
N ASN M 138 -25.22 -52.25 -10.34
CA ASN M 138 -25.85 -53.58 -10.29
C ASN M 138 -26.71 -53.80 -9.05
N SER M 139 -27.48 -52.79 -8.68
CA SER M 139 -28.33 -52.88 -7.50
C SER M 139 -29.46 -53.87 -7.69
N CYS M 140 -29.95 -54.37 -6.56
CA CYS M 140 -31.18 -55.14 -6.50
C CYS M 140 -32.40 -54.26 -6.22
N ALA M 141 -32.18 -53.13 -5.54
CA ALA M 141 -33.22 -52.14 -5.27
C ALA M 141 -32.65 -50.79 -4.83
N VAL M 142 -33.49 -49.77 -4.89
CA VAL M 142 -33.13 -48.45 -4.41
C VAL M 142 -34.09 -48.10 -3.26
N ALA M 143 -33.55 -47.43 -2.24
CA ALA M 143 -34.35 -47.12 -1.03
C ALA M 143 -34.40 -45.63 -0.70
N ALA M 144 -35.55 -45.13 -0.27
CA ALA M 144 -35.67 -43.71 0.10
C ALA M 144 -36.66 -43.59 1.24
N GLN M 145 -36.55 -42.51 2.01
CA GLN M 145 -37.38 -42.35 3.20
C GLN M 145 -38.65 -41.65 2.82
N VAL M 146 -39.73 -42.06 3.46
CA VAL M 146 -40.94 -41.28 3.39
C VAL M 146 -41.22 -40.75 4.83
N TYR M 147 -41.50 -39.45 4.96
CA TYR M 147 -41.77 -38.86 6.25
C TYR M 147 -43.20 -38.36 6.43
N ILE M 148 -44.16 -39.28 6.54
CA ILE M 148 -45.54 -38.87 6.75
C ILE M 148 -45.66 -38.10 8.05
N GLY M 149 -46.26 -36.93 7.99
CA GLY M 149 -46.49 -36.13 9.18
C GLY M 149 -45.37 -35.14 9.48
N SER M 150 -44.23 -35.26 8.82
CA SER M 150 -43.16 -34.29 9.00
C SER M 150 -43.30 -33.11 8.08
N GLU M 151 -42.40 -32.17 8.24
CA GLU M 151 -42.49 -30.91 7.50
C GLU M 151 -42.34 -31.14 6.00
N TYR M 152 -41.42 -31.99 5.60
CA TYR M 152 -41.20 -32.22 4.18
C TYR M 152 -41.86 -33.50 3.69
N GLU M 153 -43.04 -33.81 4.23
CA GLU M 153 -43.76 -35.00 3.86
C GLU M 153 -44.00 -35.10 2.36
N HIS M 154 -44.50 -34.03 1.76
CA HIS M 154 -44.81 -33.96 0.32
C HIS M 154 -43.59 -34.34 -0.57
N GLN M 155 -42.42 -33.76 -0.27
CA GLN M 155 -41.23 -34.00 -1.05
C GLN M 155 -40.81 -35.43 -0.89
N SER M 156 -40.86 -35.94 0.33
CA SER M 156 -40.45 -37.30 0.57
C SER M 156 -41.28 -38.24 -0.27
N ILE M 157 -42.58 -37.99 -0.41
CA ILE M 157 -43.39 -38.85 -1.26
C ILE M 157 -43.06 -38.69 -2.74
N LYS M 158 -42.79 -37.47 -3.18
CA LYS M 158 -42.29 -37.27 -4.53
C LYS M 158 -41.01 -38.07 -4.80
N ASN M 159 -40.14 -38.15 -3.80
CA ASN M 159 -38.95 -38.97 -3.94
C ASN M 159 -39.32 -40.41 -4.30
N ILE M 160 -40.30 -40.99 -3.62
CA ILE M 160 -40.77 -42.34 -3.98
C ILE M 160 -41.38 -42.40 -5.39
N ILE M 161 -42.20 -41.42 -5.74
CA ILE M 161 -42.76 -41.35 -7.08
C ILE M 161 -41.66 -41.34 -8.15
N GLN M 162 -40.63 -40.53 -7.92
CA GLN M 162 -39.59 -40.39 -8.91
C GLN M 162 -38.82 -41.69 -9.05
N LEU M 163 -38.55 -42.37 -7.92
CA LEU M 163 -37.74 -43.59 -8.00
C LEU M 163 -38.52 -44.66 -8.68
N VAL M 164 -39.83 -44.73 -8.44
CA VAL M 164 -40.67 -45.76 -9.06
C VAL M 164 -40.74 -45.51 -10.55
N ASP M 165 -41.00 -44.27 -10.94
CA ASP M 165 -41.09 -43.97 -12.37
C ASP M 165 -39.82 -44.46 -13.06
N ALA M 166 -38.68 -44.13 -12.46
CA ALA M 166 -37.39 -44.46 -13.08
C ALA M 166 -37.09 -45.95 -13.03
N GLY M 167 -37.46 -46.60 -11.92
CA GLY M 167 -37.21 -48.02 -11.73
C GLY M 167 -38.07 -48.87 -12.65
N MET M 168 -39.27 -48.43 -13.01
CA MET M 168 -40.11 -49.25 -13.90
C MET M 168 -39.59 -49.35 -15.33
N LYS M 169 -38.85 -48.35 -15.80
CA LYS M 169 -38.24 -48.40 -17.12
C LYS M 169 -37.16 -49.45 -17.14
N VAL M 170 -36.64 -49.82 -15.98
CA VAL M 170 -35.37 -50.53 -15.91
C VAL M 170 -35.47 -51.83 -15.11
N GLY M 171 -36.59 -52.04 -14.44
CA GLY M 171 -36.85 -53.28 -13.73
C GLY M 171 -36.16 -53.27 -12.38
N MET M 172 -35.98 -52.07 -11.83
CA MET M 172 -35.41 -51.88 -10.50
C MET M 172 -36.51 -51.62 -9.49
N PRO M 173 -36.69 -52.52 -8.53
CA PRO M 173 -37.60 -52.33 -7.41
C PRO M 173 -37.23 -51.11 -6.52
N THR M 174 -38.23 -50.47 -5.92
CA THR M 174 -38.00 -49.39 -4.99
C THR M 174 -38.47 -49.76 -3.59
N MET M 175 -37.63 -49.50 -2.59
CA MET M 175 -38.01 -49.75 -1.19
C MET M 175 -38.31 -48.41 -0.46
N ALA M 176 -39.52 -48.28 0.07
CA ALA M 176 -39.93 -47.08 0.78
C ALA M 176 -39.77 -47.30 2.27
N VAL M 177 -39.05 -46.41 2.94
CA VAL M 177 -38.82 -46.56 4.38
C VAL M 177 -39.57 -45.51 5.18
N THR M 178 -40.35 -45.94 6.17
CA THR M 178 -41.22 -45.03 6.94
C THR M 178 -40.43 -44.37 8.07
N GLY M 179 -39.92 -43.16 7.81
CA GLY M 179 -39.12 -42.47 8.81
C GLY M 179 -40.02 -41.63 9.67
N VAL M 180 -39.67 -41.49 10.95
CA VAL M 180 -40.58 -40.82 11.90
C VAL M 180 -40.09 -39.48 12.41
N VAL M 185 -45.18 -40.12 17.72
CA VAL M 185 -45.82 -41.28 18.33
C VAL M 185 -45.96 -42.43 17.33
N ARG M 186 -45.45 -43.60 17.71
CA ARG M 186 -45.34 -44.71 16.79
C ARG M 186 -46.35 -45.81 17.09
N ASP M 187 -47.59 -45.61 16.66
CA ASP M 187 -48.59 -46.65 16.86
C ASP M 187 -49.00 -47.33 15.57
N GLN M 188 -49.91 -48.29 15.68
CA GLN M 188 -50.38 -49.05 14.53
C GLN M 188 -51.08 -48.19 13.49
N ARG M 189 -52.00 -47.33 13.93
CA ARG M 189 -52.74 -46.50 12.95
C ARG M 189 -51.82 -45.61 12.14
N TYR M 190 -50.73 -45.16 12.75
CA TYR M 190 -49.80 -44.30 12.07
C TYR M 190 -49.04 -45.06 10.99
N PHE M 191 -48.37 -46.14 11.38
CA PHE M 191 -47.63 -46.96 10.41
C PHE M 191 -48.51 -47.59 9.33
N SER M 192 -49.74 -47.92 9.65
CA SER M 192 -50.68 -48.33 8.60
C SER M 192 -50.82 -47.25 7.49
N LEU M 193 -51.01 -46.01 7.93
CA LEU M 193 -51.11 -44.90 7.01
C LEU M 193 -49.84 -44.79 6.17
N ALA M 194 -48.67 -44.72 6.82
CA ALA M 194 -47.41 -44.51 6.10
C ALA M 194 -47.11 -45.64 5.14
N THR M 195 -47.15 -46.88 5.62
CA THR M 195 -46.88 -48.03 4.76
C THR M 195 -47.87 -48.13 3.58
N ARG M 196 -49.15 -47.92 3.87
CA ARG M 196 -50.11 -48.11 2.81
C ARG M 196 -49.96 -47.07 1.70
N ILE M 197 -49.69 -45.83 2.09
CA ILE M 197 -49.51 -44.77 1.10
C ILE M 197 -48.32 -45.07 0.21
N ALA M 198 -47.23 -45.50 0.81
CA ALA M 198 -46.02 -45.77 0.04
C ALA M 198 -46.30 -46.86 -0.97
N ALA M 199 -46.97 -47.91 -0.51
CA ALA M 199 -47.24 -49.10 -1.35
C ALA M 199 -48.16 -48.68 -2.47
N GLU M 200 -49.12 -47.88 -2.09
CA GLU M 200 -50.09 -47.38 -3.01
C GLU M 200 -49.43 -46.57 -4.16
N MET M 201 -48.40 -45.79 -3.83
CA MET M 201 -47.67 -44.98 -4.82
C MET M 201 -46.86 -45.84 -5.75
N GLY M 202 -46.48 -47.04 -5.30
CA GLY M 202 -45.85 -48.03 -6.16
C GLY M 202 -44.62 -48.74 -5.63
N ALA M 203 -44.19 -48.38 -4.43
CA ALA M 203 -43.02 -49.05 -3.86
C ALA M 203 -43.26 -50.55 -3.73
N GLN M 204 -42.30 -51.39 -4.14
CA GLN M 204 -42.46 -52.82 -4.09
C GLN M 204 -42.01 -53.42 -2.79
N ILE M 205 -41.13 -52.74 -2.07
CA ILE M 205 -40.81 -53.20 -0.73
C ILE M 205 -41.07 -52.09 0.25
N ILE M 206 -41.58 -52.42 1.43
CA ILE M 206 -41.80 -51.42 2.48
C ILE M 206 -41.05 -51.79 3.75
N LYS M 207 -40.34 -50.82 4.31
CA LYS M 207 -39.64 -51.07 5.56
C LYS M 207 -40.15 -50.13 6.65
N THR M 208 -40.57 -50.69 7.78
CA THR M 208 -41.19 -49.95 8.86
C THR M 208 -40.68 -50.47 10.20
N TYR M 209 -41.26 -49.98 11.28
CA TYR M 209 -40.86 -50.38 12.63
C TYR M 209 -41.83 -51.38 13.22
N TYR M 210 -41.35 -52.23 14.11
CA TYR M 210 -42.25 -53.16 14.79
C TYR M 210 -43.04 -52.42 15.86
N VAL M 211 -44.30 -52.81 16.06
CA VAL M 211 -45.09 -52.17 17.11
C VAL M 211 -45.65 -53.17 18.13
N GLU M 212 -45.67 -52.74 19.40
CA GLU M 212 -46.09 -53.60 20.52
C GLU M 212 -47.43 -54.27 20.25
N LYS M 213 -48.40 -53.52 19.75
CA LYS M 213 -49.66 -54.11 19.39
C LYS M 213 -50.24 -53.55 18.09
N GLY M 214 -50.83 -54.43 17.29
CA GLY M 214 -51.43 -54.03 16.05
C GLY M 214 -50.60 -54.31 14.82
N PHE M 215 -49.35 -54.75 15.01
CA PHE M 215 -48.45 -55.01 13.89
C PHE M 215 -49.08 -55.88 12.81
N GLU M 216 -49.83 -56.88 13.22
CA GLU M 216 -50.45 -57.79 12.29
C GLU M 216 -51.30 -57.04 11.27
N ARG M 217 -51.92 -55.95 11.71
CA ARG M 217 -52.80 -55.13 10.88
C ARG M 217 -52.00 -54.30 9.86
N ILE M 218 -50.79 -53.91 10.25
CA ILE M 218 -49.87 -53.24 9.33
C ILE M 218 -49.50 -54.15 8.16
N VAL M 219 -49.12 -55.38 8.47
CA VAL M 219 -48.86 -56.37 7.44
C VAL M 219 -50.09 -56.69 6.57
N ALA M 220 -51.21 -56.99 7.20
CA ALA M 220 -52.38 -57.33 6.44
C ALA M 220 -52.85 -56.20 5.51
N GLY M 221 -52.68 -54.95 5.94
CA GLY M 221 -53.14 -53.82 5.14
C GLY M 221 -52.18 -53.35 4.05
N CYS M 222 -50.99 -53.91 4.04
CA CYS M 222 -49.99 -53.59 3.04
C CYS M 222 -49.87 -54.71 1.98
N PRO M 223 -50.06 -54.35 0.69
CA PRO M 223 -50.10 -55.33 -0.39
C PRO M 223 -48.75 -55.92 -0.76
N VAL M 224 -47.66 -55.34 -0.29
CA VAL M 224 -46.33 -55.85 -0.64
C VAL M 224 -45.51 -56.24 0.61
N PRO M 225 -44.37 -56.86 0.39
CA PRO M 225 -43.55 -57.37 1.46
C PRO M 225 -43.11 -56.30 2.45
N ILE M 226 -43.16 -56.61 3.75
CA ILE M 226 -42.75 -55.65 4.77
C ILE M 226 -41.54 -56.15 5.49
N VAL M 227 -40.61 -55.23 5.75
CA VAL M 227 -39.38 -55.54 6.46
C VAL M 227 -39.29 -54.62 7.66
N ILE M 228 -38.85 -55.13 8.81
CA ILE M 228 -38.73 -54.26 10.00
C ILE M 228 -37.31 -53.78 10.24
N ALA M 229 -37.19 -52.56 10.74
CA ALA M 229 -35.92 -52.02 11.11
C ALA M 229 -35.53 -52.58 12.47
N GLY M 230 -34.23 -52.74 12.69
CA GLY M 230 -33.71 -53.18 13.98
C GLY M 230 -34.02 -52.25 15.12
N GLY M 231 -33.96 -50.93 14.90
CA GLY M 231 -34.21 -49.95 15.98
C GLY M 231 -33.02 -49.81 16.89
N LYS M 232 -33.14 -48.99 17.93
CA LYS M 232 -32.01 -48.73 18.84
C LYS M 232 -31.52 -50.04 19.48
N LYS M 233 -30.29 -50.03 19.99
CA LYS M 233 -29.69 -51.22 20.59
C LYS M 233 -30.51 -51.76 21.75
N LEU M 234 -30.70 -53.07 21.77
CA LEU M 234 -31.41 -53.75 22.85
C LEU M 234 -30.54 -54.89 23.34
N PRO M 235 -30.84 -55.43 24.52
CA PRO M 235 -30.22 -56.70 24.88
C PRO M 235 -30.52 -57.75 23.81
N GLU M 236 -29.48 -58.47 23.40
CA GLU M 236 -29.58 -59.46 22.33
C GLU M 236 -30.85 -60.33 22.43
N ARG M 237 -31.17 -60.77 23.64
CA ARG M 237 -32.34 -61.62 23.81
C ARG M 237 -33.62 -60.90 23.41
N GLU M 238 -33.69 -59.61 23.72
CA GLU M 238 -34.91 -58.85 23.44
C GLU M 238 -35.03 -58.56 21.96
N ALA M 239 -33.90 -58.28 21.34
CA ALA M 239 -33.86 -58.00 19.90
C ALA M 239 -34.39 -59.22 19.16
N LEU M 240 -33.99 -60.42 19.60
CA LEU M 240 -34.42 -61.64 18.96
C LEU M 240 -35.92 -61.86 19.17
N GLU M 241 -36.42 -61.49 20.35
CA GLU M 241 -37.85 -61.58 20.61
C GLU M 241 -38.64 -60.69 19.66
N MET M 242 -38.12 -59.50 19.43
CA MET M 242 -38.73 -58.58 18.47
C MET M 242 -38.83 -59.20 17.07
N CYS M 243 -37.71 -59.76 16.58
CA CYS M 243 -37.70 -60.42 15.29
C CYS M 243 -38.71 -61.54 15.25
N TRP M 244 -38.73 -62.35 16.31
CA TRP M 244 -39.64 -63.50 16.35
C TRP M 244 -41.09 -63.03 16.23
N GLN M 245 -41.42 -62.00 17.00
CA GLN M 245 -42.77 -61.44 16.95
C GLN M 245 -43.12 -60.95 15.55
N ALA M 246 -42.24 -60.13 15.00
CA ALA M 246 -42.44 -59.56 13.69
C ALA M 246 -42.68 -60.67 12.67
N ILE M 247 -41.78 -61.65 12.64
CA ILE M 247 -41.90 -62.71 11.67
C ILE M 247 -43.19 -63.48 11.90
N ASP M 248 -43.43 -63.78 13.15
CA ASP M 248 -44.62 -64.52 13.49
C ASP M 248 -45.90 -63.82 13.03
N GLN M 249 -45.89 -62.50 13.08
CA GLN M 249 -47.06 -61.75 12.68
C GLN M 249 -47.10 -61.33 11.19
N GLY M 250 -46.14 -61.78 10.40
CA GLY M 250 -46.23 -61.64 8.93
C GLY M 250 -45.17 -60.84 8.20
N ALA M 251 -44.16 -60.36 8.91
CA ALA M 251 -43.11 -59.62 8.29
C ALA M 251 -42.36 -60.55 7.32
N SER M 252 -41.79 -59.98 6.26
CA SER M 252 -41.02 -60.75 5.29
C SER M 252 -39.52 -60.74 5.54
N GLY M 253 -39.11 -60.27 6.72
CA GLY M 253 -37.70 -60.22 7.09
C GLY M 253 -37.34 -58.97 7.89
N VAL M 254 -36.07 -58.85 8.26
CA VAL M 254 -35.63 -57.73 9.03
C VAL M 254 -34.46 -57.02 8.35
N ASP M 255 -34.32 -55.75 8.68
CA ASP M 255 -33.20 -54.94 8.19
C ASP M 255 -32.41 -54.42 9.38
N MET M 256 -31.66 -55.29 10.02
CA MET M 256 -30.90 -54.95 11.23
C MET M 256 -29.66 -54.11 10.95
N GLY M 257 -29.37 -53.19 11.87
CA GLY M 257 -28.15 -52.42 11.84
C GLY M 257 -27.47 -52.46 13.19
N ARG M 258 -27.93 -51.62 14.11
CA ARG M 258 -27.30 -51.46 15.42
C ARG M 258 -27.32 -52.72 16.27
N ASN M 259 -28.41 -53.47 16.22
CA ASN M 259 -28.53 -54.64 17.09
C ASN M 259 -27.58 -55.73 16.66
N ILE M 260 -26.88 -55.49 15.58
CA ILE M 260 -25.90 -56.43 15.12
C ILE M 260 -24.52 -55.82 15.27
N PHE M 261 -24.25 -54.72 14.59
CA PHE M 261 -22.89 -54.17 14.62
C PHE M 261 -22.51 -53.51 15.93
N GLN M 262 -23.47 -53.27 16.82
CA GLN M 262 -23.16 -52.78 18.16
C GLN M 262 -23.17 -53.87 19.20
N SER M 263 -23.22 -55.12 18.75
CA SER M 263 -23.24 -56.24 19.67
C SER M 263 -21.80 -56.65 19.92
N ASP M 264 -21.55 -57.33 21.03
CA ASP M 264 -20.21 -57.81 21.32
C ASP M 264 -19.90 -59.04 20.49
N HIS M 265 -20.93 -59.63 19.89
CA HIS M 265 -20.77 -60.84 19.08
C HIS M 265 -21.65 -60.74 17.86
N PRO M 266 -21.26 -59.87 16.92
CA PRO M 266 -22.03 -59.60 15.73
C PRO M 266 -22.35 -60.88 14.95
N VAL M 267 -21.31 -61.65 14.61
CA VAL M 267 -21.50 -62.84 13.77
C VAL M 267 -22.48 -63.81 14.43
N ALA M 268 -22.29 -64.04 15.73
CA ALA M 268 -23.20 -64.87 16.48
C ALA M 268 -24.63 -64.36 16.37
N MET M 269 -24.82 -63.07 16.64
CA MET M 269 -26.13 -62.45 16.57
C MET M 269 -26.83 -62.70 15.21
N MET M 270 -26.05 -62.55 14.15
CA MET M 270 -26.59 -62.69 12.81
C MET M 270 -27.08 -64.11 12.58
N LYS M 271 -26.32 -65.09 13.07
CA LYS M 271 -26.71 -66.49 12.88
C LYS M 271 -28.01 -66.72 13.64
N ALA M 272 -28.14 -66.08 14.79
CA ALA M 272 -29.36 -66.20 15.57
C ALA M 272 -30.51 -65.65 14.76
N VAL M 273 -30.37 -64.40 14.35
CA VAL M 273 -31.38 -63.73 13.55
C VAL M 273 -31.77 -64.55 12.30
N GLN M 274 -30.79 -65.16 11.64
CA GLN M 274 -31.07 -66.00 10.50
C GLN M 274 -31.97 -67.14 10.94
N ALA M 275 -31.61 -67.77 12.05
CA ALA M 275 -32.33 -68.93 12.56
C ALA M 275 -33.81 -68.57 12.76
N VAL M 276 -34.04 -67.37 13.29
CA VAL M 276 -35.40 -66.95 13.60
C VAL M 276 -36.19 -66.60 12.36
N VAL M 277 -35.55 -65.92 11.43
CA VAL M 277 -36.22 -65.48 10.20
C VAL M 277 -36.47 -66.58 9.19
N HIS M 278 -35.46 -67.39 8.88
CA HIS M 278 -35.63 -68.41 7.86
C HIS M 278 -36.14 -69.76 8.36
N HIS M 279 -35.84 -70.13 9.60
CA HIS M 279 -36.04 -71.49 10.05
C HIS M 279 -37.03 -71.60 11.18
N ASN M 280 -37.79 -70.53 11.42
CA ASN M 280 -38.83 -70.55 12.43
C ASN M 280 -38.35 -70.91 13.80
N GLU M 281 -37.09 -70.66 14.11
CA GLU M 281 -36.62 -70.86 15.47
C GLU M 281 -37.40 -69.99 16.44
N THR M 282 -37.37 -70.38 17.71
CA THR M 282 -37.97 -69.57 18.78
C THR M 282 -36.94 -68.58 19.32
N ALA M 283 -37.42 -67.54 20.00
CA ALA M 283 -36.52 -66.55 20.56
C ALA M 283 -35.48 -67.20 21.50
N ASP M 284 -35.95 -68.09 22.37
CA ASP M 284 -35.07 -68.76 23.34
C ASP M 284 -34.06 -69.68 22.66
N ARG M 285 -34.57 -70.60 21.85
CA ARG M 285 -33.70 -71.51 21.13
C ARG M 285 -32.62 -70.74 20.43
N ALA M 286 -33.02 -69.67 19.76
CA ALA M 286 -32.09 -68.83 19.02
C ALA M 286 -31.06 -68.21 19.95
N TYR M 287 -31.52 -67.68 21.07
CA TYR M 287 -30.62 -67.07 22.03
C TYR M 287 -29.54 -68.05 22.49
N GLU M 288 -29.90 -69.33 22.60
CA GLU M 288 -28.91 -70.35 22.94
C GLU M 288 -27.92 -70.64 21.80
N LEU M 289 -28.38 -70.50 20.56
CA LEU M 289 -27.49 -70.49 19.39
C LEU M 289 -26.49 -69.30 19.54
N TYR M 290 -26.96 -68.22 20.14
CA TYR M 290 -26.14 -67.04 20.31
C TYR M 290 -25.15 -67.22 21.45
N LEU M 291 -25.56 -67.97 22.49
CA LEU M 291 -24.68 -68.24 23.64
C LEU M 291 -23.61 -69.28 23.36
N SER M 292 -23.82 -70.12 22.35
CA SER M 292 -22.79 -71.08 21.92
C SER M 292 -21.67 -70.44 21.08
N GLU M 293 -21.96 -69.28 20.47
CA GLU M 293 -20.92 -68.43 19.84
C GLU M 293 -20.70 -67.15 20.65
N GLY N 14 -63.69 -61.75 -60.93
CA GLY N 14 -64.62 -62.31 -59.89
C GLY N 14 -64.58 -61.50 -58.61
N LYS N 15 -64.55 -60.18 -58.77
CA LYS N 15 -64.51 -59.26 -57.62
C LYS N 15 -65.74 -58.34 -57.59
N ASP N 16 -66.18 -57.99 -56.39
CA ASP N 16 -67.32 -57.09 -56.23
C ASP N 16 -66.99 -55.86 -55.39
N PHE N 17 -66.74 -54.74 -56.05
CA PHE N 17 -66.35 -53.49 -55.38
C PHE N 17 -67.56 -52.70 -54.93
N ARG N 18 -68.73 -53.29 -55.12
CA ARG N 18 -69.99 -52.62 -54.85
C ARG N 18 -69.93 -51.12 -55.09
N THR N 19 -69.67 -50.72 -56.33
CA THR N 19 -69.46 -49.32 -56.68
C THR N 19 -70.75 -48.51 -56.75
N ASP N 20 -71.87 -49.17 -56.53
CA ASP N 20 -73.15 -48.48 -56.54
C ASP N 20 -73.46 -47.93 -55.16
N GLN N 21 -72.60 -48.23 -54.20
CA GLN N 21 -72.83 -47.88 -52.80
C GLN N 21 -71.64 -47.21 -52.17
N PRO N 22 -71.64 -45.86 -52.13
CA PRO N 22 -70.51 -45.10 -51.63
C PRO N 22 -70.22 -45.36 -50.16
N GLN N 23 -68.94 -45.34 -49.79
CA GLN N 23 -68.49 -45.50 -48.41
C GLN N 23 -68.91 -44.30 -47.57
N LYS N 24 -69.42 -44.53 -46.36
CA LYS N 24 -69.83 -43.44 -45.48
C LYS N 24 -69.23 -43.61 -44.10
N ASN N 25 -68.75 -42.51 -43.52
CA ASN N 25 -68.18 -42.51 -42.16
C ASN N 25 -69.23 -42.79 -41.09
N ILE N 26 -68.92 -43.67 -40.15
CA ILE N 26 -69.81 -43.86 -39.00
C ILE N 26 -69.48 -42.84 -37.91
N PRO N 27 -70.46 -42.02 -37.53
CA PRO N 27 -70.24 -40.96 -36.54
C PRO N 27 -69.90 -41.48 -35.14
N PHE N 28 -69.03 -40.74 -34.44
CA PHE N 28 -68.69 -41.03 -33.04
C PHE N 28 -69.44 -40.06 -32.14
N THR N 29 -70.39 -40.58 -31.37
CA THR N 29 -71.37 -39.71 -30.73
C THR N 29 -71.06 -39.36 -29.30
N LEU N 30 -70.06 -39.97 -28.68
CA LEU N 30 -69.73 -39.65 -27.28
C LEU N 30 -69.53 -38.15 -27.07
N LYS N 31 -70.24 -37.58 -26.10
CA LYS N 31 -70.26 -36.14 -25.90
C LYS N 31 -68.88 -35.46 -26.00
N GLY N 32 -68.72 -34.58 -26.97
CA GLY N 32 -67.51 -33.80 -27.05
C GLY N 32 -66.25 -34.57 -27.35
N CYS N 33 -66.36 -35.77 -27.89
CA CYS N 33 -65.16 -36.53 -28.26
C CYS N 33 -65.15 -36.90 -29.73
N GLY N 34 -65.85 -36.09 -30.53
CA GLY N 34 -66.02 -36.41 -31.95
C GLY N 34 -64.87 -35.93 -32.82
N ALA N 35 -63.80 -35.42 -32.21
CA ALA N 35 -62.67 -34.91 -32.96
C ALA N 35 -61.36 -35.35 -32.31
N LEU N 36 -61.31 -36.62 -31.93
CA LEU N 36 -60.11 -37.22 -31.35
C LEU N 36 -59.63 -38.30 -32.27
N ASP N 37 -58.34 -38.60 -32.17
CA ASP N 37 -57.73 -39.68 -32.95
C ASP N 37 -58.30 -41.06 -32.61
N TRP N 38 -58.14 -42.03 -33.52
CA TRP N 38 -58.72 -43.35 -33.37
C TRP N 38 -58.39 -43.99 -32.02
N GLY N 39 -57.12 -43.98 -31.64
CA GLY N 39 -56.67 -44.60 -30.38
C GLY N 39 -57.34 -44.03 -29.15
N MET N 40 -57.47 -42.71 -29.12
CA MET N 40 -58.05 -42.08 -27.96
C MET N 40 -59.53 -42.38 -27.92
N GLN N 41 -60.19 -42.33 -29.06
CA GLN N 41 -61.59 -42.69 -29.11
C GLN N 41 -61.79 -44.16 -28.72
N SER N 42 -60.79 -44.98 -29.04
CA SER N 42 -60.80 -46.39 -28.69
C SER N 42 -60.78 -46.57 -27.17
N ARG N 43 -59.82 -45.93 -26.51
CA ARG N 43 -59.73 -46.02 -25.07
C ARG N 43 -61.02 -45.50 -24.40
N LEU N 44 -61.53 -44.39 -24.92
CA LEU N 44 -62.78 -43.84 -24.37
C LEU N 44 -63.93 -44.83 -24.50
N SER N 45 -63.94 -45.59 -25.61
CA SER N 45 -65.00 -46.56 -25.87
C SER N 45 -64.90 -47.76 -24.95
N ARG N 46 -63.71 -48.01 -24.40
CA ARG N 46 -63.57 -49.07 -23.42
C ARG N 46 -64.25 -48.62 -22.13
N ILE N 47 -64.25 -47.31 -21.88
CA ILE N 47 -64.81 -46.74 -20.65
C ILE N 47 -66.31 -46.52 -20.78
N PHE N 48 -66.71 -45.82 -21.83
CA PHE N 48 -68.13 -45.52 -22.05
C PHE N 48 -68.69 -46.42 -23.11
N ASN N 49 -69.54 -47.35 -22.67
CA ASN N 49 -70.29 -48.26 -23.55
C ASN N 49 -70.85 -47.55 -24.77
N PRO N 50 -70.40 -47.93 -25.97
CA PRO N 50 -70.78 -47.29 -27.23
C PRO N 50 -72.27 -47.25 -27.45
N LYS N 51 -72.97 -48.29 -26.99
CA LYS N 51 -74.43 -48.38 -27.08
C LYS N 51 -75.12 -47.33 -26.21
N THR N 52 -74.90 -47.40 -24.91
CA THR N 52 -75.59 -46.51 -23.99
C THR N 52 -74.89 -45.18 -23.77
N GLY N 53 -73.61 -45.12 -24.11
CA GLY N 53 -72.80 -43.90 -23.86
C GLY N 53 -72.49 -43.61 -22.39
N LYS N 54 -72.67 -44.60 -21.52
CA LYS N 54 -72.46 -44.41 -20.09
C LYS N 54 -71.45 -45.40 -19.50
N THR N 55 -71.15 -45.25 -18.22
CA THR N 55 -70.20 -46.13 -17.58
C THR N 55 -70.47 -46.31 -16.10
N VAL N 56 -70.35 -47.54 -15.61
CA VAL N 56 -70.32 -47.82 -14.17
C VAL N 56 -68.90 -48.14 -13.68
N MET N 57 -68.30 -47.21 -12.96
CA MET N 57 -66.90 -47.27 -12.62
C MET N 57 -66.71 -47.63 -11.13
N LEU N 58 -65.98 -48.69 -10.86
CA LEU N 58 -65.73 -49.11 -9.48
C LEU N 58 -64.45 -48.49 -8.96
N ALA N 59 -64.55 -47.59 -7.99
CA ALA N 59 -63.40 -46.81 -7.52
C ALA N 59 -62.88 -47.34 -6.22
N PHE N 60 -61.60 -47.68 -6.17
CA PHE N 60 -60.97 -48.06 -4.90
C PHE N 60 -59.58 -47.46 -4.71
N ASP N 61 -59.42 -46.18 -5.01
CA ASP N 61 -58.11 -45.54 -4.98
C ASP N 61 -57.92 -44.75 -3.68
N HIS N 62 -58.96 -44.71 -2.86
CA HIS N 62 -58.98 -43.90 -1.64
C HIS N 62 -57.69 -43.99 -0.81
N GLY N 63 -57.07 -45.15 -0.81
CA GLY N 63 -55.88 -45.34 -0.01
C GLY N 63 -54.69 -44.47 -0.40
N TYR N 64 -54.76 -43.80 -1.55
CA TYR N 64 -53.59 -43.07 -2.04
C TYR N 64 -53.16 -41.94 -1.13
N PHE N 65 -54.11 -41.45 -0.32
CA PHE N 65 -53.81 -40.42 0.67
C PHE N 65 -54.47 -40.69 2.03
N GLN N 66 -55.26 -41.76 2.10
CA GLN N 66 -55.94 -42.12 3.34
C GLN N 66 -55.41 -43.40 4.01
N GLY N 67 -54.55 -44.17 3.35
CA GLY N 67 -54.18 -45.43 3.94
C GLY N 67 -55.33 -46.44 3.92
N PRO N 68 -55.28 -47.44 4.80
CA PRO N 68 -56.29 -48.50 4.78
C PRO N 68 -57.63 -47.96 5.25
N THR N 69 -58.37 -47.38 4.34
CA THR N 69 -59.69 -46.86 4.62
C THR N 69 -60.69 -48.03 4.85
N THR N 70 -61.77 -47.79 5.60
CA THR N 70 -62.73 -48.84 5.92
C THR N 70 -63.35 -49.46 4.68
N GLY N 71 -63.30 -50.79 4.60
CA GLY N 71 -63.82 -51.52 3.44
C GLY N 71 -62.76 -51.86 2.41
N LEU N 72 -61.62 -51.17 2.50
CA LEU N 72 -60.51 -51.36 1.57
C LEU N 72 -59.28 -51.84 2.29
N GLU N 73 -59.46 -52.48 3.45
CA GLU N 73 -58.35 -53.05 4.17
C GLU N 73 -57.76 -54.15 3.34
N ARG N 74 -58.62 -54.97 2.74
CA ARG N 74 -58.13 -56.10 1.93
C ARG N 74 -58.75 -56.14 0.53
N ILE N 75 -58.23 -55.29 -0.36
CA ILE N 75 -58.69 -55.22 -1.74
C ILE N 75 -58.71 -56.62 -2.30
N ASP N 76 -57.68 -57.40 -1.96
CA ASP N 76 -57.48 -58.72 -2.53
C ASP N 76 -58.60 -59.69 -2.19
N ILE N 77 -59.30 -59.44 -1.08
CA ILE N 77 -60.39 -60.31 -0.63
C ILE N 77 -61.78 -59.71 -0.88
N ASN N 78 -61.99 -58.50 -0.40
CA ASN N 78 -63.30 -57.85 -0.48
C ASN N 78 -63.59 -57.27 -1.84
N ILE N 79 -62.61 -56.64 -2.47
CA ILE N 79 -62.88 -55.99 -3.75
C ILE N 79 -62.69 -56.94 -4.92
N ALA N 80 -61.81 -57.92 -4.76
CA ALA N 80 -61.51 -58.83 -5.88
C ALA N 80 -62.79 -59.37 -6.57
N PRO N 81 -63.75 -59.91 -5.78
CA PRO N 81 -64.97 -60.49 -6.33
C PRO N 81 -65.92 -59.50 -6.98
N LEU N 82 -65.58 -58.21 -6.94
CA LEU N 82 -66.43 -57.19 -7.52
C LEU N 82 -66.04 -56.81 -8.93
N PHE N 83 -64.78 -57.05 -9.28
CA PHE N 83 -64.22 -56.52 -10.52
C PHE N 83 -65.09 -56.88 -11.72
N GLU N 84 -65.42 -58.16 -11.83
CA GLU N 84 -66.19 -58.63 -13.00
C GLU N 84 -67.52 -57.89 -13.16
N HIS N 85 -68.10 -57.41 -12.07
CA HIS N 85 -69.39 -56.73 -12.18
C HIS N 85 -69.26 -55.26 -12.52
N ALA N 86 -68.04 -54.80 -12.79
CA ALA N 86 -67.83 -53.38 -13.08
C ALA N 86 -67.42 -53.17 -14.53
N ASP N 87 -67.80 -52.02 -15.09
CA ASP N 87 -67.38 -51.64 -16.44
C ASP N 87 -65.90 -51.27 -16.48
N VAL N 88 -65.46 -50.46 -15.52
CA VAL N 88 -64.06 -50.07 -15.44
C VAL N 88 -63.57 -49.96 -14.00
N LEU N 89 -62.31 -50.28 -13.76
CA LEU N 89 -61.73 -50.19 -12.42
C LEU N 89 -60.94 -48.91 -12.27
N MET N 90 -61.02 -48.28 -11.10
CA MET N 90 -60.14 -47.16 -10.86
C MET N 90 -59.32 -47.33 -9.62
N CYS N 91 -58.00 -47.24 -9.76
CA CYS N 91 -57.14 -47.41 -8.60
C CYS N 91 -55.72 -46.91 -8.87
N THR N 92 -54.80 -47.19 -7.96
CA THR N 92 -53.42 -46.73 -8.14
C THR N 92 -52.62 -47.82 -8.82
N ARG N 93 -51.43 -47.43 -9.32
CA ARG N 93 -50.55 -48.37 -9.96
C ARG N 93 -50.00 -49.36 -8.92
N GLY N 94 -49.90 -48.91 -7.66
CA GLY N 94 -49.44 -49.77 -6.57
C GLY N 94 -50.36 -50.96 -6.36
N ILE N 95 -51.64 -50.67 -6.13
CA ILE N 95 -52.65 -51.70 -5.96
C ILE N 95 -52.82 -52.52 -7.24
N LEU N 96 -52.80 -51.83 -8.39
CA LEU N 96 -52.99 -52.50 -9.67
C LEU N 96 -52.00 -53.65 -9.80
N ARG N 97 -50.72 -53.32 -9.67
CA ARG N 97 -49.72 -54.34 -9.85
C ARG N 97 -49.78 -55.42 -8.79
N SER N 98 -50.06 -55.05 -7.56
CA SER N 98 -49.92 -55.98 -6.45
C SER N 98 -51.10 -56.98 -6.28
N VAL N 99 -52.33 -56.50 -6.40
CA VAL N 99 -53.46 -57.34 -6.05
C VAL N 99 -54.60 -57.41 -7.07
N VAL N 100 -54.57 -56.58 -8.10
CA VAL N 100 -55.52 -56.72 -9.19
C VAL N 100 -54.93 -57.68 -10.23
N PRO N 101 -55.54 -58.88 -10.37
CA PRO N 101 -54.98 -59.81 -11.36
C PRO N 101 -55.21 -59.31 -12.79
N PRO N 102 -54.16 -59.31 -13.62
CA PRO N 102 -54.27 -58.87 -15.02
C PRO N 102 -55.37 -59.62 -15.77
N ALA N 103 -55.57 -60.90 -15.42
CA ALA N 103 -56.59 -61.71 -16.10
C ALA N 103 -58.02 -61.18 -15.84
N THR N 104 -58.14 -60.18 -14.97
CA THR N 104 -59.44 -59.58 -14.72
C THR N 104 -60.04 -59.04 -16.01
N ASN N 105 -59.17 -58.80 -16.98
CA ASN N 105 -59.62 -58.32 -18.29
C ASN N 105 -60.67 -57.18 -18.23
N ARG N 106 -60.39 -56.16 -17.43
CA ARG N 106 -61.32 -55.06 -17.24
C ARG N 106 -60.56 -53.76 -17.39
N PRO N 107 -61.12 -52.79 -18.13
CA PRO N 107 -60.42 -51.51 -18.38
C PRO N 107 -60.09 -50.78 -17.09
N VAL N 108 -58.92 -50.15 -17.01
CA VAL N 108 -58.54 -49.39 -15.80
C VAL N 108 -58.33 -47.89 -16.04
N VAL N 109 -58.65 -47.09 -15.03
CA VAL N 109 -58.31 -45.68 -15.04
C VAL N 109 -57.39 -45.47 -13.84
N LEU N 110 -56.16 -45.03 -14.10
CA LEU N 110 -55.15 -44.97 -13.05
C LEU N 110 -55.20 -43.65 -12.31
N ARG N 111 -55.19 -43.73 -10.98
CA ARG N 111 -54.97 -42.54 -10.16
C ARG N 111 -53.57 -42.06 -10.42
N ALA N 112 -53.43 -40.85 -10.96
CA ALA N 112 -52.11 -40.29 -11.30
C ALA N 112 -51.73 -39.05 -10.48
N SER N 113 -52.31 -38.90 -9.29
CA SER N 113 -51.89 -37.79 -8.46
C SER N 113 -51.75 -38.31 -7.02
N GLY N 114 -51.10 -37.51 -6.18
CA GLY N 114 -50.79 -37.94 -4.81
C GLY N 114 -49.76 -37.04 -4.14
N ALA N 115 -49.02 -37.62 -3.18
CA ALA N 115 -48.03 -36.89 -2.37
C ALA N 115 -48.69 -36.01 -1.32
N ASN N 116 -49.98 -36.25 -1.06
CA ASN N 116 -50.71 -35.60 0.03
C ASN N 116 -51.14 -36.65 1.02
N SER N 117 -51.67 -36.26 2.16
CA SER N 117 -52.18 -37.26 3.13
C SER N 117 -53.23 -36.63 4.03
N ILE N 118 -53.96 -37.46 4.79
CA ILE N 118 -54.93 -36.90 5.72
C ILE N 118 -54.25 -36.17 6.88
N LEU N 119 -52.94 -36.27 6.98
CA LEU N 119 -52.25 -35.56 8.06
C LEU N 119 -51.79 -34.18 7.67
N ALA N 120 -52.03 -33.77 6.42
CA ALA N 120 -51.55 -32.46 5.99
C ALA N 120 -52.54 -31.75 5.10
N GLU N 121 -52.09 -30.73 4.37
CA GLU N 121 -52.97 -30.04 3.45
C GLU N 121 -53.49 -30.94 2.31
N LEU N 122 -54.80 -31.17 2.30
CA LEU N 122 -55.37 -32.11 1.36
C LEU N 122 -55.11 -31.76 -0.10
N SER N 123 -55.11 -30.47 -0.45
CA SER N 123 -54.94 -30.04 -1.84
C SER N 123 -53.48 -30.02 -2.31
N ASN N 124 -52.54 -30.52 -1.51
CA ASN N 124 -51.15 -30.47 -1.89
C ASN N 124 -50.69 -31.69 -2.69
N GLU N 125 -51.23 -31.84 -3.89
CA GLU N 125 -50.92 -33.01 -4.74
C GLU N 125 -49.90 -32.77 -5.86
N ALA N 126 -49.11 -33.80 -6.17
CA ALA N 126 -48.20 -33.78 -7.32
C ALA N 126 -48.57 -34.90 -8.29
N VAL N 127 -48.05 -34.87 -9.51
CA VAL N 127 -48.39 -36.00 -10.39
C VAL N 127 -47.71 -37.23 -9.82
N ALA N 128 -48.45 -38.33 -9.76
CA ALA N 128 -47.97 -39.51 -9.03
C ALA N 128 -47.48 -40.67 -9.92
N LEU N 129 -47.60 -40.55 -11.23
CA LEU N 129 -47.04 -41.55 -12.11
C LEU N 129 -46.83 -40.98 -13.49
N SER N 130 -45.74 -41.38 -14.12
CA SER N 130 -45.39 -40.90 -15.45
C SER N 130 -46.26 -41.53 -16.54
N MET N 131 -46.49 -40.78 -17.62
CA MET N 131 -47.35 -41.24 -18.72
C MET N 131 -46.71 -42.51 -19.24
N ASP N 132 -45.39 -42.49 -19.28
CA ASP N 132 -44.59 -43.65 -19.61
C ASP N 132 -45.13 -44.92 -18.97
N ASP N 133 -45.28 -44.91 -17.65
CA ASP N 133 -45.75 -46.08 -16.93
C ASP N 133 -47.27 -46.31 -17.13
N ALA N 134 -48.02 -45.25 -17.41
CA ALA N 134 -49.44 -45.41 -17.63
C ALA N 134 -49.62 -46.26 -18.88
N VAL N 135 -48.83 -45.94 -19.91
CA VAL N 135 -48.83 -46.68 -21.15
C VAL N 135 -48.33 -48.10 -20.89
N ARG N 136 -47.29 -48.22 -20.08
CA ARG N 136 -46.74 -49.54 -19.75
C ARG N 136 -47.83 -50.42 -19.17
N LEU N 137 -48.73 -49.80 -18.40
CA LEU N 137 -49.80 -50.52 -17.70
C LEU N 137 -51.07 -50.69 -18.53
N ASN N 138 -51.01 -50.30 -19.82
CA ASN N 138 -52.18 -50.40 -20.67
C ASN N 138 -53.44 -49.64 -20.13
N SER N 139 -53.27 -48.41 -19.64
CA SER N 139 -54.39 -47.65 -19.11
C SER N 139 -55.38 -47.20 -20.18
N CYS N 140 -56.63 -47.01 -19.77
CA CYS N 140 -57.60 -46.33 -20.61
C CYS N 140 -57.63 -44.84 -20.37
N ALA N 141 -57.29 -44.43 -19.14
CA ALA N 141 -57.13 -43.00 -18.80
C ALA N 141 -56.25 -42.76 -17.55
N VAL N 142 -55.78 -41.53 -17.39
CA VAL N 142 -55.14 -41.11 -16.15
C VAL N 142 -56.03 -40.05 -15.45
N ALA N 143 -56.01 -40.03 -14.12
CA ALA N 143 -56.91 -39.15 -13.37
C ALA N 143 -56.13 -38.39 -12.30
N ALA N 144 -56.44 -37.11 -12.12
CA ALA N 144 -55.80 -36.32 -11.08
C ALA N 144 -56.84 -35.35 -10.51
N GLN N 145 -56.59 -34.84 -9.31
CA GLN N 145 -57.52 -33.96 -8.63
C GLN N 145 -57.25 -32.54 -9.01
N VAL N 146 -58.30 -31.75 -9.16
CA VAL N 146 -58.18 -30.29 -9.25
C VAL N 146 -58.90 -29.70 -8.02
N TYR N 147 -58.22 -28.80 -7.32
CA TYR N 147 -58.74 -28.20 -6.08
C TYR N 147 -59.03 -26.71 -6.21
N ILE N 148 -60.05 -26.35 -6.98
CA ILE N 148 -60.41 -24.95 -7.11
C ILE N 148 -60.82 -24.39 -5.74
N GLY N 149 -60.24 -23.24 -5.40
CA GLY N 149 -60.54 -22.60 -4.13
C GLY N 149 -59.67 -23.05 -2.97
N SER N 150 -58.90 -24.11 -3.14
CA SER N 150 -57.98 -24.55 -2.09
C SER N 150 -56.63 -23.89 -2.18
N GLU N 151 -55.79 -24.14 -1.19
CA GLU N 151 -54.49 -23.49 -1.12
C GLU N 151 -53.59 -23.83 -2.29
N TYR N 152 -53.59 -25.09 -2.70
CA TYR N 152 -52.78 -25.50 -3.83
C TYR N 152 -53.58 -25.62 -5.13
N GLU N 153 -54.51 -24.70 -5.33
CA GLU N 153 -55.28 -24.67 -6.57
C GLU N 153 -54.42 -24.65 -7.85
N HIS N 154 -53.53 -23.67 -7.93
CA HIS N 154 -52.63 -23.46 -9.08
C HIS N 154 -51.93 -24.77 -9.46
N GLN N 155 -51.32 -25.40 -8.47
CA GLN N 155 -50.55 -26.64 -8.72
C GLN N 155 -51.45 -27.76 -9.27
N SER N 156 -52.63 -27.90 -8.67
CA SER N 156 -53.55 -28.96 -9.10
C SER N 156 -53.93 -28.76 -10.56
N ILE N 157 -54.15 -27.50 -10.99
CA ILE N 157 -54.44 -27.26 -12.40
C ILE N 157 -53.26 -27.57 -13.30
N LYS N 158 -52.04 -27.26 -12.84
CA LYS N 158 -50.82 -27.62 -13.59
C LYS N 158 -50.66 -29.12 -13.73
N ASN N 159 -51.07 -29.89 -12.72
CA ASN N 159 -51.11 -31.35 -12.86
C ASN N 159 -51.99 -31.79 -14.01
N ILE N 160 -53.17 -31.19 -14.15
CA ILE N 160 -54.00 -31.46 -15.32
C ILE N 160 -53.31 -31.06 -16.63
N ILE N 161 -52.71 -29.88 -16.63
CA ILE N 161 -52.05 -29.42 -17.84
C ILE N 161 -50.95 -30.38 -18.27
N GLN N 162 -50.24 -30.89 -17.30
CA GLN N 162 -49.14 -31.78 -17.57
C GLN N 162 -49.62 -33.14 -18.06
N LEU N 163 -50.68 -33.66 -17.45
CA LEU N 163 -51.21 -34.94 -17.91
C LEU N 163 -51.75 -34.82 -19.32
N VAL N 164 -52.45 -33.74 -19.63
CA VAL N 164 -53.00 -33.58 -20.98
C VAL N 164 -51.88 -33.46 -22.04
N ASP N 165 -50.89 -32.63 -21.76
CA ASP N 165 -49.76 -32.47 -22.69
C ASP N 165 -49.22 -33.86 -23.01
N ALA N 166 -48.92 -34.62 -21.94
CA ALA N 166 -48.34 -35.95 -22.08
C ALA N 166 -49.28 -36.93 -22.77
N GLY N 167 -50.55 -36.88 -22.41
CA GLY N 167 -51.57 -37.78 -22.96
C GLY N 167 -51.81 -37.60 -24.44
N MET N 168 -51.70 -36.36 -24.92
CA MET N 168 -51.98 -36.09 -26.32
C MET N 168 -50.95 -36.69 -27.27
N LYS N 169 -49.72 -36.88 -26.79
CA LYS N 169 -48.65 -37.48 -27.58
C LYS N 169 -48.94 -38.96 -27.78
N VAL N 170 -49.75 -39.53 -26.89
CA VAL N 170 -49.85 -40.96 -26.78
C VAL N 170 -51.28 -41.48 -26.97
N GLY N 171 -52.24 -40.57 -26.98
CA GLY N 171 -53.65 -40.94 -27.19
C GLY N 171 -54.29 -41.40 -25.90
N MET N 172 -53.74 -40.95 -24.76
CA MET N 172 -54.26 -41.29 -23.45
C MET N 172 -55.13 -40.14 -22.95
N PRO N 173 -56.43 -40.40 -22.71
CA PRO N 173 -57.39 -39.44 -22.12
C PRO N 173 -57.07 -39.09 -20.68
N THR N 174 -57.33 -37.85 -20.29
CA THR N 174 -57.16 -37.46 -18.91
C THR N 174 -58.49 -37.16 -18.22
N MET N 175 -58.69 -37.72 -17.04
CA MET N 175 -59.87 -37.42 -16.23
C MET N 175 -59.54 -36.45 -15.07
N ALA N 176 -60.18 -35.29 -15.07
CA ALA N 176 -60.00 -34.31 -14.00
C ALA N 176 -61.10 -34.48 -12.97
N VAL N 177 -60.69 -34.60 -11.69
CA VAL N 177 -61.65 -34.77 -10.60
C VAL N 177 -61.74 -33.51 -9.72
N THR N 178 -62.96 -33.03 -9.49
CA THR N 178 -63.14 -31.77 -8.74
C THR N 178 -63.16 -32.04 -7.23
N GLY N 179 -62.01 -31.95 -6.58
CA GLY N 179 -61.94 -32.19 -5.15
C GLY N 179 -62.22 -30.93 -4.37
N VAL N 180 -62.84 -31.05 -3.20
CA VAL N 180 -63.32 -29.87 -2.47
C VAL N 180 -62.57 -29.58 -1.18
N VAL N 185 -68.28 -25.27 0.58
CA VAL N 185 -69.69 -25.28 0.20
C VAL N 185 -69.84 -25.80 -1.21
N ARG N 186 -70.71 -26.80 -1.38
CA ARG N 186 -70.80 -27.54 -2.62
C ARG N 186 -72.08 -27.24 -3.36
N ASP N 187 -72.14 -26.09 -4.02
CA ASP N 187 -73.33 -25.73 -4.79
C ASP N 187 -73.09 -25.78 -6.30
N GLN N 188 -74.13 -25.49 -7.07
CA GLN N 188 -74.04 -25.52 -8.52
C GLN N 188 -73.01 -24.54 -9.09
N ARG N 189 -73.05 -23.30 -8.64
CA ARG N 189 -72.14 -22.30 -9.19
C ARG N 189 -70.66 -22.68 -8.99
N TYR N 190 -70.38 -23.34 -7.87
CA TYR N 190 -69.03 -23.79 -7.62
C TYR N 190 -68.57 -24.89 -8.56
N PHE N 191 -69.35 -25.97 -8.64
CA PHE N 191 -68.98 -27.09 -9.50
C PHE N 191 -69.01 -26.72 -10.97
N SER N 192 -69.83 -25.74 -11.34
CA SER N 192 -69.78 -25.24 -12.71
C SER N 192 -68.42 -24.61 -13.01
N LEU N 193 -67.94 -23.80 -12.09
CA LEU N 193 -66.62 -23.24 -12.21
C LEU N 193 -65.56 -24.32 -12.36
N ALA N 194 -65.53 -25.24 -11.41
CA ALA N 194 -64.47 -26.27 -11.35
C ALA N 194 -64.48 -27.18 -12.56
N THR N 195 -65.64 -27.73 -12.88
CA THR N 195 -65.72 -28.61 -14.03
C THR N 195 -65.36 -27.93 -15.36
N ARG N 196 -65.89 -26.72 -15.57
CA ARG N 196 -65.66 -25.99 -16.82
C ARG N 196 -64.19 -25.62 -17.03
N ILE N 197 -63.52 -25.20 -15.96
CA ILE N 197 -62.10 -24.87 -16.06
C ILE N 197 -61.27 -26.09 -16.47
N ALA N 198 -61.54 -27.23 -15.80
CA ALA N 198 -60.81 -28.45 -16.10
C ALA N 198 -61.02 -28.80 -17.56
N ALA N 199 -62.29 -28.77 -18.00
CA ALA N 199 -62.62 -29.18 -19.37
C ALA N 199 -61.87 -28.25 -20.33
N GLU N 200 -61.96 -26.98 -19.99
CA GLU N 200 -61.37 -25.95 -20.77
C GLU N 200 -59.85 -26.23 -20.94
N MET N 201 -59.17 -26.64 -19.87
CA MET N 201 -57.72 -26.91 -19.93
C MET N 201 -57.38 -28.09 -20.82
N GLY N 202 -58.32 -29.02 -20.97
CA GLY N 202 -58.08 -30.15 -21.88
C GLY N 202 -58.53 -31.53 -21.43
N ALA N 203 -58.96 -31.66 -20.19
CA ALA N 203 -59.43 -32.96 -19.71
C ALA N 203 -60.62 -33.46 -20.56
N GLN N 204 -60.58 -34.74 -20.93
CA GLN N 204 -61.64 -35.33 -21.73
C GLN N 204 -62.74 -35.92 -20.86
N ILE N 205 -62.42 -36.26 -19.62
CA ILE N 205 -63.45 -36.74 -18.68
C ILE N 205 -63.45 -35.91 -17.41
N ILE N 206 -64.62 -35.51 -16.95
CA ILE N 206 -64.70 -34.77 -15.71
C ILE N 206 -65.52 -35.54 -14.69
N LYS N 207 -64.99 -35.64 -13.47
CA LYS N 207 -65.73 -36.32 -12.40
C LYS N 207 -65.97 -35.35 -11.26
N THR N 208 -67.24 -35.22 -10.87
CA THR N 208 -67.66 -34.23 -9.90
C THR N 208 -68.70 -34.84 -8.97
N TYR N 209 -69.32 -34.03 -8.11
CA TYR N 209 -70.31 -34.49 -7.18
C TYR N 209 -71.71 -34.09 -7.62
N TYR N 210 -72.69 -34.92 -7.25
CA TYR N 210 -74.08 -34.60 -7.53
C TYR N 210 -74.61 -33.50 -6.59
N VAL N 211 -75.44 -32.61 -7.11
CA VAL N 211 -75.96 -31.55 -6.29
C VAL N 211 -77.50 -31.54 -6.27
N GLU N 212 -78.05 -31.23 -5.09
CA GLU N 212 -79.50 -31.22 -4.87
C GLU N 212 -80.24 -30.45 -5.96
N LYS N 213 -79.73 -29.26 -6.28
CA LYS N 213 -80.34 -28.47 -7.34
C LYS N 213 -79.31 -27.75 -8.21
N GLY N 214 -79.56 -27.75 -9.51
CA GLY N 214 -78.67 -27.08 -10.44
C GLY N 214 -77.78 -28.04 -11.21
N PHE N 215 -77.78 -29.31 -10.84
CA PHE N 215 -76.93 -30.27 -11.52
C PHE N 215 -77.03 -30.23 -13.05
N GLU N 216 -78.25 -30.09 -13.55
CA GLU N 216 -78.47 -30.03 -14.99
C GLU N 216 -77.60 -28.98 -15.67
N ARG N 217 -77.38 -27.88 -14.96
CA ARG N 217 -76.57 -26.77 -15.46
C ARG N 217 -75.09 -27.11 -15.49
N ILE N 218 -74.66 -27.93 -14.53
CA ILE N 218 -73.29 -28.40 -14.52
C ILE N 218 -73.00 -29.23 -15.77
N VAL N 219 -73.84 -30.21 -16.05
CA VAL N 219 -73.73 -31.01 -17.26
C VAL N 219 -73.80 -30.16 -18.55
N ALA N 220 -74.80 -29.29 -18.62
CA ALA N 220 -74.98 -28.51 -19.83
C ALA N 220 -73.79 -27.58 -20.09
N GLY N 221 -73.17 -27.08 -19.02
CA GLY N 221 -72.07 -26.13 -19.18
C GLY N 221 -70.74 -26.80 -19.46
N CYS N 222 -70.73 -28.13 -19.40
CA CYS N 222 -69.49 -28.90 -19.56
C CYS N 222 -69.46 -29.62 -20.92
N PRO N 223 -68.43 -29.36 -21.74
CA PRO N 223 -68.39 -29.86 -23.11
C PRO N 223 -68.02 -31.33 -23.20
N VAL N 224 -67.61 -31.93 -22.10
CA VAL N 224 -67.24 -33.34 -22.16
C VAL N 224 -67.99 -34.15 -21.12
N PRO N 225 -67.93 -35.48 -21.22
CA PRO N 225 -68.66 -36.38 -20.35
C PRO N 225 -68.42 -36.16 -18.85
N ILE N 226 -69.49 -36.21 -18.08
CA ILE N 226 -69.40 -36.06 -16.65
C ILE N 226 -69.75 -37.34 -15.91
N VAL N 227 -68.99 -37.58 -14.86
CA VAL N 227 -69.20 -38.75 -14.05
C VAL N 227 -69.33 -38.29 -12.60
N ILE N 228 -70.26 -38.89 -11.85
CA ILE N 228 -70.42 -38.50 -10.46
C ILE N 228 -69.76 -39.45 -9.48
N ALA N 229 -69.15 -38.88 -8.45
CA ALA N 229 -68.64 -39.67 -7.35
C ALA N 229 -69.78 -40.25 -6.48
N GLY N 230 -69.56 -41.43 -5.91
CA GLY N 230 -70.49 -42.02 -4.97
C GLY N 230 -70.73 -41.18 -3.73
N GLY N 231 -69.67 -40.61 -3.16
CA GLY N 231 -69.78 -39.84 -1.92
C GLY N 231 -69.88 -40.74 -0.70
N LYS N 232 -70.05 -40.15 0.48
CA LYS N 232 -70.09 -40.93 1.72
C LYS N 232 -71.21 -41.94 1.65
N LYS N 233 -71.10 -42.99 2.48
CA LYS N 233 -72.11 -44.07 2.54
C LYS N 233 -73.53 -43.57 2.80
N LEU N 234 -74.47 -44.04 1.99
CA LEU N 234 -75.88 -43.74 2.22
C LEU N 234 -76.68 -45.06 2.28
N PRO N 235 -77.90 -45.00 2.81
CA PRO N 235 -78.78 -46.15 2.64
C PRO N 235 -78.88 -46.51 1.16
N GLU N 236 -78.76 -47.79 0.84
CA GLU N 236 -78.74 -48.26 -0.55
C GLU N 236 -79.83 -47.62 -1.41
N ARG N 237 -81.02 -47.46 -0.86
CA ARG N 237 -82.12 -46.92 -1.65
C ARG N 237 -81.84 -45.48 -2.02
N GLU N 238 -81.23 -44.73 -1.10
CA GLU N 238 -80.95 -43.33 -1.36
C GLU N 238 -79.82 -43.17 -2.36
N ALA N 239 -78.81 -43.99 -2.23
CA ALA N 239 -77.70 -43.99 -3.17
C ALA N 239 -78.21 -44.21 -4.59
N LEU N 240 -79.13 -45.15 -4.78
CA LEU N 240 -79.71 -45.41 -6.11
C LEU N 240 -80.55 -44.23 -6.62
N GLU N 241 -81.26 -43.55 -5.72
CA GLU N 241 -81.97 -42.34 -6.08
C GLU N 241 -81.01 -41.27 -6.63
N MET N 242 -79.87 -41.11 -5.96
CA MET N 242 -78.87 -40.17 -6.41
C MET N 242 -78.45 -40.51 -7.83
N CYS N 243 -78.09 -41.76 -8.05
CA CYS N 243 -77.69 -42.19 -9.38
C CYS N 243 -78.78 -41.88 -10.40
N TRP N 244 -80.03 -42.25 -10.10
CA TRP N 244 -81.10 -42.06 -11.04
C TRP N 244 -81.25 -40.58 -11.40
N GLN N 245 -81.19 -39.73 -10.39
CA GLN N 245 -81.26 -38.28 -10.61
C GLN N 245 -80.12 -37.84 -11.53
N ALA N 246 -78.89 -38.20 -11.15
CA ALA N 246 -77.71 -37.81 -11.90
C ALA N 246 -77.85 -38.18 -13.37
N ILE N 247 -78.08 -39.47 -13.63
CA ILE N 247 -78.27 -39.95 -15.00
C ILE N 247 -79.42 -39.23 -15.70
N ASP N 248 -80.56 -39.16 -15.04
CA ASP N 248 -81.70 -38.45 -15.60
C ASP N 248 -81.36 -37.01 -16.01
N GLN N 249 -80.49 -36.37 -15.25
CA GLN N 249 -80.15 -34.98 -15.55
C GLN N 249 -78.94 -34.84 -16.46
N GLY N 250 -78.43 -35.95 -17.00
CA GLY N 250 -77.41 -35.89 -18.05
C GLY N 250 -76.00 -36.38 -17.74
N ALA N 251 -75.76 -36.91 -16.54
CA ALA N 251 -74.47 -37.51 -16.24
C ALA N 251 -74.16 -38.69 -17.16
N SER N 252 -72.89 -38.95 -17.43
CA SER N 252 -72.51 -40.04 -18.33
C SER N 252 -72.14 -41.31 -17.57
N GLY N 253 -72.42 -41.31 -16.28
CA GLY N 253 -72.14 -42.50 -15.49
C GLY N 253 -71.71 -42.13 -14.09
N VAL N 254 -71.46 -43.15 -13.27
CA VAL N 254 -71.07 -42.92 -11.89
C VAL N 254 -69.75 -43.61 -11.58
N ASP N 255 -69.04 -43.07 -10.59
CA ASP N 255 -67.77 -43.62 -10.12
C ASP N 255 -67.89 -43.97 -8.63
N MET N 256 -68.68 -45.00 -8.35
CA MET N 256 -68.95 -45.50 -6.99
C MET N 256 -67.74 -46.12 -6.29
N GLY N 257 -67.62 -45.84 -4.99
CA GLY N 257 -66.63 -46.50 -4.14
C GLY N 257 -67.31 -47.04 -2.90
N ARG N 258 -67.45 -46.18 -1.89
CA ARG N 258 -68.04 -46.55 -0.58
C ARG N 258 -69.48 -47.10 -0.64
N ASN N 259 -70.35 -46.52 -1.46
CA ASN N 259 -71.73 -47.00 -1.52
C ASN N 259 -71.82 -48.40 -2.10
N ILE N 260 -70.67 -48.94 -2.50
CA ILE N 260 -70.66 -50.28 -3.00
C ILE N 260 -69.87 -51.16 -2.04
N PHE N 261 -68.60 -50.85 -1.89
CA PHE N 261 -67.79 -51.75 -1.07
C PHE N 261 -68.10 -51.68 0.43
N GLN N 262 -68.85 -50.67 0.86
CA GLN N 262 -69.26 -50.58 2.26
C GLN N 262 -70.68 -51.12 2.47
N SER N 263 -71.26 -51.68 1.43
CA SER N 263 -72.59 -52.21 1.53
C SER N 263 -72.49 -53.63 2.04
N ASP N 264 -73.59 -54.14 2.60
CA ASP N 264 -73.62 -55.54 3.06
C ASP N 264 -73.79 -56.48 1.88
N HIS N 265 -74.18 -55.92 0.74
CA HIS N 265 -74.42 -56.70 -0.47
C HIS N 265 -73.85 -55.98 -1.70
N PRO N 266 -72.53 -55.93 -1.80
CA PRO N 266 -71.85 -55.20 -2.85
C PRO N 266 -72.32 -55.63 -4.23
N VAL N 267 -72.20 -56.92 -4.52
CA VAL N 267 -72.55 -57.40 -5.84
C VAL N 267 -73.98 -57.01 -6.23
N ALA N 268 -74.90 -57.21 -5.30
CA ALA N 268 -76.29 -56.85 -5.54
C ALA N 268 -76.39 -55.36 -5.87
N MET N 269 -75.72 -54.52 -5.08
CA MET N 269 -75.74 -53.08 -5.25
C MET N 269 -75.24 -52.66 -6.62
N MET N 270 -74.18 -53.34 -7.07
CA MET N 270 -73.62 -53.04 -8.37
C MET N 270 -74.62 -53.33 -9.47
N LYS N 271 -75.28 -54.49 -9.40
CA LYS N 271 -76.27 -54.86 -10.40
C LYS N 271 -77.40 -53.83 -10.47
N ALA N 272 -77.81 -53.32 -9.31
CA ALA N 272 -78.79 -52.28 -9.25
C ALA N 272 -78.30 -51.05 -9.97
N VAL N 273 -77.11 -50.58 -9.59
CA VAL N 273 -76.50 -49.40 -10.18
C VAL N 273 -76.39 -49.51 -11.70
N GLN N 274 -76.00 -50.69 -12.18
CA GLN N 274 -75.95 -50.98 -13.62
C GLN N 274 -77.34 -50.79 -14.25
N ALA N 275 -78.36 -51.38 -13.61
CA ALA N 275 -79.71 -51.29 -14.10
C ALA N 275 -80.10 -49.82 -14.28
N VAL N 276 -79.78 -49.00 -13.29
CA VAL N 276 -80.13 -47.59 -13.35
C VAL N 276 -79.37 -46.83 -14.43
N VAL N 277 -78.07 -47.11 -14.54
CA VAL N 277 -77.22 -46.35 -15.44
C VAL N 277 -77.39 -46.73 -16.90
N HIS N 278 -77.39 -48.03 -17.20
CA HIS N 278 -77.44 -48.48 -18.59
C HIS N 278 -78.85 -48.72 -19.15
N HIS N 279 -79.80 -49.07 -18.29
CA HIS N 279 -81.09 -49.56 -18.75
C HIS N 279 -82.26 -48.69 -18.33
N ASN N 280 -81.96 -47.48 -17.88
CA ASN N 280 -83.02 -46.55 -17.50
C ASN N 280 -84.00 -47.05 -16.48
N GLU N 281 -83.57 -47.99 -15.63
CA GLU N 281 -84.41 -48.42 -14.52
C GLU N 281 -84.71 -47.26 -13.58
N THR N 282 -85.81 -47.37 -12.84
CA THR N 282 -86.17 -46.38 -11.82
C THR N 282 -85.50 -46.74 -10.50
N ALA N 283 -85.38 -45.76 -9.61
CA ALA N 283 -84.79 -46.01 -8.31
C ALA N 283 -85.46 -47.18 -7.58
N ASP N 284 -86.80 -47.21 -7.58
CA ASP N 284 -87.57 -48.24 -6.87
C ASP N 284 -87.40 -49.63 -7.48
N ARG N 285 -87.68 -49.72 -8.77
CA ARG N 285 -87.48 -50.97 -9.49
C ARG N 285 -86.11 -51.56 -9.23
N ALA N 286 -85.09 -50.71 -9.31
CA ALA N 286 -83.72 -51.10 -9.05
C ALA N 286 -83.54 -51.58 -7.62
N TYR N 287 -84.08 -50.84 -6.66
CA TYR N 287 -84.00 -51.26 -5.26
C TYR N 287 -84.58 -52.65 -5.05
N GLU N 288 -85.61 -53.01 -5.82
CA GLU N 288 -86.19 -54.34 -5.75
C GLU N 288 -85.31 -55.40 -6.40
N LEU N 289 -84.53 -54.99 -7.40
CA LEU N 289 -83.45 -55.82 -7.96
C LEU N 289 -82.40 -56.06 -6.87
N TYR N 290 -82.25 -55.08 -5.99
CA TYR N 290 -81.29 -55.18 -4.90
C TYR N 290 -81.80 -56.08 -3.80
N LEU N 291 -83.12 -56.03 -3.54
CA LEU N 291 -83.75 -56.86 -2.49
C LEU N 291 -83.87 -58.34 -2.86
N SER N 292 -83.83 -58.63 -4.17
CA SER N 292 -83.84 -60.02 -4.62
C SER N 292 -82.46 -60.70 -4.50
N GLU N 293 -81.40 -59.89 -4.42
CA GLU N 293 -80.05 -60.39 -4.07
C GLU N 293 -79.63 -59.89 -2.69
N GLY O 14 -38.40 -25.05 -77.51
CA GLY O 14 -39.76 -24.47 -77.29
C GLY O 14 -40.02 -24.02 -75.86
N LYS O 15 -39.02 -23.38 -75.25
CA LYS O 15 -39.13 -22.90 -73.88
C LYS O 15 -38.95 -21.39 -73.80
N ASP O 16 -39.64 -20.76 -72.87
CA ASP O 16 -39.53 -19.31 -72.69
C ASP O 16 -39.12 -18.95 -71.28
N PHE O 17 -37.84 -18.65 -71.09
CA PHE O 17 -37.31 -18.29 -69.76
C PHE O 17 -37.49 -16.81 -69.44
N ARG O 18 -38.16 -16.10 -70.34
CA ARG O 18 -38.34 -14.66 -70.21
C ARG O 18 -37.12 -13.98 -69.58
N THR O 19 -35.97 -14.08 -70.23
CA THR O 19 -34.73 -13.57 -69.66
C THR O 19 -34.60 -12.06 -69.71
N ASP O 20 -35.55 -11.39 -70.35
CA ASP O 20 -35.53 -9.94 -70.46
C ASP O 20 -36.18 -9.33 -69.23
N GLN O 21 -36.71 -10.17 -68.35
CA GLN O 21 -37.46 -9.69 -67.19
C GLN O 21 -36.99 -10.35 -65.91
N PRO O 22 -36.11 -9.66 -65.17
CA PRO O 22 -35.51 -10.23 -63.98
C PRO O 22 -36.53 -10.49 -62.88
N GLN O 23 -36.30 -11.56 -62.11
CA GLN O 23 -37.15 -11.93 -60.98
C GLN O 23 -37.02 -10.90 -59.85
N LYS O 24 -38.15 -10.52 -59.26
CA LYS O 24 -38.14 -9.57 -58.14
C LYS O 24 -38.92 -10.11 -56.95
N ASN O 25 -38.41 -9.88 -55.73
CA ASN O 25 -39.07 -10.34 -54.51
C ASN O 25 -40.31 -9.52 -54.20
N ILE O 26 -41.42 -10.18 -53.86
CA ILE O 26 -42.58 -9.43 -53.44
C ILE O 26 -42.51 -9.09 -51.96
N PRO O 27 -42.52 -7.81 -51.61
CA PRO O 27 -42.37 -7.42 -50.19
C PRO O 27 -43.53 -7.92 -49.29
N PHE O 28 -43.18 -8.26 -48.04
CA PHE O 28 -44.14 -8.62 -47.02
C PHE O 28 -44.34 -7.40 -46.12
N THR O 29 -45.52 -6.79 -46.19
CA THR O 29 -45.68 -5.48 -45.52
C THR O 29 -46.24 -5.47 -44.09
N LEU O 30 -46.75 -6.60 -43.59
CA LEU O 30 -47.30 -6.65 -42.24
C LEU O 30 -46.33 -6.05 -41.20
N LYS O 31 -46.83 -5.10 -40.43
CA LYS O 31 -45.99 -4.35 -39.50
C LYS O 31 -45.01 -5.22 -38.71
N GLY O 32 -43.72 -5.01 -38.94
CA GLY O 32 -42.73 -5.65 -38.08
C GLY O 32 -42.59 -7.15 -38.25
N CYS O 33 -43.09 -7.68 -39.35
CA CYS O 33 -42.96 -9.11 -39.65
C CYS O 33 -42.27 -9.39 -40.97
N GLY O 34 -41.40 -8.47 -41.37
CA GLY O 34 -40.80 -8.55 -42.69
C GLY O 34 -39.52 -9.34 -42.69
N ALA O 35 -39.19 -9.96 -41.55
CA ALA O 35 -37.93 -10.72 -41.41
C ALA O 35 -38.17 -12.05 -40.69
N LEU O 36 -39.26 -12.71 -41.05
CA LEU O 36 -39.58 -14.01 -40.50
C LEU O 36 -39.55 -15.01 -41.63
N ASP O 37 -39.32 -16.27 -41.28
CA ASP O 37 -39.41 -17.36 -42.21
C ASP O 37 -40.80 -17.55 -42.84
N TRP O 38 -40.83 -18.26 -43.96
CA TRP O 38 -42.02 -18.42 -44.76
C TRP O 38 -43.19 -18.93 -43.92
N GLY O 39 -42.99 -20.04 -43.21
CA GLY O 39 -44.08 -20.66 -42.44
C GLY O 39 -44.71 -19.69 -41.43
N MET O 40 -43.86 -18.95 -40.70
CA MET O 40 -44.40 -18.00 -39.73
C MET O 40 -45.18 -16.91 -40.44
N GLN O 41 -44.65 -16.39 -41.54
CA GLN O 41 -45.32 -15.32 -42.29
C GLN O 41 -46.62 -15.87 -42.83
N SER O 42 -46.62 -17.16 -43.16
CA SER O 42 -47.80 -17.82 -43.66
C SER O 42 -48.85 -17.88 -42.57
N ARG O 43 -48.48 -18.31 -41.36
CA ARG O 43 -49.50 -18.36 -40.28
C ARG O 43 -50.03 -16.95 -40.00
N LEU O 44 -49.14 -15.98 -39.97
CA LEU O 44 -49.57 -14.61 -39.75
C LEU O 44 -50.57 -14.13 -40.81
N SER O 45 -50.38 -14.56 -42.06
CA SER O 45 -51.25 -14.13 -43.15
C SER O 45 -52.63 -14.77 -43.08
N ARG O 46 -52.75 -15.89 -42.36
CA ARG O 46 -54.06 -16.49 -42.09
C ARG O 46 -54.81 -15.66 -41.10
N ILE O 47 -54.10 -14.96 -40.21
CA ILE O 47 -54.70 -14.11 -39.20
C ILE O 47 -55.00 -12.71 -39.74
N PHE O 48 -53.98 -12.05 -40.29
CA PHE O 48 -54.09 -10.71 -40.83
C PHE O 48 -54.24 -10.75 -42.34
N ASN O 49 -55.44 -10.40 -42.79
CA ASN O 49 -55.75 -10.30 -44.20
C ASN O 49 -54.68 -9.52 -44.97
N PRO O 50 -54.01 -10.18 -45.91
CA PRO O 50 -52.88 -9.61 -46.66
C PRO O 50 -53.27 -8.33 -47.36
N LYS O 51 -54.52 -8.24 -47.83
CA LYS O 51 -55.03 -7.02 -48.48
C LYS O 51 -55.11 -5.87 -47.50
N THR O 52 -55.98 -6.00 -46.49
CA THR O 52 -56.17 -4.92 -45.53
C THR O 52 -55.13 -4.83 -44.40
N GLY O 53 -54.46 -5.94 -44.12
CA GLY O 53 -53.48 -5.99 -43.04
C GLY O 53 -54.13 -6.02 -41.66
N LYS O 54 -55.41 -6.35 -41.62
CA LYS O 54 -56.14 -6.31 -40.36
C LYS O 54 -56.85 -7.62 -40.08
N THR O 55 -57.47 -7.74 -38.92
CA THR O 55 -58.15 -8.97 -38.57
C THR O 55 -59.30 -8.72 -37.61
N VAL O 56 -60.40 -9.45 -37.80
CA VAL O 56 -61.50 -9.49 -36.84
C VAL O 56 -61.53 -10.83 -36.13
N MET O 57 -61.17 -10.81 -34.87
CA MET O 57 -60.98 -12.04 -34.11
C MET O 57 -62.14 -12.31 -33.13
N LEU O 58 -62.76 -13.47 -33.24
CA LEU O 58 -63.84 -13.81 -32.32
C LEU O 58 -63.31 -14.56 -31.11
N ALA O 59 -63.31 -13.93 -29.94
CA ALA O 59 -62.70 -14.52 -28.74
C ALA O 59 -63.70 -15.20 -27.81
N PHE O 60 -63.50 -16.47 -27.52
CA PHE O 60 -64.35 -17.13 -26.54
C PHE O 60 -63.55 -18.03 -25.59
N ASP O 61 -62.43 -17.52 -25.10
CA ASP O 61 -61.60 -18.32 -24.21
C ASP O 61 -61.83 -18.01 -22.74
N HIS O 62 -62.72 -17.03 -22.47
CA HIS O 62 -62.96 -16.53 -21.10
C HIS O 62 -63.11 -17.67 -20.06
N GLY O 63 -63.68 -18.80 -20.49
CA GLY O 63 -63.95 -19.88 -19.55
C GLY O 63 -62.72 -20.44 -18.89
N TYR O 64 -61.54 -20.18 -19.47
CA TYR O 64 -60.30 -20.78 -18.96
C TYR O 64 -59.98 -20.50 -17.49
N PHE O 65 -60.47 -19.39 -16.96
CA PHE O 65 -60.31 -19.11 -15.55
C PHE O 65 -61.59 -18.59 -14.91
N GLN O 66 -62.65 -18.49 -15.72
CA GLN O 66 -63.94 -17.97 -15.26
C GLN O 66 -65.07 -19.01 -15.27
N GLY O 67 -64.85 -20.20 -15.82
CA GLY O 67 -65.94 -21.16 -15.90
C GLY O 67 -66.99 -20.67 -16.88
N PRO O 68 -68.25 -21.13 -16.74
CA PRO O 68 -69.31 -20.79 -17.68
C PRO O 68 -69.75 -19.34 -17.54
N THR O 69 -69.02 -18.44 -18.19
CA THR O 69 -69.34 -17.03 -18.16
C THR O 69 -70.60 -16.78 -19.00
N THR O 70 -71.32 -15.70 -18.68
CA THR O 70 -72.57 -15.35 -19.37
C THR O 70 -72.39 -15.21 -20.87
N GLY O 71 -73.19 -15.95 -21.63
CA GLY O 71 -73.10 -15.90 -23.09
C GLY O 71 -72.30 -17.07 -23.66
N LEU O 72 -71.47 -17.66 -22.79
CA LEU O 72 -70.60 -18.80 -23.17
C LEU O 72 -70.98 -20.08 -22.46
N GLU O 73 -72.22 -20.16 -21.97
CA GLU O 73 -72.71 -21.37 -21.34
C GLU O 73 -72.69 -22.48 -22.38
N ARG O 74 -73.22 -22.18 -23.57
CA ARG O 74 -73.30 -23.20 -24.61
C ARG O 74 -72.60 -22.79 -25.91
N ILE O 75 -71.27 -22.93 -25.94
CA ILE O 75 -70.49 -22.54 -27.11
C ILE O 75 -71.07 -23.27 -28.31
N ASP O 76 -71.44 -24.52 -28.09
CA ASP O 76 -71.93 -25.36 -29.17
C ASP O 76 -73.20 -24.85 -29.85
N ILE O 77 -73.97 -24.04 -29.13
CA ILE O 77 -75.25 -23.54 -29.64
C ILE O 77 -75.19 -22.08 -29.98
N ASN O 78 -74.75 -21.27 -29.01
CA ASN O 78 -74.71 -19.83 -29.23
C ASN O 78 -73.55 -19.33 -30.08
N ILE O 79 -72.36 -19.88 -29.87
CA ILE O 79 -71.19 -19.40 -30.59
C ILE O 79 -71.03 -20.12 -31.94
N ALA O 80 -71.47 -21.37 -32.02
CA ALA O 80 -71.25 -22.15 -33.23
C ALA O 80 -71.60 -21.37 -34.50
N PRO O 81 -72.81 -20.78 -34.58
CA PRO O 81 -73.28 -20.07 -35.78
C PRO O 81 -72.53 -18.79 -36.09
N LEU O 82 -71.66 -18.37 -35.18
CA LEU O 82 -70.84 -17.17 -35.39
C LEU O 82 -69.51 -17.43 -36.13
N PHE O 83 -68.99 -18.64 -36.01
CA PHE O 83 -67.65 -18.94 -36.52
C PHE O 83 -67.43 -18.39 -37.93
N GLU O 84 -68.37 -18.73 -38.82
CA GLU O 84 -68.17 -18.44 -40.23
C GLU O 84 -68.02 -16.96 -40.48
N HIS O 85 -68.62 -16.13 -39.64
CA HIS O 85 -68.52 -14.67 -39.84
C HIS O 85 -67.24 -14.08 -39.24
N ALA O 86 -66.36 -14.93 -38.73
CA ALA O 86 -65.13 -14.44 -38.13
C ALA O 86 -63.90 -14.77 -39.00
N ASP O 87 -62.90 -13.89 -38.93
CA ASP O 87 -61.60 -14.11 -39.58
C ASP O 87 -60.80 -15.19 -38.85
N VAL O 88 -60.75 -15.11 -37.53
CA VAL O 88 -60.03 -16.10 -36.76
C VAL O 88 -60.75 -16.38 -35.43
N LEU O 89 -60.64 -17.61 -34.94
CA LEU O 89 -61.24 -18.01 -33.67
C LEU O 89 -60.19 -18.05 -32.58
N MET O 90 -60.55 -17.59 -31.37
CA MET O 90 -59.63 -17.74 -30.26
C MET O 90 -60.28 -18.46 -29.09
N CYS O 91 -59.65 -19.53 -28.65
CA CYS O 91 -60.20 -20.32 -27.56
C CYS O 91 -59.14 -21.30 -27.04
N THR O 92 -59.56 -22.12 -26.07
CA THR O 92 -58.68 -23.12 -25.50
C THR O 92 -58.70 -24.39 -26.31
N ARG O 93 -57.74 -25.26 -26.03
CA ARG O 93 -57.69 -26.56 -26.68
C ARG O 93 -58.81 -27.50 -26.19
N GLY O 94 -59.34 -27.20 -25.01
CA GLY O 94 -60.43 -28.00 -24.47
C GLY O 94 -61.67 -27.82 -25.31
N ILE O 95 -62.06 -26.56 -25.46
CA ILE O 95 -63.24 -26.19 -26.23
C ILE O 95 -63.00 -26.54 -27.70
N LEU O 96 -61.79 -26.29 -28.18
CA LEU O 96 -61.49 -26.53 -29.60
C LEU O 96 -61.84 -27.96 -29.96
N ARG O 97 -61.28 -28.90 -29.21
CA ARG O 97 -61.51 -30.28 -29.54
C ARG O 97 -62.96 -30.69 -29.35
N SER O 98 -63.56 -30.24 -28.24
CA SER O 98 -64.86 -30.76 -27.85
C SER O 98 -66.02 -30.25 -28.70
N VAL O 99 -66.06 -28.95 -28.99
CA VAL O 99 -67.24 -28.37 -29.61
C VAL O 99 -67.01 -27.50 -30.84
N VAL O 100 -65.77 -27.18 -31.15
CA VAL O 100 -65.52 -26.49 -32.42
C VAL O 100 -65.31 -27.53 -33.54
N PRO O 101 -66.24 -27.57 -34.51
CA PRO O 101 -66.03 -28.59 -35.55
C PRO O 101 -64.85 -28.22 -36.44
N PRO O 102 -63.95 -29.18 -36.70
CA PRO O 102 -62.78 -28.96 -37.57
C PRO O 102 -63.21 -28.43 -38.95
N ALA O 103 -64.40 -28.84 -39.39
CA ALA O 103 -64.90 -28.47 -40.71
C ALA O 103 -65.19 -26.98 -40.77
N THR O 104 -65.05 -26.31 -39.63
CA THR O 104 -65.28 -24.88 -39.55
C THR O 104 -64.30 -24.15 -40.49
N ASN O 105 -63.19 -24.80 -40.78
CA ASN O 105 -62.22 -24.24 -41.70
C ASN O 105 -61.87 -22.80 -41.43
N ARG O 106 -61.65 -22.47 -40.17
CA ARG O 106 -61.29 -21.13 -39.77
C ARG O 106 -59.95 -21.13 -38.95
N PRO O 107 -59.06 -20.16 -39.16
CA PRO O 107 -57.78 -20.13 -38.41
C PRO O 107 -58.02 -19.94 -36.92
N VAL O 108 -57.23 -20.61 -36.08
CA VAL O 108 -57.40 -20.49 -34.62
C VAL O 108 -56.16 -19.95 -33.93
N VAL O 109 -56.38 -19.24 -32.83
CA VAL O 109 -55.33 -18.81 -31.97
C VAL O 109 -55.61 -19.44 -30.62
N LEU O 110 -54.74 -20.33 -30.15
CA LEU O 110 -55.00 -21.05 -28.90
C LEU O 110 -54.60 -20.26 -27.68
N ARG O 111 -55.50 -20.20 -26.71
CA ARG O 111 -55.16 -19.76 -25.38
C ARG O 111 -54.14 -20.77 -24.78
N ALA O 112 -52.93 -20.31 -24.41
CA ALA O 112 -51.91 -21.22 -23.94
C ALA O 112 -51.43 -20.85 -22.54
N SER O 113 -52.29 -20.17 -21.79
CA SER O 113 -51.96 -19.94 -20.38
C SER O 113 -53.20 -20.26 -19.51
N GLY O 114 -53.00 -20.33 -18.20
CA GLY O 114 -54.06 -20.73 -17.30
C GLY O 114 -53.52 -21.16 -15.97
N ALA O 115 -54.26 -22.00 -15.26
CA ALA O 115 -53.91 -22.42 -13.89
C ALA O 115 -54.25 -21.34 -12.85
N ASN O 116 -54.97 -20.31 -13.29
CA ASN O 116 -55.55 -19.34 -12.39
C ASN O 116 -57.09 -19.46 -12.34
N SER O 117 -57.75 -18.76 -11.43
CA SER O 117 -59.23 -18.71 -11.40
C SER O 117 -59.74 -17.42 -10.72
N ILE O 118 -61.03 -17.17 -10.85
CA ILE O 118 -61.60 -15.99 -10.21
C ILE O 118 -61.64 -16.13 -8.71
N LEU O 119 -61.31 -17.31 -8.20
CA LEU O 119 -61.29 -17.50 -6.75
C LEU O 119 -59.94 -17.21 -6.12
N ALA O 120 -58.92 -16.93 -6.92
CA ALA O 120 -57.58 -16.70 -6.40
C ALA O 120 -56.85 -15.54 -7.11
N GLU O 121 -55.55 -15.46 -6.94
CA GLU O 121 -54.82 -14.39 -7.55
C GLU O 121 -54.93 -14.50 -9.07
N LEU O 122 -55.45 -13.44 -9.70
CA LEU O 122 -55.67 -13.46 -11.15
C LEU O 122 -54.36 -13.63 -11.96
N SER O 123 -53.28 -13.01 -11.50
CA SER O 123 -52.03 -13.02 -12.26
C SER O 123 -51.20 -14.31 -12.08
N ASN O 124 -51.75 -15.31 -11.41
CA ASN O 124 -50.99 -16.53 -11.18
C ASN O 124 -51.21 -17.55 -12.33
N GLU O 125 -50.64 -17.27 -13.49
CA GLU O 125 -50.79 -18.16 -14.65
C GLU O 125 -49.55 -18.99 -14.99
N ALA O 126 -49.77 -20.19 -15.51
CA ALA O 126 -48.67 -20.99 -16.02
C ALA O 126 -48.93 -21.28 -17.50
N VAL O 127 -47.93 -21.75 -18.22
CA VAL O 127 -48.20 -22.16 -19.59
C VAL O 127 -49.19 -23.35 -19.59
N ALA O 128 -50.26 -23.22 -20.38
CA ALA O 128 -51.36 -24.18 -20.31
C ALA O 128 -51.40 -25.26 -21.39
N LEU O 129 -50.53 -25.16 -22.39
CA LEU O 129 -50.41 -26.22 -23.40
C LEU O 129 -49.04 -26.23 -24.08
N SER O 130 -48.52 -27.41 -24.35
CA SER O 130 -47.20 -27.52 -24.97
C SER O 130 -47.23 -27.11 -26.45
N MET O 131 -46.11 -26.58 -26.93
CA MET O 131 -46.02 -26.19 -28.33
C MET O 131 -46.27 -27.42 -29.19
N ASP O 132 -45.83 -28.56 -28.67
CA ASP O 132 -46.12 -29.85 -29.26
C ASP O 132 -47.61 -29.98 -29.63
N ASP O 133 -48.47 -29.73 -28.63
CA ASP O 133 -49.88 -29.84 -28.88
C ASP O 133 -50.47 -28.71 -29.76
N ALA O 134 -49.85 -27.54 -29.72
CA ALA O 134 -50.29 -26.41 -30.54
C ALA O 134 -50.11 -26.76 -31.98
N VAL O 135 -48.95 -27.32 -32.33
CA VAL O 135 -48.70 -27.79 -33.69
C VAL O 135 -49.66 -28.93 -34.08
N ARG O 136 -49.97 -29.79 -33.12
CA ARG O 136 -50.77 -30.94 -33.42
C ARG O 136 -52.14 -30.42 -33.81
N LEU O 137 -52.54 -29.33 -33.17
CA LEU O 137 -53.85 -28.76 -33.43
C LEU O 137 -53.90 -27.78 -34.62
N ASN O 138 -52.79 -27.68 -35.34
CA ASN O 138 -52.74 -26.77 -36.48
C ASN O 138 -53.00 -25.30 -36.17
N SER O 139 -52.50 -24.79 -35.06
CA SER O 139 -52.73 -23.40 -34.68
C SER O 139 -52.06 -22.42 -35.58
N CYS O 140 -52.61 -21.22 -35.64
CA CYS O 140 -51.93 -20.09 -36.27
C CYS O 140 -51.10 -19.27 -35.29
N ALA O 141 -51.46 -19.33 -34.00
CA ALA O 141 -50.61 -18.74 -32.96
C ALA O 141 -50.94 -19.26 -31.57
N VAL O 142 -50.10 -18.93 -30.60
CA VAL O 142 -50.38 -19.26 -29.22
C VAL O 142 -50.46 -17.95 -28.44
N ALA O 143 -51.33 -17.89 -27.44
CA ALA O 143 -51.52 -16.66 -26.66
C ALA O 143 -51.34 -16.87 -25.17
N ALA O 144 -50.73 -15.91 -24.51
CA ALA O 144 -50.56 -15.97 -23.08
C ALA O 144 -50.64 -14.57 -22.46
N GLN O 145 -51.04 -14.47 -21.18
CA GLN O 145 -51.21 -13.18 -20.52
C GLN O 145 -49.92 -12.72 -19.92
N VAL O 146 -49.69 -11.41 -20.00
CA VAL O 146 -48.60 -10.79 -19.28
C VAL O 146 -49.24 -9.80 -18.29
N TYR O 147 -48.82 -9.86 -17.02
CA TYR O 147 -49.42 -9.07 -15.94
C TYR O 147 -48.46 -8.05 -15.32
N ILE O 148 -48.11 -7.02 -16.08
CA ILE O 148 -47.14 -6.04 -15.59
C ILE O 148 -47.77 -5.35 -14.40
N GLY O 149 -47.01 -5.21 -13.33
CA GLY O 149 -47.51 -4.54 -12.14
C GLY O 149 -48.25 -5.44 -11.17
N SER O 150 -48.56 -6.68 -11.58
CA SER O 150 -49.21 -7.65 -10.68
C SER O 150 -48.21 -8.48 -9.88
N GLU O 151 -48.75 -9.30 -8.98
CA GLU O 151 -47.90 -10.06 -8.09
C GLU O 151 -47.08 -11.05 -8.86
N TYR O 152 -47.70 -11.70 -9.83
CA TYR O 152 -46.95 -12.69 -10.59
C TYR O 152 -46.44 -12.14 -11.92
N GLU O 153 -46.00 -10.89 -11.92
CA GLU O 153 -45.50 -10.28 -13.13
C GLU O 153 -44.35 -11.07 -13.77
N HIS O 154 -43.35 -11.39 -12.96
CA HIS O 154 -42.16 -12.10 -13.42
C HIS O 154 -42.51 -13.40 -14.17
N GLN O 155 -43.32 -14.24 -13.53
CA GLN O 155 -43.75 -15.50 -14.12
C GLN O 155 -44.50 -15.29 -15.44
N SER O 156 -45.42 -14.34 -15.48
CA SER O 156 -46.16 -14.14 -16.71
C SER O 156 -45.20 -13.79 -17.85
N ILE O 157 -44.13 -13.04 -17.57
CA ILE O 157 -43.21 -12.69 -18.64
C ILE O 157 -42.43 -13.93 -19.07
N LYS O 158 -42.06 -14.76 -18.10
CA LYS O 158 -41.37 -16.00 -18.42
C LYS O 158 -42.24 -16.90 -19.29
N ASN O 159 -43.55 -16.85 -19.08
CA ASN O 159 -44.47 -17.58 -19.95
C ASN O 159 -44.32 -17.14 -21.40
N ILE O 160 -44.31 -15.82 -21.64
CA ILE O 160 -44.00 -15.34 -22.99
C ILE O 160 -42.61 -15.83 -23.52
N ILE O 161 -41.57 -15.69 -22.69
CA ILE O 161 -40.25 -16.11 -23.11
C ILE O 161 -40.28 -17.56 -23.55
N GLN O 162 -41.01 -18.39 -22.79
CA GLN O 162 -41.07 -19.82 -23.05
C GLN O 162 -41.80 -20.15 -24.34
N LEU O 163 -42.93 -19.49 -24.58
CA LEU O 163 -43.66 -19.70 -25.81
C LEU O 163 -42.87 -19.23 -27.03
N VAL O 164 -42.15 -18.10 -26.93
CA VAL O 164 -41.38 -17.61 -28.08
C VAL O 164 -40.22 -18.56 -28.38
N ASP O 165 -39.48 -18.95 -27.36
CA ASP O 165 -38.41 -19.94 -27.56
C ASP O 165 -38.93 -21.17 -28.31
N ALA O 166 -40.04 -21.70 -27.83
CA ALA O 166 -40.64 -22.86 -28.44
C ALA O 166 -41.21 -22.60 -29.83
N GLY O 167 -41.85 -21.45 -30.00
CA GLY O 167 -42.46 -21.09 -31.26
C GLY O 167 -41.45 -20.91 -32.36
N MET O 168 -40.28 -20.39 -32.03
CA MET O 168 -39.28 -20.09 -33.05
C MET O 168 -38.71 -21.36 -33.71
N LYS O 169 -38.76 -22.49 -32.99
CA LYS O 169 -38.25 -23.74 -33.53
C LYS O 169 -39.22 -24.25 -34.62
N VAL O 170 -40.45 -23.76 -34.57
CA VAL O 170 -41.54 -24.39 -35.26
C VAL O 170 -42.27 -23.45 -36.22
N GLY O 171 -41.99 -22.15 -36.10
CA GLY O 171 -42.62 -21.17 -36.97
C GLY O 171 -44.00 -20.77 -36.46
N MET O 172 -44.22 -20.95 -35.15
CA MET O 172 -45.47 -20.55 -34.49
C MET O 172 -45.32 -19.21 -33.79
N PRO O 173 -46.07 -18.20 -34.25
CA PRO O 173 -46.11 -16.88 -33.66
C PRO O 173 -46.73 -16.92 -32.26
N THR O 174 -46.28 -16.01 -31.38
CA THR O 174 -46.82 -15.90 -30.05
C THR O 174 -47.53 -14.56 -29.89
N MET O 175 -48.71 -14.58 -29.27
CA MET O 175 -49.46 -13.34 -28.98
C MET O 175 -49.48 -13.08 -27.50
N ALA O 176 -48.96 -11.93 -27.11
CA ALA O 176 -48.87 -11.52 -25.71
C ALA O 176 -50.04 -10.63 -25.40
N VAL O 177 -50.81 -10.96 -24.35
CA VAL O 177 -51.99 -10.16 -23.99
C VAL O 177 -51.76 -9.39 -22.69
N THR O 178 -52.02 -8.07 -22.71
CA THR O 178 -51.71 -7.27 -21.54
C THR O 178 -52.88 -7.30 -20.57
N GLY O 179 -52.82 -8.18 -19.56
CA GLY O 179 -53.90 -8.30 -18.59
C GLY O 179 -53.66 -7.39 -17.41
N VAL O 180 -54.74 -6.83 -16.84
CA VAL O 180 -54.58 -5.79 -15.81
C VAL O 180 -54.94 -6.17 -14.38
N VAL O 185 -55.13 1.01 -12.80
CA VAL O 185 -55.36 2.19 -13.64
C VAL O 185 -54.85 1.99 -15.07
N ARG O 186 -55.74 2.20 -16.02
CA ARG O 186 -55.46 1.84 -17.39
C ARG O 186 -55.22 3.05 -18.25
N ASP O 187 -54.04 3.64 -18.16
CA ASP O 187 -53.69 4.78 -19.01
C ASP O 187 -52.69 4.45 -20.12
N GLN O 188 -52.36 5.44 -20.93
CA GLN O 188 -51.43 5.25 -22.02
C GLN O 188 -50.05 4.86 -21.51
N ARG O 189 -49.54 5.55 -20.50
CA ARG O 189 -48.16 5.27 -20.08
C ARG O 189 -48.01 3.82 -19.61
N TYR O 190 -49.09 3.30 -19.02
CA TYR O 190 -49.08 1.93 -18.54
C TYR O 190 -49.01 0.94 -19.69
N PHE O 191 -49.98 1.02 -20.58
CA PHE O 191 -50.04 0.08 -21.67
C PHE O 191 -48.86 0.20 -22.62
N SER O 192 -48.28 1.39 -22.72
CA SER O 192 -47.04 1.51 -23.46
C SER O 192 -45.95 0.61 -22.84
N LEU O 193 -45.82 0.68 -21.53
CA LEU O 193 -44.88 -0.16 -20.81
C LEU O 193 -45.14 -1.63 -21.06
N ALA O 194 -46.40 -2.05 -20.88
CA ALA O 194 -46.79 -3.48 -21.02
C ALA O 194 -46.60 -4.00 -22.43
N THR O 195 -47.09 -3.26 -23.41
CA THR O 195 -47.02 -3.74 -24.79
C THR O 195 -45.59 -3.75 -25.31
N ARG O 196 -44.79 -2.74 -24.92
CA ARG O 196 -43.41 -2.63 -25.44
C ARG O 196 -42.49 -3.73 -24.87
N ILE O 197 -42.59 -3.99 -23.56
CA ILE O 197 -41.87 -5.10 -22.97
C ILE O 197 -42.18 -6.44 -23.66
N ALA O 198 -43.46 -6.76 -23.80
CA ALA O 198 -43.82 -8.01 -24.43
C ALA O 198 -43.23 -8.10 -25.83
N ALA O 199 -43.31 -6.99 -26.59
CA ALA O 199 -42.84 -7.02 -27.99
C ALA O 199 -41.34 -7.22 -27.97
N GLU O 200 -40.73 -6.55 -26.99
CA GLU O 200 -39.31 -6.56 -26.83
C GLU O 200 -38.83 -7.98 -26.53
N MET O 201 -39.62 -8.75 -25.78
CA MET O 201 -39.25 -10.13 -25.45
C MET O 201 -39.39 -11.07 -26.64
N GLY O 202 -40.20 -10.69 -27.63
CA GLY O 202 -40.29 -11.47 -28.84
C GLY O 202 -41.67 -11.82 -29.35
N ALA O 203 -42.71 -11.48 -28.60
CA ALA O 203 -44.04 -11.73 -29.07
C ALA O 203 -44.26 -11.03 -30.42
N GLN O 204 -44.91 -11.72 -31.38
CA GLN O 204 -45.16 -11.15 -32.71
C GLN O 204 -46.49 -10.43 -32.79
N ILE O 205 -47.40 -10.74 -31.89
CA ILE O 205 -48.66 -10.02 -31.89
C ILE O 205 -48.95 -9.58 -30.48
N ILE O 206 -49.44 -8.36 -30.32
CA ILE O 206 -49.75 -7.85 -29.00
C ILE O 206 -51.23 -7.47 -28.93
N LYS O 207 -51.89 -7.92 -27.87
CA LYS O 207 -53.29 -7.54 -27.67
C LYS O 207 -53.49 -6.78 -26.36
N THR O 208 -54.07 -5.59 -26.46
CA THR O 208 -54.19 -4.66 -25.35
C THR O 208 -55.58 -4.00 -25.38
N TYR O 209 -55.78 -3.01 -24.51
CA TYR O 209 -57.07 -2.34 -24.41
C TYR O 209 -57.00 -0.98 -25.05
N TYR O 210 -58.13 -0.50 -25.54
CA TYR O 210 -58.17 0.82 -26.14
C TYR O 210 -58.22 1.87 -25.04
N VAL O 211 -57.62 3.02 -25.27
CA VAL O 211 -57.62 4.03 -24.23
C VAL O 211 -58.17 5.33 -24.77
N GLU O 212 -58.89 6.05 -23.90
CA GLU O 212 -59.53 7.32 -24.26
C GLU O 212 -58.57 8.30 -24.92
N LYS O 213 -57.39 8.46 -24.33
CA LYS O 213 -56.41 9.32 -24.96
C LYS O 213 -55.00 8.76 -24.85
N GLY O 214 -54.26 8.87 -25.96
CA GLY O 214 -52.89 8.42 -26.02
C GLY O 214 -52.70 7.14 -26.81
N PHE O 215 -53.80 6.49 -27.18
CA PHE O 215 -53.70 5.21 -27.87
C PHE O 215 -52.72 5.22 -29.05
N GLU O 216 -52.71 6.32 -29.79
CA GLU O 216 -51.84 6.44 -30.95
C GLU O 216 -50.40 6.18 -30.57
N ARG O 217 -50.04 6.58 -29.35
CA ARG O 217 -48.67 6.44 -28.85
C ARG O 217 -48.35 4.98 -28.53
N ILE O 218 -49.37 4.26 -28.08
CA ILE O 218 -49.23 2.85 -27.81
C ILE O 218 -48.90 2.10 -29.09
N VAL O 219 -49.65 2.35 -30.15
CA VAL O 219 -49.35 1.75 -31.45
C VAL O 219 -47.97 2.17 -31.98
N ALA O 220 -47.72 3.47 -31.96
CA ALA O 220 -46.47 3.96 -32.50
C ALA O 220 -45.25 3.39 -31.78
N GLY O 221 -45.34 3.20 -30.47
CA GLY O 221 -44.21 2.66 -29.72
C GLY O 221 -44.04 1.13 -29.79
N CYS O 222 -45.01 0.45 -30.38
CA CYS O 222 -44.96 -1.00 -30.48
C CYS O 222 -44.55 -1.44 -31.90
N PRO O 223 -43.44 -2.19 -32.03
CA PRO O 223 -42.89 -2.55 -33.32
C PRO O 223 -43.67 -3.62 -34.06
N VAL O 224 -44.70 -4.22 -33.43
CA VAL O 224 -45.45 -5.29 -34.07
C VAL O 224 -46.94 -5.00 -34.00
N PRO O 225 -47.75 -5.77 -34.73
CA PRO O 225 -49.22 -5.56 -34.82
C PRO O 225 -49.96 -5.52 -33.48
N ILE O 226 -50.82 -4.53 -33.28
CA ILE O 226 -51.64 -4.47 -32.09
C ILE O 226 -53.11 -4.77 -32.35
N VAL O 227 -53.71 -5.47 -31.40
CA VAL O 227 -55.10 -5.85 -31.52
C VAL O 227 -55.77 -5.45 -30.21
N ILE O 228 -56.98 -4.90 -30.29
CA ILE O 228 -57.67 -4.46 -29.07
C ILE O 228 -58.72 -5.44 -28.59
N ALA O 229 -58.79 -5.61 -27.29
CA ALA O 229 -59.83 -6.41 -26.68
C ALA O 229 -61.18 -5.67 -26.71
N GLY O 230 -62.27 -6.44 -26.83
CA GLY O 230 -63.62 -5.90 -26.81
C GLY O 230 -63.91 -5.17 -25.51
N GLY O 231 -63.52 -5.75 -24.37
CA GLY O 231 -63.85 -5.17 -23.08
C GLY O 231 -65.30 -5.46 -22.70
N LYS O 232 -65.72 -4.94 -21.55
CA LYS O 232 -67.05 -5.25 -21.03
C LYS O 232 -68.10 -4.80 -22.02
N LYS O 233 -69.30 -5.39 -21.93
CA LYS O 233 -70.42 -5.09 -22.82
C LYS O 233 -70.76 -3.60 -22.84
N LEU O 234 -70.90 -3.06 -24.05
CA LEU O 234 -71.32 -1.69 -24.26
C LEU O 234 -72.52 -1.68 -25.20
N PRO O 235 -73.23 -0.54 -25.24
CA PRO O 235 -74.21 -0.40 -26.31
C PRO O 235 -73.51 -0.59 -27.66
N GLU O 236 -74.16 -1.35 -28.54
CA GLU O 236 -73.60 -1.67 -29.84
C GLU O 236 -73.00 -0.45 -30.55
N ARG O 237 -73.70 0.67 -30.52
CA ARG O 237 -73.19 1.86 -31.19
C ARG O 237 -71.85 2.31 -30.58
N GLU O 238 -71.72 2.21 -29.27
CA GLU O 238 -70.50 2.69 -28.60
C GLU O 238 -69.35 1.75 -28.87
N ALA O 239 -69.64 0.46 -28.87
CA ALA O 239 -68.63 -0.57 -29.19
C ALA O 239 -68.06 -0.31 -30.58
N LEU O 240 -68.91 0.00 -31.55
CA LEU O 240 -68.43 0.29 -32.89
C LEU O 240 -67.61 1.58 -32.93
N GLU O 241 -67.95 2.56 -32.11
CA GLU O 241 -67.14 3.77 -32.02
C GLU O 241 -65.73 3.47 -31.53
N MET O 242 -65.64 2.62 -30.53
CA MET O 242 -64.36 2.17 -29.99
C MET O 242 -63.53 1.50 -31.08
N CYS O 243 -64.13 0.60 -31.82
CA CYS O 243 -63.41 -0.02 -32.94
C CYS O 243 -62.93 1.02 -33.94
N TRP O 244 -63.81 1.91 -34.35
CA TRP O 244 -63.45 2.90 -35.34
C TRP O 244 -62.27 3.73 -34.86
N GLN O 245 -62.31 4.17 -33.62
CA GLN O 245 -61.21 4.93 -33.04
C GLN O 245 -59.91 4.14 -33.11
N ALA O 246 -59.97 2.90 -32.63
CA ALA O 246 -58.79 2.06 -32.53
C ALA O 246 -58.16 1.89 -33.89
N ILE O 247 -58.97 1.45 -34.85
CA ILE O 247 -58.49 1.28 -36.21
C ILE O 247 -57.93 2.59 -36.77
N ASP O 248 -58.70 3.65 -36.65
CA ASP O 248 -58.28 4.93 -37.14
C ASP O 248 -56.94 5.36 -36.55
N GLN O 249 -56.68 4.98 -35.31
CA GLN O 249 -55.42 5.36 -34.67
C GLN O 249 -54.31 4.33 -34.81
N GLY O 250 -54.54 3.29 -35.62
CA GLY O 250 -53.46 2.39 -36.05
C GLY O 250 -53.49 0.93 -35.58
N ALA O 251 -54.57 0.53 -34.92
CA ALA O 251 -54.68 -0.85 -34.49
C ALA O 251 -54.77 -1.75 -35.71
N SER O 252 -54.30 -2.98 -35.57
CA SER O 252 -54.33 -3.92 -36.67
C SER O 252 -55.56 -4.86 -36.63
N GLY O 253 -56.50 -4.57 -35.74
CA GLY O 253 -57.72 -5.36 -35.69
C GLY O 253 -58.27 -5.42 -34.28
N VAL O 254 -59.40 -6.10 -34.12
CA VAL O 254 -59.98 -6.24 -32.80
C VAL O 254 -60.17 -7.70 -32.42
N ASP O 255 -60.20 -7.96 -31.12
CA ASP O 255 -60.41 -9.30 -30.58
C ASP O 255 -61.65 -9.26 -29.69
N MET O 256 -62.83 -9.15 -30.31
CA MET O 256 -64.11 -9.07 -29.61
C MET O 256 -64.56 -10.39 -29.01
N GLY O 257 -65.16 -10.31 -27.83
CA GLY O 257 -65.85 -11.43 -27.22
C GLY O 257 -67.24 -10.98 -26.78
N ARG O 258 -67.32 -10.35 -25.62
CA ARG O 258 -68.61 -9.98 -25.04
C ARG O 258 -69.48 -9.07 -25.92
N ASN O 259 -68.86 -8.08 -26.55
CA ASN O 259 -69.64 -7.13 -27.32
C ASN O 259 -70.25 -7.77 -28.53
N ILE O 260 -69.95 -9.05 -28.72
CA ILE O 260 -70.54 -9.80 -29.83
C ILE O 260 -71.47 -10.85 -29.29
N PHE O 261 -70.94 -11.78 -28.51
CA PHE O 261 -71.76 -12.88 -28.07
C PHE O 261 -72.79 -12.49 -27.00
N GLN O 262 -72.66 -11.30 -26.42
CA GLN O 262 -73.66 -10.83 -25.46
C GLN O 262 -74.60 -9.84 -26.10
N SER O 263 -74.53 -9.71 -27.41
CA SER O 263 -75.45 -8.83 -28.13
C SER O 263 -76.74 -9.60 -28.47
N ASP O 264 -77.82 -8.87 -28.71
CA ASP O 264 -79.07 -9.50 -29.13
C ASP O 264 -79.01 -9.89 -30.59
N HIS O 265 -78.01 -9.35 -31.29
CA HIS O 265 -77.83 -9.62 -32.72
C HIS O 265 -76.36 -9.84 -33.05
N PRO O 266 -75.79 -10.95 -32.55
CA PRO O 266 -74.39 -11.25 -32.73
C PRO O 266 -73.93 -11.13 -34.20
N VAL O 267 -74.58 -11.89 -35.09
CA VAL O 267 -74.18 -11.93 -36.50
C VAL O 267 -74.17 -10.53 -37.11
N ALA O 268 -75.22 -9.77 -36.83
CA ALA O 268 -75.30 -8.39 -37.30
C ALA O 268 -74.12 -7.57 -36.79
N MET O 269 -73.87 -7.66 -35.49
CA MET O 269 -72.78 -6.92 -34.88
C MET O 269 -71.44 -7.24 -35.55
N MET O 270 -71.20 -8.52 -35.83
CA MET O 270 -69.96 -8.93 -36.46
C MET O 270 -69.82 -8.30 -37.82
N LYS O 271 -70.89 -8.32 -38.61
CA LYS O 271 -70.86 -7.73 -39.96
C LYS O 271 -70.52 -6.25 -39.90
N ALA O 272 -71.02 -5.58 -38.86
CA ALA O 272 -70.71 -4.18 -38.60
C ALA O 272 -69.21 -4.04 -38.29
N VAL O 273 -68.75 -4.82 -37.33
CA VAL O 273 -67.36 -4.77 -36.94
C VAL O 273 -66.44 -5.01 -38.14
N GLN O 274 -66.84 -5.91 -39.03
CA GLN O 274 -66.05 -6.21 -40.22
C GLN O 274 -66.00 -4.97 -41.09
N ALA O 275 -67.15 -4.34 -41.28
CA ALA O 275 -67.24 -3.15 -42.11
C ALA O 275 -66.27 -2.08 -41.62
N VAL O 276 -66.22 -1.89 -40.30
CA VAL O 276 -65.37 -0.87 -39.73
C VAL O 276 -63.88 -1.19 -39.86
N VAL O 277 -63.54 -2.47 -39.64
CA VAL O 277 -62.15 -2.91 -39.59
C VAL O 277 -61.52 -3.06 -40.96
N HIS O 278 -62.22 -3.74 -41.87
CA HIS O 278 -61.66 -3.99 -43.20
C HIS O 278 -61.97 -2.93 -44.25
N HIS O 279 -63.10 -2.23 -44.14
CA HIS O 279 -63.55 -1.38 -45.23
C HIS O 279 -63.63 0.11 -44.88
N ASN O 280 -63.02 0.48 -43.76
CA ASN O 280 -63.00 1.88 -43.37
C ASN O 280 -64.34 2.52 -43.21
N GLU O 281 -65.37 1.72 -42.94
CA GLU O 281 -66.66 2.29 -42.63
C GLU O 281 -66.57 3.21 -41.41
N THR O 282 -67.56 4.09 -41.30
CA THR O 282 -67.69 4.99 -40.15
C THR O 282 -68.52 4.33 -39.06
N ALA O 283 -68.38 4.79 -37.83
CA ALA O 283 -69.18 4.24 -36.74
C ALA O 283 -70.71 4.27 -37.05
N ASP O 284 -71.20 5.40 -37.58
CA ASP O 284 -72.61 5.59 -37.88
C ASP O 284 -73.09 4.70 -39.01
N ARG O 285 -72.41 4.80 -40.14
CA ARG O 285 -72.76 3.98 -41.31
C ARG O 285 -72.85 2.53 -40.90
N ALA O 286 -71.86 2.08 -40.13
CA ALA O 286 -71.78 0.72 -39.65
C ALA O 286 -72.97 0.39 -38.76
N TYR O 287 -73.29 1.29 -37.85
CA TYR O 287 -74.43 1.09 -36.96
C TYR O 287 -75.73 0.89 -37.76
N GLU O 288 -75.83 1.55 -38.90
CA GLU O 288 -76.98 1.38 -39.79
C GLU O 288 -76.95 0.03 -40.51
N LEU O 289 -75.76 -0.48 -40.81
CA LEU O 289 -75.59 -1.87 -41.26
C LEU O 289 -76.13 -2.82 -40.20
N TYR O 290 -75.98 -2.41 -38.94
CA TYR O 290 -76.40 -3.21 -37.81
C TYR O 290 -77.91 -3.16 -37.61
N LEU O 291 -78.50 -2.00 -37.88
CA LEU O 291 -79.94 -1.82 -37.75
C LEU O 291 -80.73 -2.49 -38.87
N SER O 292 -80.09 -2.71 -40.01
CA SER O 292 -80.72 -3.44 -41.11
C SER O 292 -80.78 -4.97 -40.86
N GLU O 293 -79.90 -5.47 -39.98
CA GLU O 293 -79.99 -6.85 -39.51
C GLU O 293 -80.42 -6.87 -38.04
N GLY P 14 -98.45 18.88 54.32
CA GLY P 14 -98.68 19.36 52.93
C GLY P 14 -97.89 18.57 51.90
N LYS P 15 -97.85 17.25 52.07
CA LYS P 15 -97.14 16.38 51.14
C LYS P 15 -98.09 15.39 50.49
N ASP P 16 -97.80 15.03 49.23
CA ASP P 16 -98.60 14.04 48.50
C ASP P 16 -97.77 12.85 48.02
N PHE P 17 -97.84 11.72 48.72
CA PHE P 17 -97.08 10.53 48.39
C PHE P 17 -97.81 9.66 47.39
N ARG P 18 -98.96 10.15 46.93
CA ARG P 18 -99.82 9.39 46.03
C ARG P 18 -99.79 7.90 46.30
N THR P 19 -100.20 7.50 47.51
CA THR P 19 -100.11 6.10 47.94
C THR P 19 -101.19 5.22 47.33
N ASP P 20 -102.08 5.80 46.55
CA ASP P 20 -103.11 5.02 45.88
C ASP P 20 -102.59 4.47 44.56
N GLN P 21 -101.36 4.84 44.19
CA GLN P 21 -100.82 4.50 42.88
C GLN P 21 -99.43 3.93 42.95
N PRO P 22 -99.32 2.60 42.95
CA PRO P 22 -98.04 1.95 43.20
C PRO P 22 -97.05 2.23 42.07
N GLN P 23 -95.77 2.24 42.43
CA GLN P 23 -94.68 2.50 41.51
C GLN P 23 -94.49 1.28 40.60
N LYS P 24 -94.32 1.52 39.30
CA LYS P 24 -94.11 0.42 38.35
C LYS P 24 -92.89 0.66 37.49
N ASN P 25 -92.11 -0.41 37.24
CA ASN P 25 -90.90 -0.29 36.45
C ASN P 25 -91.20 -0.09 34.97
N ILE P 26 -90.51 0.85 34.33
CA ILE P 26 -90.65 1.00 32.88
C ILE P 26 -89.75 0.02 32.10
N PRO P 27 -90.36 -0.85 31.26
CA PRO P 27 -89.57 -1.89 30.60
C PRO P 27 -88.58 -1.33 29.59
N PHE P 28 -87.42 -1.97 29.48
CA PHE P 28 -86.42 -1.65 28.48
C PHE P 28 -86.55 -2.65 27.32
N THR P 29 -86.97 -2.18 26.16
CA THR P 29 -87.38 -3.10 25.09
C THR P 29 -86.32 -3.41 24.05
N LEU P 30 -85.18 -2.75 24.07
CA LEU P 30 -84.16 -2.98 23.04
C LEU P 30 -83.81 -4.46 23.01
N LYS P 31 -83.87 -5.06 21.82
CA LYS P 31 -83.62 -6.50 21.66
C LYS P 31 -82.44 -7.07 22.48
N GLY P 32 -82.74 -8.02 23.36
CA GLY P 32 -81.70 -8.68 24.13
C GLY P 32 -80.86 -7.79 25.03
N CYS P 33 -81.36 -6.62 25.42
CA CYS P 33 -80.60 -5.77 26.36
C CYS P 33 -81.41 -5.41 27.58
N GLY P 34 -82.34 -6.28 27.94
CA GLY P 34 -83.23 -5.97 29.07
C GLY P 34 -82.69 -6.40 30.41
N ALA P 35 -81.41 -6.81 30.46
CA ALA P 35 -80.83 -7.32 31.67
C ALA P 35 -79.44 -6.78 31.86
N LEU P 36 -79.26 -5.49 31.56
CA LEU P 36 -77.96 -4.84 31.70
C LEU P 36 -78.10 -3.72 32.71
N ASP P 37 -76.98 -3.29 33.25
CA ASP P 37 -76.97 -2.19 34.19
C ASP P 37 -77.41 -0.86 33.56
N TRP P 38 -77.79 0.10 34.41
CA TRP P 38 -78.28 1.39 33.92
C TRP P 38 -77.31 2.06 32.92
N GLY P 39 -76.06 2.24 33.33
CA GLY P 39 -75.07 2.89 32.48
C GLY P 39 -74.94 2.27 31.10
N MET P 40 -74.92 0.93 31.04
CA MET P 40 -74.77 0.29 29.76
C MET P 40 -76.04 0.49 28.92
N GLN P 41 -77.20 0.41 29.56
CA GLN P 41 -78.43 0.63 28.83
C GLN P 41 -78.45 2.05 28.34
N SER P 42 -77.78 2.91 29.10
CA SER P 42 -77.74 4.32 28.79
C SER P 42 -76.96 4.56 27.51
N ARG P 43 -75.76 3.99 27.48
CA ARG P 43 -74.94 4.15 26.29
C ARG P 43 -75.65 3.58 25.07
N LEU P 44 -76.26 2.42 25.22
CA LEU P 44 -77.00 1.82 24.10
C LEU P 44 -78.13 2.72 23.60
N SER P 45 -78.76 3.45 24.52
CA SER P 45 -79.89 4.31 24.17
C SER P 45 -79.41 5.53 23.41
N ARG P 46 -78.14 5.87 23.57
CA ARG P 46 -77.54 6.95 22.79
C ARG P 46 -77.37 6.48 21.37
N ILE P 47 -77.21 5.17 21.19
CA ILE P 47 -76.98 4.60 19.85
C ILE P 47 -78.29 4.24 19.18
N PHE P 48 -79.13 3.50 19.90
CA PHE P 48 -80.43 3.12 19.34
C PHE P 48 -81.56 3.98 19.90
N ASN P 49 -82.09 4.86 19.06
CA ASN P 49 -83.23 5.69 19.39
C ASN P 49 -84.33 4.92 20.14
N PRO P 50 -84.59 5.32 21.39
CA PRO P 50 -85.52 4.59 22.25
C PRO P 50 -86.91 4.45 21.65
N LYS P 51 -87.32 5.45 20.87
CA LYS P 51 -88.63 5.41 20.19
C LYS P 51 -88.67 4.34 19.10
N THR P 52 -87.81 4.47 18.09
CA THR P 52 -87.83 3.55 16.98
C THR P 52 -87.03 2.28 17.22
N GLY P 53 -86.08 2.33 18.14
CA GLY P 53 -85.23 1.15 18.43
C GLY P 53 -84.18 0.87 17.36
N LYS P 54 -83.92 1.87 16.52
CA LYS P 54 -82.98 1.74 15.40
C LYS P 54 -81.91 2.85 15.42
N THR P 55 -80.97 2.78 14.48
CA THR P 55 -79.90 3.74 14.43
C THR P 55 -79.41 3.92 13.00
N VAL P 56 -79.10 5.16 12.64
CA VAL P 56 -78.32 5.44 11.43
C VAL P 56 -76.88 5.86 11.80
N MET P 57 -75.92 4.97 11.49
CA MET P 57 -74.57 5.14 11.92
C MET P 57 -73.66 5.52 10.76
N LEU P 58 -72.96 6.65 10.90
CA LEU P 58 -72.05 7.15 9.86
C LEU P 58 -70.63 6.64 10.06
N ALA P 59 -70.18 5.73 9.19
CA ALA P 59 -68.91 5.03 9.37
C ALA P 59 -67.78 5.64 8.54
N PHE P 60 -66.71 6.07 9.20
CA PHE P 60 -65.52 6.51 8.47
C PHE P 60 -64.23 6.02 9.11
N ASP P 61 -64.15 4.73 9.45
CA ASP P 61 -62.96 4.20 10.11
C ASP P 61 -62.06 3.46 9.13
N HIS P 62 -62.49 3.38 7.87
CA HIS P 62 -61.81 2.58 6.86
C HIS P 62 -60.32 2.78 6.85
N GLY P 63 -59.88 3.99 7.11
CA GLY P 63 -58.44 4.27 7.08
C GLY P 63 -57.56 3.48 8.03
N TYR P 64 -58.17 2.86 9.05
CA TYR P 64 -57.38 2.15 10.07
C TYR P 64 -56.49 1.07 9.51
N PHE P 65 -56.86 0.48 8.38
CA PHE P 65 -55.97 -0.47 7.73
C PHE P 65 -55.81 -0.19 6.24
N GLN P 66 -56.55 0.80 5.73
CA GLN P 66 -56.52 1.14 4.29
C GLN P 66 -55.83 2.46 3.94
N GLY P 67 -55.43 3.26 4.92
CA GLY P 67 -54.86 4.58 4.62
C GLY P 67 -55.93 5.49 4.04
N PRO P 68 -55.52 6.52 3.28
CA PRO P 68 -56.46 7.47 2.71
C PRO P 68 -57.27 6.82 1.61
N THR P 69 -58.35 6.15 1.99
CA THR P 69 -59.30 5.59 1.06
C THR P 69 -60.11 6.70 0.34
N THR P 70 -60.60 6.41 -0.87
CA THR P 70 -61.34 7.41 -1.66
C THR P 70 -62.57 7.96 -0.95
N GLY P 71 -62.67 9.28 -0.89
CA GLY P 71 -63.77 9.91 -0.17
C GLY P 71 -63.37 10.31 1.25
N LEU P 72 -62.33 9.67 1.78
CA LEU P 72 -61.90 9.90 3.14
C LEU P 72 -60.53 10.53 3.20
N GLU P 73 -60.13 11.16 2.10
CA GLU P 73 -58.86 11.85 2.08
C GLU P 73 -58.88 12.96 3.11
N ARG P 74 -59.96 13.74 3.12
CA ARG P 74 -60.05 14.88 4.03
C ARG P 74 -61.31 14.85 4.90
N ILE P 75 -61.28 14.04 5.95
CA ILE P 75 -62.42 13.87 6.84
C ILE P 75 -62.85 15.26 7.28
N ASP P 76 -61.86 16.13 7.51
CA ASP P 76 -62.11 17.46 8.09
C ASP P 76 -62.94 18.34 7.19
N ILE P 77 -62.93 18.06 5.90
CA ILE P 77 -63.62 18.85 4.91
C ILE P 77 -64.84 18.12 4.38
N ASN P 78 -64.67 16.90 3.90
CA ASN P 78 -65.82 16.19 3.30
C ASN P 78 -66.77 15.55 4.30
N ILE P 79 -66.24 15.03 5.39
CA ILE P 79 -67.10 14.33 6.34
C ILE P 79 -67.63 15.27 7.42
N ALA P 80 -66.88 16.32 7.72
CA ALA P 80 -67.29 17.21 8.84
C ALA P 80 -68.75 17.64 8.72
N PRO P 81 -69.17 18.13 7.55
CA PRO P 81 -70.54 18.61 7.35
C PRO P 81 -71.60 17.51 7.39
N LEU P 82 -71.20 16.25 7.51
CA LEU P 82 -72.19 15.19 7.58
C LEU P 82 -72.54 14.79 9.01
N PHE P 83 -71.66 15.10 9.96
CA PHE P 83 -71.81 14.62 11.32
C PHE P 83 -73.23 14.89 11.84
N GLU P 84 -73.66 16.15 11.76
CA GLU P 84 -74.93 16.52 12.36
C GLU P 84 -76.09 15.67 11.84
N HIS P 85 -75.98 15.15 10.64
CA HIS P 85 -77.08 14.40 10.03
C HIS P 85 -77.04 12.92 10.40
N ALA P 86 -76.14 12.56 11.29
CA ALA P 86 -76.03 11.16 11.68
C ALA P 86 -76.41 10.95 13.15
N ASP P 87 -76.93 9.77 13.43
CA ASP P 87 -77.29 9.39 14.79
C ASP P 87 -76.03 9.16 15.62
N VAL P 88 -75.08 8.43 15.04
CA VAL P 88 -73.86 8.09 15.74
C VAL P 88 -72.69 8.04 14.75
N LEU P 89 -71.49 8.42 15.24
CA LEU P 89 -70.29 8.44 14.41
C LEU P 89 -69.48 7.22 14.73
N MET P 90 -68.84 6.63 13.73
CA MET P 90 -67.90 5.54 13.98
C MET P 90 -66.55 5.80 13.36
N CYS P 91 -65.50 5.78 14.18
CA CYS P 91 -64.18 6.07 13.68
C CYS P 91 -63.13 5.65 14.71
N THR P 92 -61.87 5.91 14.40
CA THR P 92 -60.76 5.58 15.30
C THR P 92 -60.48 6.72 16.27
N ARG P 93 -59.70 6.44 17.31
CA ARG P 93 -59.33 7.48 18.27
C ARG P 93 -58.37 8.50 17.68
N GLY P 94 -57.68 8.11 16.61
CA GLY P 94 -56.73 8.99 15.92
C GLY P 94 -57.49 10.12 15.26
N ILE P 95 -58.43 9.75 14.40
CA ILE P 95 -59.27 10.73 13.73
C ILE P 95 -60.13 11.51 14.73
N LEU P 96 -60.72 10.79 15.69
CA LEU P 96 -61.63 11.42 16.62
C LEU P 96 -60.93 12.62 17.21
N ARG P 97 -59.75 12.41 17.79
CA ARG P 97 -59.07 13.49 18.47
C ARG P 97 -58.61 14.58 17.54
N SER P 98 -58.16 14.22 16.35
CA SER P 98 -57.52 15.17 15.46
C SER P 98 -58.49 16.10 14.70
N VAL P 99 -59.59 15.55 14.17
CA VAL P 99 -60.44 16.30 13.23
C VAL P 99 -61.94 16.23 13.48
N VAL P 100 -62.36 15.39 14.43
CA VAL P 100 -63.76 15.45 14.84
C VAL P 100 -63.90 16.46 16.02
N PRO P 101 -64.59 17.59 15.78
CA PRO P 101 -64.75 18.54 16.90
C PRO P 101 -65.64 17.96 18.01
N PRO P 102 -65.19 18.06 19.28
CA PRO P 102 -65.95 17.57 20.43
C PRO P 102 -67.33 18.21 20.47
N ALA P 103 -67.40 19.45 19.98
CA ALA P 103 -68.67 20.19 20.00
C ALA P 103 -69.69 19.56 19.06
N THR P 104 -69.27 18.55 18.32
CA THR P 104 -70.15 17.89 17.42
C THR P 104 -71.30 17.29 18.17
N ASN P 105 -71.11 17.10 19.48
CA ASN P 105 -72.17 16.56 20.36
C ASN P 105 -72.97 15.37 19.79
N ARG P 106 -72.24 14.40 19.23
CA ARG P 106 -72.82 13.23 18.63
C ARG P 106 -72.16 11.98 19.26
N PRO P 107 -72.96 10.93 19.57
CA PRO P 107 -72.42 9.66 20.15
C PRO P 107 -71.41 8.97 19.21
N VAL P 108 -70.32 8.46 19.77
CA VAL P 108 -69.30 7.78 18.95
C VAL P 108 -69.12 6.31 19.34
N VAL P 109 -68.75 5.52 18.36
CA VAL P 109 -68.43 4.12 18.57
C VAL P 109 -67.03 3.99 18.03
N LEU P 110 -66.08 3.67 18.92
CA LEU P 110 -64.68 3.67 18.54
C LEU P 110 -64.24 2.35 17.92
N ARG P 111 -63.57 2.44 16.77
CA ARG P 111 -62.84 1.29 16.21
C ARG P 111 -61.73 0.94 17.18
N ALA P 112 -61.79 -0.27 17.75
CA ALA P 112 -60.83 -0.70 18.75
C ALA P 112 -60.01 -1.90 18.28
N SER P 113 -59.84 -2.06 16.98
CA SER P 113 -58.94 -3.11 16.53
C SER P 113 -58.07 -2.54 15.39
N GLY P 114 -57.02 -3.26 15.06
CA GLY P 114 -56.13 -2.81 14.00
C GLY P 114 -54.84 -3.61 13.98
N ALA P 115 -53.77 -2.98 13.52
CA ALA P 115 -52.46 -3.63 13.38
C ALA P 115 -52.41 -4.56 12.16
N ASN P 116 -53.42 -4.43 11.28
CA ASN P 116 -53.40 -5.08 9.98
C ASN P 116 -53.30 -4.02 8.88
N SER P 117 -53.10 -4.44 7.63
CA SER P 117 -53.08 -3.49 6.50
C SER P 117 -53.45 -4.17 5.19
N ILE P 118 -53.67 -3.42 4.12
CA ILE P 118 -54.02 -4.02 2.85
C ILE P 118 -52.79 -4.65 2.22
N LEU P 119 -51.64 -4.44 2.81
CA LEU P 119 -50.43 -5.06 2.30
C LEU P 119 -50.14 -6.41 2.91
N ALA P 120 -50.94 -6.86 3.86
CA ALA P 120 -50.67 -8.16 4.50
C ALA P 120 -51.96 -8.94 4.74
N GLU P 121 -51.89 -9.94 5.62
CA GLU P 121 -53.06 -10.72 5.92
C GLU P 121 -54.12 -9.85 6.60
N LEU P 122 -55.29 -9.76 5.97
CA LEU P 122 -56.34 -8.89 6.44
C LEU P 122 -56.84 -9.26 7.84
N SER P 123 -56.89 -10.56 8.16
CA SER P 123 -57.48 -11.00 9.43
C SER P 123 -56.54 -10.90 10.61
N ASN P 124 -55.36 -10.32 10.42
CA ASN P 124 -54.36 -10.28 11.50
C ASN P 124 -54.49 -9.01 12.35
N GLU P 125 -55.53 -8.95 13.18
CA GLU P 125 -55.85 -7.75 13.97
C GLU P 125 -55.57 -7.93 15.47
N ALA P 126 -55.16 -6.84 16.13
CA ALA P 126 -55.00 -6.84 17.56
C ALA P 126 -55.93 -5.79 18.14
N VAL P 127 -56.13 -5.81 19.46
CA VAL P 127 -56.89 -4.73 20.07
C VAL P 127 -56.10 -3.43 19.89
N ALA P 128 -56.79 -2.40 19.45
CA ALA P 128 -56.10 -1.21 19.02
C ALA P 128 -56.24 -0.03 20.00
N LEU P 129 -57.09 -0.18 21.03
CA LEU P 129 -57.11 0.83 22.10
C LEU P 129 -57.62 0.27 23.42
N SER P 130 -57.03 0.71 24.52
CA SER P 130 -57.40 0.22 25.84
C SER P 130 -58.76 0.76 26.25
N MET P 131 -59.49 -0.02 27.07
CA MET P 131 -60.82 0.39 27.53
C MET P 131 -60.63 1.64 28.35
N ASP P 132 -59.50 1.73 29.02
CA ASP P 132 -59.08 2.96 29.68
C ASP P 132 -59.28 4.19 28.81
N ASP P 133 -58.65 4.21 27.66
CA ASP P 133 -58.80 5.34 26.79
C ASP P 133 -60.19 5.45 26.18
N ALA P 134 -60.90 4.34 26.02
CA ALA P 134 -62.25 4.41 25.44
C ALA P 134 -63.14 5.21 26.37
N VAL P 135 -62.94 4.98 27.68
CA VAL P 135 -63.70 5.66 28.71
C VAL P 135 -63.29 7.11 28.73
N ARG P 136 -61.98 7.35 28.57
CA ARG P 136 -61.47 8.72 28.58
C ARG P 136 -62.11 9.54 27.47
N LEU P 137 -62.38 8.87 26.35
CA LEU P 137 -62.99 9.50 25.18
C LEU P 137 -64.52 9.55 25.21
N ASN P 138 -65.11 9.07 26.30
CA ASN P 138 -66.57 9.11 26.43
C ASN P 138 -67.33 8.28 25.39
N SER P 139 -66.81 7.12 25.01
CA SER P 139 -67.46 6.33 23.96
C SER P 139 -68.78 5.76 24.38
N CYS P 140 -69.62 5.49 23.39
CA CYS P 140 -70.83 4.69 23.58
C CYS P 140 -70.60 3.20 23.34
N ALA P 141 -69.56 2.85 22.60
CA ALA P 141 -69.21 1.45 22.45
C ALA P 141 -67.83 1.32 21.84
N VAL P 142 -67.28 0.10 21.92
CA VAL P 142 -66.03 -0.23 21.25
C VAL P 142 -66.31 -1.35 20.25
N ALA P 143 -65.61 -1.31 19.11
CA ALA P 143 -65.89 -2.24 17.99
C ALA P 143 -64.62 -2.93 17.55
N ALA P 144 -64.73 -4.22 17.24
CA ALA P 144 -63.61 -4.98 16.72
C ALA P 144 -64.12 -6.04 15.72
N GLN P 145 -63.26 -6.46 14.79
CA GLN P 145 -63.61 -7.43 13.78
C GLN P 145 -63.46 -8.83 14.27
N VAL P 146 -64.38 -9.67 13.86
CA VAL P 146 -64.21 -11.09 14.03
C VAL P 146 -64.10 -11.69 12.62
N TYR P 147 -63.10 -12.55 12.40
CA TYR P 147 -62.84 -13.15 11.08
C TYR P 147 -63.06 -14.66 11.06
N ILE P 148 -64.32 -15.09 11.10
CA ILE P 148 -64.58 -16.51 11.11
C ILE P 148 -64.16 -17.08 9.78
N GLY P 149 -63.42 -18.18 9.81
CA GLY P 149 -62.96 -18.83 8.58
C GLY P 149 -61.65 -18.30 8.02
N SER P 150 -61.14 -17.19 8.57
CA SER P 150 -59.82 -16.68 8.15
C SER P 150 -58.68 -17.25 8.99
N GLU P 151 -57.47 -16.92 8.59
CA GLU P 151 -56.28 -17.47 9.22
C GLU P 151 -56.18 -17.07 10.68
N TYR P 152 -56.47 -15.83 10.99
CA TYR P 152 -56.40 -15.37 12.39
C TYR P 152 -57.76 -15.34 13.07
N GLU P 153 -58.59 -16.33 12.76
CA GLU P 153 -59.91 -16.43 13.36
C GLU P 153 -59.86 -16.46 14.90
N HIS P 154 -59.04 -17.37 15.45
CA HIS P 154 -58.91 -17.54 16.88
C HIS P 154 -58.62 -16.20 17.59
N GLN P 155 -57.62 -15.48 17.11
CA GLN P 155 -57.21 -14.20 17.68
C GLN P 155 -58.33 -13.15 17.61
N SER P 156 -59.02 -13.08 16.47
CA SER P 156 -60.06 -12.09 16.34
C SER P 156 -61.13 -12.34 17.40
N ILE P 157 -61.45 -13.60 17.72
CA ILE P 157 -62.47 -13.87 18.73
C ILE P 157 -61.94 -13.48 20.11
N LYS P 158 -60.67 -13.75 20.34
CA LYS P 158 -60.07 -13.35 21.61
C LYS P 158 -60.15 -11.83 21.79
N ASN P 159 -60.04 -11.08 20.71
CA ASN P 159 -60.18 -9.63 20.81
C ASN P 159 -61.56 -9.26 21.32
N ILE P 160 -62.59 -9.99 20.87
CA ILE P 160 -63.95 -9.77 21.37
C ILE P 160 -64.04 -10.15 22.84
N ILE P 161 -63.52 -11.32 23.18
CA ILE P 161 -63.55 -11.73 24.58
C ILE P 161 -62.90 -10.66 25.48
N GLN P 162 -61.78 -10.11 25.02
CA GLN P 162 -61.04 -9.14 25.81
C GLN P 162 -61.83 -7.84 25.97
N LEU P 163 -62.43 -7.35 24.89
CA LEU P 163 -63.19 -6.13 24.99
C LEU P 163 -64.41 -6.31 25.89
N VAL P 164 -65.12 -7.44 25.76
CA VAL P 164 -66.27 -7.71 26.64
C VAL P 164 -65.87 -7.77 28.13
N ASP P 165 -64.88 -8.60 28.45
CA ASP P 165 -64.35 -8.62 29.82
C ASP P 165 -64.09 -7.22 30.36
N ALA P 166 -63.42 -6.39 29.56
CA ALA P 166 -63.07 -5.02 29.97
C ALA P 166 -64.28 -4.09 30.06
N GLY P 167 -65.16 -4.20 29.06
CA GLY P 167 -66.36 -3.39 28.99
C GLY P 167 -67.34 -3.66 30.12
N MET P 168 -67.43 -4.89 30.58
CA MET P 168 -68.40 -5.19 31.63
C MET P 168 -68.01 -4.55 32.94
N LYS P 169 -66.73 -4.26 33.17
CA LYS P 169 -66.28 -3.60 34.43
C LYS P 169 -66.76 -2.16 34.43
N VAL P 170 -67.05 -1.63 33.25
CA VAL P 170 -67.17 -0.21 33.06
C VAL P 170 -68.49 0.21 32.45
N GLY P 171 -69.27 -0.76 31.97
CA GLY P 171 -70.60 -0.49 31.42
C GLY P 171 -70.47 -0.05 29.99
N MET P 172 -69.38 -0.42 29.34
CA MET P 172 -69.19 -0.16 27.90
C MET P 172 -69.60 -1.34 27.03
N PRO P 173 -70.60 -1.16 26.19
CA PRO P 173 -70.99 -2.19 25.20
C PRO P 173 -69.87 -2.50 24.17
N THR P 174 -69.83 -3.73 23.68
CA THR P 174 -68.91 -4.08 22.58
C THR P 174 -69.67 -4.44 21.30
N MET P 175 -69.19 -3.91 20.17
CA MET P 175 -69.75 -4.28 18.89
C MET P 175 -68.79 -5.20 18.10
N ALA P 176 -69.28 -6.39 17.74
CA ALA P 176 -68.51 -7.32 16.97
C ALA P 176 -68.92 -7.19 15.51
N VAL P 177 -67.93 -7.04 14.64
CA VAL P 177 -68.18 -6.89 13.21
C VAL P 177 -67.71 -8.11 12.42
N THR P 178 -68.60 -8.68 11.62
CA THR P 178 -68.26 -9.91 10.91
C THR P 178 -67.49 -9.61 9.61
N GLY P 179 -66.17 -9.63 9.67
CA GLY P 179 -65.33 -9.38 8.50
C GLY P 179 -65.06 -10.64 7.70
N VAL P 180 -65.01 -10.50 6.37
CA VAL P 180 -64.94 -11.67 5.49
C VAL P 180 -63.59 -11.90 4.80
N VAL P 185 -67.17 -16.58 0.39
CA VAL P 185 -68.58 -16.70 0.00
C VAL P 185 -69.49 -16.22 1.11
N ARG P 186 -70.36 -15.28 0.78
CA ARG P 186 -71.15 -14.59 1.79
C ARG P 186 -72.61 -15.01 1.74
N ASP P 187 -72.92 -16.18 2.31
CA ASP P 187 -74.32 -16.65 2.35
C ASP P 187 -74.90 -16.61 3.75
N GLN P 188 -76.17 -16.99 3.86
CA GLN P 188 -76.85 -16.90 5.15
C GLN P 188 -76.24 -17.85 6.18
N ARG P 189 -75.94 -19.09 5.78
CA ARG P 189 -75.43 -20.05 6.75
C ARG P 189 -74.11 -19.55 7.34
N TYR P 190 -73.32 -18.84 6.53
CA TYR P 190 -72.06 -18.33 7.00
C TYR P 190 -72.24 -17.22 8.05
N PHE P 191 -73.02 -16.21 7.69
CA PHE P 191 -73.22 -15.09 8.59
C PHE P 191 -73.99 -15.49 9.83
N SER P 192 -74.86 -16.49 9.71
CA SER P 192 -75.48 -17.04 10.89
C SER P 192 -74.42 -17.54 11.88
N LEU P 193 -73.47 -18.31 11.37
CA LEU P 193 -72.37 -18.81 12.18
C LEU P 193 -71.60 -17.67 12.84
N ALA P 194 -71.15 -16.71 12.03
CA ALA P 194 -70.33 -15.60 12.53
C ALA P 194 -71.06 -14.75 13.54
N THR P 195 -72.27 -14.32 13.21
CA THR P 195 -72.99 -13.44 14.12
C THR P 195 -73.29 -14.14 15.46
N ARG P 196 -73.73 -15.39 15.39
CA ARG P 196 -74.19 -16.06 16.59
C ARG P 196 -73.02 -16.31 17.56
N ILE P 197 -71.88 -16.73 17.02
CA ILE P 197 -70.73 -16.94 17.86
C ILE P 197 -70.34 -15.65 18.58
N ALA P 198 -70.27 -14.55 17.86
CA ALA P 198 -69.88 -13.30 18.47
C ALA P 198 -70.86 -12.98 19.59
N ALA P 199 -72.15 -13.06 19.29
CA ALA P 199 -73.17 -12.72 20.27
C ALA P 199 -72.99 -13.62 21.48
N GLU P 200 -72.78 -14.90 21.17
CA GLU P 200 -72.65 -15.91 22.18
C GLU P 200 -71.46 -15.56 23.12
N MET P 201 -70.40 -14.96 22.57
CA MET P 201 -69.22 -14.62 23.38
C MET P 201 -69.47 -13.44 24.28
N GLY P 202 -70.42 -12.59 23.90
CA GLY P 202 -70.82 -11.48 24.77
C GLY P 202 -71.05 -10.13 24.14
N ALA P 203 -70.67 -9.98 22.87
CA ALA P 203 -70.94 -8.72 22.17
C ALA P 203 -72.42 -8.33 22.23
N GLN P 204 -72.70 -7.06 22.54
CA GLN P 204 -74.07 -6.57 22.66
C GLN P 204 -74.61 -6.07 21.35
N ILE P 205 -73.71 -5.69 20.44
CA ILE P 205 -74.13 -5.24 19.11
C ILE P 205 -73.39 -6.05 18.07
N ILE P 206 -74.10 -6.46 17.04
CA ILE P 206 -73.48 -7.22 15.96
C ILE P 206 -73.66 -6.48 14.64
N LYS P 207 -72.56 -6.35 13.89
CA LYS P 207 -72.67 -5.70 12.59
C LYS P 207 -72.25 -6.69 11.51
N THR P 208 -73.13 -6.88 10.52
CA THR P 208 -72.87 -7.86 9.49
C THR P 208 -73.28 -7.29 8.13
N TYR P 209 -73.22 -8.13 7.10
CA TYR P 209 -73.64 -7.74 5.77
C TYR P 209 -75.05 -8.20 5.41
N TYR P 210 -75.73 -7.48 4.53
CA TYR P 210 -77.04 -7.90 4.08
C TYR P 210 -76.91 -9.01 3.04
N VAL P 211 -77.82 -9.96 3.06
CA VAL P 211 -77.76 -11.07 2.11
C VAL P 211 -79.04 -11.20 1.26
N GLU P 212 -78.84 -11.52 -0.01
CA GLU P 212 -79.96 -11.61 -0.97
C GLU P 212 -81.10 -12.46 -0.43
N LYS P 213 -80.76 -13.61 0.14
CA LYS P 213 -81.81 -14.44 0.71
C LYS P 213 -81.35 -15.09 2.00
N GLY P 214 -82.25 -15.11 2.98
CA GLY P 214 -81.99 -15.76 4.25
C GLY P 214 -81.70 -14.78 5.37
N PHE P 215 -81.58 -13.50 5.03
CA PHE P 215 -81.24 -12.50 6.03
C PHE P 215 -82.13 -12.58 7.29
N GLU P 216 -83.42 -12.82 7.07
CA GLU P 216 -84.36 -12.89 8.17
C GLU P 216 -83.89 -13.89 9.23
N ARG P 217 -83.26 -14.97 8.77
CA ARG P 217 -82.78 -16.03 9.64
C ARG P 217 -81.55 -15.57 10.44
N ILE P 218 -80.78 -14.68 9.86
CA ILE P 218 -79.63 -14.15 10.55
C ILE P 218 -80.09 -13.33 11.74
N VAL P 219 -81.08 -12.48 11.51
CA VAL P 219 -81.66 -11.67 12.57
C VAL P 219 -82.31 -12.56 13.64
N ALA P 220 -83.12 -13.50 13.21
CA ALA P 220 -83.85 -14.31 14.17
C ALA P 220 -82.94 -15.13 15.06
N GLY P 221 -81.83 -15.58 14.49
CA GLY P 221 -80.91 -16.43 15.22
C GLY P 221 -79.95 -15.67 16.14
N CYS P 222 -80.00 -14.35 16.07
CA CYS P 222 -79.08 -13.53 16.83
C CYS P 222 -79.83 -12.82 17.97
N PRO P 223 -79.36 -13.01 19.22
CA PRO P 223 -80.11 -12.56 20.41
C PRO P 223 -79.96 -11.08 20.65
N VAL P 224 -79.08 -10.42 19.91
CA VAL P 224 -78.87 -8.99 20.11
C VAL P 224 -79.04 -8.19 18.82
N PRO P 225 -79.07 -6.86 18.94
CA PRO P 225 -79.32 -5.99 17.78
C PRO P 225 -78.29 -6.16 16.67
N ILE P 226 -78.78 -6.21 15.43
CA ILE P 226 -77.93 -6.32 14.26
C ILE P 226 -77.97 -5.06 13.41
N VAL P 227 -76.80 -4.70 12.91
CA VAL P 227 -76.65 -3.52 12.08
C VAL P 227 -75.94 -3.91 10.80
N ILE P 228 -76.40 -3.40 9.66
CA ILE P 228 -75.78 -3.80 8.40
C ILE P 228 -74.79 -2.81 7.88
N ALA P 229 -73.70 -3.31 7.28
CA ALA P 229 -72.73 -2.46 6.63
C ALA P 229 -73.25 -1.97 5.28
N GLY P 230 -72.82 -0.76 4.90
CA GLY P 230 -73.17 -0.19 3.62
C GLY P 230 -72.66 -1.03 2.47
N GLY P 231 -71.42 -1.50 2.55
CA GLY P 231 -70.85 -2.25 1.44
C GLY P 231 -70.34 -1.33 0.35
N LYS P 232 -69.77 -1.90 -0.71
CA LYS P 232 -69.22 -1.10 -1.80
C LYS P 232 -70.29 -0.17 -2.38
N LYS P 233 -69.83 0.88 -3.05
CA LYS P 233 -70.72 1.88 -3.64
C LYS P 233 -71.75 1.28 -4.61
N LEU P 234 -73.01 1.69 -4.46
CA LEU P 234 -74.07 1.29 -5.36
C LEU P 234 -74.79 2.54 -5.85
N PRO P 235 -75.58 2.41 -6.93
CA PRO P 235 -76.48 3.49 -7.30
C PRO P 235 -77.39 3.82 -6.12
N GLU P 236 -77.57 5.11 -5.84
CA GLU P 236 -78.30 5.55 -4.65
C GLU P 236 -79.62 4.84 -4.46
N ARG P 237 -80.31 4.58 -5.56
CA ARG P 237 -81.60 3.93 -5.47
C ARG P 237 -81.45 2.51 -4.96
N GLU P 238 -80.40 1.82 -5.40
CA GLU P 238 -80.21 0.44 -5.00
C GLU P 238 -79.80 0.36 -3.53
N ALA P 239 -78.92 1.25 -3.11
CA ALA P 239 -78.47 1.34 -1.74
C ALA P 239 -79.67 1.49 -0.81
N LEU P 240 -80.61 2.34 -1.20
CA LEU P 240 -81.83 2.52 -0.40
C LEU P 240 -82.74 1.28 -0.38
N GLU P 241 -82.76 0.55 -1.49
CA GLU P 241 -83.48 -0.72 -1.52
C GLU P 241 -82.91 -1.73 -0.52
N MET P 242 -81.59 -1.81 -0.47
CA MET P 242 -80.90 -2.66 0.48
C MET P 242 -81.29 -2.31 1.91
N CYS P 243 -81.25 -1.03 2.23
CA CYS P 243 -81.64 -0.58 3.56
C CYS P 243 -83.06 -1.01 3.88
N TRP P 244 -83.96 -0.77 2.94
CA TRP P 244 -85.36 -1.07 3.18
C TRP P 244 -85.55 -2.55 3.47
N GLN P 245 -84.93 -3.39 2.63
CA GLN P 245 -85.01 -4.82 2.80
C GLN P 245 -84.50 -5.21 4.19
N ALA P 246 -83.31 -4.74 4.54
CA ALA P 246 -82.66 -5.06 5.81
C ALA P 246 -83.55 -4.71 6.99
N ILE P 247 -83.95 -3.45 7.06
CA ILE P 247 -84.88 -3.00 8.08
C ILE P 247 -86.15 -3.85 8.07
N ASP P 248 -86.78 -4.01 6.91
CA ASP P 248 -88.03 -4.75 6.81
C ASP P 248 -87.88 -6.16 7.35
N GLN P 249 -86.70 -6.74 7.16
CA GLN P 249 -86.43 -8.09 7.65
C GLN P 249 -85.85 -8.19 9.08
N GLY P 250 -85.76 -7.05 9.78
CA GLY P 250 -85.48 -7.07 11.20
C GLY P 250 -84.18 -6.43 11.68
N ALA P 251 -83.42 -5.84 10.76
CA ALA P 251 -82.19 -5.15 11.16
C ALA P 251 -82.53 -3.98 12.09
N SER P 252 -81.60 -3.67 13.00
CA SER P 252 -81.82 -2.57 13.94
C SER P 252 -81.19 -1.29 13.47
N GLY P 253 -80.72 -1.26 12.23
CA GLY P 253 -80.15 -0.02 11.70
C GLY P 253 -79.03 -0.31 10.71
N VAL P 254 -78.47 0.74 10.14
CA VAL P 254 -77.40 0.55 9.19
C VAL P 254 -76.15 1.34 9.58
N ASP P 255 -74.99 0.85 9.15
CA ASP P 255 -73.72 1.49 9.40
C ASP P 255 -73.05 1.87 8.07
N MET P 256 -73.62 2.86 7.41
CA MET P 256 -73.15 3.35 6.11
C MET P 256 -71.81 4.04 6.15
N GLY P 257 -71.03 3.83 5.09
CA GLY P 257 -69.82 4.57 4.86
C GLY P 257 -69.76 5.04 3.43
N ARG P 258 -69.29 4.19 2.53
CA ARG P 258 -69.12 4.56 1.13
C ARG P 258 -70.40 5.04 0.41
N ASN P 259 -71.53 4.38 0.64
CA ASN P 259 -72.77 4.76 -0.06
C ASN P 259 -73.27 6.12 0.33
N ILE P 260 -72.55 6.75 1.26
CA ILE P 260 -72.89 8.09 1.68
C ILE P 260 -71.78 9.04 1.25
N PHE P 261 -70.57 8.82 1.76
CA PHE P 261 -69.53 9.79 1.52
C PHE P 261 -69.01 9.72 0.11
N GLN P 262 -69.34 8.66 -0.62
CA GLN P 262 -68.96 8.56 -2.04
C GLN P 262 -70.08 8.96 -2.98
N SER P 263 -71.16 9.49 -2.43
CA SER P 263 -72.26 9.97 -3.21
C SER P 263 -72.00 11.40 -3.63
N ASP P 264 -72.67 11.83 -4.70
CA ASP P 264 -72.56 13.22 -5.13
C ASP P 264 -73.40 14.11 -4.25
N HIS P 265 -74.28 13.50 -3.45
CA HIS P 265 -75.17 14.25 -2.56
C HIS P 265 -75.28 13.55 -1.21
N PRO P 266 -74.18 13.59 -0.44
CA PRO P 266 -74.11 12.88 0.84
C PRO P 266 -75.29 13.25 1.75
N VAL P 267 -75.44 14.54 2.06
CA VAL P 267 -76.47 14.97 2.98
C VAL P 267 -77.85 14.47 2.54
N ALA P 268 -78.15 14.62 1.26
CA ALA P 268 -79.42 14.16 0.75
C ALA P 268 -79.58 12.66 1.02
N MET P 269 -78.53 11.91 0.70
CA MET P 269 -78.56 10.47 0.85
C MET P 269 -78.87 10.09 2.30
N MET P 270 -78.22 10.76 3.24
CA MET P 270 -78.42 10.49 4.65
C MET P 270 -79.89 10.68 5.02
N LYS P 271 -80.46 11.79 4.60
CA LYS P 271 -81.85 12.09 4.94
C LYS P 271 -82.76 10.97 4.42
N ALA P 272 -82.43 10.46 3.23
CA ALA P 272 -83.16 9.36 2.64
C ALA P 272 -83.04 8.16 3.54
N VAL P 273 -81.80 7.79 3.86
CA VAL P 273 -81.52 6.66 4.73
C VAL P 273 -82.28 6.79 6.06
N GLN P 274 -82.33 8.01 6.60
CA GLN P 274 -83.01 8.22 7.87
C GLN P 274 -84.46 7.92 7.71
N ALA P 275 -85.03 8.39 6.61
CA ALA P 275 -86.45 8.19 6.32
C ALA P 275 -86.82 6.71 6.31
N VAL P 276 -85.98 5.92 5.64
CA VAL P 276 -86.22 4.50 5.53
C VAL P 276 -86.07 3.79 6.88
N VAL P 277 -85.03 4.15 7.64
CA VAL P 277 -84.71 3.45 8.88
C VAL P 277 -85.68 3.77 10.04
N HIS P 278 -85.91 5.05 10.28
CA HIS P 278 -86.74 5.45 11.43
C HIS P 278 -88.24 5.56 11.12
N HIS P 279 -88.60 5.90 9.89
CA HIS P 279 -89.98 6.28 9.59
C HIS P 279 -90.67 5.35 8.63
N ASN P 280 -90.10 4.18 8.42
CA ASN P 280 -90.74 3.18 7.55
C ASN P 280 -91.04 3.62 6.13
N GLU P 281 -90.31 4.61 5.63
CA GLU P 281 -90.46 5.00 4.24
C GLU P 281 -90.16 3.83 3.33
N THR P 282 -90.67 3.91 2.11
CA THR P 282 -90.39 2.93 1.06
C THR P 282 -89.18 3.36 0.23
N ALA P 283 -88.56 2.40 -0.44
CA ALA P 283 -87.37 2.69 -1.21
C ALA P 283 -87.62 3.83 -2.19
N ASP P 284 -88.77 3.77 -2.88
CA ASP P 284 -89.11 4.76 -3.93
C ASP P 284 -89.39 6.13 -3.35
N ARG P 285 -90.31 6.18 -2.39
CA ARG P 285 -90.60 7.41 -1.70
C ARG P 285 -89.32 8.09 -1.25
N ALA P 286 -88.46 7.30 -0.60
CA ALA P 286 -87.19 7.80 -0.08
C ALA P 286 -86.30 8.34 -1.20
N TYR P 287 -86.20 7.59 -2.30
CA TYR P 287 -85.41 8.04 -3.45
C TYR P 287 -85.91 9.40 -3.96
N GLU P 288 -87.21 9.66 -3.84
CA GLU P 288 -87.75 10.96 -4.24
C GLU P 288 -87.39 12.05 -3.23
N LEU P 289 -87.25 11.67 -1.97
CA LEU P 289 -86.72 12.57 -0.95
C LEU P 289 -85.28 12.93 -1.33
N TYR P 290 -84.61 11.99 -1.99
CA TYR P 290 -83.23 12.17 -2.40
C TYR P 290 -83.14 13.07 -3.64
N LEU P 291 -84.11 12.94 -4.54
CA LEU P 291 -84.13 13.72 -5.77
C LEU P 291 -84.54 15.17 -5.54
N SER P 292 -85.22 15.44 -4.42
CA SER P 292 -85.57 16.80 -4.08
C SER P 292 -84.39 17.57 -3.48
N GLU P 293 -83.40 16.85 -2.96
CA GLU P 293 -82.12 17.46 -2.57
C GLU P 293 -80.99 17.03 -3.50
N GLY Q 14 -82.90 -16.28 82.60
CA GLY Q 14 -83.89 -16.95 81.70
C GLY Q 14 -83.32 -17.38 80.36
N LYS Q 15 -82.11 -17.94 80.37
CA LYS Q 15 -81.46 -18.39 79.15
C LYS Q 15 -81.18 -19.87 79.22
N ASP Q 16 -81.23 -20.54 78.07
CA ASP Q 16 -80.94 -21.97 77.99
C ASP Q 16 -79.81 -22.28 77.01
N PHE Q 17 -78.61 -22.51 77.54
CA PHE Q 17 -77.45 -22.80 76.71
C PHE Q 17 -77.32 -24.28 76.34
N ARG Q 18 -78.30 -25.05 76.80
CA ARG Q 18 -78.30 -26.50 76.64
C ARG Q 18 -76.90 -27.06 76.74
N THR Q 19 -76.27 -26.88 77.90
CA THR Q 19 -74.89 -27.32 78.09
C THR Q 19 -74.72 -28.82 78.24
N ASP Q 20 -75.82 -29.55 78.29
CA ASP Q 20 -75.76 -31.00 78.40
C ASP Q 20 -75.59 -31.64 77.02
N GLN Q 21 -75.63 -30.81 75.98
CA GLN Q 21 -75.62 -31.31 74.60
C GLN Q 21 -74.59 -30.60 73.74
N PRO Q 22 -73.43 -31.21 73.58
CA PRO Q 22 -72.32 -30.58 72.89
C PRO Q 22 -72.62 -30.37 71.41
N GLN Q 23 -72.06 -29.29 70.86
CA GLN Q 23 -72.23 -28.93 69.45
C GLN Q 23 -71.46 -29.90 68.55
N LYS Q 24 -72.08 -30.35 67.45
CA LYS Q 24 -71.43 -31.31 66.57
C LYS Q 24 -71.52 -30.82 65.14
N ASN Q 25 -70.46 -31.00 64.36
CA ASN Q 25 -70.41 -30.53 62.98
C ASN Q 25 -71.24 -31.42 62.08
N ILE Q 26 -72.01 -30.83 61.18
CA ILE Q 26 -72.73 -31.65 60.21
C ILE Q 26 -71.89 -31.96 58.97
N PRO Q 27 -71.63 -33.24 58.68
CA PRO Q 27 -70.72 -33.60 57.60
C PRO Q 27 -71.24 -33.20 56.21
N PHE Q 28 -70.31 -32.81 55.33
CA PHE Q 28 -70.63 -32.48 53.95
C PHE Q 28 -70.24 -33.67 53.08
N THR Q 29 -71.25 -34.35 52.51
CA THR Q 29 -70.97 -35.67 51.92
C THR Q 29 -70.64 -35.70 50.45
N LEU Q 30 -70.85 -34.60 49.73
CA LEU Q 30 -70.63 -34.58 48.28
C LEU Q 30 -69.24 -35.08 47.90
N LYS Q 31 -69.21 -36.02 46.97
CA LYS Q 31 -67.98 -36.73 46.67
C LYS Q 31 -66.80 -35.81 46.50
N GLY Q 32 -65.77 -35.97 47.35
CA GLY Q 32 -64.52 -35.21 47.22
C GLY Q 32 -64.61 -33.69 47.39
N CYS Q 33 -65.66 -33.21 48.05
CA CYS Q 33 -65.80 -31.80 48.30
C CYS Q 33 -65.92 -31.52 49.78
N GLY Q 34 -65.34 -32.38 50.60
CA GLY Q 34 -65.53 -32.26 52.04
C GLY Q 34 -64.44 -31.39 52.65
N ALA Q 35 -63.63 -30.75 51.82
CA ALA Q 35 -62.58 -29.90 52.35
C ALA Q 35 -62.48 -28.56 51.63
N LEU Q 36 -63.64 -27.98 51.37
CA LEU Q 36 -63.72 -26.69 50.70
C LEU Q 36 -64.35 -25.69 51.65
N ASP Q 37 -64.06 -24.42 51.42
CA ASP Q 37 -64.70 -23.34 52.15
C ASP Q 37 -66.24 -23.27 51.97
N TRP Q 38 -66.89 -22.61 52.93
CA TRP Q 38 -68.33 -22.56 52.97
C TRP Q 38 -68.91 -22.12 51.63
N GLY Q 39 -68.40 -21.01 51.11
CA GLY Q 39 -68.97 -20.43 49.90
C GLY Q 39 -68.90 -21.39 48.74
N MET Q 40 -67.80 -22.11 48.61
CA MET Q 40 -67.69 -23.00 47.49
C MET Q 40 -68.62 -24.18 47.67
N GLN Q 41 -68.74 -24.67 48.90
CA GLN Q 41 -69.64 -25.79 49.16
C GLN Q 41 -71.07 -25.30 48.91
N SER Q 42 -71.30 -24.03 49.22
CA SER Q 42 -72.61 -23.47 48.98
C SER Q 42 -72.99 -23.50 47.48
N ARG Q 43 -72.05 -23.06 46.65
CA ARG Q 43 -72.31 -23.01 45.23
C ARG Q 43 -72.53 -24.42 44.72
N LEU Q 44 -71.73 -25.37 45.22
CA LEU Q 44 -71.85 -26.75 44.78
C LEU Q 44 -73.18 -27.33 45.17
N SER Q 45 -73.72 -26.87 46.30
CA SER Q 45 -75.00 -27.36 46.82
C SER Q 45 -76.17 -26.84 45.99
N ARG Q 46 -75.95 -25.72 45.29
CA ARG Q 46 -76.95 -25.21 44.39
C ARG Q 46 -77.04 -26.09 43.17
N ILE Q 47 -75.94 -26.74 42.82
CA ILE Q 47 -75.87 -27.60 41.65
C ILE Q 47 -76.29 -29.04 41.98
N PHE Q 48 -75.70 -29.60 43.02
CA PHE Q 48 -76.00 -30.96 43.43
C PHE Q 48 -76.89 -30.96 44.65
N ASN Q 49 -78.14 -31.38 44.43
CA ASN Q 49 -79.14 -31.54 45.48
C ASN Q 49 -78.55 -32.25 46.67
N PRO Q 50 -78.49 -31.56 47.81
CA PRO Q 50 -77.91 -32.08 49.05
C PRO Q 50 -78.50 -33.42 49.46
N LYS Q 51 -79.80 -33.62 49.24
CA LYS Q 51 -80.52 -34.87 49.56
C LYS Q 51 -80.05 -36.02 48.69
N THR Q 52 -80.22 -35.90 47.38
CA THR Q 52 -79.83 -36.97 46.46
C THR Q 52 -78.35 -36.98 46.08
N GLY Q 53 -77.71 -35.82 46.13
CA GLY Q 53 -76.30 -35.71 45.75
C GLY Q 53 -76.11 -35.66 44.24
N LYS Q 54 -77.20 -35.45 43.49
CA LYS Q 54 -77.15 -35.50 42.03
C LYS Q 54 -77.72 -34.23 41.41
N THR Q 55 -77.63 -34.10 40.10
CA THR Q 55 -78.12 -32.91 39.42
C THR Q 55 -78.64 -33.22 38.01
N VAL Q 56 -79.70 -32.53 37.59
CA VAL Q 56 -80.12 -32.58 36.20
C VAL Q 56 -79.84 -31.23 35.54
N MET Q 57 -78.86 -31.23 34.63
CA MET Q 57 -78.38 -29.98 34.09
C MET Q 57 -78.84 -29.82 32.65
N LEU Q 58 -79.49 -28.67 32.37
CA LEU Q 58 -79.97 -28.34 31.02
C LEU Q 58 -78.97 -27.53 30.24
N ALA Q 59 -78.36 -28.14 29.23
CA ALA Q 59 -77.23 -27.53 28.51
C ALA Q 59 -77.65 -26.94 27.17
N PHE Q 60 -77.44 -25.64 27.01
CA PHE Q 60 -77.67 -25.01 25.71
C PHE Q 60 -76.56 -24.06 25.27
N ASP Q 61 -75.31 -24.46 25.50
CA ASP Q 61 -74.16 -23.61 25.18
C ASP Q 61 -73.55 -23.90 23.79
N HIS Q 62 -74.12 -24.89 23.11
CA HIS Q 62 -73.60 -25.38 21.83
C HIS Q 62 -73.23 -24.29 20.84
N GLY Q 63 -74.01 -23.22 20.82
CA GLY Q 63 -73.77 -22.13 19.88
C GLY Q 63 -72.39 -21.49 20.03
N TYR Q 64 -71.69 -21.74 21.15
CA TYR Q 64 -70.47 -20.98 21.37
C TYR Q 64 -69.41 -21.20 20.30
N PHE Q 65 -69.46 -22.33 19.61
CA PHE Q 65 -68.55 -22.58 18.50
C PHE Q 65 -69.27 -23.17 17.29
N GLN Q 66 -70.57 -23.40 17.42
CA GLN Q 66 -71.38 -23.95 16.34
C GLN Q 66 -72.41 -23.00 15.74
N GLY Q 67 -72.59 -21.80 16.29
CA GLY Q 67 -73.67 -20.93 15.82
C GLY Q 67 -75.06 -21.55 16.07
N PRO Q 68 -76.05 -21.14 15.26
CA PRO Q 68 -77.40 -21.54 15.53
C PRO Q 68 -77.59 -23.00 15.20
N THR Q 69 -77.26 -23.85 16.17
CA THR Q 69 -77.47 -25.29 16.04
C THR Q 69 -78.98 -25.66 16.05
N THR Q 70 -79.33 -26.78 15.43
CA THR Q 70 -80.73 -27.22 15.36
C THR Q 70 -81.34 -27.37 16.73
N GLY Q 71 -82.49 -26.74 16.96
CA GLY Q 71 -83.16 -26.81 18.27
C GLY Q 71 -82.82 -25.61 19.15
N LEU Q 72 -81.72 -24.91 18.82
CA LEU Q 72 -81.31 -23.74 19.58
C LEU Q 72 -81.36 -22.45 18.73
N GLU Q 73 -82.15 -22.44 17.67
CA GLU Q 73 -82.27 -21.26 16.84
C GLU Q 73 -82.87 -20.16 17.70
N ARG Q 74 -83.89 -20.51 18.46
CA ARG Q 74 -84.58 -19.51 19.29
C ARG Q 74 -84.66 -19.91 20.77
N ILE Q 75 -83.56 -19.75 21.50
CA ILE Q 75 -83.51 -20.07 22.92
C ILE Q 75 -84.69 -19.42 23.60
N ASP Q 76 -84.98 -18.19 23.19
CA ASP Q 76 -85.98 -17.37 23.85
C ASP Q 76 -87.37 -17.96 23.76
N ILE Q 77 -87.59 -18.80 22.75
CA ILE Q 77 -88.91 -19.40 22.52
C ILE Q 77 -88.95 -20.88 22.88
N ASN Q 78 -88.03 -21.66 22.34
CA ASN Q 78 -88.00 -23.09 22.58
C ASN Q 78 -87.44 -23.50 23.91
N ILE Q 79 -86.37 -22.84 24.35
CA ILE Q 79 -85.71 -23.24 25.57
C ILE Q 79 -86.31 -22.56 26.79
N ALA Q 80 -86.83 -21.34 26.60
CA ALA Q 80 -87.31 -20.60 27.75
C ALA Q 80 -88.24 -21.43 28.66
N PRO Q 81 -89.23 -22.13 28.07
CA PRO Q 81 -90.23 -22.86 28.85
C PRO Q 81 -89.68 -24.09 29.54
N LEU Q 82 -88.43 -24.42 29.29
CA LEU Q 82 -87.82 -25.59 29.92
C LEU Q 82 -87.07 -25.26 31.23
N PHE Q 83 -86.68 -23.99 31.39
CA PHE Q 83 -85.78 -23.61 32.48
C PHE Q 83 -86.29 -24.14 33.81
N GLU Q 84 -87.57 -23.86 34.10
CA GLU Q 84 -88.12 -24.21 35.40
C GLU Q 84 -88.00 -25.70 35.71
N HIS Q 85 -88.00 -26.53 34.68
CA HIS Q 85 -87.94 -27.97 34.90
C HIS Q 85 -86.52 -28.49 35.06
N ALA Q 86 -85.55 -27.58 35.13
CA ALA Q 86 -84.15 -27.97 35.27
C ALA Q 86 -83.60 -27.60 36.63
N ASP Q 87 -82.65 -28.41 37.11
CA ASP Q 87 -81.94 -28.09 38.35
C ASP Q 87 -80.98 -26.96 38.12
N VAL Q 88 -80.24 -27.00 37.02
CA VAL Q 88 -79.28 -25.94 36.71
C VAL Q 88 -79.20 -25.68 35.21
N LEU Q 89 -78.98 -24.43 34.82
CA LEU Q 89 -78.80 -24.05 33.43
C LEU Q 89 -77.32 -23.92 33.07
N MET Q 90 -76.94 -24.42 31.90
CA MET Q 90 -75.59 -24.18 31.40
C MET Q 90 -75.58 -23.46 30.05
N CYS Q 91 -74.92 -22.31 30.00
CA CYS Q 91 -74.87 -21.58 28.75
C CYS Q 91 -73.80 -20.50 28.82
N THR Q 92 -73.71 -19.70 27.76
CA THR Q 92 -72.69 -18.62 27.70
C THR Q 92 -73.20 -17.34 28.34
N ARG Q 93 -72.30 -16.42 28.62
CA ARG Q 93 -72.70 -15.15 29.19
C ARG Q 93 -73.46 -14.30 28.17
N GLY Q 94 -73.24 -14.59 26.89
CA GLY Q 94 -73.93 -13.85 25.83
C GLY Q 94 -75.41 -14.17 25.88
N ILE Q 95 -75.73 -15.45 25.79
CA ILE Q 95 -77.12 -15.91 25.90
C ILE Q 95 -77.74 -15.58 27.26
N LEU Q 96 -76.99 -15.82 28.34
CA LEU Q 96 -77.48 -15.55 29.68
C LEU Q 96 -78.06 -14.12 29.77
N ARG Q 97 -77.27 -13.14 29.34
CA ARG Q 97 -77.70 -11.77 29.54
C ARG Q 97 -78.84 -11.46 28.61
N SER Q 98 -78.74 -11.94 27.37
CA SER Q 98 -79.67 -11.51 26.34
C SER Q 98 -81.08 -12.13 26.43
N VAL Q 99 -81.18 -13.44 26.66
CA VAL Q 99 -82.49 -14.11 26.58
C VAL Q 99 -82.86 -15.01 27.74
N VAL Q 100 -81.96 -15.18 28.70
CA VAL Q 100 -82.36 -15.85 29.93
C VAL Q 100 -82.82 -14.83 30.98
N PRO Q 101 -84.13 -14.82 31.31
CA PRO Q 101 -84.59 -13.86 32.31
C PRO Q 101 -84.02 -14.18 33.70
N PRO Q 102 -83.40 -13.16 34.35
CA PRO Q 102 -82.86 -13.34 35.70
C PRO Q 102 -83.94 -13.92 36.62
N ALA Q 103 -85.20 -13.58 36.37
CA ALA Q 103 -86.31 -14.01 37.24
C ALA Q 103 -86.50 -15.50 37.18
N THR Q 104 -85.77 -16.14 36.28
CA THR Q 104 -85.79 -17.59 36.18
C THR Q 104 -85.37 -18.23 37.48
N ASN Q 105 -84.60 -17.52 38.31
CA ASN Q 105 -84.22 -18.03 39.63
C ASN Q 105 -83.71 -19.48 39.62
N ARG Q 106 -82.79 -19.76 38.71
CA ARG Q 106 -82.24 -21.09 38.56
C ARG Q 106 -80.71 -20.95 38.52
N PRO Q 107 -79.99 -21.88 39.18
CA PRO Q 107 -78.48 -21.80 39.21
C PRO Q 107 -77.87 -21.98 37.83
N VAL Q 108 -76.82 -21.24 37.51
CA VAL Q 108 -76.21 -21.35 36.18
C VAL Q 108 -74.77 -21.80 36.28
N VAL Q 109 -74.32 -22.48 35.23
CA VAL Q 109 -72.91 -22.82 35.09
C VAL Q 109 -72.47 -22.21 33.77
N LEU Q 110 -71.52 -21.29 33.81
CA LEU Q 110 -71.19 -20.52 32.60
C LEU Q 110 -70.16 -21.24 31.75
N ARG Q 111 -70.41 -21.34 30.45
CA ARG Q 111 -69.38 -21.74 29.50
C ARG Q 111 -68.25 -20.68 29.55
N ALA Q 112 -67.04 -21.06 29.90
CA ALA Q 112 -65.99 -20.08 30.02
C ALA Q 112 -64.85 -20.37 29.05
N SER Q 113 -65.14 -21.03 27.95
CA SER Q 113 -64.10 -21.20 26.95
C SER Q 113 -64.72 -20.99 25.58
N GLY Q 114 -63.87 -20.91 24.55
CA GLY Q 114 -64.32 -20.53 23.21
C GLY Q 114 -63.19 -20.04 22.33
N ALA Q 115 -63.52 -19.24 21.31
CA ALA Q 115 -62.53 -18.75 20.36
C ALA Q 115 -62.20 -19.83 19.33
N ASN Q 116 -63.00 -20.89 19.31
CA ASN Q 116 -62.90 -21.93 18.28
C ASN Q 116 -64.19 -21.94 17.43
N SER Q 117 -64.24 -22.70 16.33
CA SER Q 117 -65.47 -22.80 15.56
C SER Q 117 -65.46 -24.07 14.75
N ILE Q 118 -66.61 -24.44 14.19
CA ILE Q 118 -66.65 -25.63 13.38
C ILE Q 118 -65.92 -25.44 12.06
N LEU Q 119 -65.43 -24.24 11.76
CA LEU Q 119 -64.70 -24.04 10.53
C LEU Q 119 -63.19 -24.21 10.69
N ALA Q 120 -62.73 -24.43 11.92
CA ALA Q 120 -61.29 -24.58 12.18
C ALA Q 120 -60.96 -25.71 13.16
N GLU Q 121 -59.76 -25.69 13.74
CA GLU Q 121 -59.38 -26.73 14.66
C GLU Q 121 -60.24 -26.68 15.92
N LEU Q 122 -60.94 -27.77 16.20
CA LEU Q 122 -61.91 -27.75 17.29
C LEU Q 122 -61.27 -27.54 18.65
N SER Q 123 -60.06 -28.03 18.85
CA SER Q 123 -59.42 -27.99 20.17
C SER Q 123 -58.73 -26.66 20.46
N ASN Q 124 -58.84 -25.70 19.53
CA ASN Q 124 -58.19 -24.42 19.71
C ASN Q 124 -59.03 -23.41 20.52
N GLU Q 125 -59.19 -23.66 21.82
CA GLU Q 125 -59.99 -22.82 22.72
C GLU Q 125 -59.15 -21.97 23.69
N ALA Q 126 -59.65 -20.77 23.98
CA ALA Q 126 -59.08 -19.86 24.97
C ALA Q 126 -60.10 -19.62 26.07
N VAL Q 127 -59.67 -19.03 27.19
CA VAL Q 127 -60.65 -18.72 28.23
C VAL Q 127 -61.55 -17.59 27.71
N ALA Q 128 -62.86 -17.78 27.83
CA ALA Q 128 -63.80 -16.93 27.14
C ALA Q 128 -64.49 -15.89 28.05
N LEU Q 129 -64.21 -15.92 29.35
CA LEU Q 129 -64.74 -14.89 30.22
C LEU Q 129 -63.99 -14.82 31.53
N SER Q 130 -63.77 -13.60 32.02
CA SER Q 130 -62.98 -13.40 33.22
C SER Q 130 -63.77 -13.82 34.45
N MET Q 131 -63.05 -14.26 35.50
CA MET Q 131 -63.68 -14.70 36.74
C MET Q 131 -64.44 -13.52 37.30
N ASP Q 132 -63.84 -12.36 37.11
CA ASP Q 132 -64.47 -11.10 37.41
C ASP Q 132 -65.93 -11.12 36.99
N ASP Q 133 -66.17 -11.38 35.70
CA ASP Q 133 -67.50 -11.32 35.15
C ASP Q 133 -68.36 -12.52 35.57
N ALA Q 134 -67.69 -13.63 35.91
CA ALA Q 134 -68.43 -14.80 36.36
C ALA Q 134 -69.06 -14.47 37.71
N VAL Q 135 -68.29 -13.77 38.54
CA VAL Q 135 -68.78 -13.35 39.84
C VAL Q 135 -69.87 -12.34 39.66
N ARG Q 136 -69.64 -11.40 38.76
CA ARG Q 136 -70.66 -10.38 38.46
C ARG Q 136 -71.99 -11.02 38.08
N LEU Q 137 -71.94 -12.17 37.41
CA LEU Q 137 -73.15 -12.83 36.90
C LEU Q 137 -73.75 -13.81 37.91
N ASN Q 138 -73.14 -13.86 39.10
CA ASN Q 138 -73.62 -14.77 40.15
C ASN Q 138 -73.60 -16.25 39.74
N SER Q 139 -72.53 -16.71 39.09
CA SER Q 139 -72.43 -18.09 38.65
C SER Q 139 -72.25 -19.04 39.81
N CYS Q 140 -72.64 -20.30 39.60
CA CYS Q 140 -72.34 -21.40 40.52
C CYS Q 140 -71.06 -22.12 40.14
N ALA Q 141 -70.66 -22.00 38.88
CA ALA Q 141 -69.39 -22.58 38.41
C ALA Q 141 -69.04 -22.11 37.00
N VAL Q 142 -67.76 -22.30 36.62
CA VAL Q 142 -67.28 -21.96 35.28
C VAL Q 142 -66.80 -23.24 34.63
N ALA Q 143 -67.02 -23.37 33.33
CA ALA Q 143 -66.75 -24.62 32.63
C ALA Q 143 -65.86 -24.36 31.42
N ALA Q 144 -64.94 -25.29 31.15
CA ALA Q 144 -64.07 -25.15 30.01
C ALA Q 144 -63.72 -26.53 29.50
N GLN Q 145 -63.35 -26.62 28.22
CA GLN Q 145 -63.06 -27.90 27.60
C GLN Q 145 -61.63 -28.29 27.79
N VAL Q 146 -61.41 -29.58 28.05
CA VAL Q 146 -60.07 -30.16 27.98
C VAL Q 146 -59.99 -31.14 26.79
N TYR Q 147 -58.98 -31.01 25.94
CA TYR Q 147 -58.86 -31.85 24.77
C TYR Q 147 -57.62 -32.72 24.80
N ILE Q 148 -57.64 -33.75 25.63
CA ILE Q 148 -56.51 -34.65 25.71
C ILE Q 148 -56.38 -35.40 24.41
N GLY Q 149 -55.15 -35.46 23.89
CA GLY Q 149 -54.90 -36.10 22.60
C GLY Q 149 -55.09 -35.23 21.37
N SER Q 150 -55.69 -34.05 21.51
CA SER Q 150 -55.84 -33.16 20.37
C SER Q 150 -54.65 -32.24 20.19
N GLU Q 151 -54.67 -31.47 19.11
CA GLU Q 151 -53.56 -30.60 18.80
C GLU Q 151 -53.30 -29.57 19.91
N TYR Q 152 -54.35 -28.97 20.45
CA TYR Q 152 -54.17 -27.92 21.44
C TYR Q 152 -54.41 -28.43 22.86
N GLU Q 153 -54.03 -29.69 23.10
CA GLU Q 153 -54.17 -30.29 24.41
C GLU Q 153 -53.57 -29.41 25.53
N HIS Q 154 -52.32 -29.01 25.35
CA HIS Q 154 -51.58 -28.26 26.37
C HIS Q 154 -52.38 -27.01 26.77
N GLN Q 155 -52.85 -26.26 25.78
CA GLN Q 155 -53.53 -24.99 26.03
C GLN Q 155 -54.83 -25.25 26.78
N SER Q 156 -55.58 -26.25 26.32
CA SER Q 156 -56.82 -26.59 26.98
C SER Q 156 -56.58 -26.89 28.46
N ILE Q 157 -55.48 -27.54 28.82
CA ILE Q 157 -55.26 -27.83 30.23
C ILE Q 157 -54.93 -26.55 30.98
N LYS Q 158 -54.14 -25.68 30.34
CA LYS Q 158 -53.81 -24.38 30.94
C LYS Q 158 -55.04 -23.54 31.18
N ASN Q 159 -56.06 -23.67 30.33
CA ASN Q 159 -57.37 -23.03 30.58
C ASN Q 159 -57.98 -23.52 31.89
N ILE Q 160 -57.85 -24.82 32.18
CA ILE Q 160 -58.33 -25.35 33.44
C ILE Q 160 -57.50 -24.81 34.62
N ILE Q 161 -56.18 -24.78 34.44
CA ILE Q 161 -55.31 -24.26 35.49
C ILE Q 161 -55.68 -22.83 35.82
N GLN Q 162 -55.93 -22.04 34.78
CA GLN Q 162 -56.21 -20.64 34.98
C GLN Q 162 -57.52 -20.42 35.72
N LEU Q 163 -58.55 -21.16 35.34
CA LEU Q 163 -59.87 -20.99 35.98
C LEU Q 163 -59.82 -21.44 37.44
N VAL Q 164 -59.08 -22.51 37.75
CA VAL Q 164 -59.00 -22.98 39.12
C VAL Q 164 -58.25 -21.96 39.98
N ASP Q 165 -57.08 -21.51 39.51
CA ASP Q 165 -56.34 -20.45 40.22
C ASP Q 165 -57.27 -19.30 40.56
N ALA Q 166 -58.00 -18.81 39.56
CA ALA Q 166 -58.89 -17.67 39.74
C ALA Q 166 -60.09 -18.01 40.62
N GLY Q 167 -60.66 -19.18 40.42
CA GLY Q 167 -61.82 -19.60 41.21
C GLY Q 167 -61.54 -19.76 42.69
N MET Q 168 -60.33 -20.24 43.03
CA MET Q 168 -59.97 -20.45 44.43
C MET Q 168 -59.88 -19.15 45.26
N LYS Q 169 -59.55 -18.03 44.62
CA LYS Q 169 -59.57 -16.75 45.29
C LYS Q 169 -60.98 -16.36 45.70
N VAL Q 170 -61.98 -16.90 45.03
CA VAL Q 170 -63.30 -16.34 45.06
C VAL Q 170 -64.35 -17.36 45.48
N GLY Q 171 -63.96 -18.63 45.54
CA GLY Q 171 -64.88 -19.70 45.95
C GLY Q 171 -65.78 -20.15 44.82
N MET Q 172 -65.31 -19.96 43.59
CA MET Q 172 -66.00 -20.44 42.39
C MET Q 172 -65.41 -21.76 41.93
N PRO Q 173 -66.23 -22.84 41.96
CA PRO Q 173 -65.88 -24.16 41.40
C PRO Q 173 -65.61 -24.08 39.89
N THR Q 174 -64.71 -24.92 39.40
CA THR Q 174 -64.49 -25.09 37.97
C THR Q 174 -64.94 -26.47 37.45
N MET Q 175 -65.66 -26.50 36.33
CA MET Q 175 -66.05 -27.77 35.73
C MET Q 175 -65.22 -28.06 34.48
N ALA Q 176 -64.48 -29.16 34.48
CA ALA Q 176 -63.69 -29.54 33.32
C ALA Q 176 -64.49 -30.48 32.46
N VAL Q 177 -64.58 -30.18 31.16
CA VAL Q 177 -65.29 -31.04 30.20
C VAL Q 177 -64.34 -31.77 29.22
N THR Q 178 -64.47 -33.11 29.14
CA THR Q 178 -63.56 -33.90 28.31
C THR Q 178 -64.06 -33.92 26.87
N GLY Q 179 -63.57 -32.99 26.06
CA GLY Q 179 -63.94 -32.93 24.66
C GLY Q 179 -63.04 -33.81 23.79
N VAL Q 180 -63.63 -34.46 22.77
CA VAL Q 180 -62.90 -35.47 21.98
C VAL Q 180 -62.53 -35.08 20.56
N VAL Q 185 -61.37 -42.22 19.26
CA VAL Q 185 -61.92 -43.43 19.88
C VAL Q 185 -62.23 -43.19 21.36
N ARG Q 186 -63.46 -43.50 21.74
CA ARG Q 186 -63.96 -43.14 23.04
C ARG Q 186 -64.13 -44.36 23.93
N ASP Q 187 -63.03 -44.87 24.48
CA ASP Q 187 -63.13 -46.00 25.39
C ASP Q 187 -62.85 -45.64 26.84
N GLN Q 188 -62.95 -46.62 27.72
CA GLN Q 188 -62.75 -46.39 29.15
C GLN Q 188 -61.33 -45.88 29.46
N ARG Q 189 -60.32 -46.51 28.89
CA ARG Q 189 -58.96 -46.10 29.23
C ARG Q 189 -58.71 -44.63 28.87
N TYR Q 190 -59.30 -44.21 27.76
CA TYR Q 190 -59.14 -42.82 27.36
C TYR Q 190 -59.77 -41.84 28.36
N PHE Q 191 -61.08 -41.98 28.59
CA PHE Q 191 -61.78 -41.08 29.50
C PHE Q 191 -61.24 -41.15 30.92
N SER Q 192 -60.71 -42.30 31.34
CA SER Q 192 -60.02 -42.35 32.63
C SER Q 192 -58.87 -41.35 32.65
N LEU Q 193 -58.07 -41.37 31.59
CA LEU Q 193 -56.96 -40.46 31.48
C LEU Q 193 -57.42 -39.01 31.53
N ALA Q 194 -58.37 -38.64 30.69
CA ALA Q 194 -58.81 -37.25 30.57
C ALA Q 194 -59.46 -36.77 31.86
N THR Q 195 -60.37 -37.55 32.41
CA THR Q 195 -61.06 -37.14 33.61
C THR Q 195 -60.10 -37.02 34.77
N ARG Q 196 -59.24 -38.01 34.96
CA ARG Q 196 -58.31 -38.01 36.09
C ARG Q 196 -57.31 -36.85 36.07
N ILE Q 197 -56.78 -36.52 34.89
CA ILE Q 197 -55.89 -35.40 34.76
C ILE Q 197 -56.58 -34.09 35.14
N ALA Q 198 -57.77 -33.88 34.62
CA ALA Q 198 -58.46 -32.66 34.93
C ALA Q 198 -58.69 -32.55 36.44
N ALA Q 199 -59.14 -33.65 37.03
CA ALA Q 199 -59.45 -33.62 38.45
C ALA Q 199 -58.17 -33.28 39.22
N GLU Q 200 -57.09 -33.93 38.78
CA GLU Q 200 -55.79 -33.81 39.38
C GLU Q 200 -55.32 -32.31 39.36
N MET Q 201 -55.64 -31.60 38.29
CA MET Q 201 -55.23 -30.21 38.13
C MET Q 201 -56.01 -29.30 39.04
N GLY Q 202 -57.24 -29.71 39.40
CA GLY Q 202 -57.99 -28.97 40.42
C GLY Q 202 -59.47 -28.80 40.19
N ALA Q 203 -59.97 -29.22 39.02
CA ALA Q 203 -61.37 -29.06 38.70
C ALA Q 203 -62.18 -29.79 39.75
N GLN Q 204 -63.27 -29.19 40.22
CA GLN Q 204 -64.14 -29.83 41.23
C GLN Q 204 -65.27 -30.61 40.58
N ILE Q 205 -65.62 -30.28 39.36
CA ILE Q 205 -66.62 -31.08 38.66
C ILE Q 205 -66.05 -31.59 37.33
N ILE Q 206 -66.31 -32.84 36.99
CA ILE Q 206 -65.90 -33.32 35.69
C ILE Q 206 -67.09 -33.78 34.87
N LYS Q 207 -67.11 -33.40 33.60
CA LYS Q 207 -68.17 -33.84 32.73
C LYS Q 207 -67.56 -34.59 31.60
N THR Q 208 -68.06 -35.82 31.38
CA THR Q 208 -67.53 -36.74 30.38
C THR Q 208 -68.66 -37.46 29.65
N TYR Q 209 -68.29 -38.43 28.82
CA TYR Q 209 -69.27 -39.23 28.07
C TYR Q 209 -69.48 -40.59 28.73
N TYR Q 210 -70.67 -41.16 28.52
CA TYR Q 210 -70.95 -42.50 29.01
C TYR Q 210 -70.32 -43.51 28.06
N VAL Q 211 -69.87 -44.63 28.60
CA VAL Q 211 -69.24 -45.62 27.77
C VAL Q 211 -69.90 -46.99 27.97
N GLU Q 212 -70.02 -47.73 26.86
CA GLU Q 212 -70.69 -49.04 26.85
C GLU Q 212 -70.15 -49.96 27.93
N LYS Q 213 -68.83 -50.02 28.06
CA LYS Q 213 -68.25 -50.82 29.13
C LYS Q 213 -67.03 -50.17 29.78
N GLY Q 214 -66.98 -50.27 31.10
CA GLY Q 214 -65.87 -49.69 31.87
C GLY Q 214 -66.21 -48.39 32.58
N PHE Q 215 -67.40 -47.86 32.34
CA PHE Q 215 -67.76 -46.59 32.94
C PHE Q 215 -67.55 -46.56 34.46
N GLU Q 216 -67.88 -47.67 35.12
CA GLU Q 216 -67.72 -47.74 36.56
C GLU Q 216 -66.31 -47.37 36.97
N ARG Q 217 -65.33 -47.72 36.13
CA ARG Q 217 -63.93 -47.49 36.44
C ARG Q 217 -63.57 -46.02 36.27
N ILE Q 218 -64.25 -45.35 35.35
CA ILE Q 218 -64.10 -43.90 35.19
C ILE Q 218 -64.54 -43.17 36.46
N VAL Q 219 -65.69 -43.53 36.98
CA VAL Q 219 -66.18 -42.90 38.19
C VAL Q 219 -65.25 -43.20 39.34
N ALA Q 220 -64.90 -44.49 39.49
CA ALA Q 220 -64.11 -44.90 40.65
C ALA Q 220 -62.76 -44.19 40.67
N GLY Q 221 -62.19 -43.97 39.49
CA GLY Q 221 -60.85 -43.43 39.41
C GLY Q 221 -60.80 -41.91 39.53
N CYS Q 222 -61.98 -41.29 39.61
CA CYS Q 222 -62.10 -39.83 39.65
C CYS Q 222 -62.55 -39.37 41.04
N PRO Q 223 -61.75 -38.53 41.69
CA PRO Q 223 -61.99 -38.16 43.08
C PRO Q 223 -63.14 -37.16 43.27
N VAL Q 224 -63.65 -36.58 42.19
CA VAL Q 224 -64.75 -35.61 42.30
C VAL Q 224 -65.95 -36.02 41.45
N PRO Q 225 -67.10 -35.35 41.64
CA PRO Q 225 -68.37 -35.72 41.02
C PRO Q 225 -68.28 -35.70 39.52
N ILE Q 226 -68.90 -36.71 38.88
CA ILE Q 226 -68.88 -36.82 37.43
C ILE Q 226 -70.28 -36.66 36.87
N VAL Q 227 -70.35 -35.97 35.74
CA VAL Q 227 -71.62 -35.71 35.08
C VAL Q 227 -71.47 -36.13 33.63
N ILE Q 228 -72.48 -36.79 33.08
CA ILE Q 228 -72.39 -37.21 31.68
C ILE Q 228 -73.10 -36.27 30.72
N ALA Q 229 -72.50 -36.11 29.54
CA ALA Q 229 -73.16 -35.41 28.47
C ALA Q 229 -74.26 -36.25 27.81
N GLY Q 230 -75.31 -35.57 27.36
CA GLY Q 230 -76.39 -36.19 26.60
C GLY Q 230 -75.91 -36.88 25.35
N GLY Q 231 -75.03 -36.25 24.59
CA GLY Q 231 -74.58 -36.83 23.32
C GLY Q 231 -75.61 -36.64 22.22
N LYS Q 232 -75.35 -37.19 21.04
CA LYS Q 232 -76.21 -36.96 19.90
C LYS Q 232 -77.61 -37.49 20.20
N LYS Q 233 -78.60 -36.99 19.47
CA LYS Q 233 -80.01 -37.40 19.62
C LYS Q 233 -80.22 -38.91 19.53
N LEU Q 234 -80.94 -39.46 20.48
CA LEU Q 234 -81.31 -40.86 20.44
C LEU Q 234 -82.83 -41.00 20.60
N PRO Q 235 -83.37 -42.17 20.30
CA PRO Q 235 -84.75 -42.41 20.71
C PRO Q 235 -84.89 -42.20 22.21
N GLU Q 236 -85.94 -41.49 22.62
CA GLU Q 236 -86.18 -41.14 24.03
C GLU Q 236 -85.97 -42.32 24.98
N ARG Q 237 -86.41 -43.50 24.58
CA ARG Q 237 -86.28 -44.65 25.45
C ARG Q 237 -84.81 -45.02 25.65
N GLU Q 238 -84.02 -44.87 24.60
CA GLU Q 238 -82.62 -45.20 24.67
C GLU Q 238 -81.82 -44.20 25.49
N ALA Q 239 -82.16 -42.92 25.32
CA ALA Q 239 -81.54 -41.85 26.09
C ALA Q 239 -81.75 -42.09 27.58
N LEU Q 240 -82.97 -42.46 27.96
CA LEU Q 240 -83.25 -42.79 29.37
C LEU Q 240 -82.45 -44.01 29.87
N GLU Q 241 -82.29 -45.02 29.03
CA GLU Q 241 -81.46 -46.16 29.40
C GLU Q 241 -80.04 -45.72 29.72
N MET Q 242 -79.51 -44.83 28.88
CA MET Q 242 -78.17 -44.32 29.07
C MET Q 242 -78.05 -43.63 30.43
N CYS Q 243 -79.01 -42.78 30.75
CA CYS Q 243 -79.01 -42.12 32.02
C CYS Q 243 -79.04 -43.11 33.16
N TRP Q 244 -79.93 -44.11 33.05
CA TRP Q 244 -80.09 -45.09 34.12
C TRP Q 244 -78.80 -45.85 34.38
N GLN Q 245 -78.15 -46.27 33.30
CA GLN Q 245 -76.88 -46.96 33.40
C GLN Q 245 -75.87 -46.06 34.10
N ALA Q 246 -75.73 -44.83 33.61
CA ALA Q 246 -74.76 -43.89 34.15
C ALA Q 246 -74.95 -43.72 35.63
N ILE Q 247 -76.16 -43.33 36.02
CA ILE Q 247 -76.49 -43.14 37.41
C ILE Q 247 -76.22 -44.41 38.23
N ASP Q 248 -76.69 -45.53 37.71
CA ASP Q 248 -76.53 -46.80 38.39
C ASP Q 248 -75.05 -47.11 38.64
N GLN Q 249 -74.19 -46.67 37.72
CA GLN Q 249 -72.78 -46.97 37.82
C GLN Q 249 -71.99 -45.88 38.52
N GLY Q 250 -72.67 -44.86 39.04
CA GLY Q 250 -72.02 -43.89 39.92
C GLY Q 250 -71.94 -42.42 39.50
N ALA Q 251 -72.48 -42.08 38.33
CA ALA Q 251 -72.50 -40.68 37.90
C ALA Q 251 -73.27 -39.81 38.90
N SER Q 252 -72.89 -38.55 39.01
CA SER Q 252 -73.59 -37.66 39.92
C SER Q 252 -74.63 -36.83 39.23
N GLY Q 253 -74.99 -37.21 38.00
CA GLY Q 253 -76.05 -36.49 37.29
C GLY Q 253 -75.75 -36.39 35.81
N VAL Q 254 -76.67 -35.78 35.06
CA VAL Q 254 -76.50 -35.64 33.63
C VAL Q 254 -76.59 -34.21 33.12
N ASP Q 255 -75.89 -33.92 32.04
CA ASP Q 255 -75.89 -32.61 31.42
C ASP Q 255 -76.47 -32.68 30.02
N MET Q 256 -77.77 -32.94 29.93
CA MET Q 256 -78.50 -33.10 28.67
C MET Q 256 -78.64 -31.82 27.87
N GLY Q 257 -78.57 -31.96 26.56
CA GLY Q 257 -78.85 -30.86 25.67
C GLY Q 257 -79.78 -31.35 24.57
N ARG Q 258 -79.20 -31.98 23.55
CA ARG Q 258 -79.96 -32.40 22.39
C ARG Q 258 -81.07 -33.41 22.68
N ASN Q 259 -80.81 -34.37 23.55
CA ASN Q 259 -81.84 -35.37 23.83
C ASN Q 259 -83.07 -34.78 24.53
N ILE Q 260 -83.00 -33.49 24.84
CA ILE Q 260 -84.13 -32.83 25.45
C ILE Q 260 -84.70 -31.81 24.48
N PHE Q 261 -83.90 -30.82 24.11
CA PHE Q 261 -84.46 -29.77 23.25
C PHE Q 261 -84.72 -30.19 21.81
N GLN Q 262 -84.25 -31.35 21.40
CA GLN Q 262 -84.55 -31.88 20.07
C GLN Q 262 -85.65 -32.95 20.12
N SER Q 263 -86.25 -33.13 21.28
CA SER Q 263 -87.33 -34.09 21.43
C SER Q 263 -88.64 -33.40 21.02
N ASP Q 264 -89.63 -34.20 20.65
CA ASP Q 264 -90.96 -33.66 20.37
C ASP Q 264 -91.71 -33.29 21.65
N HIS Q 265 -91.22 -33.78 22.79
CA HIS Q 265 -91.82 -33.51 24.09
C HIS Q 265 -90.74 -33.22 25.11
N PRO Q 266 -90.12 -32.03 25.02
CA PRO Q 266 -89.01 -31.68 25.89
C PRO Q 266 -89.38 -31.78 27.36
N VAL Q 267 -90.42 -31.07 27.77
CA VAL Q 267 -90.82 -31.04 29.17
C VAL Q 267 -91.03 -32.45 29.74
N ALA Q 268 -91.74 -33.29 28.99
CA ALA Q 268 -91.97 -34.68 29.40
C ALA Q 268 -90.65 -35.42 29.57
N MET Q 269 -89.78 -35.32 28.58
CA MET Q 269 -88.46 -35.94 28.64
C MET Q 269 -87.67 -35.52 29.90
N MET Q 270 -87.70 -34.23 30.24
CA MET Q 270 -87.03 -33.74 31.41
C MET Q 270 -87.58 -34.39 32.68
N LYS Q 271 -88.90 -34.49 32.80
CA LYS Q 271 -89.51 -35.08 33.97
C LYS Q 271 -89.08 -36.54 34.10
N ALA Q 272 -88.96 -37.20 32.96
CA ALA Q 272 -88.48 -38.57 32.94
C ALA Q 272 -87.06 -38.64 33.49
N VAL Q 273 -86.19 -37.84 32.88
CA VAL Q 273 -84.77 -37.77 33.29
C VAL Q 273 -84.64 -37.48 34.79
N GLN Q 274 -85.48 -36.58 35.30
CA GLN Q 274 -85.48 -36.27 36.73
C GLN Q 274 -85.81 -37.52 37.54
N ALA Q 275 -86.84 -38.23 37.09
CA ALA Q 275 -87.32 -39.44 37.76
C ALA Q 275 -86.19 -40.44 37.90
N VAL Q 276 -85.44 -40.61 36.80
CA VAL Q 276 -84.32 -41.53 36.78
C VAL Q 276 -83.17 -41.09 37.70
N VAL Q 277 -82.83 -39.81 37.63
CA VAL Q 277 -81.65 -39.28 38.32
C VAL Q 277 -81.86 -39.16 39.82
N HIS Q 278 -82.96 -38.54 40.22
CA HIS Q 278 -83.18 -38.25 41.64
C HIS Q 278 -83.93 -39.31 42.41
N HIS Q 279 -84.79 -40.07 41.72
CA HIS Q 279 -85.72 -41.00 42.38
C HIS Q 279 -85.51 -42.47 42.05
N ASN Q 280 -84.35 -42.81 41.50
CA ASN Q 280 -84.03 -44.19 41.20
C ASN Q 280 -85.10 -44.91 40.40
N GLU Q 281 -85.88 -44.19 39.61
CA GLU Q 281 -86.74 -44.84 38.63
C GLU Q 281 -85.97 -45.73 37.66
N THR Q 282 -86.67 -46.70 37.06
CA THR Q 282 -86.09 -47.57 36.03
C THR Q 282 -86.28 -46.93 34.65
N ALA Q 283 -85.54 -47.40 33.66
CA ALA Q 283 -85.66 -46.83 32.33
C ALA Q 283 -87.09 -46.97 31.79
N ASP Q 284 -87.68 -48.16 31.99
CA ASP Q 284 -89.04 -48.44 31.51
C ASP Q 284 -90.07 -47.61 32.23
N ARG Q 285 -90.11 -47.71 33.54
CA ARG Q 285 -91.03 -46.91 34.35
C ARG Q 285 -91.00 -45.45 33.91
N ALA Q 286 -89.81 -44.92 33.78
CA ALA Q 286 -89.61 -43.53 33.40
C ALA Q 286 -90.18 -43.31 32.01
N TYR Q 287 -89.91 -44.23 31.09
CA TYR Q 287 -90.42 -44.07 29.73
C TYR Q 287 -91.94 -43.98 29.72
N GLU Q 288 -92.59 -44.64 30.66
CA GLU Q 288 -94.05 -44.56 30.80
C GLU Q 288 -94.52 -43.25 31.42
N LEU Q 289 -93.69 -42.66 32.27
CA LEU Q 289 -93.90 -41.28 32.72
C LEU Q 289 -93.85 -40.33 31.50
N TYR Q 290 -93.02 -40.70 30.52
CA TYR Q 290 -92.84 -39.90 29.31
C TYR Q 290 -94.02 -40.05 28.34
N LEU Q 291 -94.56 -41.26 28.26
CA LEU Q 291 -95.71 -41.54 27.39
C LEU Q 291 -97.01 -40.98 27.92
N SER Q 292 -97.06 -40.70 29.23
CA SER Q 292 -98.23 -40.04 29.84
C SER Q 292 -98.24 -38.52 29.60
N GLU Q 293 -97.07 -37.94 29.28
CA GLU Q 293 -96.99 -36.56 28.78
C GLU Q 293 -96.57 -36.54 27.30
N GLY R 14 -36.38 -8.83 91.87
CA GLY R 14 -36.56 -10.31 91.78
C GLY R 14 -36.47 -10.85 90.37
N LYS R 15 -35.57 -10.30 89.57
CA LYS R 15 -35.39 -10.73 88.19
C LYS R 15 -33.98 -11.25 87.92
N ASP R 16 -33.85 -12.24 87.05
CA ASP R 16 -32.55 -12.79 86.73
C ASP R 16 -32.29 -12.70 85.23
N PHE R 17 -31.47 -11.72 84.83
CA PHE R 17 -31.12 -11.53 83.42
C PHE R 17 -29.92 -12.36 82.97
N ARG R 18 -29.47 -13.24 83.85
CA ARG R 18 -28.29 -14.04 83.63
C ARG R 18 -27.27 -13.30 82.75
N THR R 19 -26.76 -12.18 83.24
CA THR R 19 -25.84 -11.37 82.47
C THR R 19 -24.43 -11.93 82.42
N ASP R 20 -24.17 -13.03 83.11
CA ASP R 20 -22.87 -13.65 83.06
C ASP R 20 -22.79 -14.61 81.87
N GLN R 21 -23.90 -14.78 81.17
CA GLN R 21 -23.99 -15.74 80.09
C GLN R 21 -24.55 -15.15 78.79
N PRO R 22 -23.67 -14.73 77.89
CA PRO R 22 -24.08 -14.04 76.69
C PRO R 22 -24.93 -14.92 75.81
N GLN R 23 -25.87 -14.31 75.10
CA GLN R 23 -26.76 -15.00 74.16
C GLN R 23 -25.98 -15.45 72.92
N LYS R 24 -26.20 -16.68 72.46
CA LYS R 24 -25.52 -17.18 71.25
C LYS R 24 -26.54 -17.76 70.27
N ASN R 25 -26.30 -17.53 68.97
CA ASN R 25 -27.20 -17.99 67.91
C ASN R 25 -27.03 -19.48 67.73
N ILE R 26 -28.12 -20.19 67.60
CA ILE R 26 -28.03 -21.59 67.26
C ILE R 26 -27.92 -21.79 65.74
N PRO R 27 -26.85 -22.47 65.26
CA PRO R 27 -26.65 -22.63 63.81
C PRO R 27 -27.69 -23.50 63.12
N PHE R 28 -28.05 -23.15 61.89
CA PHE R 28 -28.95 -23.95 61.09
C PHE R 28 -28.10 -24.74 60.07
N THR R 29 -28.07 -26.07 60.22
CA THR R 29 -27.07 -26.84 59.51
C THR R 29 -27.47 -27.42 58.19
N LEU R 30 -28.76 -27.39 57.84
CA LEU R 30 -29.27 -28.03 56.60
C LEU R 30 -28.51 -27.52 55.38
N LYS R 31 -27.93 -28.46 54.64
CA LYS R 31 -27.05 -28.15 53.51
C LYS R 31 -27.52 -26.94 52.67
N GLY R 32 -26.75 -25.87 52.69
CA GLY R 32 -27.01 -24.73 51.83
C GLY R 32 -28.27 -23.93 52.15
N CYS R 33 -28.80 -24.08 53.35
CA CYS R 33 -29.97 -23.32 53.71
C CYS R 33 -29.73 -22.46 54.93
N GLY R 34 -28.45 -22.09 55.16
CA GLY R 34 -28.09 -21.36 56.36
C GLY R 34 -28.24 -19.87 56.23
N ALA R 35 -28.82 -19.39 55.13
CA ALA R 35 -28.97 -17.96 54.87
C ALA R 35 -30.34 -17.67 54.31
N LEU R 36 -31.35 -18.32 54.87
CA LEU R 36 -32.73 -18.06 54.52
C LEU R 36 -33.44 -17.47 55.73
N ASP R 37 -34.55 -16.79 55.47
CA ASP R 37 -35.39 -16.20 56.50
C ASP R 37 -36.04 -17.25 57.38
N TRP R 38 -36.49 -16.88 58.57
CA TRP R 38 -37.04 -17.84 59.52
C TRP R 38 -38.12 -18.74 58.94
N GLY R 39 -39.14 -18.15 58.31
CA GLY R 39 -40.25 -18.92 57.77
C GLY R 39 -39.79 -19.96 56.76
N MET R 40 -38.91 -19.60 55.84
CA MET R 40 -38.50 -20.59 54.88
C MET R 40 -37.73 -21.70 55.59
N GLN R 41 -36.85 -21.36 56.51
CA GLN R 41 -36.14 -22.39 57.25
C GLN R 41 -37.15 -23.27 58.02
N SER R 42 -38.22 -22.64 58.46
CA SER R 42 -39.24 -23.35 59.16
C SER R 42 -39.95 -24.41 58.27
N ARG R 43 -40.33 -24.01 57.07
CA ARG R 43 -40.95 -24.94 56.16
C ARG R 43 -39.98 -26.08 55.86
N LEU R 44 -38.71 -25.74 55.68
CA LEU R 44 -37.73 -26.74 55.29
C LEU R 44 -37.52 -27.72 56.42
N SER R 45 -37.68 -27.25 57.66
CA SER R 45 -37.51 -28.12 58.82
C SER R 45 -38.71 -29.02 58.98
N ARG R 46 -39.82 -28.67 58.36
CA ARG R 46 -40.98 -29.60 58.35
C ARG R 46 -40.71 -30.75 57.42
N ILE R 47 -39.92 -30.54 56.38
CA ILE R 47 -39.58 -31.55 55.40
C ILE R 47 -38.37 -32.38 55.84
N PHE R 48 -37.27 -31.70 56.22
CA PHE R 48 -36.03 -32.37 56.62
C PHE R 48 -35.91 -32.36 58.12
N ASN R 49 -36.02 -33.53 58.72
CA ASN R 49 -35.87 -33.73 60.15
C ASN R 49 -34.62 -33.05 60.68
N PRO R 50 -34.79 -32.08 61.57
CA PRO R 50 -33.69 -31.31 62.07
C PRO R 50 -32.58 -32.18 62.62
N LYS R 51 -32.93 -33.26 63.31
CA LYS R 51 -31.94 -34.14 63.92
C LYS R 51 -31.08 -34.84 62.87
N THR R 52 -31.72 -35.64 62.00
CA THR R 52 -31.01 -36.41 60.95
C THR R 52 -30.67 -35.62 59.68
N GLY R 53 -31.44 -34.59 59.38
CA GLY R 53 -31.17 -33.78 58.21
C GLY R 53 -31.74 -34.40 56.96
N LYS R 54 -32.57 -35.42 57.11
CA LYS R 54 -33.08 -36.16 55.97
C LYS R 54 -34.61 -36.24 55.93
N THR R 55 -35.13 -36.85 54.89
CA THR R 55 -36.57 -36.95 54.78
C THR R 55 -37.01 -38.22 54.01
N VAL R 56 -38.11 -38.81 54.46
CA VAL R 56 -38.80 -39.85 53.69
C VAL R 56 -40.10 -39.32 53.11
N MET R 57 -40.13 -39.15 51.79
CA MET R 57 -41.22 -38.45 51.17
C MET R 57 -42.10 -39.41 50.38
N LEU R 58 -43.39 -39.46 50.69
CA LEU R 58 -44.28 -40.34 49.95
C LEU R 58 -44.93 -39.66 48.73
N ALA R 59 -44.57 -40.10 47.53
CA ALA R 59 -45.01 -39.38 46.33
C ALA R 59 -46.16 -40.08 45.63
N PHE R 60 -47.22 -39.34 45.39
CA PHE R 60 -48.36 -39.86 44.61
C PHE R 60 -48.97 -38.84 43.68
N ASP R 61 -48.10 -38.15 42.93
CA ASP R 61 -48.54 -37.09 42.04
C ASP R 61 -48.58 -37.57 40.59
N HIS R 62 -48.17 -38.81 40.38
CA HIS R 62 -48.06 -39.38 39.03
C HIS R 62 -49.27 -39.06 38.13
N GLY R 63 -50.47 -39.12 38.71
CA GLY R 63 -51.70 -38.87 37.92
C GLY R 63 -51.73 -37.56 37.16
N TYR R 64 -50.85 -36.61 37.50
CA TYR R 64 -50.98 -35.26 36.93
C TYR R 64 -50.82 -35.22 35.45
N PHE R 65 -50.12 -36.21 34.90
CA PHE R 65 -50.01 -36.33 33.47
C PHE R 65 -50.22 -37.76 33.00
N GLN R 66 -50.40 -38.68 33.94
CA GLN R 66 -50.61 -40.08 33.60
C GLN R 66 -52.01 -40.64 33.86
N GLY R 67 -52.89 -39.85 34.47
CA GLY R 67 -54.22 -40.39 34.81
C GLY R 67 -54.10 -41.48 35.86
N PRO R 68 -55.06 -42.41 35.93
CA PRO R 68 -55.08 -43.43 36.98
C PRO R 68 -54.00 -44.45 36.74
N THR R 69 -52.79 -44.15 37.16
CA THR R 69 -51.66 -45.06 37.07
C THR R 69 -51.86 -46.24 38.02
N THR R 70 -51.24 -47.39 37.71
CA THR R 70 -51.38 -48.57 38.57
C THR R 70 -50.92 -48.33 39.99
N GLY R 71 -51.78 -48.67 40.95
CA GLY R 71 -51.47 -48.43 42.36
C GLY R 71 -52.09 -47.16 42.93
N LEU R 72 -52.45 -46.25 42.03
CA LEU R 72 -53.04 -44.99 42.43
C LEU R 72 -54.43 -44.82 41.86
N GLU R 73 -55.11 -45.93 41.58
CA GLU R 73 -56.49 -45.85 41.14
C GLU R 73 -57.35 -45.27 42.25
N ARG R 74 -57.14 -45.74 43.48
CA ARG R 74 -57.92 -45.24 44.62
C ARG R 74 -57.06 -44.72 45.77
N ILE R 75 -56.59 -43.48 45.61
CA ILE R 75 -55.72 -42.87 46.61
C ILE R 75 -56.43 -42.96 47.97
N ASP R 76 -57.74 -42.76 47.94
CA ASP R 76 -58.56 -42.69 49.14
C ASP R 76 -58.59 -44.00 49.90
N ILE R 77 -58.27 -45.09 49.22
CA ILE R 77 -58.30 -46.39 49.85
C ILE R 77 -56.90 -46.93 50.06
N ASN R 78 -56.12 -47.01 48.98
CA ASN R 78 -54.79 -47.61 49.05
C ASN R 78 -53.72 -46.70 49.66
N ILE R 79 -53.76 -45.42 49.35
CA ILE R 79 -52.71 -44.54 49.85
C ILE R 79 -53.06 -43.96 51.20
N ALA R 80 -54.35 -43.85 51.49
CA ALA R 80 -54.77 -43.19 52.73
C ALA R 80 -54.06 -43.73 53.97
N PRO R 81 -54.05 -45.07 54.15
CA PRO R 81 -53.43 -45.71 55.31
C PRO R 81 -51.89 -45.54 55.40
N LEU R 82 -51.28 -45.03 54.36
CA LEU R 82 -49.84 -44.84 54.34
C LEU R 82 -49.38 -43.49 54.87
N PHE R 83 -50.26 -42.49 54.81
CA PHE R 83 -49.87 -41.12 55.11
C PHE R 83 -49.09 -41.03 56.39
N GLU R 84 -49.66 -41.58 57.46
CA GLU R 84 -49.08 -41.45 58.80
C GLU R 84 -47.65 -41.96 58.87
N HIS R 85 -47.31 -42.92 58.03
CA HIS R 85 -45.97 -43.50 58.05
C HIS R 85 -44.96 -42.71 57.21
N ALA R 86 -45.38 -41.57 56.68
CA ALA R 86 -44.50 -40.74 55.88
C ALA R 86 -44.13 -39.45 56.59
N ASP R 87 -42.94 -38.92 56.28
CA ASP R 87 -42.50 -37.63 56.82
C ASP R 87 -43.22 -36.51 56.11
N VAL R 88 -43.29 -36.60 54.79
CA VAL R 88 -43.99 -35.59 53.99
C VAL R 88 -44.76 -36.20 52.80
N LEU R 89 -45.89 -35.59 52.44
CA LEU R 89 -46.65 -36.08 51.33
C LEU R 89 -46.38 -35.22 50.10
N MET R 90 -46.34 -35.85 48.92
CA MET R 90 -46.26 -35.05 47.71
C MET R 90 -47.38 -35.40 46.73
N CYS R 91 -48.15 -34.39 46.34
CA CYS R 91 -49.21 -34.61 45.41
C CYS R 91 -49.73 -33.30 44.82
N THR R 92 -50.80 -33.41 44.03
CA THR R 92 -51.40 -32.24 43.40
C THR R 92 -52.48 -31.63 44.29
N ARG R 93 -52.88 -30.40 43.98
CA ARG R 93 -53.82 -29.71 44.79
C ARG R 93 -55.19 -30.30 44.55
N GLY R 94 -55.38 -30.92 43.38
CA GLY R 94 -56.63 -31.65 43.12
C GLY R 94 -56.87 -32.81 44.10
N ILE R 95 -55.94 -33.76 44.13
CA ILE R 95 -55.97 -34.86 45.08
C ILE R 95 -55.94 -34.37 46.53
N LEU R 96 -55.05 -33.42 46.82
CA LEU R 96 -54.94 -32.89 48.16
C LEU R 96 -56.34 -32.53 48.67
N ARG R 97 -57.06 -31.69 47.94
CA ARG R 97 -58.32 -31.19 48.48
C ARG R 97 -59.33 -32.31 48.52
N SER R 98 -59.34 -33.17 47.51
CA SER R 98 -60.43 -34.12 47.34
C SER R 98 -60.33 -35.32 48.29
N VAL R 99 -59.14 -35.88 48.47
CA VAL R 99 -59.09 -37.15 49.18
C VAL R 99 -58.04 -37.28 50.24
N VAL R 100 -57.17 -36.28 50.39
CA VAL R 100 -56.29 -36.28 51.54
C VAL R 100 -56.96 -35.49 52.65
N PRO R 101 -57.32 -36.16 53.77
CA PRO R 101 -57.93 -35.45 54.91
C PRO R 101 -56.94 -34.50 55.59
N PRO R 102 -57.36 -33.23 55.81
CA PRO R 102 -56.51 -32.21 56.44
C PRO R 102 -56.04 -32.66 57.78
N ALA R 103 -56.83 -33.50 58.44
CA ALA R 103 -56.48 -34.01 59.78
C ALA R 103 -55.27 -34.93 59.72
N THR R 104 -54.81 -35.23 58.51
CA THR R 104 -53.66 -36.10 58.36
C THR R 104 -52.48 -35.47 59.04
N ASN R 105 -52.53 -34.16 59.23
CA ASN R 105 -51.47 -33.45 59.93
C ASN R 105 -50.06 -33.85 59.48
N ARG R 106 -49.84 -33.88 58.18
CA ARG R 106 -48.56 -34.24 57.62
C ARG R 106 -48.12 -33.15 56.61
N PRO R 107 -46.84 -32.74 56.60
CA PRO R 107 -46.41 -31.64 55.73
C PRO R 107 -46.55 -32.02 54.27
N VAL R 108 -46.92 -31.09 53.39
CA VAL R 108 -47.06 -31.42 51.95
C VAL R 108 -46.13 -30.63 51.03
N VAL R 109 -45.73 -31.26 49.92
CA VAL R 109 -45.06 -30.58 48.84
C VAL R 109 -45.96 -30.66 47.58
N LEU R 110 -46.39 -29.53 47.07
CA LEU R 110 -47.38 -29.55 46.00
C LEU R 110 -46.74 -29.63 44.64
N ARG R 111 -47.22 -30.57 43.82
CA ARG R 111 -46.88 -30.59 42.39
C ARG R 111 -47.41 -29.30 41.80
N ALA R 112 -46.53 -28.47 41.24
CA ALA R 112 -46.96 -27.18 40.70
C ALA R 112 -46.64 -27.04 39.21
N SER R 113 -46.58 -28.14 38.50
CA SER R 113 -46.41 -28.10 37.06
C SER R 113 -47.35 -29.13 36.44
N GLY R 114 -47.52 -29.03 35.13
CA GLY R 114 -48.52 -29.85 34.42
C GLY R 114 -48.86 -29.35 33.03
N ALA R 115 -50.03 -29.72 32.53
CA ALA R 115 -50.51 -29.34 31.21
C ALA R 115 -49.83 -30.17 30.14
N ASN R 116 -49.18 -31.26 30.55
CA ASN R 116 -48.67 -32.25 29.62
C ASN R 116 -49.43 -33.55 29.78
N SER R 117 -49.18 -34.55 28.95
CA SER R 117 -49.80 -35.86 29.16
C SER R 117 -48.98 -36.96 28.49
N ILE R 118 -49.29 -38.21 28.77
CA ILE R 118 -48.63 -39.29 28.07
C ILE R 118 -49.04 -39.41 26.61
N LEU R 119 -49.98 -38.61 26.15
CA LEU R 119 -50.31 -38.70 24.74
C LEU R 119 -49.57 -37.69 23.91
N ALA R 120 -48.76 -36.84 24.54
CA ALA R 120 -48.07 -35.77 23.79
C ALA R 120 -46.64 -35.61 24.24
N GLU R 121 -46.00 -34.49 23.87
CA GLU R 121 -44.63 -34.27 24.30
C GLU R 121 -44.54 -34.16 25.82
N LEU R 122 -43.73 -35.02 26.43
CA LEU R 122 -43.66 -35.07 27.89
C LEU R 122 -43.08 -33.82 28.55
N SER R 123 -42.13 -33.18 27.91
CA SER R 123 -41.49 -31.99 28.46
C SER R 123 -42.29 -30.69 28.29
N ASN R 124 -43.51 -30.75 27.76
CA ASN R 124 -44.30 -29.54 27.54
C ASN R 124 -45.15 -29.22 28.78
N GLU R 125 -44.50 -28.72 29.83
CA GLU R 125 -45.17 -28.38 31.07
C GLU R 125 -45.28 -26.89 31.33
N ALA R 126 -46.36 -26.47 31.98
CA ALA R 126 -46.58 -25.09 32.43
C ALA R 126 -46.75 -25.08 33.95
N VAL R 127 -46.64 -23.91 34.58
CA VAL R 127 -46.91 -23.82 36.00
C VAL R 127 -48.37 -24.17 36.23
N ALA R 128 -48.62 -25.10 37.14
CA ALA R 128 -49.95 -25.67 37.31
C ALA R 128 -50.75 -25.15 38.52
N LEU R 129 -50.12 -24.33 39.37
CA LEU R 129 -50.88 -23.65 40.42
C LEU R 129 -50.20 -22.33 40.86
N SER R 130 -51.00 -21.30 41.11
CA SER R 130 -50.43 -20.06 41.59
C SER R 130 -49.87 -20.15 43.03
N MET R 131 -48.82 -19.37 43.31
CA MET R 131 -48.20 -19.35 44.62
C MET R 131 -49.24 -18.93 45.65
N ASP R 132 -50.16 -18.07 45.21
CA ASP R 132 -51.36 -17.69 45.95
C ASP R 132 -52.06 -18.90 46.55
N ASP R 133 -52.36 -19.90 45.71
CA ASP R 133 -53.05 -21.08 46.19
C ASP R 133 -52.17 -22.03 47.01
N ALA R 134 -50.86 -22.00 46.76
CA ALA R 134 -49.95 -22.86 47.48
C ALA R 134 -49.99 -22.40 48.91
N VAL R 135 -49.94 -21.08 49.12
CA VAL R 135 -50.00 -20.51 50.47
C VAL R 135 -51.38 -20.82 51.10
N ARG R 136 -52.43 -20.69 50.31
CA ARG R 136 -53.76 -20.98 50.82
C ARG R 136 -53.78 -22.42 51.37
N LEU R 137 -53.05 -23.31 50.72
CA LEU R 137 -53.09 -24.72 51.08
C LEU R 137 -52.06 -25.09 52.15
N ASN R 138 -51.42 -24.08 52.75
CA ASN R 138 -50.39 -24.32 53.76
C ASN R 138 -49.20 -25.22 53.34
N SER R 139 -48.68 -25.06 52.11
CA SER R 139 -47.64 -25.97 51.60
C SER R 139 -46.33 -25.72 52.27
N CYS R 140 -45.48 -26.74 52.27
CA CYS R 140 -44.11 -26.58 52.72
C CYS R 140 -43.17 -26.26 51.55
N ALA R 141 -43.60 -26.63 50.33
CA ALA R 141 -42.84 -26.38 49.13
C ALA R 141 -43.69 -26.59 47.85
N VAL R 142 -43.23 -26.02 46.74
CA VAL R 142 -43.84 -26.25 45.48
C VAL R 142 -42.80 -26.95 44.61
N ALA R 143 -43.26 -27.88 43.76
CA ALA R 143 -42.35 -28.64 42.90
C ALA R 143 -42.69 -28.52 41.41
N ALA R 144 -41.66 -28.44 40.56
CA ALA R 144 -41.88 -28.39 39.13
C ALA R 144 -40.77 -29.15 38.39
N GLN R 145 -41.03 -29.63 37.17
CA GLN R 145 -40.05 -30.45 36.44
C GLN R 145 -39.17 -29.58 35.63
N VAL R 146 -37.90 -29.93 35.58
CA VAL R 146 -36.98 -29.33 34.64
C VAL R 146 -36.56 -30.44 33.64
N TYR R 147 -36.65 -30.13 32.33
CA TYR R 147 -36.33 -31.10 31.26
C TYR R 147 -35.07 -30.74 30.43
N ILE R 148 -33.90 -30.81 31.04
CA ILE R 148 -32.69 -30.47 30.32
C ILE R 148 -32.51 -31.45 29.18
N GLY R 149 -32.29 -30.93 27.97
CA GLY R 149 -32.08 -31.80 26.84
C GLY R 149 -33.34 -32.09 26.06
N SER R 150 -34.51 -31.79 26.63
CA SER R 150 -35.74 -32.06 25.89
C SER R 150 -36.18 -30.87 25.09
N GLU R 151 -37.27 -31.05 24.33
CA GLU R 151 -37.72 -30.03 23.42
C GLU R 151 -38.10 -28.75 24.15
N TYR R 152 -38.82 -28.88 25.26
CA TYR R 152 -39.27 -27.70 26.00
C TYR R 152 -38.37 -27.38 27.18
N GLU R 153 -37.08 -27.63 27.02
CA GLU R 153 -36.12 -27.30 28.08
C GLU R 153 -36.25 -25.87 28.61
N HIS R 154 -36.18 -24.89 27.72
CA HIS R 154 -36.23 -23.46 28.07
C HIS R 154 -37.43 -23.12 28.94
N GLN R 155 -38.61 -23.58 28.52
CA GLN R 155 -39.84 -23.33 29.27
C GLN R 155 -39.76 -23.98 30.68
N SER R 156 -39.30 -25.22 30.74
CA SER R 156 -39.24 -25.88 32.03
C SER R 156 -38.36 -25.11 32.99
N ILE R 157 -37.26 -24.51 32.53
CA ILE R 157 -36.42 -23.70 33.43
C ILE R 157 -37.12 -22.37 33.85
N LYS R 158 -37.79 -21.75 32.89
CA LYS R 158 -38.64 -20.59 33.24
C LYS R 158 -39.67 -20.91 34.34
N ASN R 159 -40.22 -22.12 34.32
CA ASN R 159 -41.15 -22.51 35.35
C ASN R 159 -40.45 -22.47 36.69
N ILE R 160 -39.23 -22.99 36.76
CA ILE R 160 -38.46 -22.88 38.02
C ILE R 160 -38.19 -21.41 38.37
N ILE R 161 -37.74 -20.61 37.39
CA ILE R 161 -37.52 -19.19 37.65
C ILE R 161 -38.77 -18.53 38.23
N GLN R 162 -39.94 -18.81 37.67
CA GLN R 162 -41.17 -18.18 38.12
C GLN R 162 -41.58 -18.58 39.52
N LEU R 163 -41.43 -19.86 39.85
CA LEU R 163 -41.78 -20.32 41.20
C LEU R 163 -40.83 -19.74 42.24
N VAL R 164 -39.54 -19.63 41.92
CA VAL R 164 -38.61 -19.09 42.89
C VAL R 164 -38.92 -17.60 43.13
N ASP R 165 -39.18 -16.88 42.05
CA ASP R 165 -39.47 -15.45 42.17
C ASP R 165 -40.62 -15.31 43.12
N ALA R 166 -41.64 -16.14 42.92
CA ALA R 166 -42.87 -16.05 43.72
C ALA R 166 -42.68 -16.54 45.16
N GLY R 167 -41.98 -17.65 45.31
CA GLY R 167 -41.76 -18.21 46.62
C GLY R 167 -40.91 -17.30 47.50
N MET R 168 -39.95 -16.55 46.93
CA MET R 168 -39.13 -15.69 47.76
C MET R 168 -39.90 -14.55 48.42
N LYS R 169 -41.00 -14.12 47.80
CA LYS R 169 -41.86 -13.09 48.37
C LYS R 169 -42.54 -13.60 49.62
N VAL R 170 -42.67 -14.92 49.71
CA VAL R 170 -43.60 -15.54 50.63
C VAL R 170 -42.94 -16.55 51.60
N GLY R 171 -41.69 -16.88 51.31
CA GLY R 171 -40.91 -17.78 52.15
C GLY R 171 -41.24 -19.22 51.84
N MET R 172 -41.66 -19.51 50.60
CA MET R 172 -41.98 -20.86 50.14
C MET R 172 -40.82 -21.39 49.32
N PRO R 173 -40.19 -22.46 49.79
CA PRO R 173 -39.14 -23.16 49.02
C PRO R 173 -39.65 -23.77 47.69
N THR R 174 -38.77 -23.81 46.69
CA THR R 174 -39.13 -24.49 45.44
C THR R 174 -38.30 -25.75 45.24
N MET R 175 -38.96 -26.86 44.87
CA MET R 175 -38.24 -28.11 44.55
C MET R 175 -38.18 -28.36 43.02
N ALA R 176 -36.98 -28.43 42.47
CA ALA R 176 -36.80 -28.65 41.05
C ALA R 176 -36.57 -30.11 40.78
N VAL R 177 -37.36 -30.72 39.90
CA VAL R 177 -37.21 -32.15 39.64
C VAL R 177 -36.59 -32.42 38.26
N THR R 178 -35.50 -33.19 38.19
CA THR R 178 -34.83 -33.41 36.91
C THR R 178 -35.52 -34.52 36.11
N GLY R 179 -36.43 -34.16 35.21
CA GLY R 179 -37.16 -35.16 34.40
C GLY R 179 -36.43 -35.47 33.10
N VAL R 180 -36.47 -36.72 32.67
CA VAL R 180 -35.64 -37.15 31.54
C VAL R 180 -36.39 -37.44 30.24
N VAL R 185 -30.33 -40.97 28.01
CA VAL R 185 -29.24 -41.62 28.75
C VAL R 185 -28.98 -40.98 30.11
N ARG R 186 -29.02 -41.78 31.15
CA ARG R 186 -28.99 -41.26 32.50
C ARG R 186 -27.67 -41.50 33.20
N ASP R 187 -26.67 -40.70 32.91
CA ASP R 187 -25.37 -40.86 33.57
C ASP R 187 -25.09 -39.71 34.54
N GLN R 188 -23.94 -39.77 35.21
CA GLN R 188 -23.54 -38.74 36.17
C GLN R 188 -23.32 -37.39 35.53
N ARG R 189 -22.64 -37.34 34.40
CA ARG R 189 -22.39 -36.03 33.78
C ARG R 189 -23.69 -35.32 33.42
N TYR R 190 -24.71 -36.08 33.03
CA TYR R 190 -26.00 -35.49 32.71
C TYR R 190 -26.71 -34.87 33.93
N PHE R 191 -26.94 -35.68 34.95
CA PHE R 191 -27.62 -35.22 36.14
C PHE R 191 -26.86 -34.14 36.86
N SER R 192 -25.52 -34.13 36.74
CA SER R 192 -24.71 -33.03 37.28
C SER R 192 -25.09 -31.73 36.60
N LEU R 193 -25.14 -31.74 35.29
CA LEU R 193 -25.66 -30.61 34.56
C LEU R 193 -27.06 -30.18 35.06
N ALA R 194 -28.02 -31.11 35.05
CA ALA R 194 -29.42 -30.76 35.33
C ALA R 194 -29.59 -30.26 36.74
N THR R 195 -29.03 -30.97 37.71
CA THR R 195 -29.17 -30.56 39.11
C THR R 195 -28.49 -29.21 39.40
N ARG R 196 -27.29 -29.02 38.86
CA ARG R 196 -26.55 -27.80 39.14
C ARG R 196 -27.21 -26.56 38.57
N ILE R 197 -27.72 -26.66 37.34
CA ILE R 197 -28.44 -25.55 36.74
C ILE R 197 -29.62 -25.19 37.59
N ALA R 198 -30.35 -26.19 38.03
CA ALA R 198 -31.59 -25.91 38.73
C ALA R 198 -31.24 -25.21 40.04
N ALA R 199 -30.21 -25.71 40.70
CA ALA R 199 -29.79 -25.14 41.97
C ALA R 199 -29.35 -23.71 41.73
N GLU R 200 -28.62 -23.55 40.66
CA GLU R 200 -28.07 -22.29 40.31
C GLU R 200 -29.20 -21.26 40.10
N MET R 201 -30.31 -21.68 39.52
CA MET R 201 -31.40 -20.75 39.26
C MET R 201 -32.11 -20.34 40.52
N GLY R 202 -32.04 -21.19 41.56
CA GLY R 202 -32.51 -20.81 42.88
C GLY R 202 -33.32 -21.83 43.64
N ALA R 203 -33.57 -22.99 43.03
CA ALA R 203 -34.35 -24.04 43.71
C ALA R 203 -33.63 -24.45 44.99
N GLN R 204 -34.37 -24.55 46.10
CA GLN R 204 -33.76 -24.92 47.40
C GLN R 204 -33.70 -26.41 47.62
N ILE R 205 -34.56 -27.16 46.91
CA ILE R 205 -34.51 -28.63 46.95
C ILE R 205 -34.38 -29.16 45.54
N ILE R 206 -33.52 -30.15 45.33
CA ILE R 206 -33.40 -30.80 44.03
C ILE R 206 -33.73 -32.27 44.15
N LYS R 207 -34.60 -32.76 43.25
CA LYS R 207 -34.89 -34.18 43.23
C LYS R 207 -34.43 -34.78 41.91
N THR R 208 -33.62 -35.84 41.98
CA THR R 208 -33.05 -36.47 40.80
C THR R 208 -33.02 -37.98 40.99
N TYR R 209 -32.39 -38.69 40.07
CA TYR R 209 -32.37 -40.16 40.11
C TYR R 209 -31.04 -40.67 40.58
N TYR R 210 -31.04 -41.85 41.17
CA TYR R 210 -29.79 -42.46 41.62
C TYR R 210 -29.06 -43.05 40.43
N VAL R 211 -27.73 -42.99 40.43
CA VAL R 211 -26.97 -43.52 39.34
C VAL R 211 -25.96 -44.57 39.81
N GLU R 212 -25.76 -45.61 39.00
CA GLU R 212 -24.88 -46.72 39.34
C GLU R 212 -23.52 -46.25 39.76
N LYS R 213 -22.93 -45.34 38.99
CA LYS R 213 -21.62 -44.75 39.36
C LYS R 213 -21.50 -43.26 39.14
N GLY R 214 -20.87 -42.58 40.09
CA GLY R 214 -20.70 -41.16 40.03
C GLY R 214 -21.68 -40.33 40.86
N PHE R 215 -22.65 -40.98 41.50
CA PHE R 215 -23.67 -40.26 42.25
C PHE R 215 -23.07 -39.29 43.26
N GLU R 216 -21.99 -39.72 43.90
CA GLU R 216 -21.31 -38.89 44.87
C GLU R 216 -20.97 -37.52 44.31
N ARG R 217 -20.62 -37.48 43.03
CA ARG R 217 -20.24 -36.25 42.35
C ARG R 217 -21.46 -35.34 42.12
N ILE R 218 -22.62 -35.95 41.91
CA ILE R 218 -23.84 -35.21 41.75
C ILE R 218 -24.17 -34.48 43.06
N VAL R 219 -24.19 -35.19 44.17
CA VAL R 219 -24.33 -34.55 45.47
C VAL R 219 -23.26 -33.47 45.75
N ALA R 220 -21.99 -33.81 45.59
CA ALA R 220 -20.96 -32.84 45.91
C ALA R 220 -21.06 -31.58 45.10
N GLY R 221 -21.55 -31.68 43.86
CA GLY R 221 -21.58 -30.53 42.96
C GLY R 221 -22.82 -29.68 43.13
N CYS R 222 -23.71 -30.14 43.99
CA CYS R 222 -24.97 -29.45 44.20
C CYS R 222 -24.99 -28.77 45.57
N PRO R 223 -25.18 -27.46 45.60
CA PRO R 223 -25.09 -26.72 46.83
C PRO R 223 -26.28 -26.89 47.77
N VAL R 224 -27.36 -27.53 47.31
CA VAL R 224 -28.54 -27.72 48.16
C VAL R 224 -28.91 -29.18 48.30
N PRO R 225 -29.81 -29.50 49.22
CA PRO R 225 -30.24 -30.87 49.48
C PRO R 225 -30.76 -31.63 48.25
N ILE R 226 -30.32 -32.89 48.13
CA ILE R 226 -30.77 -33.73 47.05
C ILE R 226 -31.62 -34.87 47.57
N VAL R 227 -32.68 -35.14 46.82
CA VAL R 227 -33.60 -36.22 47.15
C VAL R 227 -33.70 -37.11 45.92
N ILE R 228 -33.70 -38.43 46.08
CA ILE R 228 -33.80 -39.34 44.92
C ILE R 228 -35.20 -39.85 44.73
N ALA R 229 -35.59 -40.02 43.48
CA ALA R 229 -36.89 -40.61 43.16
C ALA R 229 -36.78 -42.12 43.27
N GLY R 230 -37.88 -42.75 43.65
CA GLY R 230 -37.94 -44.20 43.71
C GLY R 230 -37.64 -44.89 42.37
N GLY R 231 -38.20 -44.37 41.28
CA GLY R 231 -38.05 -45.01 39.95
C GLY R 231 -38.98 -46.19 39.81
N LYS R 232 -38.86 -46.92 38.70
CA LYS R 232 -39.79 -48.05 38.44
C LYS R 232 -39.72 -49.13 39.54
N LYS R 233 -40.76 -49.95 39.64
CA LYS R 233 -40.83 -50.99 40.66
C LYS R 233 -39.65 -51.95 40.58
N LEU R 234 -39.07 -52.25 41.74
CA LEU R 234 -38.01 -53.23 41.83
C LEU R 234 -38.39 -54.23 42.93
N PRO R 235 -37.71 -55.37 42.97
CA PRO R 235 -37.80 -56.16 44.18
C PRO R 235 -37.49 -55.32 45.44
N GLU R 236 -38.31 -55.44 46.47
CA GLU R 236 -38.12 -54.70 47.70
C GLU R 236 -36.66 -54.67 48.18
N ARG R 237 -35.96 -55.79 48.07
CA ARG R 237 -34.61 -55.84 48.59
C ARG R 237 -33.73 -54.87 47.82
N GLU R 238 -33.94 -54.83 46.51
CA GLU R 238 -33.10 -54.01 45.62
C GLU R 238 -33.41 -52.54 45.77
N ALA R 239 -34.69 -52.22 45.96
CA ALA R 239 -35.13 -50.86 46.24
C ALA R 239 -34.47 -50.32 47.49
N LEU R 240 -34.39 -51.15 48.53
CA LEU R 240 -33.69 -50.76 49.74
C LEU R 240 -32.20 -50.56 49.51
N GLU R 241 -31.59 -51.38 48.67
CA GLU R 241 -30.18 -51.24 48.38
C GLU R 241 -29.92 -49.90 47.73
N MET R 242 -30.80 -49.53 46.82
CA MET R 242 -30.70 -48.25 46.17
C MET R 242 -30.73 -47.10 47.18
N CYS R 243 -31.67 -47.17 48.11
CA CYS R 243 -31.76 -46.16 49.14
C CYS R 243 -30.45 -46.11 49.96
N TRP R 244 -29.98 -47.27 50.37
CA TRP R 244 -28.82 -47.31 51.20
C TRP R 244 -27.64 -46.65 50.46
N GLN R 245 -27.45 -47.02 49.21
CA GLN R 245 -26.39 -46.42 48.42
C GLN R 245 -26.54 -44.91 48.36
N ALA R 246 -27.74 -44.46 48.02
CA ALA R 246 -28.01 -43.03 47.86
C ALA R 246 -27.65 -42.25 49.14
N ILE R 247 -28.21 -42.69 50.27
CA ILE R 247 -27.97 -42.05 51.53
C ILE R 247 -26.49 -42.11 51.88
N ASP R 248 -25.89 -43.25 51.67
CA ASP R 248 -24.49 -43.41 52.01
C ASP R 248 -23.63 -42.45 51.20
N GLN R 249 -24.02 -42.18 49.96
CA GLN R 249 -23.26 -41.27 49.13
C GLN R 249 -23.68 -39.81 49.22
N GLY R 250 -24.57 -39.48 50.16
CA GLY R 250 -24.87 -38.08 50.49
C GLY R 250 -26.27 -37.52 50.20
N ALA R 251 -27.17 -38.35 49.72
CA ALA R 251 -28.50 -37.88 49.48
C ALA R 251 -29.10 -37.41 50.81
N SER R 252 -30.04 -36.45 50.74
CA SER R 252 -30.75 -35.97 51.92
C SER R 252 -32.09 -36.65 52.13
N GLY R 253 -32.37 -37.70 51.37
CA GLY R 253 -33.60 -38.44 51.57
C GLY R 253 -34.12 -39.01 50.26
N VAL R 254 -35.25 -39.69 50.34
CA VAL R 254 -35.84 -40.27 49.13
C VAL R 254 -37.29 -39.86 48.94
N ASP R 255 -37.69 -39.83 47.69
CA ASP R 255 -39.08 -39.50 47.32
C ASP R 255 -39.76 -40.69 46.63
N MET R 256 -40.09 -41.72 47.40
CA MET R 256 -40.61 -42.98 46.85
C MET R 256 -42.06 -42.88 46.43
N GLY R 257 -42.40 -43.57 45.36
CA GLY R 257 -43.78 -43.70 44.96
C GLY R 257 -44.09 -45.16 44.69
N ARG R 258 -43.71 -45.63 43.52
CA ARG R 258 -44.03 -46.98 43.08
C ARG R 258 -43.44 -48.08 43.94
N ASN R 259 -42.21 -47.94 44.38
CA ASN R 259 -41.61 -48.98 45.21
C ASN R 259 -42.27 -49.12 46.55
N ILE R 260 -43.17 -48.21 46.85
CA ILE R 260 -43.97 -48.33 48.05
C ILE R 260 -45.40 -48.76 47.74
N PHE R 261 -46.13 -47.93 46.99
CA PHE R 261 -47.55 -48.22 46.79
C PHE R 261 -47.82 -49.37 45.84
N GLN R 262 -46.80 -49.85 45.13
CA GLN R 262 -46.94 -51.04 44.29
C GLN R 262 -46.38 -52.29 44.97
N SER R 263 -46.03 -52.17 46.25
CA SER R 263 -45.54 -53.30 47.00
C SER R 263 -46.72 -54.08 47.57
N ASP R 264 -46.51 -55.35 47.90
CA ASP R 264 -47.56 -56.11 48.54
C ASP R 264 -47.68 -55.75 50.00
N HIS R 265 -46.65 -55.06 50.52
CA HIS R 265 -46.59 -54.67 51.93
C HIS R 265 -46.07 -53.25 52.07
N PRO R 266 -46.90 -52.27 51.68
CA PRO R 266 -46.51 -50.87 51.63
C PRO R 266 -45.99 -50.43 53.00
N VAL R 267 -46.81 -50.60 54.03
CA VAL R 267 -46.45 -50.10 55.35
C VAL R 267 -45.12 -50.65 55.80
N ALA R 268 -44.94 -51.95 55.58
CA ALA R 268 -43.70 -52.60 55.94
C ALA R 268 -42.53 -51.94 55.21
N MET R 269 -42.71 -51.76 53.89
CA MET R 269 -41.66 -51.17 53.05
C MET R 269 -41.23 -49.77 53.54
N MET R 270 -42.22 -48.96 53.94
CA MET R 270 -41.98 -47.63 54.44
C MET R 270 -41.15 -47.67 55.72
N LYS R 271 -41.51 -48.55 56.65
CA LYS R 271 -40.75 -48.66 57.89
C LYS R 271 -39.29 -49.04 57.60
N ALA R 272 -39.10 -49.92 56.61
CA ALA R 272 -37.77 -50.29 56.17
C ALA R 272 -37.05 -49.07 55.66
N VAL R 273 -37.68 -48.38 54.72
CA VAL R 273 -37.09 -47.17 54.14
C VAL R 273 -36.73 -46.16 55.19
N GLN R 274 -37.59 -46.02 56.22
CA GLN R 274 -37.29 -45.11 57.32
C GLN R 274 -36.05 -45.52 58.08
N ALA R 275 -35.95 -46.80 58.38
CA ALA R 275 -34.81 -47.34 59.07
C ALA R 275 -33.52 -47.00 58.36
N VAL R 276 -33.51 -47.18 57.04
CA VAL R 276 -32.33 -46.91 56.20
C VAL R 276 -31.98 -45.41 56.13
N VAL R 277 -32.99 -44.56 55.95
CA VAL R 277 -32.78 -43.12 55.80
C VAL R 277 -32.43 -42.40 57.10
N HIS R 278 -33.19 -42.60 58.16
CA HIS R 278 -32.93 -41.88 59.39
C HIS R 278 -31.95 -42.54 60.36
N HIS R 279 -31.89 -43.87 60.36
CA HIS R 279 -31.17 -44.60 61.40
C HIS R 279 -29.99 -45.39 60.89
N ASN R 280 -29.53 -45.11 59.69
CA ASN R 280 -28.32 -45.73 59.18
C ASN R 280 -28.34 -47.24 59.15
N GLU R 281 -29.53 -47.81 59.04
CA GLU R 281 -29.65 -49.25 58.88
C GLU R 281 -28.99 -49.70 57.59
N THR R 282 -28.61 -50.97 57.54
CA THR R 282 -28.06 -51.57 56.33
C THR R 282 -29.19 -52.11 55.46
N ALA R 283 -28.91 -52.32 54.19
CA ALA R 283 -29.92 -52.87 53.29
C ALA R 283 -30.48 -54.19 53.78
N ASP R 284 -29.61 -55.09 54.22
CA ASP R 284 -30.02 -56.41 54.73
C ASP R 284 -30.83 -56.32 56.02
N ARG R 285 -30.26 -55.67 57.04
CA ARG R 285 -30.93 -55.50 58.30
C ARG R 285 -32.34 -54.98 58.03
N ALA R 286 -32.43 -54.00 57.13
CA ALA R 286 -33.69 -53.35 56.79
C ALA R 286 -34.64 -54.31 56.13
N TYR R 287 -34.12 -55.10 55.20
CA TYR R 287 -34.92 -56.11 54.54
C TYR R 287 -35.55 -57.10 55.53
N GLU R 288 -34.83 -57.44 56.61
CA GLU R 288 -35.37 -58.28 57.66
C GLU R 288 -36.44 -57.58 58.48
N LEU R 289 -36.32 -56.26 58.63
CA LEU R 289 -37.38 -55.44 59.22
C LEU R 289 -38.62 -55.57 58.33
N TYR R 290 -38.38 -55.70 57.03
CA TYR R 290 -39.45 -55.82 56.07
C TYR R 290 -40.10 -57.20 56.11
N LEU R 291 -39.29 -58.24 56.33
CA LEU R 291 -39.79 -59.60 56.40
C LEU R 291 -40.56 -59.88 57.69
N SER R 292 -40.32 -59.10 58.74
CA SER R 292 -41.06 -59.28 59.98
C SER R 292 -42.45 -58.66 59.91
N GLU R 293 -42.64 -57.74 58.97
CA GLU R 293 -44.00 -57.25 58.64
C GLU R 293 -44.44 -57.73 57.25
N GLY S 14 -23.45 31.37 69.37
CA GLY S 14 -22.26 30.47 69.32
C GLY S 14 -22.29 29.48 68.17
N LYS S 15 -22.75 29.93 67.01
CA LYS S 15 -22.83 29.11 65.82
C LYS S 15 -21.96 29.67 64.72
N ASP S 16 -21.39 28.78 63.91
CA ASP S 16 -20.54 29.19 62.77
C ASP S 16 -21.06 28.64 61.43
N PHE S 17 -21.77 29.46 60.68
CA PHE S 17 -22.33 29.02 59.41
C PHE S 17 -21.35 29.15 58.28
N ARG S 18 -20.13 29.54 58.62
CA ARG S 18 -19.09 29.84 57.64
C ARG S 18 -19.64 30.47 56.34
N THR S 19 -20.23 31.64 56.45
CA THR S 19 -20.93 32.24 55.32
C THR S 19 -19.98 32.87 54.32
N ASP S 20 -18.70 32.83 54.61
CA ASP S 20 -17.71 33.36 53.69
C ASP S 20 -17.28 32.31 52.67
N GLN S 21 -17.79 31.10 52.81
CA GLN S 21 -17.37 29.98 51.97
C GLN S 21 -18.53 29.18 51.40
N PRO S 22 -18.96 29.53 50.19
CA PRO S 22 -20.17 28.96 49.61
C PRO S 22 -20.03 27.45 49.43
N GLN S 23 -21.14 26.75 49.54
CA GLN S 23 -21.18 25.31 49.32
C GLN S 23 -20.94 24.96 47.84
N LYS S 24 -20.15 23.92 47.57
CA LYS S 24 -19.90 23.51 46.17
C LYS S 24 -20.12 22.05 46.01
N ASN S 25 -20.77 21.65 44.92
CA ASN S 25 -21.02 20.24 44.65
C ASN S 25 -19.77 19.46 44.30
N ILE S 26 -19.60 18.26 44.87
CA ILE S 26 -18.48 17.41 44.47
C ILE S 26 -18.80 16.58 43.24
N PRO S 27 -18.02 16.72 42.17
CA PRO S 27 -18.35 16.04 40.93
C PRO S 27 -18.22 14.51 41.03
N PHE S 28 -19.07 13.77 40.33
CA PHE S 28 -18.99 12.31 40.25
C PHE S 28 -18.42 11.97 38.90
N THR S 29 -17.22 11.40 38.90
CA THR S 29 -16.42 11.32 37.66
C THR S 29 -16.52 10.02 36.89
N LEU S 30 -17.12 8.99 37.47
CA LEU S 30 -17.25 7.69 36.79
C LEU S 30 -17.86 7.83 35.38
N LYS S 31 -17.13 7.33 34.41
CA LYS S 31 -17.50 7.49 33.01
C LYS S 31 -19.01 7.32 32.73
N GLY S 32 -19.64 8.39 32.28
CA GLY S 32 -21.05 8.32 31.85
C GLY S 32 -22.05 8.02 32.96
N CYS S 33 -21.68 8.25 34.20
CA CYS S 33 -22.61 8.04 35.30
C CYS S 33 -22.82 9.29 36.15
N GLY S 34 -22.66 10.45 35.51
CA GLY S 34 -22.66 11.73 36.21
C GLY S 34 -24.04 12.30 36.26
N ALA S 35 -25.03 11.55 35.78
CA ALA S 35 -26.40 12.04 35.78
C ALA S 35 -27.39 10.99 36.31
N LEU S 36 -26.99 10.29 37.36
CA LEU S 36 -27.82 9.26 37.99
C LEU S 36 -28.16 9.69 39.41
N ASP S 37 -29.26 9.17 39.91
CA ASP S 37 -29.63 9.37 41.31
C ASP S 37 -28.58 8.88 42.34
N TRP S 38 -28.68 9.39 43.57
CA TRP S 38 -27.71 9.07 44.62
C TRP S 38 -27.57 7.57 44.83
N GLY S 39 -28.68 6.88 45.06
CA GLY S 39 -28.61 5.44 45.28
C GLY S 39 -27.86 4.66 44.20
N MET S 40 -28.17 4.96 42.94
CA MET S 40 -27.54 4.25 41.82
C MET S 40 -26.07 4.56 41.75
N GLN S 41 -25.71 5.83 42.00
CA GLN S 41 -24.28 6.21 42.00
C GLN S 41 -23.59 5.47 43.17
N SER S 42 -24.32 5.32 44.27
CA SER S 42 -23.84 4.62 45.43
C SER S 42 -23.49 3.15 45.10
N ARG S 43 -24.44 2.43 44.53
CA ARG S 43 -24.18 1.05 44.17
C ARG S 43 -23.00 1.00 43.20
N LEU S 44 -22.92 1.94 42.28
CA LEU S 44 -21.84 1.89 41.32
C LEU S 44 -20.52 2.11 41.99
N SER S 45 -20.52 2.93 43.04
CA SER S 45 -19.27 3.24 43.76
C SER S 45 -18.82 2.07 44.62
N ARG S 46 -19.75 1.19 44.94
CA ARG S 46 -19.38 -0.07 45.59
C ARG S 46 -18.63 -0.96 44.61
N ILE S 47 -18.93 -0.85 43.31
CA ILE S 47 -18.30 -1.69 42.27
C ILE S 47 -17.00 -1.04 41.76
N PHE S 48 -17.07 0.23 41.39
CA PHE S 48 -15.89 0.92 40.90
C PHE S 48 -15.26 1.82 41.95
N ASN S 49 -14.13 1.38 42.45
CA ASN S 49 -13.39 2.17 43.40
C ASN S 49 -13.34 3.65 43.02
N PRO S 50 -13.92 4.52 43.87
CA PRO S 50 -13.98 5.98 43.60
C PRO S 50 -12.62 6.64 43.34
N LYS S 51 -11.57 6.15 44.02
CA LYS S 51 -10.22 6.66 43.81
C LYS S 51 -9.70 6.32 42.43
N THR S 52 -9.59 5.03 42.12
CA THR S 52 -9.05 4.59 40.83
C THR S 52 -10.08 4.55 39.71
N GLY S 53 -11.35 4.42 40.02
CA GLY S 53 -12.36 4.34 38.97
C GLY S 53 -12.46 2.97 38.33
N LYS S 54 -11.78 1.99 38.90
CA LYS S 54 -11.73 0.65 38.32
C LYS S 54 -12.20 -0.44 39.28
N THR S 55 -12.25 -1.68 38.80
CA THR S 55 -12.73 -2.76 39.63
C THR S 55 -12.11 -4.08 39.24
N VAL S 56 -11.84 -4.93 40.24
CA VAL S 56 -11.47 -6.34 40.01
C VAL S 56 -12.57 -7.29 40.40
N MET S 57 -13.21 -7.90 39.43
CA MET S 57 -14.44 -8.60 39.68
C MET S 57 -14.19 -10.10 39.60
N LEU S 58 -14.53 -10.85 40.65
CA LEU S 58 -14.35 -12.30 40.65
C LEU S 58 -15.62 -13.05 40.20
N ALA S 59 -15.59 -13.66 39.02
CA ALA S 59 -16.80 -14.21 38.43
C ALA S 59 -16.85 -15.69 38.60
N PHE S 60 -17.97 -16.18 39.14
CA PHE S 60 -18.18 -17.62 39.25
C PHE S 60 -19.60 -18.04 38.96
N ASP S 61 -20.15 -17.47 37.91
CA ASP S 61 -21.54 -17.74 37.56
C ASP S 61 -21.68 -18.79 36.46
N HIS S 62 -20.55 -19.27 35.95
CA HIS S 62 -20.50 -20.16 34.79
C HIS S 62 -21.48 -21.32 34.87
N GLY S 63 -21.69 -21.83 36.07
CA GLY S 63 -22.61 -22.95 36.25
C GLY S 63 -24.03 -22.72 35.79
N TYR S 64 -24.42 -21.46 35.60
CA TYR S 64 -25.83 -21.19 35.32
C TYR S 64 -26.39 -21.89 34.06
N PHE S 65 -25.49 -22.17 33.13
CA PHE S 65 -25.86 -22.94 31.93
C PHE S 65 -24.88 -24.06 31.62
N GLN S 66 -23.81 -24.18 32.41
CA GLN S 66 -22.81 -25.21 32.17
C GLN S 66 -22.77 -26.30 33.26
N GLY S 67 -23.50 -26.15 34.36
CA GLY S 67 -23.35 -27.14 35.41
C GLY S 67 -21.98 -27.03 36.08
N PRO S 68 -21.53 -28.11 36.78
CA PRO S 68 -20.27 -28.06 37.53
C PRO S 68 -19.08 -27.97 36.59
N THR S 69 -18.76 -26.76 36.17
CA THR S 69 -17.62 -26.51 35.31
C THR S 69 -16.31 -26.75 36.10
N THR S 70 -15.21 -27.03 35.40
CA THR S 70 -13.91 -27.30 36.07
C THR S 70 -13.41 -26.14 36.91
N GLY S 71 -13.07 -26.39 38.16
CA GLY S 71 -12.68 -25.33 39.07
C GLY S 71 -13.82 -24.83 39.96
N LEU S 72 -15.06 -25.06 39.51
CA LEU S 72 -16.22 -24.59 40.25
C LEU S 72 -17.07 -25.76 40.73
N GLU S 73 -16.47 -26.93 40.84
CA GLU S 73 -17.18 -28.06 41.42
C GLU S 73 -17.60 -27.72 42.85
N ARG S 74 -16.66 -27.20 43.63
CA ARG S 74 -16.92 -26.85 45.02
C ARG S 74 -16.61 -25.38 45.35
N ILE S 75 -17.55 -24.49 45.00
CA ILE S 75 -17.44 -23.07 45.33
C ILE S 75 -17.11 -22.92 46.81
N ASP S 76 -17.80 -23.71 47.62
CA ASP S 76 -17.71 -23.56 49.05
C ASP S 76 -16.31 -23.80 49.58
N ILE S 77 -15.49 -24.52 48.82
CA ILE S 77 -14.16 -24.87 49.25
C ILE S 77 -13.09 -24.13 48.47
N ASN S 78 -13.13 -24.21 47.15
CA ASN S 78 -12.12 -23.54 46.34
C ASN S 78 -12.31 -22.04 46.17
N ILE S 79 -13.54 -21.58 46.03
CA ILE S 79 -13.74 -20.16 45.75
C ILE S 79 -13.87 -19.37 47.04
N ALA S 80 -14.37 -20.01 48.09
CA ALA S 80 -14.63 -19.31 49.35
C ALA S 80 -13.44 -18.46 49.80
N PRO S 81 -12.25 -19.05 49.88
CA PRO S 81 -11.04 -18.34 50.32
C PRO S 81 -10.59 -17.19 49.40
N LEU S 82 -11.23 -17.04 48.24
CA LEU S 82 -10.86 -16.00 47.30
C LEU S 82 -11.68 -14.70 47.48
N PHE S 83 -12.90 -14.83 48.00
CA PHE S 83 -13.82 -13.70 48.12
C PHE S 83 -13.12 -12.44 48.62
N GLU S 84 -12.46 -12.55 49.77
CA GLU S 84 -11.88 -11.39 50.42
C GLU S 84 -10.91 -10.66 49.57
N HIS S 85 -10.26 -11.36 48.65
CA HIS S 85 -9.28 -10.71 47.77
C HIS S 85 -9.91 -10.04 46.55
N ALA S 86 -11.23 -10.02 46.45
CA ALA S 86 -11.88 -9.44 45.30
C ALA S 86 -12.64 -8.18 45.67
N ASP S 87 -12.75 -7.27 44.73
CA ASP S 87 -13.57 -6.05 44.89
C ASP S 87 -15.07 -6.34 44.87
N VAL S 88 -15.49 -7.19 43.93
CA VAL S 88 -16.87 -7.55 43.83
C VAL S 88 -17.06 -9.00 43.35
N LEU S 89 -18.11 -9.65 43.83
CA LEU S 89 -18.41 -11.01 43.44
C LEU S 89 -19.51 -11.07 42.39
N MET S 90 -19.36 -11.94 41.41
CA MET S 90 -20.44 -12.15 40.51
C MET S 90 -20.87 -13.63 40.45
N CYS S 91 -22.15 -13.87 40.69
CA CYS S 91 -22.66 -15.20 40.69
C CYS S 91 -24.19 -15.19 40.65
N THR S 92 -24.80 -16.36 40.70
CA THR S 92 -26.26 -16.50 40.64
C THR S 92 -26.85 -16.39 42.04
N ARG S 93 -28.18 -16.19 42.13
CA ARG S 93 -28.84 -16.11 43.42
C ARG S 93 -28.86 -17.46 44.14
N GLY S 94 -28.83 -18.55 43.35
CA GLY S 94 -28.76 -19.91 43.89
C GLY S 94 -27.50 -20.14 44.71
N ILE S 95 -26.35 -19.85 44.09
CA ILE S 95 -25.06 -20.00 44.74
C ILE S 95 -24.92 -18.97 45.84
N LEU S 96 -25.37 -17.75 45.58
CA LEU S 96 -25.26 -16.71 46.57
C LEU S 96 -25.87 -17.19 47.88
N ARG S 97 -27.12 -17.63 47.86
CA ARG S 97 -27.78 -17.96 49.09
C ARG S 97 -27.16 -19.19 49.75
N SER S 98 -26.77 -20.15 48.94
CA SER S 98 -26.45 -21.46 49.45
C SER S 98 -25.05 -21.55 50.06
N VAL S 99 -24.05 -20.95 49.40
CA VAL S 99 -22.66 -21.13 49.78
C VAL S 99 -21.78 -19.88 49.88
N VAL S 100 -22.32 -18.72 49.52
CA VAL S 100 -21.60 -17.50 49.80
C VAL S 100 -22.06 -16.95 51.15
N PRO S 101 -21.18 -16.93 52.16
CA PRO S 101 -21.60 -16.38 53.45
C PRO S 101 -21.82 -14.86 53.41
N PRO S 102 -23.00 -14.41 53.89
CA PRO S 102 -23.33 -12.99 53.92
C PRO S 102 -22.23 -12.19 54.62
N ALA S 103 -21.61 -12.81 55.60
CA ALA S 103 -20.58 -12.16 56.37
C ALA S 103 -19.39 -11.80 55.48
N THR S 104 -19.39 -12.32 54.26
CA THR S 104 -18.30 -12.04 53.33
C THR S 104 -18.13 -10.51 53.15
N ASN S 105 -19.21 -9.77 53.42
CA ASN S 105 -19.19 -8.32 53.31
C ASN S 105 -18.54 -7.79 52.02
N ARG S 106 -18.93 -8.36 50.90
CA ARG S 106 -18.37 -7.97 49.61
C ARG S 106 -19.55 -7.67 48.65
N PRO S 107 -19.45 -6.59 47.84
CA PRO S 107 -20.52 -6.24 46.89
C PRO S 107 -20.73 -7.33 45.84
N VAL S 108 -21.99 -7.64 45.51
CA VAL S 108 -22.31 -8.66 44.47
C VAL S 108 -22.98 -8.12 43.23
N VAL S 109 -22.70 -8.72 42.09
CA VAL S 109 -23.47 -8.48 40.86
C VAL S 109 -24.17 -9.79 40.50
N LEU S 110 -25.49 -9.83 40.55
CA LEU S 110 -26.22 -11.07 40.27
C LEU S 110 -26.40 -11.39 38.78
N ARG S 111 -26.04 -12.60 38.40
CA ARG S 111 -26.43 -13.14 37.12
C ARG S 111 -27.95 -13.18 37.10
N ALA S 112 -28.57 -12.48 36.14
CA ALA S 112 -30.01 -12.41 36.09
C ALA S 112 -30.57 -12.95 34.77
N SER S 113 -29.85 -13.84 34.11
CA SER S 113 -30.40 -14.43 32.92
C SER S 113 -30.07 -15.91 32.97
N GLY S 114 -30.66 -16.69 32.06
CA GLY S 114 -30.54 -18.13 32.10
C GLY S 114 -31.63 -18.82 31.32
N ALA S 115 -31.96 -20.06 31.69
CA ALA S 115 -32.93 -20.89 30.96
C ALA S 115 -32.35 -21.46 29.66
N ASN S 116 -31.03 -21.37 29.50
CA ASN S 116 -30.29 -22.02 28.42
C ASN S 116 -29.32 -23.09 28.98
N SER S 117 -28.70 -23.89 28.11
CA SER S 117 -27.75 -24.89 28.59
C SER S 117 -26.79 -25.26 27.48
N ILE S 118 -25.67 -25.90 27.80
CA ILE S 118 -24.74 -26.35 26.77
C ILE S 118 -25.33 -27.45 25.88
N LEU S 119 -26.51 -27.96 26.22
CA LEU S 119 -27.13 -28.98 25.41
C LEU S 119 -28.08 -28.42 24.38
N ALA S 120 -28.27 -27.10 24.38
CA ALA S 120 -29.19 -26.49 23.41
C ALA S 120 -28.66 -25.16 22.84
N GLU S 121 -29.53 -24.38 22.23
CA GLU S 121 -29.09 -23.12 21.65
C GLU S 121 -28.58 -22.18 22.76
N LEU S 122 -27.33 -21.78 22.67
CA LEU S 122 -26.73 -21.00 23.73
C LEU S 122 -27.43 -19.63 23.93
N SER S 123 -27.95 -19.05 22.86
CA SER S 123 -28.46 -17.67 22.93
C SER S 123 -29.92 -17.64 23.37
N ASN S 124 -30.45 -18.79 23.76
CA ASN S 124 -31.85 -18.82 24.18
C ASN S 124 -32.06 -18.54 25.67
N GLU S 125 -31.81 -17.30 26.09
CA GLU S 125 -31.87 -16.93 27.51
C GLU S 125 -33.13 -16.14 27.86
N ALA S 126 -33.64 -16.32 29.07
CA ALA S 126 -34.69 -15.50 29.63
C ALA S 126 -34.18 -14.76 30.90
N VAL S 127 -34.96 -13.82 31.41
CA VAL S 127 -34.61 -13.18 32.66
C VAL S 127 -34.75 -14.21 33.78
N ALA S 128 -33.70 -14.37 34.58
CA ALA S 128 -33.63 -15.48 35.50
C ALA S 128 -33.96 -15.13 36.94
N LEU S 129 -34.10 -13.84 37.25
CA LEU S 129 -34.56 -13.43 38.59
C LEU S 129 -35.23 -12.08 38.56
N SER S 130 -36.27 -11.91 39.37
CA SER S 130 -37.00 -10.65 39.41
C SER S 130 -36.23 -9.55 40.15
N MET S 131 -36.46 -8.28 39.77
CA MET S 131 -35.77 -7.16 40.34
C MET S 131 -36.13 -7.17 41.82
N ASP S 132 -37.37 -7.57 42.09
CA ASP S 132 -37.85 -7.78 43.45
C ASP S 132 -36.82 -8.54 44.30
N ASP S 133 -36.36 -9.68 43.77
CA ASP S 133 -35.45 -10.52 44.53
C ASP S 133 -34.05 -9.94 44.55
N ALA S 134 -33.70 -9.16 43.52
CA ALA S 134 -32.36 -8.56 43.43
C ALA S 134 -32.22 -7.56 44.55
N VAL S 135 -33.28 -6.80 44.76
CA VAL S 135 -33.32 -5.85 45.86
C VAL S 135 -33.34 -6.60 47.19
N ARG S 136 -34.09 -7.69 47.26
CA ARG S 136 -34.08 -8.49 48.47
C ARG S 136 -32.64 -8.96 48.85
N LEU S 137 -31.85 -9.27 47.84
CA LEU S 137 -30.53 -9.80 48.08
C LEU S 137 -29.48 -8.68 48.21
N ASN S 138 -29.92 -7.41 48.27
CA ASN S 138 -28.95 -6.32 48.38
C ASN S 138 -27.90 -6.24 47.24
N SER S 139 -28.29 -6.49 45.99
CA SER S 139 -27.35 -6.42 44.89
C SER S 139 -26.79 -5.02 44.64
N CYS S 140 -25.61 -4.95 44.04
CA CYS S 140 -25.13 -3.73 43.46
C CYS S 140 -25.47 -3.60 41.97
N ALA S 141 -25.70 -4.70 41.28
CA ALA S 141 -26.15 -4.68 39.89
C ALA S 141 -26.74 -6.02 39.45
N VAL S 142 -27.41 -6.03 38.31
CA VAL S 142 -27.95 -7.25 37.75
C VAL S 142 -27.36 -7.35 36.39
N ALA S 143 -27.07 -8.55 35.95
CA ALA S 143 -26.38 -8.75 34.68
C ALA S 143 -27.13 -9.71 33.78
N ALA S 144 -27.08 -9.49 32.48
CA ALA S 144 -27.70 -10.42 31.54
C ALA S 144 -26.93 -10.44 30.24
N GLN S 145 -27.04 -11.50 29.44
CA GLN S 145 -26.29 -11.63 28.18
C GLN S 145 -27.03 -11.02 27.05
N VAL S 146 -26.29 -10.37 26.17
CA VAL S 146 -26.85 -9.94 24.91
C VAL S 146 -26.11 -10.74 23.81
N TYR S 147 -26.87 -11.32 22.87
CA TYR S 147 -26.30 -12.18 21.80
C TYR S 147 -26.49 -11.61 20.37
N ILE S 148 -25.81 -10.51 20.08
CA ILE S 148 -25.96 -9.87 18.78
C ILE S 148 -25.46 -10.85 17.74
N GLY S 149 -26.30 -11.07 16.73
CA GLY S 149 -25.93 -11.96 15.65
C GLY S 149 -26.28 -13.40 15.87
N SER S 150 -26.74 -13.76 17.07
CA SER S 150 -27.24 -15.12 17.32
C SER S 150 -28.72 -15.27 17.01
N GLU S 151 -29.21 -16.49 17.09
CA GLU S 151 -30.60 -16.75 16.73
C GLU S 151 -31.57 -16.00 17.64
N TYR S 152 -31.29 -15.95 18.95
CA TYR S 152 -32.19 -15.28 19.88
C TYR S 152 -31.69 -13.88 20.24
N GLU S 153 -31.10 -13.20 19.27
CA GLU S 153 -30.63 -11.84 19.48
C GLU S 153 -31.76 -10.93 20.05
N HIS S 154 -32.88 -10.86 19.33
CA HIS S 154 -34.00 -9.99 19.73
C HIS S 154 -34.43 -10.18 21.21
N GLN S 155 -34.54 -11.42 21.63
CA GLN S 155 -34.96 -11.70 22.98
C GLN S 155 -33.89 -11.24 23.97
N SER S 156 -32.62 -11.42 23.60
CA SER S 156 -31.57 -11.10 24.54
C SER S 156 -31.60 -9.60 24.78
N ILE S 157 -31.90 -8.81 23.75
CA ILE S 157 -31.92 -7.37 23.94
C ILE S 157 -33.13 -6.98 24.78
N LYS S 158 -34.26 -7.62 24.56
CA LYS S 158 -35.44 -7.39 25.38
C LYS S 158 -35.19 -7.68 26.85
N ASN S 159 -34.42 -8.73 27.15
CA ASN S 159 -33.94 -8.94 28.50
C ASN S 159 -33.24 -7.70 29.08
N ILE S 160 -32.34 -7.08 28.31
CA ILE S 160 -31.71 -5.85 28.80
C ILE S 160 -32.76 -4.72 29.00
N ILE S 161 -33.66 -4.56 28.05
CA ILE S 161 -34.72 -3.55 28.18
C ILE S 161 -35.56 -3.77 29.44
N GLN S 162 -35.89 -5.02 29.70
CA GLN S 162 -36.67 -5.32 30.86
C GLN S 162 -35.90 -5.05 32.16
N LEU S 163 -34.61 -5.38 32.21
CA LEU S 163 -33.88 -5.16 33.46
C LEU S 163 -33.68 -3.68 33.71
N VAL S 164 -33.44 -2.88 32.66
CA VAL S 164 -33.25 -1.44 32.85
C VAL S 164 -34.56 -0.78 33.27
N ASP S 165 -35.66 -1.12 32.58
CA ASP S 165 -36.94 -0.59 33.00
C ASP S 165 -37.10 -0.80 34.49
N ALA S 166 -36.95 -2.05 34.95
CA ALA S 166 -37.17 -2.37 36.35
C ALA S 166 -36.14 -1.73 37.27
N GLY S 167 -34.88 -1.69 36.84
CA GLY S 167 -33.80 -1.16 37.67
C GLY S 167 -33.94 0.33 37.91
N MET S 168 -34.51 1.06 36.93
CA MET S 168 -34.62 2.50 37.05
C MET S 168 -35.62 2.94 38.13
N LYS S 169 -36.61 2.08 38.41
CA LYS S 169 -37.60 2.34 39.46
C LYS S 169 -36.97 2.26 40.84
N VAL S 170 -35.84 1.55 40.92
CA VAL S 170 -35.28 1.11 42.17
C VAL S 170 -33.82 1.54 42.41
N GLY S 171 -33.17 2.05 41.38
CA GLY S 171 -31.79 2.55 41.45
C GLY S 171 -30.79 1.42 41.33
N MET S 172 -31.19 0.34 40.66
CA MET S 172 -30.32 -0.80 40.40
C MET S 172 -29.72 -0.74 39.00
N PRO S 173 -28.39 -0.64 38.89
CA PRO S 173 -27.68 -0.63 37.60
C PRO S 173 -27.78 -1.97 36.88
N THR S 174 -27.75 -1.96 35.56
CA THR S 174 -27.80 -3.19 34.81
C THR S 174 -26.50 -3.32 34.03
N MET S 175 -25.94 -4.52 34.02
CA MET S 175 -24.73 -4.81 33.28
C MET S 175 -25.05 -5.71 32.10
N ALA S 176 -24.73 -5.26 30.91
CA ALA S 176 -24.99 -6.05 29.72
C ALA S 176 -23.69 -6.75 29.30
N VAL S 177 -23.77 -8.07 29.07
CA VAL S 177 -22.59 -8.86 28.71
C VAL S 177 -22.67 -9.33 27.23
N THR S 178 -21.65 -8.99 26.44
CA THR S 178 -21.70 -9.34 25.02
C THR S 178 -21.29 -10.79 24.75
N GLY S 179 -22.27 -11.69 24.68
CA GLY S 179 -21.98 -13.11 24.51
C GLY S 179 -21.90 -13.45 23.05
N VAL S 180 -21.02 -14.37 22.67
CA VAL S 180 -20.77 -14.60 21.25
C VAL S 180 -21.32 -15.92 20.68
N VAL S 185 -16.64 -14.95 14.92
CA VAL S 185 -15.53 -14.02 14.73
C VAL S 185 -15.60 -12.81 15.68
N ARG S 186 -14.54 -12.64 16.44
CA ARG S 186 -14.53 -11.66 17.49
C ARG S 186 -13.60 -10.52 17.12
N ASP S 187 -14.04 -9.62 16.26
CA ASP S 187 -13.22 -8.45 15.93
C ASP S 187 -13.72 -7.14 16.52
N GLN S 188 -13.00 -6.06 16.30
CA GLN S 188 -13.37 -4.79 16.86
C GLN S 188 -14.73 -4.34 16.33
N ARG S 189 -14.96 -4.46 15.04
CA ARG S 189 -16.19 -3.90 14.50
C ARG S 189 -17.40 -4.60 15.10
N TYR S 190 -17.26 -5.87 15.40
CA TYR S 190 -18.37 -6.61 15.99
C TYR S 190 -18.68 -6.17 17.41
N PHE S 191 -17.66 -6.20 18.29
CA PHE S 191 -17.82 -5.73 19.66
C PHE S 191 -18.23 -4.28 19.76
N SER S 192 -17.78 -3.45 18.85
CA SER S 192 -18.30 -2.08 18.82
C SER S 192 -19.82 -2.06 18.68
N LEU S 193 -20.32 -2.87 17.76
CA LEU S 193 -21.75 -3.00 17.55
C LEU S 193 -22.48 -3.50 18.79
N ALA S 194 -22.02 -4.60 19.37
CA ALA S 194 -22.67 -5.20 20.53
C ALA S 194 -22.65 -4.27 21.75
N THR S 195 -21.49 -3.71 22.05
CA THR S 195 -21.37 -2.88 23.25
C THR S 195 -22.17 -1.59 23.11
N ARG S 196 -22.14 -0.99 21.92
CA ARG S 196 -22.80 0.30 21.72
C ARG S 196 -24.33 0.17 21.78
N ILE S 197 -24.86 -0.91 21.20
CA ILE S 197 -26.30 -1.13 21.22
C ILE S 197 -26.78 -1.34 22.66
N ALA S 198 -26.05 -2.16 23.40
CA ALA S 198 -26.42 -2.39 24.77
C ALA S 198 -26.41 -1.07 25.54
N ALA S 199 -25.34 -0.28 25.39
CA ALA S 199 -25.24 1.00 26.11
C ALA S 199 -26.42 1.91 25.72
N GLU S 200 -26.66 1.93 24.42
CA GLU S 200 -27.70 2.71 23.84
C GLU S 200 -29.08 2.33 24.45
N MET S 201 -29.31 1.06 24.72
CA MET S 201 -30.59 0.66 25.31
C MET S 201 -30.72 1.09 26.78
N GLY S 202 -29.58 1.26 27.46
CA GLY S 202 -29.64 1.77 28.84
C GLY S 202 -28.77 1.13 29.92
N ALA S 203 -28.14 0.01 29.59
CA ALA S 203 -27.22 -0.64 30.52
C ALA S 203 -26.14 0.36 30.96
N GLN S 204 -25.82 0.35 32.26
CA GLN S 204 -24.83 1.27 32.83
C GLN S 204 -23.46 0.65 32.91
N ILE S 205 -23.39 -0.66 32.85
CA ILE S 205 -22.08 -1.29 32.74
C ILE S 205 -22.08 -2.25 31.57
N ILE S 206 -20.97 -2.28 30.81
CA ILE S 206 -20.85 -3.20 29.70
C ILE S 206 -19.66 -4.11 29.91
N LYS S 207 -19.86 -5.42 29.75
CA LYS S 207 -18.77 -6.37 29.85
C LYS S 207 -18.58 -7.08 28.52
N THR S 208 -17.36 -7.02 27.99
CA THR S 208 -17.04 -7.57 26.69
C THR S 208 -15.69 -8.31 26.75
N TYR S 209 -15.20 -8.73 25.59
CA TYR S 209 -13.88 -9.38 25.49
C TYR S 209 -12.80 -8.42 24.99
N TYR S 210 -11.56 -8.70 25.35
CA TYR S 210 -10.42 -7.94 24.84
C TYR S 210 -10.05 -8.38 23.44
N VAL S 211 -9.67 -7.44 22.60
CA VAL S 211 -9.33 -7.83 21.25
C VAL S 211 -7.91 -7.40 20.90
N GLU S 212 -7.21 -8.23 20.13
CA GLU S 212 -5.82 -7.99 19.72
C GLU S 212 -5.62 -6.58 19.18
N LYS S 213 -6.50 -6.14 18.29
CA LYS S 213 -6.35 -4.80 17.80
C LYS S 213 -7.69 -4.14 17.65
N GLY S 214 -7.76 -2.88 18.05
CA GLY S 214 -8.97 -2.08 17.90
C GLY S 214 -9.69 -1.84 19.21
N PHE S 215 -9.24 -2.49 20.28
CA PHE S 215 -9.93 -2.38 21.55
C PHE S 215 -10.15 -0.94 21.97
N GLU S 216 -9.17 -0.08 21.76
CA GLU S 216 -9.28 1.31 22.11
C GLU S 216 -10.55 1.93 21.54
N ARG S 217 -10.96 1.46 20.37
CA ARG S 217 -12.11 2.00 19.66
C ARG S 217 -13.38 1.52 20.32
N ILE S 218 -13.37 0.31 20.82
CA ILE S 218 -14.50 -0.21 21.57
C ILE S 218 -14.79 0.65 22.83
N VAL S 219 -13.74 0.95 23.60
CA VAL S 219 -13.88 1.82 24.76
C VAL S 219 -14.36 3.20 24.36
N ALA S 220 -13.70 3.82 23.39
CA ALA S 220 -14.03 5.20 23.04
C ALA S 220 -15.47 5.33 22.50
N GLY S 221 -15.97 4.27 21.88
CA GLY S 221 -17.29 4.33 21.29
C GLY S 221 -18.39 4.02 22.27
N CYS S 222 -18.00 3.63 23.47
CA CYS S 222 -18.98 3.23 24.48
C CYS S 222 -19.08 4.26 25.59
N PRO S 223 -20.29 4.79 25.81
CA PRO S 223 -20.43 5.93 26.71
C PRO S 223 -20.33 5.54 28.17
N VAL S 224 -20.30 4.25 28.48
CA VAL S 224 -20.31 3.84 29.89
C VAL S 224 -19.14 2.92 30.15
N PRO S 225 -18.83 2.63 31.44
CA PRO S 225 -17.70 1.79 31.84
C PRO S 225 -17.70 0.41 31.21
N ILE S 226 -16.52 -0.03 30.76
CA ILE S 226 -16.33 -1.33 30.14
C ILE S 226 -15.46 -2.22 31.01
N VAL S 227 -15.84 -3.48 31.09
CA VAL S 227 -15.13 -4.46 31.89
C VAL S 227 -14.86 -5.64 30.97
N ILE S 228 -13.66 -6.22 31.04
CA ILE S 228 -13.33 -7.33 30.16
C ILE S 228 -13.46 -8.67 30.88
N ALA S 229 -13.93 -9.66 30.13
CA ALA S 229 -13.96 -11.03 30.61
C ALA S 229 -12.56 -11.65 30.58
N GLY S 230 -12.29 -12.52 31.54
CA GLY S 230 -11.03 -13.24 31.58
C GLY S 230 -10.81 -14.09 30.35
N GLY S 231 -11.84 -14.80 29.88
CA GLY S 231 -11.67 -15.70 28.76
C GLY S 231 -11.05 -17.04 29.19
N LYS S 232 -10.78 -17.92 28.23
CA LYS S 232 -10.26 -19.25 28.54
C LYS S 232 -8.89 -19.15 29.22
N LYS S 233 -8.55 -20.19 29.96
CA LYS S 233 -7.32 -20.24 30.74
C LYS S 233 -6.07 -19.95 29.88
N LEU S 234 -5.21 -19.08 30.38
CA LEU S 234 -3.95 -18.79 29.72
C LEU S 234 -2.85 -18.91 30.75
N PRO S 235 -1.60 -19.02 30.28
CA PRO S 235 -0.51 -18.94 31.21
C PRO S 235 -0.64 -17.64 31.98
N GLU S 236 -0.39 -17.70 33.28
CA GLU S 236 -0.52 -16.55 34.17
C GLU S 236 0.12 -15.28 33.62
N ARG S 237 1.31 -15.39 33.07
CA ARG S 237 1.96 -14.20 32.55
C ARG S 237 1.19 -13.57 31.40
N GLU S 238 0.55 -14.41 30.59
CA GLU S 238 -0.17 -13.91 29.42
C GLU S 238 -1.47 -13.27 29.82
N ALA S 239 -2.17 -13.89 30.77
CA ALA S 239 -3.38 -13.31 31.34
C ALA S 239 -3.13 -11.91 31.89
N LEU S 240 -2.04 -11.74 32.63
CA LEU S 240 -1.69 -10.43 33.15
C LEU S 240 -1.42 -9.43 32.04
N GLU S 241 -0.75 -9.88 30.96
CA GLU S 241 -0.51 -9.01 29.82
C GLU S 241 -1.80 -8.51 29.21
N MET S 242 -2.77 -9.42 29.06
CA MET S 242 -4.08 -9.06 28.57
C MET S 242 -4.68 -7.98 29.47
N CYS S 243 -4.69 -8.20 30.78
CA CYS S 243 -5.17 -7.19 31.72
C CYS S 243 -4.50 -5.85 31.52
N TRP S 244 -3.17 -5.83 31.53
CA TRP S 244 -2.46 -4.59 31.35
C TRP S 244 -2.85 -3.86 30.05
N GLN S 245 -2.93 -4.58 28.93
CA GLN S 245 -3.32 -3.99 27.68
C GLN S 245 -4.70 -3.36 27.82
N ALA S 246 -5.64 -4.13 28.39
CA ALA S 246 -7.04 -3.69 28.49
C ALA S 246 -7.12 -2.40 29.29
N ILE S 247 -6.53 -2.42 30.46
CA ILE S 247 -6.53 -1.25 31.31
C ILE S 247 -5.86 -0.09 30.62
N ASP S 248 -4.66 -0.33 30.10
CA ASP S 248 -3.93 0.70 29.39
C ASP S 248 -4.75 1.33 28.26
N GLN S 249 -5.57 0.53 27.59
CA GLN S 249 -6.37 1.07 26.51
C GLN S 249 -7.74 1.58 26.93
N GLY S 250 -8.01 1.65 28.23
CA GLY S 250 -9.20 2.34 28.75
C GLY S 250 -10.30 1.54 29.42
N ALA S 251 -10.09 0.24 29.60
CA ALA S 251 -11.04 -0.58 30.31
C ALA S 251 -11.16 -0.09 31.77
N SER S 252 -12.33 -0.28 32.37
CA SER S 252 -12.58 0.17 33.74
C SER S 252 -12.42 -0.96 34.72
N GLY S 253 -11.87 -2.08 34.26
CA GLY S 253 -11.62 -3.20 35.16
C GLY S 253 -11.81 -4.53 34.48
N VAL S 254 -11.58 -5.60 35.22
CA VAL S 254 -11.72 -6.94 34.63
C VAL S 254 -12.68 -7.80 35.42
N ASP S 255 -13.29 -8.77 34.75
CA ASP S 255 -14.21 -9.72 35.39
C ASP S 255 -13.68 -11.14 35.21
N MET S 256 -12.57 -11.45 35.88
CA MET S 256 -11.88 -12.75 35.80
C MET S 256 -12.66 -13.90 36.40
N GLY S 257 -12.54 -15.06 35.76
CA GLY S 257 -13.08 -16.29 36.33
C GLY S 257 -12.01 -17.36 36.24
N ARG S 258 -11.94 -18.01 35.07
CA ARG S 258 -11.04 -19.14 34.88
C ARG S 258 -9.57 -18.81 35.13
N ASN S 259 -9.11 -17.67 34.66
CA ASN S 259 -7.68 -17.36 34.82
C ASN S 259 -7.28 -17.19 36.28
N ILE S 260 -8.27 -17.26 37.16
CA ILE S 260 -8.00 -17.16 38.57
C ILE S 260 -8.28 -18.47 39.22
N PHE S 261 -9.53 -18.92 39.17
CA PHE S 261 -9.85 -20.12 39.91
C PHE S 261 -9.29 -21.41 39.32
N GLN S 262 -8.77 -21.35 38.09
CA GLN S 262 -8.12 -22.51 37.48
C GLN S 262 -6.61 -22.39 37.56
N SER S 263 -6.13 -21.39 38.27
CA SER S 263 -4.68 -21.24 38.46
C SER S 263 -4.24 -22.11 39.63
N ASP S 264 -2.96 -22.46 39.66
CA ASP S 264 -2.42 -23.21 40.80
C ASP S 264 -2.21 -22.31 41.99
N HIS S 265 -2.27 -21.00 41.77
CA HIS S 265 -2.10 -20.03 42.85
C HIS S 265 -3.09 -18.89 42.71
N PRO S 266 -4.38 -19.17 42.99
CA PRO S 266 -5.46 -18.21 42.79
C PRO S 266 -5.20 -16.89 43.51
N VAL S 267 -4.94 -16.96 44.81
CA VAL S 267 -4.75 -15.78 45.65
C VAL S 267 -3.64 -14.91 45.13
N ALA S 268 -2.51 -15.52 44.83
CA ALA S 268 -1.38 -14.82 44.23
C ALA S 268 -1.76 -14.14 42.90
N MET S 269 -2.42 -14.87 42.00
CA MET S 269 -2.90 -14.31 40.74
C MET S 269 -3.76 -13.08 40.96
N MET S 270 -4.70 -13.16 41.92
CA MET S 270 -5.59 -12.03 42.22
C MET S 270 -4.79 -10.81 42.62
N LYS S 271 -3.83 -10.99 43.52
CA LYS S 271 -3.00 -9.86 43.98
C LYS S 271 -2.26 -9.21 42.82
N ALA S 272 -1.76 -10.04 41.91
CA ALA S 272 -1.19 -9.54 40.67
C ALA S 272 -2.20 -8.69 39.90
N VAL S 273 -3.36 -9.28 39.61
CA VAL S 273 -4.40 -8.61 38.84
C VAL S 273 -4.76 -7.26 39.49
N GLN S 274 -4.84 -7.23 40.81
CA GLN S 274 -5.12 -6.00 41.53
C GLN S 274 -4.04 -4.98 41.27
N ALA S 275 -2.79 -5.43 41.37
CA ALA S 275 -1.65 -4.56 41.13
C ALA S 275 -1.73 -3.87 39.75
N VAL S 276 -2.06 -4.66 38.73
CA VAL S 276 -2.17 -4.14 37.38
C VAL S 276 -3.33 -3.16 37.27
N VAL S 277 -4.48 -3.51 37.86
CA VAL S 277 -5.70 -2.75 37.62
C VAL S 277 -5.75 -1.44 38.40
N HIS S 278 -5.47 -1.50 39.70
CA HIS S 278 -5.58 -0.31 40.55
C HIS S 278 -4.32 0.53 40.67
N HIS S 279 -3.16 -0.10 40.50
CA HIS S 279 -1.89 0.56 40.77
C HIS S 279 -0.97 0.76 39.56
N ASN S 280 -1.51 0.64 38.36
CA ASN S 280 -0.69 0.80 37.16
C ASN S 280 0.60 0.00 37.08
N GLU S 281 0.68 -1.11 37.79
CA GLU S 281 1.82 -1.99 37.62
C GLU S 281 1.97 -2.45 36.18
N THR S 282 3.17 -2.90 35.83
CA THR S 282 3.43 -3.50 34.52
C THR S 282 3.21 -5.03 34.53
N ALA S 283 3.00 -5.60 33.35
CA ALA S 283 2.77 -7.05 33.28
C ALA S 283 3.90 -7.82 33.98
N ASP S 284 5.13 -7.39 33.75
CA ASP S 284 6.33 -8.09 34.27
C ASP S 284 6.45 -7.94 35.77
N ARG S 285 6.41 -6.69 36.24
CA ARG S 285 6.46 -6.42 37.65
C ARG S 285 5.40 -7.20 38.39
N ALA S 286 4.20 -7.20 37.85
CA ALA S 286 3.08 -7.95 38.42
C ALA S 286 3.36 -9.46 38.46
N TYR S 287 3.87 -9.99 37.36
CA TYR S 287 4.22 -11.40 37.31
C TYR S 287 5.22 -11.78 38.41
N GLU S 288 6.10 -10.86 38.78
CA GLU S 288 7.05 -11.08 39.86
C GLU S 288 6.39 -11.03 41.22
N LEU S 289 5.34 -10.23 41.33
CA LEU S 289 4.47 -10.25 42.51
C LEU S 289 3.82 -11.62 42.61
N TYR S 290 3.53 -12.21 41.46
CA TYR S 290 2.90 -13.52 41.42
C TYR S 290 3.89 -14.61 41.77
N LEU S 291 5.15 -14.46 41.36
CA LEU S 291 6.19 -15.45 41.64
C LEU S 291 6.64 -15.43 43.08
N SER S 292 6.42 -14.32 43.78
CA SER S 292 6.74 -14.25 45.21
C SER S 292 5.69 -14.93 46.09
N GLU S 293 4.48 -15.11 45.56
CA GLU S 293 3.47 -15.98 46.20
C GLU S 293 3.24 -17.25 45.38
N GLY T 14 -61.62 48.46 46.09
CA GLY T 14 -60.48 48.82 45.20
C GLY T 14 -60.08 47.69 44.27
N LYS T 15 -61.07 47.00 43.69
CA LYS T 15 -60.83 45.87 42.80
C LYS T 15 -61.42 46.12 41.42
N ASP T 16 -60.75 45.62 40.39
CA ASP T 16 -61.20 45.78 39.02
C ASP T 16 -61.40 44.44 38.31
N PHE T 17 -62.65 44.00 38.22
CA PHE T 17 -62.97 42.71 37.61
C PHE T 17 -63.19 42.84 36.13
N ARG T 18 -62.91 44.02 35.59
CA ARG T 18 -63.15 44.31 34.20
C ARG T 18 -64.33 43.50 33.64
N THR T 19 -65.52 43.74 34.17
CA THR T 19 -66.72 42.99 33.78
C THR T 19 -67.30 43.42 32.43
N ASP T 20 -66.72 44.45 31.84
CA ASP T 20 -67.16 44.92 30.51
C ASP T 20 -66.47 44.14 29.41
N GLN T 21 -65.56 43.24 29.80
CA GLN T 21 -64.74 42.52 28.84
C GLN T 21 -64.71 41.03 29.14
N PRO T 22 -65.56 40.27 28.44
CA PRO T 22 -65.70 38.86 28.75
C PRO T 22 -64.42 38.09 28.42
N GLN T 23 -64.16 37.04 29.21
CA GLN T 23 -63.02 36.15 29.00
C GLN T 23 -63.20 35.32 27.75
N LYS T 24 -62.16 35.21 26.93
CA LYS T 24 -62.24 34.40 25.69
C LYS T 24 -61.11 33.43 25.64
N ASN T 25 -61.39 32.20 25.19
CA ASN T 25 -60.35 31.17 25.06
C ASN T 25 -59.35 31.45 23.93
N ILE T 26 -58.07 31.27 24.19
CA ILE T 26 -57.11 31.39 23.11
C ILE T 26 -56.95 30.06 22.35
N PRO T 27 -57.22 30.07 21.06
CA PRO T 27 -57.19 28.82 20.27
C PRO T 27 -55.80 28.20 20.16
N PHE T 28 -55.73 26.87 20.16
CA PHE T 28 -54.48 26.14 19.95
C PHE T 28 -54.48 25.69 18.49
N THR T 29 -53.56 26.21 17.69
CA THR T 29 -53.65 26.00 16.23
C THR T 29 -52.81 24.85 15.67
N LEU T 30 -51.95 24.23 16.47
CA LEU T 30 -51.13 23.15 15.94
C LEU T 30 -51.98 22.08 15.26
N LYS T 31 -51.65 21.76 14.02
CA LYS T 31 -52.46 20.87 13.21
C LYS T 31 -52.95 19.63 13.98
N GLY T 32 -54.25 19.50 14.11
CA GLY T 32 -54.80 18.25 14.63
C GLY T 32 -54.55 17.98 16.08
N CYS T 33 -54.16 19.01 16.83
CA CYS T 33 -53.91 18.88 18.28
C CYS T 33 -54.75 19.86 19.10
N GLY T 34 -55.91 20.24 18.57
CA GLY T 34 -56.73 21.21 19.26
C GLY T 34 -57.69 20.59 20.24
N ALA T 35 -57.56 19.29 20.50
CA ALA T 35 -58.49 18.63 21.40
C ALA T 35 -57.74 17.72 22.36
N LEU T 36 -56.58 18.18 22.84
CA LEU T 36 -55.77 17.44 23.79
C LEU T 36 -55.73 18.19 25.11
N ASP T 37 -55.48 17.46 26.18
CA ASP T 37 -55.30 18.07 27.49
C ASP T 37 -54.13 19.05 27.58
N TRP T 38 -54.14 19.92 28.60
CA TRP T 38 -53.14 20.97 28.71
C TRP T 38 -51.72 20.43 28.64
N GLY T 39 -51.41 19.45 29.48
CA GLY T 39 -50.06 18.93 29.58
C GLY T 39 -49.52 18.43 28.25
N MET T 40 -50.33 17.69 27.51
CA MET T 40 -49.91 17.14 26.25
C MET T 40 -49.70 18.27 25.25
N GLN T 41 -50.58 19.27 25.27
CA GLN T 41 -50.41 20.43 24.40
C GLN T 41 -49.13 21.15 24.80
N SER T 42 -48.85 21.16 26.09
CA SER T 42 -47.65 21.80 26.58
C SER T 42 -46.40 21.09 26.04
N ARG T 43 -46.37 19.77 26.13
CA ARG T 43 -45.22 19.04 25.61
C ARG T 43 -45.06 19.32 24.11
N LEU T 44 -46.17 19.29 23.39
CA LEU T 44 -46.13 19.51 21.96
C LEU T 44 -45.63 20.90 21.60
N SER T 45 -45.89 21.87 22.47
CA SER T 45 -45.44 23.25 22.28
C SER T 45 -43.97 23.41 22.56
N ARG T 46 -43.39 22.46 23.28
CA ARG T 46 -41.96 22.47 23.49
C ARG T 46 -41.28 22.00 22.21
N ILE T 47 -41.94 21.17 21.43
CA ILE T 47 -41.38 20.64 20.21
C ILE T 47 -41.69 21.56 19.03
N PHE T 48 -42.95 21.95 18.87
CA PHE T 48 -43.33 22.82 17.78
C PHE T 48 -43.50 24.25 18.25
N ASN T 49 -42.56 25.09 17.84
CA ASN T 49 -42.60 26.52 18.13
C ASN T 49 -43.98 27.11 17.88
N PRO T 50 -44.62 27.59 18.95
CA PRO T 50 -45.98 28.10 18.88
C PRO T 50 -46.14 29.17 17.81
N LYS T 51 -45.11 30.00 17.61
CA LYS T 51 -45.17 31.06 16.61
C LYS T 51 -45.23 30.49 15.20
N THR T 52 -44.21 29.71 14.83
CA THR T 52 -44.09 29.23 13.45
C THR T 52 -44.82 27.91 13.26
N GLY T 53 -45.07 27.18 14.34
CA GLY T 53 -45.74 25.88 14.22
C GLY T 53 -44.85 24.76 13.67
N LYS T 54 -43.55 25.01 13.65
CA LYS T 54 -42.58 24.05 13.09
C LYS T 54 -41.46 23.69 14.07
N THR T 55 -40.59 22.79 13.64
CA THR T 55 -39.52 22.33 14.52
C THR T 55 -38.29 21.86 13.74
N VAL T 56 -37.10 22.15 14.28
CA VAL T 56 -35.86 21.61 13.76
C VAL T 56 -35.30 20.62 14.79
N MET T 57 -35.32 19.33 14.45
CA MET T 57 -35.04 18.29 15.42
C MET T 57 -33.75 17.60 15.10
N LEU T 58 -32.81 17.60 16.04
CA LEU T 58 -31.50 17.03 15.80
C LEU T 58 -31.48 15.57 16.21
N ALA T 59 -31.41 14.67 15.23
CA ALA T 59 -31.54 13.24 15.50
C ALA T 59 -30.21 12.48 15.60
N PHE T 60 -29.99 11.79 16.72
CA PHE T 60 -28.78 10.96 16.91
C PHE T 60 -29.05 9.65 17.61
N ASP T 61 -30.14 9.00 17.22
CA ASP T 61 -30.50 7.74 17.81
C ASP T 61 -30.03 6.52 16.99
N HIS T 62 -29.42 6.80 15.86
CA HIS T 62 -29.05 5.75 14.90
C HIS T 62 -28.35 4.54 15.54
N GLY T 63 -27.57 4.78 16.57
CA GLY T 63 -26.86 3.69 17.21
C GLY T 63 -27.74 2.60 17.81
N TYR T 64 -29.02 2.89 18.03
CA TYR T 64 -29.86 1.90 18.73
C TYR T 64 -29.92 0.54 18.05
N PHE T 65 -29.63 0.50 16.75
CA PHE T 65 -29.58 -0.77 16.05
C PHE T 65 -28.38 -0.84 15.11
N GLN T 66 -27.64 0.26 14.99
CA GLN T 66 -26.47 0.29 14.12
C GLN T 66 -25.14 0.39 14.84
N GLY T 67 -25.12 0.52 16.13
CA GLY T 67 -23.82 0.65 16.79
C GLY T 67 -23.21 1.99 16.45
N PRO T 68 -21.88 2.13 16.60
CA PRO T 68 -21.19 3.40 16.36
C PRO T 68 -21.16 3.73 14.87
N THR T 69 -22.25 4.31 14.39
CA THR T 69 -22.38 4.75 13.00
C THR T 69 -21.43 5.95 12.74
N THR T 70 -21.04 6.15 11.49
CA THR T 70 -20.11 7.24 11.15
C THR T 70 -20.64 8.63 11.56
N GLY T 71 -19.82 9.39 12.28
CA GLY T 71 -20.22 10.70 12.75
C GLY T 71 -20.74 10.69 14.17
N LEU T 72 -21.13 9.50 14.65
CA LEU T 72 -21.71 9.34 15.98
C LEU T 72 -20.84 8.47 16.85
N GLU T 73 -19.57 8.33 16.48
CA GLU T 73 -18.63 7.58 17.30
C GLU T 73 -18.53 8.25 18.66
N ARG T 74 -18.40 9.57 18.66
CA ARG T 74 -18.24 10.29 19.92
C ARG T 74 -19.27 11.43 20.14
N ILE T 75 -20.51 11.05 20.49
CA ILE T 75 -21.60 12.01 20.71
C ILE T 75 -21.09 13.10 21.63
N ASP T 76 -20.27 12.70 22.59
CA ASP T 76 -19.87 13.58 23.65
C ASP T 76 -18.97 14.65 23.17
N ILE T 77 -18.34 14.42 22.02
CA ILE T 77 -17.43 15.39 21.42
C ILE T 77 -18.01 16.08 20.18
N ASN T 78 -18.44 15.28 19.21
CA ASN T 78 -18.95 15.84 17.98
C ASN T 78 -20.38 16.40 18.04
N ILE T 79 -21.27 15.72 18.75
CA ILE T 79 -22.64 16.18 18.79
C ILE T 79 -22.89 17.18 19.94
N ALA T 80 -22.11 17.08 21.00
CA ALA T 80 -22.34 17.94 22.16
C ALA T 80 -22.47 19.42 21.78
N PRO T 81 -21.55 19.96 20.99
CA PRO T 81 -21.59 21.39 20.61
C PRO T 81 -22.74 21.77 19.69
N LEU T 82 -23.53 20.79 19.23
CA LEU T 82 -24.65 21.07 18.35
C LEU T 82 -25.96 21.27 19.08
N PHE T 83 -26.06 20.74 20.30
CA PHE T 83 -27.33 20.72 21.04
C PHE T 83 -27.97 22.09 21.06
N GLU T 84 -27.21 23.10 21.49
CA GLU T 84 -27.80 24.42 21.65
C GLU T 84 -28.43 24.97 20.38
N HIS T 85 -27.95 24.55 19.22
CA HIS T 85 -28.47 25.07 17.96
C HIS T 85 -29.72 24.33 17.49
N ALA T 86 -30.21 23.42 18.32
CA ALA T 86 -31.35 22.63 17.91
C ALA T 86 -32.59 22.98 18.74
N ASP T 87 -33.77 22.79 18.15
CA ASP T 87 -35.02 22.99 18.86
C ASP T 87 -35.29 21.85 19.82
N VAL T 88 -35.11 20.64 19.33
CA VAL T 88 -35.30 19.45 20.15
C VAL T 88 -34.24 18.36 19.82
N LEU T 89 -33.88 17.57 20.82
CA LEU T 89 -32.93 16.47 20.63
C LEU T 89 -33.68 15.16 20.53
N MET T 90 -33.23 14.29 19.64
CA MET T 90 -33.80 12.95 19.64
C MET T 90 -32.72 11.89 19.86
N CYS T 91 -32.91 11.08 20.89
CA CYS T 91 -31.96 10.03 21.13
C CYS T 91 -32.50 8.95 22.05
N THR T 92 -31.65 7.97 22.39
CA THR T 92 -32.04 6.89 23.27
C THR T 92 -31.81 7.28 24.73
N ARG T 93 -32.40 6.52 25.66
CA ARG T 93 -32.26 6.82 27.07
C ARG T 93 -30.85 6.53 27.53
N GLY T 94 -30.16 5.65 26.81
CA GLY T 94 -28.79 5.24 27.12
C GLY T 94 -27.86 6.42 26.91
N ILE T 95 -27.94 7.00 25.72
CA ILE T 95 -27.13 8.14 25.36
C ILE T 95 -27.54 9.34 26.18
N LEU T 96 -28.84 9.50 26.37
CA LEU T 96 -29.34 10.66 27.13
C LEU T 96 -28.66 10.73 28.49
N ARG T 97 -28.79 9.68 29.27
CA ARG T 97 -28.23 9.68 30.60
C ARG T 97 -26.72 9.83 30.58
N SER T 98 -26.05 9.10 29.70
CA SER T 98 -24.61 9.00 29.74
C SER T 98 -23.86 10.24 29.29
N VAL T 99 -24.23 10.82 28.15
CA VAL T 99 -23.42 11.90 27.55
C VAL T 99 -24.16 13.17 27.16
N VAL T 100 -25.48 13.20 27.27
CA VAL T 100 -26.18 14.44 27.08
C VAL T 100 -26.35 15.12 28.42
N PRO T 101 -25.68 16.28 28.62
CA PRO T 101 -25.78 16.93 29.92
C PRO T 101 -27.20 17.53 30.14
N PRO T 102 -27.81 17.28 31.33
CA PRO T 102 -29.13 17.77 31.62
C PRO T 102 -29.19 19.28 31.51
N ALA T 103 -28.08 19.95 31.81
CA ALA T 103 -28.05 21.40 31.77
C ALA T 103 -28.22 21.90 30.35
N THR T 104 -28.23 20.96 29.39
CA THR T 104 -28.46 21.33 28.01
C THR T 104 -29.77 22.08 27.87
N ASN T 105 -30.69 21.85 28.80
CA ASN T 105 -31.95 22.55 28.79
C ASN T 105 -32.65 22.59 27.43
N ARG T 106 -32.71 21.45 26.78
CA ARG T 106 -33.33 21.35 25.47
C ARG T 106 -34.34 20.19 25.51
N PRO T 107 -35.56 20.36 24.94
CA PRO T 107 -36.59 19.31 24.91
C PRO T 107 -36.14 18.03 24.22
N VAL T 108 -36.45 16.85 24.76
CA VAL T 108 -36.01 15.60 24.11
C VAL T 108 -37.18 14.71 23.65
N VAL T 109 -36.96 14.00 22.55
CA VAL T 109 -37.89 12.96 22.09
C VAL T 109 -37.11 11.64 22.23
N LEU T 110 -37.56 10.72 23.09
CA LEU T 110 -36.87 9.45 23.29
C LEU T 110 -37.22 8.39 22.26
N ARG T 111 -36.19 7.76 21.68
CA ARG T 111 -36.36 6.56 20.90
C ARG T 111 -36.86 5.50 21.85
N ALA T 112 -38.05 4.96 21.60
CA ALA T 112 -38.65 3.98 22.48
C ALA T 112 -38.89 2.63 21.80
N SER T 113 -38.08 2.33 20.80
CA SER T 113 -38.17 1.03 20.18
C SER T 113 -36.75 0.53 19.94
N GLY T 114 -36.62 -0.77 19.61
CA GLY T 114 -35.32 -1.42 19.53
C GLY T 114 -35.41 -2.94 19.56
N ALA T 115 -34.31 -3.59 19.93
CA ALA T 115 -34.24 -5.03 19.97
C ALA T 115 -34.01 -5.63 18.58
N ASN T 116 -33.71 -4.75 17.62
CA ASN T 116 -33.27 -5.17 16.30
C ASN T 116 -31.81 -4.76 16.02
N SER T 117 -31.22 -5.24 14.93
CA SER T 117 -29.85 -4.83 14.60
C SER T 117 -29.58 -4.98 13.10
N ILE T 118 -28.49 -4.42 12.63
CA ILE T 118 -28.18 -4.55 11.22
C ILE T 118 -27.78 -5.97 10.87
N LEU T 119 -27.63 -6.84 11.86
CA LEU T 119 -27.26 -8.22 11.57
C LEU T 119 -28.47 -9.11 11.39
N ALA T 120 -29.67 -8.57 11.59
CA ALA T 120 -30.88 -9.39 11.51
C ALA T 120 -32.03 -8.67 10.81
N GLU T 121 -33.23 -9.18 10.96
CA GLU T 121 -34.39 -8.58 10.31
C GLU T 121 -34.61 -7.17 10.88
N LEU T 122 -34.58 -6.18 10.01
CA LEU T 122 -34.66 -4.80 10.44
C LEU T 122 -35.99 -4.46 11.13
N SER T 123 -37.09 -5.05 10.67
CA SER T 123 -38.40 -4.69 11.17
C SER T 123 -38.74 -5.40 12.49
N ASN T 124 -37.83 -6.18 13.03
CA ASN T 124 -38.10 -6.91 14.27
C ASN T 124 -37.85 -6.05 15.53
N GLU T 125 -38.71 -5.06 15.77
CA GLU T 125 -38.54 -4.18 16.94
C GLU T 125 -39.53 -4.42 18.09
N ALA T 126 -39.08 -4.18 19.31
CA ALA T 126 -39.95 -4.21 20.48
C ALA T 126 -39.96 -2.85 21.16
N VAL T 127 -40.89 -2.60 22.06
CA VAL T 127 -40.83 -1.35 22.80
C VAL T 127 -39.56 -1.37 23.68
N ALA T 128 -38.76 -0.31 23.63
CA ALA T 128 -37.45 -0.36 24.21
C ALA T 128 -37.34 0.40 25.52
N LEU T 129 -38.42 1.05 25.95
CA LEU T 129 -38.43 1.72 27.27
C LEU T 129 -39.85 1.96 27.77
N SER T 130 -40.04 1.76 29.07
CA SER T 130 -41.35 1.95 29.67
C SER T 130 -41.76 3.43 29.76
N MET T 131 -43.06 3.71 29.63
CA MET T 131 -43.56 5.06 29.75
C MET T 131 -43.15 5.61 31.11
N ASP T 132 -43.13 4.72 32.10
CA ASP T 132 -42.63 5.03 33.43
C ASP T 132 -41.31 5.78 33.35
N ASP T 133 -40.37 5.23 32.60
CA ASP T 133 -39.06 5.83 32.54
C ASP T 133 -39.02 7.04 31.65
N ALA T 134 -39.93 7.11 30.68
CA ALA T 134 -39.98 8.25 29.80
C ALA T 134 -40.36 9.45 30.67
N VAL T 135 -41.31 9.23 31.58
CA VAL T 135 -41.78 10.31 32.42
C VAL T 135 -40.66 10.65 33.39
N ARG T 136 -39.96 9.65 33.87
CA ARG T 136 -38.88 9.91 34.79
C ARG T 136 -37.82 10.82 34.16
N LEU T 137 -37.60 10.63 32.86
CA LEU T 137 -36.62 11.42 32.08
C LEU T 137 -37.16 12.76 31.54
N ASN T 138 -38.40 13.11 31.91
CA ASN T 138 -38.97 14.35 31.49
C ASN T 138 -39.03 14.52 29.96
N SER T 139 -39.46 13.49 29.24
CA SER T 139 -39.53 13.55 27.79
C SER T 139 -40.64 14.44 27.35
N CYS T 140 -40.55 14.94 26.11
CA CYS T 140 -41.65 15.62 25.41
C CYS T 140 -42.44 14.67 24.54
N ALA T 141 -41.80 13.58 24.13
CA ALA T 141 -42.50 12.54 23.38
C ALA T 141 -41.72 11.20 23.35
N VAL T 142 -42.39 10.13 22.93
CA VAL T 142 -41.72 8.84 22.73
C VAL T 142 -41.90 8.47 21.26
N ALA T 143 -40.91 7.79 20.70
CA ALA T 143 -40.91 7.49 19.27
C ALA T 143 -40.68 6.01 19.03
N ALA T 144 -41.42 5.44 18.08
CA ALA T 144 -41.16 4.04 17.69
C ALA T 144 -41.34 3.87 16.18
N GLN T 145 -40.74 2.85 15.59
CA GLN T 145 -40.86 2.66 14.14
C GLN T 145 -42.08 1.86 13.82
N VAL T 146 -42.69 2.17 12.69
CA VAL T 146 -43.74 1.32 12.12
C VAL T 146 -43.20 0.82 10.76
N TYR T 147 -43.38 -0.47 10.46
CA TYR T 147 -42.79 -1.08 9.25
C TYR T 147 -43.84 -1.68 8.37
N ILE T 148 -44.68 -0.83 7.78
CA ILE T 148 -45.73 -1.32 6.90
C ILE T 148 -45.11 -2.04 5.72
N GLY T 149 -45.56 -3.26 5.47
CA GLY T 149 -45.05 -4.03 4.35
C GLY T 149 -43.90 -4.95 4.69
N SER T 150 -43.33 -4.80 5.88
CA SER T 150 -42.22 -5.69 6.28
C SER T 150 -42.74 -6.92 6.99
N GLU T 151 -41.80 -7.80 7.32
CA GLU T 151 -42.14 -9.02 7.98
C GLU T 151 -42.79 -8.82 9.33
N TYR T 152 -42.29 -7.89 10.13
CA TYR T 152 -42.86 -7.66 11.47
C TYR T 152 -43.79 -6.46 11.51
N GLU T 153 -44.59 -6.28 10.46
CA GLU T 153 -45.46 -5.12 10.38
C GLU T 153 -46.44 -5.08 11.56
N HIS T 154 -47.15 -6.19 11.78
CA HIS T 154 -48.15 -6.31 12.85
C HIS T 154 -47.60 -5.87 14.21
N GLN T 155 -46.42 -6.36 14.56
CA GLN T 155 -45.78 -6.04 15.84
C GLN T 155 -45.47 -4.57 15.93
N SER T 156 -44.90 -4.03 14.85
CA SER T 156 -44.53 -2.64 14.86
C SER T 156 -45.75 -1.76 15.11
N ILE T 157 -46.91 -2.09 14.54
CA ILE T 157 -48.10 -1.32 14.84
C ILE T 157 -48.53 -1.49 16.29
N LYS T 158 -48.39 -2.70 16.82
CA LYS T 158 -48.73 -2.92 18.21
C LYS T 158 -47.88 -2.07 19.11
N ASN T 159 -46.63 -1.85 18.72
CA ASN T 159 -45.76 -0.97 19.48
C ASN T 159 -46.37 0.44 19.57
N ILE T 160 -46.81 0.97 18.44
CA ILE T 160 -47.52 2.24 18.47
C ILE T 160 -48.76 2.22 19.39
N ILE T 161 -49.62 1.20 19.24
CA ILE T 161 -50.80 1.07 20.07
C ILE T 161 -50.41 1.08 21.55
N GLN T 162 -49.35 0.35 21.89
CA GLN T 162 -48.99 0.29 23.29
C GLN T 162 -48.50 1.64 23.82
N LEU T 163 -47.71 2.35 23.01
CA LEU T 163 -47.17 3.65 23.46
C LEU T 163 -48.28 4.70 23.57
N VAL T 164 -49.23 4.71 22.65
CA VAL T 164 -50.37 5.63 22.75
C VAL T 164 -51.25 5.34 24.01
N ASP T 165 -51.65 4.08 24.18
CA ASP T 165 -52.39 3.70 25.39
C ASP T 165 -51.67 4.25 26.62
N ALA T 166 -50.37 3.97 26.73
CA ALA T 166 -49.59 4.39 27.89
C ALA T 166 -49.42 5.90 27.99
N GLY T 167 -49.19 6.54 26.85
CA GLY T 167 -48.99 7.98 26.82
C GLY T 167 -50.25 8.76 27.16
N MET T 168 -51.42 8.21 26.86
CA MET T 168 -52.65 8.97 27.13
C MET T 168 -52.93 9.12 28.61
N LYS T 169 -52.40 8.21 29.42
CA LYS T 169 -52.63 8.18 30.88
C LYS T 169 -51.88 9.32 31.47
N VAL T 170 -50.85 9.76 30.76
CA VAL T 170 -49.82 10.59 31.33
C VAL T 170 -49.59 11.90 30.56
N GLY T 171 -50.21 12.03 29.42
CA GLY T 171 -50.11 13.24 28.64
C GLY T 171 -48.86 13.27 27.81
N MET T 172 -48.32 12.10 27.47
CA MET T 172 -47.10 12.01 26.66
C MET T 172 -47.47 11.68 25.26
N PRO T 173 -47.11 12.56 24.30
CA PRO T 173 -47.31 12.34 22.84
C PRO T 173 -46.46 11.20 22.30
N THR T 174 -46.99 10.50 21.29
CA THR T 174 -46.23 9.44 20.64
C THR T 174 -45.92 9.80 19.18
N MET T 175 -44.66 9.64 18.78
CA MET T 175 -44.29 9.90 17.38
C MET T 175 -44.03 8.60 16.61
N ALA T 176 -44.81 8.40 15.54
CA ALA T 176 -44.69 7.16 14.79
C ALA T 176 -43.77 7.44 13.61
N VAL T 177 -42.76 6.60 13.40
CA VAL T 177 -41.81 6.82 12.29
C VAL T 177 -41.98 5.74 11.23
N THR T 178 -42.19 6.15 9.97
CA THR T 178 -42.42 5.17 8.92
C THR T 178 -41.11 4.60 8.39
N GLY T 179 -40.71 3.41 8.84
CA GLY T 179 -39.44 2.83 8.42
C GLY T 179 -39.66 1.90 7.25
N VAL T 180 -38.69 1.82 6.36
CA VAL T 180 -38.94 1.10 5.10
C VAL T 180 -38.18 -0.22 4.92
N VAL T 185 -39.75 0.20 -2.24
CA VAL T 185 -40.05 1.34 -3.12
C VAL T 185 -40.77 2.46 -2.37
N ARG T 186 -40.22 3.66 -2.43
CA ARG T 186 -40.67 4.74 -1.61
C ARG T 186 -41.41 5.78 -2.43
N ASP T 187 -42.68 5.49 -2.75
CA ASP T 187 -43.51 6.46 -3.46
C ASP T 187 -44.62 7.07 -2.58
N GLN T 188 -45.38 7.99 -3.16
CA GLN T 188 -46.42 8.69 -2.43
C GLN T 188 -47.51 7.75 -1.92
N ARG T 189 -47.98 6.84 -2.76
CA ARG T 189 -49.06 5.97 -2.33
C ARG T 189 -48.63 5.15 -1.14
N TYR T 190 -47.37 4.74 -1.11
CA TYR T 190 -46.88 3.96 0.01
C TYR T 190 -46.88 4.75 1.31
N PHE T 191 -46.18 5.89 1.32
CA PHE T 191 -46.11 6.70 2.53
C PHE T 191 -47.46 7.22 3.01
N SER T 192 -48.37 7.43 2.07
CA SER T 192 -49.74 7.79 2.42
C SER T 192 -50.36 6.70 3.27
N LEU T 193 -50.14 5.46 2.85
CA LEU T 193 -50.63 4.32 3.60
C LEU T 193 -50.01 4.28 5.00
N ALA T 194 -48.68 4.32 5.05
CA ALA T 194 -47.97 4.19 6.32
C ALA T 194 -48.28 5.35 7.27
N THR T 195 -48.23 6.58 6.78
CA THR T 195 -48.48 7.69 7.68
C THR T 195 -49.93 7.69 8.24
N ARG T 196 -50.90 7.48 7.35
CA ARG T 196 -52.32 7.55 7.72
C ARG T 196 -52.71 6.48 8.72
N ILE T 197 -52.24 5.26 8.51
CA ILE T 197 -52.50 4.19 9.48
C ILE T 197 -51.98 4.56 10.87
N ALA T 198 -50.75 5.08 10.93
CA ALA T 198 -50.14 5.39 12.21
C ALA T 198 -50.94 6.49 12.88
N ALA T 199 -51.34 7.51 12.10
CA ALA T 199 -52.11 8.62 12.68
C ALA T 199 -53.43 8.09 13.16
N GLU T 200 -53.98 7.19 12.35
CA GLU T 200 -55.27 6.61 12.65
C GLU T 200 -55.22 5.86 14.01
N MET T 201 -54.13 5.15 14.27
CA MET T 201 -53.99 4.39 15.51
C MET T 201 -53.86 5.28 16.70
N GLY T 202 -53.40 6.52 16.51
CA GLY T 202 -53.38 7.50 17.61
C GLY T 202 -52.14 8.36 17.75
N ALA T 203 -51.11 8.06 16.96
CA ALA T 203 -49.87 8.81 17.03
C ALA T 203 -50.11 10.29 16.78
N GLN T 204 -49.52 11.15 17.62
CA GLN T 204 -49.73 12.60 17.48
C GLN T 204 -48.71 13.23 16.57
N ILE T 205 -47.57 12.61 16.40
CA ILE T 205 -46.61 13.13 15.45
C ILE T 205 -46.24 12.03 14.49
N ILE T 206 -46.07 12.37 13.21
CA ILE T 206 -45.65 11.36 12.24
C ILE T 206 -44.39 11.82 11.55
N LYS T 207 -43.41 10.95 11.44
CA LYS T 207 -42.18 11.30 10.76
C LYS T 207 -41.99 10.37 9.61
N THR T 208 -41.82 10.94 8.42
CA THR T 208 -41.67 10.15 7.21
C THR T 208 -40.53 10.68 6.34
N TYR T 209 -40.44 10.17 5.11
CA TYR T 209 -39.45 10.64 4.13
C TYR T 209 -40.07 11.58 3.10
N TYR T 210 -39.24 12.49 2.58
CA TYR T 210 -39.70 13.35 1.51
C TYR T 210 -39.73 12.60 0.18
N VAL T 211 -40.71 12.90 -0.65
CA VAL T 211 -40.78 12.23 -1.91
C VAL T 211 -40.77 13.22 -3.08
N GLU T 212 -40.10 12.82 -4.16
CA GLU T 212 -39.94 13.65 -5.36
C GLU T 212 -41.25 14.22 -5.86
N LYS T 213 -42.28 13.39 -5.95
CA LYS T 213 -43.58 13.89 -6.31
C LYS T 213 -44.70 13.24 -5.49
N GLY T 214 -45.64 14.06 -5.07
CA GLY T 214 -46.82 13.57 -4.36
C GLY T 214 -46.80 13.93 -2.89
N PHE T 215 -45.69 14.49 -2.42
CA PHE T 215 -45.53 14.77 -1.01
C PHE T 215 -46.70 15.58 -0.44
N GLU T 216 -47.20 16.52 -1.21
CA GLU T 216 -48.28 17.34 -0.76
C GLU T 216 -49.47 16.51 -0.35
N ARG T 217 -49.67 15.37 -1.01
CA ARG T 217 -50.80 14.49 -0.74
C ARG T 217 -50.60 13.73 0.57
N ILE T 218 -49.34 13.44 0.88
CA ILE T 218 -49.03 12.79 2.13
C ILE T 218 -49.44 13.71 3.28
N VAL T 219 -49.05 14.99 3.19
CA VAL T 219 -49.37 15.95 4.25
C VAL T 219 -50.86 16.15 4.35
N ALA T 220 -51.50 16.32 3.22
CA ALA T 220 -52.94 16.58 3.23
C ALA T 220 -53.74 15.41 3.80
N GLY T 221 -53.29 14.19 3.55
CA GLY T 221 -54.02 13.01 3.99
C GLY T 221 -53.75 12.63 5.44
N CYS T 222 -52.83 13.35 6.08
CA CYS T 222 -52.46 13.06 7.44
C CYS T 222 -53.02 14.13 8.38
N PRO T 223 -53.81 13.72 9.39
CA PRO T 223 -54.49 14.67 10.27
C PRO T 223 -53.58 15.33 11.30
N VAL T 224 -52.36 14.85 11.43
CA VAL T 224 -51.45 15.42 12.44
C VAL T 224 -50.16 15.90 11.78
N PRO T 225 -49.30 16.60 12.55
CA PRO T 225 -48.06 17.21 12.07
C PRO T 225 -47.09 16.19 11.49
N ILE T 226 -46.49 16.50 10.35
CA ILE T 226 -45.54 15.61 9.74
C ILE T 226 -44.16 16.20 9.76
N VAL T 227 -43.18 15.35 9.99
CA VAL T 227 -41.79 15.75 10.05
C VAL T 227 -41.03 14.84 9.09
N ILE T 228 -40.03 15.40 8.41
CA ILE T 228 -39.26 14.58 7.45
C ILE T 228 -37.88 14.21 7.97
N ALA T 229 -37.47 13.00 7.65
CA ALA T 229 -36.15 12.57 8.01
C ALA T 229 -35.13 13.17 7.04
N GLY T 230 -33.92 13.41 7.55
CA GLY T 230 -32.81 13.90 6.74
C GLY T 230 -32.46 12.95 5.61
N GLY T 231 -32.38 11.66 5.89
CA GLY T 231 -32.00 10.66 4.88
C GLY T 231 -30.49 10.64 4.71
N LYS T 232 -30.00 9.84 3.76
CA LYS T 232 -28.55 9.69 3.56
C LYS T 232 -27.89 11.03 3.22
N LYS T 233 -26.58 11.13 3.50
CA LYS T 233 -25.85 12.38 3.27
C LYS T 233 -25.99 12.88 1.84
N LEU T 234 -26.23 14.18 1.68
CA LEU T 234 -26.28 14.82 0.37
C LEU T 234 -25.40 16.04 0.39
N PRO T 235 -25.12 16.60 -0.78
CA PRO T 235 -24.45 17.89 -0.79
C PRO T 235 -25.31 18.87 -0.02
N GLU T 236 -24.69 19.66 0.85
CA GLU T 236 -25.39 20.65 1.67
C GLU T 236 -26.44 21.43 0.91
N ARG T 237 -26.12 21.86 -0.31
CA ARG T 237 -27.10 22.63 -1.09
C ARG T 237 -28.35 21.82 -1.43
N GLU T 238 -28.16 20.54 -1.72
CA GLU T 238 -29.28 19.69 -2.08
C GLU T 238 -30.16 19.36 -0.90
N ALA T 239 -29.52 19.13 0.25
CA ALA T 239 -30.20 18.88 1.52
C ALA T 239 -31.11 20.04 1.85
N LEU T 240 -30.63 21.27 1.66
CA LEU T 240 -31.43 22.45 1.94
C LEU T 240 -32.59 22.56 0.96
N GLU T 241 -32.38 22.14 -0.28
CA GLU T 241 -33.46 22.13 -1.25
C GLU T 241 -34.57 21.20 -0.83
N MET T 242 -34.19 20.02 -0.35
CA MET T 242 -35.15 19.07 0.16
C MET T 242 -35.98 19.67 1.29
N CYS T 243 -35.31 20.30 2.24
CA CYS T 243 -36.01 20.94 3.34
C CYS T 243 -36.99 21.97 2.83
N TRP T 244 -36.52 22.84 1.95
CA TRP T 244 -37.38 23.89 1.43
C TRP T 244 -38.63 23.31 0.76
N GLN T 245 -38.45 22.28 -0.06
CA GLN T 245 -39.57 21.63 -0.73
C GLN T 245 -40.54 21.10 0.32
N ALA T 246 -40.01 20.31 1.24
CA ALA T 246 -40.85 19.71 2.27
C ALA T 246 -41.69 20.77 2.99
N ILE T 247 -41.03 21.80 3.50
CA ILE T 247 -41.71 22.85 4.24
C ILE T 247 -42.71 23.53 3.35
N ASP T 248 -42.29 23.88 2.15
CA ASP T 248 -43.18 24.54 1.22
C ASP T 248 -44.44 23.72 0.96
N GLN T 249 -44.32 22.40 0.95
CA GLN T 249 -45.46 21.56 0.64
C GLN T 249 -46.22 21.11 1.88
N GLY T 250 -45.85 21.64 3.04
CA GLY T 250 -46.68 21.47 4.24
C GLY T 250 -46.13 20.67 5.40
N ALA T 251 -44.86 20.30 5.34
CA ALA T 251 -44.23 19.63 6.49
C ALA T 251 -44.18 20.56 7.72
N SER T 252 -44.24 19.98 8.91
CA SER T 252 -44.17 20.78 10.13
C SER T 252 -42.76 20.85 10.73
N GLY T 253 -41.76 20.41 9.95
CA GLY T 253 -40.36 20.50 10.38
C GLY T 253 -39.54 19.34 9.87
N VAL T 254 -38.26 19.32 10.20
CA VAL T 254 -37.41 18.23 9.79
C VAL T 254 -36.73 17.60 10.98
N ASP T 255 -36.35 16.34 10.81
CA ASP T 255 -35.62 15.59 11.83
C ASP T 255 -34.28 15.13 11.23
N MET T 256 -33.34 16.06 11.09
CA MET T 256 -32.02 15.81 10.49
C MET T 256 -31.07 15.04 11.38
N GLY T 257 -30.30 14.17 10.77
CA GLY T 257 -29.21 13.50 11.45
C GLY T 257 -27.94 13.61 10.64
N ARG T 258 -27.80 12.72 9.67
CA ARG T 258 -26.58 12.66 8.87
C ARG T 258 -26.25 13.94 8.13
N ASN T 259 -27.24 14.59 7.54
CA ASN T 259 -26.96 15.81 6.77
C ASN T 259 -26.49 16.96 7.64
N ILE T 260 -26.44 16.73 8.93
CA ILE T 260 -25.89 17.72 9.81
C ILE T 260 -24.61 17.22 10.40
N PHE T 261 -24.66 16.09 11.10
CA PHE T 261 -23.47 15.67 11.81
C PHE T 261 -22.40 15.12 10.89
N GLN T 262 -22.73 14.83 9.64
CA GLN T 262 -21.74 14.33 8.69
C GLN T 262 -21.27 15.45 7.77
N SER T 263 -21.65 16.67 8.09
CA SER T 263 -21.20 17.80 7.33
C SER T 263 -19.86 18.27 7.89
N ASP T 264 -19.11 18.99 7.08
CA ASP T 264 -17.86 19.57 7.53
C ASP T 264 -18.14 20.83 8.37
N HIS T 265 -19.36 21.31 8.29
CA HIS T 265 -19.74 22.51 9.03
C HIS T 265 -21.14 22.35 9.65
N PRO T 266 -21.25 21.49 10.68
CA PRO T 266 -22.52 21.13 11.27
C PRO T 266 -23.26 22.37 11.75
N VAL T 267 -22.60 23.21 12.55
CA VAL T 267 -23.28 24.35 13.13
C VAL T 267 -23.83 25.26 12.05
N ALA T 268 -23.02 25.53 11.03
CA ALA T 268 -23.45 26.34 9.89
C ALA T 268 -24.67 25.74 9.22
N MET T 269 -24.62 24.43 9.00
CA MET T 269 -25.70 23.72 8.34
C MET T 269 -27.01 23.85 9.11
N MET T 270 -26.90 23.74 10.43
CA MET T 270 -28.06 23.88 11.30
C MET T 270 -28.70 25.26 11.18
N LYS T 271 -27.87 26.31 11.21
CA LYS T 271 -28.38 27.66 11.10
C LYS T 271 -29.13 27.86 9.78
N ALA T 272 -28.61 27.23 8.72
CA ALA T 272 -29.24 27.25 7.40
C ALA T 272 -30.58 26.58 7.47
N VAL T 273 -30.60 25.36 8.00
CA VAL T 273 -31.83 24.61 8.15
C VAL T 273 -32.89 25.35 8.98
N GLN T 274 -32.45 26.03 10.03
CA GLN T 274 -33.33 26.87 10.83
C GLN T 274 -33.95 27.98 9.99
N ALA T 275 -33.11 28.64 9.20
CA ALA T 275 -33.53 29.73 8.34
C ALA T 275 -34.62 29.27 7.40
N VAL T 276 -34.44 28.09 6.81
CA VAL T 276 -35.42 27.56 5.87
C VAL T 276 -36.72 27.17 6.56
N VAL T 277 -36.62 26.53 7.72
CA VAL T 277 -37.79 25.99 8.42
C VAL T 277 -38.64 27.07 9.12
N HIS T 278 -38.01 27.92 9.90
CA HIS T 278 -38.77 28.91 10.66
C HIS T 278 -39.01 30.25 9.94
N HIS T 279 -38.11 30.63 9.06
CA HIS T 279 -38.12 31.98 8.49
C HIS T 279 -38.39 32.05 6.99
N ASN T 280 -38.91 30.96 6.43
CA ASN T 280 -39.24 30.92 5.01
C ASN T 280 -38.12 31.35 4.08
N GLU T 281 -36.87 31.19 4.51
CA GLU T 281 -35.76 31.42 3.61
C GLU T 281 -35.85 30.50 2.40
N THR T 282 -35.18 30.92 1.33
CA THR T 282 -35.07 30.11 0.12
C THR T 282 -33.84 29.20 0.19
N ALA T 283 -33.84 28.14 -0.61
CA ALA T 283 -32.73 27.22 -0.61
C ALA T 283 -31.40 27.96 -0.86
N ASP T 284 -31.40 28.86 -1.85
CA ASP T 284 -30.20 29.62 -2.25
C ASP T 284 -29.73 30.59 -1.18
N ARG T 285 -30.63 31.48 -0.77
CA ARG T 285 -30.33 32.40 0.31
C ARG T 285 -29.72 31.65 1.48
N ALA T 286 -30.37 30.56 1.89
CA ALA T 286 -29.92 29.73 3.01
C ALA T 286 -28.50 29.18 2.78
N TYR T 287 -28.26 28.66 1.57
CA TYR T 287 -26.95 28.15 1.24
C TYR T 287 -25.88 29.22 1.38
N GLU T 288 -26.23 30.47 1.11
CA GLU T 288 -25.30 31.56 1.30
C GLU T 288 -25.07 31.87 2.78
N LEU T 289 -26.12 31.65 3.60
CA LEU T 289 -25.98 31.71 5.06
C LEU T 289 -24.97 30.64 5.50
N TYR T 290 -24.97 29.53 4.76
CA TYR T 290 -24.07 28.41 5.03
C TYR T 290 -22.64 28.69 4.60
N LEU T 291 -22.49 29.41 3.48
CA LEU T 291 -21.17 29.77 2.99
C LEU T 291 -20.49 30.86 3.79
N SER T 292 -21.26 31.68 4.50
CA SER T 292 -20.68 32.69 5.38
C SER T 292 -20.14 32.10 6.70
N GLU T 293 -20.60 30.91 7.06
CA GLU T 293 -19.99 30.14 8.15
C GLU T 293 -19.28 28.88 7.60
#